data_1XFZ
#
_entry.id   1XFZ
#
_cell.length_a   183.258
_cell.length_b   316.475
_cell.length_c   140.801
_cell.angle_alpha   90.00
_cell.angle_beta   89.91
_cell.angle_gamma   90.00
#
_symmetry.space_group_name_H-M   'C 1 2 1'
#
loop_
_entity.id
_entity.type
_entity.pdbx_description
1 polymer 'Calmodulin-sensitive adenylate cyclase'
2 polymer 'Calmodulin 2'
3 non-polymer 'MAGNESIUM ION'
4 non-polymer 'CALCIUM ION'
#
loop_
_entity_poly.entity_id
_entity_poly.type
_entity_poly.pdbx_seq_one_letter_code
_entity_poly.pdbx_strand_id
1 'polypeptide(L)'
;MHHHHHHAAAMNEHYTESDIKRNHKTEKNKTEKEKFKDSINNLVKTEFTNETLDKIQQTQDLLKKIPKDVLEIYSELGGE
IYFTDIDLVEHKELQDLSEEEKNSMNSRGEKVPFASRFVFEKKRETPKLIINIKDYAINSEQSKEVYYEIGKGISLDIIS
KDKSLDPEFLNLIKSLSDDSDSSDLLFSQKFKEKLELNNKSIDINFIKENLTEFQHAFSLAFSYYFAPDHRTVLELYAPD
MFEYMNKLEKGGFEKISESLKKEGVEKDRIDVLKGEKALKASGLVPEHADAFKKIARELNTYILFRPVNKLATNLIKSGV
ATKGLNVHGKSSDWGPVAGYIPFDQDLSKKHGQQLAVEKGNLENKKSITEHEGEIGKIPLKLDHLRIEELKENGIILKGK
KEIDNGKKYYLLESNNQVYEFRISDENNEVQYKTKEGKITVLGEKFNWRNIEVMAKNVEGVLKPLTADYDLFALAPSLTE
IKKQIPQKEWDKVVNTPNSLEKQKGVTNLLIKYGIERKPDSTKGTLSNWQKQMLDRLNEAVKYTGYTGGDVVNHGTEQDN
EEFPEKDNEIFIINPEGEFILTKNWEMTGRFIEKNITGKDYLYYFNRSYNKIAPGNKAYIEWTDPITKAKINTIPTSAEF
IKNLSSIRRSSNVGVYKDSGDKDEFAKKESVKKIAGYLSDYYNSANHIFSQEKKRKISIFRGIQAYNEIENVLKSKQIAP
EYKNYFQYLKERITNQVQLLLTHQKSNIEFKLLYKQLNFTENETDNFEVFQKIIDEK
;
A,B,C,D,E,F
2 'polypeptide(L)'
;MADQLTEEQIAEFKEAFSLFDKDGDGTITTKELGTVMRSLGQNPTEAELQDMINEVDADGNGTIDFPEFLTMMARKMKDT
DSEEEIREAFRVFDKDGNGYISAAELRHVMTNLGEKLTDEEVDQMIREADIDGDGQVNYEEFVQMMTAK
;
O,P,Q,R,S,T
#
loop_
_chem_comp.id
_chem_comp.type
_chem_comp.name
_chem_comp.formula
CA non-polymer 'CALCIUM ION' 'Ca 2'
MG non-polymer 'MAGNESIUM ION' 'Mg 2'
#
# COMPACT_ATOMS: atom_id res chain seq x y z
N ASN A 41 18.81 -83.71 71.43
CA ASN A 41 17.73 -83.70 72.47
C ASN A 41 18.06 -84.63 73.63
N ASN A 42 17.93 -84.14 74.86
CA ASN A 42 18.18 -84.97 76.02
C ASN A 42 16.85 -85.64 76.31
N LEU A 43 16.87 -86.97 76.33
CA LEU A 43 15.68 -87.77 76.56
C LEU A 43 15.21 -87.88 78.00
N VAL A 44 16.14 -88.09 78.92
CA VAL A 44 15.73 -88.21 80.31
C VAL A 44 15.46 -86.87 80.96
N LYS A 45 14.42 -86.86 81.77
CA LYS A 45 14.02 -85.69 82.49
C LYS A 45 13.80 -86.16 83.90
N THR A 46 14.70 -85.82 84.82
CA THR A 46 14.56 -86.21 86.22
C THR A 46 14.03 -84.95 86.87
N GLU A 47 12.81 -84.96 87.38
CA GLU A 47 12.38 -83.66 87.84
C GLU A 47 12.56 -83.17 89.25
N PHE A 48 12.70 -84.05 90.21
CA PHE A 48 12.86 -83.53 91.55
C PHE A 48 13.90 -84.44 92.23
N THR A 49 15.17 -84.00 92.29
CA THR A 49 16.23 -84.83 92.92
C THR A 49 16.03 -84.90 94.44
N ASN A 50 14.84 -85.38 94.81
CA ASN A 50 14.37 -85.47 96.18
C ASN A 50 14.98 -86.55 97.04
N GLU A 51 14.86 -87.81 96.63
CA GLU A 51 15.48 -88.87 97.42
C GLU A 51 17.03 -88.78 97.23
N THR A 52 17.83 -89.46 98.06
CA THR A 52 19.33 -89.35 98.04
C THR A 52 20.00 -89.74 96.72
N LEU A 53 20.39 -90.99 96.59
CA LEU A 53 20.92 -91.49 95.33
C LEU A 53 19.98 -92.61 95.02
N ASP A 54 18.96 -92.73 95.86
CA ASP A 54 17.97 -93.78 95.72
C ASP A 54 16.98 -93.55 94.60
N LYS A 55 16.29 -92.40 94.56
CA LYS A 55 15.38 -92.21 93.44
C LYS A 55 16.25 -92.24 92.20
N ILE A 56 17.39 -91.58 92.28
CA ILE A 56 18.34 -91.53 91.17
C ILE A 56 18.83 -92.93 90.82
N GLN A 57 19.59 -93.52 91.74
CA GLN A 57 20.15 -94.87 91.55
C GLN A 57 19.09 -95.86 91.19
N GLN A 58 17.86 -95.41 91.05
CA GLN A 58 16.76 -96.29 90.70
C GLN A 58 16.34 -95.96 89.29
N THR A 59 16.27 -94.68 88.97
CA THR A 59 15.92 -94.30 87.64
C THR A 59 17.06 -94.83 86.78
N GLN A 60 18.28 -94.69 87.27
CA GLN A 60 19.42 -95.19 86.51
C GLN A 60 19.24 -96.68 86.27
N ASP A 61 19.39 -97.50 87.31
CA ASP A 61 19.24 -98.94 87.15
C ASP A 61 18.09 -99.21 86.18
N LEU A 62 17.01 -98.48 86.35
CA LEU A 62 15.85 -98.67 85.48
C LEU A 62 16.23 -98.56 84.02
N LEU A 63 16.65 -97.35 83.63
CA LEU A 63 17.04 -97.04 82.27
C LEU A 63 18.13 -97.93 81.70
N LYS A 64 19.24 -98.05 82.42
CA LYS A 64 20.36 -98.86 81.96
C LYS A 64 19.95 -100.28 81.58
N LYS A 65 18.80 -100.72 82.09
CA LYS A 65 18.33 -102.05 81.77
C LYS A 65 17.59 -102.05 80.42
N ILE A 66 17.28 -100.85 79.93
CA ILE A 66 16.61 -100.66 78.65
C ILE A 66 17.71 -100.51 77.60
N PRO A 67 17.51 -101.04 76.38
CA PRO A 67 18.54 -100.92 75.34
C PRO A 67 18.82 -99.50 74.83
N LYS A 68 20.10 -99.13 74.85
CA LYS A 68 20.52 -97.80 74.43
C LYS A 68 19.95 -97.37 73.10
N ASP A 69 19.42 -98.32 72.34
CA ASP A 69 18.85 -98.02 71.03
C ASP A 69 17.34 -97.80 71.12
N VAL A 70 16.70 -98.56 71.99
CA VAL A 70 15.26 -98.43 72.18
C VAL A 70 14.98 -96.98 72.54
N LEU A 71 15.91 -96.38 73.27
CA LEU A 71 15.81 -95.00 73.68
C LEU A 71 16.02 -94.15 72.43
N GLU A 72 17.09 -94.47 71.71
CA GLU A 72 17.43 -93.77 70.49
C GLU A 72 16.19 -93.66 69.62
N ILE A 73 15.44 -94.75 69.54
CA ILE A 73 14.22 -94.75 68.74
C ILE A 73 13.28 -93.77 69.39
N TYR A 74 13.06 -93.96 70.68
CA TYR A 74 12.19 -93.09 71.42
C TYR A 74 12.59 -91.65 71.19
N SER A 75 13.89 -91.36 71.35
CA SER A 75 14.40 -90.01 71.15
C SER A 75 14.05 -89.50 69.76
N GLU A 76 14.55 -90.16 68.73
CA GLU A 76 14.27 -89.75 67.35
C GLU A 76 12.78 -89.57 67.14
N LEU A 77 11.98 -90.40 67.81
CA LEU A 77 10.54 -90.28 67.69
C LEU A 77 10.08 -89.01 68.38
N GLY A 78 11.04 -88.15 68.71
CA GLY A 78 10.72 -86.92 69.40
C GLY A 78 10.12 -87.20 70.77
N GLY A 79 10.55 -88.31 71.39
CA GLY A 79 10.03 -88.65 72.70
C GLY A 79 10.84 -88.09 73.85
N GLU A 80 10.27 -88.13 75.04
CA GLU A 80 10.96 -87.65 76.23
C GLU A 80 10.51 -88.54 77.39
N ILE A 81 11.39 -88.80 78.35
CA ILE A 81 10.99 -89.64 79.46
C ILE A 81 10.99 -88.83 80.73
N TYR A 82 9.90 -88.91 81.48
CA TYR A 82 9.78 -88.15 82.71
C TYR A 82 9.86 -88.95 84.01
N PHE A 83 10.98 -88.79 84.71
CA PHE A 83 11.20 -89.43 85.98
C PHE A 83 11.01 -88.33 87.00
N THR A 84 9.75 -88.06 87.34
CA THR A 84 9.45 -87.04 88.34
C THR A 84 9.32 -87.75 89.71
N ASP A 85 9.37 -86.97 90.80
CA ASP A 85 9.44 -87.47 92.21
C ASP A 85 8.34 -88.32 92.85
N ILE A 86 7.28 -87.67 93.27
CA ILE A 86 6.08 -88.33 93.73
C ILE A 86 5.06 -87.45 93.01
N ASP A 87 4.63 -87.92 91.86
CA ASP A 87 3.63 -87.20 91.10
C ASP A 87 2.81 -88.35 90.57
N LEU A 88 1.91 -88.87 91.37
CA LEU A 88 1.15 -89.99 90.88
C LEU A 88 0.01 -89.62 89.94
N VAL A 89 -0.96 -88.93 90.51
CA VAL A 89 -2.18 -88.55 89.80
C VAL A 89 -2.01 -87.61 88.60
N GLU A 90 -3.15 -87.20 88.04
CA GLU A 90 -3.20 -86.28 86.91
C GLU A 90 -2.56 -85.02 87.49
N HIS A 91 -1.30 -85.12 87.85
CA HIS A 91 -0.65 -84.00 88.50
C HIS A 91 0.61 -83.47 87.87
N LYS A 92 1.25 -84.23 87.01
CA LYS A 92 2.49 -83.71 86.44
C LYS A 92 2.24 -82.68 85.36
N GLU A 93 3.20 -81.78 85.18
CA GLU A 93 3.08 -80.72 84.19
C GLU A 93 2.59 -81.19 82.85
N LEU A 94 2.66 -82.50 82.61
CA LEU A 94 2.21 -83.04 81.33
C LEU A 94 1.09 -84.07 81.47
N GLN A 95 0.56 -84.24 82.68
CA GLN A 95 -0.50 -85.23 82.91
C GLN A 95 -1.96 -84.77 82.87
N ASP A 96 -2.19 -83.51 82.52
CA ASP A 96 -3.55 -82.99 82.43
C ASP A 96 -4.03 -83.26 81.00
N LEU A 97 -5.34 -83.41 80.81
CA LEU A 97 -5.92 -83.69 79.49
C LEU A 97 -5.12 -83.32 78.22
N SER A 98 -5.07 -84.25 77.27
CA SER A 98 -4.38 -84.06 75.99
C SER A 98 -4.89 -85.12 74.98
N GLU A 99 -4.54 -86.38 75.23
CA GLU A 99 -4.97 -87.51 74.42
C GLU A 99 -4.90 -88.74 75.34
N GLU A 100 -5.75 -88.71 76.37
CA GLU A 100 -5.80 -89.76 77.38
C GLU A 100 -6.74 -90.95 77.10
N GLU A 101 -7.33 -91.46 78.18
CA GLU A 101 -8.25 -92.58 78.16
C GLU A 101 -9.46 -92.36 77.26
N LYS A 102 -9.41 -92.95 76.07
CA LYS A 102 -10.50 -92.87 75.08
C LYS A 102 -11.10 -94.28 74.92
N ASN A 103 -10.22 -95.29 74.86
CA ASN A 103 -10.58 -96.73 74.73
C ASN A 103 -9.75 -97.53 75.78
N SER A 104 -10.07 -98.82 76.11
CA SER A 104 -9.41 -99.52 77.24
C SER A 104 -8.37 -100.66 77.23
N MET A 105 -7.71 -100.98 76.15
CA MET A 105 -6.65 -101.98 76.27
C MET A 105 -5.50 -101.29 77.06
N ASN A 106 -5.40 -101.35 78.39
CA ASN A 106 -4.30 -100.62 79.04
C ASN A 106 -3.07 -101.39 79.49
N SER A 107 -3.12 -102.08 80.63
CA SER A 107 -1.92 -102.79 81.09
C SER A 107 -1.72 -104.18 80.47
N ARG A 108 -0.92 -105.02 81.12
CA ARG A 108 -0.68 -106.38 80.63
C ARG A 108 -2.05 -107.07 80.50
N GLY A 109 -3.02 -106.56 81.26
CA GLY A 109 -4.42 -106.96 81.23
C GLY A 109 -5.18 -105.64 80.99
N GLU A 110 -6.38 -105.65 80.48
CA GLU A 110 -6.97 -104.32 80.39
C GLU A 110 -7.55 -104.07 81.79
N LYS A 111 -7.11 -103.01 82.50
CA LYS A 111 -7.61 -102.75 83.85
C LYS A 111 -8.09 -101.29 84.04
N VAL A 112 -7.38 -100.36 83.41
CA VAL A 112 -7.67 -98.91 83.42
C VAL A 112 -7.97 -98.17 84.75
N PRO A 113 -7.21 -98.45 85.83
CA PRO A 113 -7.43 -97.78 87.12
C PRO A 113 -6.37 -96.67 87.35
N PHE A 114 -6.57 -95.52 86.71
CA PHE A 114 -5.63 -94.40 86.77
C PHE A 114 -4.93 -94.02 88.07
N ALA A 115 -5.67 -93.56 89.06
CA ALA A 115 -5.06 -93.15 90.33
C ALA A 115 -4.05 -94.15 90.95
N SER A 116 -4.01 -95.36 90.41
CA SER A 116 -3.10 -96.38 90.92
C SER A 116 -1.83 -96.53 90.07
N ARG A 117 -1.79 -95.81 88.95
CA ARG A 117 -0.65 -95.90 88.04
C ARG A 117 0.57 -95.12 88.51
N PHE A 118 1.74 -95.61 88.07
CA PHE A 118 3.02 -94.98 88.38
C PHE A 118 3.83 -94.82 87.09
N VAL A 119 3.20 -95.21 85.99
CA VAL A 119 3.80 -95.12 84.69
C VAL A 119 2.71 -94.79 83.70
N PHE A 120 3.04 -94.02 82.66
CA PHE A 120 2.07 -93.66 81.64
C PHE A 120 2.68 -93.13 80.33
N GLU A 121 1.95 -93.34 79.24
CA GLU A 121 2.35 -92.96 77.90
C GLU A 121 1.44 -91.90 77.27
N LYS A 122 1.98 -90.71 77.06
CA LYS A 122 1.23 -89.68 76.33
C LYS A 122 1.46 -90.29 74.93
N LYS A 123 0.41 -90.84 74.33
CA LYS A 123 0.52 -91.59 73.08
C LYS A 123 0.41 -90.97 71.67
N ARG A 124 0.25 -89.66 71.46
CA ARG A 124 0.01 -89.29 70.05
C ARG A 124 1.08 -88.72 69.07
N GLU A 125 1.23 -87.41 68.99
CA GLU A 125 2.22 -86.82 68.10
C GLU A 125 3.65 -87.25 68.46
N THR A 126 4.08 -86.83 69.66
CA THR A 126 5.40 -87.12 70.22
C THR A 126 5.20 -87.97 71.48
N PRO A 127 5.91 -89.10 71.58
CA PRO A 127 5.73 -89.92 72.78
C PRO A 127 6.23 -89.24 74.06
N LYS A 128 5.50 -89.47 75.16
CA LYS A 128 5.87 -88.91 76.44
C LYS A 128 5.72 -89.92 77.55
N LEU A 129 6.85 -90.54 77.90
CA LEU A 129 6.83 -91.53 78.96
C LEU A 129 7.03 -90.79 80.27
N ILE A 130 6.17 -91.11 81.24
CA ILE A 130 6.25 -90.49 82.55
C ILE A 130 6.20 -91.52 83.66
N ILE A 131 7.27 -91.57 84.44
CA ILE A 131 7.40 -92.50 85.55
C ILE A 131 7.77 -91.74 86.79
N ASN A 132 7.41 -92.30 87.93
CA ASN A 132 7.75 -91.67 89.20
C ASN A 132 8.15 -92.79 90.14
N ILE A 133 8.86 -92.44 91.20
CA ILE A 133 9.30 -93.46 92.14
C ILE A 133 9.15 -92.96 93.59
N LYS A 134 8.64 -93.81 94.49
CA LYS A 134 8.49 -93.39 95.90
C LYS A 134 9.57 -94.00 96.77
N ASP A 135 9.46 -95.24 97.22
CA ASP A 135 10.59 -95.71 97.97
C ASP A 135 11.28 -96.86 97.27
N TYR A 136 11.94 -97.75 97.95
CA TYR A 136 12.75 -98.71 97.22
C TYR A 136 12.19 -99.91 96.39
N ALA A 137 10.91 -100.03 96.05
CA ALA A 137 10.51 -101.36 95.52
C ALA A 137 10.29 -101.77 94.06
N ILE A 138 11.31 -102.00 93.24
CA ILE A 138 11.05 -102.43 91.87
C ILE A 138 11.59 -103.84 91.55
N ASN A 139 12.52 -104.33 92.38
CA ASN A 139 13.17 -105.65 92.15
C ASN A 139 12.69 -106.99 92.72
N SER A 140 11.97 -107.02 93.85
CA SER A 140 11.52 -108.32 94.40
C SER A 140 10.51 -109.01 93.46
N GLU A 141 9.41 -108.31 93.20
CA GLU A 141 8.37 -108.80 92.31
C GLU A 141 8.36 -107.75 91.22
N GLN A 142 9.36 -107.81 90.35
CA GLN A 142 9.49 -106.87 89.24
C GLN A 142 8.28 -106.95 88.34
N SER A 143 7.30 -107.77 88.73
CA SER A 143 6.07 -107.91 87.96
C SER A 143 5.45 -106.51 87.86
N LYS A 144 6.13 -105.54 88.46
CA LYS A 144 5.71 -104.14 88.46
C LYS A 144 6.51 -103.36 87.42
N GLU A 145 7.83 -103.46 87.48
CA GLU A 145 8.69 -102.77 86.52
C GLU A 145 8.34 -103.20 85.11
N VAL A 146 7.77 -104.39 84.98
CA VAL A 146 7.38 -104.93 83.68
C VAL A 146 6.40 -103.97 83.00
N TYR A 147 5.80 -103.07 83.76
CA TYR A 147 4.86 -102.11 83.19
C TYR A 147 5.61 -100.90 82.70
N TYR A 148 6.74 -100.61 83.34
CA TYR A 148 7.54 -99.52 82.87
C TYR A 148 8.13 -99.99 81.55
N GLU A 149 8.02 -101.29 81.27
CA GLU A 149 8.54 -101.88 80.04
C GLU A 149 7.46 -101.91 78.96
N ILE A 150 6.29 -102.42 79.30
CA ILE A 150 5.20 -102.45 78.34
C ILE A 150 4.81 -101.01 78.14
N GLY A 151 4.60 -100.32 79.27
CA GLY A 151 4.22 -98.92 79.25
C GLY A 151 5.15 -98.21 78.29
N LYS A 152 6.36 -98.73 78.17
CA LYS A 152 7.32 -98.16 77.26
C LYS A 152 7.00 -98.77 75.93
N GLY A 153 6.97 -100.09 75.91
CA GLY A 153 6.66 -100.80 74.68
C GLY A 153 5.56 -100.14 73.85
N ILE A 154 4.53 -99.61 74.51
CA ILE A 154 3.43 -98.97 73.78
C ILE A 154 3.86 -97.72 73.03
N SER A 155 5.17 -97.52 72.98
CA SER A 155 5.72 -96.38 72.27
C SER A 155 6.20 -96.89 70.93
N LEU A 156 7.03 -97.93 70.98
CA LEU A 156 7.59 -98.52 69.79
C LEU A 156 6.60 -99.33 68.99
N ASP A 157 5.68 -100.00 69.68
CA ASP A 157 4.72 -100.84 68.96
C ASP A 157 4.22 -100.32 67.60
N ILE A 158 3.17 -99.49 67.62
CA ILE A 158 2.57 -98.97 66.40
C ILE A 158 3.51 -98.10 65.57
N ILE A 159 4.74 -97.97 66.01
CA ILE A 159 5.69 -97.12 65.31
C ILE A 159 7.04 -97.84 65.18
N SER A 160 7.03 -99.15 65.38
CA SER A 160 8.28 -99.90 65.31
C SER A 160 8.47 -100.65 64.01
N LYS A 161 8.17 -101.94 64.07
CA LYS A 161 8.29 -102.81 62.92
C LYS A 161 6.87 -103.24 62.67
N ASP A 162 6.12 -103.22 63.77
CA ASP A 162 4.73 -103.60 63.75
C ASP A 162 4.01 -102.79 62.69
N LYS A 163 4.32 -101.49 62.59
CA LYS A 163 3.67 -100.64 61.62
C LYS A 163 4.50 -99.50 61.01
N SER A 164 5.56 -99.02 61.74
CA SER A 164 6.49 -97.88 61.35
C SER A 164 6.99 -98.01 59.92
N LEU A 165 7.70 -99.11 59.69
CA LEU A 165 7.90 -99.44 58.30
C LEU A 165 6.73 -100.41 58.37
N ASP A 166 6.07 -100.67 57.25
CA ASP A 166 4.89 -101.46 57.47
C ASP A 166 5.14 -102.89 57.94
N PRO A 167 4.02 -103.52 58.34
CA PRO A 167 4.41 -104.85 58.82
C PRO A 167 5.07 -105.37 57.50
N GLU A 168 6.40 -105.36 57.48
CA GLU A 168 7.01 -105.94 56.31
C GLU A 168 7.08 -107.44 56.65
N PHE A 169 6.79 -108.30 55.70
CA PHE A 169 6.82 -109.74 55.97
C PHE A 169 7.58 -110.11 57.28
N LEU A 170 8.67 -109.41 57.56
CA LEU A 170 9.47 -109.64 58.77
C LEU A 170 8.58 -109.76 60.02
N ASN A 171 7.64 -108.84 60.18
CA ASN A 171 6.73 -108.87 61.33
C ASN A 171 5.44 -109.61 61.02
N LEU A 172 5.08 -109.70 59.75
CA LEU A 172 3.87 -110.40 59.38
C LEU A 172 4.11 -111.90 59.54
N ILE A 173 5.09 -112.41 58.79
CA ILE A 173 5.45 -113.83 58.81
C ILE A 173 5.91 -114.29 60.19
N LYS A 174 6.01 -113.33 61.11
CA LYS A 174 6.41 -113.61 62.49
C LYS A 174 5.11 -113.81 63.26
N SER A 175 4.06 -113.09 62.81
CA SER A 175 2.74 -113.17 63.40
C SER A 175 2.05 -114.43 62.87
N LEU A 176 2.58 -114.96 61.76
CA LEU A 176 2.04 -116.19 61.16
C LEU A 176 2.36 -117.32 62.10
N SER A 177 3.32 -117.08 62.98
CA SER A 177 3.71 -118.08 63.97
C SER A 177 2.62 -118.15 65.03
N ASP A 178 1.39 -117.93 64.60
CA ASP A 178 0.24 -118.00 65.49
C ASP A 178 0.25 -119.45 65.98
N ASP A 179 0.11 -120.39 65.04
CA ASP A 179 0.08 -121.80 65.38
C ASP A 179 0.45 -122.73 64.22
N SER A 180 0.81 -122.17 63.07
CA SER A 180 1.11 -122.97 61.87
C SER A 180 2.55 -123.21 61.40
N ASP A 181 3.52 -122.50 61.97
CA ASP A 181 4.91 -122.69 61.54
C ASP A 181 5.73 -123.54 62.51
N SER A 182 5.76 -123.11 63.78
CA SER A 182 6.49 -123.83 64.81
C SER A 182 5.54 -124.77 65.56
N SER A 183 6.11 -125.72 66.30
CA SER A 183 5.33 -126.68 67.08
C SER A 183 5.12 -126.10 68.48
N ASP A 184 4.99 -124.77 68.53
CA ASP A 184 4.78 -124.04 69.78
C ASP A 184 3.62 -123.05 69.73
N LEU A 185 2.41 -123.58 69.91
CA LEU A 185 1.18 -122.80 69.93
C LEU A 185 1.00 -122.29 71.36
N LEU A 186 2.12 -121.83 71.94
CA LEU A 186 2.18 -121.27 73.29
C LEU A 186 2.24 -119.74 73.17
N PHE A 187 1.08 -119.14 72.88
CA PHE A 187 0.98 -117.71 72.75
C PHE A 187 -0.23 -117.16 73.50
N SER A 188 -0.36 -117.58 74.75
CA SER A 188 -1.42 -117.13 75.65
C SER A 188 -0.81 -116.03 76.53
N GLN A 189 0.52 -116.04 76.59
CA GLN A 189 1.30 -115.08 77.35
C GLN A 189 1.24 -113.75 76.61
N LYS A 190 0.40 -113.68 75.59
CA LYS A 190 0.25 -112.47 74.78
C LYS A 190 -1.04 -112.44 73.94
N PHE A 191 -1.75 -113.56 73.88
CA PHE A 191 -2.95 -113.62 73.04
C PHE A 191 -4.18 -114.32 73.61
N LYS A 192 -4.99 -113.67 74.45
CA LYS A 192 -6.15 -114.41 74.92
C LYS A 192 -7.48 -114.06 74.30
N GLU A 193 -8.05 -112.91 74.68
CA GLU A 193 -9.36 -112.50 74.19
C GLU A 193 -9.41 -112.04 72.72
N LYS A 194 -8.25 -111.80 72.12
CA LYS A 194 -8.19 -111.33 70.74
C LYS A 194 -7.52 -112.31 69.78
N LEU A 195 -7.09 -113.46 70.30
CA LEU A 195 -6.47 -114.50 69.48
C LEU A 195 -6.71 -115.94 69.94
N GLU A 196 -7.87 -116.19 70.55
CA GLU A 196 -8.21 -117.55 70.94
C GLU A 196 -8.78 -118.01 69.59
N LEU A 197 -8.62 -117.11 68.61
CA LEU A 197 -9.04 -117.33 67.24
C LEU A 197 -7.88 -118.04 66.55
N ASN A 198 -7.58 -119.25 67.01
CA ASN A 198 -6.52 -120.06 66.42
C ASN A 198 -7.09 -120.47 65.06
N ASN A 199 -8.41 -120.56 65.04
CA ASN A 199 -9.20 -120.95 63.88
C ASN A 199 -9.26 -119.84 62.85
N LYS A 200 -8.06 -119.41 62.50
CA LYS A 200 -7.81 -118.40 61.51
C LYS A 200 -6.36 -118.50 61.13
N SER A 201 -6.08 -118.60 59.85
CA SER A 201 -4.69 -118.56 59.51
C SER A 201 -4.48 -117.05 59.46
N ILE A 202 -3.79 -116.52 60.46
CA ILE A 202 -3.57 -115.08 60.51
C ILE A 202 -2.51 -114.64 59.50
N ASP A 203 -2.94 -113.81 58.55
CA ASP A 203 -2.08 -113.27 57.52
C ASP A 203 -2.66 -111.94 57.15
N ILE A 204 -2.38 -111.46 55.96
CA ILE A 204 -2.89 -110.18 55.58
C ILE A 204 -4.42 -110.10 55.75
N ASN A 205 -5.09 -111.21 55.50
CA ASN A 205 -6.53 -111.20 55.59
C ASN A 205 -7.13 -110.51 56.84
N PHE A 206 -6.55 -110.60 58.03
CA PHE A 206 -7.22 -110.02 59.20
C PHE A 206 -6.39 -109.23 60.22
N ILE A 207 -5.08 -109.35 60.14
CA ILE A 207 -4.17 -108.70 61.10
C ILE A 207 -4.35 -107.20 61.38
N LYS A 208 -4.90 -106.46 60.41
CA LYS A 208 -5.10 -105.01 60.56
C LYS A 208 -6.22 -104.66 61.55
N GLU A 209 -7.37 -105.31 61.38
CA GLU A 209 -8.54 -105.10 62.22
C GLU A 209 -8.20 -105.02 63.73
N ASN A 210 -6.99 -105.45 64.09
CA ASN A 210 -6.60 -105.45 65.49
C ASN A 210 -5.16 -105.03 65.78
N LEU A 211 -4.71 -103.94 65.17
CA LEU A 211 -3.34 -103.43 65.37
C LEU A 211 -3.15 -103.12 66.85
N THR A 212 -4.14 -102.44 67.46
CA THR A 212 -4.09 -102.06 68.86
C THR A 212 -3.88 -103.29 69.74
N GLU A 213 -4.18 -104.47 69.20
CA GLU A 213 -4.02 -105.72 69.94
C GLU A 213 -2.74 -106.47 69.59
N PHE A 214 -2.33 -106.43 68.32
CA PHE A 214 -1.10 -107.10 67.93
C PHE A 214 0.09 -106.25 68.40
N GLN A 215 -0.22 -105.31 69.29
CA GLN A 215 0.76 -104.41 69.89
C GLN A 215 0.94 -104.87 71.31
N HIS A 216 -0.18 -105.08 72.00
CA HIS A 216 -0.18 -105.54 73.39
C HIS A 216 0.67 -106.79 73.51
N ALA A 217 0.92 -107.44 72.38
CA ALA A 217 1.74 -108.63 72.37
C ALA A 217 3.19 -108.14 72.29
N PHE A 218 3.46 -107.28 71.31
CA PHE A 218 4.80 -106.72 71.13
C PHE A 218 5.27 -105.99 72.39
N SER A 219 4.31 -105.72 73.25
CA SER A 219 4.56 -105.00 74.50
C SER A 219 4.91 -105.96 75.64
N LEU A 220 4.83 -107.25 75.37
CA LEU A 220 5.15 -108.25 76.39
C LEU A 220 6.42 -108.97 75.99
N ALA A 221 6.55 -109.19 74.69
CA ALA A 221 7.71 -109.85 74.15
C ALA A 221 8.84 -108.90 74.48
N PHE A 222 8.48 -107.64 74.67
CA PHE A 222 9.46 -106.62 75.00
C PHE A 222 9.60 -106.56 76.51
N SER A 223 8.46 -106.46 77.21
CA SER A 223 8.45 -106.37 78.66
C SER A 223 9.11 -107.60 79.28
N TYR A 224 9.10 -108.68 78.52
CA TYR A 224 9.67 -109.93 78.98
C TYR A 224 11.13 -110.10 78.55
N TYR A 225 11.46 -109.71 77.32
CA TYR A 225 12.83 -109.86 76.84
C TYR A 225 13.81 -108.96 77.58
N PHE A 226 13.28 -107.96 78.27
CA PHE A 226 14.11 -107.02 79.02
C PHE A 226 13.81 -106.93 80.52
N ALA A 227 12.63 -107.37 80.95
CA ALA A 227 12.29 -107.34 82.37
C ALA A 227 13.47 -107.89 83.17
N PRO A 228 13.89 -107.19 84.23
CA PRO A 228 15.01 -107.57 85.10
C PRO A 228 14.91 -108.96 85.69
N ASP A 229 13.74 -109.56 85.58
CA ASP A 229 13.49 -110.89 86.11
C ASP A 229 13.21 -111.93 85.03
N HIS A 230 11.96 -112.05 84.63
CA HIS A 230 11.55 -113.02 83.60
C HIS A 230 11.98 -112.63 82.19
N ARG A 231 12.91 -113.42 81.65
CA ARG A 231 13.43 -113.14 80.31
C ARG A 231 13.37 -114.39 79.44
N THR A 232 13.63 -115.53 80.07
CA THR A 232 13.63 -116.83 79.41
C THR A 232 12.19 -117.29 79.19
N VAL A 233 11.26 -116.69 79.94
CA VAL A 233 9.86 -117.03 79.82
C VAL A 233 9.47 -116.78 78.35
N LEU A 234 10.09 -115.77 77.75
CA LEU A 234 9.82 -115.44 76.35
C LEU A 234 10.59 -116.34 75.38
N GLU A 235 11.72 -116.87 75.83
CA GLU A 235 12.55 -117.75 75.00
C GLU A 235 12.04 -119.19 75.10
N LEU A 236 11.24 -119.46 76.13
CA LEU A 236 10.66 -120.77 76.39
C LEU A 236 9.30 -120.89 75.71
N TYR A 237 8.32 -120.18 76.26
CA TYR A 237 6.97 -120.23 75.72
C TYR A 237 6.83 -119.97 74.22
N ALA A 238 7.33 -118.83 73.72
CA ALA A 238 7.24 -118.56 72.29
C ALA A 238 8.68 -118.45 71.75
N PRO A 239 9.09 -119.41 70.88
CA PRO A 239 10.44 -119.40 70.31
C PRO A 239 10.71 -118.31 69.26
N ASP A 240 9.64 -117.73 68.71
CA ASP A 240 9.83 -116.67 67.70
C ASP A 240 9.96 -115.27 68.32
N MET A 241 8.93 -114.84 69.04
CA MET A 241 9.00 -113.52 69.65
C MET A 241 10.37 -113.28 70.25
N PHE A 242 10.96 -114.31 70.83
CA PHE A 242 12.29 -114.17 71.41
C PHE A 242 13.31 -113.81 70.34
N GLU A 243 13.61 -114.76 69.47
CA GLU A 243 14.56 -114.55 68.39
C GLU A 243 14.30 -113.22 67.71
N TYR A 244 13.02 -112.86 67.65
CA TYR A 244 12.58 -111.61 67.04
C TYR A 244 13.11 -110.46 67.84
N MET A 245 12.71 -110.44 69.11
CA MET A 245 13.13 -109.41 70.06
C MET A 245 14.64 -109.42 70.10
N ASN A 246 15.18 -110.64 70.18
CA ASN A 246 16.61 -110.86 70.27
C ASN A 246 17.37 -110.36 69.05
N LYS A 247 16.80 -110.56 67.86
CA LYS A 247 17.46 -110.09 66.66
C LYS A 247 17.23 -108.57 66.60
N LEU A 248 16.20 -108.10 67.30
CA LEU A 248 15.90 -106.67 67.37
C LEU A 248 16.99 -106.05 68.21
N GLU A 249 17.39 -106.73 69.28
CA GLU A 249 18.45 -106.25 70.13
C GLU A 249 19.77 -106.45 69.37
N LYS A 250 19.82 -107.47 68.53
CA LYS A 250 21.02 -107.74 67.74
C LYS A 250 21.29 -106.56 66.81
N GLY A 251 20.26 -105.77 66.54
CA GLY A 251 20.40 -104.61 65.67
C GLY A 251 19.10 -104.05 65.08
N GLY A 252 17.99 -104.79 65.19
CA GLY A 252 16.70 -104.34 64.67
C GLY A 252 16.31 -102.97 65.19
N PHE A 253 16.73 -102.72 66.43
CA PHE A 253 16.48 -101.46 67.10
C PHE A 253 17.34 -100.34 66.50
N GLU A 254 18.59 -100.66 66.15
CA GLU A 254 19.46 -99.66 65.54
C GLU A 254 18.98 -99.40 64.11
N LYS A 255 18.13 -100.30 63.61
CA LYS A 255 17.53 -100.19 62.28
C LYS A 255 16.58 -99.01 62.21
N ILE A 256 15.39 -99.19 62.78
CA ILE A 256 14.37 -98.15 62.80
C ILE A 256 14.98 -96.83 63.34
N SER A 257 15.91 -96.97 64.28
CA SER A 257 16.55 -95.81 64.89
C SER A 257 17.47 -95.11 63.92
N GLU A 258 17.55 -95.66 62.72
CA GLU A 258 18.39 -95.10 61.66
C GLU A 258 17.56 -94.72 60.44
N SER A 259 16.38 -95.33 60.31
CA SER A 259 15.47 -95.04 59.20
C SER A 259 14.64 -93.84 59.61
N LEU A 260 14.73 -93.52 60.90
CA LEU A 260 14.01 -92.38 61.45
C LEU A 260 15.02 -91.23 61.55
N LYS A 261 16.29 -91.60 61.75
CA LYS A 261 17.40 -90.64 61.87
C LYS A 261 17.69 -90.01 60.52
N LYS A 262 17.94 -90.84 59.51
CA LYS A 262 18.22 -90.35 58.18
C LYS A 262 17.03 -89.51 57.75
N GLU A 263 15.83 -90.05 57.92
CA GLU A 263 14.63 -89.31 57.57
C GLU A 263 14.49 -88.14 58.53
N GLY A 264 15.35 -88.10 59.54
CA GLY A 264 15.30 -87.00 60.48
C GLY A 264 15.44 -85.71 59.69
N VAL A 265 16.41 -85.70 58.78
CA VAL A 265 16.66 -84.54 57.95
C VAL A 265 15.68 -84.45 56.79
N GLU A 266 15.74 -85.43 55.89
CA GLU A 266 14.85 -85.47 54.73
C GLU A 266 13.41 -85.06 55.08
N LYS A 267 13.02 -85.31 56.32
CA LYS A 267 11.69 -85.00 56.82
C LYS A 267 11.53 -83.49 56.90
N ASP A 268 12.24 -82.90 57.86
CA ASP A 268 12.20 -81.46 58.08
C ASP A 268 13.42 -80.90 57.35
N ARG A 269 13.19 -80.45 56.13
CA ARG A 269 14.25 -79.87 55.33
C ARG A 269 13.76 -78.58 54.69
N ILE A 270 14.52 -78.06 53.72
CA ILE A 270 14.13 -76.85 53.04
C ILE A 270 13.52 -77.32 51.72
N ASP A 271 12.23 -77.04 51.57
CA ASP A 271 11.48 -77.45 50.39
C ASP A 271 12.12 -76.96 49.11
N VAL A 272 12.80 -77.85 48.39
CA VAL A 272 13.45 -77.43 47.16
C VAL A 272 13.44 -78.49 46.08
N LEU A 273 12.35 -78.59 45.32
CA LEU A 273 12.29 -79.60 44.26
C LEU A 273 13.65 -79.87 43.61
N LYS A 274 14.12 -81.12 43.68
CA LYS A 274 15.40 -81.50 43.10
C LYS A 274 15.15 -82.30 41.83
N GLY A 275 16.20 -82.91 41.28
CA GLY A 275 16.04 -83.70 40.07
C GLY A 275 15.40 -82.96 38.89
N GLU A 276 15.15 -83.67 37.79
CA GLU A 276 14.57 -83.01 36.63
C GLU A 276 13.28 -82.25 36.95
N LYS A 277 12.70 -82.48 38.12
CA LYS A 277 11.47 -81.76 38.44
C LYS A 277 11.82 -80.28 38.49
N ALA A 278 13.11 -80.01 38.65
CA ALA A 278 13.63 -78.65 38.71
C ALA A 278 14.28 -78.29 37.39
N LEU A 279 15.13 -79.18 36.91
CA LEU A 279 15.81 -79.00 35.64
C LEU A 279 14.85 -78.48 34.57
N LYS A 280 13.54 -78.56 34.85
CA LYS A 280 12.54 -78.08 33.93
C LYS A 280 12.27 -76.60 34.14
N ALA A 281 12.16 -76.20 35.39
CA ALA A 281 11.90 -74.79 35.69
C ALA A 281 13.20 -74.03 35.46
N SER A 282 14.30 -74.73 35.67
CA SER A 282 15.62 -74.18 35.48
C SER A 282 15.65 -73.36 34.21
N GLY A 283 15.72 -74.05 33.08
CA GLY A 283 15.75 -73.39 31.80
C GLY A 283 16.95 -73.88 31.02
N LEU A 284 17.97 -74.33 31.77
CA LEU A 284 19.18 -74.84 31.16
C LEU A 284 18.85 -76.03 30.25
N VAL A 285 19.70 -76.26 29.28
CA VAL A 285 19.52 -77.38 28.36
C VAL A 285 20.06 -78.58 29.13
N PRO A 286 19.18 -79.54 29.43
CA PRO A 286 19.51 -80.76 30.18
C PRO A 286 20.85 -81.37 29.84
N GLU A 287 21.24 -81.31 28.58
CA GLU A 287 22.52 -81.87 28.19
C GLU A 287 23.64 -81.10 28.87
N HIS A 288 23.51 -79.77 28.82
CA HIS A 288 24.48 -78.86 29.41
C HIS A 288 24.47 -79.08 30.91
N ALA A 289 23.30 -78.95 31.52
CA ALA A 289 23.20 -79.15 32.95
C ALA A 289 24.01 -80.37 33.35
N ASP A 290 23.73 -81.48 32.68
CA ASP A 290 24.42 -82.74 32.96
C ASP A 290 25.92 -82.61 32.74
N ALA A 291 26.27 -81.81 31.75
CA ALA A 291 27.67 -81.58 31.41
C ALA A 291 28.35 -80.93 32.59
N PHE A 292 27.64 -79.96 33.17
CA PHE A 292 28.06 -79.17 34.34
C PHE A 292 28.24 -80.10 35.55
N LYS A 293 27.32 -81.05 35.66
CA LYS A 293 27.28 -82.05 36.71
C LYS A 293 28.67 -82.61 36.97
N LYS A 294 29.49 -82.66 35.94
CA LYS A 294 30.86 -83.17 36.04
C LYS A 294 31.74 -82.19 36.81
N ILE A 295 31.90 -81.00 36.23
CA ILE A 295 32.73 -79.97 36.83
C ILE A 295 32.43 -79.79 38.32
N ALA A 296 31.17 -79.53 38.63
CA ALA A 296 30.76 -79.35 40.02
C ALA A 296 31.49 -80.36 40.88
N ARG A 297 31.48 -81.61 40.40
CA ARG A 297 32.14 -82.67 41.11
C ARG A 297 33.65 -82.59 41.01
N GLU A 298 34.21 -82.68 39.81
CA GLU A 298 35.66 -82.63 39.69
C GLU A 298 36.25 -81.50 40.54
N LEU A 299 35.76 -80.28 40.32
CA LEU A 299 36.22 -79.09 41.01
C LEU A 299 35.61 -78.91 42.41
N ASN A 300 34.51 -79.60 42.68
CA ASN A 300 33.92 -79.51 44.02
C ASN A 300 33.52 -78.08 44.34
N THR A 301 32.43 -77.63 43.73
CA THR A 301 31.95 -76.29 43.94
C THR A 301 30.52 -76.19 43.44
N TYR A 302 29.63 -75.61 44.25
CA TYR A 302 28.25 -75.43 43.85
C TYR A 302 28.16 -74.46 42.66
N ILE A 303 27.11 -74.59 41.87
CA ILE A 303 26.91 -73.69 40.74
C ILE A 303 25.47 -73.24 40.79
N LEU A 304 25.23 -71.94 40.78
CA LEU A 304 23.86 -71.49 40.83
C LEU A 304 23.61 -70.65 39.63
N PHE A 305 22.45 -70.85 39.01
CA PHE A 305 22.07 -70.11 37.81
C PHE A 305 20.78 -69.36 38.03
N ARG A 306 20.65 -68.17 37.47
CA ARG A 306 19.41 -67.46 37.57
C ARG A 306 18.51 -68.10 36.52
N PRO A 307 17.22 -67.76 36.50
CA PRO A 307 16.35 -68.37 35.50
C PRO A 307 16.77 -68.11 34.06
N VAL A 308 16.80 -69.20 33.28
CA VAL A 308 17.16 -69.17 31.87
C VAL A 308 15.83 -69.30 31.13
N ASN A 309 15.44 -68.27 30.40
CA ASN A 309 14.17 -68.33 29.65
C ASN A 309 13.83 -69.66 28.96
N LYS A 310 12.60 -70.13 29.14
CA LYS A 310 12.14 -71.39 28.53
C LYS A 310 12.18 -71.16 27.03
N LEU A 311 11.63 -70.02 26.63
CA LEU A 311 11.56 -69.61 25.26
C LEU A 311 12.90 -69.54 24.57
N ALA A 312 13.97 -69.97 25.22
CA ALA A 312 15.31 -69.90 24.61
C ALA A 312 16.12 -71.16 24.85
N THR A 313 15.54 -72.09 25.60
CA THR A 313 16.23 -73.33 25.94
C THR A 313 16.69 -74.10 24.74
N ASN A 314 15.73 -74.43 23.88
CA ASN A 314 16.03 -75.19 22.68
C ASN A 314 16.74 -74.36 21.64
N LEU A 315 16.50 -73.05 21.62
CA LEU A 315 17.19 -72.17 20.66
C LEU A 315 18.69 -72.35 20.92
N ILE A 316 18.99 -72.88 22.10
CA ILE A 316 20.38 -73.13 22.48
C ILE A 316 20.82 -74.51 22.01
N LYS A 317 20.16 -75.58 22.49
CA LYS A 317 20.53 -76.96 22.11
C LYS A 317 20.63 -76.95 20.59
N SER A 318 19.79 -76.10 20.00
CA SER A 318 19.70 -75.86 18.57
C SER A 318 21.08 -75.45 18.06
N GLY A 319 21.61 -74.36 18.61
CA GLY A 319 22.93 -73.91 18.19
C GLY A 319 23.01 -72.40 18.14
N VAL A 320 21.94 -71.74 18.61
CA VAL A 320 21.90 -70.29 18.62
C VAL A 320 22.82 -69.79 19.70
N ALA A 321 23.58 -68.75 19.39
CA ALA A 321 24.51 -68.20 20.36
C ALA A 321 23.77 -67.49 21.47
N THR A 322 24.53 -67.07 22.48
CA THR A 322 23.96 -66.38 23.63
C THR A 322 24.43 -64.95 23.73
N LYS A 323 23.61 -64.15 24.40
CA LYS A 323 23.86 -62.74 24.64
C LYS A 323 24.96 -62.46 25.67
N GLY A 324 25.89 -61.62 25.28
CA GLY A 324 26.98 -61.26 26.17
C GLY A 324 26.74 -59.91 26.83
N LEU A 325 27.82 -59.19 27.07
CA LEU A 325 27.68 -57.90 27.71
C LEU A 325 27.58 -56.84 26.64
N ASN A 326 28.07 -57.22 25.46
CA ASN A 326 28.07 -56.34 24.31
C ASN A 326 26.63 -55.97 23.92
N VAL A 327 25.65 -56.80 24.23
CA VAL A 327 24.27 -56.45 23.88
C VAL A 327 23.35 -56.29 25.07
N HIS A 328 22.69 -55.14 25.15
CA HIS A 328 21.75 -54.85 26.23
C HIS A 328 20.33 -54.71 25.66
N GLY A 329 20.11 -55.35 24.51
CA GLY A 329 18.80 -55.30 23.89
C GLY A 329 17.91 -56.25 24.65
N LYS A 330 16.60 -56.09 24.51
CA LYS A 330 15.67 -56.94 25.22
C LYS A 330 15.20 -58.07 24.36
N SER A 331 14.94 -59.20 25.00
CA SER A 331 14.47 -60.36 24.29
C SER A 331 13.01 -60.16 23.95
N SER A 332 12.33 -61.26 23.67
CA SER A 332 10.94 -61.21 23.32
C SER A 332 10.28 -62.48 23.81
N ASP A 333 8.96 -62.41 23.96
CA ASP A 333 8.17 -63.53 24.43
C ASP A 333 6.82 -63.53 23.77
N TRP A 334 6.85 -63.77 22.45
CA TRP A 334 5.64 -63.84 21.61
C TRP A 334 6.00 -63.71 20.14
N GLY A 335 5.25 -64.40 19.29
CA GLY A 335 5.48 -64.33 17.87
C GLY A 335 6.62 -65.21 17.39
N PRO A 336 6.96 -65.11 16.10
CA PRO A 336 8.04 -65.92 15.52
C PRO A 336 9.38 -65.63 16.18
N VAL A 337 9.65 -64.34 16.35
CA VAL A 337 10.90 -63.86 16.94
C VAL A 337 11.18 -64.28 18.40
N ALA A 338 10.14 -64.60 19.16
CA ALA A 338 10.28 -64.99 20.56
C ALA A 338 11.54 -65.81 20.86
N GLY A 339 12.30 -65.39 21.87
CA GLY A 339 13.49 -66.11 22.24
C GLY A 339 14.74 -65.51 21.65
N TYR A 340 14.55 -64.62 20.66
CA TYR A 340 15.65 -63.93 19.98
C TYR A 340 15.68 -62.49 20.45
N ILE A 341 16.73 -61.77 20.08
CA ILE A 341 16.83 -60.36 20.46
C ILE A 341 16.57 -59.55 19.19
N PRO A 342 15.29 -59.29 18.87
CA PRO A 342 14.93 -58.52 17.68
C PRO A 342 15.60 -57.17 17.52
N PHE A 343 16.21 -56.92 16.37
CA PHE A 343 16.84 -55.63 16.16
C PHE A 343 15.73 -54.60 16.35
N ASP A 344 14.52 -55.00 15.99
CA ASP A 344 13.37 -54.13 16.15
C ASP A 344 12.93 -54.42 17.58
N GLN A 345 12.90 -53.39 18.42
CA GLN A 345 12.51 -53.57 19.82
C GLN A 345 11.01 -53.65 20.06
N ASP A 346 10.21 -53.07 19.17
CA ASP A 346 8.74 -53.12 19.33
C ASP A 346 8.27 -54.54 19.08
N LEU A 347 9.23 -55.43 18.86
CA LEU A 347 8.96 -56.84 18.61
C LEU A 347 9.53 -57.66 19.76
N SER A 348 9.81 -56.98 20.87
CA SER A 348 10.35 -57.58 22.09
C SER A 348 9.43 -57.22 23.24
N LYS A 349 9.41 -58.05 24.27
CA LYS A 349 8.55 -57.83 25.44
C LYS A 349 7.99 -56.42 25.53
N LYS A 350 8.89 -55.45 25.66
CA LYS A 350 8.51 -54.05 25.77
C LYS A 350 7.79 -53.55 24.52
N HIS A 351 6.76 -54.28 24.14
CA HIS A 351 5.95 -53.95 22.97
C HIS A 351 4.94 -52.87 23.32
N GLY A 352 5.27 -51.63 22.96
CA GLY A 352 4.38 -50.51 23.24
C GLY A 352 5.07 -49.39 24.02
N GLN A 353 5.96 -49.78 24.94
CA GLN A 353 6.69 -48.81 25.74
C GLN A 353 7.42 -47.86 24.84
N GLN A 354 6.71 -46.83 24.42
CA GLN A 354 7.25 -45.83 23.51
C GLN A 354 8.67 -45.37 23.86
N LEU A 355 9.13 -45.66 25.07
CA LEU A 355 10.47 -45.25 25.48
C LEU A 355 11.41 -46.43 25.75
N ALA A 356 10.85 -47.55 26.20
CA ALA A 356 11.67 -48.74 26.48
C ALA A 356 12.17 -49.28 25.16
N VAL A 357 11.41 -48.97 24.12
CA VAL A 357 11.70 -49.37 22.75
C VAL A 357 12.50 -48.23 22.13
N GLU A 358 12.04 -47.01 22.36
CA GLU A 358 12.72 -45.83 21.84
C GLU A 358 14.18 -45.87 22.30
N LYS A 359 14.39 -45.99 23.61
CA LYS A 359 15.74 -46.05 24.11
C LYS A 359 16.19 -47.49 23.96
N GLY A 360 15.24 -48.35 23.58
CA GLY A 360 15.54 -49.76 23.38
C GLY A 360 16.32 -50.02 22.10
N ASN A 361 15.82 -49.48 20.99
CA ASN A 361 16.51 -49.62 19.72
C ASN A 361 17.85 -48.92 19.87
N LEU A 362 17.86 -47.77 20.53
CA LEU A 362 19.09 -47.01 20.72
C LEU A 362 20.21 -47.87 21.28
N GLU A 363 19.85 -49.00 21.87
CA GLU A 363 20.84 -49.91 22.47
C GLU A 363 21.46 -50.88 21.47
N ASN A 364 20.62 -51.51 20.64
CA ASN A 364 21.11 -52.42 19.61
C ASN A 364 22.01 -51.61 18.68
N LYS A 365 21.49 -50.46 18.26
CA LYS A 365 22.23 -49.58 17.36
C LYS A 365 23.65 -49.32 17.88
N LYS A 366 23.75 -48.98 19.17
CA LYS A 366 25.04 -48.75 19.78
C LYS A 366 25.78 -50.10 19.81
N SER A 367 25.09 -51.13 20.29
CA SER A 367 25.67 -52.46 20.37
C SER A 367 26.46 -52.79 19.09
N ILE A 368 25.95 -52.31 17.96
CA ILE A 368 26.57 -52.57 16.66
C ILE A 368 27.54 -51.45 16.28
N THR A 369 27.15 -50.22 16.58
CA THR A 369 27.96 -49.05 16.30
C THR A 369 29.37 -49.24 16.90
N GLU A 370 29.42 -49.49 18.20
CA GLU A 370 30.69 -49.66 18.90
C GLU A 370 31.40 -50.97 18.58
N HIS A 371 30.78 -52.09 18.94
CA HIS A 371 31.37 -53.41 18.73
C HIS A 371 31.16 -54.04 17.36
N GLU A 372 31.39 -53.26 16.31
CA GLU A 372 31.23 -53.73 14.95
C GLU A 372 32.07 -54.97 14.67
N GLY A 373 31.73 -55.68 13.60
CA GLY A 373 32.46 -56.87 13.23
C GLY A 373 32.31 -58.02 14.19
N GLU A 374 31.71 -57.76 15.36
CA GLU A 374 31.49 -58.78 16.38
C GLU A 374 29.99 -58.88 16.70
N ILE A 375 29.32 -57.74 16.62
CA ILE A 375 27.90 -57.66 16.91
C ILE A 375 27.17 -57.03 15.74
N GLY A 376 26.04 -57.62 15.40
CA GLY A 376 25.24 -57.11 14.30
C GLY A 376 23.91 -57.81 14.18
N LYS A 377 23.25 -57.57 13.06
CA LYS A 377 21.94 -58.14 12.78
C LYS A 377 21.87 -59.04 11.53
N ILE A 378 21.09 -60.11 11.65
CA ILE A 378 20.92 -61.03 10.55
C ILE A 378 19.47 -61.53 10.49
N PRO A 379 18.98 -61.87 9.29
CA PRO A 379 17.62 -62.36 9.05
C PRO A 379 17.25 -63.57 9.86
N LEU A 380 16.03 -63.50 10.42
CA LEU A 380 15.48 -64.55 11.24
C LEU A 380 15.18 -65.76 10.39
N LYS A 381 15.53 -66.94 10.89
CA LYS A 381 15.31 -68.18 10.15
C LYS A 381 14.77 -69.30 11.03
N LEU A 382 13.52 -69.22 11.42
CA LEU A 382 12.94 -70.25 12.26
C LEU A 382 13.04 -71.58 11.56
N ASP A 383 13.82 -72.50 12.12
CA ASP A 383 13.97 -73.79 11.47
C ASP A 383 12.68 -74.63 11.60
N HIS A 384 12.81 -75.95 11.59
CA HIS A 384 11.64 -76.82 11.66
C HIS A 384 11.12 -77.06 13.07
N LEU A 385 11.95 -77.69 13.90
CA LEU A 385 11.57 -78.00 15.26
C LEU A 385 11.01 -76.79 15.96
N ARG A 386 11.77 -75.70 15.94
CA ARG A 386 11.34 -74.46 16.57
C ARG A 386 9.87 -74.16 16.27
N ILE A 387 9.51 -74.22 14.99
CA ILE A 387 8.13 -73.96 14.54
C ILE A 387 7.17 -74.85 15.31
N GLU A 388 7.38 -76.15 15.21
CA GLU A 388 6.52 -77.12 15.86
C GLU A 388 6.53 -76.90 17.37
N GLU A 389 7.51 -76.13 17.84
CA GLU A 389 7.64 -75.84 19.26
C GLU A 389 6.84 -74.59 19.64
N LEU A 390 7.04 -73.50 18.91
CA LEU A 390 6.31 -72.28 19.19
C LEU A 390 4.85 -72.64 18.99
N LYS A 391 4.61 -73.90 18.66
CA LYS A 391 3.29 -74.42 18.42
C LYS A 391 2.44 -74.49 19.67
N GLU A 392 2.41 -75.65 20.33
CA GLU A 392 1.60 -75.79 21.54
C GLU A 392 1.82 -74.63 22.49
N ASN A 393 3.04 -74.13 22.57
CA ASN A 393 3.33 -72.99 23.44
C ASN A 393 2.37 -71.87 23.08
N GLY A 394 1.75 -71.99 21.90
CA GLY A 394 0.79 -71.00 21.45
C GLY A 394 1.39 -69.67 21.05
N ILE A 395 2.70 -69.63 20.82
CA ILE A 395 3.35 -68.39 20.44
C ILE A 395 2.95 -68.02 19.01
N ILE A 396 2.92 -69.02 18.14
CA ILE A 396 2.53 -68.84 16.74
C ILE A 396 1.51 -69.89 16.31
N LEU A 397 0.88 -69.67 15.16
CA LEU A 397 -0.11 -70.57 14.59
C LEU A 397 0.10 -70.65 13.08
N LYS A 398 0.73 -71.72 12.61
CA LYS A 398 1.01 -71.90 11.19
C LYS A 398 -0.27 -72.27 10.45
N GLY A 399 -0.60 -71.47 9.43
CA GLY A 399 -1.83 -71.72 8.68
C GLY A 399 -1.79 -71.55 7.18
N LYS A 400 -2.82 -70.89 6.64
CA LYS A 400 -2.95 -70.66 5.20
C LYS A 400 -1.64 -70.28 4.52
N LYS A 401 -1.53 -70.63 3.23
CA LYS A 401 -0.36 -70.32 2.43
C LYS A 401 -0.66 -69.13 1.55
N GLU A 402 0.35 -68.67 0.82
CA GLU A 402 0.17 -67.52 -0.05
C GLU A 402 1.30 -67.41 -1.05
N ILE A 403 1.08 -66.64 -2.11
CA ILE A 403 2.10 -66.47 -3.14
C ILE A 403 2.44 -65.02 -3.43
N ASP A 404 3.74 -64.74 -3.50
CA ASP A 404 4.22 -63.40 -3.79
C ASP A 404 5.48 -63.46 -4.59
N ASN A 405 5.61 -62.53 -5.53
CA ASN A 405 6.77 -62.44 -6.39
C ASN A 405 7.24 -63.83 -6.86
N GLY A 406 6.32 -64.79 -6.90
CA GLY A 406 6.65 -66.12 -7.36
C GLY A 406 7.11 -67.15 -6.34
N LYS A 407 7.31 -66.73 -5.09
CA LYS A 407 7.74 -67.66 -4.07
C LYS A 407 6.64 -68.03 -3.10
N LYS A 408 6.76 -69.21 -2.51
CA LYS A 408 5.78 -69.70 -1.55
C LYS A 408 6.02 -69.12 -0.17
N TYR A 409 4.92 -68.93 0.55
CA TYR A 409 4.93 -68.37 1.89
C TYR A 409 3.83 -68.96 2.76
N TYR A 410 4.16 -69.86 3.68
CA TYR A 410 3.14 -70.37 4.60
C TYR A 410 3.01 -69.17 5.51
N LEU A 411 1.79 -68.81 5.89
CA LEU A 411 1.63 -67.63 6.73
C LEU A 411 1.72 -67.98 8.21
N LEU A 412 2.58 -67.27 8.95
CA LEU A 412 2.72 -67.51 10.37
C LEU A 412 1.82 -66.55 11.12
N GLU A 413 0.92 -67.10 11.93
CA GLU A 413 -0.04 -66.30 12.67
C GLU A 413 0.29 -66.03 14.14
N SER A 414 -0.08 -64.82 14.59
CA SER A 414 0.11 -64.37 15.96
C SER A 414 -0.98 -63.36 16.29
N ASN A 415 -1.54 -63.47 17.49
CA ASN A 415 -2.62 -62.60 17.91
C ASN A 415 -2.24 -61.14 18.07
N ASN A 416 -0.95 -60.84 17.97
CA ASN A 416 -0.53 -59.46 18.09
C ASN A 416 -1.35 -58.66 17.07
N GLN A 417 -1.87 -57.51 17.50
CA GLN A 417 -2.68 -56.71 16.62
C GLN A 417 -2.03 -55.47 15.99
N VAL A 418 -0.79 -55.60 15.53
CA VAL A 418 -0.10 -54.48 14.86
C VAL A 418 0.90 -54.99 13.81
N TYR A 419 1.31 -56.25 13.95
CA TYR A 419 2.25 -56.84 13.02
C TYR A 419 1.69 -58.17 12.51
N GLU A 420 1.94 -58.46 11.25
CA GLU A 420 1.50 -59.71 10.63
C GLU A 420 2.80 -60.41 10.27
N PHE A 421 2.86 -61.72 10.42
CA PHE A 421 4.10 -62.41 10.10
C PHE A 421 3.92 -63.55 9.13
N ARG A 422 4.95 -63.83 8.32
CA ARG A 422 4.92 -64.93 7.36
C ARG A 422 6.33 -65.50 7.22
N ILE A 423 6.46 -66.80 7.08
CA ILE A 423 7.80 -67.38 6.96
C ILE A 423 8.02 -67.74 5.48
N SER A 424 9.28 -67.86 5.00
CA SER A 424 9.51 -68.20 3.57
C SER A 424 9.76 -69.67 3.41
N ASP A 425 9.49 -70.19 2.22
CA ASP A 425 9.59 -71.60 1.93
C ASP A 425 10.91 -72.09 1.39
N GLU A 426 11.52 -71.28 0.56
CA GLU A 426 12.83 -71.59 -0.02
C GLU A 426 13.77 -71.62 1.17
N ASN A 427 13.98 -70.43 1.72
CA ASN A 427 14.73 -70.29 2.93
C ASN A 427 13.54 -70.06 3.85
N ASN A 428 13.57 -70.59 5.07
CA ASN A 428 12.45 -70.33 5.95
C ASN A 428 12.82 -69.10 6.74
N GLU A 429 12.76 -67.94 6.11
CA GLU A 429 13.06 -66.72 6.81
C GLU A 429 11.73 -66.26 7.41
N VAL A 430 11.71 -65.13 8.08
CA VAL A 430 10.46 -64.65 8.66
C VAL A 430 10.30 -63.18 8.37
N GLN A 431 9.10 -62.78 7.99
CA GLN A 431 8.87 -61.40 7.65
C GLN A 431 7.62 -60.88 8.32
N TYR A 432 7.52 -59.55 8.38
CA TYR A 432 6.38 -58.86 8.98
C TYR A 432 6.16 -57.49 8.36
N LYS A 433 5.07 -56.83 8.76
CA LYS A 433 4.72 -55.50 8.28
C LYS A 433 3.67 -54.87 9.19
N THR A 434 3.59 -53.55 9.18
CA THR A 434 2.61 -52.85 9.99
C THR A 434 1.28 -52.90 9.27
N LYS A 435 0.37 -53.75 9.73
CA LYS A 435 -0.95 -53.92 9.11
C LYS A 435 -1.44 -52.70 8.31
N GLU A 436 -2.19 -52.99 7.24
CA GLU A 436 -2.73 -51.95 6.37
C GLU A 436 -3.61 -50.96 7.14
N GLY A 437 -4.15 -51.41 8.26
CA GLY A 437 -4.99 -50.56 9.08
C GLY A 437 -4.44 -50.36 10.48
N LYS A 438 -3.22 -49.84 10.58
CA LYS A 438 -2.61 -49.60 11.88
C LYS A 438 -1.27 -48.87 11.76
N ILE A 439 -0.63 -48.66 12.91
CA ILE A 439 0.66 -47.98 12.96
C ILE A 439 1.55 -48.52 14.10
N THR A 440 2.81 -48.12 14.08
CA THR A 440 3.81 -48.52 15.06
C THR A 440 3.97 -47.38 16.07
N VAL A 441 3.89 -47.70 17.35
CA VAL A 441 4.01 -46.71 18.41
C VAL A 441 5.01 -45.59 18.16
N LEU A 442 6.14 -45.90 17.52
CA LEU A 442 7.12 -44.85 17.27
C LEU A 442 6.63 -43.97 16.12
N GLY A 443 5.69 -44.49 15.35
CA GLY A 443 5.15 -43.72 14.25
C GLY A 443 5.63 -44.21 12.91
N GLU A 444 5.82 -45.52 12.81
CA GLU A 444 6.29 -46.15 11.59
C GLU A 444 5.26 -47.09 10.94
N LYS A 445 5.22 -47.10 9.61
CA LYS A 445 4.31 -47.96 8.85
C LYS A 445 5.07 -48.57 7.67
N PHE A 446 5.39 -49.86 7.77
CA PHE A 446 6.13 -50.54 6.72
C PHE A 446 5.55 -51.84 6.17
N ASN A 447 5.86 -52.12 4.90
CA ASN A 447 5.38 -53.32 4.22
C ASN A 447 6.37 -54.46 4.37
N TRP A 448 5.87 -55.69 4.29
CA TRP A 448 6.68 -56.90 4.43
C TRP A 448 8.18 -56.72 4.39
N ARG A 449 8.80 -56.90 5.56
CA ARG A 449 10.24 -56.79 5.73
C ARG A 449 10.74 -58.03 6.45
N ASN A 450 12.04 -58.28 6.33
CA ASN A 450 12.64 -59.42 6.98
C ASN A 450 12.86 -59.06 8.47
N ILE A 451 12.62 -60.04 9.35
CA ILE A 451 12.84 -59.84 10.78
C ILE A 451 14.32 -60.10 11.11
N GLU A 452 15.04 -59.04 11.43
CA GLU A 452 16.45 -59.19 11.80
C GLU A 452 16.50 -59.41 13.29
N VAL A 453 17.49 -60.18 13.72
CA VAL A 453 17.69 -60.47 15.11
C VAL A 453 19.11 -59.99 15.38
N MET A 454 19.53 -60.02 16.63
CA MET A 454 20.90 -59.61 16.97
C MET A 454 21.75 -60.86 16.90
N ALA A 455 23.01 -60.69 16.50
CA ALA A 455 23.93 -61.81 16.39
C ALA A 455 25.37 -61.38 16.63
N LYS A 456 26.08 -62.16 17.41
CA LYS A 456 27.47 -61.87 17.70
C LYS A 456 28.24 -62.72 16.75
N ASN A 457 29.53 -62.48 16.69
CA ASN A 457 30.42 -63.23 15.81
C ASN A 457 30.95 -64.51 16.47
N VAL A 458 30.72 -65.64 15.82
CA VAL A 458 31.19 -66.89 16.35
C VAL A 458 31.94 -67.63 15.27
N GLU A 459 33.27 -67.73 15.40
CA GLU A 459 34.08 -68.42 14.41
C GLU A 459 34.02 -67.69 13.08
N GLY A 460 33.75 -66.39 13.14
CA GLY A 460 33.68 -65.61 11.91
C GLY A 460 32.34 -65.65 11.19
N VAL A 461 31.25 -65.90 11.91
CA VAL A 461 29.97 -65.94 11.26
C VAL A 461 28.83 -65.52 12.18
N LEU A 462 28.22 -64.37 11.88
CA LEU A 462 27.12 -63.87 12.70
C LEU A 462 26.08 -64.94 12.96
N LYS A 463 25.85 -65.23 14.24
CA LYS A 463 24.84 -66.21 14.65
C LYS A 463 23.82 -65.47 15.53
N PRO A 464 22.52 -65.78 15.36
CA PRO A 464 21.48 -65.11 16.15
C PRO A 464 21.70 -65.26 17.66
N LEU A 465 21.18 -64.30 18.42
CA LEU A 465 21.36 -64.33 19.87
C LEU A 465 20.13 -64.71 20.69
N THR A 466 20.39 -65.32 21.84
CA THR A 466 19.33 -65.75 22.74
C THR A 466 19.88 -65.69 24.17
N ALA A 467 19.02 -66.00 25.14
CA ALA A 467 19.38 -66.02 26.55
C ALA A 467 20.63 -66.86 26.82
N ASP A 468 21.51 -66.34 27.68
CA ASP A 468 22.73 -67.03 28.07
C ASP A 468 22.54 -67.57 29.48
N TYR A 469 23.54 -68.29 29.96
CA TYR A 469 23.49 -68.87 31.30
C TYR A 469 24.07 -67.92 32.35
N ASP A 470 23.20 -67.15 32.99
CA ASP A 470 23.63 -66.21 34.01
C ASP A 470 23.88 -66.87 35.35
N LEU A 471 25.16 -67.04 35.69
CA LEU A 471 25.51 -67.64 36.95
C LEU A 471 25.06 -66.71 38.08
N PHE A 472 24.28 -67.22 39.04
CA PHE A 472 23.87 -66.39 40.16
C PHE A 472 25.06 -66.31 41.12
N ALA A 473 25.78 -67.42 41.26
CA ALA A 473 26.93 -67.47 42.16
C ALA A 473 27.73 -68.73 41.94
N LEU A 474 28.97 -68.76 42.43
CA LEU A 474 29.80 -69.96 42.34
C LEU A 474 30.39 -70.26 43.71
N ALA A 475 30.07 -71.41 44.29
CA ALA A 475 30.60 -71.72 45.61
C ALA A 475 31.66 -72.81 45.62
N PRO A 476 32.93 -72.42 45.46
CA PRO A 476 33.97 -73.45 45.47
C PRO A 476 34.31 -73.86 46.90
N SER A 477 34.83 -75.07 47.04
CA SER A 477 35.21 -75.60 48.34
C SER A 477 36.45 -74.89 48.83
N LEU A 478 36.44 -74.50 50.10
CA LEU A 478 37.58 -73.80 50.68
C LEU A 478 38.91 -74.47 50.33
N THR A 479 38.89 -75.79 50.29
CA THR A 479 40.11 -76.56 50.00
C THR A 479 40.53 -76.49 48.55
N GLU A 480 39.59 -76.21 47.67
CA GLU A 480 39.88 -76.11 46.25
C GLU A 480 40.55 -74.75 46.02
N ILE A 481 40.24 -73.80 46.89
CA ILE A 481 40.83 -72.49 46.80
C ILE A 481 42.27 -72.65 47.25
N LYS A 482 42.49 -73.56 48.19
CA LYS A 482 43.84 -73.80 48.70
C LYS A 482 44.75 -74.20 47.54
N LYS A 483 44.22 -75.06 46.68
CA LYS A 483 44.93 -75.56 45.51
C LYS A 483 45.18 -74.43 44.51
N GLN A 484 44.52 -73.30 44.74
CA GLN A 484 44.65 -72.15 43.87
C GLN A 484 45.95 -71.40 44.17
N ILE A 485 46.28 -71.33 45.45
CA ILE A 485 47.47 -70.64 45.92
C ILE A 485 48.73 -71.38 45.52
N PRO A 486 49.78 -70.65 45.11
CA PRO A 486 51.04 -71.26 44.70
C PRO A 486 51.88 -71.74 45.89
N GLN A 487 51.95 -73.07 46.01
CA GLN A 487 52.65 -73.77 47.09
C GLN A 487 53.70 -73.00 47.83
N LYS A 488 54.57 -72.31 47.10
CA LYS A 488 55.65 -71.53 47.70
C LYS A 488 55.18 -70.34 48.53
N GLU A 489 54.32 -69.50 47.96
CA GLU A 489 53.86 -68.33 48.70
C GLU A 489 53.26 -68.77 50.03
N TRP A 490 52.16 -69.51 49.95
CA TRP A 490 51.46 -69.98 51.14
C TRP A 490 52.43 -70.62 52.09
N ASP A 491 53.56 -71.10 51.54
CA ASP A 491 54.59 -71.74 52.35
C ASP A 491 55.34 -70.63 53.08
N LYS A 492 55.92 -69.73 52.32
CA LYS A 492 56.65 -68.62 52.89
C LYS A 492 55.81 -67.84 53.91
N VAL A 493 54.53 -68.14 53.99
CA VAL A 493 53.65 -67.43 54.92
C VAL A 493 53.46 -68.11 56.26
N VAL A 494 53.22 -69.42 56.24
CA VAL A 494 53.00 -70.14 57.49
C VAL A 494 54.26 -70.18 58.35
N ASN A 495 55.42 -70.13 57.70
CA ASN A 495 56.70 -70.15 58.41
C ASN A 495 56.85 -68.97 59.38
N THR A 496 56.13 -67.90 59.10
CA THR A 496 56.17 -66.71 59.93
C THR A 496 56.27 -67.08 61.43
N PRO A 497 57.04 -66.30 62.20
CA PRO A 497 57.19 -66.58 63.62
C PRO A 497 55.97 -66.06 64.38
N ASN A 498 55.65 -64.79 64.14
CA ASN A 498 54.51 -64.14 64.79
C ASN A 498 53.18 -64.82 64.45
N SER A 499 52.51 -65.31 65.48
CA SER A 499 51.23 -66.01 65.34
C SER A 499 50.12 -65.15 64.72
N LEU A 500 49.82 -64.01 65.33
CA LEU A 500 48.79 -63.14 64.80
C LEU A 500 49.13 -62.66 63.39
N GLU A 501 50.42 -62.63 63.06
CA GLU A 501 50.84 -62.19 61.74
C GLU A 501 50.52 -63.32 60.76
N LYS A 502 50.76 -64.56 61.20
CA LYS A 502 50.47 -65.74 60.38
C LYS A 502 49.01 -65.68 59.92
N GLN A 503 48.10 -65.45 60.87
CA GLN A 503 46.67 -65.35 60.56
C GLN A 503 46.52 -64.34 59.44
N LYS A 504 46.81 -63.07 59.75
CA LYS A 504 46.71 -62.02 58.77
C LYS A 504 47.32 -62.56 57.48
N GLY A 505 48.60 -62.91 57.53
CA GLY A 505 49.28 -63.45 56.37
C GLY A 505 48.41 -64.39 55.56
N VAL A 506 47.73 -65.31 56.23
CA VAL A 506 46.86 -66.27 55.56
C VAL A 506 45.62 -65.64 54.98
N THR A 507 44.81 -65.01 55.83
CA THR A 507 43.57 -64.35 55.41
C THR A 507 43.76 -63.63 54.07
N ASN A 508 44.80 -62.82 53.98
CA ASN A 508 45.09 -62.11 52.75
C ASN A 508 45.23 -63.13 51.65
N LEU A 509 46.08 -64.14 51.87
CA LEU A 509 46.26 -65.19 50.86
C LEU A 509 44.94 -65.71 50.35
N LEU A 510 44.01 -65.90 51.28
CA LEU A 510 42.66 -66.38 51.00
C LEU A 510 41.88 -65.28 50.28
N ILE A 511 42.23 -64.03 50.56
CA ILE A 511 41.59 -62.89 49.90
C ILE A 511 42.23 -62.79 48.52
N LYS A 512 43.54 -62.75 48.51
CA LYS A 512 44.32 -62.66 47.28
C LYS A 512 43.94 -63.70 46.22
N TYR A 513 43.86 -64.97 46.62
CA TYR A 513 43.55 -66.06 45.69
C TYR A 513 42.14 -66.61 45.73
N GLY A 514 41.21 -65.93 46.39
CA GLY A 514 39.88 -66.49 46.43
C GLY A 514 38.71 -65.56 46.61
N ILE A 515 38.92 -64.41 47.24
CA ILE A 515 37.83 -63.48 47.44
C ILE A 515 37.91 -62.28 46.49
N GLU A 516 39.12 -61.92 46.10
CA GLU A 516 39.30 -60.77 45.23
C GLU A 516 38.71 -60.94 43.86
N ARG A 517 38.12 -59.86 43.38
CA ARG A 517 37.50 -59.82 42.06
C ARG A 517 37.93 -58.56 41.33
N LYS A 518 38.64 -58.74 40.22
CA LYS A 518 39.11 -57.64 39.37
C LYS A 518 38.12 -57.50 38.20
N PRO A 519 38.12 -56.35 37.52
CA PRO A 519 37.21 -56.19 36.40
C PRO A 519 37.81 -56.93 35.20
N ASP A 520 37.26 -56.72 34.01
CA ASP A 520 37.79 -57.43 32.85
C ASP A 520 37.22 -57.01 31.52
N SER A 521 38.09 -57.11 30.53
CA SER A 521 37.85 -56.77 29.14
C SER A 521 36.46 -57.16 28.66
N THR A 522 36.11 -58.42 28.90
CA THR A 522 34.85 -58.96 28.45
C THR A 522 34.00 -59.67 29.47
N LYS A 523 34.55 -60.69 30.11
CA LYS A 523 33.79 -61.46 31.08
C LYS A 523 33.23 -60.68 32.24
N GLY A 524 33.06 -59.38 32.06
CA GLY A 524 32.51 -58.54 33.10
C GLY A 524 33.44 -58.42 34.28
N THR A 525 32.92 -58.66 35.48
CA THR A 525 33.72 -58.60 36.71
C THR A 525 33.70 -59.94 37.39
N LEU A 526 34.88 -60.54 37.59
CA LEU A 526 34.96 -61.86 38.24
C LEU A 526 36.33 -62.20 38.75
N SER A 527 36.39 -63.24 39.58
CA SER A 527 37.66 -63.65 40.13
C SER A 527 38.36 -64.53 39.14
N ASN A 528 39.66 -64.71 39.31
CA ASN A 528 40.46 -65.53 38.41
C ASN A 528 39.94 -66.95 38.35
N TRP A 529 39.72 -67.57 39.50
CA TRP A 529 39.21 -68.93 39.46
C TRP A 529 37.86 -68.83 38.79
N GLN A 530 37.05 -67.86 39.20
CA GLN A 530 35.74 -67.70 38.60
C GLN A 530 35.86 -67.77 37.08
N LYS A 531 36.97 -67.31 36.54
CA LYS A 531 37.15 -67.35 35.10
C LYS A 531 37.45 -68.75 34.66
N GLN A 532 38.47 -69.36 35.28
CA GLN A 532 38.83 -70.71 34.91
C GLN A 532 37.56 -71.53 34.94
N MET A 533 36.78 -71.36 35.99
CA MET A 533 35.53 -72.08 36.09
C MET A 533 34.73 -71.76 34.85
N LEU A 534 34.63 -70.48 34.51
CA LEU A 534 33.86 -70.08 33.35
C LEU A 534 34.21 -70.91 32.12
N ASP A 535 35.50 -71.13 31.87
CA ASP A 535 35.90 -71.94 30.73
C ASP A 535 35.49 -73.40 30.88
N ARG A 536 35.87 -74.02 32.00
CA ARG A 536 35.50 -75.42 32.20
C ARG A 536 34.00 -75.68 32.05
N LEU A 537 33.20 -74.63 32.14
CA LEU A 537 31.77 -74.78 31.97
C LEU A 537 31.49 -74.77 30.48
N ASN A 538 32.04 -73.79 29.77
CA ASN A 538 31.84 -73.65 28.32
C ASN A 538 32.45 -74.80 27.53
N GLU A 539 33.72 -75.12 27.78
CA GLU A 539 34.37 -76.23 27.06
C GLU A 539 33.72 -77.54 27.46
N ALA A 540 32.88 -77.48 28.50
CA ALA A 540 32.17 -78.66 28.98
C ALA A 540 30.87 -78.82 28.19
N VAL A 541 30.24 -77.72 27.79
CA VAL A 541 29.02 -77.80 27.00
C VAL A 541 29.40 -77.68 25.56
N LYS A 542 30.70 -77.78 25.31
CA LYS A 542 31.23 -77.68 23.95
C LYS A 542 31.43 -79.11 23.46
N TYR A 543 31.99 -79.96 24.33
CA TYR A 543 32.26 -81.37 24.01
C TYR A 543 30.94 -82.12 23.98
N THR A 544 29.87 -81.45 24.35
CA THR A 544 28.56 -82.07 24.34
C THR A 544 28.08 -81.99 22.91
N GLY A 545 28.39 -80.87 22.24
CA GLY A 545 27.98 -80.69 20.86
C GLY A 545 27.50 -79.29 20.50
N TYR A 546 27.50 -78.38 21.47
CA TYR A 546 27.05 -77.00 21.22
C TYR A 546 28.01 -76.34 20.22
N THR A 547 27.46 -75.72 19.18
CA THR A 547 28.29 -75.04 18.17
C THR A 547 27.80 -73.62 17.99
N GLY A 548 28.21 -72.75 18.89
CA GLY A 548 27.77 -71.37 18.82
C GLY A 548 28.49 -70.58 19.88
N GLY A 549 29.62 -71.12 20.31
CA GLY A 549 30.41 -70.46 21.30
C GLY A 549 30.15 -70.88 22.72
N ASP A 550 30.31 -69.92 23.63
CA ASP A 550 30.12 -70.11 25.06
C ASP A 550 28.68 -69.89 25.49
N VAL A 551 28.33 -70.39 26.65
CA VAL A 551 26.99 -70.24 27.14
C VAL A 551 27.01 -69.45 28.46
N VAL A 552 28.21 -69.28 29.01
CA VAL A 552 28.40 -68.50 30.24
C VAL A 552 29.42 -67.43 29.82
N ASN A 553 28.95 -66.22 29.60
CA ASN A 553 29.80 -65.16 29.11
C ASN A 553 30.42 -64.22 30.12
N HIS A 554 29.69 -63.91 31.18
CA HIS A 554 30.20 -62.99 32.18
C HIS A 554 30.27 -63.58 33.60
N GLY A 555 30.74 -62.75 34.54
CA GLY A 555 30.87 -63.13 35.95
C GLY A 555 29.57 -63.38 36.70
N THR A 556 29.67 -63.70 37.99
CA THR A 556 28.49 -64.02 38.78
C THR A 556 27.66 -62.88 39.33
N GLU A 557 26.36 -62.92 39.10
CA GLU A 557 25.42 -61.90 39.58
C GLU A 557 25.74 -61.30 40.95
N GLN A 558 26.59 -61.99 41.73
CA GLN A 558 26.95 -61.48 43.04
C GLN A 558 27.97 -60.36 42.90
N ASP A 559 28.16 -59.90 41.67
CA ASP A 559 29.08 -58.81 41.37
C ASP A 559 28.34 -57.76 40.56
N ASN A 560 27.07 -58.05 40.33
CA ASN A 560 26.18 -57.16 39.62
C ASN A 560 25.79 -56.05 40.61
N GLU A 561 26.80 -55.34 41.10
CA GLU A 561 26.60 -54.27 42.07
C GLU A 561 25.81 -53.09 41.49
N GLU A 562 25.88 -52.94 40.18
CA GLU A 562 25.19 -51.86 39.50
C GLU A 562 23.71 -52.11 39.37
N PHE A 563 23.34 -53.10 38.56
CA PHE A 563 21.93 -53.41 38.32
C PHE A 563 21.55 -54.81 38.79
N PRO A 564 21.65 -55.03 40.12
CA PRO A 564 21.33 -56.31 40.74
C PRO A 564 19.86 -56.61 40.59
N GLU A 565 19.56 -57.85 40.20
CA GLU A 565 18.20 -58.31 40.04
C GLU A 565 17.98 -59.30 41.18
N LYS A 566 16.71 -59.55 41.48
CA LYS A 566 16.33 -60.47 42.55
C LYS A 566 15.42 -61.59 42.02
N ASP A 567 16.01 -62.71 41.61
CA ASP A 567 15.21 -63.81 41.09
C ASP A 567 14.72 -64.72 42.21
N ASN A 568 13.47 -65.16 42.12
CA ASN A 568 12.94 -66.05 43.15
C ASN A 568 13.62 -67.41 43.11
N GLU A 569 13.36 -68.15 42.03
CA GLU A 569 13.91 -69.48 41.84
C GLU A 569 15.34 -69.49 41.31
N ILE A 570 16.23 -70.20 42.00
CA ILE A 570 17.63 -70.30 41.63
C ILE A 570 17.98 -71.79 41.46
N PHE A 571 18.50 -72.13 40.30
CA PHE A 571 18.89 -73.50 39.98
C PHE A 571 20.30 -73.68 40.53
N ILE A 572 20.54 -74.77 41.26
CA ILE A 572 21.85 -75.04 41.83
C ILE A 572 22.30 -76.47 41.54
N ILE A 573 23.58 -76.66 41.32
CA ILE A 573 24.13 -77.97 41.03
C ILE A 573 25.23 -78.24 42.02
N ASN A 574 24.88 -78.86 43.15
CA ASN A 574 25.85 -79.13 44.21
C ASN A 574 27.07 -79.88 43.76
N PRO A 575 28.05 -79.99 44.66
CA PRO A 575 29.28 -80.70 44.34
C PRO A 575 29.09 -82.20 44.10
N GLU A 576 27.96 -82.74 44.54
CA GLU A 576 27.67 -84.16 44.34
C GLU A 576 27.07 -84.43 42.94
N GLY A 577 26.55 -83.37 42.30
CA GLY A 577 25.97 -83.52 40.98
C GLY A 577 24.46 -83.70 41.05
N GLU A 578 23.84 -83.03 42.01
CA GLU A 578 22.39 -83.10 42.20
C GLU A 578 21.71 -81.78 41.87
N PHE A 579 20.81 -81.79 40.89
CA PHE A 579 20.11 -80.56 40.55
C PHE A 579 19.13 -80.19 41.65
N ILE A 580 18.98 -78.90 41.87
CA ILE A 580 18.09 -78.36 42.91
C ILE A 580 17.66 -76.96 42.44
N LEU A 581 16.55 -76.47 42.97
CA LEU A 581 16.05 -75.17 42.59
C LEU A 581 15.19 -74.66 43.72
N THR A 582 15.51 -73.47 44.22
CA THR A 582 14.76 -72.87 45.33
C THR A 582 13.50 -72.15 44.88
N LYS A 583 12.69 -71.65 45.80
CA LYS A 583 11.46 -70.98 45.41
C LYS A 583 11.38 -69.54 45.90
N ASN A 584 12.13 -69.26 46.97
CA ASN A 584 12.14 -67.95 47.58
C ASN A 584 13.50 -67.33 47.60
N TRP A 585 13.50 -66.01 47.75
CA TRP A 585 14.73 -65.27 47.85
C TRP A 585 15.25 -65.63 49.24
N GLU A 586 14.31 -66.07 50.07
CA GLU A 586 14.57 -66.47 51.44
C GLU A 586 15.13 -67.88 51.42
N MET A 587 14.40 -68.79 50.80
CA MET A 587 14.81 -70.18 50.71
C MET A 587 16.23 -70.25 50.18
N THR A 588 16.48 -69.44 49.16
CA THR A 588 17.79 -69.39 48.54
C THR A 588 18.76 -69.01 49.62
N GLY A 589 18.47 -67.89 50.26
CA GLY A 589 19.34 -67.44 51.34
C GLY A 589 19.51 -68.52 52.39
N ARG A 590 18.40 -69.14 52.78
CA ARG A 590 18.36 -70.20 53.80
C ARG A 590 19.10 -71.44 53.33
N PHE A 591 19.05 -71.70 52.02
CA PHE A 591 19.75 -72.86 51.48
C PHE A 591 21.25 -72.58 51.57
N ILE A 592 21.66 -71.46 50.99
CA ILE A 592 23.05 -71.05 50.98
C ILE A 592 23.66 -71.00 52.38
N GLU A 593 22.87 -70.67 53.39
CA GLU A 593 23.40 -70.60 54.75
C GLU A 593 23.70 -72.00 55.27
N LYS A 594 22.76 -72.91 55.06
CA LYS A 594 22.88 -74.28 55.52
C LYS A 594 23.95 -75.09 54.82
N ASN A 595 24.02 -74.98 53.49
CA ASN A 595 24.97 -75.76 52.73
C ASN A 595 26.25 -75.03 52.35
N ILE A 596 26.13 -73.89 51.69
CA ILE A 596 27.32 -73.14 51.28
C ILE A 596 28.00 -72.38 52.43
N THR A 597 27.27 -71.46 53.08
CA THR A 597 27.85 -70.69 54.18
C THR A 597 28.45 -71.61 55.23
N GLY A 598 27.59 -72.11 56.12
CA GLY A 598 28.07 -72.96 57.19
C GLY A 598 28.46 -74.36 56.80
N LYS A 599 29.43 -74.50 55.88
CA LYS A 599 29.86 -75.83 55.46
C LYS A 599 31.22 -75.94 54.73
N ASP A 600 32.09 -74.94 54.90
CA ASP A 600 33.42 -74.97 54.29
C ASP A 600 33.55 -74.59 52.82
N TYR A 601 32.59 -73.83 52.32
CA TYR A 601 32.68 -73.38 50.96
C TYR A 601 32.80 -71.87 51.00
N LEU A 602 33.53 -71.32 50.05
CA LEU A 602 33.71 -69.90 49.97
C LEU A 602 32.56 -69.33 49.19
N TYR A 603 31.92 -68.31 49.75
CA TYR A 603 30.83 -67.65 49.06
C TYR A 603 30.84 -66.24 49.59
N TYR A 604 30.54 -65.26 48.73
CA TYR A 604 30.44 -63.85 49.14
C TYR A 604 29.16 -63.34 48.50
N PHE A 605 28.52 -62.34 49.08
CA PHE A 605 27.28 -61.88 48.48
C PHE A 605 27.33 -60.44 47.98
N ASN A 606 26.65 -60.22 46.86
CA ASN A 606 26.60 -58.92 46.19
C ASN A 606 26.80 -57.73 47.10
N ARG A 607 27.89 -57.00 46.88
CA ARG A 607 28.20 -55.86 47.74
C ARG A 607 27.07 -54.84 47.85
N SER A 608 26.09 -54.87 46.97
CA SER A 608 25.03 -53.87 47.04
C SER A 608 23.85 -54.33 47.90
N TYR A 609 23.93 -55.55 48.43
CA TYR A 609 22.85 -56.04 49.26
C TYR A 609 22.74 -55.27 50.57
N ASN A 610 21.50 -54.92 50.87
CA ASN A 610 21.16 -54.17 52.05
C ASN A 610 21.48 -52.70 51.85
N LYS A 611 22.07 -52.37 50.69
CA LYS A 611 22.39 -51.00 50.34
C LYS A 611 21.38 -50.57 49.27
N ILE A 612 21.63 -49.46 48.57
CA ILE A 612 20.68 -49.00 47.55
C ILE A 612 21.33 -48.94 46.19
N ALA A 613 21.45 -50.11 45.57
CA ALA A 613 22.04 -50.29 44.25
C ALA A 613 21.80 -49.08 43.35
N PRO A 614 22.84 -48.28 43.10
CA PRO A 614 22.82 -47.07 42.28
C PRO A 614 22.05 -47.18 40.96
N GLY A 615 22.56 -48.03 40.06
CA GLY A 615 21.92 -48.22 38.78
C GLY A 615 20.42 -48.27 38.79
N ASN A 616 19.84 -49.39 39.21
CA ASN A 616 18.40 -49.53 39.22
C ASN A 616 17.81 -49.10 40.55
N LYS A 617 18.63 -48.42 41.34
CA LYS A 617 18.20 -47.93 42.65
C LYS A 617 17.33 -48.99 43.35
N ALA A 618 17.88 -50.19 43.50
CA ALA A 618 17.15 -51.28 44.11
C ALA A 618 17.66 -51.63 45.50
N TYR A 619 16.74 -52.07 46.34
CA TYR A 619 17.07 -52.47 47.70
C TYR A 619 16.77 -53.95 47.81
N ILE A 620 17.83 -54.77 47.80
CA ILE A 620 17.69 -56.21 47.91
C ILE A 620 18.37 -56.68 49.19
N GLU A 621 17.57 -57.27 50.08
CA GLU A 621 18.00 -57.79 51.40
C GLU A 621 18.70 -59.15 51.41
N TRP A 622 19.73 -59.28 52.26
CA TRP A 622 20.50 -60.52 52.42
C TRP A 622 21.06 -60.57 53.83
N THR A 623 20.69 -61.57 54.61
CA THR A 623 21.18 -61.68 55.99
C THR A 623 22.68 -61.47 56.11
N ASP A 624 23.07 -60.41 56.82
CA ASP A 624 24.49 -60.11 57.00
C ASP A 624 24.85 -60.33 58.47
N PRO A 625 25.63 -61.38 58.74
CA PRO A 625 26.06 -61.71 60.10
C PRO A 625 26.60 -60.49 60.82
N ILE A 626 27.52 -59.80 60.16
CA ILE A 626 28.12 -58.64 60.76
C ILE A 626 27.09 -57.69 61.30
N THR A 627 26.19 -57.26 60.45
CA THR A 627 25.15 -56.33 60.86
C THR A 627 24.28 -56.86 62.01
N LYS A 628 24.23 -58.18 62.15
CA LYS A 628 23.46 -58.84 63.22
C LYS A 628 24.04 -58.37 64.55
N ALA A 629 25.34 -58.59 64.70
CA ALA A 629 26.08 -58.23 65.90
C ALA A 629 26.27 -56.73 66.05
N LYS A 630 25.76 -55.93 65.13
CA LYS A 630 25.92 -54.49 65.28
C LYS A 630 25.17 -54.04 66.55
N ILE A 631 23.89 -54.38 66.62
CA ILE A 631 23.01 -54.04 67.75
C ILE A 631 23.75 -53.84 69.05
N ASN A 632 24.71 -54.72 69.33
CA ASN A 632 25.46 -54.55 70.55
C ASN A 632 26.96 -54.51 70.41
N THR A 633 27.40 -53.58 69.58
CA THR A 633 28.81 -53.36 69.39
C THR A 633 29.10 -51.86 69.40
N ILE A 634 29.98 -51.43 70.30
CA ILE A 634 30.25 -50.01 70.38
C ILE A 634 30.87 -49.52 69.08
N PRO A 635 30.34 -48.41 68.52
CA PRO A 635 30.84 -47.84 67.27
C PRO A 635 32.30 -47.53 67.35
N THR A 636 32.89 -47.29 66.19
CA THR A 636 34.31 -46.98 66.13
C THR A 636 34.44 -45.47 65.90
N SER A 637 35.65 -44.95 66.08
CA SER A 637 35.89 -43.54 65.89
C SER A 637 35.34 -43.19 64.54
N ALA A 638 35.89 -43.85 63.53
CA ALA A 638 35.52 -43.64 62.13
C ALA A 638 34.08 -43.97 61.78
N GLU A 639 33.53 -45.01 62.37
CA GLU A 639 32.15 -45.33 62.06
C GLU A 639 31.26 -44.23 62.60
N PHE A 640 31.78 -43.52 63.60
CA PHE A 640 31.06 -42.45 64.27
C PHE A 640 31.09 -41.21 63.42
N ILE A 641 32.29 -40.72 63.17
CA ILE A 641 32.45 -39.53 62.35
C ILE A 641 31.75 -39.74 61.01
N LYS A 642 31.76 -40.97 60.53
CA LYS A 642 31.10 -41.29 59.27
C LYS A 642 29.63 -40.86 59.37
N ASN A 643 28.93 -41.43 60.35
CA ASN A 643 27.52 -41.15 60.58
C ASN A 643 27.24 -39.67 60.75
N LEU A 644 28.19 -38.94 61.34
CA LEU A 644 28.01 -37.51 61.50
C LEU A 644 27.97 -36.90 60.12
N SER A 645 28.99 -37.19 59.32
CA SER A 645 29.08 -36.70 57.94
C SER A 645 27.80 -36.93 57.15
N SER A 646 27.27 -38.15 57.23
CA SER A 646 26.05 -38.54 56.55
C SER A 646 24.91 -37.58 56.84
N ILE A 647 24.53 -37.48 58.12
CA ILE A 647 23.44 -36.60 58.56
C ILE A 647 23.66 -35.15 58.12
N ARG A 648 24.91 -34.69 58.22
CA ARG A 648 25.26 -33.35 57.80
C ARG A 648 24.68 -33.22 56.41
N ARG A 649 25.12 -34.08 55.50
CA ARG A 649 24.67 -34.06 54.10
C ARG A 649 23.16 -34.32 53.94
N SER A 650 22.52 -34.83 54.99
CA SER A 650 21.09 -35.13 54.93
C SER A 650 20.20 -33.97 55.37
N SER A 651 20.53 -33.34 56.49
CA SER A 651 19.74 -32.22 56.99
C SER A 651 20.50 -30.90 56.78
N ASN A 652 21.55 -30.93 55.98
CA ASN A 652 22.37 -29.75 55.74
C ASN A 652 22.63 -28.93 57.02
N VAL A 653 22.62 -29.61 58.16
CA VAL A 653 22.89 -29.03 59.48
C VAL A 653 23.80 -30.03 60.22
N GLY A 654 25.00 -29.59 60.60
CA GLY A 654 25.96 -30.44 61.31
C GLY A 654 25.82 -30.42 62.83
N VAL A 655 26.42 -31.40 63.51
CA VAL A 655 26.35 -31.48 64.99
C VAL A 655 26.75 -30.18 65.60
N TYR A 656 27.52 -29.40 64.88
CA TYR A 656 27.96 -28.13 65.40
C TYR A 656 28.21 -27.20 64.25
N LYS A 657 27.80 -25.95 64.41
CA LYS A 657 27.98 -24.98 63.34
C LYS A 657 29.28 -24.22 63.51
N ASP A 658 29.74 -23.64 62.42
CA ASP A 658 30.94 -22.83 62.39
C ASP A 658 30.48 -21.44 62.76
N SER A 659 30.35 -21.20 64.06
CA SER A 659 29.90 -19.91 64.55
C SER A 659 30.72 -19.42 65.73
N GLY A 660 30.22 -18.38 66.38
CA GLY A 660 30.91 -17.81 67.52
C GLY A 660 30.34 -18.35 68.82
N ASP A 661 29.11 -18.86 68.77
CA ASP A 661 28.49 -19.40 69.99
C ASP A 661 29.51 -20.26 70.70
N LYS A 662 29.63 -20.11 72.00
CA LYS A 662 30.60 -20.89 72.77
C LYS A 662 30.02 -22.19 73.26
N ASP A 663 28.75 -22.41 72.96
CA ASP A 663 28.08 -23.64 73.38
C ASP A 663 28.14 -24.56 72.19
N GLU A 664 28.38 -23.95 71.03
CA GLU A 664 28.49 -24.68 69.79
C GLU A 664 29.82 -25.42 69.92
N PHE A 665 30.90 -24.65 70.04
CA PHE A 665 32.23 -25.18 70.23
C PHE A 665 32.21 -26.26 71.33
N ALA A 666 31.46 -26.02 72.40
CA ALA A 666 31.37 -27.02 73.45
C ALA A 666 31.01 -28.34 72.80
N LYS A 667 29.91 -28.32 72.05
CA LYS A 667 29.41 -29.49 71.34
C LYS A 667 30.51 -30.07 70.49
N LYS A 668 31.18 -29.24 69.70
CA LYS A 668 32.28 -29.74 68.89
C LYS A 668 33.29 -30.42 69.82
N GLU A 669 33.79 -29.66 70.78
CA GLU A 669 34.78 -30.17 71.73
C GLU A 669 34.32 -31.49 72.31
N SER A 670 33.03 -31.59 72.55
CA SER A 670 32.51 -32.80 73.15
C SER A 670 32.42 -33.99 72.23
N VAL A 671 32.10 -33.80 70.96
CA VAL A 671 32.05 -34.96 70.07
C VAL A 671 33.48 -35.45 69.93
N LYS A 672 34.40 -34.50 69.77
CA LYS A 672 35.78 -34.86 69.65
C LYS A 672 36.19 -35.73 70.85
N LYS A 673 35.49 -35.55 71.96
CA LYS A 673 35.79 -36.33 73.15
C LYS A 673 35.28 -37.77 73.03
N ILE A 674 34.15 -37.94 72.35
CA ILE A 674 33.57 -39.27 72.14
C ILE A 674 34.42 -39.97 71.10
N ALA A 675 34.75 -39.22 70.04
CA ALA A 675 35.56 -39.72 68.96
C ALA A 675 36.87 -40.19 69.51
N GLY A 676 37.08 -39.90 70.78
CA GLY A 676 38.31 -40.32 71.44
C GLY A 676 38.02 -41.60 72.16
N TYR A 677 37.13 -41.54 73.12
CA TYR A 677 36.78 -42.72 73.87
C TYR A 677 36.57 -43.87 72.90
N LEU A 678 35.64 -43.72 71.96
CA LEU A 678 35.38 -44.78 70.99
C LEU A 678 36.66 -45.26 70.36
N SER A 679 37.54 -44.33 70.09
CA SER A 679 38.77 -44.71 69.49
C SER A 679 39.66 -45.45 70.47
N ASP A 680 39.54 -45.10 71.75
CA ASP A 680 40.31 -45.70 72.86
C ASP A 680 39.90 -47.14 73.15
N TYR A 681 38.61 -47.39 73.01
CA TYR A 681 38.04 -48.72 73.21
C TYR A 681 38.82 -49.73 72.39
N TYR A 682 38.88 -49.48 71.08
CA TYR A 682 39.57 -50.36 70.14
C TYR A 682 41.06 -50.05 70.10
N ASN A 683 41.76 -50.37 71.18
CA ASN A 683 43.19 -50.14 71.24
C ASN A 683 43.90 -51.45 71.05
N SER A 684 44.92 -51.44 70.21
CA SER A 684 45.67 -52.65 69.95
C SER A 684 46.55 -53.13 71.09
N ALA A 685 47.02 -52.23 71.94
CA ALA A 685 47.83 -52.67 73.07
C ALA A 685 46.97 -53.37 74.13
N ASN A 686 45.69 -53.56 73.88
CA ASN A 686 44.85 -54.24 74.86
C ASN A 686 45.27 -55.68 75.09
N HIS A 687 46.28 -56.14 74.36
CA HIS A 687 46.73 -57.52 74.52
C HIS A 687 47.64 -57.69 75.73
N ILE A 688 48.52 -56.72 75.95
CA ILE A 688 49.43 -56.78 77.08
C ILE A 688 48.64 -56.82 78.40
N PHE A 689 47.36 -57.14 78.31
CA PHE A 689 46.53 -57.22 79.49
C PHE A 689 45.97 -58.62 79.51
N SER A 690 45.00 -58.87 80.39
CA SER A 690 44.37 -60.20 80.50
C SER A 690 42.87 -60.12 80.26
N GLN A 691 42.29 -61.14 79.64
CA GLN A 691 40.84 -61.16 79.37
C GLN A 691 40.02 -60.50 80.47
N GLU A 692 40.38 -60.78 81.72
CA GLU A 692 39.69 -60.19 82.86
C GLU A 692 39.74 -58.65 82.71
N LYS A 693 40.96 -58.10 82.69
CA LYS A 693 41.15 -56.67 82.56
C LYS A 693 40.47 -56.15 81.31
N LYS A 694 40.84 -56.74 80.18
CA LYS A 694 40.28 -56.36 78.90
C LYS A 694 38.83 -55.96 79.06
N ARG A 695 37.97 -56.88 79.52
CA ARG A 695 36.56 -56.54 79.69
C ARG A 695 36.39 -55.27 80.50
N LYS A 696 36.90 -55.28 81.72
CA LYS A 696 36.82 -54.15 82.64
C LYS A 696 37.35 -52.87 81.98
N ILE A 697 38.65 -52.86 81.71
CA ILE A 697 39.30 -51.71 81.08
C ILE A 697 38.49 -51.11 79.91
N SER A 698 37.69 -51.95 79.25
CA SER A 698 36.84 -51.56 78.12
C SER A 698 35.44 -51.21 78.54
N ILE A 699 34.93 -51.89 79.56
CA ILE A 699 33.60 -51.59 80.06
C ILE A 699 33.62 -50.15 80.56
N PHE A 700 34.82 -49.66 80.87
CA PHE A 700 34.93 -48.29 81.35
C PHE A 700 35.06 -47.37 80.17
N ARG A 701 36.05 -47.64 79.33
CA ARG A 701 36.29 -46.86 78.12
C ARG A 701 34.93 -46.63 77.48
N GLY A 702 34.17 -47.72 77.36
CA GLY A 702 32.84 -47.65 76.76
C GLY A 702 31.99 -46.70 77.55
N ILE A 703 31.90 -46.94 78.86
CA ILE A 703 31.09 -46.10 79.75
C ILE A 703 31.43 -44.62 79.62
N GLN A 704 32.72 -44.34 79.50
CA GLN A 704 33.20 -42.99 79.33
C GLN A 704 32.44 -42.36 78.19
N ALA A 705 32.49 -43.03 77.05
CA ALA A 705 31.81 -42.56 75.86
C ALA A 705 30.32 -42.36 76.14
N TYR A 706 29.68 -43.39 76.69
CA TYR A 706 28.25 -43.31 76.99
C TYR A 706 27.98 -42.04 77.73
N ASN A 707 28.93 -41.61 78.53
CA ASN A 707 28.74 -40.39 79.29
C ASN A 707 28.69 -39.19 78.37
N GLU A 708 29.84 -38.79 77.82
CA GLU A 708 29.87 -37.62 76.95
C GLU A 708 28.70 -37.57 76.00
N ILE A 709 28.12 -38.72 75.66
CA ILE A 709 26.97 -38.73 74.77
C ILE A 709 25.82 -38.17 75.60
N GLU A 710 25.53 -38.83 76.72
CA GLU A 710 24.46 -38.41 77.64
C GLU A 710 24.65 -36.93 77.92
N ASN A 711 25.91 -36.54 77.95
CA ASN A 711 26.34 -35.16 78.18
C ASN A 711 25.77 -34.26 77.09
N VAL A 712 26.24 -34.44 75.86
CA VAL A 712 25.80 -33.64 74.71
C VAL A 712 24.30 -33.69 74.49
N LEU A 713 23.72 -34.88 74.69
CA LEU A 713 22.29 -35.10 74.51
C LEU A 713 21.54 -34.10 75.39
N LYS A 714 22.18 -33.67 76.47
CA LYS A 714 21.62 -32.69 77.42
C LYS A 714 22.39 -31.36 77.22
N SER A 715 22.65 -30.89 76.00
CA SER A 715 23.52 -29.70 75.85
C SER A 715 22.90 -28.33 75.53
N LYS A 716 22.77 -28.01 74.25
CA LYS A 716 22.06 -26.79 73.82
C LYS A 716 21.18 -27.45 72.78
N GLN A 717 20.78 -26.73 71.75
CA GLN A 717 19.94 -27.34 70.75
C GLN A 717 20.76 -28.07 69.70
N ILE A 718 20.53 -29.37 69.60
CA ILE A 718 21.21 -30.18 68.63
C ILE A 718 20.09 -30.79 67.85
N ALA A 719 20.09 -30.56 66.54
CA ALA A 719 19.05 -31.09 65.67
C ALA A 719 18.58 -32.46 66.12
N PRO A 720 17.25 -32.69 66.11
CA PRO A 720 16.71 -33.99 66.54
C PRO A 720 17.20 -35.18 65.68
N GLU A 721 17.51 -34.93 64.40
CA GLU A 721 17.98 -35.99 63.53
C GLU A 721 19.21 -36.59 64.18
N TYR A 722 19.99 -35.72 64.82
CA TYR A 722 21.20 -36.11 65.55
C TYR A 722 20.79 -36.62 66.93
N LYS A 723 19.86 -35.92 67.55
CA LYS A 723 19.37 -36.29 68.86
C LYS A 723 19.03 -37.77 68.87
N ASN A 724 18.46 -38.24 67.76
CA ASN A 724 18.08 -39.64 67.60
C ASN A 724 19.30 -40.52 67.48
N TYR A 725 20.19 -40.19 66.55
CA TYR A 725 21.42 -40.96 66.35
C TYR A 725 22.08 -41.17 67.70
N PHE A 726 22.46 -40.07 68.33
CA PHE A 726 23.09 -40.18 69.65
C PHE A 726 22.26 -41.12 70.50
N GLN A 727 20.95 -41.08 70.34
CA GLN A 727 20.08 -41.96 71.09
C GLN A 727 20.40 -43.41 70.74
N TYR A 728 20.57 -43.67 69.45
CA TYR A 728 20.88 -44.99 68.94
C TYR A 728 22.20 -45.45 69.57
N LEU A 729 23.25 -44.65 69.40
CA LEU A 729 24.57 -44.97 69.95
C LEU A 729 24.46 -45.41 71.39
N LYS A 730 23.67 -44.70 72.19
CA LYS A 730 23.52 -45.07 73.59
C LYS A 730 23.20 -46.54 73.76
N GLU A 731 22.16 -47.00 73.08
CA GLU A 731 21.75 -48.38 73.19
C GLU A 731 22.87 -49.33 72.80
N ARG A 732 23.62 -48.99 71.75
CA ARG A 732 24.74 -49.83 71.34
C ARG A 732 25.64 -49.97 72.56
N ILE A 733 26.22 -48.84 72.99
CA ILE A 733 27.11 -48.79 74.14
C ILE A 733 26.52 -49.61 75.28
N THR A 734 25.29 -49.27 75.68
CA THR A 734 24.60 -49.99 76.75
C THR A 734 24.75 -51.46 76.44
N ASN A 735 24.13 -51.90 75.35
CA ASN A 735 24.18 -53.30 74.88
C ASN A 735 25.57 -53.90 74.98
N GLN A 736 26.56 -53.20 74.44
CA GLN A 736 27.95 -53.67 74.44
C GLN A 736 28.46 -53.88 75.85
N VAL A 737 28.38 -52.84 76.67
CA VAL A 737 28.87 -52.93 78.04
C VAL A 737 28.13 -54.01 78.79
N GLN A 738 26.86 -54.21 78.49
CA GLN A 738 26.13 -55.27 79.16
C GLN A 738 26.84 -56.59 78.83
N LEU A 739 27.08 -56.80 77.54
CA LEU A 739 27.74 -58.01 77.07
C LEU A 739 29.03 -58.30 77.82
N LEU A 740 29.88 -57.29 77.93
CA LEU A 740 31.16 -57.42 78.64
C LEU A 740 31.00 -57.78 80.11
N LEU A 741 29.86 -57.41 80.69
CA LEU A 741 29.51 -57.67 82.09
C LEU A 741 28.89 -59.01 82.29
N THR A 742 27.93 -59.38 81.47
CA THR A 742 27.35 -60.65 81.75
C THR A 742 28.35 -61.71 81.36
N HIS A 743 29.29 -61.34 80.52
CA HIS A 743 30.28 -62.30 80.14
C HIS A 743 31.06 -62.72 81.40
N GLN A 744 31.33 -61.77 82.30
CA GLN A 744 32.14 -62.00 83.50
C GLN A 744 31.44 -62.17 84.86
N LYS A 745 30.76 -61.15 85.34
CA LYS A 745 30.00 -61.32 86.58
C LYS A 745 28.58 -60.82 86.27
N SER A 746 27.57 -61.62 86.60
CA SER A 746 26.16 -61.42 86.22
C SER A 746 25.12 -60.43 86.75
N ASN A 747 25.09 -60.17 88.05
CA ASN A 747 24.09 -59.28 88.64
C ASN A 747 24.00 -57.81 88.24
N ILE A 748 25.17 -57.19 88.06
CA ILE A 748 25.29 -55.77 87.73
C ILE A 748 24.62 -55.32 86.43
N GLU A 749 23.49 -54.62 86.54
CA GLU A 749 22.77 -54.10 85.38
C GLU A 749 23.42 -52.79 85.00
N PHE A 750 23.62 -52.60 83.70
CA PHE A 750 24.25 -51.37 83.21
C PHE A 750 23.66 -50.12 83.82
N LYS A 751 22.34 -49.94 83.73
CA LYS A 751 21.70 -48.76 84.28
C LYS A 751 22.16 -48.47 85.71
N LEU A 752 22.08 -49.48 86.57
CA LEU A 752 22.49 -49.32 87.97
C LEU A 752 23.97 -48.96 88.10
N LEU A 753 24.84 -49.81 87.58
CA LEU A 753 26.29 -49.56 87.64
C LEU A 753 26.60 -48.12 87.29
N TYR A 754 25.86 -47.58 86.32
CA TYR A 754 26.07 -46.21 85.88
C TYR A 754 25.81 -45.28 87.06
N LYS A 755 24.56 -45.26 87.51
CA LYS A 755 24.17 -44.44 88.64
C LYS A 755 25.33 -44.21 89.60
N GLN A 756 25.90 -45.31 90.10
CA GLN A 756 27.00 -45.29 91.05
C GLN A 756 28.29 -44.65 90.55
N LEU A 757 28.22 -43.75 89.59
CA LEU A 757 29.43 -43.13 89.07
C LEU A 757 29.52 -41.62 89.33
N ASN A 758 30.76 -41.15 89.51
CA ASN A 758 31.04 -39.74 89.80
C ASN A 758 31.81 -39.11 88.62
N PHE A 759 31.07 -38.53 87.66
CA PHE A 759 31.71 -37.92 86.50
C PHE A 759 31.79 -36.40 86.59
N THR A 760 31.71 -35.88 87.82
CA THR A 760 31.78 -34.44 88.08
C THR A 760 33.13 -33.87 87.64
N GLU A 761 34.09 -33.91 88.55
CA GLU A 761 35.43 -33.38 88.29
C GLU A 761 36.47 -34.48 88.11
N ASN A 762 36.76 -35.23 89.18
CA ASN A 762 37.75 -36.30 89.14
C ASN A 762 37.22 -37.64 88.62
N GLU A 763 37.98 -38.20 87.67
CA GLU A 763 37.67 -39.48 87.03
C GLU A 763 38.54 -40.57 87.68
N THR A 764 39.71 -40.14 88.15
CA THR A 764 40.70 -41.01 88.80
C THR A 764 40.10 -42.12 89.65
N ASP A 765 39.77 -41.79 90.90
CA ASP A 765 39.21 -42.76 91.83
C ASP A 765 37.95 -43.45 91.28
N ASN A 766 37.23 -42.75 90.40
CA ASN A 766 36.01 -43.31 89.83
C ASN A 766 36.31 -44.68 89.24
N PHE A 767 37.47 -44.80 88.60
CA PHE A 767 37.85 -46.08 88.00
C PHE A 767 38.13 -47.13 89.08
N GLU A 768 38.80 -46.72 90.16
CA GLU A 768 39.09 -47.64 91.25
C GLU A 768 37.76 -48.12 91.81
N VAL A 769 36.77 -47.24 91.75
CA VAL A 769 35.43 -47.53 92.22
C VAL A 769 34.87 -48.62 91.34
N PHE A 770 34.79 -48.32 90.05
CA PHE A 770 34.29 -49.24 89.05
C PHE A 770 34.76 -50.67 89.36
N GLN A 771 36.05 -50.82 89.66
CA GLN A 771 36.60 -52.12 89.98
C GLN A 771 35.83 -52.73 91.15
N LYS A 772 35.76 -52.00 92.26
CA LYS A 772 35.05 -52.48 93.43
C LYS A 772 33.59 -52.69 93.08
N ILE A 773 33.06 -51.85 92.20
CA ILE A 773 31.67 -51.99 91.81
C ILE A 773 31.44 -53.38 91.24
N ILE A 774 32.52 -54.01 90.76
CA ILE A 774 32.43 -55.36 90.20
C ILE A 774 33.12 -56.41 91.08
N ASP A 775 32.41 -56.81 92.14
CA ASP A 775 32.87 -57.82 93.10
C ASP A 775 31.69 -58.38 93.87
N ASN B 41 -36.06 -23.07 88.71
CA ASN B 41 -36.69 -21.87 88.09
C ASN B 41 -38.01 -21.54 88.80
N ASN B 42 -37.96 -21.47 90.13
CA ASN B 42 -39.16 -21.22 90.91
C ASN B 42 -40.28 -22.05 90.33
N LEU B 43 -40.24 -23.32 90.74
CA LEU B 43 -41.15 -24.38 90.37
C LEU B 43 -42.58 -24.16 90.85
N VAL B 44 -42.73 -23.70 92.08
CA VAL B 44 -44.07 -23.51 92.59
C VAL B 44 -44.74 -22.25 92.06
N LYS B 45 -46.01 -22.40 91.76
CA LYS B 45 -46.81 -21.31 91.26
C LYS B 45 -48.07 -21.34 92.10
N THR B 46 -48.22 -20.39 93.01
CA THR B 46 -49.42 -20.32 93.85
C THR B 46 -50.24 -19.21 93.20
N GLU B 47 -51.38 -19.53 92.61
CA GLU B 47 -51.97 -18.41 91.91
C GLU B 47 -52.95 -17.45 92.51
N PHE B 48 -53.66 -17.83 93.53
CA PHE B 48 -54.61 -16.89 94.09
C PHE B 48 -54.51 -17.11 95.61
N THR B 49 -53.80 -16.21 96.30
CA THR B 49 -53.64 -16.32 97.78
C THR B 49 -54.97 -15.94 98.48
N ASN B 50 -56.04 -16.66 98.10
CA ASN B 50 -57.44 -16.48 98.51
C ASN B 50 -57.90 -16.88 99.89
N GLU B 51 -57.51 -18.06 100.32
CA GLU B 51 -57.91 -18.47 101.65
C GLU B 51 -56.89 -17.81 102.58
N THR B 52 -56.88 -18.15 103.86
CA THR B 52 -55.87 -17.50 104.69
C THR B 52 -54.61 -18.33 104.56
N LEU B 53 -53.90 -18.52 105.65
CA LEU B 53 -52.72 -19.35 105.62
C LEU B 53 -53.18 -20.77 105.35
N ASP B 54 -54.47 -20.98 105.17
CA ASP B 54 -54.95 -22.33 104.97
C ASP B 54 -54.70 -22.95 103.61
N LYS B 55 -55.02 -22.24 102.54
CA LYS B 55 -54.72 -22.82 101.23
C LYS B 55 -53.20 -22.91 101.18
N ILE B 56 -52.55 -21.86 101.69
CA ILE B 56 -51.10 -21.81 101.73
C ILE B 56 -50.55 -22.94 102.59
N GLN B 57 -50.81 -22.85 103.89
CA GLN B 57 -50.34 -23.85 104.87
C GLN B 57 -50.74 -25.25 104.45
N GLN B 58 -51.38 -25.37 103.30
CA GLN B 58 -51.80 -26.67 102.81
C GLN B 58 -50.93 -27.02 101.62
N THR B 59 -50.71 -26.04 100.77
CA THR B 59 -49.87 -26.28 99.62
C THR B 59 -48.50 -26.60 100.24
N GLN B 60 -48.12 -25.83 101.26
CA GLN B 60 -46.83 -26.07 101.91
C GLN B 60 -46.78 -27.50 102.41
N ASP B 61 -47.53 -27.80 103.47
CA ASP B 61 -47.52 -29.15 104.01
C ASP B 61 -47.47 -30.13 102.85
N LEU B 62 -48.26 -29.88 101.84
CA LEU B 62 -48.29 -30.77 100.69
C LEU B 62 -46.90 -31.02 100.13
N LEU B 63 -46.31 -29.95 99.59
CA LEU B 63 -44.99 -29.97 98.98
C LEU B 63 -43.89 -30.50 99.88
N LYS B 64 -43.79 -29.93 101.09
CA LYS B 64 -42.74 -30.33 102.02
C LYS B 64 -42.73 -31.84 102.26
N LYS B 65 -43.84 -32.50 101.95
CA LYS B 65 -43.91 -33.94 102.14
C LYS B 65 -43.30 -34.66 100.93
N ILE B 66 -43.08 -33.91 99.86
CA ILE B 66 -42.48 -34.44 98.64
C ILE B 66 -40.97 -34.20 98.77
N PRO B 67 -40.14 -35.15 98.28
CA PRO B 67 -38.68 -34.99 98.38
C PRO B 67 -38.08 -33.84 97.58
N LYS B 68 -37.32 -32.99 98.27
CA LYS B 68 -36.70 -31.82 97.67
C LYS B 68 -35.98 -32.10 96.34
N ASP B 69 -35.73 -33.38 96.06
CA ASP B 69 -35.04 -33.77 94.84
C ASP B 69 -36.03 -34.16 93.75
N VAL B 70 -37.14 -34.77 94.15
CA VAL B 70 -38.17 -35.17 93.20
C VAL B 70 -38.60 -33.91 92.45
N LEU B 71 -38.58 -32.78 93.18
CA LEU B 71 -38.94 -31.51 92.61
C LEU B 71 -37.81 -31.09 91.67
N GLU B 72 -36.59 -31.18 92.20
CA GLU B 72 -35.41 -30.84 91.44
C GLU B 72 -35.48 -31.51 90.09
N ILE B 73 -35.90 -32.77 90.07
CA ILE B 73 -36.04 -33.51 88.83
C ILE B 73 -37.10 -32.82 88.02
N TYR B 74 -38.25 -32.66 88.65
CA TYR B 74 -39.35 -32.01 87.99
C TYR B 74 -38.87 -30.68 87.41
N SER B 75 -38.22 -29.88 88.24
CA SER B 75 -37.72 -28.58 87.80
C SER B 75 -36.83 -28.72 86.57
N GLU B 76 -35.72 -29.45 86.70
CA GLU B 76 -34.80 -29.65 85.59
C GLU B 76 -35.56 -30.16 84.37
N LEU B 77 -36.60 -30.93 84.59
CA LEU B 77 -37.38 -31.44 83.48
C LEU B 77 -38.18 -30.30 82.89
N GLY B 78 -37.84 -29.08 83.29
CA GLY B 78 -38.55 -27.92 82.79
C GLY B 78 -40.00 -27.95 83.25
N GLY B 79 -40.26 -28.54 84.41
CA GLY B 79 -41.61 -28.60 84.91
C GLY B 79 -42.00 -27.43 85.80
N GLU B 80 -43.30 -27.28 86.04
CA GLU B 80 -43.81 -26.22 86.89
C GLU B 80 -45.01 -26.78 87.65
N ILE B 81 -45.23 -26.34 88.89
CA ILE B 81 -46.37 -26.88 89.63
C ILE B 81 -47.34 -25.76 89.88
N TYR B 82 -48.60 -26.02 89.55
CA TYR B 82 -49.62 -25.01 89.73
C TYR B 82 -50.59 -25.23 90.84
N PHE B 83 -50.40 -24.43 91.86
CA PHE B 83 -51.30 -24.43 92.97
C PHE B 83 -52.13 -23.19 92.69
N THR B 84 -53.29 -23.39 92.12
CA THR B 84 -54.15 -22.26 91.90
C THR B 84 -55.22 -22.31 93.02
N ASP B 85 -56.25 -21.47 92.94
CA ASP B 85 -57.30 -21.48 93.94
C ASP B 85 -58.33 -22.46 93.43
N ILE B 86 -59.60 -22.22 93.65
CA ILE B 86 -60.64 -23.09 93.11
C ILE B 86 -60.53 -22.87 91.59
N ASP B 87 -60.18 -23.91 90.84
CA ASP B 87 -60.05 -23.77 89.40
C ASP B 87 -60.29 -25.14 88.80
N LEU B 88 -61.11 -25.93 89.45
CA LEU B 88 -61.38 -27.30 89.05
C LEU B 88 -61.37 -27.71 87.57
N VAL B 89 -62.42 -27.31 86.85
CA VAL B 89 -62.59 -27.70 85.46
C VAL B 89 -61.53 -27.21 84.46
N GLU B 90 -61.77 -27.49 83.18
CA GLU B 90 -60.89 -27.08 82.09
C GLU B 90 -60.93 -25.57 82.18
N HIS B 91 -60.44 -25.03 83.29
CA HIS B 91 -60.54 -23.62 83.51
C HIS B 91 -59.25 -22.86 83.76
N LYS B 92 -58.19 -23.55 84.15
CA LYS B 92 -56.98 -22.79 84.43
C LYS B 92 -56.26 -22.37 83.17
N GLU B 93 -55.52 -21.27 83.28
CA GLU B 93 -54.80 -20.73 82.15
C GLU B 93 -54.05 -21.77 81.35
N LEU B 94 -53.82 -22.94 81.93
CA LEU B 94 -53.10 -23.99 81.22
C LEU B 94 -53.91 -25.28 81.07
N GLN B 95 -55.20 -25.23 81.40
CA GLN B 95 -56.09 -26.38 81.35
C GLN B 95 -57.04 -26.46 80.16
N ASP B 96 -56.72 -25.80 79.08
CA ASP B 96 -57.59 -25.95 77.94
C ASP B 96 -56.94 -27.06 77.11
N LEU B 97 -57.19 -27.14 75.82
CA LEU B 97 -56.67 -28.24 75.00
C LEU B 97 -55.23 -28.30 74.57
N SER B 98 -54.35 -29.07 75.18
CA SER B 98 -53.06 -29.15 74.51
C SER B 98 -52.73 -30.62 74.14
N GLU B 99 -52.48 -31.46 75.15
CA GLU B 99 -52.17 -32.89 74.99
C GLU B 99 -52.88 -33.64 76.13
N GLU B 100 -54.21 -33.61 76.07
CA GLU B 100 -55.06 -34.21 77.09
C GLU B 100 -55.45 -35.67 76.90
N GLU B 101 -56.67 -35.99 77.33
CA GLU B 101 -57.24 -37.33 77.26
C GLU B 101 -57.27 -37.91 75.84
N LYS B 102 -56.31 -38.79 75.55
CA LYS B 102 -56.20 -39.47 74.27
C LYS B 102 -56.47 -40.97 74.48
N ASN B 103 -55.88 -41.50 75.55
CA ASN B 103 -56.03 -42.92 75.97
C ASN B 103 -56.33 -42.90 77.50
N SER B 104 -57.01 -43.94 78.07
CA SER B 104 -57.49 -43.93 79.48
C SER B 104 -56.97 -44.83 80.61
N MET B 105 -55.74 -44.62 81.04
CA MET B 105 -55.14 -45.37 82.17
C MET B 105 -54.80 -44.26 83.17
N ASN B 106 -55.84 -43.58 83.70
CA ASN B 106 -55.74 -42.38 84.54
C ASN B 106 -55.43 -42.33 86.03
N SER B 107 -56.28 -42.84 86.89
CA SER B 107 -55.89 -42.73 88.29
C SER B 107 -55.27 -44.02 88.83
N ARG B 108 -55.34 -44.23 90.14
CA ARG B 108 -54.83 -45.46 90.76
C ARG B 108 -55.56 -46.67 90.10
N GLY B 109 -56.75 -46.41 89.57
CA GLY B 109 -57.51 -47.41 88.82
C GLY B 109 -57.75 -46.66 87.51
N GLU B 110 -58.41 -47.20 86.51
CA GLU B 110 -58.61 -46.33 85.35
C GLU B 110 -60.03 -45.80 85.50
N LYS B 111 -60.20 -44.49 85.64
CA LYS B 111 -61.55 -43.97 85.84
C LYS B 111 -61.95 -42.85 84.87
N VAL B 112 -60.99 -41.97 84.56
CA VAL B 112 -61.15 -40.85 83.63
C VAL B 112 -62.37 -39.89 83.73
N PRO B 113 -62.76 -39.48 84.96
CA PRO B 113 -63.90 -38.56 85.14
C PRO B 113 -63.40 -37.12 85.43
N PHE B 114 -63.00 -36.41 84.37
CA PHE B 114 -62.44 -35.07 84.48
C PHE B 114 -63.03 -34.05 85.44
N ALA B 115 -64.26 -33.62 85.23
CA ALA B 115 -64.88 -32.61 86.10
C ALA B 115 -64.76 -32.88 87.61
N SER B 116 -64.33 -34.09 87.97
CA SER B 116 -64.20 -34.43 89.38
C SER B 116 -62.75 -34.35 89.89
N ARG B 117 -61.82 -34.09 88.97
CA ARG B 117 -60.41 -34.00 89.32
C ARG B 117 -60.01 -32.70 89.99
N PHE B 118 -58.95 -32.80 90.81
CA PHE B 118 -58.39 -31.66 91.53
C PHE B 118 -56.89 -31.63 91.33
N VAL B 119 -56.41 -32.57 90.52
CA VAL B 119 -55.01 -32.69 90.21
C VAL B 119 -54.89 -33.16 88.77
N PHE B 120 -53.87 -32.70 88.07
CA PHE B 120 -53.64 -33.10 86.69
C PHE B 120 -52.23 -32.83 86.16
N GLU B 121 -51.83 -33.65 85.20
CA GLU B 121 -50.53 -33.61 84.57
C GLU B 121 -50.54 -33.28 83.08
N LYS B 122 -49.99 -32.12 82.73
CA LYS B 122 -49.82 -31.82 81.31
C LYS B 122 -48.58 -32.72 81.13
N LYS B 123 -48.75 -33.73 80.30
CA LYS B 123 -47.73 -34.75 80.11
C LYS B 123 -46.69 -34.71 78.99
N ARG B 124 -46.63 -33.73 78.10
CA ARG B 124 -45.68 -33.98 76.99
C ARG B 124 -44.28 -33.38 76.83
N GLU B 125 -44.15 -32.12 76.44
CA GLU B 125 -42.80 -31.56 76.27
C GLU B 125 -42.18 -31.26 77.63
N THR B 126 -42.84 -30.35 78.34
CA THR B 126 -42.46 -29.93 79.67
C THR B 126 -43.60 -30.42 80.58
N PRO B 127 -43.27 -30.93 81.77
CA PRO B 127 -44.34 -31.37 82.67
C PRO B 127 -45.03 -30.17 83.34
N LYS B 128 -46.34 -30.28 83.53
CA LYS B 128 -47.13 -29.23 84.16
C LYS B 128 -48.11 -29.78 85.16
N LEU B 129 -47.71 -29.77 86.41
CA LEU B 129 -48.56 -30.28 87.47
C LEU B 129 -49.45 -29.15 87.91
N ILE B 130 -50.76 -29.43 87.99
CA ILE B 130 -51.73 -28.43 88.42
C ILE B 130 -52.67 -28.98 89.48
N ILE B 131 -52.63 -28.36 90.64
CA ILE B 131 -53.43 -28.76 91.79
C ILE B 131 -54.16 -27.55 92.31
N ASN B 132 -55.30 -27.79 92.95
CA ASN B 132 -56.07 -26.71 93.51
C ASN B 132 -56.60 -27.21 94.85
N ILE B 133 -56.98 -26.29 95.71
CA ILE B 133 -57.47 -26.68 97.03
C ILE B 133 -58.69 -25.84 97.43
N LYS B 134 -59.72 -26.47 97.99
CA LYS B 134 -60.91 -25.72 98.42
C LYS B 134 -60.93 -25.56 99.93
N ASP B 135 -61.53 -26.43 100.71
CA ASP B 135 -61.34 -26.12 102.08
C ASP B 135 -60.43 -27.12 102.73
N TYR B 136 -60.58 -27.37 103.99
CA TYR B 136 -59.58 -28.17 104.63
C TYR B 136 -59.31 -29.67 104.35
N ALA B 137 -59.96 -30.45 103.50
CA ALA B 137 -59.63 -31.90 103.60
C ALA B 137 -58.54 -32.79 102.89
N ILE B 138 -57.23 -32.80 103.25
CA ILE B 138 -56.30 -33.77 102.60
C ILE B 138 -55.76 -34.91 103.54
N ASN B 139 -55.84 -34.70 104.86
CA ASN B 139 -55.29 -35.65 105.85
C ASN B 139 -56.07 -36.82 106.50
N SER B 140 -57.39 -36.76 106.62
CA SER B 140 -58.12 -37.86 107.26
C SER B 140 -58.03 -39.16 106.44
N GLU B 141 -58.51 -39.07 105.20
CA GLU B 141 -58.45 -40.19 104.27
C GLU B 141 -57.58 -39.65 103.15
N GLN B 142 -56.27 -39.60 103.42
CA GLN B 142 -55.30 -39.09 102.45
C GLN B 142 -55.34 -39.92 101.18
N SER B 143 -56.26 -40.88 101.13
CA SER B 143 -56.42 -41.74 99.96
C SER B 143 -56.70 -40.81 98.76
N LYS B 144 -56.74 -39.51 99.04
CA LYS B 144 -56.97 -38.47 98.05
C LYS B 144 -55.64 -37.82 97.66
N GLU B 145 -54.87 -37.38 98.66
CA GLU B 145 -53.58 -36.76 98.38
C GLU B 145 -52.69 -37.73 97.62
N VAL B 146 -52.96 -39.02 97.77
CA VAL B 146 -52.18 -40.05 97.10
C VAL B 146 -52.23 -39.83 95.58
N TYR B 147 -53.20 -39.05 95.10
CA TYR B 147 -53.29 -38.78 93.68
C TYR B 147 -52.43 -37.60 93.32
N TYR B 148 -52.22 -36.71 94.28
CA TYR B 148 -51.35 -35.60 94.04
C TYR B 148 -49.95 -36.21 93.99
N GLU B 149 -49.83 -37.46 94.43
CA GLU B 149 -48.55 -38.17 94.44
C GLU B 149 -48.36 -38.96 93.14
N ILE B 150 -49.37 -39.75 92.79
CA ILE B 150 -49.28 -40.52 91.56
C ILE B 150 -49.34 -39.49 90.46
N GLY B 151 -50.35 -38.62 90.55
CA GLY B 151 -50.54 -37.56 89.57
C GLY B 151 -49.20 -36.89 89.34
N LYS B 152 -48.37 -36.92 90.37
CA LYS B 152 -47.04 -36.34 90.25
C LYS B 152 -46.20 -37.43 89.64
N GLY B 153 -46.22 -38.59 90.29
CA GLY B 153 -45.46 -39.71 89.80
C GLY B 153 -45.48 -39.84 88.27
N ILE B 154 -46.62 -39.58 87.65
CA ILE B 154 -46.72 -39.71 86.19
C ILE B 154 -45.85 -38.69 85.46
N SER B 155 -44.99 -38.04 86.22
CA SER B 155 -44.08 -37.07 85.65
C SER B 155 -42.73 -37.76 85.54
N LEU B 156 -42.28 -38.31 86.66
CA LEU B 156 -41.01 -38.99 86.71
C LEU B 156 -41.00 -40.34 86.03
N ASP B 157 -42.13 -41.06 86.09
CA ASP B 157 -42.16 -42.39 85.49
C ASP B 157 -41.40 -42.57 84.16
N ILE B 158 -42.05 -42.25 83.05
CA ILE B 158 -41.45 -42.44 81.73
C ILE B 158 -40.20 -41.60 81.50
N ILE B 159 -39.79 -40.86 82.51
CA ILE B 159 -38.63 -39.99 82.35
C ILE B 159 -37.71 -40.14 83.57
N SER B 160 -37.89 -41.19 84.33
CA SER B 160 -37.08 -41.39 85.52
C SER B 160 -35.96 -42.38 85.36
N LYS B 161 -36.22 -43.59 85.84
CA LYS B 161 -35.24 -44.66 85.78
C LYS B 161 -35.94 -45.67 84.90
N ASP B 162 -37.26 -45.58 84.94
CA ASP B 162 -38.10 -46.46 84.18
C ASP B 162 -37.70 -46.39 82.72
N LYS B 163 -37.40 -45.18 82.23
CA LYS B 163 -37.03 -45.01 80.83
C LYS B 163 -36.00 -43.89 80.53
N SER B 164 -35.95 -42.84 81.40
CA SER B 164 -35.03 -41.64 81.27
C SER B 164 -33.62 -42.13 80.97
N LEU B 165 -32.93 -42.79 81.90
CA LEU B 165 -31.72 -43.46 81.38
C LEU B 165 -32.51 -44.68 80.92
N ASP B 166 -31.94 -45.73 80.33
CA ASP B 166 -32.89 -46.76 79.93
C ASP B 166 -33.24 -47.68 81.09
N PRO B 167 -34.33 -48.46 80.93
CA PRO B 167 -34.46 -49.21 82.17
C PRO B 167 -33.09 -49.79 82.22
N GLU B 168 -32.28 -49.28 83.18
CA GLU B 168 -31.01 -49.96 83.15
C GLU B 168 -31.19 -51.15 84.09
N PHE B 169 -30.63 -52.31 83.77
CA PHE B 169 -30.83 -53.47 84.65
C PHE B 169 -31.39 -53.06 86.03
N LEU B 170 -30.92 -51.94 86.59
CA LEU B 170 -31.39 -51.43 87.88
C LEU B 170 -32.91 -51.48 87.99
N ASN B 171 -33.62 -51.01 86.96
CA ASN B 171 -35.08 -51.01 86.96
C ASN B 171 -35.66 -52.24 86.27
N LEU B 172 -34.87 -52.88 85.41
CA LEU B 172 -35.35 -54.07 84.75
C LEU B 172 -35.34 -55.21 85.77
N ILE B 173 -34.16 -55.52 86.29
CA ILE B 173 -33.98 -56.60 87.27
C ILE B 173 -34.79 -56.36 88.54
N LYS B 174 -35.44 -55.20 88.62
CA LYS B 174 -36.28 -54.83 89.75
C LYS B 174 -37.69 -55.25 89.37
N SER B 175 -37.95 -55.21 88.06
CA SER B 175 -39.24 -55.60 87.50
C SER B 175 -39.27 -57.12 87.38
N LEU B 176 -38.08 -57.73 87.43
CA LEU B 176 -37.98 -59.19 87.37
C LEU B 176 -38.54 -59.73 88.66
N SER B 177 -38.64 -58.86 89.67
CA SER B 177 -39.19 -59.25 90.95
C SER B 177 -40.71 -59.39 90.81
N ASP B 178 -41.12 -59.82 89.62
CA ASP B 178 -42.53 -60.03 89.34
C ASP B 178 -42.94 -61.12 90.33
N ASP B 179 -42.30 -62.28 90.22
CA ASP B 179 -42.61 -63.41 91.09
C ASP B 179 -41.48 -64.44 91.21
N SER B 180 -40.34 -64.18 90.57
CA SER B 180 -39.25 -65.15 90.55
C SER B 180 -38.00 -64.96 91.42
N ASP B 181 -37.82 -63.79 92.02
CA ASP B 181 -36.63 -63.55 92.85
C ASP B 181 -36.91 -63.64 94.34
N SER B 182 -37.88 -62.85 94.80
CA SER B 182 -38.25 -62.83 96.22
C SER B 182 -39.44 -63.78 96.42
N SER B 183 -39.69 -64.14 97.68
CA SER B 183 -40.80 -65.02 98.04
C SER B 183 -42.02 -64.13 98.34
N ASP B 184 -42.12 -63.03 97.61
CA ASP B 184 -43.22 -62.06 97.76
C ASP B 184 -43.88 -61.68 96.43
N LEU B 185 -44.78 -62.54 95.97
CA LEU B 185 -45.54 -62.34 94.74
C LEU B 185 -46.76 -61.51 95.10
N LEU B 186 -46.52 -60.50 95.94
CA LEU B 186 -47.53 -59.55 96.41
C LEU B 186 -47.37 -58.24 95.60
N PHE B 187 -47.84 -58.28 94.35
CA PHE B 187 -47.77 -57.12 93.50
C PHE B 187 -49.10 -56.88 92.78
N SER B 188 -50.18 -56.89 93.57
CA SER B 188 -51.53 -56.62 93.06
C SER B 188 -51.81 -55.14 93.39
N GLN B 189 -51.04 -54.62 94.35
CA GLN B 189 -51.15 -53.24 94.79
C GLN B 189 -50.59 -52.35 93.68
N LYS B 190 -50.28 -52.97 92.54
CA LYS B 190 -49.73 -52.24 91.40
C LYS B 190 -49.87 -52.99 90.07
N PHE B 191 -50.26 -54.25 90.12
CA PHE B 191 -50.35 -55.04 88.89
C PHE B 191 -51.57 -55.94 88.69
N LYS B 192 -52.72 -55.42 88.25
CA LYS B 192 -53.81 -56.35 88.07
C LYS B 192 -54.14 -56.78 86.65
N GLU B 193 -54.77 -55.89 85.89
CA GLU B 193 -55.18 -56.20 84.52
C GLU B 193 -54.05 -56.30 83.49
N LYS B 194 -52.85 -55.83 83.85
CA LYS B 194 -51.73 -55.87 82.92
C LYS B 194 -50.58 -56.77 83.38
N LEU B 195 -50.75 -57.41 84.53
CA LEU B 195 -49.73 -58.34 85.05
C LEU B 195 -50.28 -59.52 85.87
N GLU B 196 -51.47 -59.98 85.52
CA GLU B 196 -52.01 -61.15 86.18
C GLU B 196 -51.31 -62.21 85.33
N LEU B 197 -50.42 -61.70 84.48
CA LEU B 197 -49.61 -62.50 83.58
C LEU B 197 -48.37 -62.88 84.37
N ASN B 198 -48.56 -63.66 85.43
CA ASN B 198 -47.46 -64.13 86.26
C ASN B 198 -46.74 -65.16 85.36
N ASN B 199 -47.54 -65.76 84.49
CA ASN B 199 -47.12 -66.78 83.53
C ASN B 199 -46.33 -66.18 82.38
N LYS B 200 -45.30 -65.48 82.78
CA LYS B 200 -44.36 -64.82 81.92
C LYS B 200 -43.19 -64.48 82.80
N SER B 201 -42.00 -64.89 82.41
CA SER B 201 -40.89 -64.40 83.19
C SER B 201 -40.76 -63.03 82.48
N ILE B 202 -40.90 -61.95 83.23
CA ILE B 202 -40.89 -60.61 82.63
C ILE B 202 -39.53 -59.95 82.50
N ASP B 203 -38.91 -60.10 81.32
CA ASP B 203 -37.59 -59.54 81.01
C ASP B 203 -37.68 -58.80 79.69
N ILE B 204 -36.54 -58.53 79.09
CA ILE B 204 -36.49 -57.78 77.85
C ILE B 204 -37.41 -58.37 76.80
N ASN B 205 -37.97 -59.51 77.05
CA ASN B 205 -38.81 -60.02 76.01
C ASN B 205 -40.12 -59.21 75.89
N PHE B 206 -40.73 -58.76 76.98
CA PHE B 206 -42.03 -58.12 76.86
C PHE B 206 -42.32 -56.79 77.56
N ILE B 207 -41.44 -56.40 78.49
CA ILE B 207 -41.61 -55.18 79.28
C ILE B 207 -41.91 -53.87 78.55
N LYS B 208 -41.48 -53.76 77.29
CA LYS B 208 -41.69 -52.55 76.49
C LYS B 208 -43.15 -52.36 76.08
N GLU B 209 -43.73 -53.42 75.53
CA GLU B 209 -45.13 -53.42 75.07
C GLU B 209 -46.09 -52.74 76.05
N ASN B 210 -45.64 -52.52 77.28
CA ASN B 210 -46.50 -51.89 78.28
C ASN B 210 -45.83 -50.89 79.21
N LEU B 211 -45.06 -49.96 78.64
CA LEU B 211 -44.37 -48.92 79.42
C LEU B 211 -45.41 -48.10 80.17
N THR B 212 -46.48 -47.71 79.46
CA THR B 212 -47.55 -46.90 80.03
C THR B 212 -48.13 -47.59 81.28
N GLU B 213 -47.92 -48.90 81.39
CA GLU B 213 -48.43 -49.67 82.51
C GLU B 213 -47.37 -49.94 83.59
N PHE B 214 -46.12 -50.14 83.18
CA PHE B 214 -45.06 -50.37 84.15
C PHE B 214 -44.68 -49.02 84.77
N GLN B 215 -45.56 -48.04 84.56
CA GLN B 215 -45.41 -46.70 85.08
C GLN B 215 -46.44 -46.55 86.19
N HIS B 216 -47.66 -46.96 85.90
CA HIS B 216 -48.76 -46.89 86.85
C HIS B 216 -48.36 -47.59 88.13
N ALA B 217 -47.34 -48.43 88.04
CA ALA B 217 -46.84 -49.14 89.20
C ALA B 217 -45.88 -48.18 89.90
N PHE B 218 -44.92 -47.65 89.15
CA PHE B 218 -43.93 -46.71 89.68
C PHE B 218 -44.62 -45.49 90.28
N SER B 219 -45.89 -45.33 89.94
CA SER B 219 -46.70 -44.23 90.40
C SER B 219 -47.41 -44.53 91.71
N LEU B 220 -47.27 -45.76 92.18
CA LEU B 220 -47.90 -46.17 93.44
C LEU B 220 -46.81 -46.42 94.46
N ALA B 221 -45.71 -46.99 93.98
CA ALA B 221 -44.57 -47.27 94.82
C ALA B 221 -44.13 -45.92 95.29
N PHE B 222 -44.48 -44.90 94.50
CA PHE B 222 -44.12 -43.53 94.83
C PHE B 222 -45.22 -42.94 95.69
N SER B 223 -46.47 -43.07 95.23
CA SER B 223 -47.60 -42.51 95.95
C SER B 223 -47.71 -43.11 97.33
N TYR B 224 -47.14 -44.31 97.48
CA TYR B 224 -47.18 -45.00 98.74
C TYR B 224 -45.94 -44.72 99.61
N TYR B 225 -44.76 -44.66 99.00
CA TYR B 225 -43.54 -44.42 99.76
C TYR B 225 -43.51 -43.02 100.35
N PHE B 226 -44.36 -42.12 99.83
CA PHE B 226 -44.42 -40.75 100.32
C PHE B 226 -45.79 -40.30 100.84
N ALA B 227 -46.85 -41.00 100.49
CA ALA B 227 -48.18 -40.64 100.99
C ALA B 227 -48.09 -40.40 102.50
N PRO B 228 -48.63 -39.27 102.99
CA PRO B 228 -48.63 -38.89 104.41
C PRO B 228 -49.20 -39.93 105.36
N ASP B 229 -49.84 -40.95 104.80
CA ASP B 229 -50.44 -42.02 105.59
C ASP B 229 -49.79 -43.38 105.36
N HIS B 230 -50.25 -44.09 104.34
CA HIS B 230 -49.71 -45.42 104.02
C HIS B 230 -48.32 -45.38 103.40
N ARG B 231 -47.34 -45.88 104.13
CA ARG B 231 -45.97 -45.87 103.65
C ARG B 231 -45.34 -47.26 103.78
N THR B 232 -45.70 -47.93 104.88
CA THR B 232 -45.20 -49.27 105.18
C THR B 232 -45.93 -50.30 104.32
N VAL B 233 -47.08 -49.90 103.77
CA VAL B 233 -47.85 -50.78 102.92
C VAL B 233 -46.94 -51.20 101.75
N LEU B 234 -46.06 -50.28 101.36
CA LEU B 234 -45.12 -50.55 100.27
C LEU B 234 -43.90 -51.35 100.76
N GLU B 235 -43.57 -51.21 102.03
CA GLU B 235 -42.43 -51.92 102.61
C GLU B 235 -42.84 -53.33 103.04
N LEU B 236 -44.15 -53.53 103.16
CA LEU B 236 -44.74 -54.80 103.58
C LEU B 236 -45.04 -55.65 102.35
N TYR B 237 -46.07 -55.25 101.60
CA TYR B 237 -46.46 -56.00 100.42
C TYR B 237 -45.37 -56.31 99.41
N ALA B 238 -44.65 -55.30 98.90
CA ALA B 238 -43.57 -55.57 97.95
C ALA B 238 -42.26 -55.10 98.59
N PRO B 239 -41.34 -56.03 98.92
CA PRO B 239 -40.06 -55.69 99.55
C PRO B 239 -39.04 -54.99 98.63
N ASP B 240 -39.24 -55.08 97.31
CA ASP B 240 -38.32 -54.42 96.38
C ASP B 240 -38.71 -52.98 96.08
N MET B 241 -39.90 -52.76 95.53
CA MET B 241 -40.31 -51.40 95.22
C MET B 241 -39.92 -50.46 96.36
N PHE B 242 -40.05 -50.93 97.59
CA PHE B 242 -39.69 -50.11 98.73
C PHE B 242 -38.21 -49.74 98.68
N GLU B 243 -37.35 -50.73 98.91
CA GLU B 243 -35.91 -50.54 98.89
C GLU B 243 -35.51 -49.72 97.68
N TYR B 244 -36.25 -49.92 96.60
CA TYR B 244 -36.02 -49.23 95.33
C TYR B 244 -36.30 -47.75 95.54
N MET B 245 -37.54 -47.47 95.92
CA MET B 245 -38.00 -46.12 96.18
C MET B 245 -37.12 -45.52 97.24
N ASN B 246 -36.86 -46.33 98.26
CA ASN B 246 -36.05 -45.94 99.41
C ASN B 246 -34.62 -45.61 99.02
N LYS B 247 -34.05 -46.40 98.13
CA LYS B 247 -32.69 -46.13 97.71
C LYS B 247 -32.74 -44.93 96.75
N LEU B 248 -33.92 -44.70 96.17
CA LEU B 248 -34.13 -43.56 95.27
C LEU B 248 -34.12 -42.32 96.14
N GLU B 249 -34.72 -42.42 97.32
CA GLU B 249 -34.72 -41.30 98.24
C GLU B 249 -33.32 -41.22 98.85
N LYS B 250 -32.64 -42.35 98.96
CA LYS B 250 -31.28 -42.37 99.51
C LYS B 250 -30.35 -41.56 98.61
N GLY B 251 -30.77 -41.36 97.36
CA GLY B 251 -29.97 -40.60 96.41
C GLY B 251 -30.31 -40.80 94.93
N GLY B 252 -31.07 -41.84 94.60
CA GLY B 252 -31.45 -42.11 93.22
C GLY B 252 -32.08 -40.92 92.53
N PHE B 253 -32.80 -40.14 93.34
CA PHE B 253 -33.47 -38.93 92.88
C PHE B 253 -32.43 -37.84 92.58
N GLU B 254 -31.39 -37.74 93.41
CA GLU B 254 -30.35 -36.74 93.19
C GLU B 254 -29.54 -37.16 91.97
N LYS B 255 -29.68 -38.43 91.59
CA LYS B 255 -28.99 -39.01 90.44
C LYS B 255 -29.51 -38.38 89.14
N ILE B 256 -30.70 -38.82 88.74
CA ILE B 256 -31.32 -38.32 87.52
C ILE B 256 -31.35 -36.77 87.55
N SER B 257 -31.51 -36.22 88.74
CA SER B 257 -31.58 -34.77 88.91
C SER B 257 -30.23 -34.12 88.65
N GLU B 258 -29.24 -34.96 88.38
CA GLU B 258 -27.88 -34.49 88.11
C GLU B 258 -27.42 -34.90 86.71
N SER B 259 -28.07 -35.92 86.14
CA SER B 259 -27.75 -36.39 84.79
C SER B 259 -28.56 -35.54 83.83
N LEU B 260 -29.51 -34.80 84.39
CA LEU B 260 -30.36 -33.92 83.62
C LEU B 260 -29.80 -32.52 83.79
N LYS B 261 -29.19 -32.27 84.95
CA LYS B 261 -28.57 -30.98 85.28
C LYS B 261 -27.31 -30.75 84.44
N LYS B 262 -26.38 -31.71 84.51
CA LYS B 262 -25.15 -31.60 83.75
C LYS B 262 -25.54 -31.48 82.28
N GLU B 263 -26.44 -32.37 81.83
CA GLU B 263 -26.87 -32.30 80.45
C GLU B 263 -27.69 -31.04 80.25
N GLY B 264 -27.95 -30.34 81.35
CA GLY B 264 -28.70 -29.12 81.23
C GLY B 264 -27.97 -28.20 80.27
N VAL B 265 -26.66 -28.11 80.46
CA VAL B 265 -25.83 -27.28 79.61
C VAL B 265 -25.51 -27.97 78.29
N GLU B 266 -24.81 -29.09 78.35
CA GLU B 266 -24.43 -29.85 77.16
C GLU B 266 -25.59 -29.94 76.14
N LYS B 267 -26.80 -29.91 76.66
CA LYS B 267 -28.01 -29.99 75.85
C LYS B 267 -28.15 -28.72 75.02
N ASP B 268 -28.45 -27.63 75.71
CA ASP B 268 -28.61 -26.32 75.08
C ASP B 268 -27.27 -25.60 75.23
N ARG B 269 -26.43 -25.71 74.21
CA ARG B 269 -25.13 -25.07 74.23
C ARG B 269 -24.91 -24.35 72.90
N ILE B 270 -23.67 -23.94 72.65
CA ILE B 270 -23.34 -23.27 71.40
C ILE B 270 -22.69 -24.34 70.53
N ASP B 271 -23.36 -24.65 69.43
CA ASP B 271 -22.91 -25.68 68.51
C ASP B 271 -21.50 -25.43 68.02
N VAL B 272 -20.53 -26.16 68.57
CA VAL B 272 -19.15 -25.95 68.15
C VAL B 272 -18.33 -27.21 68.12
N LEU B 273 -18.40 -27.98 67.03
CA LEU B 273 -17.63 -29.22 66.94
C LEU B 273 -16.28 -29.13 67.67
N LYS B 274 -16.07 -30.00 68.65
CA LYS B 274 -14.83 -30.02 69.42
C LYS B 274 -14.00 -31.21 69.00
N GLY B 275 -12.93 -31.51 69.74
CA GLY B 275 -12.08 -32.65 69.40
C GLY B 275 -11.54 -32.66 67.97
N GLU B 276 -10.83 -33.71 67.58
CA GLU B 276 -10.28 -33.75 66.24
C GLU B 276 -11.31 -33.50 65.15
N LYS B 277 -12.60 -33.55 65.47
CA LYS B 277 -13.59 -33.29 64.43
C LYS B 277 -13.39 -31.87 63.94
N ALA B 278 -12.70 -31.09 64.77
CA ALA B 278 -12.41 -29.69 64.47
C ALA B 278 -10.97 -29.56 64.03
N LEU B 279 -10.08 -30.15 64.82
CA LEU B 279 -8.66 -30.14 64.54
C LEU B 279 -8.40 -30.42 63.05
N LYS B 280 -9.42 -30.90 62.35
CA LYS B 280 -9.30 -31.19 60.93
C LYS B 280 -9.61 -29.95 60.11
N ALA B 281 -10.66 -29.23 60.49
CA ALA B 281 -11.02 -28.03 59.75
C ALA B 281 -10.04 -26.93 60.13
N SER B 282 -9.52 -27.06 61.35
CA SER B 282 -8.55 -26.12 61.87
C SER B 282 -7.52 -25.82 60.81
N GLY B 283 -6.60 -26.76 60.62
CA GLY B 283 -5.56 -26.59 59.63
C GLY B 283 -4.23 -26.79 60.30
N LEU B 284 -4.20 -26.54 61.61
CA LEU B 284 -2.99 -26.72 62.39
C LEU B 284 -2.49 -28.15 62.27
N VAL B 285 -1.19 -28.34 62.48
CA VAL B 285 -0.61 -29.67 62.43
C VAL B 285 -0.90 -30.24 63.81
N PRO B 286 -1.70 -31.33 63.86
CA PRO B 286 -2.11 -32.01 65.09
C PRO B 286 -1.03 -32.11 66.15
N GLU B 287 0.20 -32.32 65.72
CA GLU B 287 1.29 -32.43 66.69
C GLU B 287 1.47 -31.11 67.41
N HIS B 288 1.45 -30.04 66.62
CA HIS B 288 1.60 -28.69 67.13
C HIS B 288 0.40 -28.38 68.02
N ALA B 289 -0.79 -28.54 67.48
CA ALA B 289 -1.99 -28.27 68.26
C ALA B 289 -1.83 -28.88 69.63
N ASP B 290 -1.49 -30.16 69.66
CA ASP B 290 -1.30 -30.89 70.92
C ASP B 290 -0.22 -30.27 71.75
N ALA B 291 0.81 -29.76 71.08
CA ALA B 291 1.94 -29.13 71.74
C ALA B 291 1.43 -27.92 72.50
N PHE B 292 0.56 -27.16 71.81
CA PHE B 292 -0.10 -25.94 72.32
C PHE B 292 -0.95 -26.27 73.55
N LYS B 293 -1.63 -27.41 73.45
CA LYS B 293 -2.49 -27.96 74.49
C LYS B 293 -1.85 -27.80 75.86
N LYS B 294 -0.53 -27.88 75.90
CA LYS B 294 0.22 -27.74 77.15
C LYS B 294 0.18 -26.30 77.66
N ILE B 295 0.76 -25.41 76.87
CA ILE B 295 0.82 -24.00 77.23
C ILE B 295 -0.53 -23.47 77.71
N ALA B 296 -1.56 -23.64 76.88
CA ALA B 296 -2.90 -23.19 77.23
C ALA B 296 -3.14 -23.50 78.69
N ARG B 297 -2.80 -24.72 79.08
CA ARG B 297 -2.97 -25.16 80.44
C ARG B 297 -1.96 -24.53 81.37
N GLU B 298 -0.66 -24.80 81.17
CA GLU B 298 0.32 -24.23 82.08
C GLU B 298 0.04 -22.74 82.35
N LEU B 299 -0.06 -21.96 81.28
CA LEU B 299 -0.31 -20.52 81.35
C LEU B 299 -1.78 -20.14 81.57
N ASN B 300 -2.69 -21.07 81.32
CA ASN B 300 -4.09 -20.79 81.56
C ASN B 300 -4.56 -19.62 80.74
N THR B 301 -4.73 -19.86 79.44
CA THR B 301 -5.18 -18.82 78.54
C THR B 301 -5.67 -19.44 77.25
N TYR B 302 -6.84 -19.04 76.78
CA TYR B 302 -7.38 -19.55 75.53
C TYR B 302 -6.48 -19.14 74.36
N ILE B 303 -6.51 -19.91 73.29
CA ILE B 303 -5.73 -19.58 72.11
C ILE B 303 -6.64 -19.74 70.91
N LEU B 304 -6.75 -18.72 70.09
CA LEU B 304 -7.64 -18.86 68.95
C LEU B 304 -6.83 -18.62 67.71
N PHE B 305 -7.07 -19.44 66.70
CA PHE B 305 -6.34 -19.34 65.44
C PHE B 305 -7.30 -19.12 64.30
N ARG B 306 -6.89 -18.34 63.31
CA ARG B 306 -7.74 -18.18 62.15
C ARG B 306 -7.47 -19.43 61.30
N PRO B 307 -8.25 -19.64 60.25
CA PRO B 307 -8.01 -20.83 59.43
C PRO B 307 -6.61 -20.91 58.84
N VAL B 308 -6.01 -22.08 58.99
CA VAL B 308 -4.68 -22.37 58.49
C VAL B 308 -4.90 -23.25 57.27
N ASN B 309 -4.54 -22.76 56.09
CA ASN B 309 -4.74 -23.54 54.86
C ASN B 309 -4.43 -25.06 54.95
N LYS B 310 -5.35 -25.88 54.43
CA LYS B 310 -5.18 -27.33 54.43
C LYS B 310 -3.98 -27.62 53.55
N LEU B 311 -3.98 -26.97 52.39
CA LEU B 311 -2.93 -27.11 51.41
C LEU B 311 -1.56 -26.74 51.93
N ALA B 312 -1.42 -26.47 53.24
CA ALA B 312 -0.11 -26.10 53.79
C ALA B 312 0.18 -26.79 55.12
N THR B 313 -0.78 -27.57 55.58
CA THR B 313 -0.66 -28.27 56.85
C THR B 313 0.56 -29.15 56.92
N ASN B 314 0.64 -30.07 55.98
CA ASN B 314 1.75 -31.00 55.94
C ASN B 314 3.02 -30.35 55.47
N LEU B 315 2.92 -29.31 54.63
CA LEU B 315 4.12 -28.62 54.17
C LEU B 315 4.82 -28.10 55.41
N ILE B 316 4.08 -28.05 56.52
CA ILE B 316 4.63 -27.60 57.78
C ILE B 316 5.24 -28.78 58.54
N LYS B 317 4.43 -29.79 58.89
CA LYS B 317 4.94 -30.97 59.62
C LYS B 317 6.20 -31.42 58.90
N SER B 318 6.16 -31.21 57.60
CA SER B 318 7.25 -31.50 56.66
C SER B 318 8.50 -30.78 57.14
N GLY B 319 8.42 -29.45 57.23
CA GLY B 319 9.57 -28.67 57.68
C GLY B 319 9.68 -27.37 56.94
N VAL B 320 8.68 -27.08 56.12
CA VAL B 320 8.66 -25.82 55.35
C VAL B 320 8.39 -24.68 56.30
N ALA B 321 9.12 -23.60 56.12
CA ALA B 321 8.94 -22.45 56.99
C ALA B 321 7.62 -21.74 56.71
N THR B 322 7.30 -20.77 57.54
CA THR B 322 6.07 -20.02 57.40
C THR B 322 6.30 -18.57 57.07
N LYS B 323 5.29 -17.98 56.44
CA LYS B 323 5.28 -16.58 56.02
C LYS B 323 5.14 -15.59 57.17
N GLY B 324 6.05 -14.62 57.17
CA GLY B 324 6.02 -13.59 58.20
C GLY B 324 5.38 -12.32 57.70
N LEU B 325 5.87 -11.20 58.20
CA LEU B 325 5.30 -9.93 57.78
C LEU B 325 6.11 -9.42 56.62
N ASN B 326 7.33 -9.93 56.53
CA ASN B 326 8.25 -9.57 55.48
C ASN B 326 7.68 -9.91 54.10
N VAL B 327 6.81 -10.91 54.01
CA VAL B 327 6.25 -11.25 52.70
C VAL B 327 4.74 -11.09 52.63
N HIS B 328 4.30 -10.34 51.63
CA HIS B 328 2.87 -10.10 51.41
C HIS B 328 2.46 -10.72 50.07
N GLY B 329 3.20 -11.74 49.64
CA GLY B 329 2.89 -12.41 48.39
C GLY B 329 1.73 -13.32 48.66
N LYS B 330 1.04 -13.73 47.61
CA LYS B 330 -0.12 -14.60 47.78
C LYS B 330 0.25 -16.03 47.59
N SER B 331 -0.43 -16.90 48.31
CA SER B 331 -0.18 -18.31 48.21
C SER B 331 -0.80 -18.82 46.93
N SER B 332 -1.03 -20.13 46.88
CA SER B 332 -1.62 -20.75 45.72
C SER B 332 -2.43 -21.94 46.18
N ASP B 333 -3.36 -22.33 45.32
CA ASP B 333 -4.24 -23.45 45.58
C ASP B 333 -4.55 -24.19 44.31
N TRP B 334 -3.51 -24.82 43.75
CA TRP B 334 -3.60 -25.62 42.53
C TRP B 334 -2.22 -25.85 41.95
N GLY B 335 -2.03 -27.01 41.33
CA GLY B 335 -0.77 -27.34 40.71
C GLY B 335 0.30 -27.82 41.67
N PRO B 336 1.53 -28.01 41.19
CA PRO B 336 2.63 -28.47 42.04
C PRO B 336 2.95 -27.49 43.15
N VAL B 337 3.01 -26.21 42.78
CA VAL B 337 3.33 -25.13 43.70
C VAL B 337 2.33 -24.89 44.86
N ALA B 338 1.10 -25.34 44.71
CA ALA B 338 0.08 -25.15 45.74
C ALA B 338 0.59 -25.27 47.18
N GLY B 339 0.28 -24.28 47.99
CA GLY B 339 0.71 -24.31 49.38
C GLY B 339 1.96 -23.49 49.61
N TYR B 340 2.62 -23.13 48.52
CA TYR B 340 3.86 -22.35 48.58
C TYR B 340 3.53 -20.94 48.12
N ILE B 341 4.48 -20.03 48.26
CA ILE B 341 4.28 -18.66 47.82
C ILE B 341 5.13 -18.47 46.56
N PRO B 342 4.60 -18.85 45.39
CA PRO B 342 5.34 -18.72 44.12
C PRO B 342 5.89 -17.33 43.81
N PHE B 343 7.18 -17.27 43.49
CA PHE B 343 7.76 -15.97 43.15
C PHE B 343 6.95 -15.46 41.98
N ASP B 344 6.47 -16.39 41.17
CA ASP B 344 5.65 -16.04 40.02
C ASP B 344 4.25 -16.00 40.61
N GLN B 345 3.60 -14.85 40.53
CA GLN B 345 2.25 -14.69 41.08
C GLN B 345 1.14 -15.27 40.22
N ASP B 346 1.35 -15.37 38.90
CA ASP B 346 0.32 -15.93 38.02
C ASP B 346 0.21 -17.42 38.28
N LEU B 347 0.95 -17.88 39.28
CA LEU B 347 0.95 -19.27 39.68
C LEU B 347 0.38 -19.39 41.09
N SER B 348 -0.31 -18.34 41.51
CA SER B 348 -0.96 -18.25 42.83
C SER B 348 -2.42 -17.92 42.61
N LYS B 349 -3.26 -18.32 43.55
CA LYS B 349 -4.71 -18.08 43.47
C LYS B 349 -5.10 -17.04 42.43
N LYS B 350 -4.61 -15.81 42.62
CA LYS B 350 -4.92 -14.72 41.70
C LYS B 350 -4.35 -14.98 40.31
N HIS B 351 -4.72 -16.13 39.76
CA HIS B 351 -4.29 -16.55 38.44
C HIS B 351 -5.17 -15.88 37.38
N GLY B 352 -4.65 -14.81 36.78
CA GLY B 352 -5.38 -14.10 35.75
C GLY B 352 -5.56 -12.62 36.07
N GLN B 353 -5.74 -12.31 37.35
CA GLN B 353 -5.91 -10.92 37.78
C GLN B 353 -4.72 -10.12 37.32
N GLN B 354 -4.80 -9.64 36.09
CA GLN B 354 -3.75 -8.87 35.47
C GLN B 354 -3.15 -7.81 36.39
N LEU B 355 -3.82 -7.49 37.49
CA LEU B 355 -3.31 -6.48 38.43
C LEU B 355 -2.97 -7.04 39.81
N ALA B 356 -3.68 -8.07 40.23
CA ALA B 356 -3.43 -8.68 41.54
C ALA B 356 -2.08 -9.39 41.46
N VAL B 357 -1.73 -9.75 40.24
CA VAL B 357 -0.48 -10.43 39.92
C VAL B 357 0.52 -9.35 39.57
N GLU B 358 0.09 -8.39 38.76
CA GLU B 358 0.94 -7.28 38.35
C GLU B 358 1.48 -6.61 39.62
N LYS B 359 0.57 -6.19 40.49
CA LYS B 359 1.02 -5.54 41.71
C LYS B 359 1.39 -6.67 42.66
N GLY B 360 1.08 -7.90 42.26
CA GLY B 360 1.39 -9.07 43.08
C GLY B 360 2.88 -9.40 43.08
N ASN B 361 3.44 -9.48 41.88
CA ASN B 361 4.85 -9.76 41.75
C ASN B 361 5.59 -8.59 42.40
N LEU B 362 5.10 -7.38 42.16
CA LEU B 362 5.73 -6.19 42.71
C LEU B 362 5.96 -6.31 44.21
N GLU B 363 5.25 -7.24 44.85
CA GLU B 363 5.37 -7.43 46.30
C GLU B 363 6.53 -8.35 46.69
N ASN B 364 6.65 -9.48 46.01
CA ASN B 364 7.74 -10.42 46.27
C ASN B 364 9.03 -9.68 45.98
N LYS B 365 9.08 -9.03 44.83
CA LYS B 365 10.25 -8.26 44.41
C LYS B 365 10.72 -7.31 45.53
N LYS B 366 9.78 -6.58 46.09
CA LYS B 366 10.10 -5.67 47.19
C LYS B 366 10.50 -6.53 48.39
N SER B 367 9.69 -7.54 48.68
CA SER B 367 9.96 -8.43 49.81
C SER B 367 11.45 -8.82 49.84
N ILE B 368 12.03 -8.99 48.65
CA ILE B 368 13.43 -9.38 48.52
C ILE B 368 14.34 -8.17 48.43
N THR B 369 13.89 -7.17 47.69
CA THR B 369 14.64 -5.93 47.51
C THR B 369 15.02 -5.34 48.87
N GLU B 370 14.01 -5.12 49.72
CA GLU B 370 14.25 -4.55 51.05
C GLU B 370 14.92 -5.49 52.03
N HIS B 371 14.24 -6.59 52.36
CA HIS B 371 14.73 -7.56 53.33
C HIS B 371 15.67 -8.64 52.79
N GLU B 372 16.65 -8.21 52.00
CA GLU B 372 17.62 -9.12 51.42
C GLU B 372 18.33 -9.96 52.47
N GLY B 373 18.95 -11.04 52.05
CA GLY B 373 19.68 -11.89 52.97
C GLY B 373 18.80 -12.65 53.96
N GLU B 374 17.52 -12.27 54.01
CA GLU B 374 16.56 -12.91 54.92
C GLU B 374 15.38 -13.47 54.11
N ILE B 375 15.06 -12.78 53.02
CA ILE B 375 13.96 -13.17 52.16
C ILE B 375 14.43 -13.29 50.72
N GLY B 376 13.99 -14.35 50.07
CA GLY B 376 14.38 -14.57 48.69
C GLY B 376 13.64 -15.74 48.07
N LYS B 377 14.12 -16.15 46.91
CA LYS B 377 13.52 -17.25 46.17
C LYS B 377 14.44 -18.47 45.91
N ILE B 378 13.85 -19.66 45.99
CA ILE B 378 14.59 -20.88 45.77
C ILE B 378 13.74 -21.88 45.00
N PRO B 379 14.37 -22.76 44.21
CA PRO B 379 13.71 -23.79 43.41
C PRO B 379 12.81 -24.72 44.17
N LEU B 380 11.64 -24.93 43.59
CA LEU B 380 10.62 -25.79 44.17
C LEU B 380 11.10 -27.23 44.15
N LYS B 381 10.89 -27.95 45.25
CA LYS B 381 11.31 -29.34 45.34
C LYS B 381 10.26 -30.23 46.01
N LEU B 382 9.17 -30.52 45.30
CA LEU B 382 8.13 -31.36 45.87
C LEU B 382 8.73 -32.69 46.25
N ASP B 383 8.75 -33.00 47.54
CA ASP B 383 9.33 -34.27 47.97
C ASP B 383 8.42 -35.44 47.58
N HIS B 384 8.48 -36.53 48.34
CA HIS B 384 7.69 -37.71 48.02
C HIS B 384 6.25 -37.66 48.53
N LEU B 385 6.10 -37.62 49.84
CA LEU B 385 4.78 -37.59 50.44
C LEU B 385 3.91 -36.53 49.81
N ARG B 386 4.43 -35.31 49.77
CA ARG B 386 3.69 -34.20 49.17
C ARG B 386 3.01 -34.61 47.86
N ILE B 387 3.80 -35.23 46.98
CA ILE B 387 3.31 -35.68 45.68
C ILE B 387 2.09 -36.58 45.86
N GLU B 388 2.27 -37.64 46.62
CA GLU B 388 1.20 -38.59 46.87
C GLU B 388 0.03 -37.91 47.55
N GLU B 389 0.28 -36.71 48.08
CA GLU B 389 -0.75 -35.95 48.76
C GLU B 389 -1.51 -35.07 47.78
N LEU B 390 -0.79 -34.29 46.99
CA LEU B 390 -1.44 -33.43 46.01
C LEU B 390 -2.19 -34.36 45.08
N LYS B 391 -2.11 -35.66 45.40
CA LYS B 391 -2.74 -36.71 44.63
C LYS B 391 -4.24 -36.68 44.73
N GLU B 392 -4.81 -37.47 45.64
CA GLU B 392 -6.26 -37.52 45.79
C GLU B 392 -6.85 -36.12 45.85
N ASN B 393 -6.15 -35.19 46.49
CA ASN B 393 -6.63 -33.81 46.56
C ASN B 393 -6.92 -33.34 45.14
N GLY B 394 -6.38 -34.06 44.16
CA GLY B 394 -6.60 -33.74 42.76
C GLY B 394 -5.88 -32.49 42.29
N ILE B 395 -4.90 -32.02 43.05
CA ILE B 395 -4.18 -30.83 42.65
C ILE B 395 -3.31 -31.12 41.45
N ILE B 396 -2.64 -32.28 41.47
CA ILE B 396 -1.77 -32.74 40.38
C ILE B 396 -2.10 -34.18 40.00
N LEU B 397 -1.55 -34.60 38.86
CA LEU B 397 -1.74 -35.96 38.33
C LEU B 397 -0.42 -36.43 37.72
N LYS B 398 0.31 -37.26 38.46
CA LYS B 398 1.60 -37.77 37.99
C LYS B 398 1.37 -38.82 36.92
N GLY B 399 1.99 -38.60 35.75
CA GLY B 399 1.82 -39.54 34.65
C GLY B 399 3.04 -39.87 33.80
N LYS B 400 2.83 -39.88 32.48
CA LYS B 400 3.88 -40.20 31.53
C LYS B 400 5.24 -39.58 31.87
N LYS B 401 6.31 -40.27 31.46
CA LYS B 401 7.68 -39.81 31.68
C LYS B 401 8.21 -39.18 30.41
N GLU B 402 9.42 -38.63 30.48
CA GLU B 402 10.00 -38.00 29.32
C GLU B 402 11.49 -37.78 29.51
N ILE B 403 12.20 -37.57 28.41
CA ILE B 403 13.65 -37.35 28.48
C ILE B 403 14.11 -36.06 27.82
N ASP B 404 14.97 -35.33 28.54
CA ASP B 404 15.51 -34.10 28.03
C ASP B 404 16.92 -33.92 28.51
N ASN B 405 17.76 -33.36 27.64
CA ASN B 405 19.15 -33.12 27.93
C ASN B 405 19.79 -34.28 28.72
N GLY B 406 19.23 -35.48 28.55
CA GLY B 406 19.77 -36.65 29.22
C GLY B 406 19.24 -37.03 30.59
N LYS B 407 18.39 -36.19 31.15
CA LYS B 407 17.84 -36.49 32.47
C LYS B 407 16.39 -36.92 32.40
N LYS B 408 15.97 -37.70 33.39
CA LYS B 408 14.60 -38.20 33.47
C LYS B 408 13.68 -37.15 34.06
N TYR B 409 12.44 -37.16 33.59
CA TYR B 409 11.40 -36.24 34.02
C TYR B 409 10.02 -36.90 34.03
N TYR B 410 9.48 -37.23 35.19
CA TYR B 410 8.12 -37.78 35.23
C TYR B 410 7.35 -36.49 35.00
N LEU B 411 6.30 -36.53 34.19
CA LEU B 411 5.56 -35.30 33.92
C LEU B 411 4.45 -35.08 34.93
N LEU B 412 4.42 -33.90 35.54
CA LEU B 412 3.37 -33.59 36.51
C LEU B 412 2.24 -32.88 35.80
N GLU B 413 1.04 -33.43 35.89
CA GLU B 413 -0.12 -32.88 35.21
C GLU B 413 -1.07 -32.04 36.07
N SER B 414 -1.62 -31.00 35.45
CA SER B 414 -2.57 -30.07 36.07
C SER B 414 -3.49 -29.53 34.98
N ASN B 415 -4.78 -29.46 35.27
CA ASN B 415 -5.75 -28.99 34.31
C ASN B 415 -5.61 -27.53 33.92
N ASN B 416 -4.72 -26.80 34.59
CA ASN B 416 -4.54 -25.40 34.24
C ASN B 416 -4.23 -25.37 32.74
N GLN B 417 -4.86 -24.44 32.02
CA GLN B 417 -4.66 -24.35 30.58
C GLN B 417 -3.74 -23.23 30.09
N VAL B 418 -2.63 -23.01 30.76
CA VAL B 418 -1.65 -22.00 30.32
C VAL B 418 -0.23 -22.39 30.71
N TYR B 419 -0.10 -23.27 31.71
CA TYR B 419 1.21 -23.73 32.17
C TYR B 419 1.24 -25.25 32.19
N GLU B 420 2.38 -25.82 31.84
CA GLU B 420 2.57 -27.27 31.85
C GLU B 420 3.65 -27.49 32.90
N PHE B 421 3.54 -28.53 33.69
CA PHE B 421 4.54 -28.76 34.73
C PHE B 421 5.17 -30.13 34.67
N ARG B 422 6.43 -30.22 35.10
CA ARG B 422 7.15 -31.49 35.14
C ARG B 422 8.13 -31.48 36.31
N ILE B 423 8.30 -32.62 36.96
CA ILE B 423 9.22 -32.66 38.06
C ILE B 423 10.51 -33.34 37.56
N SER B 424 11.63 -33.14 38.24
CA SER B 424 12.85 -33.79 37.79
C SER B 424 12.91 -35.15 38.45
N ASP B 425 14.00 -35.86 38.29
CA ASP B 425 14.16 -37.18 38.88
C ASP B 425 15.35 -37.19 39.80
N GLU B 426 16.47 -36.70 39.28
CA GLU B 426 17.71 -36.60 40.05
C GLU B 426 17.31 -35.83 41.30
N ASN B 427 17.08 -34.54 41.11
CA ASN B 427 16.56 -33.78 42.20
C ASN B 427 15.10 -33.77 41.81
N ASN B 428 14.23 -33.75 42.78
CA ASN B 428 12.87 -33.63 42.34
C ASN B 428 12.57 -32.15 42.44
N GLU B 429 12.89 -31.43 41.38
CA GLU B 429 12.57 -30.03 41.33
C GLU B 429 11.29 -29.99 40.49
N VAL B 430 10.77 -28.80 40.23
CA VAL B 430 9.56 -28.69 39.46
C VAL B 430 9.72 -27.57 38.43
N GLN B 431 9.27 -27.82 37.22
CA GLN B 431 9.43 -26.82 36.18
C GLN B 431 8.15 -26.64 35.42
N TYR B 432 8.07 -25.51 34.71
CA TYR B 432 6.89 -25.17 33.90
C TYR B 432 7.28 -24.27 32.72
N LYS B 433 6.30 -24.01 31.86
CA LYS B 433 6.49 -23.15 30.68
C LYS B 433 5.13 -22.72 30.12
N THR B 434 5.12 -21.61 29.39
CA THR B 434 3.89 -21.12 28.80
C THR B 434 3.64 -21.93 27.52
N LYS B 435 2.71 -22.87 27.58
CA LYS B 435 2.37 -23.72 26.43
C LYS B 435 2.72 -23.13 25.07
N GLU B 436 3.09 -24.02 24.14
CA GLU B 436 3.47 -23.62 22.78
C GLU B 436 2.34 -22.86 22.08
N GLY B 437 1.11 -23.10 22.54
CA GLY B 437 -0.04 -22.42 21.96
C GLY B 437 -0.79 -21.57 22.97
N LYS B 438 -0.11 -20.62 23.58
CA LYS B 438 -0.75 -19.75 24.55
C LYS B 438 0.18 -18.64 25.04
N ILE B 439 -0.32 -17.83 25.98
CA ILE B 439 0.45 -16.72 26.55
C ILE B 439 0.09 -16.47 28.03
N THR B 440 0.89 -15.64 28.67
CA THR B 440 0.71 -15.28 30.07
C THR B 440 0.05 -13.91 30.11
N VAL B 441 -1.02 -13.80 30.91
CA VAL B 441 -1.76 -12.55 31.04
C VAL B 441 -0.92 -11.28 31.03
N LEU B 442 0.27 -11.31 31.62
CA LEU B 442 1.11 -10.11 31.63
C LEU B 442 1.73 -9.92 30.26
N GLY B 443 1.73 -10.98 29.46
CA GLY B 443 2.28 -10.89 28.12
C GLY B 443 3.62 -11.56 28.00
N GLU B 444 3.79 -12.65 28.74
CA GLU B 444 5.04 -13.42 28.75
C GLU B 444 4.89 -14.83 28.18
N LYS B 445 5.91 -15.29 27.46
CA LYS B 445 5.94 -16.64 26.87
C LYS B 445 7.30 -17.26 27.08
N PHE B 446 7.41 -18.20 28.01
CA PHE B 446 8.69 -18.83 28.32
C PHE B 446 8.73 -20.36 28.28
N ASN B 447 9.92 -20.89 27.99
CA ASN B 447 10.13 -22.34 27.90
C ASN B 447 10.61 -22.88 29.24
N TRP B 448 10.33 -24.17 29.49
CA TRP B 448 10.70 -24.86 30.73
C TRP B 448 11.67 -24.13 31.64
N ARG B 449 11.12 -23.67 32.76
CA ARG B 449 11.88 -22.95 33.77
C ARG B 449 11.59 -23.58 35.13
N ASN B 450 12.48 -23.33 36.07
CA ASN B 450 12.31 -23.86 37.41
C ASN B 450 11.29 -22.99 38.16
N ILE B 451 10.44 -23.63 38.95
CA ILE B 451 9.45 -22.91 39.75
C ILE B 451 10.09 -22.46 41.07
N GLU B 452 10.31 -21.16 41.19
CA GLU B 452 10.88 -20.62 42.42
C GLU B 452 9.72 -20.29 43.35
N VAL B 453 10.00 -20.44 44.64
CA VAL B 453 9.02 -20.15 45.68
C VAL B 453 9.70 -19.11 46.53
N MET B 454 8.96 -18.54 47.49
CA MET B 454 9.55 -17.55 48.38
C MET B 454 10.11 -18.34 49.56
N ALA B 455 11.21 -17.83 50.13
CA ALA B 455 11.84 -18.46 51.28
C ALA B 455 12.55 -17.45 52.16
N LYS B 456 12.34 -17.59 53.46
CA LYS B 456 12.99 -16.71 54.41
C LYS B 456 14.19 -17.46 54.87
N ASN B 457 15.04 -16.76 55.60
CA ASN B 457 16.26 -17.34 56.13
C ASN B 457 16.05 -18.02 57.50
N VAL B 458 16.38 -19.30 57.56
CA VAL B 458 16.24 -20.03 58.80
C VAL B 458 17.54 -20.72 59.13
N GLU B 459 18.24 -20.24 60.16
CA GLU B 459 19.52 -20.85 60.55
C GLU B 459 20.54 -20.67 59.43
N GLY B 460 20.35 -19.64 58.62
CA GLY B 460 21.28 -19.39 57.53
C GLY B 460 21.03 -20.18 56.26
N VAL B 461 19.80 -20.58 56.03
CA VAL B 461 19.51 -21.34 54.81
C VAL B 461 18.09 -21.11 54.31
N LEU B 462 17.98 -20.47 53.15
CA LEU B 462 16.67 -20.21 52.57
C LEU B 462 15.79 -21.44 52.54
N LYS B 463 14.63 -21.37 53.20
CA LYS B 463 13.67 -22.46 53.23
C LYS B 463 12.37 -21.95 52.61
N PRO B 464 11.69 -22.76 51.77
CA PRO B 464 10.44 -22.34 51.15
C PRO B 464 9.39 -21.89 52.16
N LEU B 465 8.49 -21.02 51.72
CA LEU B 465 7.46 -20.50 52.62
C LEU B 465 6.05 -21.04 52.40
N THR B 466 5.29 -21.07 53.49
CA THR B 466 3.92 -21.56 53.46
C THR B 466 3.13 -20.82 54.55
N ALA B 467 1.83 -21.11 54.63
CA ALA B 467 0.95 -20.53 55.62
C ALA B 467 1.49 -20.68 57.04
N ASP B 468 1.36 -19.61 57.84
CA ASP B 468 1.79 -19.61 59.22
C ASP B 468 0.55 -19.70 60.10
N TYR B 469 0.78 -19.78 61.41
CA TYR B 469 -0.31 -19.84 62.37
C TYR B 469 -0.77 -18.46 62.84
N ASP B 470 -1.80 -17.92 62.18
CA ASP B 470 -2.31 -16.62 62.53
C ASP B 470 -3.22 -16.64 63.74
N LEU B 471 -2.70 -16.19 64.87
CA LEU B 471 -3.49 -16.16 66.08
C LEU B 471 -4.63 -15.16 65.91
N PHE B 472 -5.87 -15.59 66.13
CA PHE B 472 -7.00 -14.67 66.02
C PHE B 472 -7.02 -13.83 67.28
N ALA B 473 -6.71 -14.46 68.42
CA ALA B 473 -6.71 -13.75 69.70
C ALA B 473 -6.07 -14.60 70.77
N LEU B 474 -5.70 -13.98 71.90
CA LEU B 474 -5.14 -14.73 73.02
C LEU B 474 -5.84 -14.31 74.30
N ALA B 475 -6.53 -15.23 74.96
CA ALA B 475 -7.25 -14.85 76.18
C ALA B 475 -6.61 -15.37 77.46
N PRO B 476 -5.70 -14.61 78.06
CA PRO B 476 -5.08 -15.08 79.29
C PRO B 476 -6.01 -14.84 80.48
N SER B 477 -5.82 -15.64 81.52
CA SER B 477 -6.62 -15.53 82.73
C SER B 477 -6.23 -14.27 83.47
N LEU B 478 -7.22 -13.52 83.94
CA LEU B 478 -6.97 -12.28 84.66
C LEU B 478 -5.89 -12.45 85.72
N THR B 479 -5.90 -13.60 86.36
CA THR B 479 -4.94 -13.88 87.42
C THR B 479 -3.52 -14.14 86.93
N GLU B 480 -3.42 -14.55 85.67
CA GLU B 480 -2.12 -14.82 85.09
C GLU B 480 -1.50 -13.47 84.73
N ILE B 481 -2.35 -12.48 84.50
CA ILE B 481 -1.88 -11.14 84.17
C ILE B 481 -1.35 -10.59 85.48
N LYS B 482 -1.98 -10.96 86.59
CA LYS B 482 -1.54 -10.48 87.90
C LYS B 482 -0.08 -10.84 88.11
N LYS B 483 0.25 -12.08 87.74
CA LYS B 483 1.60 -12.62 87.87
C LYS B 483 2.55 -11.87 86.95
N GLN B 484 1.99 -11.09 86.05
CA GLN B 484 2.77 -10.33 85.08
C GLN B 484 3.36 -9.08 85.75
N ILE B 485 2.54 -8.47 86.62
CA ILE B 485 2.93 -7.25 87.33
C ILE B 485 4.02 -7.53 88.35
N PRO B 486 4.99 -6.62 88.49
CA PRO B 486 6.08 -6.80 89.45
C PRO B 486 5.65 -6.49 90.89
N GLN B 487 5.57 -7.57 91.67
CA GLN B 487 5.16 -7.56 93.07
C GLN B 487 5.23 -6.23 93.79
N LYS B 488 6.35 -5.54 93.63
CA LYS B 488 6.56 -4.26 94.30
C LYS B 488 5.65 -3.14 93.82
N GLU B 489 5.57 -2.94 92.50
CA GLU B 489 4.73 -1.88 91.98
C GLU B 489 3.32 -2.05 92.50
N TRP B 490 2.68 -3.14 92.07
CA TRP B 490 1.30 -3.44 92.46
C TRP B 490 1.15 -3.30 93.95
N ASP B 491 2.25 -3.45 94.67
CA ASP B 491 2.24 -3.34 96.13
C ASP B 491 2.15 -1.85 96.45
N LYS B 492 3.14 -1.10 96.00
CA LYS B 492 3.15 0.33 96.23
C LYS B 492 1.85 1.02 95.80
N VAL B 493 0.98 0.28 95.12
CA VAL B 493 -0.27 0.86 94.64
C VAL B 493 -1.46 0.63 95.55
N VAL B 494 -1.61 -0.59 96.05
CA VAL B 494 -2.74 -0.91 96.92
C VAL B 494 -2.65 -0.16 98.25
N ASN B 495 -1.42 0.12 98.69
CA ASN B 495 -1.19 0.84 99.94
C ASN B 495 -1.85 2.22 99.94
N THR B 496 -2.05 2.77 98.76
CA THR B 496 -2.66 4.09 98.63
C THR B 496 -3.77 4.29 99.65
N PRO B 497 -3.90 5.51 100.19
CA PRO B 497 -4.93 5.81 101.19
C PRO B 497 -6.26 6.02 100.48
N ASN B 498 -6.25 6.91 99.49
CA ASN B 498 -7.44 7.25 98.73
C ASN B 498 -8.01 6.02 97.99
N SER B 499 -9.26 5.68 98.32
CA SER B 499 -9.93 4.54 97.72
C SER B 499 -10.11 4.65 96.20
N LEU B 500 -10.76 5.71 95.74
CA LEU B 500 -10.97 5.88 94.31
C LEU B 500 -9.64 5.97 93.56
N GLU B 501 -8.58 6.39 94.26
CA GLU B 501 -7.26 6.50 93.64
C GLU B 501 -6.73 5.07 93.48
N LYS B 502 -6.95 4.25 94.50
CA LYS B 502 -6.51 2.85 94.47
C LYS B 502 -7.05 2.19 93.19
N GLN B 503 -8.35 2.33 92.96
CA GLN B 503 -8.98 1.76 91.77
C GLN B 503 -8.17 2.21 90.57
N LYS B 504 -8.21 3.51 90.29
CA LYS B 504 -7.48 4.06 89.16
C LYS B 504 -6.10 3.42 89.18
N GLY B 505 -5.37 3.62 90.27
CA GLY B 505 -4.05 3.04 90.40
C GLY B 505 -3.95 1.63 89.85
N VAL B 506 -4.93 0.81 90.20
CA VAL B 506 -4.94 -0.58 89.74
C VAL B 506 -5.23 -0.71 88.26
N THR B 507 -6.40 -0.22 87.84
CA THR B 507 -6.82 -0.28 86.43
C THR B 507 -5.63 -0.01 85.50
N ASN B 508 -4.91 1.07 85.76
CA ASN B 508 -3.74 1.39 84.96
C ASN B 508 -2.81 0.20 84.98
N LEU B 509 -2.47 -0.26 86.19
CA LEU B 509 -1.58 -1.42 86.32
C LEU B 509 -2.00 -2.54 85.41
N LEU B 510 -3.32 -2.77 85.35
CA LEU B 510 -3.94 -3.81 84.53
C LEU B 510 -3.83 -3.40 83.05
N ILE B 511 -3.82 -2.10 82.81
CA ILE B 511 -3.67 -1.57 81.45
C ILE B 511 -2.19 -1.70 81.12
N LYS B 512 -1.38 -1.13 81.99
CA LYS B 512 0.07 -1.16 81.83
C LYS B 512 0.65 -2.55 81.54
N TYR B 513 0.26 -3.55 82.34
CA TYR B 513 0.78 -4.91 82.20
C TYR B 513 -0.13 -5.93 81.53
N GLY B 514 -1.22 -5.49 80.92
CA GLY B 514 -2.08 -6.47 80.31
C GLY B 514 -2.90 -6.06 79.12
N ILE B 515 -3.25 -4.79 79.01
CA ILE B 515 -4.07 -4.34 77.90
C ILE B 515 -3.26 -3.58 76.84
N GLU B 516 -2.18 -2.93 77.27
CA GLU B 516 -1.39 -2.15 76.35
C GLU B 516 -0.67 -2.98 75.32
N ARG B 517 -0.62 -2.42 74.12
CA ARG B 517 0.02 -3.05 72.98
C ARG B 517 0.89 -2.06 72.25
N LYS B 518 2.20 -2.31 72.25
CA LYS B 518 3.18 -1.46 71.57
C LYS B 518 3.49 -2.11 70.21
N PRO B 519 4.05 -1.33 69.28
CA PRO B 519 4.37 -1.91 67.98
C PRO B 519 5.67 -2.72 68.15
N ASP B 520 6.28 -3.14 67.04
CA ASP B 520 7.49 -3.92 67.16
C ASP B 520 8.20 -4.21 65.85
N SER B 521 9.53 -4.28 65.99
CA SER B 521 10.47 -4.53 64.92
C SER B 521 9.99 -5.57 63.92
N THR B 522 9.57 -6.71 64.45
CA THR B 522 9.12 -7.81 63.63
C THR B 522 7.79 -8.42 63.94
N LYS B 523 7.61 -8.88 65.17
CA LYS B 523 6.36 -9.53 65.53
C LYS B 523 5.10 -8.69 65.36
N GLY B 524 5.17 -7.69 64.49
CA GLY B 524 4.02 -6.84 64.24
C GLY B 524 3.68 -5.99 65.42
N THR B 525 2.41 -6.01 65.82
CA THR B 525 1.93 -5.25 66.98
C THR B 525 1.37 -6.19 68.02
N LEU B 526 1.91 -6.17 69.23
CA LEU B 526 1.44 -7.06 70.29
C LEU B 526 1.87 -6.67 71.68
N SER B 527 1.24 -7.26 72.67
CA SER B 527 1.58 -6.94 74.04
C SER B 527 2.78 -7.75 74.43
N ASN B 528 3.44 -7.34 75.52
CA ASN B 528 4.62 -8.03 76.00
C ASN B 528 4.32 -9.48 76.34
N TRP B 529 3.26 -9.72 77.10
CA TRP B 529 2.96 -11.10 77.43
C TRP B 529 2.66 -11.77 76.10
N GLN B 530 1.86 -11.12 75.27
CA GLN B 530 1.52 -11.68 73.97
C GLN B 530 2.78 -12.20 73.29
N LYS B 531 3.91 -11.54 73.54
CA LYS B 531 5.15 -11.97 72.92
C LYS B 531 5.66 -13.21 73.62
N GLN B 532 5.77 -13.13 74.94
CA GLN B 532 6.27 -14.26 75.68
C GLN B 532 5.45 -15.46 75.24
N MET B 533 4.14 -15.28 75.17
CA MET B 533 3.27 -16.35 74.73
C MET B 533 3.77 -16.80 73.38
N LEU B 534 3.99 -15.84 72.49
CA LEU B 534 4.44 -16.18 71.14
C LEU B 534 5.62 -17.15 71.16
N ASP B 535 6.59 -16.93 72.05
CA ASP B 535 7.73 -17.83 72.13
C ASP B 535 7.34 -19.20 72.66
N ARG B 536 6.67 -19.23 73.81
CA ARG B 536 6.26 -20.51 74.37
C ARG B 536 5.45 -21.36 73.41
N LEU B 537 4.90 -20.73 72.38
CA LEU B 537 4.16 -21.48 71.39
C LEU B 537 5.16 -22.08 70.40
N ASN B 538 6.07 -21.24 69.92
CA ASN B 538 7.08 -21.69 68.96
C ASN B 538 8.08 -22.69 69.54
N GLU B 539 8.66 -22.39 70.70
CA GLU B 539 9.61 -23.32 71.33
C GLU B 539 8.85 -24.59 71.76
N ALA B 540 7.52 -24.53 71.69
CA ALA B 540 6.68 -25.66 72.05
C ALA B 540 6.49 -26.57 70.84
N VAL B 541 6.44 -25.98 69.64
CA VAL B 541 6.30 -26.78 68.43
C VAL B 541 7.68 -26.99 67.88
N LYS B 542 8.68 -26.67 68.68
CA LYS B 542 10.07 -26.82 68.28
C LYS B 542 10.56 -28.12 68.89
N TYR B 543 10.20 -28.35 70.16
CA TYR B 543 10.58 -29.56 70.90
C TYR B 543 9.79 -30.73 70.37
N THR B 544 8.84 -30.46 69.48
CA THR B 544 8.04 -31.51 68.90
C THR B 544 8.87 -32.09 67.77
N GLY B 545 9.60 -31.24 67.07
CA GLY B 545 10.44 -31.69 65.97
C GLY B 545 10.46 -30.78 64.75
N TYR B 546 9.71 -29.69 64.78
CA TYR B 546 9.65 -28.75 63.66
C TYR B 546 11.05 -28.13 63.46
N THR B 547 11.55 -28.14 62.22
CA THR B 547 12.86 -27.57 61.90
C THR B 547 12.73 -26.59 60.76
N GLY B 548 12.29 -25.38 61.06
CA GLY B 548 12.11 -24.39 60.02
C GLY B 548 11.73 -23.09 60.68
N GLY B 549 12.08 -22.99 61.95
CA GLY B 549 11.79 -21.78 62.68
C GLY B 549 10.51 -21.78 63.46
N ASP B 550 9.91 -20.60 63.55
CA ASP B 550 8.66 -20.37 64.27
C ASP B 550 7.45 -20.59 63.39
N VAL B 551 6.30 -20.78 64.02
CA VAL B 551 5.09 -21.02 63.27
C VAL B 551 4.08 -19.92 63.58
N VAL B 552 4.38 -19.11 64.59
CA VAL B 552 3.56 -17.97 64.98
C VAL B 552 4.53 -16.80 64.91
N ASN B 553 4.43 -16.00 63.85
CA ASN B 553 5.36 -14.90 63.65
C ASN B 553 4.97 -13.52 64.13
N HIS B 554 3.71 -13.19 64.03
CA HIS B 554 3.24 -11.88 64.44
C HIS B 554 2.17 -11.90 65.53
N GLY B 555 1.73 -10.70 65.92
CA GLY B 555 0.70 -10.51 66.94
C GLY B 555 -0.71 -10.98 66.56
N THR B 556 -1.66 -10.79 67.47
CA THR B 556 -3.03 -11.26 67.24
C THR B 556 -3.94 -10.42 66.37
N GLU B 557 -4.58 -11.05 65.39
CA GLU B 557 -5.50 -10.39 64.49
C GLU B 557 -6.37 -9.30 65.12
N GLN B 558 -6.47 -9.30 66.45
CA GLN B 558 -7.27 -8.29 67.13
C GLN B 558 -6.51 -6.99 67.18
N ASP B 559 -5.41 -6.92 66.44
CA ASP B 559 -4.59 -5.72 66.36
C ASP B 559 -4.38 -5.38 64.90
N ASN B 560 -5.00 -6.19 64.07
CA ASN B 560 -4.98 -6.00 62.63
C ASN B 560 -5.98 -4.87 62.32
N GLU B 561 -5.72 -3.71 62.90
CA GLU B 561 -6.58 -2.55 62.72
C GLU B 561 -6.58 -2.02 61.28
N GLU B 562 -5.51 -2.30 60.57
CA GLU B 562 -5.38 -1.86 59.20
C GLU B 562 -6.21 -2.69 58.24
N PHE B 563 -5.81 -3.95 58.06
CA PHE B 563 -6.50 -4.85 57.14
C PHE B 563 -7.14 -6.03 57.83
N PRO B 564 -8.12 -5.76 58.70
CA PRO B 564 -8.83 -6.79 59.45
C PRO B 564 -9.63 -7.68 58.52
N GLU B 565 -9.53 -8.97 58.75
CA GLU B 565 -10.25 -9.96 57.98
C GLU B 565 -11.30 -10.53 58.91
N LYS B 566 -12.33 -11.14 58.33
CA LYS B 566 -13.42 -11.73 59.09
C LYS B 566 -13.59 -13.21 58.77
N ASP B 567 -12.92 -14.08 59.52
CA ASP B 567 -13.03 -15.52 59.27
C ASP B 567 -14.22 -16.12 59.99
N ASN B 568 -14.93 -17.02 59.31
CA ASN B 568 -16.08 -17.66 59.92
C ASN B 568 -15.66 -18.58 61.06
N GLU B 569 -14.99 -19.66 60.69
CA GLU B 569 -14.53 -20.66 61.65
C GLU B 569 -13.23 -20.27 62.36
N ILE B 570 -13.24 -20.32 63.68
CA ILE B 570 -12.08 -19.99 64.49
C ILE B 570 -11.76 -21.18 65.41
N PHE B 571 -10.53 -21.67 65.31
CA PHE B 571 -10.07 -22.78 66.12
C PHE B 571 -9.64 -22.21 67.46
N ILE B 572 -10.09 -22.83 68.56
CA ILE B 572 -9.73 -22.36 69.89
C ILE B 572 -9.25 -23.52 70.77
N ILE B 573 -8.28 -23.25 71.65
CA ILE B 573 -7.74 -24.27 72.51
C ILE B 573 -7.86 -23.75 73.93
N ASN B 574 -8.98 -24.03 74.60
CA ASN B 574 -9.21 -23.54 75.95
C ASN B 574 -8.13 -23.87 76.94
N PRO B 575 -8.23 -23.29 78.13
CA PRO B 575 -7.24 -23.53 79.17
C PRO B 575 -7.19 -24.97 79.66
N GLU B 576 -8.25 -25.73 79.40
CA GLU B 576 -8.29 -27.13 79.81
C GLU B 576 -7.58 -28.05 78.81
N GLY B 577 -7.36 -27.55 77.59
CA GLY B 577 -6.69 -28.34 76.57
C GLY B 577 -7.66 -29.05 75.66
N GLU B 578 -8.80 -28.41 75.40
CA GLU B 578 -9.84 -28.98 74.55
C GLU B 578 -9.98 -28.21 73.24
N PHE B 579 -9.76 -28.88 72.12
CA PHE B 579 -9.90 -28.22 70.83
C PHE B 579 -11.37 -27.92 70.56
N ILE B 580 -11.62 -26.79 69.90
CA ILE B 580 -12.97 -26.33 69.57
C ILE B 580 -12.83 -25.45 68.33
N LEU B 581 -13.92 -25.30 67.60
CA LEU B 581 -13.91 -24.48 66.39
C LEU B 581 -15.32 -24.01 66.14
N THR B 582 -15.49 -22.70 66.01
CA THR B 582 -16.81 -22.10 65.78
C THR B 582 -17.22 -22.13 64.30
N LYS B 583 -18.44 -21.71 63.99
CA LYS B 583 -18.88 -21.74 62.60
C LYS B 583 -19.29 -20.38 62.08
N ASN B 584 -19.66 -19.50 63.00
CA ASN B 584 -20.10 -18.16 62.65
C ASN B 584 -19.27 -17.09 63.28
N TRP B 585 -19.37 -15.90 62.70
CA TRP B 585 -18.67 -14.75 63.21
C TRP B 585 -19.44 -14.41 64.48
N GLU B 586 -20.69 -14.87 64.49
CA GLU B 586 -21.61 -14.68 65.59
C GLU B 586 -21.29 -15.68 66.70
N MET B 587 -21.26 -16.96 66.33
CA MET B 587 -20.97 -18.02 67.28
C MET B 587 -19.68 -17.71 67.99
N THR B 588 -18.70 -17.23 67.22
CA THR B 588 -17.41 -16.89 67.77
C THR B 588 -17.65 -15.83 68.80
N GLY B 589 -18.31 -14.76 68.37
CA GLY B 589 -18.62 -13.69 69.30
C GLY B 589 -19.36 -14.21 70.51
N ARG B 590 -20.37 -15.06 70.27
CA ARG B 590 -21.20 -15.65 71.32
C ARG B 590 -20.40 -16.58 72.21
N PHE B 591 -19.42 -17.25 71.63
CA PHE B 591 -18.58 -18.16 72.41
C PHE B 591 -17.72 -17.31 73.33
N ILE B 592 -17.00 -16.36 72.74
CA ILE B 592 -16.11 -15.47 73.48
C ILE B 592 -16.84 -14.73 74.59
N GLU B 593 -18.11 -14.43 74.42
CA GLU B 593 -18.86 -13.72 75.46
C GLU B 593 -19.11 -14.64 76.65
N LYS B 594 -19.54 -15.85 76.35
CA LYS B 594 -19.85 -16.82 77.38
C LYS B 594 -18.65 -17.34 78.16
N ASN B 595 -17.57 -17.65 77.46
CA ASN B 595 -16.40 -18.20 78.10
C ASN B 595 -15.29 -17.20 78.40
N ILE B 596 -14.83 -16.48 77.39
CA ILE B 596 -13.76 -15.51 77.61
C ILE B 596 -14.24 -14.21 78.30
N THR B 597 -15.16 -13.49 77.68
CA THR B 597 -15.66 -12.25 78.25
C THR B 597 -16.15 -12.46 79.69
N GLY B 598 -17.38 -12.93 79.83
CA GLY B 598 -17.95 -13.12 81.14
C GLY B 598 -17.41 -14.31 81.92
N LYS B 599 -16.11 -14.35 82.16
CA LYS B 599 -15.53 -15.47 82.91
C LYS B 599 -14.12 -15.28 83.50
N ASP B 600 -13.70 -14.02 83.67
CA ASP B 600 -12.41 -13.71 84.29
C ASP B 600 -11.17 -13.83 83.42
N TYR B 601 -11.35 -13.71 82.12
CA TYR B 601 -10.21 -13.73 81.25
C TYR B 601 -10.13 -12.37 80.57
N LEU B 602 -8.91 -11.93 80.30
CA LEU B 602 -8.71 -10.65 79.65
C LEU B 602 -8.81 -10.87 78.17
N TYR B 603 -9.61 -10.05 77.51
CA TYR B 603 -9.75 -10.13 76.07
C TYR B 603 -10.12 -8.74 75.64
N TYR B 604 -9.61 -8.29 74.50
CA TYR B 604 -9.96 -6.99 73.92
C TYR B 604 -10.24 -7.25 72.45
N PHE B 605 -11.07 -6.45 71.81
CA PHE B 605 -11.36 -6.73 70.41
C PHE B 605 -10.90 -5.65 69.45
N ASN B 606 -10.45 -6.09 68.29
CA ASN B 606 -9.93 -5.21 67.24
C ASN B 606 -10.50 -3.80 67.25
N ARG B 607 -9.65 -2.83 67.52
CA ARG B 607 -10.09 -1.45 67.59
C ARG B 607 -10.86 -0.97 66.37
N SER B 608 -10.77 -1.66 65.25
CA SER B 608 -11.46 -1.18 64.06
C SER B 608 -12.87 -1.75 63.94
N TYR B 609 -13.26 -2.59 64.89
CA TYR B 609 -14.59 -3.17 64.84
C TYR B 609 -15.68 -2.13 65.05
N ASN B 610 -16.67 -2.22 64.18
CA ASN B 610 -17.80 -1.32 64.18
C ASN B 610 -17.41 0.01 63.55
N LYS B 611 -16.13 0.14 63.17
CA LYS B 611 -15.64 1.34 62.52
C LYS B 611 -15.39 0.97 61.05
N ILE B 612 -14.68 1.79 60.29
CA ILE B 612 -14.45 1.46 58.88
C ILE B 612 -12.98 1.33 58.57
N ALA B 613 -12.44 0.16 58.92
CA ALA B 613 -11.04 -0.18 58.74
C ALA B 613 -10.46 0.47 57.48
N PRO B 614 -9.60 1.49 57.66
CA PRO B 614 -8.94 2.24 56.59
C PRO B 614 -8.39 1.41 55.44
N GLY B 615 -7.38 0.61 55.74
CA GLY B 615 -6.76 -0.23 54.74
C GLY B 615 -7.71 -0.85 53.73
N ASN B 616 -8.41 -1.91 54.13
CA ASN B 616 -9.32 -2.59 53.22
C ASN B 616 -10.71 -2.00 53.29
N LYS B 617 -10.81 -0.84 53.93
CA LYS B 617 -12.10 -0.16 54.07
C LYS B 617 -13.20 -1.18 54.38
N ALA B 618 -13.00 -1.95 55.44
CA ALA B 618 -13.96 -2.98 55.82
C ALA B 618 -14.75 -2.63 57.06
N TYR B 619 -15.99 -3.10 57.11
CA TYR B 619 -16.85 -2.87 58.24
C TYR B 619 -17.14 -4.23 58.84
N ILE B 620 -16.51 -4.52 59.98
CA ILE B 620 -16.72 -5.79 60.68
C ILE B 620 -17.32 -5.51 62.05
N GLU B 621 -18.52 -6.04 62.27
CA GLU B 621 -19.31 -5.90 63.51
C GLU B 621 -18.92 -6.79 64.70
N TRP B 622 -18.95 -6.21 65.90
CA TRP B 622 -18.63 -6.93 67.14
C TRP B 622 -19.38 -6.28 68.29
N THR B 623 -20.25 -7.03 68.95
CA THR B 623 -21.04 -6.49 70.07
C THR B 623 -20.20 -5.68 71.05
N ASP B 624 -20.50 -4.39 71.15
CA ASP B 624 -19.77 -3.52 72.07
C ASP B 624 -20.68 -3.09 73.20
N PRO B 625 -20.45 -3.61 74.40
CA PRO B 625 -21.25 -3.28 75.57
C PRO B 625 -21.46 -1.78 75.68
N ILE B 626 -20.37 -1.05 75.65
CA ILE B 626 -20.45 0.39 75.79
C ILE B 626 -21.48 0.99 74.87
N THR B 627 -21.37 0.72 73.59
CA THR B 627 -22.30 1.26 72.62
C THR B 627 -23.76 0.83 72.90
N LYS B 628 -23.92 -0.29 73.60
CA LYS B 628 -25.25 -0.80 73.97
C LYS B 628 -25.95 0.27 74.83
N ALA B 629 -25.26 0.63 75.90
CA ALA B 629 -25.73 1.63 76.86
C ALA B 629 -25.71 3.05 76.31
N LYS B 630 -25.27 3.23 75.07
CA LYS B 630 -25.27 4.58 74.53
C LYS B 630 -26.73 5.08 74.45
N ILE B 631 -27.59 4.31 73.78
CA ILE B 631 -29.00 4.64 73.59
C ILE B 631 -29.57 5.52 74.69
N ASN B 632 -29.21 5.24 75.94
CA ASN B 632 -29.71 6.08 77.00
C ASN B 632 -28.67 6.64 77.94
N THR B 633 -27.74 7.35 77.34
CA THR B 633 -26.70 8.02 78.09
C THR B 633 -26.51 9.42 77.53
N ILE B 634 -26.66 10.44 78.37
CA ILE B 634 -26.54 11.80 77.88
C ILE B 634 -25.12 12.04 77.37
N PRO B 635 -25.00 12.60 76.15
CA PRO B 635 -23.69 12.88 75.56
C PRO B 635 -22.84 13.73 76.45
N THR B 636 -21.56 13.79 76.13
CA THR B 636 -20.63 14.59 76.90
C THR B 636 -20.34 15.87 76.10
N SER B 637 -19.74 16.86 76.75
CA SER B 637 -19.41 18.10 76.09
C SER B 637 -18.68 17.74 74.83
N ALA B 638 -17.56 17.05 75.03
CA ALA B 638 -16.67 16.63 73.95
C ALA B 638 -17.29 15.67 72.95
N GLU B 639 -18.12 14.76 73.40
CA GLU B 639 -18.73 13.84 72.46
C GLU B 639 -19.69 14.62 71.57
N PHE B 640 -20.13 15.76 72.09
CA PHE B 640 -21.09 16.62 71.40
C PHE B 640 -20.38 17.44 70.35
N ILE B 641 -19.42 18.23 70.79
CA ILE B 641 -18.66 19.05 69.87
C ILE B 641 -18.05 18.16 68.78
N LYS B 642 -17.68 16.95 69.17
CA LYS B 642 -17.09 16.01 68.22
C LYS B 642 -18.06 15.83 67.06
N ASN B 643 -19.28 15.38 67.38
CA ASN B 643 -20.33 15.15 66.39
C ASN B 643 -20.61 16.38 65.53
N LEU B 644 -20.50 17.57 66.12
CA LEU B 644 -20.71 18.78 65.36
C LEU B 644 -19.61 18.83 64.29
N SER B 645 -18.36 18.72 64.72
CA SER B 645 -17.21 18.73 63.81
C SER B 645 -17.39 17.77 62.63
N SER B 646 -17.81 16.55 62.94
CA SER B 646 -18.03 15.51 61.95
C SER B 646 -18.94 15.99 60.83
N ILE B 647 -20.17 16.35 61.18
CA ILE B 647 -21.18 16.83 60.23
C ILE B 647 -20.66 18.03 59.42
N ARG B 648 -19.96 18.93 60.08
CA ARG B 648 -19.39 20.09 59.41
C ARG B 648 -18.65 19.53 58.22
N ARG B 649 -17.67 18.65 58.49
CA ARG B 649 -16.87 18.04 57.44
C ARG B 649 -17.66 17.17 56.46
N SER B 650 -18.90 16.83 56.82
CA SER B 650 -19.73 16.00 55.96
C SER B 650 -20.60 16.80 55.00
N SER B 651 -21.27 17.83 55.50
CA SER B 651 -22.13 18.65 54.65
C SER B 651 -21.47 20.01 54.40
N ASN B 652 -20.20 20.14 54.73
CA ASN B 652 -19.47 21.40 54.56
C ASN B 652 -20.31 22.63 54.98
N VAL B 653 -21.23 22.40 55.92
CA VAL B 653 -22.09 23.44 56.49
C VAL B 653 -22.14 23.18 58.01
N GLY B 654 -21.68 24.14 58.81
CA GLY B 654 -21.67 24.01 60.27
C GLY B 654 -22.95 24.47 60.96
N VAL B 655 -23.14 24.09 62.23
CA VAL B 655 -24.34 24.47 62.99
C VAL B 655 -24.55 25.96 62.94
N TYR B 656 -23.49 26.69 62.69
CA TYR B 656 -23.61 28.12 62.62
C TYR B 656 -22.53 28.64 61.70
N LYS B 657 -22.88 29.62 60.88
CA LYS B 657 -21.91 30.17 59.95
C LYS B 657 -21.24 31.38 60.55
N ASP B 658 -20.08 31.71 59.99
CA ASP B 658 -19.29 32.86 60.39
C ASP B 658 -19.85 33.99 59.55
N SER B 659 -20.94 34.58 60.02
CA SER B 659 -21.59 35.67 59.32
C SER B 659 -22.00 36.80 60.26
N GLY B 660 -22.80 37.71 59.72
CA GLY B 660 -23.25 38.84 60.49
C GLY B 660 -24.64 38.58 61.05
N ASP B 661 -25.38 37.64 60.45
CA ASP B 661 -26.73 37.33 60.94
C ASP B 661 -26.66 37.22 62.44
N LYS B 662 -27.61 37.83 63.13
CA LYS B 662 -27.62 37.79 64.59
C LYS B 662 -28.40 36.60 65.11
N ASP B 663 -28.96 35.81 64.20
CA ASP B 663 -29.73 34.65 64.59
C ASP B 663 -28.77 33.49 64.47
N GLU B 664 -27.70 33.71 63.72
CA GLU B 664 -26.65 32.73 63.52
C GLU B 664 -25.97 32.66 64.87
N PHE B 665 -25.37 33.77 65.26
CA PHE B 665 -24.72 33.90 66.55
C PHE B 665 -25.62 33.32 67.66
N ALA B 666 -26.92 33.58 67.60
CA ALA B 666 -27.82 33.04 68.59
C ALA B 666 -27.57 31.54 68.68
N LYS B 667 -27.65 30.88 67.53
CA LYS B 667 -27.43 29.45 67.40
C LYS B 667 -26.08 29.11 67.99
N LYS B 668 -25.04 29.83 67.63
CA LYS B 668 -23.72 29.57 68.19
C LYS B 668 -23.84 29.66 69.71
N GLU B 669 -24.27 30.82 70.18
CA GLU B 669 -24.42 31.08 71.62
C GLU B 669 -25.19 29.97 72.28
N SER B 670 -26.17 29.45 71.58
CA SER B 670 -26.99 28.41 72.14
C SER B 670 -26.35 27.04 72.22
N VAL B 671 -25.53 26.67 71.22
CA VAL B 671 -24.88 25.35 71.30
C VAL B 671 -23.91 25.44 72.45
N LYS B 672 -23.21 26.57 72.53
CA LYS B 672 -22.26 26.76 73.60
C LYS B 672 -22.97 26.55 74.95
N LYS B 673 -24.27 26.80 74.95
CA LYS B 673 -25.05 26.63 76.17
C LYS B 673 -25.29 25.15 76.49
N ILE B 674 -25.47 24.33 75.46
CA ILE B 674 -25.69 22.90 75.63
C ILE B 674 -24.35 22.28 76.02
N ALA B 675 -23.30 22.72 75.31
CA ALA B 675 -21.95 22.27 75.54
C ALA B 675 -21.58 22.56 76.98
N GLY B 676 -22.44 23.30 77.64
CA GLY B 676 -22.21 23.63 79.03
C GLY B 676 -22.98 22.63 79.86
N TYR B 677 -24.30 22.67 79.74
CA TYR B 677 -25.12 21.75 80.49
C TYR B 677 -24.51 20.36 80.41
N LEU B 678 -24.34 19.82 79.20
CA LEU B 678 -23.76 18.49 79.05
C LEU B 678 -22.48 18.38 79.85
N SER B 679 -21.71 19.44 79.86
CA SER B 679 -20.48 19.39 80.57
C SER B 679 -20.71 19.42 82.06
N ASP B 680 -21.80 20.08 82.46
CA ASP B 680 -22.21 20.24 83.88
C ASP B 680 -22.71 18.93 84.47
N TYR B 681 -23.41 18.16 83.66
CA TYR B 681 -23.94 16.86 84.05
C TYR B 681 -22.81 16.02 84.66
N TYR B 682 -21.75 15.84 83.88
CA TYR B 682 -20.61 15.05 84.31
C TYR B 682 -19.65 15.88 85.14
N ASN B 683 -20.08 16.22 86.36
CA ASN B 683 -19.24 17.00 87.25
C ASN B 683 -18.68 16.09 88.31
N SER B 684 -17.38 16.22 88.56
CA SER B 684 -16.74 15.38 89.55
C SER B 684 -17.11 15.68 90.99
N ALA B 685 -17.47 16.93 91.29
CA ALA B 685 -17.87 17.24 92.66
C ALA B 685 -19.25 16.65 93.00
N ASN B 686 -19.85 15.89 92.09
CA ASN B 686 -21.16 15.30 92.36
C ASN B 686 -21.10 14.30 93.50
N HIS B 687 -19.91 14.05 94.05
CA HIS B 687 -19.78 13.08 95.14
C HIS B 687 -20.17 13.68 96.48
N ILE B 688 -19.78 14.94 96.71
CA ILE B 688 -20.11 15.61 97.96
C ILE B 688 -21.64 15.70 98.12
N PHE B 689 -22.36 14.90 97.36
CA PHE B 689 -23.80 14.88 97.45
C PHE B 689 -24.19 13.47 97.78
N SER B 690 -25.49 13.17 97.72
CA SER B 690 -25.98 11.82 98.02
C SER B 690 -26.73 11.22 96.83
N GLN B 691 -26.60 9.91 96.61
CA GLN B 691 -27.29 9.25 95.49
C GLN B 691 -28.66 9.85 95.17
N GLU B 692 -29.44 10.15 96.22
CA GLU B 692 -30.75 10.77 96.05
C GLU B 692 -30.56 12.06 95.22
N LYS B 693 -29.79 13.00 95.76
CA LYS B 693 -29.53 14.27 95.10
C LYS B 693 -28.95 14.06 93.72
N LYS B 694 -27.84 13.32 93.67
CA LYS B 694 -27.17 13.01 92.43
C LYS B 694 -28.19 12.84 91.32
N ARG B 695 -29.10 11.87 91.45
CA ARG B 695 -30.10 11.66 90.39
C ARG B 695 -30.82 12.96 90.06
N LYS B 696 -31.48 13.53 91.05
CA LYS B 696 -32.21 14.78 90.91
C LYS B 696 -31.35 15.86 90.26
N ILE B 697 -30.34 16.31 91.01
CA ILE B 697 -29.41 17.34 90.54
C ILE B 697 -28.98 17.16 89.08
N SER B 698 -28.97 15.91 88.60
CA SER B 698 -28.58 15.56 87.24
C SER B 698 -29.78 15.45 86.32
N ILE B 699 -30.91 15.00 86.86
CA ILE B 699 -32.12 14.90 86.06
C ILE B 699 -32.47 16.31 85.60
N PHE B 700 -31.97 17.30 86.33
CA PHE B 700 -32.25 18.68 85.96
C PHE B 700 -31.24 19.13 84.95
N ARG B 701 -29.96 19.02 85.33
CA ARG B 701 -28.84 19.38 84.47
C ARG B 701 -29.18 18.84 83.08
N GLY B 702 -29.58 17.57 83.06
CA GLY B 702 -29.92 16.91 81.81
C GLY B 702 -31.04 17.66 81.14
N ILE B 703 -32.13 17.84 81.89
CA ILE B 703 -33.32 18.55 81.39
C ILE B 703 -32.99 19.91 80.80
N GLN B 704 -32.07 20.61 81.47
CA GLN B 704 -31.62 21.90 81.03
C GLN B 704 -31.18 21.78 79.59
N ALA B 705 -30.27 20.85 79.36
CA ALA B 705 -29.73 20.60 78.04
C ALA B 705 -30.87 20.28 77.06
N TYR B 706 -31.72 19.33 77.43
CA TYR B 706 -32.83 18.93 76.58
C TYR B 706 -33.56 20.17 76.13
N ASN B 707 -33.61 21.16 77.00
CA ASN B 707 -34.29 22.38 76.63
C ASN B 707 -33.58 23.12 75.50
N GLU B 708 -32.43 23.73 75.79
CA GLU B 708 -31.70 24.46 74.76
C GLU B 708 -31.68 23.73 73.44
N ILE B 709 -31.79 22.41 73.46
CA ILE B 709 -31.80 21.67 72.21
C ILE B 709 -33.15 21.97 71.57
N GLU B 710 -34.22 21.65 72.29
CA GLU B 710 -35.61 21.89 71.84
C GLU B 710 -35.67 23.33 71.37
N ASN B 711 -34.91 24.18 72.05
CA ASN B 711 -34.81 25.60 71.76
C ASN B 711 -34.28 25.81 70.34
N VAL B 712 -33.02 25.42 70.10
CA VAL B 712 -32.37 25.57 68.80
C VAL B 712 -33.12 24.85 67.67
N LEU B 713 -33.66 23.68 67.98
CA LEU B 713 -34.41 22.88 67.03
C LEU B 713 -35.55 23.74 66.46
N LYS B 714 -35.98 24.72 67.25
CA LYS B 714 -37.02 25.68 66.84
C LYS B 714 -36.34 27.07 66.67
N SER B 715 -35.18 27.16 65.99
CA SER B 715 -34.43 28.46 65.90
C SER B 715 -34.55 29.31 64.63
N LYS B 716 -33.70 29.07 63.63
CA LYS B 716 -33.80 29.71 62.31
C LYS B 716 -33.51 28.48 61.49
N GLN B 717 -33.00 28.63 60.28
CA GLN B 717 -32.73 27.43 59.51
C GLN B 717 -31.42 26.76 59.89
N ILE B 718 -31.52 25.54 60.37
CA ILE B 718 -30.34 24.77 60.73
C ILE B 718 -30.44 23.55 59.87
N ALA B 719 -29.41 23.33 59.05
CA ALA B 719 -29.37 22.19 58.15
C ALA B 719 -30.05 20.96 58.76
N PRO B 720 -30.86 20.25 57.96
CA PRO B 720 -31.54 19.07 58.48
C PRO B 720 -30.61 17.95 58.95
N GLU B 721 -29.40 17.88 58.38
CA GLU B 721 -28.44 16.86 58.78
C GLU B 721 -28.20 17.03 60.27
N TYR B 722 -28.21 18.29 60.70
CA TYR B 722 -28.05 18.67 62.11
C TYR B 722 -29.39 18.51 62.81
N LYS B 723 -30.44 18.96 62.13
CA LYS B 723 -31.78 18.87 62.67
C LYS B 723 -32.03 17.46 63.21
N ASN B 724 -31.52 16.48 62.47
CA ASN B 724 -31.66 15.06 62.83
C ASN B 724 -30.82 14.74 64.06
N TYR B 725 -29.54 15.08 64.02
CA TYR B 725 -28.65 14.83 65.15
C TYR B 725 -29.29 15.35 66.40
N PHE B 726 -29.54 16.65 66.44
CA PHE B 726 -30.19 17.23 67.61
C PHE B 726 -31.38 16.37 67.97
N GLN B 727 -32.07 15.85 66.97
CA GLN B 727 -33.22 15.00 67.21
C GLN B 727 -32.77 13.76 68.00
N TYR B 728 -31.65 13.19 67.56
CA TYR B 728 -31.07 12.00 68.17
C TYR B 728 -30.78 12.32 69.63
N LEU B 729 -29.98 13.36 69.86
CA LEU B 729 -29.60 13.78 71.20
C LEU B 729 -30.81 13.82 72.12
N LYS B 730 -31.91 14.39 71.64
CA LYS B 730 -33.11 14.48 72.45
C LYS B 730 -33.47 13.13 73.06
N GLU B 731 -33.60 12.11 72.23
CA GLU B 731 -33.96 10.80 72.72
C GLU B 731 -32.97 10.29 73.75
N ARG B 732 -31.69 10.53 73.55
CA ARG B 732 -30.70 10.11 74.51
C ARG B 732 -31.10 10.75 75.84
N ILE B 733 -31.05 12.08 75.89
CA ILE B 733 -31.42 12.85 77.07
C ILE B 733 -32.69 12.29 77.70
N THR B 734 -33.75 12.22 76.89
CA THR B 734 -35.03 11.67 77.34
C THR B 734 -34.72 10.36 78.04
N ASN B 735 -34.25 9.39 77.26
CA ASN B 735 -33.89 8.07 77.76
C ASN B 735 -33.13 8.12 79.08
N GLN B 736 -32.07 8.93 79.11
CA GLN B 736 -31.23 9.06 80.29
C GLN B 736 -32.02 9.54 81.50
N VAL B 737 -32.69 10.67 81.34
CA VAL B 737 -33.46 11.24 82.43
C VAL B 737 -34.54 10.26 82.87
N GLN B 738 -35.09 9.49 81.95
CA GLN B 738 -36.08 8.52 82.34
C GLN B 738 -35.41 7.55 83.31
N LEU B 739 -34.26 7.05 82.92
CA LEU B 739 -33.50 6.09 83.73
C LEU B 739 -33.31 6.60 85.15
N LEU B 740 -32.84 7.84 85.28
CA LEU B 740 -32.60 8.46 86.59
C LEU B 740 -33.86 8.56 87.44
N LEU B 741 -35.00 8.65 86.75
CA LEU B 741 -36.31 8.75 87.34
C LEU B 741 -36.90 7.42 87.73
N THR B 742 -36.85 6.45 86.85
CA THR B 742 -37.42 5.20 87.26
C THR B 742 -36.46 4.53 88.19
N HIS B 743 -35.31 5.14 88.36
CA HIS B 743 -34.39 4.53 89.28
C HIS B 743 -34.84 4.93 90.69
N GLN B 744 -35.59 6.02 90.81
CA GLN B 744 -36.00 6.52 92.12
C GLN B 744 -37.45 6.33 92.45
N LYS B 745 -38.27 7.21 91.91
CA LYS B 745 -39.71 7.10 92.07
C LYS B 745 -40.22 6.73 90.67
N SER B 746 -41.40 6.13 90.53
CA SER B 746 -41.85 5.60 89.23
C SER B 746 -42.87 6.25 88.28
N ASN B 747 -43.97 6.79 88.76
CA ASN B 747 -44.94 7.35 87.80
C ASN B 747 -44.42 8.38 86.79
N ILE B 748 -43.80 9.44 87.31
CA ILE B 748 -43.36 10.57 86.49
C ILE B 748 -42.75 10.26 85.12
N GLU B 749 -43.52 10.46 84.06
CA GLU B 749 -43.04 10.24 82.69
C GLU B 749 -42.30 11.49 82.28
N PHE B 750 -41.15 11.32 81.63
CA PHE B 750 -40.37 12.46 81.19
C PHE B 750 -41.18 13.52 80.46
N LYS B 751 -41.91 13.12 79.42
CA LYS B 751 -42.71 14.08 78.67
C LYS B 751 -43.56 14.96 79.58
N LEU B 752 -44.30 14.35 80.50
CA LEU B 752 -45.14 15.08 81.44
C LEU B 752 -44.33 16.03 82.32
N LEU B 753 -43.40 15.47 83.09
CA LEU B 753 -42.55 16.26 83.98
C LEU B 753 -42.06 17.51 83.28
N TYR B 754 -41.74 17.37 81.99
CA TYR B 754 -41.24 18.49 81.22
C TYR B 754 -42.30 19.58 81.18
N LYS B 755 -43.43 19.26 80.55
CA LYS B 755 -44.55 20.18 80.46
C LYS B 755 -44.58 21.14 81.64
N GLN B 756 -44.66 20.57 82.84
CA GLN B 756 -44.71 21.34 84.09
C GLN B 756 -43.51 22.22 84.39
N LEU B 757 -42.79 22.66 83.37
CA LEU B 757 -41.62 23.50 83.62
C LEU B 757 -41.74 24.92 83.06
N ASN B 758 -41.11 25.86 83.75
CA ASN B 758 -41.13 27.29 83.38
C ASN B 758 -39.73 27.74 82.96
N PHE B 759 -39.40 27.63 81.67
CA PHE B 759 -38.08 28.03 81.18
C PHE B 759 -38.08 29.40 80.52
N THR B 760 -39.08 30.21 80.84
CA THR B 760 -39.23 31.56 80.29
C THR B 760 -38.04 32.44 80.69
N GLU B 761 -38.17 33.08 81.85
CA GLU B 761 -37.12 33.97 82.37
C GLU B 761 -36.35 33.36 83.54
N ASN B 762 -37.03 33.19 84.67
CA ASN B 762 -36.42 32.64 85.88
C ASN B 762 -36.35 31.11 85.92
N GLU B 763 -35.15 30.60 86.22
CA GLU B 763 -34.86 29.18 86.33
C GLU B 763 -34.85 28.80 87.81
N THR B 764 -34.49 29.77 88.65
CA THR B 764 -34.41 29.62 90.10
C THR B 764 -35.48 28.71 90.70
N ASP B 765 -36.65 29.27 90.98
CA ASP B 765 -37.75 28.51 91.57
C ASP B 765 -38.10 27.26 90.76
N ASN B 766 -37.85 27.29 89.46
CA ASN B 766 -38.16 26.15 88.61
C ASN B 766 -37.54 24.90 89.20
N PHE B 767 -36.33 25.03 89.73
CA PHE B 767 -35.64 23.89 90.32
C PHE B 767 -36.34 23.44 91.61
N GLU B 768 -36.77 24.41 92.42
CA GLU B 768 -37.46 24.09 93.67
C GLU B 768 -38.74 23.33 93.28
N VAL B 769 -39.28 23.69 92.13
CA VAL B 769 -40.48 23.06 91.60
C VAL B 769 -40.16 21.62 91.31
N PHE B 770 -39.19 21.43 90.43
CA PHE B 770 -38.73 20.12 90.04
C PHE B 770 -38.71 19.16 91.24
N GLN B 771 -38.14 19.64 92.35
CA GLN B 771 -38.08 18.83 93.56
C GLN B 771 -39.48 18.39 93.95
N LYS B 772 -40.39 19.36 94.11
CA LYS B 772 -41.76 19.05 94.48
C LYS B 772 -42.40 18.18 93.42
N ILE B 773 -42.01 18.41 92.16
CA ILE B 773 -42.56 17.63 91.07
C ILE B 773 -42.28 16.16 91.34
N ILE B 774 -41.25 15.88 92.15
CA ILE B 774 -40.90 14.50 92.48
C ILE B 774 -41.19 14.15 93.93
N ASP B 775 -42.46 13.86 94.21
CA ASP B 775 -42.95 13.50 95.55
C ASP B 775 -44.28 12.80 95.41
N ASN C 41 -80.89 15.46 28.33
CA ASN C 41 -80.87 15.46 26.83
C ASN C 41 -82.29 15.53 26.24
N ASN C 42 -83.24 16.03 27.03
CA ASN C 42 -84.62 16.11 26.59
C ASN C 42 -84.96 14.74 26.01
N LEU C 43 -85.37 13.86 26.92
CA LEU C 43 -85.72 12.48 26.65
C LEU C 43 -86.97 12.27 25.83
N VAL C 44 -88.03 13.01 26.12
CA VAL C 44 -89.26 12.82 25.37
C VAL C 44 -89.22 13.47 24.00
N LYS C 45 -89.78 12.76 23.05
CA LYS C 45 -89.85 13.22 21.69
C LYS C 45 -91.28 12.97 21.27
N THR C 46 -92.07 14.04 21.18
CA THR C 46 -93.48 13.90 20.74
C THR C 46 -93.45 14.32 19.28
N GLU C 47 -93.71 13.45 18.31
CA GLU C 47 -93.48 13.99 16.98
C GLU C 47 -94.57 14.64 16.16
N PHE C 48 -95.79 14.25 16.37
CA PHE C 48 -96.80 14.88 15.58
C PHE C 48 -97.93 15.26 16.54
N THR C 49 -98.01 16.54 16.93
CA THR C 49 -99.08 16.99 17.86
C THR C 49 -100.46 17.02 17.14
N ASN C 50 -100.79 15.86 16.54
CA ASN C 50 -101.99 15.60 15.73
C ASN C 50 -103.36 15.51 16.36
N GLU C 51 -103.47 14.80 17.47
CA GLU C 51 -104.76 14.74 18.13
C GLU C 51 -104.83 16.03 18.96
N THR C 52 -105.87 16.19 19.74
CA THR C 52 -105.92 17.39 20.58
C THR C 52 -105.12 17.01 21.82
N LEU C 53 -105.43 17.60 22.93
CA LEU C 53 -104.75 17.29 24.17
C LEU C 53 -104.86 15.80 24.43
N ASP C 54 -105.54 15.06 23.57
CA ASP C 54 -105.69 13.63 23.81
C ASP C 54 -104.47 12.77 23.59
N LYS C 55 -103.78 12.92 22.46
CA LYS C 55 -102.60 12.11 22.24
C LYS C 55 -101.64 12.60 23.31
N ILE C 56 -101.61 13.90 23.48
CA ILE C 56 -100.75 14.54 24.47
C ILE C 56 -101.11 14.05 25.88
N GLN C 57 -102.28 14.46 26.34
CA GLN C 57 -102.78 14.10 27.67
C GLN C 57 -102.72 12.61 27.90
N GLN C 58 -102.22 11.87 26.92
CA GLN C 58 -102.12 10.43 27.03
C GLN C 58 -100.66 10.08 27.19
N THR C 59 -99.82 10.72 26.40
CA THR C 59 -98.41 10.47 26.51
C THR C 59 -98.05 10.95 27.91
N GLN C 60 -98.61 12.08 28.32
CA GLN C 60 -98.33 12.60 29.64
C GLN C 60 -98.73 11.55 30.66
N ASP C 61 -100.03 11.35 30.87
CA ASP C 61 -100.47 10.36 31.85
C ASP C 61 -99.56 9.15 31.79
N LEU C 62 -99.23 8.73 30.57
CA LEU C 62 -98.35 7.58 30.40
C LEU C 62 -97.06 7.72 31.19
N LEU C 63 -96.26 8.70 30.77
CA LEU C 63 -94.97 8.99 31.36
C LEU C 63 -95.00 9.26 32.85
N LYS C 64 -95.89 10.17 33.27
CA LYS C 64 -95.99 10.54 34.68
C LYS C 64 -96.20 9.33 35.57
N LYS C 65 -96.68 8.23 34.99
CA LYS C 65 -96.89 7.03 35.76
C LYS C 65 -95.57 6.26 35.92
N ILE C 66 -94.57 6.64 35.12
CA ILE C 66 -93.24 6.02 35.17
C ILE C 66 -92.41 6.85 36.15
N PRO C 67 -91.53 6.20 36.94
CA PRO C 67 -90.71 6.93 37.91
C PRO C 67 -89.69 7.91 37.31
N LYS C 68 -89.74 9.15 37.78
CA LYS C 68 -88.86 10.21 37.30
C LYS C 68 -87.39 9.81 37.24
N ASP C 69 -87.04 8.72 37.92
CA ASP C 69 -85.66 8.25 37.95
C ASP C 69 -85.42 7.19 36.88
N VAL C 70 -86.42 6.36 36.65
CA VAL C 70 -86.32 5.30 35.65
C VAL C 70 -85.99 5.97 34.32
N LEU C 71 -86.51 7.18 34.15
CA LEU C 71 -86.27 7.96 32.95
C LEU C 71 -84.82 8.45 33.03
N GLU C 72 -84.48 9.01 34.18
CA GLU C 72 -83.15 9.51 34.42
C GLU C 72 -82.13 8.46 34.01
N ILE C 73 -82.41 7.22 34.35
CA ILE C 73 -81.52 6.11 33.99
C ILE C 73 -81.54 6.03 32.48
N TYR C 74 -82.73 5.92 31.94
CA TYR C 74 -82.89 5.84 30.51
C TYR C 74 -82.11 6.98 29.86
N SER C 75 -82.34 8.20 30.34
CA SER C 75 -81.66 9.37 29.79
C SER C 75 -80.14 9.20 29.83
N GLU C 76 -79.59 9.05 31.03
CA GLU C 76 -78.14 8.87 31.18
C GLU C 76 -77.66 7.75 30.27
N LEU C 77 -78.49 6.73 30.08
CA LEU C 77 -78.10 5.62 29.22
C LEU C 77 -78.11 6.11 27.78
N GLY C 78 -78.19 7.42 27.60
CA GLY C 78 -78.22 7.98 26.26
C GLY C 78 -79.45 7.53 25.52
N GLY C 79 -80.54 7.32 26.26
CA GLY C 79 -81.78 6.89 25.64
C GLY C 79 -82.69 8.04 25.23
N GLU C 80 -83.69 7.72 24.40
CA GLU C 80 -84.64 8.73 23.96
C GLU C 80 -86.00 8.03 23.82
N ILE C 81 -87.09 8.72 24.08
CA ILE C 81 -88.38 8.07 23.96
C ILE C 81 -89.17 8.73 22.86
N TYR C 82 -89.70 7.91 21.95
CA TYR C 82 -90.45 8.43 20.82
C TYR C 82 -91.96 8.22 20.86
N PHE C 83 -92.68 9.31 21.09
CA PHE C 83 -94.14 9.30 21.12
C PHE C 83 -94.54 9.95 19.80
N THR C 84 -94.54 9.14 18.74
CA THR C 84 -94.95 9.65 17.44
C THR C 84 -96.46 9.38 17.27
N ASP C 85 -97.11 10.05 16.31
CA ASP C 85 -98.57 9.98 16.07
C ASP C 85 -99.22 8.62 15.77
N ILE C 86 -99.29 8.24 14.48
CA ILE C 86 -99.80 6.93 14.04
C ILE C 86 -98.67 6.35 13.19
N ASP C 87 -97.62 5.85 13.81
CA ASP C 87 -96.54 5.27 13.03
C ASP C 87 -96.41 3.85 13.53
N LEU C 88 -97.29 2.99 13.11
CA LEU C 88 -97.21 1.63 13.59
C LEU C 88 -96.05 0.82 13.04
N VAL C 89 -96.12 0.52 11.75
CA VAL C 89 -95.13 -0.33 11.09
C VAL C 89 -93.68 0.18 11.05
N GLU C 90 -92.83 -0.58 10.35
CA GLU C 90 -91.41 -0.23 10.18
C GLU C 90 -91.47 1.09 9.44
N HIS C 91 -92.05 2.09 10.08
CA HIS C 91 -92.24 3.35 9.41
C HIS C 91 -91.64 4.58 10.03
N LYS C 92 -91.30 4.52 11.32
CA LYS C 92 -90.76 5.73 11.91
C LYS C 92 -89.32 5.97 11.53
N GLU C 93 -88.93 7.24 11.53
CA GLU C 93 -87.58 7.62 11.16
C GLU C 93 -86.50 6.76 11.78
N LEU C 94 -86.85 6.03 12.84
CA LEU C 94 -85.88 5.17 13.50
C LEU C 94 -86.28 3.70 13.51
N GLN C 95 -87.35 3.34 12.79
CA GLN C 95 -87.82 1.95 12.76
C GLN C 95 -87.36 1.06 11.60
N ASP C 96 -86.47 1.55 10.76
CA ASP C 96 -86.03 0.71 9.67
C ASP C 96 -84.93 -0.22 10.23
N LEU C 97 -84.31 -1.05 9.44
CA LEU C 97 -83.29 -1.96 9.95
C LEU C 97 -82.15 -1.30 10.73
N SER C 98 -81.69 -1.94 11.83
CA SER C 98 -80.57 -1.47 12.67
C SER C 98 -80.04 -2.63 13.54
N GLU C 99 -80.86 -3.05 14.50
CA GLU C 99 -80.55 -4.17 15.38
C GLU C 99 -81.90 -4.72 15.87
N GLU C 100 -82.69 -5.22 14.92
CA GLU C 100 -84.03 -5.73 15.19
C GLU C 100 -84.14 -7.21 15.56
N GLU C 101 -85.24 -7.82 15.12
CA GLU C 101 -85.56 -9.22 15.37
C GLU C 101 -84.49 -10.18 14.91
N LYS C 102 -83.68 -10.66 15.85
CA LYS C 102 -82.61 -11.62 15.59
C LYS C 102 -82.98 -12.96 16.28
N ASN C 103 -83.47 -12.84 17.52
CA ASN C 103 -83.91 -13.99 18.35
C ASN C 103 -85.29 -13.58 18.96
N SER C 104 -86.16 -14.53 19.29
CA SER C 104 -87.56 -14.20 19.69
C SER C 104 -88.14 -14.32 21.11
N MET C 105 -87.70 -13.57 22.10
CA MET C 105 -88.27 -13.67 23.46
C MET C 105 -88.89 -12.31 23.72
N ASN C 106 -89.82 -11.93 22.84
CA ASN C 106 -90.45 -10.63 22.74
C ASN C 106 -91.44 -9.99 23.71
N SER C 107 -92.66 -10.47 23.85
CA SER C 107 -93.52 -9.74 24.81
C SER C 107 -93.58 -10.43 26.17
N ARG C 108 -94.68 -10.21 26.90
CA ARG C 108 -94.86 -10.86 28.21
C ARG C 108 -94.80 -12.36 27.97
N GLY C 109 -95.00 -12.67 26.70
CA GLY C 109 -94.88 -14.01 26.20
C GLY C 109 -94.04 -13.79 24.96
N GLU C 110 -93.52 -14.85 24.42
CA GLU C 110 -92.78 -14.66 23.20
C GLU C 110 -93.85 -14.81 22.11
N LYS C 111 -94.09 -13.76 21.33
CA LYS C 111 -95.11 -13.81 20.27
C LYS C 111 -94.57 -13.32 18.91
N VAL C 112 -93.72 -12.30 18.96
CA VAL C 112 -93.06 -11.68 17.80
C VAL C 112 -93.87 -11.32 16.53
N PRO C 113 -95.07 -10.70 16.70
CA PRO C 113 -95.90 -10.30 15.55
C PRO C 113 -95.78 -8.77 15.32
N PHE C 114 -94.69 -8.35 14.68
CA PHE C 114 -94.40 -6.94 14.44
C PHE C 114 -95.51 -5.97 14.02
N ALA C 115 -96.09 -6.16 12.83
CA ALA C 115 -97.13 -5.24 12.37
C ALA C 115 -98.26 -4.94 13.36
N SER C 116 -98.31 -5.68 14.46
CA SER C 116 -99.34 -5.47 15.48
C SER C 116 -98.84 -4.68 16.68
N ARG C 117 -97.55 -4.38 16.70
CA ARG C 117 -96.95 -3.64 17.82
C ARG C 117 -97.20 -2.15 17.78
N PHE C 118 -97.21 -1.56 18.98
CA PHE C 118 -97.40 -0.13 19.16
C PHE C 118 -96.32 0.42 20.06
N VAL C 119 -95.40 -0.47 20.45
CA VAL C 119 -94.30 -0.13 21.31
C VAL C 119 -93.10 -0.95 20.86
N PHE C 120 -91.91 -0.38 20.98
CA PHE C 120 -90.69 -1.09 20.62
C PHE C 120 -89.40 -0.47 21.17
N GLU C 121 -88.40 -1.35 21.35
CA GLU C 121 -87.10 -1.01 21.90
C GLU C 121 -85.94 -1.23 20.91
N LYS C 122 -85.26 -0.15 20.52
CA LYS C 122 -84.10 -0.26 19.62
C LYS C 122 -82.90 -0.55 20.55
N LYS C 123 -82.87 -1.80 21.05
CA LYS C 123 -81.96 -2.37 22.04
C LYS C 123 -80.43 -2.29 22.12
N ARG C 124 -79.65 -1.69 21.22
CA ARG C 124 -78.20 -1.91 21.42
C ARG C 124 -77.22 -0.91 22.10
N GLU C 125 -76.66 0.03 21.32
CA GLU C 125 -75.72 1.05 21.83
C GLU C 125 -76.46 1.99 22.80
N THR C 126 -77.39 2.74 22.23
CA THR C 126 -78.21 3.70 22.96
C THR C 126 -79.65 3.16 22.91
N PRO C 127 -80.38 3.20 24.03
CA PRO C 127 -81.76 2.72 23.98
C PRO C 127 -82.69 3.71 23.25
N LYS C 128 -83.65 3.15 22.52
CA LYS C 128 -84.60 3.96 21.77
C LYS C 128 -86.01 3.42 21.92
N LEU C 129 -86.76 4.01 22.84
CA LEU C 129 -88.12 3.58 23.06
C LEU C 129 -88.99 4.35 22.10
N ILE C 130 -89.86 3.62 21.40
CA ILE C 130 -90.77 4.24 20.46
C ILE C 130 -92.20 3.75 20.67
N ILE C 131 -93.08 4.70 20.96
CA ILE C 131 -94.48 4.41 21.22
C ILE C 131 -95.33 5.34 20.38
N ASN C 132 -96.53 4.89 20.06
CA ASN C 132 -97.44 5.69 19.27
C ASN C 132 -98.81 5.49 19.87
N ILE C 133 -99.71 6.43 19.60
CA ILE C 133 -101.05 6.33 20.13
C ILE C 133 -102.08 6.69 19.06
N LYS C 134 -103.18 5.94 18.99
CA LYS C 134 -104.23 6.24 18.01
C LYS C 134 -105.46 6.86 18.68
N ASP C 135 -106.39 6.10 19.28
CA ASP C 135 -107.45 6.92 19.84
C ASP C 135 -107.73 7.00 21.31
N TYR C 136 -108.39 6.20 22.06
CA TYR C 136 -108.31 6.61 23.46
C TYR C 136 -107.96 5.43 24.42
N ALA C 137 -107.64 4.26 23.92
CA ALA C 137 -107.62 3.07 24.82
C ALA C 137 -106.47 2.49 25.66
N ILE C 138 -105.91 3.17 26.66
CA ILE C 138 -104.87 2.48 27.45
C ILE C 138 -105.30 2.02 28.88
N ASN C 139 -106.39 2.59 29.42
CA ASN C 139 -106.84 2.31 30.79
C ASN C 139 -107.86 1.21 31.20
N SER C 140 -108.77 0.79 30.32
CA SER C 140 -109.74 -0.24 30.72
C SER C 140 -109.05 -1.58 31.01
N GLU C 141 -108.37 -2.10 29.99
CA GLU C 141 -107.62 -3.34 30.11
C GLU C 141 -106.19 -2.90 29.85
N GLN C 142 -105.60 -2.25 30.85
CA GLN C 142 -104.23 -1.76 30.75
C GLN C 142 -103.28 -2.91 30.48
N SER C 143 -103.82 -4.11 30.31
CA SER C 143 -103.02 -5.29 30.01
C SER C 143 -102.24 -4.98 28.73
N LYS C 144 -102.45 -3.78 28.19
CA LYS C 144 -101.79 -3.30 26.99
C LYS C 144 -100.65 -2.36 27.37
N GLU C 145 -100.95 -1.35 28.19
CA GLU C 145 -99.92 -0.40 28.62
C GLU C 145 -98.80 -1.14 29.31
N VAL C 146 -99.10 -2.31 29.87
CA VAL C 146 -98.12 -3.13 30.57
C VAL C 146 -96.94 -3.44 29.64
N TYR C 147 -97.15 -3.30 28.32
CA TYR C 147 -96.08 -3.56 27.38
C TYR C 147 -95.24 -2.32 27.19
N TYR C 148 -95.86 -1.17 27.38
CA TYR C 148 -95.10 0.05 27.28
C TYR C 148 -94.21 0.06 28.52
N GLU C 149 -94.51 -0.83 29.47
CA GLU C 149 -93.75 -0.95 30.71
C GLU C 149 -92.63 -1.97 30.56
N ILE C 150 -92.98 -3.16 30.09
CA ILE C 150 -91.98 -4.20 29.90
C ILE C 150 -91.13 -3.70 28.75
N GLY C 151 -91.79 -3.30 27.66
CA GLY C 151 -91.12 -2.78 26.49
C GLY C 151 -90.10 -1.77 26.96
N LYS C 152 -90.42 -1.12 28.07
CA LYS C 152 -89.49 -0.15 28.63
C LYS C 152 -88.52 -0.96 29.43
N GLY C 153 -89.06 -1.75 30.34
CA GLY C 153 -88.22 -2.58 31.17
C GLY C 153 -87.04 -3.20 30.44
N ILE C 154 -87.25 -3.63 29.18
CA ILE C 154 -86.15 -4.24 28.42
C ILE C 154 -85.02 -3.27 28.13
N SER C 155 -85.08 -2.11 28.78
CA SER C 155 -84.04 -1.12 28.61
C SER C 155 -83.15 -1.23 29.82
N LEU C 156 -83.75 -1.15 30.99
CA LEU C 156 -83.02 -1.22 32.24
C LEU C 156 -82.51 -2.61 32.57
N ASP C 157 -83.27 -3.64 32.20
CA ASP C 157 -82.85 -4.99 32.54
C ASP C 157 -81.33 -5.28 32.46
N ILE C 158 -80.85 -5.63 31.27
CA ILE C 158 -79.44 -5.99 31.09
C ILE C 158 -78.47 -4.86 31.38
N ILE C 159 -79.00 -3.73 31.83
CA ILE C 159 -78.15 -2.58 32.09
C ILE C 159 -78.54 -1.95 33.43
N SER C 160 -79.29 -2.69 34.25
CA SER C 160 -79.73 -2.15 35.52
C SER C 160 -78.93 -2.62 36.71
N LYS C 161 -79.48 -3.60 37.39
CA LYS C 161 -78.84 -4.17 38.56
C LYS C 161 -78.59 -5.59 38.15
N ASP C 162 -79.45 -6.02 37.21
CA ASP C 162 -79.39 -7.35 36.68
C ASP C 162 -77.98 -7.61 36.16
N LYS C 163 -77.40 -6.62 35.49
CA LYS C 163 -76.06 -6.79 34.93
C LYS C 163 -75.15 -5.55 34.92
N SER C 164 -75.76 -4.33 34.94
CA SER C 164 -75.08 -2.98 34.90
C SER C 164 -74.05 -2.74 36.01
N LEU C 165 -74.34 -3.14 37.24
CA LEU C 165 -73.17 -3.22 38.12
C LEU C 165 -73.15 -4.70 37.82
N ASP C 166 -72.64 -5.59 38.65
CA ASP C 166 -72.85 -6.91 38.10
C ASP C 166 -73.90 -7.57 38.94
N PRO C 167 -74.34 -8.74 38.43
CA PRO C 167 -75.36 -9.14 39.38
C PRO C 167 -74.48 -9.13 40.67
N GLU C 168 -74.74 -8.09 41.49
CA GLU C 168 -74.06 -8.06 42.78
C GLU C 168 -75.04 -8.81 43.68
N PHE C 169 -74.53 -9.63 44.59
CA PHE C 169 -75.41 -10.40 45.48
C PHE C 169 -76.83 -9.82 45.61
N LEU C 170 -76.96 -8.49 45.65
CA LEU C 170 -78.26 -7.82 45.75
C LEU C 170 -79.29 -8.42 44.79
N ASN C 171 -78.89 -8.62 43.53
CA ASN C 171 -79.79 -9.19 42.54
C ASN C 171 -79.63 -10.70 42.41
N LEU C 172 -78.49 -11.21 42.81
CA LEU C 172 -78.28 -12.65 42.74
C LEU C 172 -79.10 -13.30 43.85
N ILE C 173 -78.79 -12.94 45.10
CA ILE C 173 -79.47 -13.48 46.28
C ILE C 173 -80.97 -13.17 46.27
N LYS C 174 -81.40 -12.39 45.28
CA LYS C 174 -82.80 -12.03 45.11
C LYS C 174 -83.38 -13.08 44.15
N SER C 175 -82.51 -13.57 43.27
CA SER C 175 -82.87 -14.59 42.29
C SER C 175 -82.82 -15.95 42.98
N LEU C 176 -82.16 -16.00 44.14
CA LEU C 176 -82.06 -17.23 44.92
C LEU C 176 -83.43 -17.50 45.47
N SER C 177 -84.26 -16.46 45.49
CA SER C 177 -85.62 -16.58 45.97
C SER C 177 -86.44 -17.34 44.94
N ASP C 178 -85.78 -18.27 44.26
CA ASP C 178 -86.43 -19.10 43.25
C ASP C 178 -87.48 -19.87 44.04
N ASP C 179 -87.03 -20.67 45.01
CA ASP C 179 -87.93 -21.46 45.83
C ASP C 179 -87.34 -21.87 47.18
N SER C 180 -86.12 -21.42 47.49
CA SER C 180 -85.46 -21.83 48.73
C SER C 180 -85.38 -20.90 49.94
N ASP C 181 -85.71 -19.62 49.77
CA ASP C 181 -85.63 -18.69 50.90
C ASP C 181 -86.97 -18.38 51.54
N SER C 182 -87.92 -17.92 50.73
CA SER C 182 -89.26 -17.61 51.21
C SER C 182 -90.18 -18.81 50.98
N SER C 183 -91.34 -18.80 51.65
CA SER C 183 -92.32 -19.87 51.51
C SER C 183 -93.29 -19.49 50.38
N ASP C 184 -92.76 -18.81 49.37
CA ASP C 184 -93.52 -18.37 48.22
C ASP C 184 -92.88 -18.73 46.87
N LEU C 185 -93.10 -19.97 46.46
CA LEU C 185 -92.59 -20.49 45.20
C LEU C 185 -93.61 -20.14 44.14
N LEU C 186 -94.09 -18.90 44.22
CA LEU C 186 -95.07 -18.33 43.28
C LEU C 186 -94.32 -17.40 42.31
N PHE C 187 -93.62 -18.02 41.35
CA PHE C 187 -92.88 -17.27 40.36
C PHE C 187 -93.13 -17.81 38.96
N SER C 188 -94.41 -17.98 38.63
CA SER C 188 -94.85 -18.44 37.31
C SER C 188 -95.26 -17.17 36.54
N GLN C 189 -95.52 -16.12 37.30
CA GLN C 189 -95.90 -14.82 36.77
C GLN C 189 -94.66 -14.21 36.12
N LYS C 190 -93.59 -14.99 36.03
CA LYS C 190 -92.34 -14.52 35.45
C LYS C 190 -91.39 -15.64 35.03
N PHE C 191 -91.70 -16.88 35.43
CA PHE C 191 -90.80 -17.99 35.12
C PHE C 191 -91.41 -19.30 34.65
N LYS C 192 -91.77 -19.44 33.37
CA LYS C 192 -92.33 -20.73 33.01
C LYS C 192 -91.42 -21.69 32.24
N GLU C 193 -91.19 -21.41 30.96
CA GLU C 193 -90.37 -22.29 30.13
C GLU C 193 -88.86 -22.29 30.41
N LYS C 194 -88.39 -21.30 31.18
CA LYS C 194 -86.97 -21.19 31.49
C LYS C 194 -86.64 -21.35 32.97
N LEU C 195 -87.66 -21.60 33.78
CA LEU C 195 -87.47 -21.84 35.22
C LEU C 195 -88.46 -22.80 35.88
N GLU C 196 -88.93 -23.78 35.12
CA GLU C 196 -89.81 -24.78 35.68
C GLU C 196 -88.73 -25.71 36.24
N LEU C 197 -87.50 -25.19 36.15
CA LEU C 197 -86.31 -25.85 36.64
C LEU C 197 -86.16 -25.45 38.10
N ASN C 198 -87.15 -25.84 38.91
CA ASN C 198 -87.12 -25.56 40.35
C ASN C 198 -85.99 -26.45 40.88
N ASN C 199 -85.82 -27.57 40.18
CA ASN C 199 -84.82 -28.59 40.49
C ASN C 199 -83.41 -28.14 40.13
N LYS C 200 -83.07 -26.98 40.67
CA LYS C 200 -81.79 -26.33 40.51
C LYS C 200 -81.79 -25.30 41.62
N SER C 201 -80.68 -25.26 42.33
CA SER C 201 -80.57 -24.18 43.29
C SER C 201 -79.89 -23.16 42.36
N ILE C 202 -80.61 -22.08 42.02
CA ILE C 202 -80.12 -21.06 41.07
C ILE C 202 -79.15 -19.99 41.67
N ASP C 203 -77.83 -20.18 41.56
CA ASP C 203 -76.90 -19.25 42.19
C ASP C 203 -75.83 -18.59 41.30
N ILE C 204 -74.65 -19.16 41.17
CA ILE C 204 -73.67 -18.60 40.25
C ILE C 204 -73.35 -19.71 39.30
N ASN C 205 -73.89 -20.85 39.64
CA ASN C 205 -73.62 -21.96 38.83
C ASN C 205 -74.32 -21.86 37.44
N PHE C 206 -75.56 -21.37 37.35
CA PHE C 206 -76.27 -21.36 36.08
C PHE C 206 -76.96 -20.05 35.59
N ILE C 207 -77.16 -19.09 36.48
CA ILE C 207 -77.85 -17.84 36.16
C ILE C 207 -77.44 -17.06 34.89
N LYS C 208 -76.18 -17.20 34.48
CA LYS C 208 -75.66 -16.50 33.30
C LYS C 208 -76.24 -17.04 31.99
N GLU C 209 -76.18 -18.36 31.84
CA GLU C 209 -76.67 -19.04 30.64
C GLU C 209 -78.02 -18.52 30.15
N ASN C 210 -78.72 -17.75 30.99
CA ASN C 210 -80.03 -17.23 30.60
C ASN C 210 -80.32 -15.79 31.04
N LEU C 211 -79.38 -14.88 30.81
CA LEU C 211 -79.55 -13.47 31.17
C LEU C 211 -80.77 -12.92 30.42
N THR C 212 -80.86 -13.22 29.12
CA THR C 212 -81.96 -12.76 28.29
C THR C 212 -83.30 -13.18 28.88
N GLU C 213 -83.28 -14.19 29.75
CA GLU C 213 -84.50 -14.68 30.38
C GLU C 213 -84.69 -14.15 31.81
N PHE C 214 -83.62 -13.98 32.55
CA PHE C 214 -83.73 -13.44 33.90
C PHE C 214 -83.97 -11.95 33.80
N GLN C 215 -84.31 -11.50 32.59
CA GLN C 215 -84.61 -10.11 32.28
C GLN C 215 -86.10 -10.03 32.10
N HIS C 216 -86.63 -10.96 31.30
CA HIS C 216 -88.06 -11.02 31.02
C HIS C 216 -88.84 -11.05 32.31
N ALA C 217 -88.14 -11.39 33.39
CA ALA C 217 -88.76 -11.43 34.70
C ALA C 217 -88.70 -10.01 35.24
N PHE C 218 -87.50 -9.42 35.24
CA PHE C 218 -87.31 -8.05 35.71
C PHE C 218 -88.19 -7.07 34.94
N SER C 219 -88.70 -7.54 33.81
CA SER C 219 -89.54 -6.75 32.94
C SER C 219 -91.01 -6.86 33.30
N LEU C 220 -91.33 -7.71 34.26
CA LEU C 220 -92.71 -7.91 34.69
C LEU C 220 -92.85 -7.36 36.10
N ALA C 221 -91.80 -7.60 36.88
CA ALA C 221 -91.78 -7.12 38.24
C ALA C 221 -91.85 -5.62 38.11
N PHE C 222 -91.41 -5.14 36.95
CA PHE C 222 -91.43 -3.71 36.67
C PHE C 222 -92.78 -3.35 36.07
N SER C 223 -93.18 -4.09 35.04
CA SER C 223 -94.43 -3.83 34.35
C SER C 223 -95.60 -3.94 35.30
N TYR C 224 -95.39 -4.70 36.37
CA TYR C 224 -96.41 -4.88 37.37
C TYR C 224 -96.32 -3.89 38.53
N TYR C 225 -95.12 -3.58 38.98
CA TYR C 225 -94.96 -2.64 40.09
C TYR C 225 -95.39 -1.22 39.73
N PHE C 226 -95.49 -0.95 38.42
CA PHE C 226 -95.88 0.37 37.94
C PHE C 226 -97.13 0.39 37.06
N ALA C 227 -97.51 -0.75 36.49
CA ALA C 227 -98.72 -0.79 35.66
C ALA C 227 -99.85 -0.05 36.39
N PRO C 228 -100.56 0.86 35.69
CA PRO C 228 -101.66 1.65 36.25
C PRO C 228 -102.77 0.84 36.88
N ASP C 229 -102.74 -0.46 36.66
CA ASP C 229 -103.77 -1.36 37.20
C ASP C 229 -103.21 -2.35 38.22
N HIS C 230 -102.70 -3.48 37.74
CA HIS C 230 -102.15 -4.52 38.61
C HIS C 230 -100.80 -4.14 39.21
N ARG C 231 -100.78 -3.95 40.52
CA ARG C 231 -99.55 -3.58 41.21
C ARG C 231 -99.30 -4.47 42.41
N THR C 232 -100.39 -4.85 43.07
CA THR C 232 -100.34 -5.70 44.25
C THR C 232 -100.14 -7.15 43.83
N VAL C 233 -100.41 -7.45 42.56
CA VAL C 233 -100.24 -8.79 42.03
C VAL C 233 -98.77 -9.16 42.26
N LEU C 234 -97.89 -8.16 42.19
CA LEU C 234 -96.46 -8.38 42.40
C LEU C 234 -96.10 -8.43 43.89
N GLU C 235 -96.90 -7.77 44.72
CA GLU C 235 -96.67 -7.74 46.15
C GLU C 235 -97.29 -8.97 46.82
N LEU C 236 -98.19 -9.61 46.09
CA LEU C 236 -98.90 -10.80 46.54
C LEU C 236 -98.14 -12.05 46.12
N TYR C 237 -98.17 -12.35 44.83
CA TYR C 237 -97.51 -13.53 44.31
C TYR C 237 -96.04 -13.70 44.69
N ALA C 238 -95.19 -12.72 44.40
CA ALA C 238 -93.78 -12.83 44.79
C ALA C 238 -93.47 -11.71 45.78
N PRO C 239 -93.17 -12.06 47.05
CA PRO C 239 -92.87 -11.06 48.07
C PRO C 239 -91.50 -10.36 47.93
N ASP C 240 -90.60 -10.96 47.16
CA ASP C 240 -89.28 -10.34 46.96
C ASP C 240 -89.25 -9.33 45.81
N MET C 241 -89.55 -9.79 44.60
CA MET C 241 -89.53 -8.88 43.47
C MET C 241 -90.17 -7.55 43.85
N PHE C 242 -91.22 -7.61 44.66
CA PHE C 242 -91.88 -6.37 45.08
C PHE C 242 -90.93 -5.50 45.88
N GLU C 243 -90.60 -5.94 47.09
CA GLU C 243 -89.70 -5.22 47.96
C GLU C 243 -88.48 -4.76 47.19
N TYR C 244 -88.08 -5.57 46.22
CA TYR C 244 -86.94 -5.29 45.37
C TYR C 244 -87.24 -4.08 44.52
N MET C 245 -88.31 -4.20 43.73
CA MET C 245 -88.76 -3.12 42.86
C MET C 245 -89.04 -1.91 43.73
N ASN C 246 -89.71 -2.18 44.85
CA ASN C 246 -90.09 -1.15 45.81
C ASN C 246 -88.90 -0.44 46.41
N LYS C 247 -87.86 -1.19 46.76
CA LYS C 247 -86.69 -0.56 47.32
C LYS C 247 -85.94 0.14 46.17
N LEU C 248 -86.22 -0.31 44.94
CA LEU C 248 -85.62 0.30 43.75
C LEU C 248 -86.27 1.67 43.60
N GLU C 249 -87.57 1.72 43.83
CA GLU C 249 -88.28 2.99 43.75
C GLU C 249 -87.89 3.82 44.97
N LYS C 250 -87.57 3.14 46.08
CA LYS C 250 -87.18 3.83 47.30
C LYS C 250 -85.89 4.59 47.05
N GLY C 251 -85.15 4.18 46.02
CA GLY C 251 -83.89 4.84 45.67
C GLY C 251 -82.93 4.06 44.79
N GLY C 252 -83.18 2.76 44.61
CA GLY C 252 -82.32 1.92 43.77
C GLY C 252 -82.15 2.48 42.37
N PHE C 253 -83.21 3.14 41.91
CA PHE C 253 -83.24 3.77 40.60
C PHE C 253 -82.35 5.02 40.59
N GLU C 254 -82.36 5.78 41.70
CA GLU C 254 -81.52 6.97 41.78
C GLU C 254 -80.07 6.53 41.93
N LYS C 255 -79.88 5.25 42.28
CA LYS C 255 -78.56 4.65 42.43
C LYS C 255 -77.86 4.57 41.07
N ILE C 256 -78.25 3.59 40.27
CA ILE C 256 -77.68 3.39 38.95
C ILE C 256 -77.69 4.71 38.17
N SER C 257 -78.73 5.52 38.40
CA SER C 257 -78.87 6.79 37.71
C SER C 257 -77.84 7.80 38.17
N GLU C 258 -77.01 7.37 39.12
CA GLU C 258 -75.95 8.21 39.68
C GLU C 258 -74.58 7.59 39.46
N SER C 259 -74.55 6.28 39.24
CA SER C 259 -73.29 5.56 38.99
C SER C 259 -73.02 5.65 37.50
N LEU C 260 -74.05 6.11 36.77
CA LEU C 260 -73.95 6.29 35.33
C LEU C 260 -73.70 7.77 35.07
N LYS C 261 -74.22 8.60 35.98
CA LYS C 261 -74.08 10.06 35.92
C LYS C 261 -72.65 10.47 36.25
N LYS C 262 -72.15 10.03 37.40
CA LYS C 262 -70.78 10.36 37.79
C LYS C 262 -69.86 9.83 36.70
N GLU C 263 -70.07 8.57 36.30
CA GLU C 263 -69.25 8.00 35.24
C GLU C 263 -69.58 8.71 33.95
N GLY C 264 -70.60 9.55 33.98
CA GLY C 264 -70.95 10.28 32.78
C GLY C 264 -69.73 11.05 32.33
N VAL C 265 -69.06 11.70 33.27
CA VAL C 265 -67.87 12.46 32.98
C VAL C 265 -66.65 11.56 32.85
N GLU C 266 -66.27 10.90 33.93
CA GLU C 266 -65.12 10.00 33.94
C GLU C 266 -65.03 9.13 32.66
N LYS C 267 -66.19 8.85 32.09
CA LYS C 267 -66.29 8.04 30.87
C LYS C 267 -65.71 8.81 29.69
N ASP C 268 -66.42 9.86 29.29
CA ASP C 268 -66.00 10.71 28.20
C ASP C 268 -65.28 11.91 28.82
N ARG C 269 -63.96 11.82 28.90
CA ARG C 269 -63.17 12.88 29.46
C ARG C 269 -61.97 13.15 28.55
N ILE C 270 -61.00 13.92 29.07
CA ILE C 270 -59.80 14.21 28.29
C ILE C 270 -58.75 13.26 28.82
N ASP C 271 -58.30 12.36 27.95
CA ASP C 271 -57.31 11.35 28.29
C ASP C 271 -56.05 11.96 28.87
N VAL C 272 -55.90 11.89 30.19
CA VAL C 272 -54.71 12.47 30.81
C VAL C 272 -54.20 11.69 32.00
N LEU C 273 -53.40 10.66 31.76
CA LEU C 273 -52.88 9.86 32.88
C LEU C 273 -52.62 10.70 34.14
N LYS C 274 -53.29 10.34 35.25
CA LYS C 274 -53.13 11.07 36.51
C LYS C 274 -52.31 10.23 37.45
N GLY C 275 -52.24 10.63 38.72
CA GLY C 275 -51.47 9.86 39.70
C GLY C 275 -50.00 9.60 39.32
N GLU C 276 -49.29 8.84 40.13
CA GLU C 276 -47.89 8.58 39.84
C GLU C 276 -47.66 8.04 38.44
N LYS C 277 -48.71 7.61 37.74
CA LYS C 277 -48.50 7.10 36.39
C LYS C 277 -47.96 8.24 35.55
N ALA C 278 -48.17 9.45 36.05
CA ALA C 278 -47.74 10.68 35.39
C ALA C 278 -46.50 11.21 36.09
N LEU C 279 -46.59 11.30 37.42
CA LEU C 279 -45.48 11.77 38.23
C LEU C 279 -44.16 11.15 37.76
N LYS C 280 -44.25 10.10 36.95
CA LYS C 280 -43.06 9.45 36.42
C LYS C 280 -42.58 10.11 35.15
N ALA C 281 -43.51 10.45 34.27
CA ALA C 281 -43.13 11.12 33.03
C ALA C 281 -42.80 12.56 33.35
N SER C 282 -43.44 13.05 34.40
CA SER C 282 -43.24 14.41 34.87
C SER C 282 -41.75 14.71 34.85
N GLY C 283 -41.06 14.22 35.86
CA GLY C 283 -39.64 14.44 35.97
C GLY C 283 -39.34 14.99 37.33
N LEU C 284 -40.35 15.65 37.91
CA LEU C 284 -40.21 16.23 39.24
C LEU C 284 -39.85 15.14 40.25
N VAL C 285 -39.21 15.54 41.34
CA VAL C 285 -38.85 14.61 42.39
C VAL C 285 -40.12 14.46 43.20
N PRO C 286 -40.68 13.23 43.23
CA PRO C 286 -41.91 12.89 43.94
C PRO C 286 -42.09 13.56 45.29
N GLU C 287 -41.00 13.73 46.02
CA GLU C 287 -41.10 14.37 47.32
C GLU C 287 -41.52 15.82 47.14
N HIS C 288 -40.88 16.48 46.17
CA HIS C 288 -41.17 17.87 45.86
C HIS C 288 -42.59 17.95 45.36
N ALA C 289 -42.91 17.19 44.32
CA ALA C 289 -44.25 17.20 43.78
C ALA C 289 -45.25 17.18 44.92
N ASP C 290 -45.09 16.23 45.82
CA ASP C 290 -45.98 16.08 46.97
C ASP C 290 -45.95 17.32 47.85
N ALA C 291 -44.78 17.92 47.93
CA ALA C 291 -44.59 19.13 48.72
C ALA C 291 -45.48 20.21 48.16
N PHE C 292 -45.46 20.31 46.83
CA PHE C 292 -46.23 21.26 46.03
C PHE C 292 -47.74 21.05 46.25
N LYS C 293 -48.11 19.77 46.31
CA LYS C 293 -49.47 19.31 46.53
C LYS C 293 -50.14 20.13 47.63
N LYS C 294 -49.37 20.60 48.59
CA LYS C 294 -49.88 21.41 49.68
C LYS C 294 -50.27 22.80 49.18
N ILE C 295 -49.28 23.55 48.72
CA ILE C 295 -49.49 24.90 48.24
C ILE C 295 -50.70 24.98 47.30
N ALA C 296 -50.69 24.17 46.25
CA ALA C 296 -51.79 24.15 45.28
C ALA C 296 -53.09 24.27 46.04
N ARG C 297 -53.20 23.48 47.09
CA ARG C 297 -54.38 23.46 47.91
C ARG C 297 -54.48 24.71 48.77
N GLU C 298 -53.54 24.92 49.68
CA GLU C 298 -53.64 26.10 50.55
C GLU C 298 -53.99 27.34 49.75
N LEU C 299 -53.19 27.64 48.72
CA LEU C 299 -53.37 28.80 47.86
C LEU C 299 -54.45 28.62 46.77
N ASN C 300 -54.83 27.39 46.50
CA ASN C 300 -55.88 27.16 45.52
C ASN C 300 -55.50 27.72 44.16
N THR C 301 -54.60 27.01 43.48
CA THR C 301 -54.15 27.45 42.18
C THR C 301 -53.44 26.30 41.50
N TYR C 302 -53.78 26.04 40.24
CA TYR C 302 -53.13 24.99 39.47
C TYR C 302 -51.65 25.30 39.26
N ILE C 303 -50.84 24.29 39.07
CA ILE C 303 -49.42 24.49 38.83
C ILE C 303 -49.05 23.61 37.65
N LEU C 304 -48.45 24.17 36.62
CA LEU C 304 -48.10 23.34 35.49
C LEU C 304 -46.64 23.45 35.28
N PHE C 305 -45.99 22.31 35.01
CA PHE C 305 -44.55 22.27 34.79
C PHE C 305 -44.22 21.72 33.43
N ARG C 306 -43.19 22.23 32.79
CA ARG C 306 -42.80 21.66 31.52
C ARG C 306 -42.00 20.41 31.90
N PRO C 307 -41.64 19.58 30.91
CA PRO C 307 -40.88 18.38 31.26
C PRO C 307 -39.54 18.65 31.94
N VAL C 308 -39.33 17.94 33.04
CA VAL C 308 -38.10 18.03 33.84
C VAL C 308 -37.30 16.78 33.49
N ASN C 309 -36.15 16.96 32.87
CA ASN C 309 -35.32 15.82 32.48
C ASN C 309 -35.23 14.67 33.50
N LYS C 310 -35.41 13.43 33.04
CA LYS C 310 -35.33 12.25 33.90
C LYS C 310 -33.91 12.17 34.40
N LEU C 311 -32.98 12.34 33.46
CA LEU C 311 -31.56 12.32 33.74
C LEU C 311 -31.12 13.35 34.75
N ALA C 312 -32.05 14.05 35.39
CA ALA C 312 -31.67 15.07 36.39
C ALA C 312 -32.55 15.02 37.63
N THR C 313 -33.54 14.14 37.61
CA THR C 313 -34.47 14.01 38.72
C THR C 313 -33.79 13.74 40.03
N ASN C 314 -33.03 12.66 40.07
CA ASN C 314 -32.33 12.28 41.28
C ASN C 314 -31.15 13.19 41.57
N LEU C 315 -30.54 13.77 40.53
CA LEU C 315 -29.42 14.68 40.75
C LEU C 315 -29.96 15.81 41.63
N ILE C 316 -31.27 15.92 41.68
CA ILE C 316 -31.92 16.93 42.48
C ILE C 316 -32.16 16.40 43.90
N LYS C 317 -32.95 15.33 44.03
CA LYS C 317 -33.24 14.76 45.36
C LYS C 317 -31.91 14.63 46.08
N SER C 318 -30.89 14.37 45.25
CA SER C 318 -29.51 14.23 45.67
C SER C 318 -29.10 15.49 46.40
N GLY C 319 -29.19 16.64 45.72
CA GLY C 319 -28.83 17.90 46.36
C GLY C 319 -28.14 18.82 45.38
N VAL C 320 -28.12 18.42 44.11
CA VAL C 320 -27.50 19.23 43.07
C VAL C 320 -28.38 20.43 42.80
N ALA C 321 -27.77 21.59 42.66
CA ALA C 321 -28.54 22.80 42.41
C ALA C 321 -29.12 22.78 41.00
N THR C 322 -29.94 23.78 40.71
CA THR C 322 -30.59 23.90 39.42
C THR C 322 -30.16 25.12 38.65
N LYS C 323 -30.28 25.03 37.34
CA LYS C 323 -29.93 26.10 36.41
C LYS C 323 -30.89 27.27 36.41
N GLY C 324 -30.33 28.46 36.56
CA GLY C 324 -31.13 29.66 36.55
C GLY C 324 -31.11 30.36 35.20
N LEU C 325 -31.18 31.68 35.22
CA LEU C 325 -31.17 32.41 33.98
C LEU C 325 -29.75 32.79 33.65
N ASN C 326 -28.93 32.79 34.70
CA ASN C 326 -27.52 33.12 34.59
C ASN C 326 -26.80 32.15 33.65
N VAL C 327 -27.29 30.92 33.52
CA VAL C 327 -26.61 29.98 32.63
C VAL C 327 -27.47 29.51 31.48
N HIS C 328 -26.96 29.66 30.26
CA HIS C 328 -27.66 29.23 29.06
C HIS C 328 -26.87 28.10 28.39
N GLY C 329 -26.08 27.38 29.18
CA GLY C 329 -25.31 26.28 28.66
C GLY C 329 -26.26 25.12 28.47
N LYS C 330 -25.86 24.15 27.66
CA LYS C 330 -26.72 23.02 27.39
C LYS C 330 -26.37 21.85 28.27
N SER C 331 -27.38 21.08 28.62
CA SER C 331 -27.17 19.92 29.46
C SER C 331 -26.56 18.83 28.62
N SER C 332 -26.69 17.60 29.10
CA SER C 332 -26.14 16.47 28.39
C SER C 332 -27.03 15.27 28.69
N ASP C 333 -26.95 14.29 27.80
CA ASP C 333 -27.71 13.07 27.92
C ASP C 333 -26.91 11.88 27.41
N TRP C 334 -25.85 11.57 28.15
CA TRP C 334 -24.95 10.45 27.86
C TRP C 334 -23.64 10.61 28.63
N GLY C 335 -23.06 9.48 29.01
CA GLY C 335 -21.80 9.49 29.72
C GLY C 335 -21.92 9.81 31.20
N PRO C 336 -20.78 9.96 31.89
CA PRO C 336 -20.78 10.26 33.33
C PRO C 336 -21.44 11.59 33.62
N VAL C 337 -21.09 12.60 32.82
CA VAL C 337 -21.60 13.95 32.96
C VAL C 337 -23.12 14.15 32.78
N ALA C 338 -23.77 13.23 32.07
CA ALA C 338 -25.21 13.33 31.83
C ALA C 338 -26.02 13.89 32.98
N GLY C 339 -26.84 14.90 32.70
CA GLY C 339 -27.66 15.49 33.73
C GLY C 339 -27.05 16.76 34.29
N TYR C 340 -25.77 16.98 34.00
CA TYR C 340 -25.04 18.15 34.46
C TYR C 340 -24.85 19.09 33.29
N ILE C 341 -24.36 20.30 33.55
CA ILE C 341 -24.12 21.25 32.48
C ILE C 341 -22.61 21.34 32.30
N PRO C 342 -22.02 20.41 31.53
CA PRO C 342 -20.57 20.40 31.31
C PRO C 342 -19.96 21.70 30.82
N PHE C 343 -18.91 22.16 31.50
CA PHE C 343 -18.26 23.39 31.06
C PHE C 343 -17.84 23.14 29.63
N ASP C 344 -17.50 21.89 29.35
CA ASP C 344 -17.09 21.50 28.02
C ASP C 344 -18.42 21.18 27.35
N GLN C 345 -18.74 21.88 26.26
CA GLN C 345 -19.99 21.67 25.55
C GLN C 345 -20.02 20.45 24.63
N ASP C 346 -18.85 20.02 24.13
CA ASP C 346 -18.80 18.85 23.25
C ASP C 346 -19.12 17.60 24.07
N LEU C 347 -19.45 17.81 25.33
CA LEU C 347 -19.78 16.75 26.25
C LEU C 347 -21.25 16.89 26.66
N SER C 348 -22.00 17.66 25.87
CA SER C 348 -23.42 17.92 26.09
C SER C 348 -24.14 17.56 24.81
N LYS C 349 -25.41 17.21 24.92
CA LYS C 349 -26.24 16.82 23.77
C LYS C 349 -25.63 17.21 22.44
N LYS C 350 -25.46 18.52 22.24
CA LYS C 350 -24.91 19.05 21.00
C LYS C 350 -23.47 18.59 20.78
N HIS C 351 -23.28 17.28 20.85
CA HIS C 351 -21.98 16.65 20.64
C HIS C 351 -21.67 16.53 19.15
N GLY C 352 -20.87 17.47 18.65
CA GLY C 352 -20.51 17.46 17.24
C GLY C 352 -20.83 18.78 16.54
N GLN C 353 -21.95 19.39 16.93
CA GLN C 353 -22.37 20.65 16.34
C GLN C 353 -21.25 21.65 16.50
N GLN C 354 -20.32 21.63 15.55
CA GLN C 354 -19.18 22.51 15.56
C GLN C 354 -19.51 23.96 15.92
N LEU C 355 -20.79 24.33 15.86
CA LEU C 355 -21.18 25.71 16.20
C LEU C 355 -22.06 25.81 17.43
N ALA C 356 -22.87 24.79 17.69
CA ALA C 356 -23.75 24.79 18.87
C ALA C 356 -22.88 24.68 20.10
N VAL C 357 -21.69 24.10 19.88
CA VAL C 357 -20.69 23.90 20.92
C VAL C 357 -19.78 25.11 20.87
N GLU C 358 -19.38 25.50 19.66
CA GLU C 358 -18.51 26.65 19.47
C GLU C 358 -19.16 27.85 20.15
N LYS C 359 -20.40 28.14 19.78
CA LYS C 359 -21.08 29.26 20.39
C LYS C 359 -21.63 28.76 21.71
N GLY C 360 -21.53 27.44 21.92
CA GLY C 360 -22.00 26.83 23.15
C GLY C 360 -21.08 27.12 24.33
N ASN C 361 -19.79 26.88 24.14
CA ASN C 361 -18.82 27.15 25.19
C ASN C 361 -18.86 28.65 25.42
N LEU C 362 -18.95 29.42 24.35
CA LEU C 362 -18.98 30.88 24.46
C LEU C 362 -20.01 31.36 25.48
N GLU C 363 -20.98 30.49 25.79
CA GLU C 363 -22.05 30.84 26.73
C GLU C 363 -21.66 30.64 28.20
N ASN C 364 -21.07 29.48 28.50
CA ASN C 364 -20.60 29.19 29.86
C ASN C 364 -19.57 30.23 30.21
N LYS C 365 -18.62 30.43 29.31
CA LYS C 365 -17.57 31.41 29.51
C LYS C 365 -18.13 32.77 29.92
N LYS C 366 -19.15 33.22 29.20
CA LYS C 366 -19.80 34.49 29.53
C LYS C 366 -20.51 34.29 30.87
N SER C 367 -21.26 33.20 30.98
CA SER C 367 -21.99 32.91 32.21
C SER C 367 -21.12 33.16 33.44
N ILE C 368 -19.82 32.87 33.31
CA ILE C 368 -18.86 33.03 34.40
C ILE C 368 -18.20 34.40 34.35
N THR C 369 -17.87 34.85 33.15
CA THR C 369 -17.24 36.14 32.95
C THR C 369 -18.07 37.23 33.62
N GLU C 370 -19.35 37.31 33.28
CA GLU C 370 -20.23 38.33 33.83
C GLU C 370 -20.62 38.10 35.28
N HIS C 371 -21.33 37.01 35.54
CA HIS C 371 -21.80 36.69 36.89
C HIS C 371 -20.81 35.95 37.79
N GLU C 372 -19.58 36.42 37.82
CA GLU C 372 -18.53 35.82 38.65
C GLU C 372 -18.95 35.72 40.12
N GLY C 373 -18.23 34.89 40.87
CA GLY C 373 -18.54 34.73 42.28
C GLY C 373 -19.86 34.07 42.57
N GLU C 374 -20.70 33.92 41.54
CA GLU C 374 -22.01 33.30 41.68
C GLU C 374 -22.13 32.09 40.73
N ILE C 375 -21.46 32.20 39.59
CA ILE C 375 -21.48 31.16 38.59
C ILE C 375 -20.05 30.78 38.22
N GLY C 376 -19.82 29.47 38.12
CA GLY C 376 -18.51 28.98 37.77
C GLY C 376 -18.50 27.48 37.54
N LYS C 377 -17.30 26.93 37.46
CA LYS C 377 -17.11 25.52 37.23
C LYS C 377 -16.36 24.75 38.35
N ILE C 378 -16.80 23.52 38.58
CA ILE C 378 -16.19 22.68 39.59
C ILE C 378 -16.14 21.23 39.11
N PRO C 379 -15.14 20.46 39.58
CA PRO C 379 -14.93 19.06 39.23
C PRO C 379 -16.11 18.16 39.49
N LEU C 380 -16.39 17.33 38.50
CA LEU C 380 -17.49 16.38 38.53
C LEU C 380 -17.22 15.33 39.58
N LYS C 381 -18.22 14.98 40.38
CA LYS C 381 -18.06 13.98 41.42
C LYS C 381 -19.25 13.03 41.50
N LEU C 382 -19.37 12.12 40.54
CA LEU C 382 -20.48 11.17 40.56
C LEU C 382 -20.42 10.39 41.84
N ASP C 383 -21.43 10.55 42.69
CA ASP C 383 -21.43 9.83 43.94
C ASP C 383 -21.72 8.33 43.71
N HIS C 384 -22.29 7.66 44.71
CA HIS C 384 -22.54 6.22 44.59
C HIS C 384 -23.83 5.87 43.85
N LEU C 385 -24.95 6.29 44.41
CA LEU C 385 -26.24 6.00 43.82
C LEU C 385 -26.26 6.37 42.36
N ARG C 386 -25.89 7.60 42.07
CA ARG C 386 -25.87 8.08 40.69
C ARG C 386 -25.24 7.03 39.76
N ILE C 387 -24.07 6.52 40.14
CA ILE C 387 -23.36 5.51 39.35
C ILE C 387 -24.28 4.33 39.07
N GLU C 388 -24.78 3.71 40.14
CA GLU C 388 -25.65 2.57 40.02
C GLU C 388 -26.90 2.92 39.23
N GLU C 389 -27.14 4.22 39.06
CA GLU C 389 -28.29 4.70 38.31
C GLU C 389 -27.97 4.84 36.84
N LEU C 390 -26.89 5.53 36.53
CA LEU C 390 -26.50 5.70 35.14
C LEU C 390 -26.25 4.29 34.61
N LYS C 391 -26.48 3.33 35.48
CA LYS C 391 -26.28 1.93 35.19
C LYS C 391 -27.30 1.39 34.19
N GLU C 392 -28.38 0.79 34.69
CA GLU C 392 -29.39 0.23 33.80
C GLU C 392 -29.77 1.22 32.72
N ASN C 393 -29.82 2.50 33.06
CA ASN C 393 -30.15 3.53 32.07
C ASN C 393 -29.20 3.35 30.88
N GLY C 394 -28.12 2.62 31.10
CA GLY C 394 -27.14 2.37 30.05
C GLY C 394 -26.31 3.57 29.66
N ILE C 395 -26.30 4.60 30.49
CA ILE C 395 -25.51 5.78 30.18
C ILE C 395 -24.02 5.47 30.30
N ILE C 396 -23.66 4.74 31.36
CA ILE C 396 -22.28 4.33 31.60
C ILE C 396 -22.20 2.84 31.93
N LEU C 397 -20.98 2.31 31.89
CA LEU C 397 -20.70 0.91 32.18
C LEU C 397 -19.42 0.81 33.01
N LYS C 398 -19.57 0.61 34.32
CA LYS C 398 -18.41 0.54 35.22
C LYS C 398 -17.72 -0.81 35.03
N GLY C 399 -16.43 -0.77 34.74
CA GLY C 399 -15.68 -2.01 34.52
C GLY C 399 -14.27 -2.09 35.06
N LYS C 400 -13.36 -2.61 34.25
CA LYS C 400 -11.96 -2.78 34.63
C LYS C 400 -11.38 -1.61 35.42
N LYS C 401 -10.41 -1.92 36.29
CA LYS C 401 -9.74 -0.91 37.10
C LYS C 401 -8.39 -0.59 36.48
N GLU C 402 -7.70 0.38 37.06
CA GLU C 402 -6.41 0.78 36.54
C GLU C 402 -5.64 1.60 37.55
N ILE C 403 -4.32 1.70 37.35
CA ILE C 403 -3.48 2.48 38.26
C ILE C 403 -2.65 3.55 37.58
N ASP C 404 -2.68 4.74 38.18
CA ASP C 404 -1.91 5.87 37.66
C ASP C 404 -1.43 6.74 38.78
N ASN C 405 -0.21 7.24 38.60
CA ASN C 405 0.42 8.09 39.60
C ASN C 405 0.18 7.60 41.03
N GLY C 406 -0.07 6.29 41.17
CA GLY C 406 -0.27 5.71 42.48
C GLY C 406 -1.69 5.62 43.02
N LYS C 407 -2.64 6.20 42.31
CA LYS C 407 -4.02 6.17 42.78
C LYS C 407 -4.87 5.21 41.97
N LYS C 408 -5.93 4.69 42.60
CA LYS C 408 -6.84 3.77 41.96
C LYS C 408 -7.87 4.50 41.10
N TYR C 409 -8.25 3.84 40.01
CA TYR C 409 -9.21 4.37 39.06
C TYR C 409 -10.08 3.26 38.46
N TYR C 410 -11.34 3.15 38.86
CA TYR C 410 -12.21 2.16 38.23
C TYR C 410 -12.49 2.89 36.93
N LEU C 411 -12.49 2.19 35.82
CA LEU C 411 -12.71 2.86 34.55
C LEU C 411 -14.20 2.95 34.21
N LEU C 412 -14.67 4.15 33.90
CA LEU C 412 -16.08 4.34 33.53
C LEU C 412 -16.20 4.29 32.02
N GLU C 413 -17.02 3.36 31.54
CA GLU C 413 -17.19 3.17 30.09
C GLU C 413 -18.43 3.81 29.48
N SER C 414 -18.26 4.28 28.24
CA SER C 414 -19.32 4.90 27.45
C SER C 414 -19.02 4.66 25.97
N ASN C 415 -20.05 4.32 25.21
CA ASN C 415 -19.88 4.03 23.80
C ASN C 415 -19.46 5.22 22.95
N ASN C 416 -19.43 6.41 23.53
CA ASN C 416 -19.01 7.56 22.77
C ASN C 416 -17.65 7.22 22.18
N GLN C 417 -17.44 7.53 20.91
CA GLN C 417 -16.19 7.23 20.24
C GLN C 417 -15.20 8.38 20.04
N VAL C 418 -15.04 9.23 21.05
CA VAL C 418 -14.07 10.33 20.97
C VAL C 418 -13.50 10.69 22.35
N TYR C 419 -14.23 10.30 23.40
CA TYR C 419 -13.80 10.57 24.77
C TYR C 419 -13.84 9.28 25.57
N GLU C 420 -12.87 9.12 26.46
CA GLU C 420 -12.79 7.95 27.33
C GLU C 420 -12.94 8.53 28.73
N PHE C 421 -13.66 7.84 29.60
CA PHE C 421 -13.86 8.38 30.94
C PHE C 421 -13.45 7.42 32.04
N ARG C 422 -13.01 7.97 33.18
CA ARG C 422 -12.60 7.18 34.33
C ARG C 422 -12.94 7.94 35.60
N ILE C 423 -13.36 7.25 36.64
CA ILE C 423 -13.68 7.96 37.86
C ILE C 423 -12.52 7.75 38.83
N SER C 424 -12.40 8.53 39.89
CA SER C 424 -11.29 8.31 40.80
C SER C 424 -11.77 7.36 41.88
N ASP C 425 -10.96 7.11 42.89
CA ASP C 425 -11.35 6.22 43.96
C ASP C 425 -11.34 6.97 45.28
N GLU C 426 -10.26 7.71 45.50
CA GLU C 426 -10.09 8.52 46.71
C GLU C 426 -11.30 9.43 46.75
N ASN C 427 -11.31 10.34 45.81
CA ASN C 427 -12.45 11.19 45.63
C ASN C 427 -13.04 10.56 44.39
N ASN C 428 -14.33 10.49 44.30
CA ASN C 428 -14.82 9.93 43.08
C ASN C 428 -15.08 11.10 42.17
N GLU C 429 -14.03 11.51 41.50
CA GLU C 429 -14.13 12.56 40.52
C GLU C 429 -14.24 11.83 39.19
N VAL C 430 -14.36 12.56 38.10
CA VAL C 430 -14.48 11.93 36.81
C VAL C 430 -13.56 12.62 35.82
N GLN C 431 -12.88 11.84 35.00
CA GLN C 431 -11.95 12.42 34.06
C GLN C 431 -12.13 11.83 32.69
N TYR C 432 -11.61 12.54 31.69
CA TYR C 432 -11.68 12.11 30.28
C TYR C 432 -10.50 12.64 29.48
N LYS C 433 -10.42 12.22 28.21
CA LYS C 433 -9.36 12.65 27.31
C LYS C 433 -9.75 12.31 25.87
N THR C 434 -9.16 13.01 24.91
CA THR C 434 -9.44 12.74 23.51
C THR C 434 -8.61 11.56 23.10
N LYS C 435 -9.25 10.39 22.95
CA LYS C 435 -8.57 9.16 22.55
C LYS C 435 -7.27 9.35 21.78
N GLU C 436 -6.32 8.43 21.99
CA GLU C 436 -5.01 8.48 21.35
C GLU C 436 -5.14 8.46 19.81
N GLY C 437 -6.27 7.93 19.34
CA GLY C 437 -6.51 7.87 17.90
C GLY C 437 -7.75 8.64 17.49
N LYS C 438 -7.79 9.93 17.78
CA LYS C 438 -8.94 10.74 17.41
C LYS C 438 -8.73 12.23 17.74
N ILE C 439 -9.75 13.04 17.48
CA ILE C 439 -9.71 14.46 17.74
C ILE C 439 -11.09 15.02 18.15
N THR C 440 -11.09 16.27 18.60
CA THR C 440 -12.29 16.97 19.03
C THR C 440 -12.72 17.90 17.90
N VAL C 441 -13.99 17.84 17.54
CA VAL C 441 -14.52 18.67 16.46
C VAL C 441 -13.98 20.09 16.39
N LEU C 442 -13.71 20.71 17.53
CA LEU C 442 -13.18 22.07 17.49
C LEU C 442 -11.71 22.04 17.11
N GLY C 443 -11.10 20.86 17.24
CA GLY C 443 -9.71 20.72 16.86
C GLY C 443 -8.80 20.62 18.06
N GLU C 444 -9.30 20.00 19.12
CA GLU C 444 -8.55 19.82 20.35
C GLU C 444 -8.21 18.37 20.68
N LYS C 445 -7.02 18.13 21.23
CA LYS C 445 -6.58 16.79 21.61
C LYS C 445 -5.91 16.86 22.98
N PHE C 446 -6.59 16.38 24.03
CA PHE C 446 -6.06 16.44 25.38
C PHE C 446 -6.04 15.13 26.15
N ASN C 447 -5.08 15.04 27.09
CA ASN C 447 -4.92 13.85 27.92
C ASN C 447 -5.69 14.00 29.23
N TRP C 448 -6.06 12.87 29.83
CA TRP C 448 -6.83 12.83 31.07
C TRP C 448 -6.95 14.13 31.84
N ARG C 449 -8.14 14.69 31.82
CA ARG C 449 -8.48 15.93 32.50
C ARG C 449 -9.72 15.71 33.34
N ASN C 450 -9.92 16.58 34.32
CA ASN C 450 -11.07 16.50 35.18
C ASN C 450 -12.28 17.10 34.43
N ILE C 451 -13.44 16.48 34.59
CA ILE C 451 -14.66 16.97 33.95
C ILE C 451 -15.29 18.03 34.86
N GLU C 452 -15.23 19.29 34.41
CA GLU C 452 -15.84 20.37 35.16
C GLU C 452 -17.28 20.50 34.70
N VAL C 453 -18.13 20.89 35.64
CA VAL C 453 -19.53 21.10 35.37
C VAL C 453 -19.78 22.55 35.74
N MET C 454 -20.98 23.06 35.47
CA MET C 454 -21.29 24.43 35.83
C MET C 454 -21.90 24.37 37.22
N ALA C 455 -21.66 25.42 38.00
CA ALA C 455 -22.19 25.48 39.36
C ALA C 455 -22.43 26.92 39.79
N LYS C 456 -23.58 27.14 40.41
CA LYS C 456 -23.91 28.47 40.90
C LYS C 456 -23.54 28.45 42.35
N ASN C 457 -23.60 29.61 42.96
CA ASN C 457 -23.27 29.76 44.35
C ASN C 457 -24.47 29.53 45.28
N VAL C 458 -24.33 28.59 46.20
CA VAL C 458 -25.42 28.32 47.11
C VAL C 458 -24.87 28.34 48.52
N GLU C 459 -25.25 29.34 49.31
CA GLU C 459 -24.77 29.45 50.69
C GLU C 459 -23.26 29.62 50.71
N GLY C 460 -22.71 30.18 49.63
CA GLY C 460 -21.28 30.40 49.57
C GLY C 460 -20.46 29.21 49.14
N VAL C 461 -21.04 28.31 48.37
CA VAL C 461 -20.29 27.16 47.92
C VAL C 461 -20.76 26.64 46.58
N LEU C 462 -19.90 26.77 45.56
CA LEU C 462 -20.25 26.29 44.22
C LEU C 462 -20.79 24.88 44.25
N LYS C 463 -22.02 24.71 43.76
CA LYS C 463 -22.65 23.40 43.67
C LYS C 463 -22.97 23.13 42.19
N PRO C 464 -22.75 21.89 41.72
CA PRO C 464 -23.02 21.56 40.32
C PRO C 464 -24.45 21.86 39.90
N LEU C 465 -24.64 22.13 38.61
CA LEU C 465 -25.97 22.46 38.11
C LEU C 465 -26.68 21.38 37.30
N THR C 466 -28.01 21.41 37.37
CA THR C 466 -28.84 20.45 36.66
C THR C 466 -30.17 21.14 36.33
N ALA C 467 -31.04 20.41 35.64
CA ALA C 467 -32.34 20.89 35.25
C ALA C 467 -33.14 21.43 36.44
N ASP C 468 -33.83 22.55 36.22
CA ASP C 468 -34.65 23.17 37.24
C ASP C 468 -36.11 22.91 36.90
N TYR C 469 -36.99 23.36 37.78
CA TYR C 469 -38.44 23.18 37.57
C TYR C 469 -39.04 24.35 36.80
N ASP C 470 -39.16 24.21 35.48
CA ASP C 470 -39.72 25.24 34.64
C ASP C 470 -41.23 25.25 34.66
N LEU C 471 -41.80 26.21 35.38
CA LEU C 471 -43.23 26.33 35.45
C LEU C 471 -43.79 26.68 34.07
N PHE C 472 -44.74 25.90 33.56
CA PHE C 472 -45.32 26.22 32.27
C PHE C 472 -46.32 27.35 32.49
N ALA C 473 -47.03 27.30 33.62
CA ALA C 473 -48.02 28.33 33.94
C ALA C 473 -48.50 28.19 35.37
N LEU C 474 -49.13 29.24 35.89
CA LEU C 474 -49.69 29.19 37.24
C LEU C 474 -51.13 29.70 37.20
N ALA C 475 -52.09 28.86 37.55
CA ALA C 475 -53.49 29.31 37.51
C ALA C 475 -54.11 29.51 38.88
N PRO C 476 -54.01 30.72 39.43
CA PRO C 476 -54.60 30.96 40.73
C PRO C 476 -56.10 31.20 40.60
N SER C 477 -56.82 30.91 41.67
CA SER C 477 -58.26 31.09 41.71
C SER C 477 -58.57 32.58 41.73
N LEU C 478 -59.55 32.98 40.92
CA LEU C 478 -59.93 34.38 40.84
C LEU C 478 -60.11 35.00 42.22
N THR C 479 -60.64 34.22 43.14
CA THR C 479 -60.89 34.70 44.50
C THR C 479 -59.63 34.87 45.32
N GLU C 480 -58.58 34.14 44.95
CA GLU C 480 -57.32 34.24 45.67
C GLU C 480 -56.63 35.52 45.22
N ILE C 481 -56.96 35.97 44.02
CA ILE C 481 -56.39 37.19 43.50
C ILE C 481 -57.08 38.31 44.24
N LYS C 482 -58.34 38.09 44.59
CA LYS C 482 -59.10 39.11 45.33
C LYS C 482 -58.37 39.43 46.63
N LYS C 483 -57.91 38.37 47.30
CA LYS C 483 -57.19 38.48 48.56
C LYS C 483 -55.86 39.19 48.35
N GLN C 484 -55.48 39.35 47.10
CA GLN C 484 -54.22 40.01 46.74
C GLN C 484 -54.37 41.53 46.86
N ILE C 485 -55.54 42.01 46.45
CA ILE C 485 -55.84 43.44 46.47
C ILE C 485 -55.98 43.96 47.88
N PRO C 486 -55.45 45.17 48.16
CA PRO C 486 -55.54 45.75 49.49
C PRO C 486 -56.93 46.30 49.79
N GLN C 487 -57.60 45.61 50.71
CA GLN C 487 -58.97 45.92 51.14
C GLN C 487 -59.46 47.32 50.89
N LYS C 488 -58.65 48.32 51.23
CA LYS C 488 -59.02 49.71 51.07
C LYS C 488 -59.17 50.17 49.62
N GLU C 489 -58.18 49.88 48.78
CA GLU C 489 -58.27 50.30 47.39
C GLU C 489 -59.56 49.75 46.78
N TRP C 490 -59.63 48.44 46.67
CA TRP C 490 -60.79 47.77 46.09
C TRP C 490 -62.06 48.31 46.69
N ASP C 491 -61.95 48.85 47.90
CA ASP C 491 -63.09 49.42 48.60
C ASP C 491 -63.38 50.77 47.96
N LYS C 492 -62.40 51.65 48.01
CA LYS C 492 -62.55 52.96 47.43
C LYS C 492 -63.00 52.90 45.96
N VAL C 493 -63.02 51.71 45.38
CA VAL C 493 -63.41 51.56 43.98
C VAL C 493 -64.85 51.20 43.75
N VAL C 494 -65.37 50.25 44.53
CA VAL C 494 -66.75 49.83 44.37
C VAL C 494 -67.72 50.94 44.76
N ASN C 495 -67.31 51.79 45.68
CA ASN C 495 -68.14 52.91 46.14
C ASN C 495 -68.51 53.86 44.99
N THR C 496 -67.71 53.87 43.93
CA THR C 496 -67.95 54.71 42.78
C THR C 496 -69.43 54.79 42.46
N PRO C 497 -69.91 55.97 42.04
CA PRO C 497 -71.33 56.15 41.70
C PRO C 497 -71.59 55.58 40.31
N ASN C 498 -70.79 56.03 39.35
CA ASN C 498 -70.91 55.60 37.97
C ASN C 498 -70.70 54.09 37.80
N SER C 499 -71.73 53.42 37.30
CA SER C 499 -71.71 51.97 37.10
C SER C 499 -70.62 51.50 36.13
N LEU C 500 -70.64 52.00 34.92
CA LEU C 500 -69.65 51.61 33.95
C LEU C 500 -68.23 51.96 34.41
N GLU C 501 -68.11 52.96 35.28
CA GLU C 501 -66.82 53.37 35.80
C GLU C 501 -66.38 52.30 36.82
N LYS C 502 -67.33 51.83 37.62
CA LYS C 502 -67.07 50.79 38.61
C LYS C 502 -66.41 49.59 37.91
N GLN C 503 -67.02 49.14 36.82
CA GLN C 503 -66.49 48.01 36.05
C GLN C 503 -65.04 48.31 35.74
N LYS C 504 -64.82 49.34 34.92
CA LYS C 504 -63.46 49.73 34.56
C LYS C 504 -62.64 49.73 35.83
N GLY C 505 -63.04 50.54 36.79
CA GLY C 505 -62.34 50.60 38.06
C GLY C 505 -61.89 49.23 38.56
N VAL C 506 -62.78 48.25 38.50
CA VAL C 506 -62.46 46.90 38.96
C VAL C 506 -61.47 46.18 38.04
N THR C 507 -61.85 46.02 36.78
CA THR C 507 -61.01 45.36 35.78
C THR C 507 -59.54 45.74 35.97
N ASN C 508 -59.27 47.04 36.05
CA ASN C 508 -57.91 47.51 36.26
C ASN C 508 -57.39 46.87 37.52
N LEU C 509 -58.14 46.99 38.61
CA LEU C 509 -57.71 46.38 39.88
C LEU C 509 -57.28 44.95 39.67
N LEU C 510 -58.05 44.22 38.87
CA LEU C 510 -57.80 42.82 38.54
C LEU C 510 -56.57 42.73 37.64
N ILE C 511 -56.32 43.78 36.85
CA ILE C 511 -55.16 43.84 35.98
C ILE C 511 -53.99 44.20 36.88
N LYS C 512 -54.16 45.29 37.62
CA LYS C 512 -53.15 45.78 38.54
C LYS C 512 -52.59 44.72 39.49
N TYR C 513 -53.49 43.97 40.14
CA TYR C 513 -53.08 42.96 41.12
C TYR C 513 -53.14 41.51 40.65
N GLY C 514 -53.29 41.27 39.37
CA GLY C 514 -53.37 39.88 38.96
C GLY C 514 -52.95 39.51 37.56
N ILE C 515 -53.05 40.44 36.62
CA ILE C 515 -52.66 40.14 35.25
C ILE C 515 -51.32 40.76 34.88
N GLU C 516 -50.99 41.88 35.50
CA GLU C 516 -49.75 42.57 35.18
C GLU C 516 -48.51 41.80 35.54
N ARG C 517 -47.53 41.89 34.66
CA ARG C 517 -46.26 41.24 34.84
C ARG C 517 -45.13 42.20 34.55
N LYS C 518 -44.31 42.49 35.56
CA LYS C 518 -43.16 43.37 35.44
C LYS C 518 -41.92 42.51 35.27
N PRO C 519 -40.82 43.08 34.76
CA PRO C 519 -39.62 42.28 34.61
C PRO C 519 -38.96 42.15 35.99
N ASP C 520 -37.72 41.66 36.04
CA ASP C 520 -37.08 41.51 37.33
C ASP C 520 -35.62 41.11 37.28
N SER C 521 -34.91 41.60 38.28
CA SER C 521 -33.49 41.40 38.49
C SER C 521 -33.03 40.00 38.17
N THR C 522 -33.71 39.03 38.75
CA THR C 522 -33.37 37.64 38.57
C THR C 522 -34.45 36.70 38.12
N LYS C 523 -35.54 36.64 38.87
CA LYS C 523 -36.62 35.72 38.55
C LYS C 523 -37.23 35.90 37.18
N GLY C 524 -36.49 36.50 36.26
CA GLY C 524 -36.97 36.69 34.91
C GLY C 524 -38.11 37.68 34.86
N THR C 525 -39.19 37.28 34.21
CA THR C 525 -40.39 38.14 34.10
C THR C 525 -41.58 37.44 34.74
N LEU C 526 -42.20 38.07 35.73
CA LEU C 526 -43.34 37.45 36.41
C LEU C 526 -44.16 38.41 37.23
N SER C 527 -45.34 37.98 37.63
CA SER C 527 -46.20 38.85 38.41
C SER C 527 -45.79 38.73 39.86
N ASN C 528 -46.21 39.70 40.66
CA ASN C 528 -45.88 39.72 42.08
C ASN C 528 -46.36 38.48 42.79
N TRP C 529 -47.62 38.10 42.58
CA TRP C 529 -48.09 36.91 43.24
C TRP C 529 -47.25 35.78 42.68
N GLN C 530 -47.09 35.75 41.36
CA GLN C 530 -46.27 34.72 40.75
C GLN C 530 -44.97 34.54 41.52
N LYS C 531 -44.46 35.62 42.09
CA LYS C 531 -43.21 35.53 42.83
C LYS C 531 -43.47 34.90 44.17
N GLN C 532 -44.44 35.43 44.91
CA GLN C 532 -44.74 34.89 46.23
C GLN C 532 -44.92 33.40 46.04
N MET C 533 -45.67 33.03 45.01
CA MET C 533 -45.88 31.63 44.72
C MET C 533 -44.51 30.99 44.57
N LEU C 534 -43.66 31.61 43.78
CA LEU C 534 -42.34 31.06 43.56
C LEU C 534 -41.65 30.68 44.86
N ASP C 535 -41.72 31.54 45.87
CA ASP C 535 -41.10 31.23 47.16
C ASP C 535 -41.80 30.08 47.85
N ARG C 536 -43.12 30.16 48.02
CA ARG C 536 -43.84 29.09 48.68
C ARG C 536 -43.59 27.73 48.06
N LEU C 537 -43.10 27.72 46.83
CA LEU C 537 -42.80 26.45 46.18
C LEU C 537 -41.43 26.01 46.66
N ASN C 538 -40.46 26.93 46.59
CA ASN C 538 -39.08 26.62 47.01
C ASN C 538 -38.95 26.33 48.50
N GLU C 539 -39.51 27.20 49.35
CA GLU C 539 -39.44 26.97 50.80
C GLU C 539 -40.26 25.74 51.16
N ALA C 540 -41.03 25.25 50.17
CA ALA C 540 -41.85 24.07 50.36
C ALA C 540 -41.02 22.82 50.07
N VAL C 541 -40.10 22.90 49.11
CA VAL C 541 -39.25 21.76 48.80
C VAL C 541 -37.97 21.94 49.56
N LYS C 542 -37.98 22.88 50.49
CA LYS C 542 -36.82 23.16 51.31
C LYS C 542 -37.02 22.42 52.63
N TYR C 543 -38.25 22.50 53.17
CA TYR C 543 -38.61 21.84 54.42
C TYR C 543 -38.70 20.34 54.19
N THR C 544 -38.58 19.93 52.94
CA THR C 544 -38.64 18.52 52.61
C THR C 544 -37.26 17.98 52.89
N GLY C 545 -36.24 18.78 52.58
CA GLY C 545 -34.87 18.36 52.81
C GLY C 545 -33.88 18.75 51.74
N TYR C 546 -34.35 19.40 50.68
CA TYR C 546 -33.47 19.82 49.58
C TYR C 546 -32.44 20.83 50.12
N THR C 547 -31.16 20.61 49.82
CA THR C 547 -30.09 21.52 50.26
C THR C 547 -29.25 21.93 49.07
N GLY C 548 -29.75 22.89 48.31
CA GLY C 548 -29.02 23.34 47.15
C GLY C 548 -29.74 24.53 46.57
N GLY C 549 -30.52 25.17 47.42
CA GLY C 549 -31.24 26.34 46.99
C GLY C 549 -32.65 26.08 46.51
N ASP C 550 -33.06 26.89 45.56
CA ASP C 550 -34.39 26.84 44.96
C ASP C 550 -34.45 25.88 43.78
N VAL C 551 -35.66 25.49 43.43
CA VAL C 551 -35.84 24.57 42.33
C VAL C 551 -36.68 25.24 41.24
N VAL C 552 -37.28 26.38 41.58
CA VAL C 552 -38.08 27.17 40.62
C VAL C 552 -37.39 28.54 40.66
N ASN C 553 -36.61 28.83 39.63
CA ASN C 553 -35.85 30.07 39.60
C ASN C 553 -36.43 31.26 38.88
N HIS C 554 -37.13 31.02 37.79
CA HIS C 554 -37.70 32.11 37.03
C HIS C 554 -39.23 32.03 36.88
N GLY C 555 -39.78 33.03 36.17
CA GLY C 555 -41.22 33.11 35.91
C GLY C 555 -41.80 32.03 35.00
N THR C 556 -43.10 32.11 34.73
CA THR C 556 -43.77 31.09 33.90
C THR C 556 -43.64 31.19 32.40
N GLU C 557 -43.26 30.08 31.77
CA GLU C 557 -43.11 30.00 30.32
C GLU C 557 -44.12 30.81 29.50
N GLN C 558 -45.24 31.19 30.14
CA GLN C 558 -46.25 31.97 29.43
C GLN C 558 -45.79 33.42 29.32
N ASP C 559 -44.54 33.65 29.64
CA ASP C 559 -43.94 34.98 29.55
C ASP C 559 -42.66 34.88 28.74
N ASN C 560 -42.39 33.67 28.30
CA ASN C 560 -41.24 33.38 27.48
C ASN C 560 -41.59 33.85 26.06
N GLU C 561 -41.87 35.14 25.95
CA GLU C 561 -42.24 35.75 24.67
C GLU C 561 -41.10 35.72 23.65
N GLU C 562 -39.88 35.67 24.15
CA GLU C 562 -38.71 35.66 23.30
C GLU C 562 -38.48 34.31 22.67
N PHE C 563 -38.12 33.32 23.48
CA PHE C 563 -37.83 31.97 22.98
C PHE C 563 -38.80 30.93 23.52
N PRO C 564 -40.08 31.07 23.15
CA PRO C 564 -41.13 30.15 23.58
C PRO C 564 -40.90 28.78 22.99
N GLU C 565 -41.05 27.77 23.85
CA GLU C 565 -40.90 26.39 23.44
C GLU C 565 -42.30 25.80 23.50
N LYS C 566 -42.49 24.69 22.80
CA LYS C 566 -43.78 23.99 22.76
C LYS C 566 -43.64 22.54 23.24
N ASP C 567 -43.85 22.30 24.53
CA ASP C 567 -43.74 20.95 25.04
C ASP C 567 -45.05 20.18 24.91
N ASN C 568 -44.97 18.91 24.53
CA ASN C 568 -46.18 18.12 24.40
C ASN C 568 -46.83 17.86 25.74
N GLU C 569 -46.15 17.08 26.55
CA GLU C 569 -46.64 16.70 27.88
C GLU C 569 -46.39 17.77 28.95
N ILE C 570 -47.46 18.17 29.65
CA ILE C 570 -47.37 19.16 30.70
C ILE C 570 -47.90 18.56 32.00
N PHE C 571 -47.08 18.60 33.04
CA PHE C 571 -47.45 18.08 34.35
C PHE C 571 -48.23 19.18 35.06
N ILE C 572 -49.38 18.82 35.64
CA ILE C 572 -50.22 19.79 36.35
C ILE C 572 -50.62 19.28 37.71
N ILE C 573 -50.71 20.16 38.70
CA ILE C 573 -51.08 19.78 40.04
C ILE C 573 -52.25 20.65 40.44
N ASN C 574 -53.47 20.20 40.17
CA ASN C 574 -54.68 20.97 40.47
C ASN C 574 -54.80 21.43 41.90
N PRO C 575 -55.78 22.28 42.15
CA PRO C 575 -56.00 22.80 43.50
C PRO C 575 -56.38 21.74 44.53
N GLU C 576 -56.83 20.58 44.06
CA GLU C 576 -57.21 19.49 44.95
C GLU C 576 -55.99 18.66 45.37
N GLY C 577 -54.89 18.78 44.63
CA GLY C 577 -53.70 18.02 44.96
C GLY C 577 -53.61 16.73 44.18
N GLU C 578 -54.09 16.76 42.94
CA GLU C 578 -54.06 15.60 42.08
C GLU C 578 -53.11 15.77 40.90
N PHE C 579 -52.10 14.90 40.80
CA PHE C 579 -51.16 15.00 39.70
C PHE C 579 -51.84 14.59 38.40
N ILE C 580 -51.46 15.26 37.31
CA ILE C 580 -52.02 15.01 35.98
C ILE C 580 -50.95 15.42 34.97
N LEU C 581 -51.03 14.88 33.77
CA LEU C 581 -50.07 15.21 32.73
C LEU C 581 -50.73 14.98 31.39
N THR C 582 -50.71 16.00 30.55
CA THR C 582 -51.33 15.92 29.22
C THR C 582 -50.42 15.25 28.17
N LYS C 583 -50.91 15.04 26.96
CA LYS C 583 -50.09 14.39 25.95
C LYS C 583 -49.91 15.23 24.69
N ASN C 584 -50.85 16.15 24.49
CA ASN C 584 -50.83 17.01 23.31
C ASN C 584 -50.79 18.47 23.67
N TRP C 585 -50.36 19.26 22.70
CA TRP C 585 -50.32 20.69 22.86
C TRP C 585 -51.78 21.09 22.83
N GLU C 586 -52.56 20.21 22.22
CA GLU C 586 -54.00 20.39 22.07
C GLU C 586 -54.69 20.00 23.37
N MET C 587 -54.40 18.80 23.84
CA MET C 587 -54.99 18.30 25.08
C MET C 587 -54.76 19.31 26.18
N THR C 588 -53.54 19.84 26.21
CA THR C 588 -53.16 20.83 27.21
C THR C 588 -54.11 21.98 27.03
N GLY C 589 -54.15 22.50 25.82
CA GLY C 589 -55.05 23.61 25.54
C GLY C 589 -56.47 23.27 25.94
N ARG C 590 -56.92 22.08 25.55
CA ARG C 590 -58.27 21.57 25.83
C ARG C 590 -58.50 21.37 27.32
N PHE C 591 -57.44 21.00 28.03
CA PHE C 591 -57.56 20.80 29.47
C PHE C 591 -57.74 22.17 30.10
N ILE C 592 -56.80 23.06 29.81
CA ILE C 592 -56.83 24.42 30.36
C ILE C 592 -58.14 25.14 30.06
N GLU C 593 -58.79 24.83 28.94
CA GLU C 593 -60.05 25.49 28.63
C GLU C 593 -61.17 25.01 29.54
N LYS C 594 -61.23 23.69 29.71
CA LYS C 594 -62.25 23.07 30.53
C LYS C 594 -62.12 23.35 32.02
N ASN C 595 -60.91 23.26 32.55
CA ASN C 595 -60.71 23.47 33.97
C ASN C 595 -60.24 24.86 34.37
N ILE C 596 -59.14 25.33 33.79
CA ILE C 596 -58.63 26.66 34.15
C ILE C 596 -59.44 27.81 33.52
N THR C 597 -59.51 27.87 32.20
CA THR C 597 -60.25 28.93 31.53
C THR C 597 -61.68 29.03 32.05
N GLY C 598 -62.55 28.18 31.52
CA GLY C 598 -63.95 28.21 31.92
C GLY C 598 -64.25 27.66 33.29
N LYS C 599 -63.64 28.21 34.34
CA LYS C 599 -63.90 27.72 35.70
C LYS C 599 -63.49 28.64 36.87
N ASP C 600 -63.35 29.94 36.62
CA ASP C 600 -63.02 30.91 37.67
C ASP C 600 -61.58 31.01 38.11
N TYR C 601 -60.66 30.62 37.25
CA TYR C 601 -59.26 30.75 37.58
C TYR C 601 -58.66 31.73 36.59
N LEU C 602 -57.68 32.50 37.06
CA LEU C 602 -57.02 33.45 36.21
C LEU C 602 -55.93 32.76 35.47
N TYR C 603 -55.90 32.93 34.16
CA TYR C 603 -54.84 32.34 33.36
C TYR C 603 -54.70 33.25 32.17
N TYR C 604 -53.48 33.46 31.69
CA TYR C 604 -53.22 34.26 30.48
C TYR C 604 -52.25 33.45 29.66
N PHE C 605 -52.24 33.62 28.35
CA PHE C 605 -51.32 32.81 27.56
C PHE C 605 -50.26 33.60 26.82
N ASN C 606 -49.07 33.01 26.75
CA ASN C 606 -47.91 33.63 26.11
C ASN C 606 -48.24 34.63 25.00
N ARG C 607 -47.90 35.89 25.24
CA ARG C 607 -48.21 36.93 24.26
C ARG C 607 -47.71 36.64 22.86
N SER C 608 -46.79 35.71 22.69
CA SER C 608 -46.28 35.46 21.35
C SER C 608 -47.05 34.38 20.62
N TYR C 609 -48.06 33.81 21.27
CA TYR C 609 -48.86 32.77 20.63
C TYR C 609 -49.67 33.31 19.46
N ASN C 610 -49.60 32.56 18.38
CA ASN C 610 -50.28 32.90 17.15
C ASN C 610 -49.52 33.99 16.41
N LYS C 611 -48.43 34.48 17.02
CA LYS C 611 -47.58 35.50 16.40
C LYS C 611 -46.29 34.79 16.00
N ILE C 612 -45.23 35.53 15.67
CA ILE C 612 -43.99 34.89 15.25
C ILE C 612 -42.85 35.25 16.16
N ALA C 613 -42.81 34.55 17.29
CA ALA C 613 -41.81 34.74 18.33
C ALA C 613 -40.44 35.11 17.74
N PRO C 614 -40.03 36.39 17.91
CA PRO C 614 -38.78 36.96 17.41
C PRO C 614 -37.54 36.08 17.61
N GLY C 615 -37.18 35.87 18.88
CA GLY C 615 -36.02 35.05 19.20
C GLY C 615 -35.82 33.83 18.33
N ASN C 616 -36.59 32.77 18.60
CA ASN C 616 -36.45 31.54 17.85
C ASN C 616 -37.35 31.52 16.64
N LYS C 617 -37.91 32.69 16.32
CA LYS C 617 -38.79 32.83 15.16
C LYS C 617 -39.73 31.61 15.09
N ALA C 618 -40.47 31.39 16.17
CA ALA C 618 -41.36 30.25 16.24
C ALA C 618 -42.82 30.65 16.17
N TYR C 619 -43.63 29.77 15.58
CA TYR C 619 -45.05 30.01 15.46
C TYR C 619 -45.74 28.91 16.27
N ILE C 620 -46.25 29.28 17.44
CA ILE C 620 -46.95 28.35 18.32
C ILE C 620 -48.39 28.81 18.49
N GLU C 621 -49.32 27.95 18.06
CA GLU C 621 -50.78 28.17 18.08
C GLU C 621 -51.48 27.94 19.43
N TRP C 622 -52.44 28.81 19.74
CA TRP C 622 -53.23 28.73 20.98
C TRP C 622 -54.59 29.36 20.74
N THR C 623 -55.66 28.58 20.87
CA THR C 623 -57.01 29.12 20.64
C THR C 623 -57.24 30.45 21.33
N ASP C 624 -57.49 31.49 20.52
CA ASP C 624 -57.73 32.82 21.06
C ASP C 624 -59.19 33.20 20.80
N PRO C 625 -59.99 33.25 21.86
CA PRO C 625 -61.40 33.60 21.75
C PRO C 625 -61.59 34.84 20.90
N ILE C 626 -60.87 35.90 21.26
CA ILE C 626 -61.00 37.13 20.54
C ILE C 626 -60.92 36.95 19.04
N THR C 627 -59.84 36.36 18.59
CA THR C 627 -59.64 36.13 17.18
C THR C 627 -60.77 35.29 16.55
N LYS C 628 -61.45 34.49 17.37
CA LYS C 628 -62.57 33.65 16.92
C LYS C 628 -63.65 34.57 16.35
N ALA C 629 -64.08 35.52 17.20
CA ALA C 629 -65.09 36.49 16.86
C ALA C 629 -64.62 37.55 15.87
N LYS C 630 -63.38 37.46 15.42
CA LYS C 630 -62.92 38.45 14.45
C LYS C 630 -63.75 38.30 13.17
N ILE C 631 -63.75 37.08 12.61
CA ILE C 631 -64.48 36.75 11.39
C ILE C 631 -65.68 37.65 11.13
N ASN C 632 -66.45 37.93 12.17
CA ASN C 632 -67.58 38.82 11.95
C ASN C 632 -67.65 40.02 12.86
N THR C 633 -66.58 40.79 12.83
CA THR C 633 -66.53 42.02 13.60
C THR C 633 -65.94 43.12 12.72
N ILE C 634 -66.69 44.21 12.55
CA ILE C 634 -66.20 45.28 11.69
C ILE C 634 -64.93 45.85 12.26
N PRO C 635 -63.87 46.00 11.43
CA PRO C 635 -62.59 46.55 11.87
C PRO C 635 -62.74 47.91 12.48
N THR C 636 -61.70 48.35 13.16
CA THR C 636 -61.72 49.65 13.79
C THR C 636 -60.89 50.61 12.93
N SER C 637 -61.02 51.90 13.18
CA SER C 637 -60.27 52.89 12.45
C SER C 637 -58.82 52.46 12.46
N ALA C 638 -58.30 52.35 13.67
CA ALA C 638 -56.92 52.00 13.93
C ALA C 638 -56.52 50.60 13.47
N GLU C 639 -57.42 49.64 13.60
CA GLU C 639 -57.07 48.30 13.16
C GLU C 639 -56.95 48.31 11.63
N PHE C 640 -57.62 49.29 11.02
CA PHE C 640 -57.65 49.45 9.57
C PHE C 640 -56.36 50.07 9.10
N ILE C 641 -56.10 51.26 9.58
CA ILE C 641 -54.89 51.97 9.20
C ILE C 641 -53.69 51.08 9.51
N LYS C 642 -53.78 50.30 10.57
CA LYS C 642 -52.69 49.41 10.94
C LYS C 642 -52.38 48.51 9.76
N ASN C 643 -53.38 47.74 9.32
CA ASN C 643 -53.25 46.82 8.19
C ASN C 643 -52.73 47.50 6.94
N LEU C 644 -53.09 48.77 6.74
CA LEU C 644 -52.60 49.48 5.57
C LEU C 644 -51.10 49.60 5.73
N SER C 645 -50.66 50.12 6.87
CA SER C 645 -49.24 50.29 7.17
C SER C 645 -48.44 49.00 6.92
N SER C 646 -48.96 47.89 7.43
CA SER C 646 -48.33 46.58 7.27
C SER C 646 -48.01 46.27 5.82
N ILE C 647 -49.04 46.21 4.99
CA ILE C 647 -48.91 45.93 3.56
C ILE C 647 -47.92 46.89 2.89
N ARG C 648 -47.99 48.17 3.26
CA ARG C 648 -47.10 49.17 2.71
C ARG C 648 -45.71 48.59 2.87
N ARG C 649 -45.34 48.30 4.11
CA ARG C 649 -44.03 47.74 4.42
C ARG C 649 -43.75 46.36 3.80
N SER C 650 -44.80 45.70 3.33
CA SER C 650 -44.67 44.38 2.72
C SER C 650 -44.43 44.40 1.22
N SER C 651 -45.22 45.19 0.49
CA SER C 651 -45.07 45.30 -0.96
C SER C 651 -44.44 46.63 -1.33
N ASN C 652 -43.90 47.35 -0.35
CA ASN C 652 -43.30 48.66 -0.58
C ASN C 652 -44.12 49.54 -1.54
N VAL C 653 -45.44 49.29 -1.57
CA VAL C 653 -46.39 50.03 -2.38
C VAL C 653 -47.62 50.29 -1.48
N GLY C 654 -47.95 51.56 -1.25
CA GLY C 654 -49.10 51.93 -0.42
C GLY C 654 -50.43 52.04 -1.17
N VAL C 655 -51.54 52.06 -0.43
CA VAL C 655 -52.88 52.16 -1.04
C VAL C 655 -52.94 53.34 -1.97
N TYR C 656 -52.07 54.32 -1.75
CA TYR C 656 -52.07 55.48 -2.60
C TYR C 656 -50.66 56.06 -2.60
N LYS C 657 -50.20 56.48 -3.77
CA LYS C 657 -48.87 57.03 -3.88
C LYS C 657 -48.89 58.54 -3.72
N ASP C 658 -47.73 59.08 -3.39
CA ASP C 658 -47.55 60.51 -3.22
C ASP C 658 -47.21 61.01 -4.62
N SER C 659 -48.25 61.24 -5.43
CA SER C 659 -48.07 61.70 -6.79
C SER C 659 -49.03 62.81 -7.16
N GLY C 660 -49.08 63.12 -8.45
CA GLY C 660 -49.96 64.16 -8.92
C GLY C 660 -51.26 63.58 -9.43
N ASP C 661 -51.26 62.28 -9.78
CA ASP C 661 -52.48 61.66 -10.28
C ASP C 661 -53.63 62.08 -9.39
N LYS C 662 -54.74 62.46 -9.99
CA LYS C 662 -55.90 62.89 -9.22
C LYS C 662 -56.83 61.73 -8.88
N ASP C 663 -56.46 60.55 -9.33
CA ASP C 663 -57.26 59.37 -9.07
C ASP C 663 -56.60 58.70 -7.88
N GLU C 664 -55.35 59.07 -7.66
CA GLU C 664 -54.57 58.55 -6.56
C GLU C 664 -55.21 59.20 -5.34
N PHE C 665 -55.14 60.52 -5.30
CA PHE C 665 -55.73 61.32 -4.23
C PHE C 665 -57.16 60.82 -3.97
N ALA C 666 -57.91 60.52 -5.03
CA ALA C 666 -59.26 60.01 -4.86
C ALA C 666 -59.20 58.85 -3.86
N LYS C 667 -58.35 57.88 -4.20
CA LYS C 667 -58.15 56.70 -3.37
C LYS C 667 -57.79 57.12 -1.98
N LYS C 668 -56.83 58.03 -1.82
CA LYS C 668 -56.49 58.51 -0.48
C LYS C 668 -57.75 59.04 0.19
N GLU C 669 -58.38 60.02 -0.46
CA GLU C 669 -59.58 60.66 0.06
C GLU C 669 -60.60 59.61 0.44
N SER C 670 -60.66 58.55 -0.35
CA SER C 670 -61.63 57.51 -0.07
C SER C 670 -61.33 56.61 1.09
N VAL C 671 -60.05 56.28 1.33
CA VAL C 671 -59.76 55.43 2.48
C VAL C 671 -60.04 56.28 3.70
N LYS C 672 -59.65 57.55 3.65
CA LYS C 672 -59.90 58.43 4.76
C LYS C 672 -61.39 58.41 5.08
N LYS C 673 -62.21 58.13 4.07
CA LYS C 673 -63.65 58.08 4.27
C LYS C 673 -64.07 56.82 5.02
N ILE C 674 -63.38 55.71 4.77
CA ILE C 674 -63.67 54.44 5.44
C ILE C 674 -63.17 54.55 6.87
N ALA C 675 -61.95 55.09 7.00
CA ALA C 675 -61.32 55.30 8.29
C ALA C 675 -62.21 56.16 9.14
N GLY C 676 -63.26 56.69 8.51
CA GLY C 676 -64.20 57.53 9.24
C GLY C 676 -65.36 56.64 9.64
N TYR C 677 -66.05 56.10 8.65
CA TYR C 677 -67.17 55.25 8.95
C TYR C 677 -66.76 54.26 10.05
N LEU C 678 -65.72 53.47 9.80
CA LEU C 678 -65.27 52.50 10.79
C LEU C 678 -65.12 53.15 12.14
N SER C 679 -64.61 54.36 12.14
CA SER C 679 -64.43 55.04 13.38
C SER C 679 -65.74 55.46 13.99
N ASP C 680 -66.72 55.75 13.12
CA ASP C 680 -68.08 56.19 13.49
C ASP C 680 -68.88 55.06 14.13
N TYR C 681 -68.69 53.86 13.60
CA TYR C 681 -69.35 52.66 14.10
C TYR C 681 -69.15 52.58 15.63
N TYR C 682 -67.89 52.57 16.05
CA TYR C 682 -67.54 52.48 17.46
C TYR C 682 -67.59 53.85 18.12
N ASN C 683 -68.80 54.36 18.29
CA ASN C 683 -68.97 55.66 18.94
C ASN C 683 -69.47 55.44 20.34
N SER C 684 -68.86 56.13 21.29
CA SER C 684 -69.26 55.99 22.68
C SER C 684 -70.62 56.58 23.03
N ALA C 685 -71.06 57.60 22.30
CA ALA C 685 -72.37 58.16 22.59
C ALA C 685 -73.50 57.23 22.11
N ASN C 686 -73.17 56.05 21.61
CA ASN C 686 -74.20 55.11 21.16
C ASN C 686 -75.08 54.64 22.31
N HIS C 687 -74.79 55.06 23.54
CA HIS C 687 -75.59 54.64 24.69
C HIS C 687 -76.87 55.45 24.83
N ILE C 688 -76.79 56.76 24.56
CA ILE C 688 -77.97 57.62 24.64
C ILE C 688 -79.03 57.16 23.64
N PHE C 689 -78.88 55.94 23.15
CA PHE C 689 -79.85 55.40 22.23
C PHE C 689 -80.38 54.13 22.85
N SER C 690 -81.12 53.34 22.08
CA SER C 690 -81.69 52.08 22.59
C SER C 690 -81.24 50.90 21.76
N GLN C 691 -81.03 49.75 22.39
CA GLN C 691 -80.57 48.53 21.68
C GLN C 691 -81.16 48.42 20.27
N GLU C 692 -82.45 48.71 20.14
CA GLU C 692 -83.11 48.68 18.84
C GLU C 692 -82.32 49.59 17.88
N LYS C 693 -82.25 50.88 18.21
CA LYS C 693 -81.55 51.87 17.39
C LYS C 693 -80.11 51.45 17.17
N LYS C 694 -79.40 51.23 18.27
CA LYS C 694 -78.01 50.82 18.24
C LYS C 694 -77.76 49.91 17.06
N ARG C 695 -78.45 48.77 16.99
CA ARG C 695 -78.24 47.85 15.87
C ARG C 695 -78.39 48.57 14.53
N LYS C 696 -79.57 49.14 14.32
CA LYS C 696 -79.89 49.88 13.10
C LYS C 696 -78.84 50.94 12.81
N ILE C 697 -78.77 51.96 13.67
CA ILE C 697 -77.82 53.06 13.54
C ILE C 697 -76.40 52.60 13.16
N SER C 698 -76.06 51.36 13.54
CA SER C 698 -74.74 50.75 13.27
C SER C 698 -74.75 49.90 12.03
N ILE C 699 -75.89 49.25 11.76
CA ILE C 699 -76.01 48.43 10.57
C ILE C 699 -75.84 49.36 9.38
N PHE C 700 -76.08 50.65 9.60
CA PHE C 700 -75.94 51.60 8.52
C PHE C 700 -74.51 52.06 8.45
N ARG C 701 -74.03 52.59 9.57
CA ARG C 701 -72.66 53.05 9.70
C ARG C 701 -71.78 52.01 9.03
N GLY C 702 -72.03 50.74 9.38
CA GLY C 702 -71.27 49.64 8.83
C GLY C 702 -71.43 49.62 7.34
N ILE C 703 -72.68 49.61 6.88
CA ILE C 703 -73.00 49.58 5.45
C ILE C 703 -72.30 50.69 4.68
N GLN C 704 -72.26 51.86 5.30
CA GLN C 704 -71.61 53.02 4.71
C GLN C 704 -70.22 52.61 4.32
N ALA C 705 -69.49 52.09 5.30
CA ALA C 705 -68.13 51.66 5.09
C ALA C 705 -68.06 50.63 3.97
N TYR C 706 -68.90 49.58 4.08
CA TYR C 706 -68.91 48.54 3.07
C TYR C 706 -68.99 49.17 1.71
N ASN C 707 -69.68 50.29 1.63
CA ASN C 707 -69.80 50.96 0.35
C ASN C 707 -68.45 51.51 -0.12
N GLU C 708 -67.96 52.57 0.50
CA GLU C 708 -66.68 53.15 0.09
C GLU C 708 -65.65 52.09 -0.22
N ILE C 709 -65.75 50.92 0.39
CA ILE C 709 -64.78 49.87 0.09
C ILE C 709 -65.11 49.39 -1.33
N GLU C 710 -66.35 48.93 -1.51
CA GLU C 710 -66.84 48.45 -2.82
C GLU C 710 -66.48 49.52 -3.84
N ASN C 711 -66.52 50.76 -3.39
CA ASN C 711 -66.22 51.93 -4.19
C ASN C 711 -64.76 51.86 -4.68
N VAL C 712 -63.82 51.94 -3.74
CA VAL C 712 -62.38 51.89 -4.06
C VAL C 712 -61.97 50.63 -4.80
N LEU C 713 -62.57 49.51 -4.41
CA LEU C 713 -62.30 48.21 -5.02
C LEU C 713 -62.54 48.32 -6.54
N LYS C 714 -63.43 49.22 -6.92
CA LYS C 714 -63.73 49.50 -8.34
C LYS C 714 -63.13 50.90 -8.66
N SER C 715 -61.90 51.21 -8.25
CA SER C 715 -61.36 52.59 -8.47
C SER C 715 -60.44 52.84 -9.68
N LYS C 716 -59.13 52.70 -9.46
CA LYS C 716 -58.11 52.78 -10.52
C LYS C 716 -57.28 51.58 -10.08
N GLN C 717 -56.03 51.48 -10.53
CA GLN C 717 -55.26 50.32 -10.13
C GLN C 717 -54.76 50.39 -8.69
N ILE C 718 -55.21 49.44 -7.87
CA ILE C 718 -54.79 49.36 -6.50
C ILE C 718 -54.18 47.97 -6.40
N ALA C 719 -52.92 47.93 -6.00
CA ALA C 719 -52.21 46.67 -5.86
C ALA C 719 -53.13 45.56 -5.39
N PRO C 720 -53.02 44.36 -6.00
CA PRO C 720 -53.87 43.24 -5.60
C PRO C 720 -53.69 42.80 -4.13
N GLU C 721 -52.49 43.02 -3.57
CA GLU C 721 -52.24 42.64 -2.19
C GLU C 721 -53.26 43.37 -1.33
N TYR C 722 -53.59 44.59 -1.76
CA TYR C 722 -54.57 45.44 -1.10
C TYR C 722 -55.96 45.01 -1.57
N LYS C 723 -56.07 44.76 -2.87
CA LYS C 723 -57.32 44.34 -3.46
C LYS C 723 -57.92 43.22 -2.64
N ASN C 724 -57.05 42.34 -2.17
CA ASN C 724 -57.46 41.18 -1.36
C ASN C 724 -57.91 41.62 0.02
N TYR C 725 -57.07 42.39 0.71
CA TYR C 725 -57.42 42.89 2.04
C TYR C 725 -58.80 43.50 1.99
N PHE C 726 -58.96 44.53 1.16
CA PHE C 726 -60.25 45.17 1.04
C PHE C 726 -61.29 44.08 0.85
N GLN C 727 -60.92 43.03 0.13
CA GLN C 727 -61.85 41.94 -0.10
C GLN C 727 -62.21 41.30 1.25
N TYR C 728 -61.20 41.10 2.07
CA TYR C 728 -61.35 40.51 3.39
C TYR C 728 -62.31 41.37 4.20
N LEU C 729 -61.96 42.66 4.34
CA LEU C 729 -62.80 43.61 5.09
C LEU C 729 -64.26 43.46 4.72
N LYS C 730 -64.54 43.38 3.42
CA LYS C 730 -65.93 43.24 2.98
C LYS C 730 -66.66 42.15 3.74
N GLU C 731 -66.09 40.96 3.74
CA GLU C 731 -66.72 39.83 4.41
C GLU C 731 -66.94 40.11 5.89
N ARG C 732 -65.99 40.77 6.53
CA ARG C 732 -66.14 41.10 7.95
C ARG C 732 -67.43 41.93 8.03
N ILE C 733 -67.41 43.11 7.41
CA ILE C 733 -68.56 44.01 7.39
C ILE C 733 -69.83 43.25 7.13
N THR C 734 -69.85 42.50 6.01
CA THR C 734 -71.00 41.69 5.64
C THR C 734 -71.39 40.90 6.89
N ASN C 735 -70.52 39.99 7.29
CA ASN C 735 -70.71 39.15 8.48
C ASN C 735 -71.26 39.93 9.67
N GLN C 736 -70.62 41.05 9.99
CA GLN C 736 -71.04 41.87 11.13
C GLN C 736 -72.46 42.37 10.97
N VAL C 737 -72.73 43.04 9.86
CA VAL C 737 -74.06 43.58 9.61
C VAL C 737 -75.09 42.47 9.60
N GLN C 738 -74.71 41.29 9.15
CA GLN C 738 -75.66 40.19 9.16
C GLN C 738 -76.03 39.92 10.61
N LEU C 739 -75.01 39.82 11.46
CA LEU C 739 -75.21 39.56 12.88
C LEU C 739 -76.20 40.54 13.50
N LEU C 740 -75.99 41.83 13.25
CA LEU C 740 -76.86 42.87 13.79
C LEU C 740 -78.30 42.75 13.32
N LEU C 741 -78.47 42.11 12.15
CA LEU C 741 -79.76 41.89 11.52
C LEU C 741 -80.43 40.62 11.93
N THR C 742 -79.69 39.55 12.08
CA THR C 742 -80.43 38.38 12.47
C THR C 742 -80.66 38.51 13.95
N HIS C 743 -79.96 39.46 14.55
CA HIS C 743 -80.14 39.65 15.98
C HIS C 743 -81.51 40.29 16.23
N GLN C 744 -82.08 40.98 15.23
CA GLN C 744 -83.34 41.71 15.41
C GLN C 744 -84.53 41.10 14.66
N LYS C 745 -84.53 41.28 13.35
CA LYS C 745 -85.57 40.67 12.54
C LYS C 745 -84.76 39.71 11.64
N SER C 746 -85.36 38.66 11.08
CA SER C 746 -84.60 37.58 10.37
C SER C 746 -84.52 37.34 8.87
N ASN C 747 -85.45 37.83 8.09
CA ASN C 747 -85.43 37.55 6.65
C ASN C 747 -84.33 38.27 5.86
N ILE C 748 -84.29 39.58 6.03
CA ILE C 748 -83.37 40.47 5.30
C ILE C 748 -81.92 40.00 5.17
N GLU C 749 -81.56 39.51 3.98
CA GLU C 749 -80.19 39.07 3.71
C GLU C 749 -79.38 40.30 3.35
N PHE C 750 -78.17 40.39 3.89
CA PHE C 750 -77.32 41.54 3.62
C PHE C 750 -77.23 41.89 2.15
N LYS C 751 -76.87 40.92 1.30
CA LYS C 751 -76.75 41.18 -0.12
C LYS C 751 -77.97 41.92 -0.68
N LEU C 752 -79.16 41.40 -0.39
CA LEU C 752 -80.40 42.02 -0.86
C LEU C 752 -80.58 43.42 -0.31
N LEU C 753 -80.62 43.55 1.01
CA LEU C 753 -80.78 44.87 1.66
C LEU C 753 -79.91 45.90 0.99
N TYR C 754 -78.70 45.48 0.60
CA TYR C 754 -77.75 46.40 -0.03
C TYR C 754 -78.36 46.91 -1.33
N LYS C 755 -78.58 45.98 -2.27
CA LYS C 755 -79.18 46.31 -3.55
C LYS C 755 -80.11 47.52 -3.44
N GLN C 756 -81.11 47.39 -2.57
CA GLN C 756 -82.11 48.44 -2.35
C GLN C 756 -81.58 49.76 -1.81
N LEU C 757 -80.33 50.09 -2.07
CA LEU C 757 -79.79 51.34 -1.58
C LEU C 757 -79.39 52.34 -2.67
N ASN C 758 -79.54 53.63 -2.36
CA ASN C 758 -79.23 54.71 -3.28
C ASN C 758 -78.02 55.52 -2.78
N PHE C 759 -76.81 55.13 -3.18
CA PHE C 759 -75.61 55.83 -2.74
C PHE C 759 -75.05 56.80 -3.78
N THR C 760 -75.92 57.21 -4.71
CA THR C 760 -75.54 58.14 -5.78
C THR C 760 -75.10 59.48 -5.19
N GLU C 761 -76.08 60.37 -5.00
CA GLU C 761 -75.83 61.71 -4.47
C GLU C 761 -76.29 61.87 -3.03
N ASN C 762 -77.60 61.83 -2.80
CA ASN C 762 -78.17 61.98 -1.47
C ASN C 762 -78.20 60.72 -0.63
N GLU C 763 -77.71 60.85 0.61
CA GLU C 763 -77.64 59.76 1.59
C GLU C 763 -78.81 59.92 2.56
N THR C 764 -79.23 61.16 2.75
CA THR C 764 -80.33 61.54 3.63
C THR C 764 -81.48 60.54 3.68
N ASP C 765 -82.40 60.66 2.74
CA ASP C 765 -83.55 59.77 2.68
C ASP C 765 -83.17 58.29 2.66
N ASN C 766 -81.99 57.99 2.13
CA ASN C 766 -81.53 56.61 2.05
C ASN C 766 -81.63 55.95 3.42
N PHE C 767 -81.29 56.72 4.46
CA PHE C 767 -81.37 56.20 5.83
C PHE C 767 -82.82 55.96 6.24
N GLU C 768 -83.70 56.90 5.89
CA GLU C 768 -85.12 56.75 6.23
C GLU C 768 -85.62 55.48 5.54
N VAL C 769 -85.03 55.20 4.38
CA VAL C 769 -85.38 54.02 3.60
C VAL C 769 -84.97 52.81 4.41
N PHE C 770 -83.69 52.74 4.71
CA PHE C 770 -83.12 51.66 5.50
C PHE C 770 -84.08 51.24 6.61
N GLN C 771 -84.59 52.23 7.33
CA GLN C 771 -85.52 51.95 8.42
C GLN C 771 -86.70 51.15 7.88
N LYS C 772 -87.37 51.70 6.86
CA LYS C 772 -88.51 51.01 6.28
C LYS C 772 -88.07 49.67 5.72
N ILE C 773 -86.85 49.61 5.22
CA ILE C 773 -86.35 48.36 4.67
C ILE C 773 -86.41 47.29 5.75
N ILE C 774 -86.41 47.72 7.01
CA ILE C 774 -86.48 46.78 8.13
C ILE C 774 -87.82 46.83 8.87
N ASP C 775 -88.84 46.18 8.29
CA ASP C 775 -90.18 46.11 8.84
C ASP C 775 -90.93 44.94 8.22
N ASN D 41 -59.46 12.18 -53.52
CA ASN D 41 -59.12 10.84 -54.09
C ASN D 41 -60.29 10.24 -54.89
N ASN D 42 -60.05 9.97 -56.18
CA ASN D 42 -61.10 9.36 -57.00
C ASN D 42 -60.96 7.86 -56.75
N LEU D 43 -62.06 7.28 -56.26
CA LEU D 43 -62.10 5.86 -55.92
C LEU D 43 -62.23 4.91 -57.11
N VAL D 44 -63.10 5.23 -58.06
CA VAL D 44 -63.26 4.35 -59.19
C VAL D 44 -62.15 4.47 -60.20
N LYS D 45 -61.76 3.33 -60.74
CA LYS D 45 -60.73 3.25 -61.72
C LYS D 45 -61.30 2.35 -62.79
N THR D 46 -61.67 2.91 -63.93
CA THR D 46 -62.21 2.12 -65.04
C THR D 46 -61.04 1.99 -65.98
N GLU D 47 -60.48 0.81 -66.17
CA GLU D 47 -59.30 0.88 -66.97
C GLU D 47 -59.28 0.73 -68.46
N PHE D 48 -60.27 0.09 -69.04
CA PHE D 48 -60.21 -0.02 -70.48
C PHE D 48 -61.65 0.18 -70.98
N THR D 49 -61.98 1.38 -71.46
CA THR D 49 -63.35 1.67 -71.95
C THR D 49 -63.63 0.90 -73.27
N ASN D 50 -63.46 -0.41 -73.18
CA ASN D 50 -63.57 -1.35 -74.29
C ASN D 50 -64.96 -1.64 -74.80
N GLU D 51 -65.83 -2.14 -73.95
CA GLU D 51 -67.19 -2.40 -74.41
C GLU D 51 -67.90 -1.02 -74.57
N THR D 52 -69.05 -0.96 -75.29
CA THR D 52 -69.79 0.31 -75.59
C THR D 52 -70.21 1.17 -74.41
N LEU D 53 -71.40 0.98 -73.90
CA LEU D 53 -71.82 1.67 -72.68
C LEU D 53 -72.17 0.51 -71.79
N ASP D 54 -71.89 -0.70 -72.31
CA ASP D 54 -72.20 -1.91 -71.59
C ASP D 54 -71.25 -2.21 -70.45
N LYS D 55 -69.94 -2.25 -70.70
CA LYS D 55 -69.06 -2.51 -69.56
C LYS D 55 -69.29 -1.35 -68.59
N ILE D 56 -69.39 -0.16 -69.15
CA ILE D 56 -69.62 1.04 -68.36
C ILE D 56 -70.95 0.94 -67.63
N GLN D 57 -72.04 0.98 -68.40
CA GLN D 57 -73.40 0.92 -67.86
C GLN D 57 -73.57 -0.27 -66.94
N GLN D 58 -72.51 -1.03 -66.75
CA GLN D 58 -72.57 -2.18 -65.89
C GLN D 58 -71.79 -1.88 -64.64
N THR D 59 -70.64 -1.24 -64.81
CA THR D 59 -69.86 -0.88 -63.66
C THR D 59 -70.74 0.12 -62.93
N GLN D 60 -71.38 1.02 -63.68
CA GLN D 60 -72.24 2.01 -63.05
C GLN D 60 -73.31 1.29 -62.24
N ASP D 61 -74.28 0.68 -62.92
CA ASP D 61 -75.35 -0.02 -62.21
C ASP D 61 -74.75 -0.73 -61.01
N LEU D 62 -73.60 -1.36 -61.20
CA LEU D 62 -72.96 -2.07 -60.10
C LEU D 62 -72.77 -1.18 -58.89
N LEU D 63 -71.93 -0.16 -59.07
CA LEU D 63 -71.60 0.79 -58.03
C LEU D 63 -72.79 1.49 -57.41
N LYS D 64 -73.64 2.08 -58.25
CA LYS D 64 -74.80 2.82 -57.76
C LYS D 64 -75.67 1.98 -56.83
N LYS D 65 -75.52 0.67 -56.90
CA LYS D 65 -76.29 -0.20 -56.02
C LYS D 65 -75.61 -0.30 -54.64
N ILE D 66 -74.37 0.16 -54.57
CA ILE D 66 -73.60 0.15 -53.33
C ILE D 66 -73.85 1.51 -52.66
N PRO D 67 -73.91 1.55 -51.32
CA PRO D 67 -74.16 2.82 -50.62
C PRO D 67 -73.05 3.86 -50.74
N LYS D 68 -73.42 5.06 -51.16
CA LYS D 68 -72.47 6.16 -51.36
C LYS D 68 -71.54 6.37 -50.18
N ASP D 69 -71.88 5.79 -49.04
CA ASP D 69 -71.05 5.93 -47.84
C ASP D 69 -70.09 4.76 -47.68
N VAL D 70 -70.54 3.57 -48.07
CA VAL D 70 -69.71 2.38 -47.97
C VAL D 70 -68.45 2.66 -48.78
N LEU D 71 -68.61 3.44 -49.84
CA LEU D 71 -67.50 3.80 -50.69
C LEU D 71 -66.66 4.81 -49.92
N GLU D 72 -67.35 5.81 -49.38
CA GLU D 72 -66.69 6.84 -48.60
C GLU D 72 -65.78 6.20 -47.58
N ILE D 73 -66.24 5.13 -46.96
CA ILE D 73 -65.43 4.41 -45.98
C ILE D 73 -64.25 3.84 -46.74
N TYR D 74 -64.57 3.10 -47.78
CA TYR D 74 -63.54 2.51 -48.59
C TYR D 74 -62.52 3.57 -48.97
N SER D 75 -63.02 4.69 -49.50
CA SER D 75 -62.14 5.78 -49.92
C SER D 75 -61.24 6.23 -48.78
N GLU D 76 -61.85 6.71 -47.69
CA GLU D 76 -61.08 7.18 -46.54
C GLU D 76 -60.09 6.11 -46.11
N LEU D 77 -60.47 4.85 -46.26
CA LEU D 77 -59.59 3.76 -45.89
C LEU D 77 -58.44 3.70 -46.89
N GLY D 78 -58.32 4.75 -47.70
CA GLY D 78 -57.27 4.77 -48.70
C GLY D 78 -57.47 3.66 -49.71
N GLY D 79 -58.72 3.29 -49.96
CA GLY D 79 -59.00 2.23 -50.92
C GLY D 79 -59.22 2.73 -52.33
N GLU D 80 -59.19 1.80 -53.29
CA GLU D 80 -59.40 2.14 -54.69
C GLU D 80 -60.14 0.97 -55.33
N ILE D 81 -61.01 1.23 -56.29
CA ILE D 81 -61.73 0.12 -56.90
C ILE D 81 -61.33 0.03 -58.35
N TYR D 82 -60.97 -1.18 -58.77
CA TYR D 82 -60.52 -1.37 -60.14
C TYR D 82 -61.48 -2.14 -61.04
N PHE D 83 -62.09 -1.41 -61.97
CA PHE D 83 -63.00 -1.98 -62.93
C PHE D 83 -62.20 -2.01 -64.22
N THR D 84 -61.39 -3.05 -64.37
CA THR D 84 -60.59 -3.21 -65.58
C THR D 84 -61.39 -4.12 -66.54
N ASP D 85 -61.01 -4.14 -67.83
CA ASP D 85 -61.74 -4.81 -68.93
C ASP D 85 -61.98 -6.33 -68.98
N ILE D 86 -60.96 -7.05 -69.38
CA ILE D 86 -60.96 -8.51 -69.31
C ILE D 86 -59.55 -8.68 -68.76
N ASP D 87 -59.46 -8.82 -67.47
CA ASP D 87 -58.20 -9.04 -66.82
C ASP D 87 -58.60 -10.03 -65.73
N LEU D 88 -58.88 -11.22 -66.09
CA LEU D 88 -59.17 -12.24 -65.09
C LEU D 88 -58.01 -12.66 -64.16
N VAL D 89 -57.04 -13.38 -64.72
CA VAL D 89 -55.93 -13.95 -63.97
C VAL D 89 -54.99 -12.96 -63.25
N GLU D 90 -53.93 -13.50 -62.65
CA GLU D 90 -52.92 -12.72 -61.95
C GLU D 90 -52.34 -11.86 -63.05
N HIS D 91 -53.18 -11.00 -63.62
CA HIS D 91 -52.75 -10.21 -64.75
C HIS D 91 -52.84 -8.70 -64.63
N LYS D 92 -53.63 -8.18 -63.70
CA LYS D 92 -53.74 -6.74 -63.64
C LYS D 92 -52.55 -6.09 -62.97
N GLU D 93 -52.29 -4.84 -63.35
CA GLU D 93 -51.16 -4.11 -62.81
C GLU D 93 -51.00 -4.23 -61.30
N LEU D 94 -52.05 -4.66 -60.62
CA LEU D 94 -51.99 -4.80 -59.17
C LEU D 94 -52.27 -6.23 -58.69
N GLN D 95 -52.37 -7.17 -59.62
CA GLN D 95 -52.67 -8.56 -59.25
C GLN D 95 -51.49 -9.54 -59.09
N ASP D 96 -50.27 -9.04 -59.18
CA ASP D 96 -49.10 -9.90 -59.00
C ASP D 96 -48.75 -9.88 -57.51
N LEU D 97 -48.14 -10.95 -57.00
CA LEU D 97 -47.78 -11.08 -55.58
C LEU D 97 -47.65 -9.80 -54.74
N SER D 98 -48.24 -9.82 -53.55
CA SER D 98 -48.19 -8.70 -52.60
C SER D 98 -48.59 -9.22 -51.19
N GLU D 99 -49.85 -9.59 -51.03
CA GLU D 99 -50.38 -10.14 -49.78
C GLU D 99 -51.61 -10.97 -50.18
N GLU D 100 -51.34 -12.02 -50.96
CA GLU D 100 -52.39 -12.90 -51.49
C GLU D 100 -52.79 -14.10 -50.61
N GLU D 101 -53.12 -15.20 -51.28
CA GLU D 101 -53.55 -16.45 -50.65
C GLU D 101 -52.54 -17.01 -49.67
N LYS D 102 -52.79 -16.80 -48.38
CA LYS D 102 -51.94 -17.29 -47.30
C LYS D 102 -52.75 -18.35 -46.51
N ASN D 103 -54.03 -18.04 -46.26
CA ASN D 103 -54.98 -18.94 -45.55
C ASN D 103 -56.31 -19.01 -46.39
N SER D 104 -57.25 -19.96 -46.15
CA SER D 104 -58.42 -20.13 -47.05
C SER D 104 -59.90 -19.79 -46.85
N MET D 105 -60.29 -19.00 -45.89
CA MET D 105 -61.71 -18.62 -45.85
C MET D 105 -61.92 -17.65 -47.05
N ASN D 106 -62.30 -18.09 -48.26
CA ASN D 106 -62.42 -17.11 -49.34
C ASN D 106 -63.81 -16.60 -49.73
N SER D 107 -64.57 -17.36 -50.50
CA SER D 107 -65.90 -16.87 -50.90
C SER D 107 -67.01 -17.09 -49.88
N ARG D 108 -68.27 -17.04 -50.33
CA ARG D 108 -69.42 -17.27 -49.44
C ARG D 108 -69.21 -18.65 -48.78
N GLY D 109 -68.42 -19.49 -49.47
CA GLY D 109 -67.99 -20.81 -49.00
C GLY D 109 -66.47 -20.76 -49.10
N GLU D 110 -65.72 -21.56 -48.39
CA GLU D 110 -64.31 -21.41 -48.67
C GLU D 110 -64.08 -22.30 -49.92
N LYS D 111 -63.59 -21.73 -51.02
CA LYS D 111 -63.39 -22.51 -52.25
C LYS D 111 -61.98 -22.32 -52.85
N VAL D 112 -61.46 -21.09 -52.77
CA VAL D 112 -60.14 -20.70 -53.25
C VAL D 112 -59.64 -21.11 -54.66
N PRO D 113 -60.52 -21.02 -55.71
CA PRO D 113 -60.11 -21.37 -57.08
C PRO D 113 -59.83 -20.09 -57.91
N PHE D 114 -58.65 -19.51 -57.71
CA PHE D 114 -58.25 -18.26 -58.36
C PHE D 114 -58.57 -17.99 -59.82
N ALA D 115 -58.02 -18.77 -60.75
CA ALA D 115 -58.27 -18.54 -62.17
C ALA D 115 -59.74 -18.38 -62.57
N SER D 116 -60.65 -18.69 -61.65
CA SER D 116 -62.07 -18.58 -61.94
C SER D 116 -62.69 -17.29 -61.37
N ARG D 117 -61.91 -16.54 -60.62
CA ARG D 117 -62.40 -15.31 -60.01
C ARG D 117 -62.51 -14.13 -60.96
N PHE D 118 -63.44 -13.24 -60.64
CA PHE D 118 -63.68 -12.02 -61.42
C PHE D 118 -63.71 -10.82 -60.47
N VAL D 119 -63.46 -11.10 -59.20
CA VAL D 119 -63.44 -10.09 -58.18
C VAL D 119 -62.38 -10.48 -57.17
N PHE D 120 -61.72 -9.48 -56.57
CA PHE D 120 -60.70 -9.76 -55.56
C PHE D 120 -60.33 -8.53 -54.71
N GLU D 121 -59.86 -8.83 -53.48
CA GLU D 121 -59.48 -7.84 -52.48
C GLU D 121 -58.00 -7.89 -52.10
N LYS D 122 -57.27 -6.84 -52.46
CA LYS D 122 -55.87 -6.72 -52.01
C LYS D 122 -56.21 -6.31 -50.56
N LYS D 123 -55.97 -7.19 -49.61
CA LYS D 123 -56.38 -6.97 -48.22
C LYS D 123 -55.53 -6.27 -47.15
N ARG D 124 -54.33 -5.74 -47.40
CA ARG D 124 -53.60 -5.26 -46.19
C ARG D 124 -53.51 -3.78 -45.73
N GLU D 125 -52.51 -3.04 -46.19
CA GLU D 125 -52.36 -1.64 -45.78
C GLU D 125 -53.55 -0.80 -46.26
N THR D 126 -53.68 -0.70 -47.58
CA THR D 126 -54.75 0.04 -48.26
C THR D 126 -55.59 -0.95 -49.06
N PRO D 127 -56.92 -0.90 -48.89
CA PRO D 127 -57.75 -1.85 -49.63
C PRO D 127 -57.73 -1.62 -51.15
N LYS D 128 -57.77 -2.72 -51.91
CA LYS D 128 -57.76 -2.65 -53.37
C LYS D 128 -58.75 -3.62 -53.99
N LEU D 129 -59.93 -3.10 -54.31
CA LEU D 129 -60.95 -3.93 -54.90
C LEU D 129 -60.72 -3.92 -56.40
N ILE D 130 -60.71 -5.12 -56.99
CA ILE D 130 -60.52 -5.27 -58.42
C ILE D 130 -61.57 -6.18 -59.04
N ILE D 131 -62.33 -5.60 -59.96
CA ILE D 131 -63.40 -6.31 -60.64
C ILE D 131 -63.24 -6.12 -62.12
N ASN D 132 -63.72 -7.07 -62.88
CA ASN D 132 -63.65 -6.98 -64.33
C ASN D 132 -64.98 -7.48 -64.85
N ILE D 133 -65.29 -7.13 -66.09
CA ILE D 133 -66.55 -7.56 -66.67
C ILE D 133 -66.36 -8.00 -68.12
N LYS D 134 -66.99 -9.10 -68.54
CA LYS D 134 -66.84 -9.56 -69.92
C LYS D 134 -68.09 -9.30 -70.73
N ASP D 135 -69.11 -10.13 -70.67
CA ASP D 135 -70.23 -9.62 -71.38
C ASP D 135 -71.37 -9.39 -70.39
N TYR D 136 -72.56 -9.13 -70.88
CA TYR D 136 -73.70 -8.78 -70.06
C TYR D 136 -74.16 -9.53 -68.75
N ALA D 137 -73.51 -10.56 -68.19
CA ALA D 137 -74.25 -11.32 -67.12
C ALA D 137 -74.23 -11.11 -65.57
N ILE D 138 -74.78 -10.06 -64.99
CA ILE D 138 -74.75 -9.99 -63.53
C ILE D 138 -76.14 -10.04 -62.84
N ASN D 139 -77.21 -9.84 -63.61
CA ASN D 139 -78.59 -9.80 -63.05
C ASN D 139 -79.55 -11.01 -62.97
N SER D 140 -79.43 -12.02 -63.84
CA SER D 140 -80.36 -13.16 -63.77
C SER D 140 -80.20 -13.96 -62.47
N GLU D 141 -78.98 -14.45 -62.25
CA GLU D 141 -78.65 -15.20 -61.06
C GLU D 141 -77.55 -14.34 -60.44
N GLN D 142 -77.96 -13.23 -59.85
CA GLN D 142 -77.03 -12.31 -59.22
C GLN D 142 -76.25 -13.00 -58.11
N SER D 143 -76.48 -14.31 -57.97
CA SER D 143 -75.77 -15.11 -56.97
C SER D 143 -74.28 -14.96 -57.25
N LYS D 144 -73.97 -14.18 -58.29
CA LYS D 144 -72.60 -13.90 -58.71
C LYS D 144 -72.18 -12.51 -58.21
N GLU D 145 -72.99 -11.50 -58.51
CA GLU D 145 -72.67 -10.15 -58.07
C GLU D 145 -72.54 -10.11 -56.55
N VAL D 146 -73.19 -11.06 -55.89
CA VAL D 146 -73.15 -11.15 -54.43
C VAL D 146 -71.70 -11.26 -53.95
N TYR D 147 -70.79 -11.64 -54.85
CA TYR D 147 -69.39 -11.77 -54.48
C TYR D 147 -68.71 -10.44 -54.63
N TYR D 148 -69.21 -9.62 -55.54
CA TYR D 148 -68.65 -8.31 -55.70
C TYR D 148 -69.07 -7.55 -54.44
N GLU D 149 -70.02 -8.12 -53.70
CA GLU D 149 -70.53 -7.51 -52.47
C GLU D 149 -69.75 -8.01 -51.26
N ILE D 150 -69.61 -9.32 -51.14
CA ILE D 150 -68.87 -9.88 -50.03
C ILE D 150 -67.43 -9.49 -50.31
N GLY D 151 -66.98 -9.76 -51.53
CA GLY D 151 -65.63 -9.45 -51.95
C GLY D 151 -65.35 -8.03 -51.52
N LYS D 152 -66.40 -7.22 -51.48
CA LYS D 152 -66.26 -5.85 -51.05
C LYS D 152 -66.30 -5.89 -49.56
N GLY D 153 -67.38 -6.48 -49.04
CA GLY D 153 -67.53 -6.60 -47.61
C GLY D 153 -66.22 -6.91 -46.87
N ILE D 154 -65.38 -7.77 -47.45
CA ILE D 154 -64.12 -8.12 -46.79
C ILE D 154 -63.17 -6.94 -46.66
N SER D 155 -63.70 -5.76 -46.95
CA SER D 155 -62.91 -4.55 -46.84
C SER D 155 -63.32 -3.89 -45.54
N LEU D 156 -64.62 -3.70 -45.38
CA LEU D 156 -65.15 -3.06 -44.20
C LEU D 156 -65.12 -3.95 -42.97
N ASP D 157 -65.32 -5.25 -43.16
CA ASP D 157 -65.34 -6.13 -42.00
C ASP D 157 -64.35 -5.83 -40.85
N ILE D 158 -63.13 -6.32 -40.96
CA ILE D 158 -62.13 -6.14 -39.91
C ILE D 158 -61.75 -4.69 -39.66
N ILE D 159 -62.40 -3.78 -40.38
CA ILE D 159 -62.06 -2.37 -40.24
C ILE D 159 -63.34 -1.53 -40.13
N SER D 160 -64.46 -2.19 -39.84
CA SER D 160 -65.73 -1.47 -39.76
C SER D 160 -66.18 -1.19 -38.35
N LYS D 161 -67.08 -2.03 -37.87
CA LYS D 161 -67.62 -1.88 -36.52
C LYS D 161 -67.16 -3.15 -35.86
N ASP D 162 -66.97 -4.16 -36.71
CA ASP D 162 -66.53 -5.46 -36.26
C ASP D 162 -65.26 -5.30 -35.44
N LYS D 163 -64.36 -4.43 -35.89
CA LYS D 163 -63.10 -4.24 -35.20
C LYS D 163 -62.50 -2.82 -35.22
N SER D 164 -62.82 -2.01 -36.26
CA SER D 164 -62.31 -0.60 -36.51
C SER D 164 -62.37 0.27 -35.28
N LEU D 165 -63.61 0.44 -34.81
CA LEU D 165 -63.70 0.96 -33.49
C LEU D 165 -63.86 -0.47 -32.98
N ASP D 166 -63.59 -0.72 -31.70
CA ASP D 166 -63.63 -2.10 -31.27
C ASP D 166 -65.01 -2.70 -31.30
N PRO D 167 -65.05 -4.02 -31.19
CA PRO D 167 -66.45 -4.46 -31.28
C PRO D 167 -67.08 -3.67 -30.15
N GLU D 168 -67.75 -2.56 -30.50
CA GLU D 168 -68.26 -1.97 -29.30
C GLU D 168 -69.54 -2.71 -28.99
N PHE D 169 -69.86 -2.90 -27.70
CA PHE D 169 -71.07 -3.63 -27.41
C PHE D 169 -72.05 -3.66 -28.61
N LEU D 170 -72.13 -2.55 -29.34
CA LEU D 170 -73.00 -2.44 -30.53
C LEU D 170 -72.88 -3.67 -31.43
N ASN D 171 -71.65 -4.10 -31.71
CA ASN D 171 -71.43 -5.27 -32.56
C ASN D 171 -71.26 -6.55 -31.75
N LEU D 172 -70.89 -6.41 -30.48
CA LEU D 172 -70.74 -7.58 -29.65
C LEU D 172 -72.13 -8.09 -29.29
N ILE D 173 -72.91 -7.26 -28.62
CA ILE D 173 -74.28 -7.60 -28.20
C ILE D 173 -75.17 -7.93 -29.39
N LYS D 174 -74.64 -7.76 -30.59
CA LYS D 174 -75.36 -8.05 -31.83
C LYS D 174 -74.98 -9.50 -32.18
N SER D 175 -73.76 -9.86 -31.80
CA SER D 175 -73.24 -11.20 -32.04
C SER D 175 -73.79 -12.13 -30.95
N LEU D 176 -74.28 -11.53 -29.87
CA LEU D 176 -74.85 -12.30 -28.77
C LEU D 176 -76.15 -12.88 -29.28
N SER D 177 -76.65 -12.31 -30.38
CA SER D 177 -77.88 -12.79 -30.98
C SER D 177 -77.59 -14.10 -31.70
N ASP D 178 -76.65 -14.86 -31.13
CA ASP D 178 -76.29 -16.15 -31.67
C ASP D 178 -77.57 -16.98 -31.59
N ASP D 179 -78.06 -17.16 -30.37
CA ASP D 179 -79.28 -17.93 -30.15
C ASP D 179 -80.00 -17.61 -28.83
N SER D 180 -79.48 -16.65 -28.07
CA SER D 180 -80.06 -16.32 -26.76
C SER D 180 -80.94 -15.10 -26.54
N ASP D 181 -80.99 -14.18 -27.51
CA ASP D 181 -81.80 -12.97 -27.34
C ASP D 181 -83.13 -13.03 -28.09
N SER D 182 -83.06 -13.28 -29.39
CA SER D 182 -84.25 -13.38 -30.23
C SER D 182 -84.67 -14.85 -30.36
N SER D 183 -85.91 -15.07 -30.80
CA SER D 183 -86.43 -16.42 -30.99
C SER D 183 -86.13 -16.84 -32.44
N ASP D 184 -84.99 -16.38 -32.95
CA ASP D 184 -84.54 -16.67 -34.31
C ASP D 184 -83.10 -17.17 -34.38
N LEU D 185 -82.92 -18.46 -34.11
CA LEU D 185 -81.63 -19.13 -34.16
C LEU D 185 -81.40 -19.57 -35.60
N LEU D 186 -81.76 -18.67 -36.51
CA LEU D 186 -81.61 -18.86 -37.97
C LEU D 186 -80.35 -18.10 -38.43
N PHE D 187 -79.19 -18.67 -38.14
CA PHE D 187 -77.93 -18.06 -38.53
C PHE D 187 -76.99 -19.09 -39.16
N SER D 188 -77.54 -19.84 -40.12
CA SER D 188 -76.77 -20.83 -40.87
C SER D 188 -76.39 -20.16 -42.20
N GLN D 189 -77.13 -19.10 -42.52
CA GLN D 189 -76.91 -18.31 -43.73
C GLN D 189 -75.62 -17.51 -43.53
N LYS D 190 -74.92 -17.78 -42.44
CA LYS D 190 -73.67 -17.09 -42.12
C LYS D 190 -72.79 -17.82 -41.11
N PHE D 191 -73.31 -18.88 -40.49
CA PHE D 191 -72.55 -19.58 -39.47
C PHE D 191 -72.57 -21.10 -39.46
N LYS D 192 -71.79 -21.77 -40.30
CA LYS D 192 -71.86 -23.23 -40.22
C LYS D 192 -70.73 -23.94 -39.51
N GLU D 193 -69.58 -24.03 -40.15
CA GLU D 193 -68.43 -24.75 -39.59
C GLU D 193 -67.72 -24.04 -38.41
N LYS D 194 -68.01 -22.77 -38.20
CA LYS D 194 -67.38 -22.01 -37.12
C LYS D 194 -68.34 -21.55 -36.03
N LEU D 195 -69.62 -21.90 -36.18
CA LEU D 195 -70.63 -21.56 -35.18
C LEU D 195 -71.79 -22.55 -35.03
N GLU D 196 -71.51 -23.83 -35.25
CA GLU D 196 -72.51 -24.86 -35.03
C GLU D 196 -72.30 -25.03 -33.53
N LEU D 197 -71.47 -24.15 -33.00
CA LEU D 197 -71.13 -24.08 -31.59
C LEU D 197 -72.19 -23.20 -30.94
N ASN D 198 -73.44 -23.65 -30.99
CA ASN D 198 -74.55 -22.93 -30.37
C ASN D 198 -74.29 -23.08 -28.87
N ASN D 199 -73.64 -24.20 -28.54
CA ASN D 199 -73.31 -24.59 -27.18
C ASN D 199 -72.14 -23.77 -26.63
N LYS D 200 -72.34 -22.46 -26.70
CA LYS D 200 -71.41 -21.46 -26.23
C LYS D 200 -72.27 -20.21 -26.16
N SER D 201 -72.21 -19.54 -25.01
CA SER D 201 -72.87 -18.27 -24.99
C SER D 201 -71.73 -17.39 -25.55
N ILE D 202 -71.88 -16.96 -26.79
CA ILE D 202 -70.84 -16.16 -27.40
C ILE D 202 -70.82 -14.72 -26.87
N ASP D 203 -69.73 -14.36 -26.22
CA ASP D 203 -69.53 -13.04 -25.66
C ASP D 203 -68.04 -12.80 -25.68
N ILE D 204 -67.57 -11.93 -24.84
CA ILE D 204 -66.16 -11.64 -24.86
C ILE D 204 -65.33 -12.91 -24.72
N ASN D 205 -65.81 -13.87 -23.95
CA ASN D 205 -65.05 -15.06 -23.75
C ASN D 205 -64.41 -15.72 -25.00
N PHE D 206 -65.05 -15.70 -26.16
CA PHE D 206 -64.46 -16.42 -27.30
C PHE D 206 -64.47 -15.77 -28.68
N ILE D 207 -65.25 -14.72 -28.85
CA ILE D 207 -65.40 -14.04 -30.14
C ILE D 207 -64.14 -13.62 -30.90
N LYS D 208 -63.04 -13.39 -30.18
CA LYS D 208 -61.77 -12.97 -30.79
C LYS D 208 -61.09 -14.09 -31.60
N GLU D 209 -60.96 -15.26 -30.98
CA GLU D 209 -60.34 -16.43 -31.60
C GLU D 209 -60.77 -16.66 -33.04
N ASN D 210 -61.84 -15.99 -33.47
CA ASN D 210 -62.34 -16.19 -34.83
C ASN D 210 -62.83 -14.92 -35.55
N LEU D 211 -62.05 -13.84 -35.48
CA LEU D 211 -62.41 -12.58 -36.13
C LEU D 211 -62.56 -12.82 -37.63
N THR D 212 -61.60 -13.56 -38.21
CA THR D 212 -61.61 -13.85 -39.64
C THR D 212 -62.91 -14.54 -40.04
N GLU D 213 -63.61 -15.12 -39.06
CA GLU D 213 -64.86 -15.82 -39.32
C GLU D 213 -66.10 -14.97 -38.98
N PHE D 214 -66.01 -14.16 -37.93
CA PHE D 214 -67.13 -13.30 -37.58
C PHE D 214 -67.17 -12.13 -38.56
N GLN D 215 -66.42 -12.28 -39.65
CA GLN D 215 -66.33 -11.30 -40.72
C GLN D 215 -67.10 -11.89 -41.89
N HIS D 216 -66.83 -13.15 -42.20
CA HIS D 216 -67.48 -13.85 -43.30
C HIS D 216 -68.98 -13.75 -43.14
N ALA D 217 -69.41 -13.42 -41.93
CA ALA D 217 -70.82 -13.27 -41.65
C ALA D 217 -71.18 -11.84 -42.05
N PHE D 218 -70.43 -10.88 -41.53
CA PHE D 218 -70.65 -9.47 -41.84
C PHE D 218 -70.56 -9.22 -43.34
N SER D 219 -70.00 -10.20 -44.04
CA SER D 219 -69.81 -10.15 -45.47
C SER D 219 -71.01 -10.69 -46.23
N LEU D 220 -71.98 -11.24 -45.51
CA LEU D 220 -73.16 -11.79 -46.15
C LEU D 220 -74.35 -10.93 -45.78
N ALA D 221 -74.33 -10.45 -44.54
CA ALA D 221 -75.38 -9.59 -44.06
C ALA D 221 -75.29 -8.37 -44.94
N PHE D 222 -74.10 -8.16 -45.49
CA PHE D 222 -73.85 -7.03 -46.37
C PHE D 222 -74.20 -7.44 -47.79
N SER D 223 -73.65 -8.57 -48.22
CA SER D 223 -73.88 -9.07 -49.57
C SER D 223 -75.35 -9.31 -49.82
N TYR D 224 -76.09 -9.52 -48.74
CA TYR D 224 -77.51 -9.77 -48.82
C TYR D 224 -78.34 -8.49 -48.66
N TYR D 225 -77.95 -7.60 -47.76
CA TYR D 225 -78.71 -6.38 -47.55
C TYR D 225 -78.66 -5.44 -48.75
N PHE D 226 -77.68 -5.68 -49.64
CA PHE D 226 -77.50 -4.86 -50.84
C PHE D 226 -77.58 -5.61 -52.16
N ALA D 227 -77.40 -6.92 -52.14
CA ALA D 227 -77.49 -7.70 -53.37
C ALA D 227 -78.74 -7.27 -54.14
N PRO D 228 -78.61 -7.00 -55.45
CA PRO D 228 -79.71 -6.57 -56.33
C PRO D 228 -80.92 -7.49 -56.35
N ASP D 229 -80.75 -8.68 -55.77
CA ASP D 229 -81.82 -9.67 -55.73
C ASP D 229 -82.30 -9.98 -54.31
N HIS D 230 -81.64 -10.90 -53.64
CA HIS D 230 -82.00 -11.30 -52.28
C HIS D 230 -81.64 -10.25 -51.23
N ARG D 231 -82.66 -9.65 -50.63
CA ARG D 231 -82.43 -8.62 -49.63
C ARG D 231 -83.23 -8.89 -48.38
N THR D 232 -84.44 -9.42 -48.59
CA THR D 232 -85.36 -9.75 -47.51
C THR D 232 -84.93 -11.05 -46.84
N VAL D 233 -84.10 -11.82 -47.55
CA VAL D 233 -83.60 -13.09 -47.01
C VAL D 233 -82.88 -12.75 -45.70
N LEU D 234 -82.27 -11.57 -45.65
CA LEU D 234 -81.56 -11.13 -44.44
C LEU D 234 -82.52 -10.56 -43.40
N GLU D 235 -83.65 -10.02 -43.85
CA GLU D 235 -84.64 -9.44 -42.96
C GLU D 235 -85.56 -10.53 -42.41
N LEU D 236 -85.56 -11.67 -43.09
CA LEU D 236 -86.38 -12.82 -42.72
C LEU D 236 -85.61 -13.74 -41.78
N TYR D 237 -84.61 -14.43 -42.32
CA TYR D 237 -83.81 -15.36 -41.54
C TYR D 237 -83.21 -14.81 -40.24
N ALA D 238 -82.45 -13.73 -40.31
CA ALA D 238 -81.89 -13.15 -39.08
C ALA D 238 -82.45 -11.74 -38.92
N PRO D 239 -83.28 -11.50 -37.88
CA PRO D 239 -83.88 -10.18 -37.65
C PRO D 239 -82.91 -9.10 -37.15
N ASP D 240 -81.76 -9.51 -36.64
CA ASP D 240 -80.78 -8.52 -36.15
C ASP D 240 -79.84 -8.02 -37.24
N MET D 241 -79.07 -8.92 -37.84
CA MET D 241 -78.15 -8.51 -38.90
C MET D 241 -78.82 -7.50 -39.81
N PHE D 242 -80.11 -7.69 -40.09
CA PHE D 242 -80.82 -6.76 -40.94
C PHE D 242 -80.84 -5.36 -40.31
N GLU D 243 -81.61 -5.23 -39.23
CA GLU D 243 -81.72 -3.96 -38.52
C GLU D 243 -80.35 -3.33 -38.32
N TYR D 244 -79.36 -4.20 -38.14
CA TYR D 244 -77.98 -3.79 -37.95
C TYR D 244 -77.49 -3.13 -39.21
N MET D 245 -77.51 -3.91 -40.29
CA MET D 245 -77.10 -3.45 -41.61
C MET D 245 -77.92 -2.24 -41.97
N ASN D 246 -79.21 -2.35 -41.71
CA ASN D 246 -80.19 -1.32 -42.00
C ASN D 246 -79.93 -0.04 -41.23
N LYS D 247 -79.56 -0.16 -39.96
CA LYS D 247 -79.27 1.03 -39.19
C LYS D 247 -77.90 1.53 -39.63
N LEU D 248 -77.10 0.65 -40.23
CA LEU D 248 -75.78 1.01 -40.75
C LEU D 248 -76.03 1.87 -41.97
N GLU D 249 -77.02 1.49 -42.77
CA GLU D 249 -77.36 2.27 -43.93
C GLU D 249 -78.09 3.54 -43.45
N LYS D 250 -78.77 3.44 -42.31
CA LYS D 250 -79.47 4.59 -41.74
C LYS D 250 -78.47 5.67 -41.38
N GLY D 251 -77.21 5.28 -41.22
CA GLY D 251 -76.16 6.21 -40.87
C GLY D 251 -74.87 5.62 -40.28
N GLY D 252 -74.92 4.35 -39.88
CA GLY D 252 -73.75 3.69 -39.30
C GLY D 252 -72.52 3.78 -40.19
N PHE D 253 -72.79 3.79 -41.50
CA PHE D 253 -71.76 3.89 -42.52
C PHE D 253 -71.19 5.31 -42.55
N GLU D 254 -72.05 6.33 -42.37
CA GLU D 254 -71.58 7.71 -42.37
C GLU D 254 -70.80 7.93 -41.08
N LYS D 255 -70.99 7.02 -40.13
CA LYS D 255 -70.31 7.08 -38.83
C LYS D 255 -68.81 6.85 -39.01
N ILE D 256 -68.45 5.59 -39.21
CA ILE D 256 -67.05 5.20 -39.39
C ILE D 256 -66.41 6.08 -40.49
N SER D 257 -67.21 6.44 -41.48
CA SER D 257 -66.73 7.25 -42.59
C SER D 257 -66.44 8.67 -42.14
N GLU D 258 -66.69 8.94 -40.87
CA GLU D 258 -66.46 10.25 -40.29
C GLU D 258 -65.46 10.19 -39.14
N SER D 259 -65.30 9.00 -38.55
CA SER D 259 -64.35 8.80 -37.46
C SER D 259 -63.00 8.50 -38.11
N LEU D 260 -63.05 8.25 -39.42
CA LEU D 260 -61.86 7.96 -40.19
C LEU D 260 -61.47 9.26 -40.90
N LYS D 261 -62.49 10.06 -41.23
CA LYS D 261 -62.32 11.35 -41.91
C LYS D 261 -61.68 12.37 -40.97
N LYS D 262 -62.29 12.57 -39.80
CA LYS D 262 -61.75 13.51 -38.83
C LYS D 262 -60.35 13.06 -38.50
N GLU D 263 -60.18 11.77 -38.22
CA GLU D 263 -58.85 11.25 -37.91
C GLU D 263 -58.02 11.31 -39.17
N GLY D 264 -58.66 11.64 -40.29
CA GLY D 264 -57.91 11.74 -41.52
C GLY D 264 -56.77 12.73 -41.31
N VAL D 265 -57.10 13.86 -40.69
CA VAL D 265 -56.12 14.89 -40.42
C VAL D 265 -55.29 14.55 -39.19
N GLU D 266 -55.93 14.48 -38.02
CA GLU D 266 -55.25 14.16 -36.77
C GLU D 266 -54.21 13.04 -36.94
N LYS D 267 -54.47 12.15 -37.90
CA LYS D 267 -53.59 11.02 -38.18
C LYS D 267 -52.28 11.53 -38.78
N ASP D 268 -52.38 12.02 -40.00
CA ASP D 268 -51.24 12.56 -40.72
C ASP D 268 -51.27 14.07 -40.51
N ARG D 269 -50.57 14.54 -39.49
CA ARG D 269 -50.50 15.95 -39.19
C ARG D 269 -49.04 16.36 -38.99
N ILE D 270 -48.84 17.56 -38.45
CA ILE D 270 -47.48 18.04 -38.18
C ILE D 270 -47.26 17.80 -36.70
N ASP D 271 -46.32 16.93 -36.39
CA ASP D 271 -46.01 16.55 -35.02
C ASP D 271 -45.69 17.76 -34.17
N VAL D 272 -46.63 18.20 -33.34
CA VAL D 272 -46.37 19.36 -32.50
C VAL D 272 -47.01 19.28 -31.14
N LEU D 273 -46.36 18.62 -30.18
CA LEU D 273 -46.94 18.51 -28.84
C LEU D 273 -47.75 19.74 -28.43
N LYS D 274 -49.04 19.54 -28.13
CA LYS D 274 -49.91 20.63 -27.74
C LYS D 274 -50.17 20.54 -26.24
N GLY D 275 -51.12 21.33 -25.74
CA GLY D 275 -51.43 21.30 -24.31
C GLY D 275 -50.24 21.54 -23.38
N GLU D 276 -50.45 21.41 -22.07
CA GLU D 276 -49.37 21.65 -21.14
C GLU D 276 -48.13 20.81 -21.45
N LYS D 277 -48.24 19.80 -22.30
CA LYS D 277 -47.06 19.00 -22.60
C LYS D 277 -46.04 19.92 -23.25
N ALA D 278 -46.54 21.04 -23.76
CA ALA D 278 -45.72 22.06 -24.43
C ALA D 278 -45.50 23.23 -23.49
N LEU D 279 -46.59 23.70 -22.90
CA LEU D 279 -46.55 24.81 -21.96
C LEU D 279 -45.38 24.64 -20.99
N LYS D 280 -44.81 23.43 -20.95
CA LYS D 280 -43.68 23.16 -20.06
C LYS D 280 -42.37 23.51 -20.74
N ALA D 281 -42.24 23.14 -22.00
CA ALA D 281 -41.01 23.45 -22.73
C ALA D 281 -41.04 24.93 -23.08
N SER D 282 -42.26 25.44 -23.23
CA SER D 282 -42.47 26.85 -23.54
C SER D 282 -41.54 27.69 -22.69
N GLY D 283 -41.91 27.86 -21.43
CA GLY D 283 -41.12 28.65 -20.52
C GLY D 283 -42.00 29.69 -19.88
N LEU D 284 -43.07 30.04 -20.59
CA LEU D 284 -44.02 31.03 -20.11
C LEU D 284 -44.62 30.57 -18.78
N VAL D 285 -45.07 31.52 -17.98
CA VAL D 285 -45.69 31.21 -16.70
C VAL D 285 -47.12 30.85 -17.08
N PRO D 286 -47.51 29.59 -16.82
CA PRO D 286 -48.83 29.04 -17.12
C PRO D 286 -49.99 29.99 -16.88
N GLU D 287 -49.88 30.80 -15.84
CA GLU D 287 -50.95 31.74 -15.55
C GLU D 287 -51.05 32.76 -16.67
N HIS D 288 -49.88 33.25 -17.09
CA HIS D 288 -49.78 34.23 -18.15
C HIS D 288 -50.26 33.58 -19.43
N ALA D 289 -49.66 32.46 -19.79
CA ALA D 289 -50.06 31.78 -20.99
C ALA D 289 -51.58 31.75 -21.07
N ASP D 290 -52.20 31.27 -20.00
CA ASP D 290 -53.66 31.17 -19.95
C ASP D 290 -54.31 32.53 -20.09
N ALA D 291 -53.63 33.55 -19.57
CA ALA D 291 -54.12 34.91 -19.63
C ALA D 291 -54.20 35.32 -21.09
N PHE D 292 -53.15 34.96 -21.81
CA PHE D 292 -52.97 35.22 -23.25
C PHE D 292 -54.07 34.53 -24.05
N LYS D 293 -54.37 33.30 -23.61
CA LYS D 293 -55.40 32.44 -24.20
C LYS D 293 -56.66 33.25 -24.52
N LYS D 294 -56.93 34.27 -23.72
CA LYS D 294 -58.09 35.13 -23.93
C LYS D 294 -57.92 36.00 -25.16
N ILE D 295 -56.93 36.88 -25.10
CA ILE D 295 -56.64 37.80 -26.19
C ILE D 295 -56.65 37.09 -27.54
N ALA D 296 -55.83 36.05 -27.66
CA ALA D 296 -55.73 35.29 -28.91
C ALA D 296 -57.14 35.13 -29.46
N ARG D 297 -58.05 34.73 -28.59
CA ARG D 297 -59.42 34.54 -28.97
C ARG D 297 -60.14 35.86 -29.23
N GLU D 298 -60.27 36.71 -28.21
CA GLU D 298 -60.99 37.97 -28.42
C GLU D 298 -60.56 38.63 -29.73
N LEU D 299 -59.25 38.87 -29.85
CA LEU D 299 -58.67 39.51 -31.02
C LEU D 299 -58.47 38.59 -32.24
N ASN D 300 -58.51 37.28 -32.01
CA ASN D 300 -58.39 36.35 -33.13
C ASN D 300 -57.08 36.54 -33.86
N THR D 301 -56.00 36.07 -33.25
CA THR D 301 -54.69 36.19 -33.83
C THR D 301 -53.73 35.25 -33.11
N TYR D 302 -52.95 34.48 -33.87
CA TYR D 302 -51.98 33.57 -33.29
C TYR D 302 -50.89 34.37 -32.55
N ILE D 303 -50.27 33.74 -31.56
CA ILE D 303 -49.19 34.40 -30.83
C ILE D 303 -48.06 33.40 -30.74
N LEU D 304 -46.87 33.79 -31.15
CA LEU D 304 -45.78 32.83 -31.08
C LEU D 304 -44.70 33.44 -30.25
N PHE D 305 -44.12 32.62 -29.37
CA PHE D 305 -43.06 33.08 -28.49
C PHE D 305 -41.81 32.27 -28.69
N ARG D 306 -40.65 32.90 -28.58
CA ARG D 306 -39.42 32.16 -28.68
C ARG D 306 -39.24 31.52 -27.29
N PRO D 307 -38.27 30.62 -27.13
CA PRO D 307 -38.10 30.00 -25.81
C PRO D 307 -37.80 30.98 -24.70
N VAL D 308 -38.55 30.81 -23.61
CA VAL D 308 -38.42 31.63 -22.40
C VAL D 308 -37.68 30.77 -21.41
N ASN D 309 -36.47 31.16 -21.03
CA ASN D 309 -35.68 30.38 -20.08
C ASN D 309 -36.46 29.76 -18.89
N LYS D 310 -36.23 28.47 -18.63
CA LYS D 310 -36.88 27.76 -17.52
C LYS D 310 -36.40 28.44 -16.24
N LEU D 311 -35.09 28.64 -16.18
CA LEU D 311 -34.43 29.26 -15.07
C LEU D 311 -34.95 30.66 -14.76
N ALA D 312 -36.01 31.11 -15.43
CA ALA D 312 -36.54 32.45 -15.18
C ALA D 312 -38.05 32.47 -15.11
N THR D 313 -38.66 31.32 -15.33
CA THR D 313 -40.11 31.19 -15.32
C THR D 313 -40.73 31.67 -14.03
N ASN D 314 -40.31 31.06 -12.94
CA ASN D 314 -40.83 31.40 -11.63
C ASN D 314 -40.33 32.72 -11.14
N LEU D 315 -39.12 33.13 -11.55
CA LEU D 315 -38.59 34.42 -11.14
C LEU D 315 -39.59 35.47 -11.62
N ILE D 316 -40.45 35.06 -12.55
CA ILE D 316 -41.46 35.95 -13.10
C ILE D 316 -42.72 35.85 -12.26
N LYS D 317 -43.35 34.67 -12.18
CA LYS D 317 -44.58 34.50 -11.39
C LYS D 317 -44.32 35.14 -10.04
N SER D 318 -43.06 35.05 -9.65
CA SER D 318 -42.53 35.61 -8.42
C SER D 318 -42.83 37.10 -8.40
N GLY D 319 -42.33 37.83 -9.40
CA GLY D 319 -42.58 39.26 -9.47
C GLY D 319 -41.37 40.00 -9.98
N VAL D 320 -40.36 39.25 -10.42
CA VAL D 320 -39.15 39.85 -10.95
C VAL D 320 -39.46 40.44 -12.29
N ALA D 321 -38.94 41.63 -12.55
CA ALA D 321 -39.19 42.29 -13.82
C ALA D 321 -38.44 41.60 -14.94
N THR D 322 -38.71 42.03 -16.17
CA THR D 322 -38.08 41.46 -17.35
C THR D 322 -37.19 42.43 -18.07
N LYS D 323 -36.22 41.86 -18.79
CA LYS D 323 -35.26 42.62 -19.58
C LYS D 323 -35.83 43.26 -20.84
N GLY D 324 -35.56 44.55 -20.98
CA GLY D 324 -36.03 45.27 -22.15
C GLY D 324 -34.94 45.42 -23.19
N LEU D 325 -34.97 46.55 -23.89
CA LEU D 325 -33.97 46.77 -24.92
C LEU D 325 -32.84 47.55 -24.31
N ASN D 326 -33.16 48.21 -23.20
CA ASN D 326 -32.20 49.01 -22.47
C ASN D 326 -31.05 48.15 -21.97
N VAL D 327 -31.26 46.86 -21.74
CA VAL D 327 -30.16 46.02 -21.27
C VAL D 327 -29.79 44.89 -22.22
N HIS D 328 -28.52 44.83 -22.57
CA HIS D 328 -28.01 43.80 -23.46
C HIS D 328 -27.02 42.91 -22.70
N GLY D 329 -27.18 42.86 -21.38
CA GLY D 329 -26.31 42.05 -20.56
C GLY D 329 -26.76 40.61 -20.72
N LYS D 330 -25.90 39.67 -20.38
CA LYS D 330 -26.25 38.26 -20.52
C LYS D 330 -26.75 37.70 -19.23
N SER D 331 -27.66 36.75 -19.35
CA SER D 331 -28.22 36.11 -18.18
C SER D 331 -27.20 35.13 -17.64
N SER D 332 -27.68 34.19 -16.85
CA SER D 332 -26.82 33.18 -16.26
C SER D 332 -27.60 31.91 -16.10
N ASP D 333 -26.87 30.81 -16.00
CA ASP D 333 -27.46 29.50 -15.84
C ASP D 333 -26.60 28.63 -14.95
N TRP D 334 -26.54 29.03 -13.69
CA TRP D 334 -25.78 28.31 -12.66
C TRP D 334 -25.56 29.20 -11.44
N GLY D 335 -25.54 28.58 -10.27
CA GLY D 335 -25.32 29.32 -9.04
C GLY D 335 -26.55 30.04 -8.51
N PRO D 336 -26.39 30.85 -7.45
CA PRO D 336 -27.50 31.58 -6.86
C PRO D 336 -28.12 32.57 -7.84
N VAL D 337 -27.25 33.29 -8.52
CA VAL D 337 -27.66 34.31 -9.49
C VAL D 337 -28.44 33.82 -10.72
N ALA D 338 -28.30 32.55 -11.07
CA ALA D 338 -28.99 31.99 -12.24
C ALA D 338 -30.39 32.54 -12.47
N GLY D 339 -30.65 32.98 -13.69
CA GLY D 339 -31.97 33.50 -14.01
C GLY D 339 -32.01 35.01 -13.95
N TYR D 340 -30.98 35.61 -13.35
CA TYR D 340 -30.87 37.05 -13.21
C TYR D 340 -29.81 37.55 -14.17
N ILE D 341 -29.69 38.86 -14.31
CA ILE D 341 -28.69 39.43 -15.19
C ILE D 341 -27.61 40.04 -14.29
N PRO D 342 -26.65 39.23 -13.83
CA PRO D 342 -25.58 39.70 -12.95
C PRO D 342 -24.80 40.91 -13.44
N PHE D 343 -24.69 41.94 -12.61
CA PHE D 343 -23.92 43.11 -13.02
C PHE D 343 -22.52 42.59 -13.33
N ASP D 344 -22.12 41.55 -12.61
CA ASP D 344 -20.83 40.93 -12.84
C ASP D 344 -21.13 39.92 -13.93
N GLN D 345 -20.46 40.05 -15.06
CA GLN D 345 -20.68 39.14 -16.19
C GLN D 345 -19.99 37.79 -16.06
N ASP D 346 -18.90 37.71 -15.32
CA ASP D 346 -18.19 36.43 -15.14
C ASP D 346 -19.05 35.50 -14.29
N LEU D 347 -20.25 35.98 -13.97
CA LEU D 347 -21.20 35.23 -13.18
C LEU D 347 -22.42 34.91 -14.04
N SER D 348 -22.24 35.03 -15.35
CA SER D 348 -23.28 34.77 -16.35
C SER D 348 -22.72 33.75 -17.33
N LYS D 349 -23.61 32.98 -17.95
CA LYS D 349 -23.22 31.95 -18.91
C LYS D 349 -21.78 32.08 -19.40
N LYS D 350 -21.49 33.21 -20.05
CA LYS D 350 -20.16 33.48 -20.59
C LYS D 350 -19.12 33.57 -19.49
N HIS D 351 -19.07 32.53 -18.66
CA HIS D 351 -18.13 32.45 -17.55
C HIS D 351 -16.77 31.97 -18.07
N GLY D 352 -15.85 32.93 -18.25
CA GLY D 352 -14.52 32.60 -18.73
C GLY D 352 -14.15 33.37 -19.98
N GLN D 353 -15.12 33.58 -20.86
CA GLN D 353 -14.89 34.31 -22.11
C GLN D 353 -14.31 35.67 -21.77
N GLN D 354 -13.00 35.71 -21.62
CA GLN D 354 -12.28 36.92 -21.27
C GLN D 354 -12.74 38.15 -22.05
N LEU D 355 -13.48 37.96 -23.14
CA LEU D 355 -13.96 39.09 -23.94
C LEU D 355 -15.47 39.24 -23.96
N ALA D 356 -16.19 38.13 -23.84
CA ALA D 356 -17.66 38.17 -23.84
C ALA D 356 -18.10 38.81 -22.54
N VAL D 357 -17.21 38.72 -21.55
CA VAL D 357 -17.41 39.27 -20.22
C VAL D 357 -16.78 40.65 -20.24
N GLU D 358 -15.59 40.74 -20.80
CA GLU D 358 -14.87 42.02 -20.89
C GLU D 358 -15.78 43.02 -21.60
N LYS D 359 -16.26 42.66 -22.78
CA LYS D 359 -17.13 43.56 -23.50
C LYS D 359 -18.52 43.34 -22.93
N GLY D 360 -18.64 42.32 -22.08
CA GLY D 360 -19.92 42.01 -21.45
C GLY D 360 -20.27 43.00 -20.34
N ASN D 361 -19.34 43.24 -19.44
CA ASN D 361 -19.55 44.19 -18.38
C ASN D 361 -19.74 45.56 -19.04
N LEU D 362 -18.94 45.83 -20.07
CA LEU D 362 -19.01 47.10 -20.77
C LEU D 362 -20.43 47.45 -21.19
N GLU D 363 -21.30 46.43 -21.24
CA GLU D 363 -22.68 46.62 -21.66
C GLU D 363 -23.60 47.06 -20.52
N ASN D 364 -23.51 46.41 -19.37
CA ASN D 364 -24.30 46.77 -18.21
C ASN D 364 -23.93 48.20 -17.84
N LYS D 365 -22.62 48.45 -17.77
CA LYS D 365 -22.10 49.77 -17.44
C LYS D 365 -22.75 50.85 -18.31
N LYS D 366 -22.80 50.61 -19.60
CA LYS D 366 -23.43 51.55 -20.52
C LYS D 366 -24.93 51.54 -20.20
N SER D 367 -25.51 50.35 -20.10
CA SER D 367 -26.93 50.22 -19.81
C SER D 367 -27.35 51.17 -18.71
N ILE D 368 -26.46 51.38 -17.74
CA ILE D 368 -26.72 52.25 -16.60
C ILE D 368 -26.25 53.67 -16.87
N THR D 369 -25.10 53.79 -17.51
CA THR D 369 -24.52 55.08 -17.84
C THR D 369 -25.55 55.92 -18.60
N GLU D 370 -26.06 55.37 -19.71
CA GLU D 370 -27.02 56.08 -20.54
C GLU D 370 -28.40 56.21 -19.92
N HIS D 371 -29.07 55.08 -19.71
CA HIS D 371 -30.43 55.05 -19.17
C HIS D 371 -30.54 55.10 -17.65
N GLU D 372 -29.80 56.01 -17.04
CA GLU D 372 -29.83 56.17 -15.59
C GLU D 372 -31.23 56.41 -15.05
N GLY D 373 -31.40 56.22 -13.76
CA GLY D 373 -32.70 56.43 -13.15
C GLY D 373 -33.77 55.44 -13.57
N GLU D 374 -33.47 54.63 -14.59
CA GLU D 374 -34.40 53.63 -15.10
C GLU D 374 -33.75 52.25 -15.05
N ILE D 375 -32.43 52.23 -15.24
CA ILE D 375 -31.67 50.99 -15.24
C ILE D 375 -30.51 51.10 -14.27
N GLY D 376 -30.32 50.03 -13.50
CA GLY D 376 -29.25 50.01 -12.53
C GLY D 376 -29.09 48.66 -11.89
N LYS D 377 -28.30 48.63 -10.82
CA LYS D 377 -28.02 47.41 -10.09
C LYS D 377 -28.46 47.41 -8.61
N ILE D 378 -28.94 46.25 -8.16
CA ILE D 378 -29.38 46.09 -6.79
C ILE D 378 -29.00 44.72 -6.26
N PRO D 379 -28.75 44.60 -4.95
CA PRO D 379 -28.38 43.36 -4.27
C PRO D 379 -29.33 42.22 -4.48
N LEU D 380 -28.74 41.06 -4.76
CA LEU D 380 -29.47 39.85 -5.02
C LEU D 380 -30.14 39.37 -3.74
N LYS D 381 -31.40 38.95 -3.84
CA LYS D 381 -32.14 38.48 -2.67
C LYS D 381 -32.95 37.23 -2.96
N LEU D 382 -32.29 36.09 -3.07
CA LEU D 382 -33.01 34.85 -3.34
C LEU D 382 -34.00 34.61 -2.23
N ASP D 383 -35.28 34.63 -2.57
CA ASP D 383 -36.28 34.41 -1.54
C ASP D 383 -36.31 32.95 -1.09
N HIS D 384 -37.45 32.47 -0.62
CA HIS D 384 -37.56 31.10 -0.12
C HIS D 384 -37.77 30.06 -1.21
N LEU D 385 -38.90 30.15 -1.90
CA LEU D 385 -39.23 29.20 -2.95
C LEU D 385 -38.07 29.03 -3.91
N ARG D 386 -37.60 30.15 -4.45
CA ARG D 386 -36.49 30.11 -5.38
C ARG D 386 -35.39 29.15 -4.91
N ILE D 387 -34.98 29.29 -3.66
CA ILE D 387 -33.94 28.45 -3.05
C ILE D 387 -34.30 26.98 -3.23
N GLU D 388 -35.47 26.61 -2.70
CA GLU D 388 -35.93 25.23 -2.77
C GLU D 388 -36.07 24.80 -4.22
N GLU D 389 -36.06 25.77 -5.13
CA GLU D 389 -36.18 25.49 -6.56
C GLU D 389 -34.82 25.25 -7.18
N LEU D 390 -33.89 26.17 -6.96
CA LEU D 390 -32.56 26.00 -7.51
C LEU D 390 -32.01 24.72 -6.89
N LYS D 391 -32.86 24.08 -6.09
CA LYS D 391 -32.53 22.85 -5.40
C LYS D 391 -32.38 21.68 -6.34
N GLU D 392 -33.44 20.90 -6.51
CA GLU D 392 -33.38 19.73 -7.38
C GLU D 392 -32.74 20.08 -8.71
N ASN D 393 -33.02 21.27 -9.23
CA ASN D 393 -32.42 21.70 -10.49
C ASN D 393 -30.90 21.53 -10.37
N GLY D 394 -30.43 21.41 -9.13
CA GLY D 394 -29.01 21.22 -8.88
C GLY D 394 -28.16 22.46 -9.13
N ILE D 395 -28.79 23.62 -9.20
CA ILE D 395 -28.03 24.84 -9.45
C ILE D 395 -27.22 25.20 -8.21
N ILE D 396 -27.84 25.06 -7.04
CA ILE D 396 -27.20 25.33 -5.75
C ILE D 396 -27.43 24.18 -4.77
N LEU D 397 -26.67 24.19 -3.68
CA LEU D 397 -26.75 23.18 -2.63
C LEU D 397 -26.61 23.88 -1.27
N LYS D 398 -27.74 24.08 -0.59
CA LYS D 398 -27.74 24.75 0.71
C LYS D 398 -27.19 23.81 1.77
N GLY D 399 -26.16 24.26 2.49
CA GLY D 399 -25.56 23.41 3.51
C GLY D 399 -25.12 24.08 4.80
N LYS D 400 -23.93 23.72 5.27
CA LYS D 400 -23.37 24.24 6.52
C LYS D 400 -23.62 25.73 6.73
N LYS D 401 -23.71 26.14 7.99
CA LYS D 401 -23.91 27.53 8.36
C LYS D 401 -22.59 28.14 8.78
N GLU D 402 -22.61 29.43 9.08
CA GLU D 402 -21.38 30.10 9.49
C GLU D 402 -21.68 31.44 10.12
N ILE D 403 -20.72 31.99 10.85
CA ILE D 403 -20.92 33.28 11.52
C ILE D 403 -19.85 34.30 11.18
N ASP D 404 -20.30 35.52 10.87
CA ASP D 404 -19.40 36.61 10.54
C ASP D 404 -19.97 37.91 11.02
N ASN D 405 -19.08 38.77 11.50
CA ASN D 405 -19.44 40.07 12.03
C ASN D 405 -20.74 40.01 12.85
N GLY D 406 -21.02 38.85 13.43
CA GLY D 406 -22.19 38.70 14.26
C GLY D 406 -23.50 38.24 13.62
N LYS D 407 -23.51 38.14 12.30
CA LYS D 407 -24.72 37.71 11.62
C LYS D 407 -24.63 36.29 11.10
N LYS D 408 -25.79 35.65 10.98
CA LYS D 408 -25.87 34.28 10.49
C LYS D 408 -25.81 34.23 8.98
N TYR D 409 -25.20 33.15 8.48
CA TYR D 409 -25.04 32.92 7.05
C TYR D 409 -25.10 31.43 6.71
N TYR D 410 -26.21 30.97 6.12
CA TYR D 410 -26.27 29.57 5.69
C TYR D 410 -25.39 29.66 4.45
N LEU D 411 -24.53 28.69 4.23
CA LEU D 411 -23.65 28.77 3.07
C LEU D 411 -24.30 28.16 1.83
N LEU D 412 -24.32 28.90 0.74
CA LEU D 412 -24.89 28.39 -0.50
C LEU D 412 -23.77 27.81 -1.36
N GLU D 413 -23.92 26.53 -1.70
CA GLU D 413 -22.90 25.83 -2.47
C GLU D 413 -23.17 25.68 -3.96
N SER D 414 -22.08 25.75 -4.73
CA SER D 414 -22.09 25.61 -6.19
C SER D 414 -20.74 25.04 -6.63
N ASN D 415 -20.78 24.09 -7.56
CA ASN D 415 -19.57 23.45 -8.03
C ASN D 415 -18.62 24.35 -8.79
N ASN D 416 -19.04 25.58 -9.07
CA ASN D 416 -18.16 26.49 -9.77
C ASN D 416 -16.85 26.54 -8.98
N GLN D 417 -15.73 26.48 -9.67
CA GLN D 417 -14.44 26.48 -8.99
C GLN D 417 -13.65 27.79 -9.02
N VAL D 418 -14.33 28.92 -8.80
CA VAL D 418 -13.65 30.22 -8.75
C VAL D 418 -14.38 31.20 -7.82
N TYR D 419 -15.65 30.92 -7.58
CA TYR D 419 -16.46 31.77 -6.70
C TYR D 419 -17.14 30.91 -5.65
N GLU D 420 -17.25 31.44 -4.44
CA GLU D 420 -17.91 30.76 -3.34
C GLU D 420 -19.10 31.65 -3.01
N PHE D 421 -20.24 31.07 -2.69
CA PHE D 421 -21.41 31.89 -2.40
C PHE D 421 -22.05 31.58 -1.06
N ARG D 422 -22.66 32.59 -0.46
CA ARG D 422 -23.35 32.43 0.83
C ARG D 422 -24.53 33.38 0.86
N ILE D 423 -25.64 32.96 1.45
CA ILE D 423 -26.80 33.84 1.49
C ILE D 423 -26.91 34.41 2.92
N SER D 424 -27.58 35.56 3.14
CA SER D 424 -27.70 36.11 4.51
C SER D 424 -29.01 35.72 5.14
N ASP D 425 -29.03 35.72 6.46
CA ASP D 425 -30.19 35.27 7.23
C ASP D 425 -31.18 36.34 7.62
N GLU D 426 -30.67 37.49 7.95
CA GLU D 426 -31.51 38.63 8.32
C GLU D 426 -32.28 38.96 7.05
N ASN D 427 -31.54 39.46 6.08
CA ASN D 427 -32.08 39.69 4.76
C ASN D 427 -31.44 38.49 4.10
N ASN D 428 -32.14 37.84 3.17
CA ASN D 428 -31.51 36.71 2.51
C ASN D 428 -30.87 37.27 1.27
N GLU D 429 -29.75 37.96 1.44
CA GLU D 429 -29.05 38.50 0.29
C GLU D 429 -28.09 37.39 -0.14
N VAL D 430 -27.28 37.64 -1.15
CA VAL D 430 -26.35 36.62 -1.59
C VAL D 430 -24.99 37.25 -1.82
N GLN D 431 -23.95 36.58 -1.39
CA GLN D 431 -22.62 37.13 -1.53
C GLN D 431 -21.66 36.09 -2.07
N TYR D 432 -20.54 36.58 -2.60
CA TYR D 432 -19.49 35.73 -3.16
C TYR D 432 -18.10 36.39 -3.05
N LYS D 433 -17.08 35.63 -3.43
CA LYS D 433 -15.70 36.12 -3.40
C LYS D 433 -14.81 35.21 -4.24
N THR D 434 -13.68 35.73 -4.70
CA THR D 434 -12.76 34.95 -5.49
C THR D 434 -11.93 34.10 -4.52
N LYS D 435 -12.24 32.81 -4.45
CA LYS D 435 -11.53 31.88 -3.56
C LYS D 435 -10.11 32.30 -3.18
N GLU D 436 -9.72 31.96 -1.95
CA GLU D 436 -8.40 32.29 -1.41
C GLU D 436 -7.28 31.72 -2.29
N GLY D 437 -7.59 30.67 -3.04
CA GLY D 437 -6.62 30.06 -3.92
C GLY D 437 -7.03 30.08 -5.38
N LYS D 438 -7.28 31.28 -5.92
CA LYS D 438 -7.68 31.41 -7.30
C LYS D 438 -7.78 32.88 -7.75
N ILE D 439 -8.19 33.08 -8.99
CA ILE D 439 -8.34 34.42 -9.55
C ILE D 439 -9.49 34.49 -10.58
N THR D 440 -9.84 35.71 -10.96
CA THR D 440 -10.89 35.98 -11.92
C THR D 440 -10.25 36.24 -13.27
N VAL D 441 -10.75 35.57 -14.30
CA VAL D 441 -10.22 35.73 -15.65
C VAL D 441 -9.79 37.14 -16.05
N LEU D 442 -10.51 38.16 -15.59
CA LEU D 442 -10.12 39.53 -15.94
C LEU D 442 -8.91 39.93 -15.13
N GLY D 443 -8.66 39.21 -14.04
CA GLY D 443 -7.52 39.51 -13.22
C GLY D 443 -7.90 40.18 -11.91
N GLU D 444 -9.06 39.79 -11.38
CA GLU D 444 -9.57 40.35 -10.14
C GLU D 444 -9.64 39.32 -9.00
N LYS D 445 -9.36 39.76 -7.78
CA LYS D 445 -9.43 38.92 -6.58
C LYS D 445 -10.08 39.69 -5.45
N PHE D 446 -11.34 39.35 -5.14
CA PHE D 446 -12.07 40.05 -4.09
C PHE D 446 -12.71 39.19 -3.00
N ASN D 447 -12.84 39.79 -1.81
CA ASN D 447 -13.42 39.10 -0.66
C ASN D 447 -14.92 39.36 -0.59
N TRP D 448 -15.64 38.44 0.05
CA TRP D 448 -17.10 38.50 0.20
C TRP D 448 -17.75 39.84 -0.14
N ARG D 449 -18.46 39.83 -1.27
CA ARG D 449 -19.19 41.00 -1.75
C ARG D 449 -20.61 40.59 -2.07
N ASN D 450 -21.49 41.59 -2.12
CA ASN D 450 -22.87 41.34 -2.44
C ASN D 450 -23.01 41.14 -3.95
N ILE D 451 -23.87 40.20 -4.35
CA ILE D 451 -24.11 39.94 -5.77
C ILE D 451 -25.18 40.91 -6.27
N GLU D 452 -24.77 41.85 -7.11
CA GLU D 452 -25.71 42.80 -7.67
C GLU D 452 -26.24 42.19 -8.97
N VAL D 453 -27.49 42.52 -9.28
CA VAL D 453 -28.13 42.05 -10.48
C VAL D 453 -28.55 43.33 -11.18
N MET D 454 -29.06 43.20 -12.40
CA MET D 454 -29.52 44.37 -13.14
C MET D 454 -30.99 44.54 -12.80
N ALA D 455 -31.44 45.79 -12.75
CA ALA D 455 -32.83 46.08 -12.44
C ALA D 455 -33.29 47.37 -13.10
N LYS D 456 -34.48 47.32 -13.69
CA LYS D 456 -35.04 48.49 -14.33
C LYS D 456 -35.96 49.09 -13.32
N ASN D 457 -36.44 50.27 -13.63
CA ASN D 457 -37.34 50.98 -12.75
C ASN D 457 -38.81 50.62 -12.98
N VAL D 458 -39.48 50.16 -11.93
CA VAL D 458 -40.87 49.80 -12.05
C VAL D 458 -41.65 50.48 -10.94
N GLU D 459 -42.47 51.46 -11.31
CA GLU D 459 -43.27 52.19 -10.32
C GLU D 459 -42.36 52.95 -9.37
N GLY D 460 -41.16 53.28 -9.84
CA GLY D 460 -40.23 54.01 -9.01
C GLY D 460 -39.41 53.17 -8.06
N VAL D 461 -39.18 51.92 -8.40
CA VAL D 461 -38.37 51.08 -7.53
C VAL D 461 -37.61 50.00 -8.29
N LEU D 462 -36.28 50.12 -8.30
CA LEU D 462 -35.47 49.14 -8.99
C LEU D 462 -35.84 47.72 -8.64
N LYS D 463 -36.21 46.93 -9.64
CA LYS D 463 -36.56 45.53 -9.45
C LYS D 463 -35.60 44.69 -10.30
N PRO D 464 -35.11 43.56 -9.76
CA PRO D 464 -34.18 42.70 -10.50
C PRO D 464 -34.73 42.27 -11.86
N LEU D 465 -33.82 42.00 -12.80
CA LEU D 465 -34.24 41.60 -14.14
C LEU D 465 -34.05 40.12 -14.49
N THR D 466 -34.94 39.65 -15.37
CA THR D 466 -34.91 38.27 -15.82
C THR D 466 -35.45 38.23 -17.26
N ALA D 467 -35.45 37.02 -17.84
CA ALA D 467 -35.94 36.81 -19.18
C ALA D 467 -37.36 37.35 -19.38
N ASP D 468 -37.58 37.99 -20.53
CA ASP D 468 -38.88 38.53 -20.89
C ASP D 468 -39.51 37.61 -21.93
N TYR D 469 -40.74 37.94 -22.30
CA TYR D 469 -41.47 37.15 -23.30
C TYR D 469 -41.22 37.67 -24.72
N ASP D 470 -40.25 37.07 -25.42
CA ASP D 470 -39.92 37.47 -26.77
C ASP D 470 -40.86 36.90 -27.79
N LEU D 471 -41.76 37.74 -28.29
CA LEU D 471 -42.70 37.29 -29.30
C LEU D 471 -41.94 36.92 -30.57
N PHE D 472 -42.14 35.72 -31.09
CA PHE D 472 -41.48 35.34 -32.34
C PHE D 472 -42.24 35.99 -33.48
N ALA D 473 -43.56 36.04 -33.35
CA ALA D 473 -44.41 36.64 -34.38
C ALA D 473 -45.83 36.79 -33.89
N LEU D 474 -46.62 37.63 -34.58
CA LEU D 474 -48.03 37.81 -34.23
C LEU D 474 -48.87 37.68 -35.49
N ALA D 475 -49.76 36.69 -35.54
CA ALA D 475 -50.57 36.50 -36.74
C ALA D 475 -52.03 36.89 -36.57
N PRO D 476 -52.36 38.15 -36.81
CA PRO D 476 -53.75 38.56 -36.66
C PRO D 476 -54.56 38.12 -37.88
N SER D 477 -55.87 37.96 -37.68
CA SER D 477 -56.77 37.56 -38.73
C SER D 477 -56.95 38.72 -39.70
N LEU D 478 -56.90 38.41 -41.00
CA LEU D 478 -57.04 39.44 -42.02
C LEU D 478 -58.23 40.36 -41.74
N THR D 479 -59.31 39.77 -41.21
CA THR D 479 -60.51 40.54 -40.92
C THR D 479 -60.39 41.45 -39.72
N GLU D 480 -59.47 41.11 -38.83
CA GLU D 480 -59.25 41.92 -37.63
C GLU D 480 -58.46 43.15 -38.05
N ILE D 481 -57.69 43.01 -39.13
CA ILE D 481 -56.91 44.11 -39.63
C ILE D 481 -57.91 45.04 -40.28
N LYS D 482 -58.96 44.48 -40.86
CA LYS D 482 -59.98 45.30 -41.51
C LYS D 482 -60.55 46.29 -40.50
N LYS D 483 -60.81 45.79 -39.31
CA LYS D 483 -61.36 46.56 -38.20
C LYS D 483 -60.36 47.63 -37.77
N GLN D 484 -59.13 47.50 -38.25
CA GLN D 484 -58.08 48.45 -37.90
C GLN D 484 -58.22 49.73 -38.72
N ILE D 485 -58.62 49.56 -39.98
CA ILE D 485 -58.79 50.67 -40.91
C ILE D 485 -59.98 51.53 -40.53
N PRO D 486 -59.85 52.86 -40.64
CA PRO D 486 -60.94 53.77 -40.31
C PRO D 486 -62.03 53.81 -41.38
N GLN D 487 -63.18 53.23 -41.02
CA GLN D 487 -64.36 53.11 -41.87
C GLN D 487 -64.43 54.04 -43.06
N LYS D 488 -64.18 55.33 -42.82
CA LYS D 488 -64.26 56.33 -43.88
C LYS D 488 -63.20 56.18 -44.97
N GLU D 489 -61.93 56.05 -44.58
CA GLU D 489 -60.88 55.92 -45.59
C GLU D 489 -61.20 54.75 -46.51
N TRP D 490 -61.19 53.55 -45.94
CA TRP D 490 -61.46 52.34 -46.70
C TRP D 490 -62.70 52.49 -47.53
N ASP D 491 -63.58 53.41 -47.10
CA ASP D 491 -64.83 53.68 -47.81
C ASP D 491 -64.46 54.50 -49.03
N LYS D 492 -63.88 55.68 -48.78
CA LYS D 492 -63.48 56.54 -49.86
C LYS D 492 -62.61 55.84 -50.89
N VAL D 493 -62.19 54.62 -50.60
CA VAL D 493 -61.33 53.88 -51.52
C VAL D 493 -62.05 52.93 -52.44
N VAL D 494 -62.99 52.17 -51.90
CA VAL D 494 -63.73 51.21 -52.71
C VAL D 494 -64.60 51.91 -53.74
N ASN D 495 -65.06 53.12 -53.42
CA ASN D 495 -65.91 53.89 -54.32
C ASN D 495 -65.21 54.19 -55.66
N THR D 496 -63.89 54.17 -55.65
CA THR D 496 -63.12 54.42 -56.85
C THR D 496 -63.77 53.80 -58.09
N PRO D 497 -63.71 54.49 -59.23
CA PRO D 497 -64.31 53.98 -60.46
C PRO D 497 -63.39 52.93 -61.08
N ASN D 498 -62.14 53.31 -61.28
CA ASN D 498 -61.14 52.44 -61.86
C ASN D 498 -60.91 51.17 -61.02
N SER D 499 -61.15 50.02 -61.65
CA SER D 499 -61.01 48.73 -61.00
C SER D 499 -59.59 48.43 -60.51
N LEU D 500 -58.63 48.47 -61.42
CA LEU D 500 -57.24 48.19 -61.04
C LEU D 500 -56.75 49.20 -60.01
N GLU D 501 -57.34 50.38 -59.99
CA GLU D 501 -56.94 51.42 -59.03
C GLU D 501 -57.50 51.01 -57.68
N LYS D 502 -58.72 50.50 -57.67
CA LYS D 502 -59.36 50.03 -56.44
C LYS D 502 -58.43 49.02 -55.74
N GLN D 503 -57.96 48.03 -56.49
CA GLN D 503 -57.05 47.02 -55.95
C GLN D 503 -55.91 47.75 -55.28
N LYS D 504 -55.09 48.45 -56.08
CA LYS D 504 -53.96 49.19 -55.53
C LYS D 504 -54.46 49.92 -54.30
N GLY D 505 -55.46 50.79 -54.49
CA GLY D 505 -56.02 51.53 -53.37
C GLY D 505 -56.16 50.69 -52.13
N VAL D 506 -56.68 49.49 -52.27
CA VAL D 506 -56.87 48.60 -51.12
C VAL D 506 -55.56 48.07 -50.55
N THR D 507 -54.80 47.37 -51.39
CA THR D 507 -53.52 46.80 -50.99
C THR D 507 -52.74 47.76 -50.08
N ASN D 508 -52.62 49.01 -50.52
CA ASN D 508 -51.94 50.03 -49.73
C ASN D 508 -52.62 50.08 -48.38
N LEU D 509 -53.94 50.24 -48.38
CA LEU D 509 -54.69 50.31 -47.12
C LEU D 509 -54.29 49.18 -46.19
N LEU D 510 -54.16 47.99 -46.77
CA LEU D 510 -53.75 46.78 -46.06
C LEU D 510 -52.29 46.89 -45.65
N ILE D 511 -51.52 47.63 -46.42
CA ILE D 511 -50.11 47.85 -46.12
C ILE D 511 -50.08 48.92 -45.02
N LYS D 512 -50.75 50.02 -45.30
CA LYS D 512 -50.84 51.15 -44.38
C LYS D 512 -51.26 50.75 -42.97
N TYR D 513 -52.35 49.98 -42.85
CA TYR D 513 -52.87 49.58 -41.55
C TYR D 513 -52.58 48.16 -41.09
N GLY D 514 -51.67 47.46 -41.74
CA GLY D 514 -51.43 46.11 -41.31
C GLY D 514 -50.07 45.50 -41.57
N ILE D 515 -49.38 45.96 -42.60
CA ILE D 515 -48.06 45.41 -42.90
C ILE D 515 -46.93 46.35 -42.49
N GLU D 516 -47.20 47.64 -42.49
CA GLU D 516 -46.17 48.61 -42.18
C GLU D 516 -45.72 48.56 -40.76
N ARG D 517 -44.42 48.73 -40.59
CA ARG D 517 -43.77 48.72 -39.29
C ARG D 517 -42.84 49.90 -39.17
N LYS D 518 -43.13 50.81 -38.24
CA LYS D 518 -42.29 51.98 -37.97
C LYS D 518 -41.41 51.66 -36.75
N PRO D 519 -40.33 52.42 -36.56
CA PRO D 519 -39.48 52.16 -35.40
C PRO D 519 -40.17 52.76 -34.16
N ASP D 520 -39.46 52.84 -33.05
CA ASP D 520 -40.08 53.36 -31.85
C ASP D 520 -39.14 53.57 -30.67
N SER D 521 -39.49 54.61 -29.93
CA SER D 521 -38.78 55.06 -28.73
C SER D 521 -38.27 53.93 -27.89
N THR D 522 -39.17 53.02 -27.55
CA THR D 522 -38.84 51.90 -26.69
C THR D 522 -39.18 50.51 -27.18
N LYS D 523 -40.45 50.28 -27.50
CA LYS D 523 -40.86 48.97 -27.94
C LYS D 523 -40.16 48.43 -29.16
N GLY D 524 -38.96 48.93 -29.44
CA GLY D 524 -38.19 48.47 -30.58
C GLY D 524 -38.84 48.86 -31.88
N THR D 525 -39.01 47.88 -32.77
CA THR D 525 -39.63 48.12 -34.07
C THR D 525 -40.89 47.26 -34.20
N LEU D 526 -42.04 47.88 -34.43
CA LEU D 526 -43.29 47.13 -34.55
C LEU D 526 -44.42 47.90 -35.17
N SER D 527 -45.47 47.20 -35.55
CA SER D 527 -46.60 47.86 -36.16
C SER D 527 -47.49 48.41 -35.08
N ASN D 528 -48.38 49.34 -35.44
CA ASN D 528 -49.29 49.94 -34.49
C ASN D 528 -50.16 48.91 -33.82
N TRP D 529 -50.79 48.04 -34.60
CA TRP D 529 -51.62 47.03 -33.96
C TRP D 529 -50.67 46.20 -33.09
N GLN D 530 -49.53 45.82 -33.65
CA GLN D 530 -48.57 45.04 -32.89
C GLN D 530 -48.38 45.66 -31.51
N LYS D 531 -48.49 46.98 -31.41
CA LYS D 531 -48.32 47.64 -30.13
C LYS D 531 -49.54 47.43 -29.28
N GLN D 532 -50.70 47.75 -29.84
CA GLN D 532 -51.93 47.60 -29.08
C GLN D 532 -51.92 46.18 -28.54
N MET D 533 -51.58 45.23 -29.41
CA MET D 533 -51.52 43.85 -28.99
C MET D 533 -50.59 43.78 -27.80
N LEU D 534 -49.42 44.40 -27.94
CA LEU D 534 -48.42 44.36 -26.86
C LEU D 534 -49.04 44.75 -25.52
N ASP D 535 -49.86 45.79 -25.49
CA ASP D 535 -50.50 46.18 -24.24
C ASP D 535 -51.51 45.15 -23.76
N ARG D 536 -52.44 44.75 -24.61
CA ARG D 536 -53.43 43.77 -24.22
C ARG D 536 -52.81 42.48 -23.68
N LEU D 537 -51.54 42.25 -23.99
CA LEU D 537 -50.87 41.08 -23.48
C LEU D 537 -50.40 41.40 -22.07
N ASN D 538 -49.74 42.54 -21.90
CA ASN D 538 -49.23 42.96 -20.59
C ASN D 538 -50.33 43.24 -19.57
N GLU D 539 -51.33 44.06 -19.94
CA GLU D 539 -52.43 44.36 -19.02
C GLU D 539 -53.24 43.09 -18.78
N ALA D 540 -52.96 42.05 -19.56
CA ALA D 540 -53.64 40.78 -19.42
C ALA D 540 -52.91 39.92 -18.37
N VAL D 541 -51.59 40.04 -18.30
CA VAL D 541 -50.84 39.29 -17.30
C VAL D 541 -50.65 40.20 -16.11
N LYS D 542 -51.37 41.30 -16.10
CA LYS D 542 -51.29 42.28 -15.02
C LYS D 542 -52.47 41.99 -14.09
N TYR D 543 -53.65 41.76 -14.69
CA TYR D 543 -54.88 41.46 -13.95
C TYR D 543 -54.78 40.06 -13.37
N THR D 544 -53.73 39.35 -13.73
CA THR D 544 -53.54 38.00 -13.23
C THR D 544 -52.92 38.16 -11.85
N GLY D 545 -52.04 39.15 -11.72
CA GLY D 545 -51.38 39.40 -10.45
C GLY D 545 -49.91 39.77 -10.53
N TYR D 546 -49.35 39.80 -11.74
CA TYR D 546 -47.94 40.15 -11.93
C TYR D 546 -47.70 41.59 -11.47
N THR D 547 -46.69 41.80 -10.63
CA THR D 547 -46.35 43.16 -10.13
C THR D 547 -44.90 43.45 -10.38
N GLY D 548 -44.59 43.84 -11.60
CA GLY D 548 -43.21 44.12 -11.95
C GLY D 548 -43.17 44.68 -13.35
N GLY D 549 -44.31 45.21 -13.77
CA GLY D 549 -44.40 45.78 -15.09
C GLY D 549 -44.90 44.85 -16.16
N ASP D 550 -44.38 45.08 -17.37
CA ASP D 550 -44.73 44.32 -18.56
C ASP D 550 -43.86 43.07 -18.72
N VAL D 551 -44.33 42.14 -19.53
CA VAL D 551 -43.59 40.94 -19.76
C VAL D 551 -43.23 40.81 -21.24
N VAL D 552 -43.84 41.66 -22.06
CA VAL D 552 -43.57 41.72 -23.50
C VAL D 552 -43.15 43.19 -23.71
N ASN D 553 -41.85 43.42 -23.85
CA ASN D 553 -41.33 44.76 -23.98
C ASN D 553 -41.11 45.32 -25.37
N HIS D 554 -40.67 44.49 -26.29
CA HIS D 554 -40.41 44.94 -27.63
C HIS D 554 -41.24 44.23 -28.72
N GLY D 555 -41.01 44.63 -29.97
CA GLY D 555 -41.69 44.06 -31.14
C GLY D 555 -41.34 42.61 -31.47
N THR D 556 -41.93 42.08 -32.54
CA THR D 556 -41.71 40.68 -32.91
C THR D 556 -40.44 40.31 -33.65
N GLU D 557 -39.74 39.29 -33.16
CA GLU D 557 -38.50 38.81 -33.76
C GLU D 557 -38.47 38.83 -35.29
N GLN D 558 -39.64 38.95 -35.92
CA GLN D 558 -39.69 39.00 -37.38
C GLN D 558 -39.29 40.37 -37.86
N ASP D 559 -38.76 41.18 -36.95
CA ASP D 559 -38.30 42.53 -37.28
C ASP D 559 -36.88 42.68 -36.78
N ASN D 560 -36.39 41.60 -36.19
CA ASN D 560 -35.04 41.52 -35.69
C ASN D 560 -34.12 41.34 -36.91
N GLU D 561 -34.19 42.30 -37.83
CA GLU D 561 -33.40 42.26 -39.05
C GLU D 561 -31.89 42.36 -38.80
N GLU D 562 -31.54 42.94 -37.66
CA GLU D 562 -30.15 43.10 -37.30
C GLU D 562 -29.52 41.83 -36.79
N PHE D 563 -29.97 41.38 -35.61
CA PHE D 563 -29.42 40.18 -34.99
C PHE D 563 -30.46 39.07 -34.84
N PRO D 564 -30.96 38.56 -35.98
CA PRO D 564 -31.96 37.51 -36.00
C PRO D 564 -31.40 36.23 -35.45
N GLU D 565 -32.18 35.59 -34.60
CA GLU D 565 -31.79 34.32 -34.00
C GLU D 565 -32.72 33.30 -34.63
N LYS D 566 -32.30 32.03 -34.56
CA LYS D 566 -33.08 30.92 -35.11
C LYS D 566 -33.38 29.88 -34.02
N ASP D 567 -34.54 30.01 -33.38
CA ASP D 567 -34.90 29.05 -32.34
C ASP D 567 -35.62 27.83 -32.90
N ASN D 568 -35.29 26.65 -32.42
CA ASN D 568 -35.95 25.44 -32.90
C ASN D 568 -37.42 25.42 -32.52
N GLU D 569 -37.66 25.27 -31.22
CA GLU D 569 -39.01 25.20 -30.68
C GLU D 569 -39.68 26.57 -30.49
N ILE D 570 -40.89 26.71 -31.04
CA ILE D 570 -41.64 27.96 -30.94
C ILE D 570 -43.01 27.65 -30.34
N PHE D 571 -43.32 28.33 -29.24
CA PHE D 571 -44.59 28.17 -28.55
C PHE D 571 -45.61 29.04 -29.28
N ILE D 572 -46.77 28.49 -29.58
CA ILE D 572 -47.82 29.24 -30.28
C ILE D 572 -49.17 29.07 -29.58
N ILE D 573 -49.98 30.12 -29.58
CA ILE D 573 -51.27 30.10 -28.94
C ILE D 573 -52.28 30.52 -29.98
N ASN D 574 -52.83 29.55 -30.71
CA ASN D 574 -53.79 29.84 -31.77
C ASN D 574 -54.98 30.67 -31.35
N PRO D 575 -55.77 31.09 -32.32
CA PRO D 575 -56.94 31.90 -32.03
C PRO D 575 -58.00 31.17 -31.22
N GLU D 576 -57.94 29.85 -31.19
CA GLU D 576 -58.90 29.06 -30.42
C GLU D 576 -58.52 28.95 -28.94
N GLY D 577 -57.25 29.24 -28.64
CA GLY D 577 -56.79 29.17 -27.26
C GLY D 577 -56.13 27.83 -26.95
N GLU D 578 -55.46 27.27 -27.93
CA GLU D 578 -54.79 25.98 -27.78
C GLU D 578 -53.27 26.12 -27.82
N PHE D 579 -52.59 25.74 -26.75
CA PHE D 579 -51.14 25.84 -26.73
C PHE D 579 -50.55 24.79 -27.67
N ILE D 580 -49.44 25.16 -28.31
CA ILE D 580 -48.74 24.31 -29.26
C ILE D 580 -47.28 24.74 -29.26
N LEU D 581 -46.39 23.84 -29.67
CA LEU D 581 -44.98 24.16 -29.72
C LEU D 581 -44.33 23.27 -30.75
N THR D 582 -43.63 23.88 -31.70
CA THR D 582 -42.96 23.13 -32.78
C THR D 582 -41.59 22.58 -32.37
N LYS D 583 -40.94 21.80 -33.22
CA LYS D 583 -39.66 21.23 -32.86
C LYS D 583 -38.55 21.61 -33.81
N ASN D 584 -38.93 21.97 -35.02
CA ASN D 584 -37.99 22.34 -36.07
C ASN D 584 -38.21 23.72 -36.60
N TRP D 585 -37.17 24.24 -37.22
CA TRP D 585 -37.24 25.55 -37.84
C TRP D 585 -38.10 25.30 -39.07
N GLU D 586 -38.14 24.04 -39.47
CA GLU D 586 -38.89 23.57 -40.61
C GLU D 586 -40.35 23.41 -40.20
N MET D 587 -40.56 22.64 -39.15
CA MET D 587 -41.91 22.39 -38.66
C MET D 587 -42.61 23.70 -38.44
N THR D 588 -41.87 24.65 -37.86
CA THR D 588 -42.41 25.97 -37.59
C THR D 588 -42.84 26.54 -38.91
N GLY D 589 -41.90 26.56 -39.84
CA GLY D 589 -42.21 27.08 -41.16
C GLY D 589 -43.40 26.36 -41.76
N ARG D 590 -43.40 25.03 -41.65
CA ARG D 590 -44.46 24.16 -42.18
C ARG D 590 -45.79 24.38 -41.45
N PHE D 591 -45.70 24.71 -40.16
CA PHE D 591 -46.90 24.97 -39.39
C PHE D 591 -47.49 26.29 -39.89
N ILE D 592 -46.67 27.32 -39.87
CA ILE D 592 -47.08 28.65 -40.28
C ILE D 592 -47.64 28.67 -41.70
N GLU D 593 -47.18 27.79 -42.58
CA GLU D 593 -47.69 27.75 -43.94
C GLU D 593 -49.10 27.20 -43.97
N LYS D 594 -49.30 26.10 -43.25
CA LYS D 594 -50.58 25.43 -43.20
C LYS D 594 -51.67 26.21 -42.48
N ASN D 595 -51.35 26.78 -41.34
CA ASN D 595 -52.34 27.51 -40.56
C ASN D 595 -52.34 29.00 -40.74
N ILE D 596 -51.19 29.66 -40.53
CA ILE D 596 -51.14 31.12 -40.68
C ILE D 596 -51.12 31.58 -42.14
N THR D 597 -50.11 31.18 -42.92
CA THR D 597 -50.02 31.59 -44.31
C THR D 597 -51.31 31.27 -45.06
N GLY D 598 -51.44 30.03 -45.50
CA GLY D 598 -52.62 29.64 -46.26
C GLY D 598 -53.89 29.49 -45.47
N LYS D 599 -54.33 30.56 -44.79
CA LYS D 599 -55.56 30.48 -44.01
C LYS D 599 -56.22 31.81 -43.58
N ASP D 600 -55.91 32.89 -44.29
CA ASP D 600 -56.52 34.21 -44.00
C ASP D 600 -55.98 35.01 -42.84
N TYR D 601 -54.75 34.74 -42.46
CA TYR D 601 -54.15 35.52 -41.41
C TYR D 601 -52.97 36.27 -42.01
N LEU D 602 -52.72 37.47 -41.49
CA LEU D 602 -51.63 38.27 -41.98
C LEU D 602 -50.39 37.86 -41.26
N TYR D 603 -49.34 37.58 -42.00
CA TYR D 603 -48.07 37.23 -41.40
C TYR D 603 -47.03 37.68 -42.38
N TYR D 604 -45.88 38.17 -41.90
CA TYR D 604 -44.77 38.57 -42.76
C TYR D 604 -43.53 37.99 -42.10
N PHE D 605 -42.49 37.70 -42.86
CA PHE D 605 -41.31 37.10 -42.24
C PHE D 605 -40.07 37.96 -42.32
N ASN D 606 -39.29 37.91 -41.24
CA ASN D 606 -38.06 38.69 -41.09
C ASN D 606 -37.38 39.06 -42.40
N ARG D 607 -37.34 40.35 -42.70
CA ARG D 607 -36.74 40.80 -43.94
C ARG D 607 -35.32 40.28 -44.20
N SER D 608 -34.64 39.79 -43.18
CA SER D 608 -33.26 39.33 -43.40
C SER D 608 -33.18 37.86 -43.76
N TYR D 609 -34.33 37.19 -43.82
CA TYR D 609 -34.33 35.77 -44.16
C TYR D 609 -33.91 35.55 -45.60
N ASN D 610 -33.02 34.57 -45.75
CA ASN D 610 -32.48 34.19 -47.03
C ASN D 610 -31.41 35.19 -47.45
N LYS D 611 -31.20 36.22 -46.63
CA LYS D 611 -30.17 37.23 -46.89
C LYS D 611 -29.06 36.99 -45.85
N ILE D 612 -28.14 37.92 -45.69
CA ILE D 612 -27.06 37.74 -44.72
C ILE D 612 -27.07 38.78 -43.65
N ALA D 613 -27.97 38.58 -42.67
CA ALA D 613 -28.16 39.48 -41.55
C ALA D 613 -26.84 40.14 -41.12
N PRO D 614 -26.70 41.45 -41.40
CA PRO D 614 -25.52 42.27 -41.08
C PRO D 614 -24.94 42.06 -39.69
N GLY D 615 -25.71 42.43 -38.67
CA GLY D 615 -25.27 42.29 -37.31
C GLY D 615 -24.49 41.04 -36.99
N ASN D 616 -25.19 39.92 -36.84
CA ASN D 616 -24.55 38.67 -36.50
C ASN D 616 -24.15 37.90 -37.74
N LYS D 617 -24.21 38.58 -38.88
CA LYS D 617 -23.84 37.97 -40.16
C LYS D 617 -24.38 36.53 -40.22
N ALA D 618 -25.70 36.42 -40.04
CA ALA D 618 -26.33 35.10 -40.05
C ALA D 618 -27.16 34.86 -41.29
N TYR D 619 -27.21 33.59 -41.69
CA TYR D 619 -27.98 33.20 -42.85
C TYR D 619 -29.06 32.25 -42.34
N ILE D 620 -30.30 32.76 -42.26
CA ILE D 620 -31.44 31.96 -41.80
C ILE D 620 -32.45 31.85 -42.92
N GLU D 621 -32.69 30.60 -43.36
CA GLU D 621 -33.61 30.23 -44.45
C GLU D 621 -35.11 30.20 -44.13
N TRP D 622 -35.92 30.69 -45.07
CA TRP D 622 -37.38 30.70 -44.91
C TRP D 622 -38.02 30.63 -46.28
N THR D 623 -38.81 29.59 -46.55
CA THR D 623 -39.45 29.44 -47.86
C THR D 623 -40.10 30.72 -48.36
N ASP D 624 -39.60 31.25 -49.48
CA ASP D 624 -40.14 32.48 -50.04
C ASP D 624 -40.83 32.15 -51.37
N PRO D 625 -42.16 32.21 -51.40
CA PRO D 625 -42.93 31.92 -52.59
C PRO D 625 -42.36 32.65 -53.79
N ILE D 626 -42.18 33.96 -53.65
CA ILE D 626 -41.67 34.75 -54.75
C ILE D 626 -40.45 34.13 -55.38
N THR D 627 -39.43 33.89 -54.56
CA THR D 627 -38.21 33.31 -55.06
C THR D 627 -38.41 31.94 -55.73
N LYS D 628 -39.48 31.25 -55.37
CA LYS D 628 -39.84 29.94 -55.94
C LYS D 628 -40.04 30.13 -57.43
N ALA D 629 -40.95 31.05 -57.76
CA ALA D 629 -41.29 31.38 -59.12
C ALA D 629 -40.20 32.14 -59.87
N LYS D 630 -39.09 32.41 -59.20
CA LYS D 630 -38.02 33.12 -59.90
C LYS D 630 -37.52 32.25 -61.06
N ILE D 631 -37.11 31.02 -60.74
CA ILE D 631 -36.61 30.04 -61.70
C ILE D 631 -37.11 30.25 -63.10
N ASN D 632 -38.41 30.56 -63.24
CA ASN D 632 -38.91 30.80 -64.56
C ASN D 632 -39.65 32.09 -64.76
N THR D 633 -38.96 33.17 -64.44
CA THR D 633 -39.50 34.50 -64.63
C THR D 633 -38.43 35.39 -65.26
N ILE D 634 -38.73 35.98 -66.41
CA ILE D 634 -37.72 36.81 -67.06
C ILE D 634 -37.38 38.00 -66.19
N PRO D 635 -36.07 38.26 -65.97
CA PRO D 635 -35.62 39.37 -65.15
C PRO D 635 -36.17 40.68 -65.64
N THR D 636 -36.05 41.68 -64.80
CA THR D 636 -36.54 43.01 -65.15
C THR D 636 -35.33 43.88 -65.52
N SER D 637 -35.59 45.03 -66.12
CA SER D 637 -34.51 45.92 -66.50
C SER D 637 -33.65 46.12 -65.28
N ALA D 638 -34.29 46.64 -64.25
CA ALA D 638 -33.63 46.96 -62.98
C ALA D 638 -33.07 45.75 -62.24
N GLU D 639 -33.74 44.63 -62.29
CA GLU D 639 -33.21 43.46 -61.61
C GLU D 639 -31.92 43.01 -62.32
N PHE D 640 -31.83 43.39 -63.60
CA PHE D 640 -30.71 43.03 -64.45
C PHE D 640 -29.53 43.91 -64.14
N ILE D 641 -29.72 45.22 -64.31
CA ILE D 641 -28.67 46.17 -64.04
C ILE D 641 -28.18 45.99 -62.62
N LYS D 642 -29.10 45.63 -61.73
CA LYS D 642 -28.74 45.42 -60.33
C LYS D 642 -27.63 44.37 -60.27
N ASN D 643 -27.92 43.18 -60.81
CA ASN D 643 -26.98 42.06 -60.84
C ASN D 643 -25.65 42.43 -61.47
N LEU D 644 -25.68 43.32 -62.46
CA LEU D 644 -24.45 43.74 -63.10
C LEU D 644 -23.65 44.48 -62.05
N SER D 645 -24.27 45.48 -61.43
CA SER D 645 -23.63 46.28 -60.38
C SER D 645 -22.97 45.41 -59.31
N SER D 646 -23.71 44.41 -58.83
CA SER D 646 -23.23 43.48 -57.82
C SER D 646 -21.88 42.87 -58.20
N ILE D 647 -21.86 42.13 -59.32
CA ILE D 647 -20.67 41.48 -59.81
C ILE D 647 -19.50 42.47 -59.98
N ARG D 648 -19.81 43.66 -60.50
CA ARG D 648 -18.81 44.69 -60.68
C ARG D 648 -18.10 44.79 -59.35
N ARG D 649 -18.86 45.09 -58.30
CA ARG D 649 -18.30 45.23 -56.95
C ARG D 649 -17.68 43.94 -56.39
N SER D 650 -17.96 42.81 -57.02
CA SER D 650 -17.43 41.53 -56.57
C SER D 650 -16.10 41.15 -57.20
N SER D 651 -16.00 41.28 -58.52
CA SER D 651 -14.76 40.96 -59.21
C SER D 651 -14.05 42.24 -59.67
N ASN D 652 -14.47 43.39 -59.15
CA ASN D 652 -13.89 44.67 -59.53
C ASN D 652 -13.62 44.78 -61.05
N VAL D 653 -14.42 44.04 -61.83
CA VAL D 653 -14.35 44.04 -63.29
C VAL D 653 -15.81 44.07 -63.79
N GLY D 654 -16.18 45.11 -64.54
CA GLY D 654 -17.52 45.26 -65.08
C GLY D 654 -17.75 44.60 -66.44
N VAL D 655 -19.02 44.41 -66.83
CA VAL D 655 -19.35 43.78 -68.11
C VAL D 655 -18.64 44.46 -69.24
N TYR D 656 -18.26 45.71 -69.03
CA TYR D 656 -17.56 46.44 -70.06
C TYR D 656 -16.68 47.47 -69.39
N LYS D 657 -15.47 47.63 -69.90
CA LYS D 657 -14.56 48.60 -69.32
C LYS D 657 -14.66 49.93 -70.03
N ASP D 658 -14.21 50.98 -69.34
CA ASP D 658 -14.19 52.33 -69.86
C ASP D 658 -12.88 52.42 -70.61
N SER D 659 -12.88 51.95 -71.86
CA SER D 659 -11.69 51.97 -72.68
C SER D 659 -11.97 52.43 -74.11
N GLY D 660 -10.98 52.25 -74.97
CA GLY D 660 -11.12 52.66 -76.36
C GLY D 660 -11.52 51.48 -77.21
N ASP D 661 -11.29 50.25 -76.72
CA ASP D 661 -11.64 49.07 -77.51
C ASP D 661 -13.05 49.27 -78.03
N LYS D 662 -13.25 48.96 -79.31
CA LYS D 662 -14.57 49.13 -79.92
C LYS D 662 -15.42 47.89 -79.78
N ASP D 663 -14.86 46.86 -79.16
CA ASP D 663 -15.59 45.62 -78.96
C ASP D 663 -16.12 45.69 -77.55
N GLU D 664 -15.53 46.59 -76.77
CA GLU D 664 -15.93 46.80 -75.39
C GLU D 664 -17.27 47.51 -75.52
N PHE D 665 -17.23 48.70 -76.13
CA PHE D 665 -18.43 49.49 -76.39
C PHE D 665 -19.52 48.59 -77.00
N ALA D 666 -19.15 47.68 -77.89
CA ALA D 666 -20.13 46.77 -78.47
C ALA D 666 -20.89 46.13 -77.32
N LYS D 667 -20.14 45.52 -76.41
CA LYS D 667 -20.68 44.85 -75.24
C LYS D 667 -21.55 45.81 -74.48
N LYS D 668 -21.06 47.01 -74.21
CA LYS D 668 -21.90 47.99 -73.52
C LYS D 668 -23.19 48.17 -74.31
N GLU D 669 -23.05 48.56 -75.57
CA GLU D 669 -24.19 48.81 -76.46
C GLU D 669 -25.14 47.64 -76.40
N SER D 670 -24.59 46.44 -76.33
CA SER D 670 -25.41 45.26 -76.32
C SER D 670 -26.16 45.00 -75.04
N VAL D 671 -25.56 45.28 -73.89
CA VAL D 671 -26.30 45.05 -72.63
C VAL D 671 -27.43 46.06 -72.64
N LYS D 672 -27.11 47.29 -73.02
CA LYS D 672 -28.12 48.31 -73.06
C LYS D 672 -29.31 47.81 -73.91
N LYS D 673 -29.02 46.92 -74.85
CA LYS D 673 -30.06 46.38 -75.72
C LYS D 673 -30.94 45.38 -74.97
N ILE D 674 -30.34 44.61 -74.07
CA ILE D 674 -31.07 43.62 -73.27
C ILE D 674 -31.89 44.39 -72.24
N ALA D 675 -31.23 45.38 -71.63
CA ALA D 675 -31.85 46.22 -70.62
C ALA D 675 -33.05 46.89 -71.23
N GLY D 676 -33.19 46.72 -72.53
CA GLY D 676 -34.33 47.30 -73.22
C GLY D 676 -35.38 46.24 -73.35
N TYR D 677 -35.05 45.17 -74.07
CA TYR D 677 -35.97 44.09 -74.25
C TYR D 677 -36.60 43.77 -72.90
N LEU D 678 -35.79 43.41 -71.91
CA LEU D 678 -36.32 43.08 -70.59
C LEU D 678 -37.27 44.15 -70.10
N SER D 679 -36.92 45.39 -70.39
CA SER D 679 -37.77 46.45 -69.95
C SER D 679 -39.06 46.50 -70.76
N ASP D 680 -38.97 46.08 -72.02
CA ASP D 680 -40.09 46.04 -72.98
C ASP D 680 -41.11 44.99 -72.61
N TYR D 681 -40.62 43.85 -72.13
CA TYR D 681 -41.44 42.72 -71.72
C TYR D 681 -42.51 43.21 -70.76
N TYR D 682 -42.06 43.85 -69.67
CA TYR D 682 -42.95 44.37 -68.66
C TYR D 682 -43.48 45.74 -69.03
N ASN D 683 -44.35 45.77 -70.04
CA ASN D 683 -44.93 47.03 -70.47
C ASN D 683 -46.35 47.10 -69.98
N SER D 684 -46.71 48.24 -69.42
CA SER D 684 -48.05 48.42 -68.90
C SER D 684 -49.15 48.50 -69.94
N ALA D 685 -48.83 48.98 -71.14
CA ALA D 685 -49.85 49.04 -72.17
C ALA D 685 -50.20 47.64 -72.70
N ASN D 686 -49.62 46.58 -72.15
CA ASN D 686 -49.92 45.23 -72.61
C ASN D 686 -51.38 44.86 -72.38
N HIS D 687 -52.16 45.76 -71.76
CA HIS D 687 -53.57 45.45 -71.49
C HIS D 687 -54.44 45.68 -72.71
N ILE D 688 -54.16 46.76 -73.46
CA ILE D 688 -54.93 47.06 -74.65
C ILE D 688 -54.80 45.92 -75.67
N PHE D 689 -54.36 44.76 -75.19
CA PHE D 689 -54.23 43.61 -76.06
C PHE D 689 -55.08 42.51 -75.45
N SER D 690 -54.94 41.29 -75.96
CA SER D 690 -55.72 40.16 -75.45
C SER D 690 -54.81 39.04 -74.96
N GLN D 691 -55.20 38.35 -73.90
CA GLN D 691 -54.38 37.25 -73.35
C GLN D 691 -53.63 36.46 -74.42
N GLU D 692 -54.31 36.17 -75.52
CA GLU D 692 -53.70 35.45 -76.64
C GLU D 692 -52.44 36.24 -77.07
N LYS D 693 -52.64 37.48 -77.49
CA LYS D 693 -51.54 38.33 -77.94
C LYS D 693 -50.48 38.46 -76.86
N LYS D 694 -50.92 38.91 -75.69
CA LYS D 694 -50.06 39.10 -74.55
C LYS D 694 -48.98 38.02 -74.54
N ARG D 695 -49.38 36.75 -74.46
CA ARG D 695 -48.38 35.68 -74.44
C ARG D 695 -47.41 35.80 -75.61
N LYS D 696 -47.97 35.77 -76.82
CA LYS D 696 -47.18 35.87 -78.04
C LYS D 696 -46.27 37.11 -78.01
N ILE D 697 -46.91 38.27 -78.04
CA ILE D 697 -46.18 39.55 -78.03
C ILE D 697 -45.02 39.59 -77.02
N SER D 698 -45.13 38.79 -75.95
CA SER D 698 -44.12 38.69 -74.88
C SER D 698 -43.17 37.54 -75.11
N ILE D 699 -43.68 36.45 -75.67
CA ILE D 699 -42.82 35.31 -75.96
C ILE D 699 -41.76 35.79 -76.94
N PHE D 700 -42.05 36.87 -77.65
CA PHE D 700 -41.09 37.40 -78.61
C PHE D 700 -40.15 38.33 -77.91
N ARG D 701 -40.73 39.33 -77.25
CA ARG D 701 -39.98 40.31 -76.48
C ARG D 701 -38.93 39.54 -75.69
N GLY D 702 -39.38 38.48 -75.03
CA GLY D 702 -38.51 37.65 -74.25
C GLY D 702 -37.43 37.08 -75.14
N ILE D 703 -37.84 36.42 -76.21
CA ILE D 703 -36.91 35.80 -77.17
C ILE D 703 -35.86 36.78 -77.66
N GLN D 704 -36.29 38.00 -77.92
CA GLN D 704 -35.41 39.06 -78.36
C GLN D 704 -34.26 39.14 -77.39
N ALA D 705 -34.59 39.29 -76.13
CA ALA D 705 -33.60 39.38 -75.07
C ALA D 705 -32.70 38.15 -75.08
N TYR D 706 -33.31 36.97 -75.08
CA TYR D 706 -32.55 35.72 -75.09
C TYR D 706 -31.51 35.79 -76.17
N ASN D 707 -31.84 36.46 -77.26
CA ASN D 707 -30.89 36.56 -78.34
C ASN D 707 -29.67 37.41 -77.95
N GLU D 708 -29.85 38.71 -77.83
CA GLU D 708 -28.74 39.59 -77.46
C GLU D 708 -27.88 38.98 -76.37
N ILE D 709 -28.43 38.12 -75.53
CA ILE D 709 -27.63 37.51 -74.49
C ILE D 709 -26.73 36.51 -75.20
N GLU D 710 -27.35 35.58 -75.93
CA GLU D 710 -26.61 34.56 -76.70
C GLU D 710 -25.56 35.27 -77.52
N ASN D 711 -25.92 36.47 -77.96
CA ASN D 711 -25.08 37.33 -78.76
C ASN D 711 -23.80 37.68 -77.99
N VAL D 712 -23.96 38.43 -76.89
CA VAL D 712 -22.82 38.85 -76.05
C VAL D 712 -22.01 37.67 -75.51
N LEU D 713 -22.72 36.61 -75.14
CA LEU D 713 -22.10 35.40 -74.62
C LEU D 713 -21.06 34.90 -75.62
N LYS D 714 -21.28 35.23 -76.89
CA LYS D 714 -20.37 34.86 -77.98
C LYS D 714 -19.66 36.15 -78.46
N SER D 715 -19.15 37.01 -77.56
CA SER D 715 -18.62 38.32 -78.05
C SER D 715 -17.09 38.53 -78.13
N LYS D 716 -16.49 39.03 -77.05
CA LYS D 716 -15.03 39.14 -76.96
C LYS D 716 -14.88 38.50 -75.60
N GLN D 717 -13.86 38.89 -74.84
CA GLN D 717 -13.70 38.29 -73.53
C GLN D 717 -14.53 39.01 -72.48
N ILE D 718 -15.46 38.27 -71.87
CA ILE D 718 -16.29 38.82 -70.82
C ILE D 718 -16.04 37.91 -69.66
N ALA D 719 -15.58 38.49 -68.56
CA ALA D 719 -15.27 37.74 -67.36
C ALA D 719 -16.23 36.57 -67.18
N PRO D 720 -15.70 35.39 -66.81
CA PRO D 720 -16.56 34.22 -66.61
C PRO D 720 -17.61 34.39 -65.50
N GLU D 721 -17.31 35.23 -64.50
CA GLU D 721 -18.25 35.46 -63.41
C GLU D 721 -19.55 35.97 -64.04
N TYR D 722 -19.39 36.76 -65.11
CA TYR D 722 -20.51 37.31 -65.86
C TYR D 722 -20.98 36.25 -66.85
N LYS D 723 -20.04 35.56 -67.46
CA LYS D 723 -20.34 34.51 -68.42
C LYS D 723 -21.38 33.58 -67.83
N ASN D 724 -21.23 33.31 -66.53
CA ASN D 724 -22.15 32.43 -65.80
C ASN D 724 -23.50 33.08 -65.61
N TYR D 725 -23.51 34.31 -65.08
CA TYR D 725 -24.77 35.04 -64.87
C TYR D 725 -25.56 35.00 -66.17
N PHE D 726 -25.00 35.56 -67.22
CA PHE D 726 -25.68 35.55 -68.50
C PHE D 726 -26.19 34.15 -68.76
N GLN D 727 -25.42 33.15 -68.36
CA GLN D 727 -25.84 31.77 -68.55
C GLN D 727 -27.12 31.52 -67.76
N TYR D 728 -27.15 32.02 -66.54
CA TYR D 728 -28.30 31.88 -65.64
C TYR D 728 -29.52 32.52 -66.33
N LEU D 729 -29.38 33.80 -66.68
CA LEU D 729 -30.47 34.53 -67.33
C LEU D 729 -31.07 33.72 -68.46
N LYS D 730 -30.23 33.11 -69.28
CA LYS D 730 -30.73 32.31 -70.39
C LYS D 730 -31.81 31.34 -69.93
N GLU D 731 -31.47 30.52 -68.94
CA GLU D 731 -32.43 29.53 -68.46
C GLU D 731 -33.72 30.17 -67.98
N ARG D 732 -33.62 31.32 -67.31
CA ARG D 732 -34.83 32.01 -66.86
C ARG D 732 -35.67 32.24 -68.11
N ILE D 733 -35.15 33.06 -69.02
CA ILE D 733 -35.83 33.39 -70.27
C ILE D 733 -36.42 32.13 -70.89
N THR D 734 -35.57 31.13 -71.11
CA THR D 734 -35.99 29.85 -71.67
C THR D 734 -37.23 29.45 -70.89
N ASN D 735 -37.03 29.12 -69.61
CA ASN D 735 -38.10 28.73 -68.70
C ASN D 735 -39.37 29.56 -68.86
N GLN D 736 -39.20 30.88 -68.82
CA GLN D 736 -40.33 31.80 -68.93
C GLN D 736 -41.07 31.63 -70.24
N VAL D 737 -40.34 31.71 -71.35
CA VAL D 737 -40.95 31.59 -72.66
C VAL D 737 -41.62 30.22 -72.80
N GLN D 738 -41.04 29.20 -72.18
CA GLN D 738 -41.65 27.89 -72.26
C GLN D 738 -43.03 28.00 -71.62
N LEU D 739 -43.08 28.58 -70.43
CA LEU D 739 -44.33 28.74 -69.69
C LEU D 739 -45.40 29.40 -70.54
N LEU D 740 -45.06 30.52 -71.19
CA LEU D 740 -46.00 31.26 -72.03
C LEU D 740 -46.49 30.44 -73.20
N LEU D 741 -45.67 29.46 -73.54
CA LEU D 741 -45.91 28.59 -74.65
C LEU D 741 -46.76 27.42 -74.29
N THR D 742 -46.40 26.71 -73.26
CA THR D 742 -47.25 25.60 -72.94
C THR D 742 -48.55 26.15 -72.44
N HIS D 743 -48.52 27.39 -71.99
CA HIS D 743 -49.76 27.92 -71.48
C HIS D 743 -50.83 27.99 -72.58
N GLN D 744 -50.40 28.09 -73.84
CA GLN D 744 -51.29 28.24 -75.00
C GLN D 744 -51.40 26.99 -75.89
N LYS D 745 -50.42 26.82 -76.77
CA LYS D 745 -50.37 25.62 -77.60
C LYS D 745 -49.19 24.77 -76.97
N SER D 746 -49.13 23.45 -77.20
CA SER D 746 -48.18 22.55 -76.47
C SER D 746 -46.99 21.81 -77.05
N ASN D 747 -46.84 21.76 -78.36
CA ASN D 747 -45.73 21.00 -78.92
C ASN D 747 -44.43 21.78 -78.93
N ILE D 748 -44.51 22.97 -79.49
CA ILE D 748 -43.37 23.86 -79.69
C ILE D 748 -42.37 23.98 -78.52
N GLU D 749 -41.22 23.31 -78.65
CA GLU D 749 -40.18 23.38 -77.63
C GLU D 749 -39.37 24.64 -77.90
N PHE D 750 -39.05 25.36 -76.83
CA PHE D 750 -38.30 26.60 -76.97
C PHE D 750 -37.07 26.45 -77.86
N LYS D 751 -36.20 25.48 -77.56
CA LYS D 751 -35.00 25.28 -78.35
C LYS D 751 -35.30 25.26 -79.86
N LEU D 752 -36.27 24.44 -80.25
CA LEU D 752 -36.65 24.33 -81.67
C LEU D 752 -37.17 25.65 -82.22
N LEU D 753 -38.23 26.19 -81.61
CA LEU D 753 -38.81 27.46 -82.06
C LEU D 753 -37.72 28.48 -82.34
N TYR D 754 -36.69 28.47 -81.50
CA TYR D 754 -35.58 29.40 -81.65
C TYR D 754 -34.93 29.18 -83.01
N LYS D 755 -34.33 28.00 -83.17
CA LYS D 755 -33.69 27.63 -84.42
C LYS D 755 -34.33 28.33 -85.61
N GLN D 756 -35.63 28.12 -85.78
CA GLN D 756 -36.40 28.69 -86.87
C GLN D 756 -36.47 30.21 -86.91
N LEU D 757 -35.49 30.90 -86.36
CA LEU D 757 -35.52 32.36 -86.37
C LEU D 757 -34.39 33.01 -87.17
N ASN D 758 -34.70 34.16 -87.77
CA ASN D 758 -33.76 34.92 -88.59
C ASN D 758 -33.41 36.25 -87.91
N PHE D 759 -32.35 36.25 -87.11
CA PHE D 759 -31.94 37.47 -86.41
C PHE D 759 -30.76 38.18 -87.07
N THR D 760 -30.55 37.89 -88.35
CA THR D 760 -29.46 38.49 -89.12
C THR D 760 -29.63 40.01 -89.21
N GLU D 761 -30.36 40.46 -90.23
CA GLU D 761 -30.59 41.88 -90.46
C GLU D 761 -32.02 42.31 -90.10
N ASN D 762 -33.00 41.82 -90.87
CA ASN D 762 -34.40 42.17 -90.65
C ASN D 762 -35.10 41.33 -89.57
N GLU D 763 -35.77 42.05 -88.66
CA GLU D 763 -36.53 41.46 -87.55
C GLU D 763 -38.01 41.46 -87.92
N THR D 764 -38.40 42.43 -88.75
CA THR D 764 -39.76 42.63 -89.23
C THR D 764 -40.52 41.33 -89.48
N ASP D 765 -40.35 40.75 -90.66
CA ASP D 765 -41.04 39.52 -91.02
C ASP D 765 -40.80 38.39 -90.03
N ASN D 766 -39.66 38.43 -89.33
CA ASN D 766 -39.35 37.39 -88.35
C ASN D 766 -40.50 37.24 -87.38
N PHE D 767 -41.10 38.37 -87.00
CA PHE D 767 -42.22 38.34 -86.06
C PHE D 767 -43.46 37.70 -86.72
N GLU D 768 -43.70 38.04 -87.98
CA GLU D 768 -44.84 37.47 -88.70
C GLU D 768 -44.64 35.96 -88.76
N VAL D 769 -43.37 35.56 -88.82
CA VAL D 769 -42.99 34.16 -88.86
C VAL D 769 -43.40 33.55 -87.55
N PHE D 770 -42.85 34.08 -86.48
CA PHE D 770 -43.13 33.64 -85.12
C PHE D 770 -44.61 33.27 -84.98
N GLN D 771 -45.48 34.15 -85.46
CA GLN D 771 -46.90 33.91 -85.39
C GLN D 771 -47.23 32.58 -86.07
N LYS D 772 -46.83 32.45 -87.33
CA LYS D 772 -47.09 31.22 -88.07
C LYS D 772 -46.41 30.06 -87.38
N ILE D 773 -45.26 30.32 -86.78
CA ILE D 773 -44.54 29.27 -86.08
C ILE D 773 -45.45 28.67 -85.02
N ILE D 774 -46.44 29.45 -84.58
CA ILE D 774 -47.37 28.98 -83.56
C ILE D 774 -48.79 28.75 -84.11
N ASP D 775 -48.95 27.61 -84.78
CA ASP D 775 -50.23 27.20 -85.38
C ASP D 775 -50.21 25.69 -85.62
N ASN E 41 15.93 -12.22 -80.04
CA ASN E 41 17.31 -12.14 -79.46
C ASN E 41 18.19 -13.30 -79.94
N ASN E 42 18.01 -13.70 -81.20
CA ASN E 42 18.77 -14.82 -81.75
C ASN E 42 18.76 -15.93 -80.69
N LEU E 43 17.62 -16.62 -80.66
CA LEU E 43 17.31 -17.72 -79.76
C LEU E 43 18.13 -18.96 -79.99
N VAL E 44 18.35 -19.33 -81.25
CA VAL E 44 19.12 -20.54 -81.50
C VAL E 44 20.61 -20.33 -81.33
N LYS E 45 21.24 -21.33 -80.75
CA LYS E 45 22.66 -21.30 -80.52
C LYS E 45 23.13 -22.66 -81.00
N THR E 46 23.81 -22.70 -82.15
CA THR E 46 24.34 -23.96 -82.69
C THR E 46 25.82 -23.90 -82.32
N GLU E 47 26.34 -24.76 -81.47
CA GLU E 47 27.71 -24.45 -81.10
C GLU E 47 28.90 -25.02 -81.75
N PHE E 48 28.69 -26.15 -82.41
CA PHE E 48 29.81 -26.75 -83.07
C PHE E 48 29.30 -27.30 -84.41
N THR E 49 29.50 -26.54 -85.50
CA THR E 49 29.05 -26.99 -86.85
C THR E 49 29.90 -28.18 -87.33
N ASN E 50 29.91 -29.22 -86.50
CA ASN E 50 30.70 -30.44 -86.69
C ASN E 50 30.24 -31.40 -87.75
N GLU E 51 29.03 -31.89 -87.65
CA GLU E 51 28.55 -32.79 -88.68
C GLU E 51 28.26 -31.94 -89.96
N THR E 52 28.12 -32.56 -91.16
CA THR E 52 27.93 -31.86 -92.46
C THR E 52 26.75 -30.89 -92.57
N LEU E 53 25.61 -31.36 -93.02
CA LEU E 53 24.41 -30.53 -93.02
C LEU E 53 23.47 -31.38 -92.20
N ASP E 54 24.02 -32.47 -91.68
CA ASP E 54 23.25 -33.40 -90.88
C ASP E 54 22.94 -32.93 -89.48
N LYS E 55 23.93 -32.53 -88.70
CA LYS E 55 23.57 -32.04 -87.37
C LYS E 55 22.70 -30.83 -87.61
N ILE E 56 23.11 -30.06 -88.60
CA ILE E 56 22.39 -28.86 -88.96
C ILE E 56 20.98 -29.25 -89.43
N GLN E 57 20.91 -29.89 -90.60
CA GLN E 57 19.65 -30.31 -91.21
C GLN E 57 18.81 -31.09 -90.24
N GLN E 58 19.28 -31.25 -89.01
CA GLN E 58 18.53 -31.98 -88.02
C GLN E 58 18.04 -31.00 -86.98
N THR E 59 18.90 -30.07 -86.61
CA THR E 59 18.49 -29.07 -85.66
C THR E 59 17.39 -28.32 -86.39
N GLN E 60 17.60 -28.04 -87.68
CA GLN E 60 16.59 -27.33 -88.45
C GLN E 60 15.28 -28.11 -88.40
N ASP E 61 15.21 -29.23 -89.09
CA ASP E 61 13.99 -30.02 -89.09
C ASP E 61 13.39 -30.00 -87.70
N LEU E 62 14.22 -30.15 -86.69
CA LEU E 62 13.75 -30.15 -85.32
C LEU E 62 12.92 -28.91 -85.02
N LEU E 63 13.60 -27.77 -85.04
CA LEU E 63 13.00 -26.47 -84.76
C LEU E 63 11.80 -26.13 -85.61
N LYS E 64 11.95 -26.25 -86.93
CA LYS E 64 10.86 -25.91 -87.85
C LYS E 64 9.58 -26.65 -87.52
N LYS E 65 9.70 -27.74 -86.77
CA LYS E 65 8.52 -28.50 -86.39
C LYS E 65 7.85 -27.87 -85.16
N ILE E 66 8.58 -26.97 -84.51
CA ILE E 66 8.08 -26.26 -83.34
C ILE E 66 7.42 -24.96 -83.84
N PRO E 67 6.31 -24.53 -83.22
CA PRO E 67 5.63 -23.30 -83.67
C PRO E 67 6.44 -22.00 -83.50
N LYS E 68 6.58 -21.26 -84.60
CA LYS E 68 7.32 -20.01 -84.60
C LYS E 68 6.98 -19.08 -83.45
N ASP E 69 5.85 -19.33 -82.79
CA ASP E 69 5.42 -18.49 -81.68
C ASP E 69 5.87 -19.08 -80.35
N VAL E 70 5.87 -20.40 -80.26
CA VAL E 70 6.29 -21.07 -79.04
C VAL E 70 7.71 -20.60 -78.73
N LEU E 71 8.46 -20.35 -79.79
CA LEU E 71 9.82 -19.86 -79.67
C LEU E 71 9.74 -18.42 -79.20
N GLU E 72 8.91 -17.65 -79.90
CA GLU E 72 8.72 -16.26 -79.57
C GLU E 72 8.48 -16.12 -78.09
N ILE E 73 7.68 -17.02 -77.54
CA ILE E 73 7.40 -17.00 -76.11
C ILE E 73 8.71 -17.28 -75.40
N TYR E 74 9.32 -18.38 -75.78
CA TYR E 74 10.59 -18.75 -75.20
C TYR E 74 11.54 -17.56 -75.26
N SER E 75 11.67 -16.97 -76.44
CA SER E 75 12.56 -15.82 -76.61
C SER E 75 12.21 -14.71 -75.61
N GLU E 76 11.00 -14.17 -75.72
CA GLU E 76 10.58 -13.09 -74.83
C GLU E 76 10.83 -13.49 -73.38
N LEU E 77 10.69 -14.78 -73.09
CA LEU E 77 10.93 -15.24 -71.73
C LEU E 77 12.41 -15.16 -71.44
N GLY E 78 13.14 -14.49 -72.32
CA GLY E 78 14.58 -14.38 -72.15
C GLY E 78 15.24 -15.74 -72.24
N GLY E 79 14.66 -16.64 -73.03
CA GLY E 79 15.21 -17.97 -73.18
C GLY E 79 16.21 -18.09 -74.32
N GLU E 80 16.97 -19.19 -74.33
CA GLU E 80 17.93 -19.43 -75.38
C GLU E 80 17.97 -20.93 -75.63
N ILE E 81 18.17 -21.37 -76.86
CA ILE E 81 18.19 -22.80 -77.11
C ILE E 81 19.57 -23.21 -77.53
N TYR E 82 20.10 -24.21 -76.86
CA TYR E 82 21.45 -24.65 -77.17
C TYR E 82 21.54 -25.98 -77.92
N PHE E 83 21.91 -25.89 -79.19
CA PHE E 83 22.10 -27.05 -80.03
C PHE E 83 23.61 -27.19 -80.14
N THR E 84 24.21 -27.81 -79.12
CA THR E 84 25.65 -28.04 -79.14
C THR E 84 25.89 -29.44 -79.73
N ASP E 85 27.15 -29.74 -80.12
CA ASP E 85 27.55 -30.95 -80.86
C ASP E 85 27.41 -32.36 -80.29
N ILE E 86 28.35 -32.73 -79.43
CA ILE E 86 28.26 -33.95 -78.65
C ILE E 86 28.70 -33.37 -77.31
N ASP E 87 27.72 -33.05 -76.51
CA ASP E 87 27.99 -32.52 -75.18
C ASP E 87 26.88 -33.18 -74.40
N LEU E 88 26.96 -34.44 -74.18
CA LEU E 88 25.98 -35.12 -73.33
C LEU E 88 25.96 -34.72 -71.82
N VAL E 89 26.99 -35.15 -71.10
CA VAL E 89 27.07 -34.94 -69.65
C VAL E 89 27.10 -33.50 -69.14
N GLU E 90 27.29 -33.37 -67.83
CA GLU E 90 27.37 -32.06 -67.17
C GLU E 90 28.61 -31.46 -67.79
N HIS E 91 28.55 -31.23 -69.10
CA HIS E 91 29.71 -30.75 -69.79
C HIS E 91 29.58 -29.46 -70.57
N LYS E 92 28.37 -29.04 -70.88
CA LYS E 92 28.28 -27.81 -71.66
C LYS E 92 28.52 -26.58 -70.83
N GLU E 93 29.00 -25.53 -71.48
CA GLU E 93 29.29 -24.29 -70.81
C GLU E 93 28.20 -23.84 -69.85
N LEU E 94 26.99 -24.38 -70.01
CA LEU E 94 25.89 -23.99 -69.13
C LEU E 94 25.31 -25.17 -68.35
N GLN E 95 25.95 -26.35 -68.42
CA GLN E 95 25.46 -27.54 -67.71
C GLN E 95 26.04 -27.86 -66.32
N ASP E 96 26.87 -26.98 -65.79
CA ASP E 96 27.43 -27.20 -64.46
C ASP E 96 26.46 -26.56 -63.45
N LEU E 97 26.43 -27.07 -62.23
CA LEU E 97 25.53 -26.58 -61.17
C LEU E 97 24.98 -25.15 -61.30
N SER E 98 23.66 -25.02 -61.06
CA SER E 98 22.97 -23.73 -61.10
C SER E 98 21.61 -23.85 -60.36
N GLU E 99 20.70 -24.62 -60.96
CA GLU E 99 19.38 -24.89 -60.39
C GLU E 99 18.93 -26.22 -61.02
N GLU E 100 19.67 -27.28 -60.70
CA GLU E 100 19.43 -28.60 -61.24
C GLU E 100 18.46 -29.51 -60.46
N GLU E 101 18.76 -30.80 -60.47
CA GLU E 101 17.98 -31.84 -59.81
C GLU E 101 17.82 -31.60 -58.30
N LYS E 102 16.67 -31.08 -57.91
CA LYS E 102 16.33 -30.81 -56.50
C LYS E 102 15.19 -31.79 -56.10
N ASN E 103 14.22 -31.94 -56.99
CA ASN E 103 13.05 -32.85 -56.83
C ASN E 103 12.89 -33.70 -58.14
N SER E 104 12.09 -34.81 -58.17
CA SER E 104 12.10 -35.72 -59.35
C SER E 104 11.02 -35.93 -60.43
N MET E 105 10.04 -35.08 -60.60
CA MET E 105 9.14 -35.30 -61.75
C MET E 105 9.98 -34.94 -63.01
N ASN E 106 10.69 -35.86 -63.67
CA ASN E 106 11.48 -35.41 -64.83
C ASN E 106 10.94 -35.64 -66.23
N SER E 107 11.07 -36.85 -66.78
CA SER E 107 10.57 -37.08 -68.15
C SER E 107 9.07 -37.36 -68.26
N ARG E 108 8.65 -37.97 -69.38
CA ARG E 108 7.25 -38.33 -69.57
C ARG E 108 6.82 -39.22 -68.39
N GLY E 109 7.83 -39.85 -67.78
CA GLY E 109 7.70 -40.67 -66.58
C GLY E 109 8.72 -40.07 -65.62
N GLU E 110 8.61 -40.23 -64.32
CA GLU E 110 9.71 -39.64 -63.58
C GLU E 110 10.81 -40.72 -63.62
N LYS E 111 11.99 -40.39 -64.17
CA LYS E 111 13.09 -41.39 -64.27
C LYS E 111 14.43 -40.88 -63.72
N VAL E 112 14.70 -39.59 -63.94
CA VAL E 112 15.90 -38.88 -63.48
C VAL E 112 17.31 -39.51 -63.67
N PRO E 113 17.59 -40.11 -64.86
CA PRO E 113 18.91 -40.71 -65.13
C PRO E 113 19.77 -39.77 -66.02
N PHE E 114 20.34 -38.74 -65.41
CA PHE E 114 21.13 -37.73 -66.10
C PHE E 114 22.08 -38.10 -67.23
N ALA E 115 23.14 -38.86 -66.94
CA ALA E 115 24.11 -39.22 -67.96
C ALA E 115 23.52 -39.79 -69.27
N SER E 116 22.23 -40.11 -69.24
CA SER E 116 21.59 -40.67 -70.43
C SER E 116 20.77 -39.64 -71.20
N ARG E 117 20.69 -38.42 -70.66
CA ARG E 117 19.93 -37.36 -71.31
C ARG E 117 20.64 -36.70 -72.48
N PHE E 118 19.82 -36.18 -73.40
CA PHE E 118 20.31 -35.49 -74.59
C PHE E 118 19.57 -34.16 -74.73
N VAL E 119 18.72 -33.89 -73.74
CA VAL E 119 17.93 -32.69 -73.71
C VAL E 119 17.79 -32.28 -72.26
N PHE E 120 17.76 -30.97 -72.00
CA PHE E 120 17.59 -30.46 -70.64
C PHE E 120 17.17 -28.97 -70.56
N GLU E 121 16.47 -28.65 -69.45
CA GLU E 121 15.94 -27.32 -69.17
C GLU E 121 16.55 -26.66 -67.94
N LYS E 122 17.30 -25.57 -68.15
CA LYS E 122 17.82 -24.80 -67.03
C LYS E 122 16.48 -24.08 -66.70
N LYS E 123 15.86 -24.45 -65.60
CA LYS E 123 14.51 -23.96 -65.26
C LYS E 123 14.20 -22.68 -64.48
N ARG E 124 15.15 -21.84 -64.05
CA ARG E 124 14.67 -20.75 -63.17
C ARG E 124 14.39 -19.29 -63.62
N GLU E 125 15.37 -18.40 -63.54
CA GLU E 125 15.16 -17.02 -63.95
C GLU E 125 14.83 -16.91 -65.44
N THR E 126 15.79 -17.31 -66.28
CA THR E 126 15.68 -17.31 -67.74
C THR E 126 15.77 -18.76 -68.22
N PRO E 127 14.82 -19.21 -69.09
CA PRO E 127 14.89 -20.60 -69.57
C PRO E 127 16.10 -20.89 -70.47
N LYS E 128 16.66 -22.08 -70.33
CA LYS E 128 17.81 -22.48 -71.12
C LYS E 128 17.67 -23.91 -71.63
N LEU E 129 17.21 -24.03 -72.86
CA LEU E 129 17.03 -25.34 -73.46
C LEU E 129 18.34 -25.73 -74.08
N ILE E 130 18.79 -26.94 -73.77
CA ILE E 130 20.04 -27.47 -74.32
C ILE E 130 19.86 -28.85 -74.89
N ILE E 131 20.12 -28.98 -76.19
CA ILE E 131 19.99 -30.21 -76.91
C ILE E 131 21.26 -30.47 -77.67
N ASN E 132 21.52 -31.72 -77.92
CA ASN E 132 22.71 -32.07 -78.67
C ASN E 132 22.30 -33.19 -79.58
N ILE E 133 23.08 -33.41 -80.63
CA ILE E 133 22.74 -34.47 -81.57
C ILE E 133 24.00 -35.24 -81.99
N LYS E 134 23.92 -36.57 -82.07
CA LYS E 134 25.11 -37.36 -82.45
C LYS E 134 24.97 -37.88 -83.87
N ASP E 135 24.29 -38.99 -84.11
CA ASP E 135 24.15 -39.23 -85.51
C ASP E 135 22.69 -39.15 -85.91
N TYR E 136 22.32 -39.70 -87.04
CA TYR E 136 21.01 -39.47 -87.55
C TYR E 136 19.67 -39.74 -86.80
N ALA E 137 19.58 -40.36 -85.62
CA ALA E 137 18.23 -40.83 -85.22
C ALA E 137 17.07 -40.15 -84.46
N ILE E 138 16.30 -39.24 -85.04
CA ILE E 138 15.16 -38.71 -84.29
C ILE E 138 13.76 -39.13 -84.85
N ASN E 139 13.73 -39.61 -86.10
CA ASN E 139 12.46 -39.94 -86.77
C ASN E 139 11.78 -41.34 -86.79
N SER E 140 12.52 -42.43 -86.64
CA SER E 140 11.86 -43.76 -86.66
C SER E 140 10.93 -43.95 -85.46
N GLU E 141 11.50 -43.84 -84.26
CA GLU E 141 10.75 -43.95 -83.03
C GLU E 141 10.97 -42.59 -82.39
N GLN E 142 10.25 -41.59 -82.92
CA GLN E 142 10.35 -40.23 -82.42
C GLN E 142 9.95 -40.17 -80.97
N SER E 143 9.67 -41.34 -80.39
CA SER E 143 9.30 -41.41 -78.97
C SER E 143 10.45 -40.79 -78.17
N LYS E 144 11.48 -40.34 -78.89
CA LYS E 144 12.66 -39.71 -78.33
C LYS E 144 12.55 -38.18 -78.49
N GLU E 145 12.30 -37.73 -79.71
CA GLU E 145 12.18 -36.30 -79.95
C GLU E 145 11.07 -35.73 -79.09
N VAL E 146 10.12 -36.58 -78.70
CA VAL E 146 8.99 -36.16 -77.87
C VAL E 146 9.51 -35.55 -76.56
N TYR E 147 10.76 -35.81 -76.22
CA TYR E 147 11.34 -35.24 -75.00
C TYR E 147 11.90 -33.88 -75.30
N TYR E 148 12.34 -33.68 -76.53
CA TYR E 148 12.83 -32.38 -76.90
C TYR E 148 11.59 -31.48 -76.92
N GLU E 149 10.40 -32.10 -76.89
CA GLU E 149 9.13 -31.37 -76.90
C GLU E 149 8.66 -31.08 -75.48
N ILE E 150 8.62 -32.13 -74.66
CA ILE E 150 8.20 -31.96 -73.28
C ILE E 150 9.31 -31.14 -72.64
N GLY E 151 10.54 -31.62 -72.84
CA GLY E 151 11.70 -30.94 -72.29
C GLY E 151 11.58 -29.48 -72.60
N LYS E 152 10.90 -29.17 -73.71
CA LYS E 152 10.68 -27.80 -74.09
C LYS E 152 9.47 -27.38 -73.31
N GLY E 153 8.40 -28.14 -73.47
CA GLY E 153 7.17 -27.83 -72.77
C GLY E 153 7.39 -27.35 -71.35
N ILE E 154 8.35 -27.94 -70.63
CA ILE E 154 8.60 -27.53 -69.25
C ILE E 154 9.11 -26.10 -69.13
N SER E 155 9.03 -25.38 -70.24
CA SER E 155 9.45 -24.00 -70.26
C SER E 155 8.20 -23.16 -70.19
N LEU E 156 7.28 -23.45 -71.10
CA LEU E 156 6.02 -22.72 -71.16
C LEU E 156 5.06 -23.08 -70.04
N ASP E 157 5.05 -24.33 -69.62
CA ASP E 157 4.10 -24.72 -68.58
C ASP E 157 3.82 -23.70 -67.46
N ILE E 158 4.66 -23.68 -66.43
CA ILE E 158 4.45 -22.79 -65.30
C ILE E 158 4.52 -21.32 -65.65
N ILE E 159 4.71 -21.02 -66.93
CA ILE E 159 4.83 -19.64 -67.34
C ILE E 159 3.96 -19.38 -68.58
N SER E 160 3.04 -20.29 -68.86
CA SER E 160 2.20 -20.15 -70.04
C SER E 160 0.82 -19.61 -69.76
N LYS E 161 -0.14 -20.52 -69.70
CA LYS E 161 -1.52 -20.17 -69.44
C LYS E 161 -1.80 -20.86 -68.12
N ASP E 162 -1.04 -21.92 -67.91
CA ASP E 162 -1.15 -22.72 -66.71
C ASP E 162 -1.01 -21.82 -65.49
N LYS E 163 -0.08 -20.87 -65.56
CA LYS E 163 0.15 -19.98 -64.42
C LYS E 163 0.57 -18.54 -64.74
N SER E 164 1.22 -18.31 -65.92
CA SER E 164 1.76 -16.99 -66.42
C SER E 164 0.76 -15.85 -66.27
N LEU E 165 -0.39 -16.02 -66.93
CA LEU E 165 -1.48 -15.15 -66.57
C LEU E 165 -1.98 -16.31 -65.68
N ASP E 166 -2.82 -16.02 -64.71
CA ASP E 166 -3.21 -17.09 -63.84
C ASP E 166 -4.12 -18.12 -64.47
N PRO E 167 -4.25 -19.25 -63.75
CA PRO E 167 -5.09 -20.23 -64.45
C PRO E 167 -6.32 -19.29 -64.49
N GLU E 168 -6.47 -18.75 -65.71
CA GLU E 168 -7.68 -17.99 -65.83
C GLU E 168 -8.65 -19.08 -66.28
N PHE E 169 -9.89 -19.03 -65.78
CA PHE E 169 -10.87 -20.04 -66.14
C PHE E 169 -10.52 -20.84 -67.42
N LEU E 170 -9.97 -20.16 -68.44
CA LEU E 170 -9.56 -20.79 -69.70
C LEU E 170 -8.81 -22.10 -69.46
N ASN E 171 -7.84 -22.08 -68.54
CA ASN E 171 -7.05 -23.28 -68.24
C ASN E 171 -7.62 -24.05 -67.06
N LEU E 172 -8.38 -23.38 -66.21
CA LEU E 172 -8.97 -24.06 -65.08
C LEU E 172 -10.11 -24.93 -65.58
N ILE E 173 -11.11 -24.29 -66.18
CA ILE E 173 -12.29 -24.97 -66.72
C ILE E 173 -11.92 -26.01 -67.79
N LYS E 174 -10.63 -26.04 -68.15
CA LYS E 174 -10.12 -26.99 -69.14
C LYS E 174 -9.64 -28.19 -68.33
N SER E 175 -9.17 -27.91 -67.11
CA SER E 175 -8.69 -28.93 -66.21
C SER E 175 -9.91 -29.58 -65.54
N LEU E 176 -11.05 -28.90 -65.61
CA LEU E 176 -12.29 -29.43 -65.04
C LEU E 176 -12.70 -30.60 -65.89
N SER E 177 -12.12 -30.67 -67.09
CA SER E 177 -12.41 -31.76 -68.00
C SER E 177 -11.69 -33.01 -67.51
N ASP E 178 -11.58 -33.11 -66.19
CA ASP E 178 -10.95 -34.25 -65.57
C ASP E 178 -11.82 -35.44 -65.98
N ASP E 179 -13.09 -35.39 -65.58
CA ASP E 179 -14.03 -36.46 -65.91
C ASP E 179 -15.51 -36.03 -65.88
N SER E 180 -15.77 -34.76 -65.61
CA SER E 180 -17.15 -34.28 -65.48
C SER E 180 -17.84 -33.49 -66.60
N ASP E 181 -17.10 -33.03 -67.61
CA ASP E 181 -17.70 -32.26 -68.69
C ASP E 181 -17.94 -33.07 -69.97
N SER E 182 -16.87 -33.68 -70.47
CA SER E 182 -16.95 -34.51 -71.67
C SER E 182 -17.14 -35.98 -71.27
N SER E 183 -17.54 -36.80 -72.23
CA SER E 183 -17.74 -38.23 -72.00
C SER E 183 -16.43 -38.95 -72.35
N ASP E 184 -15.32 -38.27 -72.06
CA ASP E 184 -13.97 -38.80 -72.32
C ASP E 184 -13.03 -38.68 -71.12
N LEU E 185 -13.16 -39.64 -70.20
CA LEU E 185 -12.34 -39.72 -69.00
C LEU E 185 -11.08 -40.48 -69.38
N LEU E 186 -10.55 -40.14 -70.56
CA LEU E 186 -9.33 -40.72 -71.12
C LEU E 186 -8.18 -39.72 -70.90
N PHE E 187 -7.70 -39.66 -69.66
CA PHE E 187 -6.61 -38.78 -69.30
C PHE E 187 -5.55 -39.49 -68.47
N SER E 188 -5.14 -40.66 -68.95
CA SER E 188 -4.10 -41.46 -68.32
C SER E 188 -2.81 -41.17 -69.09
N GLN E 189 -2.98 -40.65 -70.30
CA GLN E 189 -1.89 -40.29 -71.19
C GLN E 189 -1.24 -39.03 -70.63
N LYS E 190 -1.67 -38.64 -69.42
CA LYS E 190 -1.13 -37.44 -68.76
C LYS E 190 -1.40 -37.40 -67.25
N PHE E 191 -2.22 -38.31 -66.75
CA PHE E 191 -2.58 -38.29 -65.34
C PHE E 191 -2.62 -39.60 -64.59
N LYS E 192 -1.49 -40.16 -64.13
CA LYS E 192 -1.63 -41.41 -63.41
C LYS E 192 -1.51 -41.34 -61.90
N GLU E 193 -0.29 -41.18 -61.40
CA GLU E 193 -0.05 -41.15 -59.96
C GLU E 193 -0.52 -39.89 -59.21
N LYS E 194 -0.85 -38.83 -59.95
CA LYS E 194 -1.30 -37.59 -59.34
C LYS E 194 -2.73 -37.21 -59.66
N LEU E 195 -3.41 -38.06 -60.44
CA LEU E 195 -4.82 -37.83 -60.78
C LEU E 195 -5.67 -39.09 -60.98
N GLU E 196 -5.34 -40.15 -60.25
CA GLU E 196 -6.15 -41.36 -60.31
C GLU E 196 -7.21 -40.94 -59.28
N LEU E 197 -7.09 -39.68 -58.90
CA LEU E 197 -7.99 -39.03 -57.96
C LEU E 197 -9.14 -38.46 -58.80
N ASN E 198 -9.88 -39.37 -59.44
CA ASN E 198 -11.04 -38.97 -60.24
C ASN E 198 -12.07 -38.51 -59.21
N ASN E 199 -11.96 -39.13 -58.03
CA ASN E 199 -12.81 -38.89 -56.88
C ASN E 199 -12.51 -37.55 -56.22
N LYS E 200 -12.58 -36.55 -57.06
CA LYS E 200 -12.38 -35.17 -56.70
C LYS E 200 -12.89 -34.34 -57.85
N SER E 201 -13.77 -33.40 -57.55
CA SER E 201 -14.15 -32.54 -58.63
C SER E 201 -12.99 -31.54 -58.59
N ILE E 202 -12.10 -31.62 -59.55
CA ILE E 202 -10.95 -30.72 -59.57
C ILE E 202 -11.34 -29.32 -60.02
N ASP E 203 -11.17 -28.36 -59.11
CA ASP E 203 -11.48 -26.97 -59.35
C ASP E 203 -10.53 -26.18 -58.48
N ILE E 204 -10.88 -24.97 -58.15
CA ILE E 204 -9.99 -24.18 -57.34
C ILE E 204 -9.61 -24.90 -56.05
N ASN E 205 -10.54 -25.67 -55.50
CA ASN E 205 -10.25 -26.34 -54.25
C ASN E 205 -8.88 -27.06 -54.15
N PHE E 206 -8.36 -27.68 -55.20
CA PHE E 206 -7.12 -28.43 -55.03
C PHE E 206 -6.02 -28.33 -56.09
N ILE E 207 -6.35 -27.78 -57.24
CA ILE E 207 -5.41 -27.67 -58.38
C ILE E 207 -4.03 -27.06 -58.12
N LYS E 208 -3.90 -26.20 -57.13
CA LYS E 208 -2.62 -25.55 -56.80
C LYS E 208 -1.60 -26.52 -56.20
N GLU E 209 -2.04 -27.26 -55.19
CA GLU E 209 -1.21 -28.23 -54.48
C GLU E 209 -0.33 -29.07 -55.42
N ASN E 210 -0.64 -29.06 -56.71
CA ASN E 210 0.13 -29.85 -57.66
C ASN E 210 0.40 -29.19 -59.01
N LEU E 211 0.86 -27.94 -58.99
CA LEU E 211 1.18 -27.21 -60.22
C LEU E 211 2.27 -27.97 -60.99
N THR E 212 3.30 -28.41 -60.28
CA THR E 212 4.41 -29.14 -60.87
C THR E 212 3.92 -30.36 -61.61
N GLU E 213 2.70 -30.82 -61.29
CA GLU E 213 2.11 -32.00 -61.93
C GLU E 213 1.10 -31.64 -63.02
N PHE E 214 0.35 -30.56 -62.83
CA PHE E 214 -0.61 -30.15 -63.85
C PHE E 214 0.17 -29.47 -64.98
N GLN E 215 1.48 -29.67 -64.95
CA GLN E 215 2.40 -29.15 -65.96
C GLN E 215 2.84 -30.32 -66.80
N HIS E 216 3.22 -31.41 -66.13
CA HIS E 216 3.68 -32.62 -66.79
C HIS E 216 2.62 -33.06 -67.79
N ALA E 217 1.41 -32.57 -67.61
CA ALA E 217 0.32 -32.90 -68.51
C ALA E 217 0.43 -31.95 -69.69
N PHE E 218 0.52 -30.65 -69.40
CA PHE E 218 0.64 -29.62 -70.43
C PHE E 218 1.89 -29.86 -71.29
N SER E 219 2.77 -30.71 -70.77
CA SER E 219 4.02 -31.05 -71.43
C SER E 219 3.88 -32.25 -72.36
N LEU E 220 2.70 -32.85 -72.36
CA LEU E 220 2.45 -34.01 -73.22
C LEU E 220 1.44 -33.60 -74.29
N ALA E 221 0.49 -32.79 -73.87
CA ALA E 221 -0.53 -32.29 -74.77
C ALA E 221 0.25 -31.49 -75.79
N PHE E 222 1.42 -31.04 -75.37
CA PHE E 222 2.29 -30.25 -76.23
C PHE E 222 3.19 -31.21 -77.01
N SER E 223 3.84 -32.11 -76.28
CA SER E 223 4.76 -33.07 -76.89
C SER E 223 4.04 -33.92 -77.91
N TYR E 224 2.73 -34.04 -77.72
CA TYR E 224 1.91 -34.83 -78.62
C TYR E 224 1.30 -34.01 -79.76
N TYR E 225 0.85 -32.80 -79.46
CA TYR E 225 0.24 -31.97 -80.50
C TYR E 225 1.25 -31.54 -81.57
N PHE E 226 2.54 -31.65 -81.25
CA PHE E 226 3.60 -31.27 -82.18
C PHE E 226 4.59 -32.39 -82.54
N ALA E 227 4.66 -33.43 -81.73
CA ALA E 227 5.57 -34.54 -82.03
C ALA E 227 5.40 -34.91 -83.51
N PRO E 228 6.51 -35.06 -84.25
CA PRO E 228 6.54 -35.40 -85.68
C PRO E 228 5.79 -36.67 -86.04
N ASP E 229 5.42 -37.44 -85.03
CA ASP E 229 4.71 -38.69 -85.23
C ASP E 229 3.28 -38.68 -84.66
N HIS E 230 3.15 -39.00 -83.38
CA HIS E 230 1.85 -39.04 -82.72
C HIS E 230 1.26 -37.65 -82.46
N ARG E 231 0.18 -37.34 -83.16
CA ARG E 231 -0.45 -36.03 -83.00
C ARG E 231 -1.94 -36.18 -82.75
N THR E 232 -2.53 -37.17 -83.42
CA THR E 232 -3.96 -37.46 -83.31
C THR E 232 -4.24 -38.20 -82.00
N VAL E 233 -3.19 -38.76 -81.41
CA VAL E 233 -3.32 -39.48 -80.15
C VAL E 233 -3.91 -38.49 -79.14
N LEU E 234 -3.54 -37.21 -79.29
CA LEU E 234 -4.05 -36.17 -78.40
C LEU E 234 -5.44 -35.70 -78.80
N GLU E 235 -5.78 -35.84 -80.09
CA GLU E 235 -7.08 -35.42 -80.59
C GLU E 235 -8.11 -36.54 -80.39
N LEU E 236 -7.60 -37.75 -80.16
CA LEU E 236 -8.41 -38.94 -79.93
C LEU E 236 -8.70 -39.11 -78.45
N TYR E 237 -7.67 -39.52 -77.70
CA TYR E 237 -7.81 -39.74 -76.27
C TYR E 237 -8.45 -38.61 -75.47
N ALA E 238 -7.90 -37.40 -75.53
CA ALA E 238 -8.51 -36.28 -74.80
C ALA E 238 -8.96 -35.23 -75.83
N PRO E 239 -10.29 -35.01 -75.97
CA PRO E 239 -10.81 -34.04 -76.93
C PRO E 239 -10.58 -32.57 -76.56
N ASP E 240 -10.29 -32.29 -75.28
CA ASP E 240 -10.06 -30.91 -74.87
C ASP E 240 -8.60 -30.47 -75.05
N MET E 241 -7.66 -31.15 -74.38
CA MET E 241 -6.27 -30.77 -74.51
C MET E 241 -5.94 -30.45 -75.96
N PHE E 242 -6.51 -31.22 -76.89
CA PHE E 242 -6.27 -30.97 -78.30
C PHE E 242 -6.75 -29.57 -78.69
N GLU E 243 -8.07 -29.40 -78.71
CA GLU E 243 -8.68 -28.13 -79.07
C GLU E 243 -7.97 -27.00 -78.35
N TYR E 244 -7.52 -27.29 -77.13
CA TYR E 244 -6.81 -26.33 -76.30
C TYR E 244 -5.51 -25.99 -76.96
N MET E 245 -4.69 -27.03 -77.15
CA MET E 245 -3.38 -26.89 -77.79
C MET E 245 -3.59 -26.28 -79.15
N ASN E 246 -4.60 -26.80 -79.84
CA ASN E 246 -4.95 -26.39 -81.19
C ASN E 246 -5.37 -24.93 -81.25
N LYS E 247 -6.14 -24.48 -80.28
CA LYS E 247 -6.55 -23.09 -80.28
C LYS E 247 -5.33 -22.26 -79.83
N LEU E 248 -4.40 -22.91 -79.14
CA LEU E 248 -3.17 -22.26 -78.71
C LEU E 248 -2.34 -22.01 -79.96
N GLU E 249 -2.34 -22.99 -80.86
CA GLU E 249 -1.61 -22.83 -82.10
C GLU E 249 -2.42 -21.86 -82.98
N LYS E 250 -3.73 -21.85 -82.80
CA LYS E 250 -4.59 -20.94 -83.58
C LYS E 250 -4.22 -19.50 -83.25
N GLY E 251 -3.59 -19.30 -82.09
CA GLY E 251 -3.19 -17.96 -81.68
C GLY E 251 -2.89 -17.76 -80.20
N GLY E 252 -3.25 -18.74 -79.36
CA GLY E 252 -3.01 -18.67 -77.92
C GLY E 252 -1.55 -18.42 -77.59
N PHE E 253 -0.68 -18.94 -78.46
CA PHE E 253 0.76 -18.79 -78.34
C PHE E 253 1.17 -17.35 -78.69
N GLU E 254 0.53 -16.75 -79.70
CA GLU E 254 0.83 -15.38 -80.08
C GLU E 254 0.30 -14.45 -78.99
N LYS E 255 -0.59 -14.99 -78.15
CA LYS E 255 -1.19 -14.25 -77.04
C LYS E 255 -0.13 -13.94 -75.99
N ILE E 256 0.23 -14.95 -75.21
CA ILE E 256 1.22 -14.80 -74.15
C ILE E 256 2.49 -14.15 -74.74
N SER E 257 2.78 -14.47 -75.99
CA SER E 257 3.97 -13.94 -76.65
C SER E 257 3.83 -12.46 -76.95
N GLU E 258 2.69 -11.91 -76.59
CA GLU E 258 2.39 -10.51 -76.80
C GLU E 258 2.10 -9.79 -75.48
N SER E 259 1.72 -10.57 -74.47
CA SER E 259 1.44 -10.02 -73.14
C SER E 259 2.78 -9.95 -72.41
N LEU E 260 3.77 -10.62 -72.98
CA LEU E 260 5.11 -10.65 -72.43
C LEU E 260 5.94 -9.62 -73.20
N LYS E 261 5.57 -9.43 -74.47
CA LYS E 261 6.23 -8.47 -75.36
C LYS E 261 5.91 -7.03 -74.96
N LYS E 262 4.61 -6.73 -74.87
CA LYS E 262 4.19 -5.39 -74.47
C LYS E 262 4.80 -5.12 -73.11
N GLU E 263 4.65 -6.07 -72.18
CA GLU E 263 5.22 -5.91 -70.86
C GLU E 263 6.73 -5.95 -70.98
N GLY E 264 7.22 -6.26 -72.16
CA GLY E 264 8.65 -6.28 -72.36
C GLY E 264 9.20 -4.93 -71.97
N VAL E 265 8.54 -3.87 -72.45
CA VAL E 265 8.96 -2.52 -72.15
C VAL E 265 8.49 -2.08 -70.77
N GLU E 266 7.19 -2.02 -70.56
CA GLU E 266 6.61 -1.61 -69.28
C GLU E 266 7.36 -2.24 -68.08
N LYS E 267 7.93 -3.41 -68.31
CA LYS E 267 8.67 -4.14 -67.28
C LYS E 267 9.96 -3.39 -66.96
N ASP E 268 10.87 -3.38 -67.93
CA ASP E 268 12.15 -2.71 -67.79
C ASP E 268 11.99 -1.34 -68.46
N ARG E 269 11.63 -0.33 -67.66
CA ARG E 269 11.45 1.02 -68.15
C ARG E 269 12.19 2.01 -67.24
N ILE E 270 11.92 3.31 -67.43
CA ILE E 270 12.55 4.32 -66.60
C ILE E 270 11.51 4.69 -65.56
N ASP E 271 11.84 4.41 -64.30
CA ASP E 271 10.95 4.66 -63.19
C ASP E 271 10.49 6.11 -63.13
N VAL E 272 9.27 6.38 -63.55
CA VAL E 272 8.80 7.76 -63.53
C VAL E 272 7.32 7.88 -63.22
N LEU E 273 6.97 7.88 -61.95
CA LEU E 273 5.55 7.99 -61.57
C LEU E 273 4.75 8.87 -62.54
N LYS E 274 3.72 8.31 -63.16
CA LYS E 274 2.89 9.04 -64.11
C LYS E 274 1.55 9.33 -63.46
N GLY E 275 0.57 9.81 -64.24
CA GLY E 275 -0.74 10.13 -63.68
C GLY E 275 -0.73 11.09 -62.51
N GLU E 276 -1.89 11.34 -61.92
CA GLU E 276 -1.95 12.26 -60.80
C GLU E 276 -0.96 11.93 -59.69
N LYS E 277 -0.37 10.74 -59.70
CA LYS E 277 0.58 10.42 -58.65
C LYS E 277 1.74 11.39 -58.76
N ALA E 278 1.84 12.00 -59.94
CA ALA E 278 2.89 12.97 -60.23
C ALA E 278 2.31 14.37 -60.18
N LEU E 279 1.19 14.54 -60.88
CA LEU E 279 0.49 15.82 -60.92
C LEU E 279 0.45 16.44 -59.52
N LYS E 280 0.74 15.65 -58.50
CA LYS E 280 0.74 16.14 -57.13
C LYS E 280 2.08 16.74 -56.76
N ALA E 281 3.15 16.05 -57.13
CA ALA E 281 4.49 16.55 -56.83
C ALA E 281 4.77 17.71 -57.79
N SER E 282 4.14 17.63 -58.96
CA SER E 282 4.28 18.65 -59.97
C SER E 282 4.20 20.02 -59.33
N GLY E 283 2.98 20.43 -59.01
CA GLY E 283 2.77 21.72 -58.40
C GLY E 283 1.74 22.48 -59.20
N LEU E 284 1.67 22.14 -60.48
CA LEU E 284 0.72 22.77 -61.39
C LEU E 284 -0.71 22.58 -60.86
N VAL E 285 -1.60 23.48 -61.23
CA VAL E 285 -3.00 23.39 -60.83
C VAL E 285 -3.59 22.38 -61.82
N PRO E 286 -4.06 21.24 -61.31
CA PRO E 286 -4.65 20.15 -62.09
C PRO E 286 -5.53 20.61 -63.24
N GLU E 287 -6.28 21.67 -63.03
CA GLU E 287 -7.15 22.16 -64.09
C GLU E 287 -6.31 22.63 -65.27
N HIS E 288 -5.26 23.38 -64.94
CA HIS E 288 -4.33 23.91 -65.92
C HIS E 288 -3.63 22.75 -66.60
N ALA E 289 -2.99 21.90 -65.79
CA ALA E 289 -2.31 20.76 -66.36
C ALA E 289 -3.18 20.11 -67.41
N ASP E 290 -4.42 19.80 -67.04
CA ASP E 290 -5.35 19.17 -67.96
C ASP E 290 -5.62 20.04 -69.17
N ALA E 291 -5.60 21.35 -68.95
CA ALA E 291 -5.82 22.31 -70.01
C ALA E 291 -4.72 22.15 -71.04
N PHE E 292 -3.49 22.03 -70.50
CA PHE E 292 -2.25 21.85 -71.27
C PHE E 292 -2.33 20.56 -72.10
N LYS E 293 -2.87 19.53 -71.45
CA LYS E 293 -3.07 18.20 -72.02
C LYS E 293 -3.58 18.28 -73.45
N LYS E 294 -4.36 19.33 -73.74
CA LYS E 294 -4.90 19.54 -75.08
C LYS E 294 -3.81 19.97 -76.05
N ILE E 295 -3.22 21.13 -75.78
CA ILE E 295 -2.17 21.67 -76.62
C ILE E 295 -1.13 20.62 -76.98
N ALA E 296 -0.54 20.01 -75.96
CA ALA E 296 0.47 18.98 -76.16
C ALA E 296 0.06 18.11 -77.32
N ARG E 297 -1.21 17.72 -77.29
CA ARG E 297 -1.76 16.88 -78.34
C ARG E 297 -1.97 17.65 -79.63
N GLU E 298 -2.84 18.66 -79.61
CA GLU E 298 -3.08 19.39 -80.85
C GLU E 298 -1.78 19.71 -81.57
N LEU E 299 -0.86 20.37 -80.87
CA LEU E 299 0.43 20.79 -81.41
C LEU E 299 1.48 19.66 -81.45
N ASN E 300 1.25 18.59 -80.69
CA ASN E 300 2.18 17.48 -80.72
C ASN E 300 3.57 17.91 -80.29
N THR E 301 3.74 18.13 -79.00
CA THR E 301 5.02 18.57 -78.47
C THR E 301 5.03 18.35 -76.97
N TYR E 302 6.09 17.75 -76.45
CA TYR E 302 6.22 17.53 -75.02
C TYR E 302 6.32 18.88 -74.30
N ILE E 303 5.92 18.91 -73.03
CA ILE E 303 6.02 20.13 -72.24
C ILE E 303 6.62 19.74 -70.90
N LEU E 304 7.69 20.41 -70.51
CA LEU E 304 8.29 20.04 -69.24
C LEU E 304 8.31 21.26 -68.38
N PHE E 305 7.96 21.08 -67.10
CA PHE E 305 7.93 22.17 -66.14
C PHE E 305 8.85 21.90 -64.99
N ARG E 306 9.48 22.93 -64.46
CA ARG E 306 10.31 22.73 -63.29
C ARG E 306 9.31 22.71 -62.13
N PRO E 307 9.77 22.37 -60.92
CA PRO E 307 8.84 22.33 -59.80
C PRO E 307 8.16 23.66 -59.51
N VAL E 308 6.84 23.59 -59.37
CA VAL E 308 5.98 24.73 -59.07
C VAL E 308 5.64 24.60 -57.60
N ASN E 309 6.09 25.54 -56.78
CA ASN E 309 5.82 25.48 -55.34
C ASN E 309 4.39 25.04 -54.93
N LYS E 310 4.31 24.10 -53.98
CA LYS E 310 3.02 23.60 -53.48
C LYS E 310 2.33 24.78 -52.83
N LEU E 311 3.10 25.49 -52.01
CA LEU E 311 2.63 26.64 -51.30
C LEU E 311 2.09 27.74 -52.19
N ALA E 312 1.96 27.49 -53.49
CA ALA E 312 1.46 28.53 -54.40
C ALA E 312 0.46 27.98 -55.41
N THR E 313 0.25 26.68 -55.36
CA THR E 313 -0.66 26.00 -56.28
C THR E 313 -2.05 26.58 -56.28
N ASN E 314 -2.65 26.58 -55.11
CA ASN E 314 -3.99 27.09 -54.96
C ASN E 314 -4.04 28.59 -55.04
N LEU E 315 -2.96 29.26 -54.63
CA LEU E 315 -2.93 30.73 -54.71
C LEU E 315 -3.16 31.09 -56.17
N ILE E 316 -2.95 30.09 -57.03
CA ILE E 316 -3.13 30.29 -58.45
C ILE E 316 -4.58 30.00 -58.84
N LYS E 317 -5.05 28.76 -58.62
CA LYS E 317 -6.43 28.38 -58.97
C LYS E 317 -7.33 29.48 -58.41
N SER E 318 -6.86 30.03 -57.29
CA SER E 318 -7.50 31.11 -56.57
C SER E 318 -7.66 32.30 -57.52
N GLY E 319 -6.56 32.78 -58.08
CA GLY E 319 -6.63 33.89 -59.01
C GLY E 319 -5.46 34.84 -58.83
N VAL E 320 -4.51 34.44 -57.98
CA VAL E 320 -3.34 35.26 -57.74
C VAL E 320 -2.46 35.22 -58.96
N ALA E 321 -1.91 36.35 -59.34
CA ALA E 321 -1.04 36.39 -60.51
C ALA E 321 0.29 35.71 -60.23
N THR E 322 1.10 35.59 -61.28
CA THR E 322 2.39 34.95 -61.18
C THR E 322 3.53 35.91 -61.45
N LYS E 323 4.68 35.56 -60.88
CA LYS E 323 5.91 36.34 -61.02
C LYS E 323 6.56 36.25 -62.39
N GLY E 324 6.87 37.41 -62.94
CA GLY E 324 7.51 37.47 -64.24
C GLY E 324 9.01 37.70 -64.12
N LEU E 325 9.56 38.42 -65.08
CA LEU E 325 10.98 38.67 -65.04
C LEU E 325 11.21 39.97 -64.35
N ASN E 326 10.16 40.79 -64.32
CA ASN E 326 10.19 42.08 -63.69
C ASN E 326 10.48 41.96 -62.20
N VAL E 327 10.15 40.84 -61.57
CA VAL E 327 10.45 40.70 -60.14
C VAL E 327 11.40 39.56 -59.81
N HIS E 328 12.46 39.90 -59.10
CA HIS E 328 13.46 38.92 -58.69
C HIS E 328 13.46 38.80 -57.17
N GLY E 329 12.32 39.12 -56.56
CA GLY E 329 12.20 39.02 -55.11
C GLY E 329 12.02 37.56 -54.79
N LYS E 330 12.26 37.20 -53.54
CA LYS E 330 12.14 35.80 -53.14
C LYS E 330 10.80 35.54 -52.51
N SER E 331 10.31 34.34 -52.71
CA SER E 331 9.03 33.95 -52.15
C SER E 331 9.22 33.68 -50.68
N SER E 332 8.29 32.94 -50.11
CA SER E 332 8.33 32.60 -48.72
C SER E 332 7.69 31.25 -48.52
N ASP E 333 8.05 30.62 -47.41
CA ASP E 333 7.54 29.32 -47.06
C ASP E 333 7.36 29.20 -45.56
N TRP E 334 6.40 29.97 -45.05
CA TRP E 334 6.05 29.99 -43.64
C TRP E 334 5.24 31.25 -43.30
N GLY E 335 4.32 31.10 -42.35
CA GLY E 335 3.50 32.22 -41.94
C GLY E 335 2.34 32.53 -42.86
N PRO E 336 1.63 33.63 -42.61
CA PRO E 336 0.48 34.02 -43.44
C PRO E 336 0.89 34.31 -44.87
N VAL E 337 1.97 35.06 -45.02
CA VAL E 337 2.50 35.46 -46.31
C VAL E 337 2.99 34.33 -47.25
N ALA E 338 3.32 33.17 -46.68
CA ALA E 338 3.80 32.03 -47.47
C ALA E 338 3.13 31.88 -48.84
N GLY E 339 3.95 31.76 -49.88
CA GLY E 339 3.40 31.60 -51.21
C GLY E 339 3.35 32.90 -51.98
N TYR E 340 3.52 34.01 -51.26
CA TYR E 340 3.49 35.36 -51.84
C TYR E 340 4.92 35.88 -51.88
N ILE E 341 5.12 37.01 -52.54
CA ILE E 341 6.45 37.61 -52.61
C ILE E 341 6.41 38.84 -51.71
N PRO E 342 6.62 38.67 -50.39
CA PRO E 342 6.60 39.79 -49.45
C PRO E 342 7.49 40.96 -49.80
N PHE E 343 6.93 42.16 -49.79
CA PHE E 343 7.74 43.34 -50.07
C PHE E 343 8.84 43.33 -49.02
N ASP E 344 8.50 42.82 -47.85
CA ASP E 344 9.46 42.73 -46.77
C ASP E 344 10.12 41.38 -47.03
N GLN E 345 11.44 41.39 -47.23
CA GLN E 345 12.18 40.16 -47.51
C GLN E 345 12.48 39.30 -46.29
N ASP E 346 12.56 39.91 -45.11
CA ASP E 346 12.84 39.14 -43.88
C ASP E 346 11.61 38.28 -43.55
N LEU E 347 10.63 38.33 -44.45
CA LEU E 347 9.41 37.56 -44.30
C LEU E 347 9.32 36.53 -45.43
N SER E 348 10.47 36.28 -46.05
CA SER E 348 10.62 35.31 -47.14
C SER E 348 11.71 34.35 -46.76
N LYS E 349 11.64 33.13 -47.31
CA LYS E 349 12.62 32.08 -47.02
C LYS E 349 13.88 32.60 -46.36
N LYS E 350 14.60 33.46 -47.07
CA LYS E 350 15.85 34.04 -46.59
C LYS E 350 15.63 34.90 -45.34
N HIS E 351 14.99 34.29 -44.35
CA HIS E 351 14.69 34.94 -43.08
C HIS E 351 15.93 34.90 -42.18
N GLY E 352 16.65 36.01 -42.13
CA GLY E 352 17.85 36.09 -41.31
C GLY E 352 19.08 36.50 -42.10
N GLN E 353 19.17 36.01 -43.34
CA GLN E 353 20.30 36.33 -44.20
C GLN E 353 20.42 37.83 -44.32
N GLN E 354 21.11 38.43 -43.36
CA GLN E 354 21.31 39.86 -43.30
C GLN E 354 21.66 40.49 -44.65
N LEU E 355 22.06 39.67 -45.62
CA LEU E 355 22.42 40.21 -46.94
C LEU E 355 21.50 39.73 -48.07
N ALA E 356 20.95 38.53 -47.93
CA ALA E 356 20.04 37.99 -48.96
C ALA E 356 18.75 38.81 -48.90
N VAL E 357 18.52 39.38 -47.73
CA VAL E 357 17.37 40.22 -47.46
C VAL E 357 17.80 41.65 -47.74
N GLU E 358 18.98 42.02 -47.25
CA GLU E 358 19.51 43.36 -47.47
C GLU E 358 19.52 43.64 -48.97
N LYS E 359 20.15 42.77 -49.73
CA LYS E 359 20.20 42.96 -51.16
C LYS E 359 18.89 42.41 -51.70
N GLY E 360 18.12 41.76 -50.82
CA GLY E 360 16.83 41.20 -51.20
C GLY E 360 15.76 42.27 -51.37
N ASN E 361 15.64 43.14 -50.38
CA ASN E 361 14.68 44.22 -50.46
C ASN E 361 15.11 45.11 -51.62
N LEU E 362 16.42 45.33 -51.74
CA LEU E 362 16.95 46.16 -52.81
C LEU E 362 16.40 45.76 -54.18
N GLU E 363 15.89 44.53 -54.28
CA GLU E 363 15.37 44.01 -55.54
C GLU E 363 13.92 44.40 -55.81
N ASN E 364 13.07 44.25 -54.81
CA ASN E 364 11.67 44.64 -54.92
C ASN E 364 11.65 46.13 -55.20
N LYS E 365 12.38 46.88 -54.40
CA LYS E 365 12.47 48.33 -54.55
C LYS E 365 12.77 48.72 -55.99
N LYS E 366 13.77 48.07 -56.59
CA LYS E 366 14.11 48.33 -57.98
C LYS E 366 12.93 47.84 -58.83
N SER E 367 12.48 46.62 -58.57
CA SER E 367 11.37 46.05 -59.32
C SER E 367 10.26 47.07 -59.51
N ILE E 368 10.06 47.92 -58.50
CA ILE E 368 9.02 48.93 -58.52
C ILE E 368 9.53 50.26 -59.07
N THR E 369 10.75 50.61 -58.67
CA THR E 369 11.39 51.83 -59.11
C THR E 369 11.38 51.90 -60.64
N GLU E 370 11.93 50.88 -61.29
CA GLU E 370 12.00 50.83 -62.74
C GLU E 370 10.67 50.61 -63.43
N HIS E 371 10.07 49.44 -63.19
CA HIS E 371 8.81 49.07 -63.82
C HIS E 371 7.55 49.56 -63.14
N GLU E 372 7.53 50.82 -62.78
CA GLU E 372 6.37 51.44 -62.11
C GLU E 372 5.09 51.26 -62.91
N GLY E 373 3.96 51.45 -62.26
CA GLY E 373 2.69 51.32 -62.92
C GLY E 373 2.33 49.92 -63.36
N GLU E 374 3.31 49.01 -63.29
CA GLU E 374 3.11 47.62 -63.68
C GLU E 374 3.45 46.70 -62.50
N ILE E 375 4.42 47.13 -61.70
CA ILE E 375 4.86 46.36 -60.56
C ILE E 375 4.81 47.22 -59.31
N GLY E 376 4.31 46.63 -58.23
CA GLY E 376 4.21 47.35 -56.98
C GLY E 376 3.78 46.47 -55.84
N LYS E 377 3.43 47.10 -54.73
CA LYS E 377 3.00 46.40 -53.52
C LYS E 377 1.57 46.71 -53.06
N ILE E 378 0.90 45.67 -52.56
CA ILE E 378 -0.45 45.81 -52.06
C ILE E 378 -0.66 44.95 -50.83
N PRO E 379 -1.56 45.37 -49.93
CA PRO E 379 -1.89 44.66 -48.68
C PRO E 379 -2.33 43.23 -48.86
N LEU E 380 -1.76 42.38 -48.00
CA LEU E 380 -2.03 40.97 -48.01
C LEU E 380 -3.46 40.72 -47.57
N LYS E 381 -4.16 39.83 -48.27
CA LYS E 381 -5.55 39.53 -47.93
C LYS E 381 -5.85 38.03 -48.00
N LEU E 382 -5.36 37.27 -47.02
CA LEU E 382 -5.62 35.83 -47.01
C LEU E 382 -7.11 35.60 -46.99
N ASP E 383 -7.64 35.01 -48.06
CA ASP E 383 -9.07 34.77 -48.10
C ASP E 383 -9.46 33.65 -47.14
N HIS E 384 -10.55 32.95 -47.43
CA HIS E 384 -11.02 31.89 -46.54
C HIS E 384 -10.33 30.55 -46.72
N LEU E 385 -10.48 29.96 -47.90
CA LEU E 385 -9.87 28.67 -48.19
C LEU E 385 -8.41 28.66 -47.83
N ARG E 386 -7.67 29.64 -48.34
CA ARG E 386 -6.25 29.74 -48.06
C ARG E 386 -5.96 29.49 -46.57
N ILE E 387 -6.70 30.18 -45.71
CA ILE E 387 -6.54 30.06 -44.25
C ILE E 387 -6.66 28.60 -43.85
N GLU E 388 -7.79 28.00 -44.18
CA GLU E 388 -8.05 26.61 -43.83
C GLU E 388 -7.01 25.70 -44.46
N GLU E 389 -6.27 26.24 -45.43
CA GLU E 389 -5.22 25.48 -46.11
C GLU E 389 -3.89 25.61 -45.38
N LEU E 390 -3.48 26.83 -45.10
CA LEU E 390 -2.22 27.03 -44.39
C LEU E 390 -2.39 26.34 -43.05
N LYS E 391 -3.56 25.73 -42.88
CA LYS E 391 -3.92 25.03 -41.67
C LYS E 391 -3.12 23.77 -41.46
N GLU E 392 -3.66 22.62 -41.88
CA GLU E 392 -2.95 21.36 -41.70
C GLU E 392 -1.51 21.47 -42.14
N ASN E 393 -1.25 22.23 -43.20
CA ASN E 393 0.13 22.42 -43.67
C ASN E 393 0.96 22.92 -42.49
N GLY E 394 0.28 23.39 -41.46
CA GLY E 394 0.96 23.86 -40.26
C GLY E 394 1.69 25.17 -40.43
N ILE E 395 1.39 25.90 -41.50
CA ILE E 395 2.07 27.17 -41.73
C ILE E 395 1.60 28.20 -40.71
N ILE E 396 0.29 28.21 -40.44
CA ILE E 396 -0.32 29.12 -39.46
C ILE E 396 -1.25 28.37 -38.53
N LEU E 397 -1.64 29.03 -37.45
CA LEU E 397 -2.54 28.48 -36.44
C LEU E 397 -3.51 29.57 -35.98
N LYS E 398 -4.73 29.53 -36.50
CA LYS E 398 -5.75 30.53 -36.17
C LYS E 398 -6.26 30.28 -34.75
N GLY E 399 -6.18 31.30 -33.90
CA GLY E 399 -6.63 31.14 -32.53
C GLY E 399 -7.36 32.31 -31.89
N LYS E 400 -7.00 32.62 -30.65
CA LYS E 400 -7.63 33.69 -29.88
C LYS E 400 -7.91 34.95 -30.69
N LYS E 401 -8.96 35.67 -30.29
CA LYS E 401 -9.36 36.92 -30.95
C LYS E 401 -8.87 38.09 -30.14
N GLU E 402 -9.08 39.28 -30.65
CA GLU E 402 -8.64 40.47 -29.95
C GLU E 402 -9.29 41.72 -30.50
N ILE E 403 -9.27 42.81 -29.73
CA ILE E 403 -9.88 44.06 -30.17
C ILE E 403 -8.94 45.25 -30.14
N ASP E 404 -8.95 46.01 -31.24
CA ASP E 404 -8.12 47.20 -31.34
C ASP E 404 -8.83 48.26 -32.14
N ASN E 405 -8.64 49.50 -31.71
CA ASN E 405 -9.25 50.65 -32.35
C ASN E 405 -10.70 50.36 -32.77
N GLY E 406 -11.34 49.43 -32.07
CA GLY E 406 -12.73 49.12 -32.37
C GLY E 406 -13.03 48.02 -33.36
N LYS E 407 -12.00 47.48 -34.02
CA LYS E 407 -12.23 46.42 -34.98
C LYS E 407 -11.80 45.07 -34.46
N LYS E 408 -12.42 44.02 -34.99
CA LYS E 408 -12.11 42.65 -34.60
C LYS E 408 -10.88 42.13 -35.34
N TYR E 409 -10.13 41.28 -34.63
CA TYR E 409 -8.91 40.68 -35.15
C TYR E 409 -8.72 39.27 -34.62
N TYR E 410 -8.95 38.25 -35.44
CA TYR E 410 -8.67 36.88 -35.00
C TYR E 410 -7.15 36.90 -35.10
N LEU E 411 -6.46 36.32 -34.13
CA LEU E 411 -5.01 36.36 -34.18
C LEU E 411 -4.44 35.17 -34.96
N LEU E 412 -3.58 35.45 -35.93
CA LEU E 412 -2.97 34.37 -36.71
C LEU E 412 -1.62 34.02 -36.09
N GLU E 413 -1.47 32.76 -35.72
CA GLU E 413 -0.25 32.30 -35.06
C GLU E 413 0.78 31.59 -35.96
N SER E 414 2.05 31.82 -35.65
CA SER E 414 3.19 31.21 -36.35
C SER E 414 4.35 31.12 -35.37
N ASN E 415 5.04 29.98 -35.39
CA ASN E 415 6.14 29.74 -34.49
C ASN E 415 7.34 30.65 -34.70
N ASN E 416 7.33 31.44 -35.76
CA ASN E 416 8.45 32.33 -35.98
C ASN E 416 8.61 33.15 -34.70
N GLN E 417 9.86 33.31 -34.26
CA GLN E 417 10.13 34.04 -33.04
C GLN E 417 10.65 35.47 -33.17
N VAL E 418 10.09 36.25 -34.09
CA VAL E 418 10.49 37.65 -34.27
C VAL E 418 9.32 38.50 -34.77
N TYR E 419 8.34 37.86 -35.38
CA TYR E 419 7.18 38.55 -35.91
C TYR E 419 5.90 37.89 -35.39
N GLU E 420 4.90 38.71 -35.10
CA GLU E 420 3.61 38.21 -34.62
C GLU E 420 2.64 38.61 -35.72
N PHE E 421 1.68 37.74 -36.04
CA PHE E 421 0.74 38.08 -37.10
C PHE E 421 -0.72 38.00 -36.68
N ARG E 422 -1.55 38.84 -37.30
CA ARG E 422 -2.99 38.86 -37.01
C ARG E 422 -3.74 39.22 -38.29
N ILE E 423 -4.88 38.62 -38.53
CA ILE E 423 -5.62 38.93 -39.75
C ILE E 423 -6.81 39.84 -39.36
N SER E 424 -7.37 40.65 -40.29
CA SER E 424 -8.50 41.53 -39.94
C SER E 424 -9.81 40.89 -40.30
N ASP E 425 -10.86 41.30 -39.62
CA ASP E 425 -12.19 40.71 -39.78
C ASP E 425 -13.09 41.37 -40.80
N GLU E 426 -13.02 42.68 -40.86
CA GLU E 426 -13.81 43.45 -41.83
C GLU E 426 -13.28 43.02 -43.20
N ASN E 427 -12.04 43.42 -43.44
CA ASN E 427 -11.34 42.98 -44.61
C ASN E 427 -10.44 41.97 -43.92
N ASN E 428 -10.16 40.84 -44.54
CA ASN E 428 -9.26 39.91 -43.88
C ASN E 428 -7.88 40.23 -44.38
N GLU E 429 -7.32 41.32 -43.88
CA GLU E 429 -5.98 41.67 -44.28
C GLU E 429 -5.06 40.97 -43.28
N VAL E 430 -3.76 41.19 -43.37
CA VAL E 430 -2.85 40.53 -42.45
C VAL E 430 -1.83 41.53 -41.96
N GLN E 431 -1.53 41.49 -40.68
CA GLN E 431 -0.59 42.45 -40.14
C GLN E 431 0.40 41.76 -39.24
N TYR E 432 1.52 42.45 -39.00
CA TYR E 432 2.59 41.94 -38.13
C TYR E 432 3.36 43.08 -37.47
N LYS E 433 4.28 42.71 -36.58
CA LYS E 433 5.12 43.67 -35.88
C LYS E 433 6.32 42.95 -35.24
N THR E 434 7.37 43.70 -34.97
CA THR E 434 8.56 43.12 -34.35
C THR E 434 8.29 43.04 -32.86
N LYS E 435 8.03 41.82 -32.37
CA LYS E 435 7.73 41.60 -30.95
C LYS E 435 8.31 42.63 -29.99
N GLU E 436 7.59 42.89 -28.91
CA GLU E 436 7.99 43.87 -27.90
C GLU E 436 9.37 43.54 -27.31
N GLY E 437 9.74 42.27 -27.38
CA GLY E 437 11.02 41.83 -26.86
C GLY E 437 11.92 41.22 -27.92
N LYS E 438 12.21 41.98 -28.97
CA LYS E 438 13.06 41.48 -30.04
C LYS E 438 13.37 42.56 -31.08
N ILE E 439 14.10 42.17 -32.12
CA ILE E 439 14.48 43.08 -33.21
C ILE E 439 14.56 42.35 -34.56
N THR E 440 14.69 43.14 -35.62
CA THR E 440 14.79 42.65 -36.98
C THR E 440 16.25 42.69 -37.39
N VAL E 441 16.75 41.57 -37.93
CA VAL E 441 18.14 41.47 -38.35
C VAL E 441 18.74 42.73 -38.98
N LEU E 442 17.95 43.48 -39.75
CA LEU E 442 18.49 44.69 -40.36
C LEU E 442 18.60 45.79 -39.32
N GLY E 443 17.89 45.61 -38.20
CA GLY E 443 17.96 46.59 -37.14
C GLY E 443 16.72 47.43 -37.06
N GLU E 444 15.58 46.82 -37.38
CA GLU E 444 14.28 47.50 -37.36
C GLU E 444 13.32 46.96 -36.30
N LYS E 445 12.55 47.86 -35.69
CA LYS E 445 11.56 47.49 -34.68
C LYS E 445 10.27 48.27 -34.93
N PHE E 446 9.25 47.60 -35.45
CA PHE E 446 7.98 48.25 -35.75
C PHE E 446 6.72 47.62 -35.18
N ASN E 447 5.71 48.46 -34.96
CA ASN E 447 4.43 48.02 -34.40
C ASN E 447 3.45 47.69 -35.52
N TRP E 448 2.49 46.82 -35.21
CA TRP E 448 1.47 46.36 -36.16
C TRP E 448 1.36 47.13 -37.46
N ARG E 449 1.80 46.48 -38.53
CA ARG E 449 1.77 47.05 -39.87
C ARG E 449 1.12 46.04 -40.81
N ASN E 450 0.65 46.54 -41.94
CA ASN E 450 0.04 45.67 -42.93
C ASN E 450 1.14 44.95 -43.71
N ILE E 451 0.91 43.68 -44.03
CA ILE E 451 1.88 42.91 -44.81
C ILE E 451 1.62 43.14 -46.30
N GLU E 452 2.55 43.86 -46.94
CA GLU E 452 2.43 44.11 -48.36
C GLU E 452 3.12 42.96 -49.09
N VAL E 453 2.59 42.64 -50.26
CA VAL E 453 3.13 41.59 -51.09
C VAL E 453 3.46 42.30 -52.40
N MET E 454 4.10 41.60 -53.32
CA MET E 454 4.41 42.20 -54.61
C MET E 454 3.24 41.88 -55.51
N ALA E 455 2.96 42.80 -56.45
CA ALA E 455 1.86 42.61 -57.38
C ALA E 455 2.12 43.31 -58.70
N LYS E 456 1.85 42.60 -59.79
CA LYS E 456 2.03 43.18 -61.11
C LYS E 456 0.68 43.67 -61.51
N ASN E 457 0.64 44.40 -62.60
CA ASN E 457 -0.59 44.95 -63.12
C ASN E 457 -1.33 43.99 -64.07
N VAL E 458 -2.57 43.67 -63.73
CA VAL E 458 -3.34 42.78 -64.56
C VAL E 458 -4.67 43.43 -64.87
N GLU E 459 -4.87 43.83 -66.12
CA GLU E 459 -6.13 44.47 -66.51
C GLU E 459 -6.30 45.79 -65.78
N GLY E 460 -5.18 46.39 -65.39
CA GLY E 460 -5.25 47.66 -64.68
C GLY E 460 -5.50 47.56 -63.19
N VAL E 461 -5.13 46.45 -62.57
CA VAL E 461 -5.33 46.33 -61.15
C VAL E 461 -4.29 45.46 -60.46
N LEU E 462 -3.47 46.07 -59.62
CA LEU E 462 -2.43 45.33 -58.92
C LEU E 462 -2.97 44.07 -58.26
N LYS E 463 -2.42 42.92 -58.64
CA LYS E 463 -2.81 41.64 -58.07
C LYS E 463 -1.55 41.02 -57.43
N PRO E 464 -1.69 40.42 -56.24
CA PRO E 464 -0.55 39.80 -55.56
C PRO E 464 0.17 38.77 -56.42
N LEU E 465 1.46 38.57 -56.17
CA LEU E 465 2.25 37.64 -56.94
C LEU E 465 2.61 36.32 -56.27
N THR E 466 2.75 35.29 -57.08
CA THR E 466 3.09 33.96 -56.60
C THR E 466 3.89 33.24 -57.69
N ALA E 467 4.31 32.02 -57.38
CA ALA E 467 5.07 31.20 -58.31
C ALA E 467 4.37 31.04 -59.66
N ASP E 468 5.14 31.13 -60.74
CA ASP E 468 4.63 30.97 -62.09
C ASP E 468 5.05 29.61 -62.60
N TYR E 469 4.59 29.28 -63.80
CA TYR E 469 4.92 27.99 -64.43
C TYR E 469 6.20 28.07 -65.25
N ASP E 470 7.33 27.71 -64.65
CA ASP E 470 8.60 27.74 -65.33
C ASP E 470 8.81 26.53 -66.24
N LEU E 471 8.68 26.74 -67.53
CA LEU E 471 8.88 25.67 -68.48
C LEU E 471 10.34 25.23 -68.44
N PHE E 472 10.59 23.95 -68.24
CA PHE E 472 11.98 23.47 -68.24
C PHE E 472 12.42 23.37 -69.69
N ALA E 473 11.50 22.93 -70.55
CA ALA E 473 11.81 22.78 -71.97
C ALA E 473 10.56 22.54 -72.78
N LEU E 474 10.63 22.71 -74.09
CA LEU E 474 9.50 22.43 -74.96
C LEU E 474 9.96 21.56 -76.12
N ALA E 475 9.43 20.36 -76.25
CA ALA E 475 9.86 19.49 -77.35
C ALA E 475 8.83 19.31 -78.46
N PRO E 476 8.85 20.18 -79.47
CA PRO E 476 7.88 20.02 -80.54
C PRO E 476 8.33 18.94 -81.51
N SER E 477 7.36 18.35 -82.20
CA SER E 477 7.63 17.31 -83.17
C SER E 477 8.29 17.93 -84.39
N LEU E 478 9.33 17.27 -84.88
CA LEU E 478 10.07 17.76 -86.04
C LEU E 478 9.13 18.18 -87.16
N THR E 479 8.06 17.43 -87.33
CA THR E 479 7.09 17.71 -88.39
C THR E 479 6.24 18.93 -88.13
N GLU E 480 6.10 19.29 -86.87
CA GLU E 480 5.31 20.47 -86.51
C GLU E 480 6.16 21.70 -86.80
N ILE E 481 7.47 21.52 -86.78
CA ILE E 481 8.37 22.61 -87.07
C ILE E 481 8.28 22.82 -88.57
N LYS E 482 8.08 21.72 -89.30
CA LYS E 482 7.97 21.82 -90.75
C LYS E 482 6.83 22.77 -91.12
N LYS E 483 5.73 22.63 -90.41
CA LYS E 483 4.54 23.45 -90.60
C LYS E 483 4.83 24.90 -90.24
N GLN E 484 5.96 25.11 -89.58
CA GLN E 484 6.36 26.45 -89.16
C GLN E 484 6.94 27.23 -90.34
N ILE E 485 7.69 26.53 -91.18
CA ILE E 485 8.34 27.12 -92.35
C ILE E 485 7.32 27.51 -93.40
N PRO E 486 7.50 28.67 -94.05
CA PRO E 486 6.58 29.13 -95.09
C PRO E 486 6.76 28.39 -96.42
N GLN E 487 5.76 27.56 -96.72
CA GLN E 487 5.71 26.71 -97.92
C GLN E 487 6.61 27.09 -99.06
N LYS E 488 6.60 28.38 -99.42
CA LYS E 488 7.40 28.88 -100.53
C LYS E 488 8.92 28.80 -100.30
N GLU E 489 9.39 29.32 -99.17
CA GLU E 489 10.82 29.28 -98.90
C GLU E 489 11.32 27.84 -99.01
N TRP E 490 10.86 27.01 -98.09
CA TRP E 490 11.26 25.61 -98.06
C TRP E 490 11.16 24.99 -99.43
N ASP E 491 10.29 25.57 -100.26
CA ASP E 491 10.09 25.08 -101.63
C ASP E 491 11.29 25.54 -102.44
N LYS E 492 11.48 26.85 -102.50
CA LYS E 492 12.59 27.40 -103.24
C LYS E 492 13.93 26.80 -102.83
N VAL E 493 13.93 26.00 -101.77
CA VAL E 493 15.18 25.41 -101.28
C VAL E 493 15.44 24.01 -101.78
N VAL E 494 14.41 23.16 -101.75
CA VAL E 494 14.59 21.78 -102.19
C VAL E 494 14.87 21.70 -103.68
N ASN E 495 14.35 22.68 -104.44
CA ASN E 495 14.56 22.72 -105.90
C ASN E 495 16.04 22.81 -106.27
N THR E 496 16.85 23.31 -105.35
CA THR E 496 18.29 23.44 -105.58
C THR E 496 18.83 22.24 -106.36
N PRO E 497 19.78 22.48 -107.27
CA PRO E 497 20.37 21.39 -108.05
C PRO E 497 21.40 20.65 -107.22
N ASN E 498 22.33 21.42 -106.66
CA ASN E 498 23.40 20.88 -105.84
C ASN E 498 22.86 20.14 -104.60
N SER E 499 23.18 18.84 -104.51
CA SER E 499 22.73 18.00 -103.41
C SER E 499 23.22 18.47 -102.03
N LEU E 500 24.53 18.56 -101.87
CA LEU E 500 25.08 19.00 -100.60
C LEU E 500 24.59 20.40 -100.22
N GLU E 501 24.23 21.20 -101.22
CA GLU E 501 23.75 22.55 -100.97
C GLU E 501 22.33 22.42 -100.42
N LYS E 502 21.56 21.50 -100.99
CA LYS E 502 20.19 21.25 -100.55
C LYS E 502 20.20 20.98 -99.04
N GLN E 503 21.06 20.07 -98.61
CA GLN E 503 21.18 19.73 -97.19
C GLN E 503 21.37 21.03 -96.44
N LYS E 504 22.50 21.67 -96.65
CA LYS E 504 22.79 22.93 -95.98
C LYS E 504 21.52 23.77 -96.05
N GLY E 505 21.07 24.08 -97.26
CA GLY E 505 19.86 24.86 -97.44
C GLY E 505 18.77 24.51 -96.45
N VAL E 506 18.53 23.21 -96.27
CA VAL E 506 17.51 22.75 -95.34
C VAL E 506 17.85 22.98 -93.88
N THR E 507 18.97 22.40 -93.44
CA THR E 507 19.45 22.54 -92.06
C THR E 507 19.23 23.98 -91.56
N ASN E 508 19.67 24.96 -92.33
CA ASN E 508 19.48 26.34 -91.96
C ASN E 508 18.00 26.57 -91.75
N LEU E 509 17.20 26.20 -92.74
CA LEU E 509 15.75 26.37 -92.63
C LEU E 509 15.23 25.85 -91.30
N LEU E 510 15.76 24.70 -90.89
CA LEU E 510 15.42 24.04 -89.64
C LEU E 510 16.00 24.84 -88.47
N ILE E 511 17.10 25.53 -88.73
CA ILE E 511 17.74 26.37 -87.71
C ILE E 511 16.92 27.65 -87.68
N LYS E 512 16.75 28.25 -88.84
CA LYS E 512 15.98 29.47 -88.98
C LYS E 512 14.60 29.42 -88.34
N TYR E 513 13.82 28.38 -88.62
CA TYR E 513 12.47 28.26 -88.10
C TYR E 513 12.25 27.32 -86.95
N GLY E 514 13.31 26.86 -86.30
CA GLY E 514 13.09 25.94 -85.21
C GLY E 514 14.12 25.86 -84.12
N ILE E 515 15.38 26.17 -84.41
CA ILE E 515 16.41 26.12 -83.40
C ILE E 515 16.81 27.49 -82.89
N GLU E 516 16.68 28.51 -83.74
CA GLU E 516 17.09 29.85 -83.36
C GLU E 516 16.24 30.43 -82.27
N ARG E 517 16.92 31.16 -81.38
CA ARG E 517 16.29 31.82 -80.26
C ARG E 517 16.80 33.25 -80.15
N LYS E 518 15.89 34.20 -80.31
CA LYS E 518 16.21 35.63 -80.21
C LYS E 518 15.79 36.10 -78.81
N PRO E 519 16.32 37.24 -78.36
CA PRO E 519 15.94 37.73 -77.03
C PRO E 519 14.55 38.37 -77.16
N ASP E 520 14.12 39.09 -76.12
CA ASP E 520 12.80 39.69 -76.21
C ASP E 520 12.45 40.62 -75.05
N SER E 521 11.67 41.63 -75.43
CA SER E 521 11.18 42.69 -74.55
C SER E 521 10.79 42.18 -73.17
N THR E 522 9.96 41.15 -73.15
CA THR E 522 9.47 40.60 -71.91
C THR E 522 9.62 39.13 -71.69
N LYS E 523 9.08 38.32 -72.60
CA LYS E 523 9.14 36.87 -72.45
C LYS E 523 10.54 36.28 -72.34
N GLY E 524 11.50 37.09 -71.92
CA GLY E 524 12.86 36.62 -71.76
C GLY E 524 13.50 36.28 -73.08
N THR E 525 14.09 35.09 -73.17
CA THR E 525 14.73 34.62 -74.40
C THR E 525 14.03 33.35 -74.88
N LEU E 526 13.51 33.36 -76.10
CA LEU E 526 12.82 32.19 -76.64
C LEU E 526 12.62 32.21 -78.14
N SER E 527 12.26 31.06 -78.68
CA SER E 527 12.06 31.00 -80.12
C SER E 527 10.66 31.47 -80.43
N ASN E 528 10.44 31.82 -81.70
CA ASN E 528 9.14 32.30 -82.12
C ASN E 528 8.05 31.29 -81.85
N TRP E 529 8.26 30.04 -82.24
CA TRP E 529 7.22 29.06 -81.96
C TRP E 529 7.11 29.00 -80.46
N GLN E 530 8.24 28.93 -79.76
CA GLN E 530 8.23 28.88 -78.31
C GLN E 530 7.27 29.92 -77.77
N LYS E 531 7.16 31.06 -78.47
CA LYS E 531 6.26 32.11 -78.02
C LYS E 531 4.84 31.73 -78.30
N GLN E 532 4.56 31.37 -79.55
CA GLN E 532 3.21 31.00 -79.92
C GLN E 532 2.75 29.96 -78.90
N MET E 533 3.63 29.00 -78.64
CA MET E 533 3.31 27.96 -77.67
C MET E 533 2.95 28.67 -76.38
N LEU E 534 3.79 29.60 -75.96
CA LEU E 534 3.56 30.31 -74.71
C LEU E 534 2.13 30.84 -74.62
N ASP E 535 1.62 31.41 -75.69
CA ASP E 535 0.25 31.91 -75.68
C ASP E 535 -0.78 30.79 -75.59
N ARG E 536 -0.68 29.81 -76.48
CA ARG E 536 -1.63 28.71 -76.45
C ARG E 536 -1.69 28.02 -75.09
N LEU E 537 -0.66 28.23 -74.27
CA LEU E 537 -0.69 27.65 -72.95
C LEU E 537 -1.50 28.56 -72.04
N ASN E 538 -1.20 29.86 -72.09
CA ASN E 538 -1.91 30.84 -71.26
C ASN E 538 -3.38 31.00 -71.63
N GLU E 539 -3.69 31.17 -72.92
CA GLU E 539 -5.08 31.30 -73.35
C GLU E 539 -5.82 29.98 -73.13
N ALA E 540 -5.03 28.94 -72.82
CA ALA E 540 -5.58 27.62 -72.55
C ALA E 540 -5.97 27.51 -71.08
N VAL E 541 -5.23 28.16 -70.19
CA VAL E 541 -5.56 28.13 -68.77
C VAL E 541 -6.36 29.37 -68.47
N LYS E 542 -6.79 30.04 -69.53
CA LYS E 542 -7.58 31.25 -69.41
C LYS E 542 -9.03 30.85 -69.58
N TYR E 543 -9.29 30.00 -70.59
CA TYR E 543 -10.65 29.52 -70.89
C TYR E 543 -11.07 28.54 -69.81
N THR E 544 -10.15 28.22 -68.91
CA THR E 544 -10.46 27.30 -67.83
C THR E 544 -11.14 28.13 -66.77
N GLY E 545 -10.68 29.36 -66.59
CA GLY E 545 -11.28 30.25 -65.61
C GLY E 545 -10.29 31.11 -64.83
N TYR E 546 -9.00 30.96 -65.11
CA TYR E 546 -7.97 31.75 -64.42
C TYR E 546 -8.16 33.24 -64.75
N THR E 547 -8.19 34.09 -63.72
CA THR E 547 -8.36 35.54 -63.92
C THR E 547 -7.25 36.28 -63.20
N GLY E 548 -6.09 36.33 -63.83
CA GLY E 548 -4.96 37.01 -63.22
C GLY E 548 -3.83 37.04 -64.20
N GLY E 549 -4.19 36.91 -65.47
CA GLY E 549 -3.21 36.95 -66.53
C GLY E 549 -2.69 35.60 -66.96
N ASP E 550 -1.41 35.60 -67.34
CA ASP E 550 -0.70 34.43 -67.82
C ASP E 550 -0.06 33.64 -66.68
N VAL E 551 0.26 32.39 -66.96
CA VAL E 551 0.88 31.58 -65.95
C VAL E 551 2.28 31.12 -66.42
N VAL E 552 2.55 31.35 -67.70
CA VAL E 552 3.85 31.04 -68.29
C VAL E 552 4.30 32.39 -68.86
N ASN E 553 5.23 33.06 -68.16
CA ASN E 553 5.66 34.38 -68.57
C ASN E 553 6.91 34.49 -69.41
N HIS E 554 7.88 33.63 -69.18
CA HIS E 554 9.12 33.69 -69.93
C HIS E 554 9.45 32.39 -70.70
N GLY E 555 10.58 32.42 -71.40
CA GLY E 555 11.08 31.29 -72.18
C GLY E 555 11.52 30.07 -71.38
N THR E 556 11.99 29.02 -72.08
CA THR E 556 12.39 27.79 -71.41
C THR E 556 13.74 27.73 -70.74
N GLU E 557 13.78 27.30 -69.49
CA GLU E 557 15.00 27.16 -68.72
C GLU E 557 16.23 26.70 -69.52
N GLN E 558 16.01 26.13 -70.70
CA GLN E 558 17.12 25.68 -71.52
C GLN E 558 17.78 26.86 -72.19
N ASP E 559 17.38 28.06 -71.79
CA ASP E 559 17.95 29.30 -72.31
C ASP E 559 18.43 30.15 -71.16
N ASN E 560 18.27 29.60 -69.97
CA ASN E 560 18.70 30.22 -68.74
C ASN E 560 20.23 30.02 -68.67
N GLU E 561 20.93 30.51 -69.68
CA GLU E 561 22.37 30.39 -69.76
C GLU E 561 23.10 31.14 -68.65
N GLU E 562 22.45 32.16 -68.11
CA GLU E 562 23.03 32.96 -67.05
C GLU E 562 22.98 32.28 -65.72
N PHE E 563 21.78 32.11 -65.17
CA PHE E 563 21.60 31.48 -63.86
C PHE E 563 20.81 30.18 -63.93
N PRO E 564 21.38 29.17 -64.61
CA PRO E 564 20.77 27.87 -64.77
C PRO E 564 20.66 27.16 -63.45
N GLU E 565 19.50 26.59 -63.20
CA GLU E 565 19.24 25.84 -61.98
C GLU E 565 19.15 24.38 -62.41
N LYS E 566 19.32 23.48 -61.45
CA LYS E 566 19.26 22.04 -61.70
C LYS E 566 18.19 21.38 -60.82
N ASP E 567 16.97 21.27 -61.33
CA ASP E 567 15.91 20.63 -60.55
C ASP E 567 15.90 19.12 -60.73
N ASN E 568 15.68 18.39 -59.64
CA ASN E 568 15.64 16.94 -59.73
C ASN E 568 14.44 16.46 -60.52
N GLU E 569 13.27 16.66 -59.93
CA GLU E 569 12.01 16.26 -60.53
C GLU E 569 11.47 17.24 -61.58
N ILE E 570 11.16 16.73 -62.77
CA ILE E 570 10.65 17.53 -63.86
C ILE E 570 9.32 16.92 -64.32
N PHE E 571 8.28 17.75 -64.31
CA PHE E 571 6.95 17.33 -64.73
C PHE E 571 6.90 17.45 -66.25
N ILE E 572 6.42 16.41 -66.93
CA ILE E 572 6.34 16.41 -68.39
C ILE E 572 4.95 15.98 -68.86
N ILE E 573 4.48 16.57 -69.95
CA ILE E 573 3.17 16.25 -70.48
C ILE E 573 3.37 15.87 -71.94
N ASN E 574 3.60 14.59 -72.20
CA ASN E 574 3.85 14.11 -73.56
C ASN E 574 2.79 14.50 -74.56
N PRO E 575 3.08 14.25 -75.83
CA PRO E 575 2.13 14.58 -76.90
C PRO E 575 0.82 13.79 -76.84
N GLU E 576 0.81 12.69 -76.10
CA GLU E 576 -0.39 11.88 -75.95
C GLU E 576 -1.33 12.43 -74.85
N GLY E 577 -0.77 13.27 -73.97
CA GLY E 577 -1.57 13.84 -72.89
C GLY E 577 -1.44 13.05 -71.60
N GLU E 578 -0.26 12.50 -71.37
CA GLU E 578 0.01 11.71 -70.18
C GLU E 578 0.98 12.41 -69.24
N PHE E 579 0.55 12.69 -68.03
CA PHE E 579 1.44 13.35 -67.07
C PHE E 579 2.52 12.37 -66.62
N ILE E 580 3.71 12.91 -66.39
CA ILE E 580 4.88 12.14 -65.98
C ILE E 580 5.78 13.09 -65.20
N LEU E 581 6.65 12.54 -64.36
CA LEU E 581 7.56 13.35 -63.58
C LEU E 581 8.75 12.49 -63.22
N THR E 582 9.95 12.98 -63.55
CA THR E 582 11.18 12.24 -63.28
C THR E 582 11.69 12.42 -61.85
N LYS E 583 12.75 11.72 -61.46
CA LYS E 583 13.25 11.87 -60.10
C LYS E 583 14.69 12.32 -60.04
N ASN E 584 15.41 12.07 -61.12
CA ASN E 584 16.82 12.42 -61.20
C ASN E 584 17.13 13.35 -62.33
N TRP E 585 18.27 14.02 -62.21
CA TRP E 585 18.74 14.92 -63.24
C TRP E 585 19.17 13.96 -64.36
N GLU E 586 19.45 12.74 -63.95
CA GLU E 586 19.87 11.67 -64.83
C GLU E 586 18.65 11.08 -65.52
N MET E 587 17.67 10.66 -64.73
CA MET E 587 16.45 10.09 -65.25
C MET E 587 15.86 11.02 -66.29
N THR E 588 15.88 12.31 -65.96
CA THR E 588 15.36 13.33 -66.85
C THR E 588 16.15 13.22 -68.13
N GLY E 589 17.46 13.31 -68.00
CA GLY E 589 18.32 13.20 -69.15
C GLY E 589 18.04 11.92 -69.92
N ARG E 590 17.94 10.80 -69.19
CA ARG E 590 17.68 9.47 -69.75
C ARG E 590 16.30 9.40 -70.38
N PHE E 591 15.34 10.12 -69.82
CA PHE E 591 13.99 10.12 -70.36
C PHE E 591 14.04 10.86 -71.69
N ILE E 592 14.55 12.09 -71.65
CA ILE E 592 14.64 12.93 -72.83
C ILE E 592 15.41 12.27 -73.95
N GLU E 593 16.38 11.41 -73.65
CA GLU E 593 17.14 10.73 -74.71
C GLU E 593 16.29 9.69 -75.40
N LYS E 594 15.58 8.91 -74.59
CA LYS E 594 14.73 7.84 -75.10
C LYS E 594 13.50 8.32 -75.87
N ASN E 595 12.81 9.31 -75.34
CA ASN E 595 11.61 9.80 -75.98
C ASN E 595 11.78 11.04 -76.84
N ILE E 596 12.34 12.11 -76.28
CA ILE E 596 12.51 13.33 -77.06
C ILE E 596 13.68 13.27 -78.05
N THR E 597 14.90 13.06 -77.56
CA THR E 597 16.06 12.99 -78.44
C THR E 597 15.86 11.98 -79.56
N GLY E 598 16.09 10.70 -79.25
CA GLY E 598 15.96 9.67 -80.25
C GLY E 598 14.55 9.29 -80.65
N LYS E 599 13.77 10.26 -81.13
CA LYS E 599 12.39 9.97 -81.52
C LYS E 599 11.68 10.99 -82.42
N ASP E 600 12.44 11.83 -83.12
CA ASP E 600 11.86 12.80 -84.06
C ASP E 600 11.29 14.09 -83.49
N TYR E 601 11.76 14.47 -82.31
CA TYR E 601 11.31 15.71 -81.73
C TYR E 601 12.53 16.62 -81.63
N LEU E 602 12.29 17.92 -81.80
CA LEU E 602 13.36 18.87 -81.72
C LEU E 602 13.55 19.25 -80.28
N TYR E 603 14.78 19.17 -79.80
CA TYR E 603 15.08 19.57 -78.45
C TYR E 603 16.51 20.03 -78.49
N TYR E 604 16.85 21.06 -77.71
CA TYR E 604 18.23 21.56 -77.60
C TYR E 604 18.46 21.77 -76.12
N PHE E 605 19.69 21.66 -75.64
CA PHE E 605 19.90 21.83 -74.22
C PHE E 605 20.75 23.01 -73.83
N ASN E 606 20.38 23.62 -72.71
CA ASN E 606 21.04 24.82 -72.19
C ASN E 606 22.50 24.97 -72.60
N ARG E 607 22.78 26.01 -73.37
CA ARG E 607 24.14 26.23 -73.85
C ARG E 607 25.20 26.26 -72.76
N SER E 608 24.82 26.43 -71.50
CA SER E 608 25.82 26.51 -70.46
C SER E 608 26.13 25.16 -69.84
N TYR E 609 25.45 24.11 -70.31
CA TYR E 609 25.70 22.78 -69.78
C TYR E 609 27.09 22.26 -70.13
N ASN E 610 27.73 21.73 -69.10
CA ASN E 610 29.07 21.21 -69.20
C ASN E 610 30.08 22.34 -69.19
N LYS E 611 29.59 23.58 -69.17
CA LYS E 611 30.43 24.77 -69.10
C LYS E 611 30.29 25.34 -67.68
N ILE E 612 30.75 26.56 -67.45
CA ILE E 612 30.66 27.13 -66.10
C ILE E 612 29.82 28.37 -66.07
N ALA E 613 28.51 28.16 -66.07
CA ALA E 613 27.51 29.23 -66.07
C ALA E 613 28.00 30.46 -65.28
N PRO E 614 28.34 31.55 -65.99
CA PRO E 614 28.83 32.81 -65.44
C PRO E 614 28.09 33.32 -64.21
N GLY E 615 26.82 33.68 -64.40
CA GLY E 615 26.01 34.18 -63.31
C GLY E 615 26.22 33.50 -61.97
N ASN E 616 25.65 32.32 -61.79
CA ASN E 616 25.77 31.59 -60.54
C ASN E 616 26.97 30.69 -60.53
N LYS E 617 27.85 30.88 -61.51
CA LYS E 617 29.07 30.07 -61.62
C LYS E 617 28.75 28.61 -61.29
N ALA E 618 27.80 28.04 -62.03
CA ALA E 618 27.38 26.67 -61.80
C ALA E 618 27.84 25.73 -62.89
N TYR E 619 28.11 24.49 -62.49
CA TYR E 619 28.53 23.47 -63.44
C TYR E 619 27.44 22.39 -63.42
N ILE E 620 26.64 22.37 -64.49
CA ILE E 620 25.56 21.39 -64.61
C ILE E 620 25.81 20.53 -65.83
N GLU E 621 25.99 19.23 -65.59
CA GLU E 621 26.28 18.20 -66.60
C GLU E 621 25.09 17.70 -67.44
N TRP E 622 25.33 17.47 -68.73
CA TRP E 622 24.31 16.95 -69.66
C TRP E 622 25.00 16.21 -70.80
N THR E 623 24.71 14.92 -70.94
CA THR E 623 25.35 14.12 -71.99
C THR E 623 25.35 14.80 -73.35
N ASP E 624 26.54 15.09 -73.85
CA ASP E 624 26.67 15.75 -75.15
C ASP E 624 27.29 14.77 -76.14
N PRO E 625 26.50 14.30 -77.10
CA PRO E 625 26.95 13.36 -78.12
C PRO E 625 28.26 13.81 -78.72
N ILE E 626 28.29 15.04 -79.18
CA ILE E 626 29.49 15.55 -79.81
C ILE E 626 30.72 15.31 -78.99
N THR E 627 30.71 15.76 -77.75
CA THR E 627 31.84 15.59 -76.87
C THR E 627 32.22 14.11 -76.67
N LYS E 628 31.24 13.21 -76.85
CA LYS E 628 31.46 11.75 -76.72
C LYS E 628 32.52 11.35 -77.75
N ALA E 629 32.23 11.67 -79.00
CA ALA E 629 33.10 11.37 -80.12
C ALA E 629 34.37 12.23 -80.14
N LYS E 630 34.55 13.11 -79.17
CA LYS E 630 35.75 13.92 -79.18
C LYS E 630 36.97 12.98 -79.01
N ILE E 631 36.93 12.18 -77.93
CA ILE E 631 37.99 11.23 -77.60
C ILE E 631 38.78 10.76 -78.79
N ASN E 632 38.10 10.46 -79.89
CA ASN E 632 38.83 10.05 -81.05
C ASN E 632 38.56 10.81 -82.32
N THR E 633 38.75 12.12 -82.23
CA THR E 633 38.59 12.98 -83.38
C THR E 633 39.77 13.96 -83.42
N ILE E 634 40.50 13.98 -84.53
CA ILE E 634 41.65 14.86 -84.60
C ILE E 634 41.19 16.31 -84.53
N PRO E 635 41.84 17.11 -83.65
CA PRO E 635 41.50 18.52 -83.48
C PRO E 635 41.56 19.26 -84.77
N THR E 636 40.99 20.46 -84.76
CA THR E 636 40.99 21.29 -85.95
C THR E 636 42.05 22.39 -85.75
N SER E 637 42.39 23.08 -86.83
CA SER E 637 43.36 24.14 -86.76
C SER E 637 42.95 25.04 -85.64
N ALA E 638 41.74 25.58 -85.79
CA ALA E 638 41.15 26.52 -84.85
C ALA E 638 40.90 25.95 -83.45
N GLU E 639 40.49 24.70 -83.36
CA GLU E 639 40.27 24.14 -82.04
C GLU E 639 41.60 24.04 -81.32
N PHE E 640 42.68 23.97 -82.11
CA PHE E 640 44.03 23.83 -81.61
C PHE E 640 44.53 25.15 -81.10
N ILE E 641 44.58 26.13 -81.98
CA ILE E 641 45.03 27.44 -81.61
C ILE E 641 44.21 27.95 -80.44
N LYS E 642 42.94 27.58 -80.42
CA LYS E 642 42.05 27.98 -79.33
C LYS E 642 42.67 27.53 -78.01
N ASN E 643 42.88 26.22 -77.88
CA ASN E 643 43.47 25.62 -76.68
C ASN E 643 44.80 26.24 -76.30
N LEU E 644 45.57 26.66 -77.29
CA LEU E 644 46.84 27.31 -77.00
C LEU E 644 46.53 28.60 -76.27
N SER E 645 45.68 29.42 -76.88
CA SER E 645 45.27 30.71 -76.30
C SER E 645 44.82 30.56 -74.84
N SER E 646 43.98 29.57 -74.59
CA SER E 646 43.45 29.28 -73.26
C SER E 646 44.56 29.16 -72.24
N ILE E 647 45.43 28.17 -72.43
CA ILE E 647 46.55 27.91 -71.53
C ILE E 647 47.42 29.16 -71.34
N ARG E 648 47.65 29.90 -72.41
CA ARG E 648 48.44 31.12 -72.35
C ARG E 648 47.83 31.92 -71.22
N ARG E 649 46.54 32.22 -71.34
CA ARG E 649 45.82 33.00 -70.33
C ARG E 649 45.74 32.32 -68.96
N SER E 650 46.04 31.03 -68.91
CA SER E 650 45.99 30.29 -67.66
C SER E 650 47.31 30.27 -66.88
N SER E 651 48.41 29.99 -67.57
CA SER E 651 49.72 29.96 -66.93
C SER E 651 50.53 31.20 -67.32
N ASN E 652 49.88 32.20 -67.93
CA ASN E 652 50.56 33.40 -68.38
C ASN E 652 51.93 33.11 -69.05
N VAL E 653 52.04 31.91 -69.63
CA VAL E 653 53.23 31.44 -70.35
C VAL E 653 52.73 30.74 -71.61
N GLY E 654 53.10 31.25 -72.80
CA GLY E 654 52.70 30.67 -74.08
C GLY E 654 53.61 29.57 -74.60
N VAL E 655 53.14 28.79 -75.57
CA VAL E 655 53.94 27.69 -76.15
C VAL E 655 55.27 28.20 -76.60
N TYR E 656 55.36 29.49 -76.87
CA TYR E 656 56.62 30.05 -77.30
C TYR E 656 56.66 31.49 -76.89
N LYS E 657 57.81 31.94 -76.42
CA LYS E 657 57.94 33.32 -75.98
C LYS E 657 58.45 34.19 -77.10
N ASP E 658 58.21 35.49 -76.96
CA ASP E 658 58.65 36.50 -77.90
C ASP E 658 60.05 36.84 -77.44
N SER E 659 61.03 36.03 -77.85
CA SER E 659 62.41 36.25 -77.48
C SER E 659 63.36 36.07 -78.65
N GLY E 660 64.66 36.02 -78.33
CA GLY E 660 65.66 35.86 -79.36
C GLY E 660 66.06 34.41 -79.49
N ASP E 661 65.81 33.61 -78.44
CA ASP E 661 66.18 32.20 -78.50
C ASP E 661 65.74 31.65 -79.84
N LYS E 662 66.61 30.88 -80.49
CA LYS E 662 66.28 30.32 -81.79
C LYS E 662 65.61 28.96 -81.67
N ASP E 663 65.45 28.50 -80.44
CA ASP E 663 64.82 27.21 -80.20
C ASP E 663 63.39 27.51 -79.87
N GLU E 664 63.16 28.78 -79.50
CA GLU E 664 61.83 29.26 -79.17
C GLU E 664 61.12 29.30 -80.51
N PHE E 665 61.65 30.13 -81.41
CA PHE E 665 61.13 30.26 -82.76
C PHE E 665 60.91 28.87 -83.37
N ALA E 666 61.83 27.94 -83.13
CA ALA E 666 61.67 26.59 -83.64
C ALA E 666 60.28 26.10 -83.23
N LYS E 667 60.03 26.17 -81.93
CA LYS E 667 58.76 25.77 -81.34
C LYS E 667 57.64 26.50 -82.04
N LYS E 668 57.73 27.82 -82.17
CA LYS E 668 56.71 28.55 -82.87
C LYS E 668 56.54 27.96 -84.26
N GLU E 669 57.62 27.94 -85.02
CA GLU E 669 57.62 27.41 -86.38
C GLU E 669 56.97 26.05 -86.41
N SER E 670 57.22 25.27 -85.38
CA SER E 670 56.68 23.94 -85.34
C SER E 670 55.21 23.83 -85.05
N VAL E 671 54.67 24.68 -84.18
CA VAL E 671 53.23 24.60 -83.92
C VAL E 671 52.55 25.03 -85.20
N LYS E 672 53.06 26.09 -85.82
CA LYS E 672 52.50 26.56 -87.06
C LYS E 672 52.42 25.38 -88.04
N LYS E 673 53.33 24.42 -87.88
CA LYS E 673 53.36 23.27 -88.77
C LYS E 673 52.22 22.30 -88.47
N ILE E 674 51.86 22.17 -87.20
CA ILE E 674 50.76 21.30 -86.79
C ILE E 674 49.47 21.97 -87.19
N ALA E 675 49.41 23.28 -86.93
CA ALA E 675 48.26 24.10 -87.25
C ALA E 675 48.01 24.01 -88.73
N GLY E 676 48.93 23.39 -89.43
CA GLY E 676 48.80 23.22 -90.86
C GLY E 676 48.22 21.84 -91.09
N TYR E 677 48.97 20.83 -90.71
CA TYR E 677 48.51 19.47 -90.88
C TYR E 677 47.05 19.38 -90.44
N LEU E 678 46.77 19.72 -89.18
CA LEU E 678 45.40 19.66 -88.68
C LEU E 678 44.46 20.37 -89.62
N SER E 679 44.92 21.48 -90.17
CA SER E 679 44.08 22.20 -91.06
C SER E 679 43.92 21.48 -92.39
N ASP E 680 44.97 20.73 -92.77
CA ASP E 680 45.01 19.95 -94.02
C ASP E 680 44.09 18.75 -93.99
N TYR E 681 44.00 18.13 -92.82
CA TYR E 681 43.15 16.97 -92.59
C TYR E 681 41.73 17.30 -93.07
N TYR E 682 41.16 18.37 -92.51
CA TYR E 682 39.82 18.81 -92.85
C TYR E 682 39.81 19.65 -94.12
N ASN E 683 40.08 19.00 -95.25
CA ASN E 683 40.08 19.72 -96.52
C ASN E 683 38.81 19.38 -97.27
N SER E 684 38.17 20.41 -97.80
CA SER E 684 36.93 20.22 -98.53
C SER E 684 37.08 19.51 -99.87
N ALA E 685 38.22 19.65 -100.53
CA ALA E 685 38.40 18.96 -101.80
C ALA E 685 38.60 17.47 -101.61
N ASN E 686 38.49 16.97 -100.38
CA ASN E 686 38.65 15.54 -100.14
C ASN E 686 37.56 14.72 -100.83
N HIS E 687 36.61 15.39 -101.48
CA HIS E 687 35.52 14.67 -102.14
C HIS E 687 35.95 14.13 -103.50
N ILE E 688 36.74 14.91 -104.25
CA ILE E 688 37.21 14.48 -105.55
C ILE E 688 38.05 13.22 -105.42
N PHE E 689 37.95 12.55 -104.28
CA PHE E 689 38.68 11.32 -104.06
C PHE E 689 37.66 10.25 -103.76
N SER E 690 38.12 9.08 -103.33
CA SER E 690 37.22 7.97 -103.01
C SER E 690 37.37 7.52 -101.55
N GLN E 691 36.27 7.13 -100.91
CA GLN E 691 36.33 6.69 -99.51
C GLN E 691 37.62 5.95 -99.16
N GLU E 692 38.06 5.07 -100.05
CA GLU E 692 39.30 4.32 -99.85
C GLU E 692 40.43 5.36 -99.60
N LYS E 693 40.68 6.20 -100.60
CA LYS E 693 41.72 7.22 -100.52
C LYS E 693 41.52 8.10 -99.30
N LYS E 694 40.33 8.70 -99.22
CA LYS E 694 39.98 9.57 -98.12
C LYS E 694 40.61 9.05 -96.84
N ARG E 695 40.28 7.83 -96.42
CA ARG E 695 40.86 7.30 -95.18
C ARG E 695 42.37 7.41 -95.19
N LYS E 696 42.98 6.77 -96.18
CA LYS E 696 44.44 6.78 -96.34
C LYS E 696 45.00 8.19 -96.35
N ILE E 697 44.66 8.94 -97.38
CA ILE E 697 45.11 10.33 -97.53
C ILE E 697 45.04 11.15 -96.22
N SER E 698 44.11 10.77 -95.34
CA SER E 698 43.88 11.43 -94.04
C SER E 698 44.63 10.74 -92.91
N ILE E 699 44.76 9.42 -93.00
CA ILE E 699 45.49 8.67 -92.00
C ILE E 699 46.93 9.17 -92.03
N PHE E 700 47.32 9.76 -93.15
CA PHE E 700 48.67 10.27 -93.26
C PHE E 700 48.72 11.68 -92.73
N ARG E 701 47.85 12.53 -93.29
CA ARG E 701 47.73 13.93 -92.87
C ARG E 701 47.75 13.92 -91.35
N GLY E 702 46.93 13.04 -90.78
CA GLY E 702 46.85 12.92 -89.34
C GLY E 702 48.19 12.57 -88.78
N ILE E 703 48.77 11.49 -89.29
CA ILE E 703 50.08 11.01 -88.85
C ILE E 703 51.14 12.10 -88.88
N GLN E 704 51.07 12.91 -89.93
CA GLN E 704 51.99 14.02 -90.09
C GLN E 704 51.95 14.85 -88.84
N ALA E 705 50.75 15.27 -88.48
CA ALA E 705 50.54 16.06 -87.29
C ALA E 705 51.09 15.36 -86.05
N TYR E 706 50.68 14.11 -85.87
CA TYR E 706 51.13 13.33 -84.72
C TYR E 706 52.63 13.44 -84.62
N ASN E 707 53.30 13.53 -85.75
CA ASN E 707 54.73 13.63 -85.73
C ASN E 707 55.18 14.96 -85.12
N GLU E 708 55.02 16.07 -85.85
CA GLU E 708 55.43 17.37 -85.32
C GLU E 708 55.10 17.54 -83.85
N ILE E 709 54.07 16.86 -83.37
CA ILE E 709 53.73 16.98 -81.95
C ILE E 709 54.84 16.24 -81.22
N GLU E 710 55.01 14.97 -81.54
CA GLU E 710 56.05 14.12 -80.93
C GLU E 710 57.36 14.88 -81.00
N ASN E 711 57.50 15.63 -82.08
CA ASN E 711 58.67 16.44 -82.37
C ASN E 711 58.85 17.49 -81.26
N VAL E 712 57.91 18.43 -81.18
CA VAL E 712 57.95 19.51 -80.18
C VAL E 712 58.01 18.99 -78.74
N LEU E 713 57.26 17.91 -78.49
CA LEU E 713 57.21 17.30 -77.18
C LEU E 713 58.63 16.94 -76.74
N LYS E 714 59.50 16.73 -77.72
CA LYS E 714 60.92 16.40 -77.48
C LYS E 714 61.75 17.64 -77.90
N SER E 715 61.37 18.87 -77.52
CA SER E 715 62.11 20.04 -78.08
C SER E 715 63.11 20.79 -77.18
N LYS E 716 62.65 21.81 -76.47
CA LYS E 716 63.49 22.51 -75.47
C LYS E 716 62.49 22.47 -74.33
N GLN E 717 62.53 23.44 -73.44
CA GLN E 717 61.58 23.41 -72.34
C GLN E 717 60.26 24.05 -72.72
N ILE E 718 59.20 23.25 -72.67
CA ILE E 718 57.87 23.73 -72.96
C ILE E 718 57.10 23.43 -71.72
N ALA E 719 56.53 24.48 -71.12
CA ALA E 719 55.76 24.34 -69.90
C ALA E 719 55.00 23.02 -69.86
N PRO E 720 55.01 22.32 -68.71
CA PRO E 720 54.30 21.05 -68.60
C PRO E 720 52.77 21.15 -68.82
N GLU E 721 52.19 22.31 -68.52
CA GLU E 721 50.76 22.51 -68.71
C GLU E 721 50.47 22.23 -70.18
N TYR E 722 51.43 22.62 -71.02
CA TYR E 722 51.35 22.42 -72.47
C TYR E 722 51.80 20.99 -72.77
N LYS E 723 52.86 20.57 -72.10
CA LYS E 723 53.40 19.24 -72.29
C LYS E 723 52.27 18.22 -72.20
N ASN E 724 51.33 18.46 -71.29
CA ASN E 724 50.18 17.59 -71.08
C ASN E 724 49.22 17.69 -72.24
N TYR E 725 48.82 18.90 -72.59
CA TYR E 725 47.90 19.12 -73.71
C TYR E 725 48.41 18.35 -74.90
N PHE E 726 49.60 18.71 -75.37
CA PHE E 726 50.18 18.02 -76.51
C PHE E 726 50.05 16.52 -76.27
N GLN E 727 50.19 16.10 -75.02
CA GLN E 727 50.05 14.70 -74.71
C GLN E 727 48.64 14.23 -75.05
N TYR E 728 47.66 15.05 -74.68
CA TYR E 728 46.26 14.76 -74.92
C TYR E 728 46.06 14.62 -76.43
N LEU E 729 46.43 15.66 -77.18
CA LEU E 729 46.29 15.65 -78.63
C LEU E 729 46.79 14.35 -79.22
N LYS E 730 47.94 13.88 -78.77
CA LYS E 730 48.49 12.64 -79.28
C LYS E 730 47.45 11.53 -79.28
N GLU E 731 46.85 11.29 -78.12
CA GLU E 731 45.87 10.22 -78.01
C GLU E 731 44.70 10.42 -78.97
N ARG E 732 44.27 11.66 -79.14
CA ARG E 732 43.17 11.93 -80.07
C ARG E 732 43.65 11.40 -81.43
N ILE E 733 44.71 12.00 -81.97
CA ILE E 733 45.29 11.62 -83.25
C ILE E 733 45.39 10.10 -83.34
N THR E 734 46.07 9.50 -82.37
CA THR E 734 46.21 8.04 -82.31
C THR E 734 44.83 7.47 -82.53
N ASN E 735 43.94 7.69 -81.56
CA ASN E 735 42.56 7.23 -81.61
C ASN E 735 41.91 7.40 -82.98
N GLN E 736 42.02 8.61 -83.52
CA GLN E 736 41.42 8.92 -84.82
C GLN E 736 41.99 8.06 -85.93
N VAL E 737 43.31 8.05 -86.05
CA VAL E 737 43.96 7.27 -87.09
C VAL E 737 43.64 5.80 -86.92
N GLN E 738 43.49 5.35 -85.68
CA GLN E 738 43.14 3.96 -85.48
C GLN E 738 41.80 3.72 -86.14
N LEU E 739 40.84 4.59 -85.84
CA LEU E 739 39.49 4.48 -86.39
C LEU E 739 39.52 4.34 -87.90
N LEU E 740 40.25 5.24 -88.56
CA LEU E 740 40.36 5.23 -90.03
C LEU E 740 40.94 3.93 -90.58
N LEU E 741 41.75 3.28 -89.75
CA LEU E 741 42.45 2.05 -90.06
C LEU E 741 41.61 0.84 -89.84
N THR E 742 40.97 0.75 -88.70
CA THR E 742 40.18 -0.43 -88.53
C THR E 742 38.99 -0.29 -89.43
N HIS E 743 38.65 0.94 -89.76
CA HIS E 743 37.52 1.05 -90.63
C HIS E 743 37.80 0.28 -91.94
N GLN E 744 39.05 0.22 -92.38
CA GLN E 744 39.39 -0.41 -93.66
C GLN E 744 39.98 -1.82 -93.59
N LYS E 745 41.26 -1.90 -93.25
CA LYS E 745 41.91 -3.19 -93.06
C LYS E 745 42.19 -3.28 -91.54
N SER E 746 42.31 -4.48 -90.96
CA SER E 746 42.40 -4.65 -89.48
C SER E 746 43.63 -4.90 -88.63
N ASN E 747 44.68 -5.50 -89.13
CA ASN E 747 45.79 -5.77 -88.22
C ASN E 747 46.57 -4.57 -87.74
N ILE E 748 47.00 -3.77 -88.72
CA ILE E 748 47.85 -2.61 -88.48
C ILE E 748 47.56 -1.75 -87.25
N GLU E 749 48.37 -1.90 -86.20
CA GLU E 749 48.20 -1.10 -84.98
C GLU E 749 48.93 0.21 -85.21
N PHE E 750 48.31 1.30 -84.81
CA PHE E 750 48.91 2.62 -84.99
C PHE E 750 50.36 2.68 -84.53
N LYS E 751 50.64 2.28 -83.30
CA LYS E 751 52.00 2.32 -82.78
C LYS E 751 53.00 1.70 -83.78
N LEU E 752 52.70 0.48 -84.22
CA LEU E 752 53.57 -0.23 -85.17
C LEU E 752 53.72 0.53 -86.49
N LEU E 753 52.60 0.77 -87.18
CA LEU E 753 52.61 1.49 -88.45
C LEU E 753 53.52 2.70 -88.36
N TYR E 754 53.50 3.37 -87.22
CA TYR E 754 54.32 4.55 -87.02
C TYR E 754 55.77 4.17 -87.17
N LYS E 755 56.24 3.34 -86.25
CA LYS E 755 57.62 2.86 -86.27
C LYS E 755 58.18 2.83 -87.69
N GLN E 756 57.50 2.08 -88.56
CA GLN E 756 57.90 1.93 -89.95
C GLN E 756 57.91 3.19 -90.80
N LEU E 757 58.10 4.35 -90.17
CA LEU E 757 58.12 5.59 -90.95
C LEU E 757 59.46 6.33 -90.94
N ASN E 758 59.76 7.00 -92.04
CA ASN E 758 61.01 7.75 -92.22
C ASN E 758 60.71 9.26 -92.30
N PHE E 759 60.72 9.94 -91.15
CA PHE E 759 60.45 11.37 -91.13
C PHE E 759 61.71 12.22 -91.03
N THR E 760 62.84 11.65 -91.41
CA THR E 760 64.13 12.33 -91.37
C THR E 760 64.13 13.54 -92.30
N GLU E 761 64.48 13.31 -93.56
CA GLU E 761 64.55 14.36 -94.57
C GLU E 761 63.40 14.30 -95.58
N ASN E 762 63.38 13.25 -96.39
CA ASN E 762 62.36 13.08 -97.41
C ASN E 762 61.06 12.43 -96.91
N GLU E 763 59.94 13.08 -97.25
CA GLU E 763 58.59 12.64 -96.88
C GLU E 763 57.97 11.94 -98.09
N THR E 764 58.40 12.36 -99.27
CA THR E 764 57.94 11.84 -100.56
C THR E 764 57.64 10.34 -100.55
N ASP E 765 58.67 9.52 -100.76
CA ASP E 765 58.51 8.07 -100.79
C ASP E 765 57.84 7.52 -99.53
N ASN E 766 58.00 8.22 -98.41
CA ASN E 766 57.41 7.77 -97.16
C ASN E 766 55.93 7.51 -97.37
N PHE E 767 55.28 8.38 -98.15
CA PHE E 767 53.85 8.22 -98.42
C PHE E 767 53.60 6.97 -99.28
N GLU E 768 54.44 6.75 -100.28
CA GLU E 768 54.30 5.57 -101.15
C GLU E 768 54.44 4.34 -100.26
N VAL E 769 55.26 4.48 -99.22
CA VAL E 769 55.50 3.41 -98.28
C VAL E 769 54.20 3.14 -97.56
N PHE E 770 53.72 4.18 -96.89
CA PHE E 770 52.46 4.12 -96.14
C PHE E 770 51.44 3.27 -96.89
N GLN E 771 51.29 3.53 -98.19
CA GLN E 771 50.35 2.79 -99.00
C GLN E 771 50.65 1.30 -98.90
N LYS E 772 51.90 0.94 -99.22
CA LYS E 772 52.30 -0.47 -99.16
C LYS E 772 52.15 -0.98 -97.74
N ILE E 773 52.40 -0.11 -96.77
CA ILE E 773 52.27 -0.50 -95.38
C ILE E 773 50.86 -1.02 -95.15
N ILE E 774 49.92 -0.60 -95.99
CA ILE E 774 48.53 -1.03 -95.86
C ILE E 774 48.09 -1.97 -97.00
N ASP E 775 48.48 -3.23 -96.88
CA ASP E 775 48.16 -4.27 -97.85
C ASP E 775 48.34 -5.64 -97.20
N ASN F 41 84.19 -9.04 -30.18
CA ASN F 41 84.24 -9.32 -28.71
C ASN F 41 84.83 -10.71 -28.43
N ASN F 42 86.05 -10.73 -27.88
CA ASN F 42 86.72 -11.97 -27.54
C ASN F 42 85.87 -12.68 -26.51
N LEU F 43 85.36 -13.85 -26.91
CA LEU F 43 84.48 -14.68 -26.11
C LEU F 43 85.14 -15.50 -25.03
N VAL F 44 86.26 -16.14 -25.34
CA VAL F 44 86.91 -16.96 -24.33
C VAL F 44 87.71 -16.14 -23.33
N LYS F 45 87.62 -16.58 -22.09
CA LYS F 45 88.31 -15.93 -21.00
C LYS F 45 88.96 -17.06 -20.24
N THR F 46 90.27 -17.20 -20.36
CA THR F 46 91.01 -18.25 -19.65
C THR F 46 91.63 -17.50 -18.47
N GLU F 47 91.24 -17.77 -17.23
CA GLU F 47 91.79 -16.89 -16.23
C GLU F 47 93.03 -17.16 -15.44
N PHE F 48 93.43 -18.41 -15.37
CA PHE F 48 94.64 -18.67 -14.64
C PHE F 48 95.39 -19.77 -15.40
N THR F 49 96.37 -19.40 -16.23
CA THR F 49 97.13 -20.40 -17.01
C THR F 49 98.03 -21.26 -16.08
N ASN F 50 97.36 -21.87 -15.11
CA ASN F 50 97.98 -22.67 -14.05
C ASN F 50 98.51 -24.02 -14.44
N GLU F 51 97.67 -24.89 -14.96
CA GLU F 51 98.18 -26.19 -15.38
C GLU F 51 99.02 -25.98 -16.67
N THR F 52 99.85 -26.97 -17.08
CA THR F 52 100.78 -26.85 -18.25
C THR F 52 100.15 -26.52 -19.60
N LEU F 53 99.79 -27.51 -20.38
CA LEU F 53 99.07 -27.27 -21.62
C LEU F 53 97.83 -28.09 -21.40
N ASP F 54 97.74 -28.66 -20.20
CA ASP F 54 96.63 -29.50 -19.85
C ASP F 54 95.34 -28.76 -19.56
N LYS F 55 95.35 -27.77 -18.67
CA LYS F 55 94.09 -27.05 -18.47
C LYS F 55 93.75 -26.42 -19.81
N ILE F 56 94.78 -25.88 -20.47
CA ILE F 56 94.62 -25.25 -21.76
C ILE F 56 94.13 -26.28 -22.78
N GLN F 57 95.00 -27.25 -23.09
CA GLN F 57 94.71 -28.31 -24.07
C GLN F 57 93.41 -29.01 -23.74
N GLN F 58 92.73 -28.56 -22.68
CA GLN F 58 91.47 -29.17 -22.29
C GLN F 58 90.37 -28.18 -22.59
N THR F 59 90.63 -26.92 -22.28
CA THR F 59 89.64 -25.92 -22.59
C THR F 59 89.55 -25.93 -24.11
N GLN F 60 90.70 -26.03 -24.78
CA GLN F 60 90.68 -26.06 -26.23
C GLN F 60 89.83 -27.23 -26.70
N ASP F 61 90.32 -28.46 -26.55
CA ASP F 61 89.54 -29.62 -26.97
C ASP F 61 88.07 -29.37 -26.67
N LEU F 62 87.80 -28.85 -25.49
CA LEU F 62 86.43 -28.59 -25.09
C LEU F 62 85.70 -27.74 -26.13
N LEU F 63 86.16 -26.51 -26.27
CA LEU F 63 85.60 -25.53 -27.18
C LEU F 63 85.54 -25.98 -28.62
N LYS F 64 86.66 -26.46 -29.15
CA LYS F 64 86.72 -26.89 -30.54
C LYS F 64 85.65 -27.93 -30.86
N LYS F 65 85.12 -28.57 -29.84
CA LYS F 65 84.09 -29.57 -30.06
C LYS F 65 82.72 -28.89 -30.20
N ILE F 66 82.67 -27.61 -29.82
CA ILE F 66 81.44 -26.82 -29.91
C ILE F 66 81.47 -26.12 -31.28
N PRO F 67 80.31 -25.98 -31.94
CA PRO F 67 80.26 -25.35 -33.26
C PRO F 67 80.64 -23.86 -33.29
N LYS F 68 81.60 -23.53 -34.15
CA LYS F 68 82.09 -22.15 -34.28
C LYS F 68 80.99 -21.11 -34.38
N ASP F 69 79.77 -21.55 -34.68
CA ASP F 69 78.64 -20.64 -34.82
C ASP F 69 77.86 -20.53 -33.52
N VAL F 70 77.76 -21.64 -32.79
CA VAL F 70 77.05 -21.65 -31.52
C VAL F 70 77.69 -20.60 -30.64
N LEU F 71 79.00 -20.43 -30.82
CA LEU F 71 79.75 -19.44 -30.06
C LEU F 71 79.36 -18.07 -30.61
N GLU F 72 79.41 -17.95 -31.94
CA GLU F 72 79.06 -16.72 -32.61
C GLU F 72 77.75 -16.21 -32.05
N ILE F 73 76.80 -17.12 -31.85
CA ILE F 73 75.50 -16.75 -31.31
C ILE F 73 75.76 -16.25 -29.91
N TYR F 74 76.41 -17.08 -29.13
CA TYR F 74 76.72 -16.71 -27.76
C TYR F 74 77.37 -15.34 -27.75
N SER F 75 78.39 -15.16 -28.58
CA SER F 75 79.10 -13.89 -28.66
C SER F 75 78.13 -12.75 -28.93
N GLU F 76 77.48 -12.78 -30.09
CA GLU F 76 76.53 -11.73 -30.46
C GLU F 76 75.54 -11.50 -29.33
N LEU F 77 75.18 -12.56 -28.62
CA LEU F 77 74.26 -12.42 -27.51
C LEU F 77 74.96 -11.69 -26.38
N GLY F 78 76.10 -11.10 -26.68
CA GLY F 78 76.86 -10.40 -25.67
C GLY F 78 77.30 -11.35 -24.57
N GLY F 79 77.56 -12.60 -24.94
CA GLY F 79 77.99 -13.58 -23.95
C GLY F 79 79.50 -13.67 -23.82
N GLU F 80 79.95 -14.30 -22.74
CA GLU F 80 81.37 -14.48 -22.50
C GLU F 80 81.55 -15.84 -21.84
N ILE F 81 82.64 -16.51 -22.10
CA ILE F 81 82.82 -17.81 -21.47
C ILE F 81 84.00 -17.75 -20.55
N TYR F 82 83.81 -18.23 -19.33
CA TYR F 82 84.88 -18.20 -18.34
C TYR F 82 85.50 -19.55 -17.99
N PHE F 83 86.73 -19.74 -18.44
CA PHE F 83 87.50 -20.94 -18.16
C PHE F 83 88.50 -20.51 -17.12
N THR F 84 88.06 -20.48 -15.87
CA THR F 84 88.96 -20.11 -14.77
C THR F 84 89.54 -21.43 -14.19
N ASP F 85 90.63 -21.32 -13.40
CA ASP F 85 91.44 -22.46 -12.89
C ASP F 85 90.86 -23.53 -11.97
N ILE F 86 90.76 -23.21 -10.69
CA ILE F 86 90.08 -24.04 -9.72
C ILE F 86 89.30 -22.93 -9.02
N ASP F 87 88.07 -22.77 -9.43
CA ASP F 87 87.21 -21.78 -8.82
C ASP F 87 85.88 -22.52 -8.84
N LEU F 88 85.73 -23.47 -8.02
CA LEU F 88 84.45 -24.15 -7.92
C LEU F 88 83.26 -23.32 -7.35
N VAL F 89 83.31 -23.05 -6.05
CA VAL F 89 82.22 -22.37 -5.35
C VAL F 89 81.87 -20.95 -5.80
N GLU F 90 80.95 -20.34 -5.06
CA GLU F 90 80.50 -18.97 -5.32
C GLU F 90 81.77 -18.16 -5.11
N HIS F 91 82.76 -18.42 -5.94
CA HIS F 91 84.04 -17.78 -5.75
C HIS F 91 84.58 -16.97 -6.91
N LYS F 92 84.09 -17.18 -8.12
CA LYS F 92 84.68 -16.41 -9.21
C LYS F 92 84.18 -14.99 -9.24
N GLU F 93 85.02 -14.10 -9.78
CA GLU F 93 84.68 -12.70 -9.85
C GLU F 93 83.27 -12.43 -10.33
N LEU F 94 82.63 -13.43 -10.94
CA LEU F 94 81.27 -13.24 -11.42
C LEU F 94 80.28 -14.24 -10.80
N GLN F 95 80.72 -15.00 -9.81
CA GLN F 95 79.83 -16.00 -9.18
C GLN F 95 79.10 -15.61 -7.90
N ASP F 96 79.20 -14.34 -7.49
CA ASP F 96 78.50 -13.88 -6.29
C ASP F 96 77.13 -13.38 -6.74
N LEU F 97 76.13 -13.44 -5.87
CA LEU F 97 74.75 -13.03 -6.19
C LEU F 97 74.53 -12.05 -7.35
N SER F 98 73.55 -12.36 -8.19
CA SER F 98 73.17 -11.54 -9.34
C SER F 98 71.75 -11.94 -9.82
N GLU F 99 71.64 -13.15 -10.38
CA GLU F 99 70.38 -13.71 -10.83
C GLU F 99 70.56 -15.24 -10.81
N GLU F 100 70.76 -15.75 -9.61
CA GLU F 100 71.01 -17.18 -9.40
C GLU F 100 69.77 -18.06 -9.18
N GLU F 101 69.95 -19.07 -8.33
CA GLU F 101 68.93 -20.04 -7.98
C GLU F 101 67.65 -19.42 -7.43
N LYS F 102 66.65 -19.31 -8.29
CA LYS F 102 65.33 -18.77 -7.92
C LYS F 102 64.30 -19.91 -7.98
N ASN F 103 64.41 -20.74 -9.02
CA ASN F 103 63.53 -21.92 -9.26
C ASN F 103 64.45 -23.13 -9.61
N SER F 104 63.97 -24.41 -9.61
CA SER F 104 64.89 -25.58 -9.77
C SER F 104 65.08 -26.53 -10.97
N MET F 105 64.61 -26.25 -12.15
CA MET F 105 64.96 -27.15 -13.25
C MET F 105 66.47 -26.92 -13.53
N ASN F 106 67.42 -27.66 -12.93
CA ASN F 106 68.83 -27.34 -13.22
C ASN F 106 69.59 -28.21 -14.21
N SER F 107 70.07 -29.38 -13.79
CA SER F 107 70.85 -30.22 -14.73
C SER F 107 69.99 -31.08 -15.67
N ARG F 108 70.61 -32.12 -16.23
CA ARG F 108 69.91 -33.06 -17.12
C ARG F 108 68.77 -33.69 -16.27
N GLY F 109 68.97 -33.66 -14.96
CA GLY F 109 68.01 -34.05 -13.92
C GLY F 109 67.87 -32.75 -13.12
N GLU F 110 66.76 -32.52 -12.42
CA GLU F 110 66.76 -31.30 -11.63
C GLU F 110 67.42 -31.80 -10.33
N LYS F 111 68.55 -31.22 -9.96
CA LYS F 111 69.26 -31.69 -8.78
C LYS F 111 69.65 -30.53 -7.84
N VAL F 112 70.03 -29.40 -8.43
CA VAL F 112 70.41 -28.16 -7.72
C VAL F 112 71.42 -28.19 -6.55
N PRO F 113 72.52 -28.97 -6.67
CA PRO F 113 73.54 -29.04 -5.60
C PRO F 113 74.78 -28.20 -5.96
N PHE F 114 74.67 -26.89 -5.77
CA PHE F 114 75.72 -25.94 -6.12
C PHE F 114 77.19 -26.26 -5.87
N ALA F 115 77.60 -26.39 -4.61
CA ALA F 115 79.00 -26.67 -4.29
C ALA F 115 79.64 -27.82 -5.08
N SER F 116 78.84 -28.59 -5.80
CA SER F 116 79.35 -29.70 -6.57
C SER F 116 79.49 -29.38 -8.06
N ARG F 117 79.04 -28.20 -8.46
CA ARG F 117 79.09 -27.79 -9.85
C ARG F 117 80.45 -27.33 -10.32
N PHE F 118 80.69 -27.50 -11.62
CA PHE F 118 81.94 -27.10 -12.27
C PHE F 118 81.61 -26.31 -13.53
N VAL F 119 80.32 -26.09 -13.73
CA VAL F 119 79.83 -25.34 -14.87
C VAL F 119 78.61 -24.57 -14.42
N PHE F 120 78.41 -23.37 -14.97
CA PHE F 120 77.25 -22.56 -14.64
C PHE F 120 76.95 -21.43 -15.62
N GLU F 121 75.66 -21.06 -15.67
CA GLU F 121 75.14 -20.04 -16.55
C GLU F 121 74.55 -18.83 -15.82
N LYS F 122 75.21 -17.68 -15.97
CA LYS F 122 74.65 -16.44 -15.43
C LYS F 122 73.60 -16.24 -16.53
N LYS F 123 72.32 -16.44 -16.20
CA LYS F 123 71.24 -16.44 -17.19
C LYS F 123 70.46 -15.20 -17.63
N ARG F 124 70.72 -13.96 -17.19
CA ARG F 124 69.75 -12.93 -17.62
C ARG F 124 69.97 -11.92 -18.79
N GLU F 125 70.52 -10.76 -18.51
CA GLU F 125 70.74 -9.77 -19.57
C GLU F 125 71.71 -10.30 -20.64
N THR F 126 72.95 -10.53 -20.22
CA THR F 126 74.03 -11.04 -21.05
C THR F 126 74.44 -12.42 -20.52
N PRO F 127 74.51 -13.42 -21.40
CA PRO F 127 74.90 -14.76 -20.91
C PRO F 127 76.35 -14.82 -20.41
N LYS F 128 76.58 -15.61 -19.37
CA LYS F 128 77.91 -15.77 -18.80
C LYS F 128 78.18 -17.21 -18.43
N LEU F 129 78.86 -17.90 -19.33
CA LEU F 129 79.20 -19.29 -19.10
C LEU F 129 80.49 -19.32 -18.32
N ILE F 130 80.50 -20.09 -17.24
CA ILE F 130 81.69 -20.22 -16.42
C ILE F 130 82.00 -21.67 -16.13
N ILE F 131 83.19 -22.09 -16.57
CA ILE F 131 83.66 -23.46 -16.39
C ILE F 131 85.04 -23.42 -15.80
N ASN F 132 85.38 -24.48 -15.08
CA ASN F 132 86.69 -24.58 -14.49
C ASN F 132 87.15 -26.01 -14.68
N ILE F 133 88.44 -26.24 -14.57
CA ILE F 133 88.97 -27.57 -14.77
C ILE F 133 90.05 -27.90 -13.73
N LYS F 134 90.04 -29.10 -13.15
CA LYS F 134 91.06 -29.44 -12.14
C LYS F 134 92.06 -30.40 -12.74
N ASP F 135 91.85 -31.70 -12.74
CA ASP F 135 92.84 -32.40 -13.47
C ASP F 135 92.21 -33.02 -14.72
N TYR F 136 92.91 -33.89 -15.40
CA TYR F 136 92.51 -34.47 -16.66
C TYR F 136 91.11 -35.09 -17.00
N ALA F 137 90.07 -35.13 -16.17
CA ALA F 137 88.94 -36.00 -16.55
C ALA F 137 87.63 -35.63 -17.28
N ILE F 138 87.64 -35.34 -18.57
CA ILE F 138 86.35 -35.09 -19.23
C ILE F 138 85.91 -36.16 -20.26
N ASN F 139 86.86 -37.00 -20.73
CA ASN F 139 86.59 -37.99 -21.79
C ASN F 139 86.15 -39.45 -21.55
N SER F 140 86.47 -40.06 -20.41
CA SER F 140 86.07 -41.46 -20.19
C SER F 140 84.54 -41.62 -20.10
N GLU F 141 83.96 -40.93 -19.13
CA GLU F 141 82.52 -40.92 -18.93
C GLU F 141 82.18 -39.45 -19.16
N GLN F 142 82.18 -39.05 -20.43
CA GLN F 142 81.88 -37.68 -20.80
C GLN F 142 80.48 -37.30 -20.34
N SER F 143 79.82 -38.22 -19.63
CA SER F 143 78.49 -37.96 -19.10
C SER F 143 78.58 -36.72 -18.21
N LYS F 144 79.79 -36.18 -18.11
CA LYS F 144 80.09 -34.98 -17.33
C LYS F 144 80.17 -33.77 -18.26
N GLU F 145 80.99 -33.87 -19.31
CA GLU F 145 81.13 -32.77 -20.25
C GLU F 145 79.77 -32.42 -20.86
N VAL F 146 78.86 -33.40 -20.86
CA VAL F 146 77.53 -33.21 -21.41
C VAL F 146 76.82 -32.05 -20.69
N TYR F 147 77.33 -31.67 -19.50
CA TYR F 147 76.74 -30.57 -18.76
C TYR F 147 77.35 -29.27 -19.22
N TYR F 148 78.58 -29.33 -19.67
CA TYR F 148 79.20 -28.14 -20.19
C TYR F 148 78.47 -27.86 -21.51
N GLU F 149 77.71 -28.84 -21.98
CA GLU F 149 76.93 -28.71 -23.23
C GLU F 149 75.53 -28.20 -22.95
N ILE F 150 74.84 -28.85 -22.02
CA ILE F 150 73.50 -28.41 -21.68
C ILE F 150 73.69 -27.07 -21.00
N GLY F 151 74.61 -27.05 -20.02
CA GLY F 151 74.91 -25.84 -19.27
C GLY F 151 75.11 -24.72 -20.27
N LYS F 152 75.56 -25.09 -21.46
CA LYS F 152 75.75 -24.11 -22.51
C LYS F 152 74.40 -23.97 -23.15
N GLY F 153 73.85 -25.10 -23.58
CA GLY F 153 72.55 -25.08 -24.20
C GLY F 153 71.57 -24.11 -23.56
N ILE F 154 71.59 -24.02 -22.21
CA ILE F 154 70.66 -23.11 -21.53
C ILE F 154 70.91 -21.65 -21.84
N SER F 155 71.75 -21.43 -22.84
CA SER F 155 72.06 -20.09 -23.27
C SER F 155 71.23 -19.83 -24.51
N LEU F 156 71.37 -20.72 -25.48
CA LEU F 156 70.66 -20.60 -26.74
C LEU F 156 69.18 -20.93 -26.63
N ASP F 157 68.82 -21.87 -25.77
CA ASP F 157 67.42 -22.24 -25.67
C ASP F 157 66.38 -21.11 -25.81
N ILE F 158 66.09 -20.42 -24.70
CA ILE F 158 65.08 -19.37 -24.69
C ILE F 158 65.42 -18.17 -25.58
N ILE F 159 66.54 -18.27 -26.28
CA ILE F 159 66.99 -17.17 -27.12
C ILE F 159 67.43 -17.69 -28.49
N SER F 160 67.06 -18.93 -28.80
CA SER F 160 67.47 -19.52 -30.06
C SER F 160 66.41 -19.50 -31.14
N LYS F 161 65.76 -20.64 -31.28
CA LYS F 161 64.71 -20.80 -32.27
C LYS F 161 63.49 -21.07 -31.42
N ASP F 162 63.77 -21.61 -30.25
CA ASP F 162 62.75 -21.95 -29.28
C ASP F 162 61.90 -20.71 -29.01
N LYS F 163 62.54 -19.55 -28.89
CA LYS F 163 61.80 -18.33 -28.59
C LYS F 163 62.34 -17.03 -29.21
N SER F 164 63.67 -16.97 -29.50
CA SER F 164 64.43 -15.77 -30.06
C SER F 164 63.71 -15.14 -31.22
N LEU F 165 63.53 -15.95 -32.27
CA LEU F 165 62.58 -15.51 -33.25
C LEU F 165 61.53 -16.41 -32.58
N ASP F 166 60.25 -16.14 -32.78
CA ASP F 166 59.30 -16.94 -32.04
C ASP F 166 59.20 -18.39 -32.45
N PRO F 167 58.58 -19.20 -31.55
CA PRO F 167 58.61 -20.55 -32.10
C PRO F 167 57.93 -20.35 -33.45
N GLU F 168 58.80 -20.24 -34.46
CA GLU F 168 58.19 -20.17 -35.76
C GLU F 168 57.89 -21.62 -36.12
N PHE F 169 56.71 -21.88 -36.65
CA PHE F 169 56.33 -23.25 -36.99
C PHE F 169 57.54 -24.21 -37.02
N LEU F 170 58.69 -23.75 -37.52
CA LEU F 170 59.92 -24.55 -37.58
C LEU F 170 60.18 -25.31 -36.28
N ASN F 171 60.06 -24.61 -35.15
CA ASN F 171 60.29 -25.24 -33.85
C ASN F 171 58.99 -25.73 -33.22
N LEU F 172 57.87 -25.17 -33.64
CA LEU F 172 56.60 -25.62 -33.10
C LEU F 172 56.27 -26.98 -33.70
N ILE F 173 56.15 -27.01 -35.03
CA ILE F 173 55.82 -28.24 -35.76
C ILE F 173 56.89 -29.34 -35.54
N LYS F 174 57.95 -28.97 -34.84
CA LYS F 174 59.03 -29.91 -34.52
C LYS F 174 58.67 -30.49 -33.16
N SER F 175 58.00 -29.67 -32.35
CA SER F 175 57.56 -30.06 -31.02
C SER F 175 56.27 -30.88 -31.17
N LEU F 176 55.64 -30.76 -32.34
CA LEU F 176 54.42 -31.52 -32.62
C LEU F 176 54.81 -32.97 -32.74
N SER F 177 56.10 -33.20 -32.97
CA SER F 177 56.62 -34.55 -33.08
C SER F 177 56.65 -35.18 -31.70
N ASP F 178 55.69 -34.79 -30.88
CA ASP F 178 55.56 -35.33 -29.53
C ASP F 178 55.33 -36.82 -29.74
N ASP F 179 54.24 -37.15 -30.43
CA ASP F 179 53.90 -38.54 -30.69
C ASP F 179 52.97 -38.74 -31.89
N SER F 180 52.62 -37.66 -32.59
CA SER F 180 51.67 -37.74 -33.70
C SER F 180 52.15 -37.69 -35.16
N ASP F 181 53.40 -37.34 -35.41
CA ASP F 181 53.89 -37.26 -36.79
C ASP F 181 54.73 -38.47 -37.20
N SER F 182 55.78 -38.74 -36.43
CA SER F 182 56.66 -39.88 -36.71
C SER F 182 56.20 -41.08 -35.87
N SER F 183 56.69 -42.26 -36.25
CA SER F 183 56.37 -43.50 -35.53
C SER F 183 57.43 -43.72 -34.44
N ASP F 184 57.91 -42.61 -33.88
CA ASP F 184 58.93 -42.62 -32.83
C ASP F 184 58.57 -41.76 -31.62
N LEU F 185 57.74 -42.34 -30.74
CA LEU F 185 57.31 -41.70 -29.51
C LEU F 185 58.38 -41.99 -28.46
N LEU F 186 59.63 -41.87 -28.89
CA LEU F 186 60.81 -42.07 -28.04
C LEU F 186 61.38 -40.69 -27.65
N PHE F 187 60.69 -40.05 -26.71
CA PHE F 187 61.12 -38.75 -26.23
C PHE F 187 61.10 -38.68 -24.70
N SER F 188 61.70 -39.70 -24.09
CA SER F 188 61.84 -39.77 -22.64
C SER F 188 63.24 -39.27 -22.30
N GLN F 189 64.10 -39.28 -23.32
CA GLN F 189 65.48 -38.83 -23.22
C GLN F 189 65.46 -37.31 -23.12
N LYS F 190 64.25 -36.74 -22.99
CA LYS F 190 64.09 -35.29 -22.89
C LYS F 190 62.74 -34.87 -22.30
N PHE F 191 61.82 -35.81 -22.14
CA PHE F 191 60.49 -35.45 -21.64
C PHE F 191 59.84 -36.36 -20.60
N LYS F 192 60.18 -36.24 -19.33
CA LYS F 192 59.49 -37.14 -18.40
C LYS F 192 58.38 -36.55 -17.55
N GLU F 193 58.75 -35.77 -16.54
CA GLU F 193 57.76 -35.19 -15.63
C GLU F 193 56.91 -34.04 -16.20
N LYS F 194 57.31 -33.50 -17.35
CA LYS F 194 56.57 -32.40 -17.96
C LYS F 194 55.95 -32.75 -19.32
N LEU F 195 56.13 -33.99 -19.76
CA LEU F 195 55.54 -34.47 -21.01
C LEU F 195 55.15 -35.95 -21.06
N GLU F 196 54.75 -36.49 -19.91
CA GLU F 196 54.28 -37.86 -19.89
C GLU F 196 52.82 -37.58 -20.28
N LEU F 197 52.62 -36.32 -20.63
CA LEU F 197 51.33 -35.81 -21.09
C LEU F 197 51.29 -36.05 -22.59
N ASN F 198 51.32 -37.32 -22.99
CA ASN F 198 51.25 -37.70 -24.40
C ASN F 198 49.80 -37.36 -24.79
N ASN F 199 48.94 -37.45 -23.79
CA ASN F 199 47.51 -37.21 -23.90
C ASN F 199 47.19 -35.73 -24.01
N LYS F 200 47.84 -35.17 -25.01
CA LYS F 200 47.72 -33.79 -25.39
C LYS F 200 48.32 -33.65 -26.77
N SER F 201 47.55 -33.08 -27.69
CA SER F 201 48.20 -32.84 -28.96
C SER F 201 48.89 -31.52 -28.66
N ILE F 202 50.20 -31.55 -28.51
CA ILE F 202 50.94 -30.34 -28.19
C ILE F 202 51.08 -29.42 -29.40
N ASP F 203 50.48 -28.24 -29.29
CA ASP F 203 50.52 -27.23 -30.34
C ASP F 203 50.42 -25.90 -29.63
N ILE F 204 49.97 -24.89 -30.32
CA ILE F 204 49.90 -23.60 -29.68
C ILE F 204 49.10 -23.65 -28.38
N ASN F 205 48.08 -24.49 -28.33
CA ASN F 205 47.27 -24.55 -27.15
C ASN F 205 48.02 -24.61 -25.79
N PHE F 206 49.15 -25.28 -25.67
CA PHE F 206 49.77 -25.38 -24.35
C PHE F 206 51.29 -25.22 -24.20
N ILE F 207 52.00 -25.24 -25.31
CA ILE F 207 53.46 -25.16 -25.32
C ILE F 207 54.13 -24.01 -24.54
N LYS F 208 53.45 -22.90 -24.38
CA LYS F 208 53.99 -21.73 -23.67
C LYS F 208 54.13 -21.96 -22.16
N GLU F 209 53.05 -22.45 -21.55
CA GLU F 209 53.00 -22.72 -20.12
C GLU F 209 54.26 -23.41 -19.58
N ASN F 210 55.08 -23.94 -20.47
CA ASN F 210 56.28 -24.65 -20.04
C ASN F 210 57.53 -24.41 -20.90
N LEU F 211 57.82 -23.15 -21.22
CA LEU F 211 59.00 -22.79 -22.01
C LEU F 211 60.25 -23.28 -21.29
N THR F 212 60.32 -23.01 -19.99
CA THR F 212 61.46 -23.40 -19.17
C THR F 212 61.72 -24.90 -19.27
N GLU F 213 60.69 -25.65 -19.70
CA GLU F 213 60.82 -27.10 -19.84
C GLU F 213 61.05 -27.54 -21.28
N PHE F 214 60.46 -26.85 -22.25
CA PHE F 214 60.69 -27.20 -23.64
C PHE F 214 62.06 -26.69 -24.05
N GLN F 215 62.86 -26.33 -23.04
CA GLN F 215 64.22 -25.85 -23.21
C GLN F 215 65.13 -26.97 -22.77
N HIS F 216 64.82 -27.53 -21.60
CA HIS F 216 65.60 -28.62 -21.02
C HIS F 216 65.72 -29.75 -22.02
N ALA F 217 64.83 -29.73 -23.02
CA ALA F 217 64.87 -30.72 -24.06
C ALA F 217 65.88 -30.25 -25.09
N PHE F 218 65.73 -29.01 -25.54
CA PHE F 218 66.64 -28.42 -26.53
C PHE F 218 68.08 -28.41 -25.99
N SER F 219 68.20 -28.63 -24.69
CA SER F 219 69.48 -28.64 -24.01
C SER F 219 70.09 -30.03 -23.98
N LEU F 220 69.37 -31.02 -24.49
CA LEU F 220 69.86 -32.40 -24.53
C LEU F 220 70.08 -32.78 -25.98
N ALA F 221 69.18 -32.32 -26.82
CA ALA F 221 69.27 -32.59 -28.24
C ALA F 221 70.57 -31.92 -28.64
N PHE F 222 70.97 -30.93 -27.86
CA PHE F 222 72.21 -30.21 -28.12
C PHE F 222 73.35 -30.93 -27.43
N SER F 223 73.17 -31.22 -26.14
CA SER F 223 74.19 -31.88 -25.34
C SER F 223 74.54 -33.23 -25.94
N TYR F 224 73.58 -33.78 -26.67
CA TYR F 224 73.76 -35.06 -27.29
C TYR F 224 74.31 -34.97 -28.72
N TYR F 225 73.81 -34.01 -29.50
CA TYR F 225 74.27 -33.88 -30.89
C TYR F 225 75.74 -33.47 -30.98
N PHE F 226 76.28 -32.95 -29.87
CA PHE F 226 77.67 -32.52 -29.83
C PHE F 226 78.54 -33.21 -28.78
N ALA F 227 77.93 -33.82 -27.77
CA ALA F 227 78.71 -34.51 -26.75
C ALA F 227 79.77 -35.39 -27.45
N PRO F 228 81.04 -35.31 -27.00
CA PRO F 228 82.16 -36.06 -27.56
C PRO F 228 81.96 -37.57 -27.62
N ASP F 229 80.92 -38.04 -26.94
CA ASP F 229 80.62 -39.47 -26.89
C ASP F 229 79.30 -39.83 -27.57
N HIS F 230 78.21 -39.73 -26.83
CA HIS F 230 76.88 -40.06 -27.36
C HIS F 230 76.34 -39.00 -28.33
N ARG F 231 76.21 -39.38 -29.59
CA ARG F 231 75.72 -38.46 -30.61
C ARG F 231 74.61 -39.09 -31.42
N THR F 232 74.74 -40.39 -31.66
CA THR F 232 73.77 -41.16 -32.43
C THR F 232 72.56 -41.48 -31.56
N VAL F 233 72.74 -41.36 -30.24
CA VAL F 233 71.66 -41.62 -29.31
C VAL F 233 70.52 -40.67 -29.69
N LEU F 234 70.88 -39.48 -30.16
CA LEU F 234 69.88 -38.48 -30.58
C LEU F 234 69.35 -38.76 -31.98
N GLU F 235 70.15 -39.41 -32.81
CA GLU F 235 69.75 -39.74 -34.18
C GLU F 235 68.93 -41.03 -34.19
N LEU F 236 69.05 -41.79 -33.11
CA LEU F 236 68.35 -43.07 -32.95
C LEU F 236 67.01 -42.85 -32.28
N TYR F 237 67.04 -42.54 -30.98
CA TYR F 237 65.82 -42.33 -30.21
C TYR F 237 64.82 -41.34 -30.80
N ALA F 238 65.24 -40.10 -31.09
CA ALA F 238 64.31 -39.13 -31.68
C ALA F 238 64.86 -38.74 -33.05
N PRO F 239 64.15 -39.12 -34.15
CA PRO F 239 64.60 -38.80 -35.51
C PRO F 239 64.47 -37.32 -35.91
N ASP F 240 63.66 -36.55 -35.17
CA ASP F 240 63.49 -35.13 -35.50
C ASP F 240 64.53 -34.24 -34.82
N MET F 241 64.58 -34.25 -33.49
CA MET F 241 65.55 -33.43 -32.80
C MET F 241 66.90 -33.50 -33.50
N PHE F 242 67.26 -34.68 -33.99
CA PHE F 242 68.53 -34.83 -34.68
C PHE F 242 68.57 -33.95 -35.92
N GLU F 243 67.78 -34.32 -36.93
CA GLU F 243 67.70 -33.59 -38.18
C GLU F 243 67.59 -32.09 -37.89
N TYR F 244 66.91 -31.77 -36.80
CA TYR F 244 66.71 -30.40 -36.37
C TYR F 244 68.04 -29.80 -35.99
N MET F 245 68.67 -30.44 -35.01
CA MET F 245 69.98 -30.03 -34.51
C MET F 245 70.95 -30.03 -35.67
N ASN F 246 70.85 -31.10 -36.46
CA ASN F 246 71.71 -31.31 -37.62
C ASN F 246 71.53 -30.25 -38.69
N LYS F 247 70.29 -29.85 -38.93
CA LYS F 247 70.06 -28.80 -39.91
C LYS F 247 70.47 -27.48 -39.28
N LEU F 248 70.50 -27.45 -37.95
CA LEU F 248 70.92 -26.25 -37.21
C LEU F 248 72.42 -26.12 -37.42
N GLU F 249 73.12 -27.24 -37.40
CA GLU F 249 74.55 -27.23 -37.63
C GLU F 249 74.76 -27.00 -39.13
N LYS F 250 73.81 -27.44 -39.95
CA LYS F 250 73.90 -27.25 -41.40
C LYS F 250 73.90 -25.77 -41.72
N GLY F 251 73.40 -24.97 -40.78
CA GLY F 251 73.33 -23.52 -40.98
C GLY F 251 72.34 -22.76 -40.08
N GLY F 252 71.45 -23.48 -39.39
CA GLY F 252 70.48 -22.84 -38.50
C GLY F 252 71.13 -21.94 -37.48
N PHE F 253 72.33 -22.34 -37.07
CA PHE F 253 73.13 -21.61 -36.10
C PHE F 253 73.69 -20.33 -36.73
N GLU F 254 74.09 -20.40 -38.01
CA GLU F 254 74.60 -19.22 -38.69
C GLU F 254 73.43 -18.28 -38.96
N LYS F 255 72.22 -18.81 -38.85
CA LYS F 255 70.99 -18.05 -39.05
C LYS F 255 70.81 -17.02 -37.94
N ILE F 256 70.40 -17.50 -36.76
CA ILE F 256 70.20 -16.63 -35.61
C ILE F 256 71.45 -15.76 -35.38
N SER F 257 72.61 -16.33 -35.67
CA SER F 257 73.88 -15.65 -35.49
C SER F 257 74.05 -14.51 -36.48
N GLU F 258 73.07 -14.38 -37.37
CA GLU F 258 73.08 -13.34 -38.38
C GLU F 258 71.87 -12.41 -38.25
N SER F 259 70.83 -12.88 -37.59
CA SER F 259 69.62 -12.08 -37.35
C SER F 259 69.87 -11.28 -36.09
N LEU F 260 70.93 -11.66 -35.38
CA LEU F 260 71.32 -10.97 -34.16
C LEU F 260 72.46 -10.03 -34.52
N LYS F 261 73.23 -10.42 -35.55
CA LYS F 261 74.36 -9.63 -36.05
C LYS F 261 73.87 -8.39 -36.78
N LYS F 262 73.00 -8.59 -37.76
CA LYS F 262 72.46 -7.47 -38.52
C LYS F 262 71.76 -6.56 -37.53
N GLU F 263 70.93 -7.13 -36.66
CA GLU F 263 70.23 -6.33 -35.67
C GLU F 263 71.27 -5.82 -34.68
N GLY F 264 72.49 -6.29 -34.81
CA GLY F 264 73.53 -5.82 -33.91
C GLY F 264 73.59 -4.31 -34.02
N VAL F 265 73.56 -3.82 -35.26
CA VAL F 265 73.62 -2.40 -35.52
C VAL F 265 72.25 -1.75 -35.33
N GLU F 266 71.29 -2.14 -36.15
CA GLU F 266 69.93 -1.60 -36.07
C GLU F 266 69.44 -1.45 -34.62
N LYS F 267 69.96 -2.30 -33.75
CA LYS F 267 69.60 -2.30 -32.33
C LYS F 267 70.15 -1.05 -31.66
N ASP F 268 71.47 -1.01 -31.54
CA ASP F 268 72.18 0.11 -30.94
C ASP F 268 72.63 1.01 -32.08
N ARG F 269 71.81 2.02 -32.37
CA ARG F 269 72.12 2.96 -33.43
C ARG F 269 71.88 4.39 -32.95
N ILE F 270 71.87 5.34 -33.89
CA ILE F 270 71.63 6.74 -33.56
C ILE F 270 70.18 6.99 -33.90
N ASP F 271 69.39 7.29 -32.88
CA ASP F 271 67.96 7.52 -33.03
C ASP F 271 67.67 8.61 -34.04
N VAL F 272 67.25 8.21 -35.24
CA VAL F 272 66.96 9.21 -36.26
C VAL F 272 65.81 8.85 -37.16
N LEU F 273 64.58 9.13 -36.74
CA LEU F 273 63.42 8.80 -37.57
C LEU F 273 63.69 8.92 -39.07
N LYS F 274 63.55 7.82 -39.81
CA LYS F 274 63.79 7.82 -41.25
C LYS F 274 62.46 7.76 -41.97
N GLY F 275 62.49 7.54 -43.28
CA GLY F 275 61.25 7.47 -44.06
C GLY F 275 60.34 8.70 -43.92
N GLU F 276 59.17 8.66 -44.53
CA GLU F 276 58.27 9.79 -44.46
C GLU F 276 57.99 10.25 -43.03
N LYS F 277 58.35 9.45 -42.04
CA LYS F 277 58.10 9.89 -40.67
C LYS F 277 58.92 11.14 -40.43
N ALA F 278 59.92 11.32 -41.28
CA ALA F 278 60.83 12.46 -41.22
C ALA F 278 60.45 13.46 -42.30
N LEU F 279 60.30 12.95 -43.52
CA LEU F 279 59.93 13.76 -44.65
C LEU F 279 58.80 14.74 -44.27
N LYS F 280 58.16 14.50 -43.14
CA LYS F 280 57.10 15.38 -42.67
C LYS F 280 57.66 16.53 -41.86
N ALA F 281 58.60 16.24 -40.98
CA ALA F 281 59.20 17.30 -40.18
C ALA F 281 60.14 18.08 -41.06
N SER F 282 60.68 17.39 -42.07
CA SER F 282 61.59 17.99 -43.02
C SER F 282 61.06 19.34 -43.44
N GLY F 283 60.06 19.32 -44.31
CA GLY F 283 59.46 20.55 -44.79
C GLY F 283 59.47 20.54 -46.29
N LEU F 284 60.44 19.81 -46.84
CA LEU F 284 60.56 19.69 -48.29
C LEU F 284 59.28 19.14 -48.89
N VAL F 285 59.03 19.44 -50.15
CA VAL F 285 57.85 18.95 -50.84
C VAL F 285 58.25 17.53 -51.27
N PRO F 286 57.53 16.52 -50.72
CA PRO F 286 57.77 15.10 -50.99
C PRO F 286 58.14 14.77 -52.43
N GLU F 287 57.54 15.47 -53.37
CA GLU F 287 57.84 15.20 -54.77
C GLU F 287 59.29 15.56 -55.04
N HIS F 288 59.69 16.72 -54.54
CA HIS F 288 61.05 17.22 -54.69
C HIS F 288 61.98 16.27 -53.97
N ALA F 289 61.72 16.04 -52.69
CA ALA F 289 62.58 15.15 -51.93
C ALA F 289 62.86 13.91 -52.75
N ASP F 290 61.80 13.29 -53.25
CA ASP F 290 61.93 12.08 -54.05
C ASP F 290 62.75 12.33 -55.31
N ALA F 291 62.59 13.53 -55.85
CA ALA F 291 63.31 13.92 -57.05
C ALA F 291 64.80 13.89 -56.75
N PHE F 292 65.13 14.43 -55.57
CA PHE F 292 66.50 14.51 -55.04
C PHE F 292 67.09 13.11 -54.85
N LYS F 293 66.21 12.22 -54.37
CA LYS F 293 66.53 10.81 -54.11
C LYS F 293 67.34 10.22 -55.27
N LYS F 294 67.11 10.72 -56.48
CA LYS F 294 67.82 10.25 -57.66
C LYS F 294 69.27 10.73 -57.64
N ILE F 295 69.44 12.04 -57.68
CA ILE F 295 70.76 12.65 -57.69
C ILE F 295 71.67 12.03 -56.62
N ALA F 296 71.21 12.07 -55.37
CA ALA F 296 71.99 11.52 -54.26
C ALA F 296 72.62 10.23 -54.73
N ARG F 297 71.81 9.40 -55.37
CA ARG F 297 72.28 8.12 -55.86
C ARG F 297 73.17 8.29 -57.08
N GLU F 298 72.65 8.81 -58.18
CA GLU F 298 73.48 8.94 -59.37
C GLU F 298 74.87 9.49 -59.01
N LEU F 299 74.88 10.65 -58.36
CA LEU F 299 76.12 11.33 -57.96
C LEU F 299 76.77 10.77 -56.69
N ASN F 300 76.02 10.01 -55.91
CA ASN F 300 76.59 9.41 -54.72
C ASN F 300 77.12 10.47 -53.77
N THR F 301 76.21 11.15 -53.10
CA THR F 301 76.59 12.17 -52.16
C THR F 301 75.41 12.49 -51.27
N TYR F 302 75.64 12.55 -49.96
CA TYR F 302 74.58 12.88 -49.02
C TYR F 302 74.11 14.33 -49.25
N ILE F 303 72.87 14.61 -48.88
CA ILE F 303 72.32 15.95 -49.01
C ILE F 303 71.64 16.29 -47.69
N LEU F 304 72.00 17.40 -47.10
CA LEU F 304 71.37 17.73 -45.83
C LEU F 304 70.72 19.07 -45.98
N PHE F 305 69.50 19.18 -45.47
CA PHE F 305 68.74 20.43 -45.55
C PHE F 305 68.39 20.94 -44.17
N ARG F 306 68.39 22.25 -44.00
CA ARG F 306 67.98 22.79 -42.72
C ARG F 306 66.45 22.75 -42.77
N PRO F 307 65.78 23.03 -41.65
CA PRO F 307 64.32 22.99 -41.68
C PRO F 307 63.70 23.96 -42.69
N VAL F 308 62.77 23.43 -43.46
CA VAL F 308 62.01 24.18 -44.47
C VAL F 308 60.65 24.41 -43.87
N ASN F 309 60.30 25.67 -43.60
CA ASN F 309 58.99 25.98 -43.02
C ASN F 309 57.79 25.16 -43.54
N LYS F 310 56.97 24.65 -42.63
CA LYS F 310 55.78 23.87 -42.98
C LYS F 310 54.86 24.83 -43.72
N LEU F 311 54.70 26.00 -43.12
CA LEU F 311 53.88 27.05 -43.65
C LEU F 311 54.26 27.50 -45.05
N ALA F 312 55.20 26.82 -45.70
CA ALA F 312 55.63 27.21 -47.06
C ALA F 312 55.81 26.02 -47.98
N THR F 313 55.61 24.83 -47.43
CA THR F 313 55.77 23.59 -48.19
C THR F 313 54.93 23.56 -49.44
N ASN F 314 53.63 23.69 -49.24
CA ASN F 314 52.69 23.66 -50.34
C ASN F 314 52.73 24.91 -51.17
N LEU F 315 53.09 26.05 -50.57
CA LEU F 315 53.20 27.29 -51.33
C LEU F 315 54.22 27.03 -52.42
N ILE F 316 55.01 25.98 -52.23
CA ILE F 316 56.02 25.61 -53.20
C ILE F 316 55.43 24.67 -54.25
N LYS F 317 54.96 23.48 -53.83
CA LYS F 317 54.37 22.51 -54.77
C LYS F 317 53.39 23.30 -55.65
N SER F 318 52.80 24.30 -55.01
CA SER F 318 51.86 25.23 -55.61
C SER F 318 52.53 25.86 -56.82
N GLY F 319 53.66 26.53 -56.60
CA GLY F 319 54.36 27.16 -57.70
C GLY F 319 54.96 28.49 -57.29
N VAL F 320 54.88 28.79 -56.00
CA VAL F 320 55.43 30.05 -55.49
C VAL F 320 56.93 29.94 -55.49
N ALA F 321 57.58 31.01 -55.90
CA ALA F 321 59.03 31.01 -55.96
C ALA F 321 59.63 31.05 -54.56
N THR F 322 60.95 30.90 -54.50
CA THR F 322 61.66 30.91 -53.22
C THR F 322 62.58 32.08 -53.07
N LYS F 323 62.85 32.42 -51.82
CA LYS F 323 63.72 33.52 -51.44
C LYS F 323 65.20 33.25 -51.67
N GLY F 324 65.84 34.19 -52.34
CA GLY F 324 67.27 34.07 -52.61
C GLY F 324 68.10 34.88 -51.63
N LEU F 325 69.20 35.40 -52.12
CA LEU F 325 70.06 36.19 -51.26
C LEU F 325 69.68 37.64 -51.42
N ASN F 326 69.03 37.92 -52.53
CA ASN F 326 68.58 39.26 -52.83
C ASN F 326 67.59 39.76 -51.78
N VAL F 327 66.86 38.87 -51.12
CA VAL F 327 65.92 39.33 -50.11
C VAL F 327 66.21 38.83 -48.71
N HIS F 328 66.32 39.77 -47.77
CA HIS F 328 66.59 39.44 -46.37
C HIS F 328 65.38 39.84 -45.52
N GLY F 329 64.21 39.87 -46.14
CA GLY F 329 63.00 40.20 -45.43
C GLY F 329 62.60 38.98 -44.63
N LYS F 330 61.75 39.18 -43.62
CA LYS F 330 61.35 38.07 -42.78
C LYS F 330 60.03 37.52 -43.23
N SER F 331 59.85 36.22 -43.06
CA SER F 331 58.62 35.57 -43.44
C SER F 331 57.57 35.89 -42.41
N SER F 332 56.54 35.07 -42.38
CA SER F 332 55.46 35.26 -41.43
C SER F 332 54.89 33.90 -41.09
N ASP F 333 54.21 33.87 -39.94
CA ASP F 333 53.61 32.65 -39.44
C ASP F 333 52.32 32.97 -38.72
N TRP F 334 51.34 33.42 -39.50
CA TRP F 334 50.00 33.76 -39.01
C TRP F 334 49.27 34.64 -40.03
N GLY F 335 47.95 34.47 -40.09
CA GLY F 335 47.15 35.25 -41.00
C GLY F 335 47.17 34.76 -42.43
N PRO F 336 46.54 35.50 -43.36
CA PRO F 336 46.49 35.13 -44.77
C PRO F 336 47.88 35.07 -45.39
N VAL F 337 48.67 36.09 -45.09
CA VAL F 337 50.02 36.21 -45.62
C VAL F 337 51.04 35.13 -45.20
N ALA F 338 50.78 34.45 -44.10
CA ALA F 338 51.68 33.41 -43.60
C ALA F 338 52.34 32.57 -44.69
N GLY F 339 53.66 32.44 -44.63
CA GLY F 339 54.38 31.64 -45.61
C GLY F 339 54.97 32.50 -46.70
N TYR F 340 54.54 33.76 -46.78
CA TYR F 340 55.00 34.71 -47.79
C TYR F 340 55.92 35.70 -47.10
N ILE F 341 56.58 36.55 -47.87
CA ILE F 341 57.45 37.56 -47.30
C ILE F 341 56.76 38.90 -47.49
N PRO F 342 55.84 39.26 -46.57
CA PRO F 342 55.10 40.52 -46.66
C PRO F 342 55.94 41.78 -46.83
N PHE F 343 55.62 42.59 -47.83
CA PHE F 343 56.37 43.83 -48.01
C PHE F 343 56.22 44.59 -46.71
N ASP F 344 55.07 44.41 -46.07
CA ASP F 344 54.82 45.05 -44.80
C ASP F 344 55.40 44.05 -43.80
N GLN F 345 56.38 44.51 -43.00
CA GLN F 345 57.03 43.65 -42.02
C GLN F 345 56.23 43.42 -40.73
N ASP F 346 55.36 44.37 -40.36
CA ASP F 346 54.56 44.21 -39.15
C ASP F 346 53.53 43.10 -39.37
N LEU F 347 53.62 42.47 -40.53
CA LEU F 347 52.74 41.39 -40.91
C LEU F 347 53.55 40.09 -41.04
N SER F 348 54.74 40.12 -40.44
CA SER F 348 55.67 38.99 -40.43
C SER F 348 56.03 38.70 -38.99
N LYS F 349 56.40 37.46 -38.70
CA LYS F 349 56.76 37.03 -37.35
C LYS F 349 57.03 38.19 -36.40
N LYS F 350 58.06 38.99 -36.73
CA LYS F 350 58.44 40.12 -35.92
C LYS F 350 57.34 41.18 -35.85
N HIS F 351 56.16 40.72 -35.47
CA HIS F 351 55.00 41.58 -35.33
C HIS F 351 55.04 42.34 -33.99
N GLY F 352 55.47 43.60 -34.05
CA GLY F 352 55.55 44.39 -32.84
C GLY F 352 56.95 44.96 -32.61
N GLN F 353 57.97 44.18 -32.96
CA GLN F 353 59.35 44.61 -32.79
C GLN F 353 59.56 45.91 -33.52
N GLN F 354 59.24 47.00 -32.85
CA GLN F 354 59.34 48.33 -33.43
C GLN F 354 60.63 48.57 -34.20
N LEU F 355 61.63 47.71 -34.02
CA LEU F 355 62.90 47.88 -34.74
C LEU F 355 63.20 46.75 -35.73
N ALA F 356 62.73 45.54 -35.42
CA ALA F 356 62.96 44.39 -36.31
C ALA F 356 62.15 44.61 -37.56
N VAL F 357 61.09 45.40 -37.41
CA VAL F 357 60.18 45.76 -38.48
C VAL F 357 60.69 47.06 -39.06
N GLU F 358 61.04 48.00 -38.19
CA GLU F 358 61.56 49.29 -38.62
C GLU F 358 62.76 49.04 -39.54
N LYS F 359 63.73 48.29 -39.06
CA LYS F 359 64.88 48.01 -39.87
C LYS F 359 64.50 46.85 -40.77
N GLY F 360 63.32 46.28 -40.51
CA GLY F 360 62.80 45.17 -41.31
C GLY F 360 62.31 45.61 -42.67
N ASN F 361 61.47 46.64 -42.68
CA ASN F 361 60.96 47.17 -43.93
C ASN F 361 62.16 47.71 -44.68
N LEU F 362 63.07 48.38 -43.97
CA LEU F 362 64.25 48.95 -44.59
C LEU F 362 64.99 47.95 -45.48
N GLU F 363 64.73 46.66 -45.25
CA GLU F 363 65.39 45.60 -46.00
C GLU F 363 64.72 45.29 -47.34
N ASN F 364 63.38 45.15 -47.32
CA ASN F 364 62.63 44.90 -48.55
C ASN F 364 62.86 46.08 -49.46
N LYS F 365 62.70 47.28 -48.91
CA LYS F 365 62.89 48.51 -49.67
C LYS F 365 64.22 48.50 -50.41
N LYS F 366 65.29 48.13 -49.72
CA LYS F 366 66.59 48.05 -50.34
C LYS F 366 66.54 46.88 -51.35
N SER F 367 66.03 45.75 -50.89
CA SER F 367 65.92 44.58 -51.75
C SER F 367 65.42 44.95 -53.13
N ILE F 368 64.51 45.93 -53.18
CA ILE F 368 63.89 46.39 -54.42
C ILE F 368 64.67 47.55 -55.02
N THR F 369 65.13 48.45 -54.15
CA THR F 369 65.89 49.61 -54.56
C THR F 369 67.08 49.18 -55.41
N GLU F 370 67.91 48.29 -54.86
CA GLU F 370 69.11 47.81 -55.55
C GLU F 370 68.81 46.87 -56.71
N HIS F 371 68.24 45.71 -56.40
CA HIS F 371 67.95 44.69 -57.41
C HIS F 371 66.64 44.85 -58.17
N GLU F 372 66.37 46.06 -58.63
CA GLU F 372 65.14 46.34 -59.37
C GLU F 372 64.98 45.42 -60.58
N GLY F 373 63.76 45.36 -61.10
CA GLY F 373 63.51 44.54 -62.27
C GLY F 373 63.61 43.05 -62.02
N GLU F 374 64.13 42.67 -60.85
CA GLU F 374 64.30 41.26 -60.48
C GLU F 374 63.58 40.99 -59.16
N ILE F 375 63.54 42.00 -58.30
CA ILE F 375 62.90 41.89 -57.00
C ILE F 375 61.90 43.01 -56.82
N GLY F 376 60.74 42.66 -56.30
CA GLY F 376 59.70 43.65 -56.09
C GLY F 376 58.52 43.09 -55.32
N LYS F 377 57.44 43.85 -55.32
CA LYS F 377 56.21 43.47 -54.62
C LYS F 377 54.97 43.33 -55.51
N ILE F 378 54.15 42.34 -55.18
CA ILE F 378 52.92 42.10 -55.92
C ILE F 378 51.80 41.67 -54.97
N PRO F 379 50.54 41.99 -55.32
CA PRO F 379 49.35 41.67 -54.53
C PRO F 379 49.20 40.20 -54.20
N LEU F 380 48.87 39.96 -52.95
CA LEU F 380 48.67 38.63 -52.41
C LEU F 380 47.44 38.00 -53.02
N LYS F 381 47.54 36.73 -53.43
CA LYS F 381 46.41 36.05 -54.03
C LYS F 381 46.26 34.62 -53.52
N LEU F 382 45.77 34.47 -52.29
CA LEU F 382 45.59 33.14 -51.73
C LEU F 382 44.64 32.36 -52.62
N ASP F 383 45.15 31.30 -53.24
CA ASP F 383 44.29 30.52 -54.11
C ASP F 383 43.26 29.71 -53.31
N HIS F 384 42.82 28.59 -53.84
CA HIS F 384 41.80 27.78 -53.17
C HIS F 384 42.35 26.85 -52.10
N LEU F 385 43.19 25.91 -52.53
CA LEU F 385 43.76 24.94 -51.62
C LEU F 385 44.37 25.61 -50.41
N ARG F 386 45.25 26.57 -50.67
CA ARG F 386 45.90 27.30 -49.61
C ARG F 386 44.91 27.69 -48.50
N ILE F 387 43.78 28.28 -48.90
CA ILE F 387 42.73 28.70 -47.97
C ILE F 387 42.32 27.52 -47.10
N GLU F 388 41.87 26.46 -47.75
CA GLU F 388 41.41 25.28 -47.04
C GLU F 388 42.54 24.71 -46.19
N GLU F 389 43.76 25.14 -46.47
CA GLU F 389 44.92 24.68 -45.72
C GLU F 389 45.18 25.54 -44.50
N LEU F 390 45.23 26.85 -44.69
CA LEU F 390 45.45 27.75 -43.57
C LEU F 390 44.27 27.52 -42.63
N LYS F 391 43.41 26.59 -43.03
CA LYS F 391 42.22 26.24 -42.29
C LYS F 391 42.54 25.54 -40.98
N GLU F 392 42.52 24.21 -41.00
CA GLU F 392 42.78 23.45 -39.77
C GLU F 392 44.02 23.97 -39.07
N ASN F 393 45.02 24.37 -39.83
CA ASN F 393 46.25 24.92 -39.24
C ASN F 393 45.84 26.05 -38.29
N GLY F 394 44.62 26.54 -38.45
CA GLY F 394 44.11 27.60 -37.61
C GLY F 394 44.72 28.97 -37.86
N ILE F 395 45.39 29.12 -39.00
CA ILE F 395 46.00 30.41 -39.29
C ILE F 395 44.93 31.43 -39.60
N ILE F 396 43.92 31.03 -40.37
CA ILE F 396 42.79 31.89 -40.74
C ILE F 396 41.46 31.18 -40.50
N LEU F 397 40.38 31.95 -40.55
CA LEU F 397 39.01 31.45 -40.34
C LEU F 397 38.08 32.17 -41.33
N LYS F 398 37.74 31.48 -42.42
CA LYS F 398 36.86 32.05 -43.44
C LYS F 398 35.43 32.09 -42.93
N GLY F 399 34.84 33.29 -42.94
CA GLY F 399 33.47 33.42 -42.44
C GLY F 399 32.53 34.35 -43.21
N LYS F 400 31.79 35.15 -42.46
CA LYS F 400 30.82 36.09 -43.04
C LYS F 400 31.30 36.80 -44.30
N LYS F 401 30.36 37.14 -45.17
CA LYS F 401 30.66 37.84 -46.42
C LYS F 401 30.34 39.31 -46.25
N GLU F 402 30.63 40.10 -47.27
CA GLU F 402 30.37 41.52 -47.21
C GLU F 402 30.42 42.15 -48.59
N ILE F 403 29.85 43.35 -48.71
CA ILE F 403 29.84 44.03 -50.00
C ILE F 403 30.42 45.44 -49.94
N ASP F 404 31.29 45.74 -50.91
CA ASP F 404 31.90 47.05 -51.01
C ASP F 404 32.12 47.42 -52.45
N ASN F 405 31.92 48.70 -52.72
CA ASN F 405 32.07 49.24 -54.06
C ASN F 405 31.51 48.29 -55.13
N GLY F 406 30.54 47.48 -54.74
CA GLY F 406 29.91 46.57 -55.68
C GLY F 406 30.48 45.18 -55.85
N LYS F 407 31.62 44.91 -55.21
CA LYS F 407 32.21 43.59 -55.33
C LYS F 407 32.06 42.77 -54.08
N LYS F 408 32.07 41.44 -54.25
CA LYS F 408 31.93 40.51 -53.13
C LYS F 408 33.26 40.32 -52.41
N TYR F 409 33.15 40.10 -51.09
CA TYR F 409 34.30 39.90 -50.23
C TYR F 409 33.97 38.92 -49.10
N TYR F 410 34.48 37.69 -49.17
CA TYR F 410 34.26 36.76 -48.05
C TYR F 410 35.28 37.34 -47.08
N LEU F 411 34.93 37.43 -45.80
CA LEU F 411 35.87 38.01 -44.85
C LEU F 411 36.81 36.95 -44.27
N LEU F 412 38.11 37.21 -44.34
CA LEU F 412 39.08 36.28 -43.78
C LEU F 412 39.41 36.70 -42.36
N GLU F 413 39.20 35.80 -41.42
CA GLU F 413 39.43 36.10 -40.00
C GLU F 413 40.75 35.58 -39.40
N SER F 414 41.29 36.38 -38.50
CA SER F 414 42.53 36.08 -37.79
C SER F 414 42.48 36.76 -36.42
N ASN F 415 42.91 36.04 -35.39
CA ASN F 415 42.87 36.57 -34.04
C ASN F 415 43.79 37.74 -33.78
N ASN F 416 44.63 38.08 -34.75
CA ASN F 416 45.51 39.22 -34.57
C ASN F 416 44.62 40.40 -34.19
N GLN F 417 45.03 41.17 -33.19
CA GLN F 417 44.25 42.30 -32.74
C GLN F 417 44.71 43.69 -33.17
N VAL F 418 45.10 43.84 -34.43
CA VAL F 418 45.51 45.15 -34.97
C VAL F 418 45.21 45.27 -36.46
N TYR F 419 45.07 44.12 -37.13
CA TYR F 419 44.77 44.10 -38.55
C TYR F 419 43.57 43.20 -38.81
N GLU F 420 42.74 43.59 -39.76
CA GLU F 420 41.56 42.82 -40.14
C GLU F 420 41.83 42.44 -41.58
N PHE F 421 41.47 41.22 -41.97
CA PHE F 421 41.74 40.81 -43.34
C PHE F 421 40.50 40.31 -44.08
N ARG F 422 40.49 40.50 -45.39
CA ARG F 422 39.38 40.05 -46.23
C ARG F 422 39.93 39.65 -47.60
N ILE F 423 39.39 38.61 -48.21
CA ILE F 423 39.91 38.20 -49.51
C ILE F 423 38.90 38.64 -50.59
N SER F 424 39.29 38.82 -51.85
CA SER F 424 38.33 39.24 -52.90
C SER F 424 37.80 38.07 -53.66
N ASP F 425 36.62 38.23 -54.24
CA ASP F 425 35.91 37.16 -54.93
C ASP F 425 36.18 37.03 -56.41
N GLU F 426 36.30 38.17 -57.06
CA GLU F 426 36.58 38.22 -58.49
C GLU F 426 37.97 37.61 -58.62
N ASN F 427 38.94 38.35 -58.12
CA ASN F 427 40.29 37.87 -58.03
C ASN F 427 40.28 37.58 -56.53
N ASN F 428 40.92 36.51 -56.09
CA ASN F 428 40.93 36.27 -54.66
C ASN F 428 42.19 36.92 -54.14
N GLU F 429 42.17 38.24 -54.06
CA GLU F 429 43.31 38.94 -53.51
C GLU F 429 43.07 39.01 -52.01
N VAL F 430 43.95 39.66 -51.27
CA VAL F 430 43.77 39.75 -49.84
C VAL F 430 44.06 41.17 -49.39
N GLN F 431 43.22 41.67 -48.51
CA GLN F 431 43.38 43.05 -48.06
C GLN F 431 43.28 43.12 -46.55
N TYR F 432 43.78 44.24 -46.01
CA TYR F 432 43.77 44.50 -44.57
C TYR F 432 43.73 45.99 -44.27
N LYS F 433 43.61 46.33 -42.99
CA LYS F 433 43.58 47.72 -42.54
C LYS F 433 43.81 47.78 -41.02
N THR F 434 44.26 48.92 -40.53
CA THR F 434 44.49 49.08 -39.12
C THR F 434 43.15 49.38 -38.46
N LYS F 435 42.58 48.40 -37.77
CA LYS F 435 41.28 48.55 -37.11
C LYS F 435 40.90 49.98 -36.74
N GLU F 436 39.60 50.28 -36.81
CA GLU F 436 39.07 51.60 -36.49
C GLU F 436 39.44 52.04 -35.08
N GLY F 437 39.70 51.07 -34.22
CA GLY F 437 40.07 51.36 -32.85
C GLY F 437 41.46 50.84 -32.48
N LYS F 438 42.48 51.26 -33.23
CA LYS F 438 43.84 50.83 -32.94
C LYS F 438 44.87 51.54 -33.83
N ILE F 439 46.14 51.15 -33.67
CA ILE F 439 47.23 51.72 -34.44
C ILE F 439 48.34 50.69 -34.73
N THR F 440 49.26 51.08 -35.59
CA THR F 440 50.39 50.25 -35.99
C THR F 440 51.62 50.73 -35.22
N VAL F 441 52.32 49.79 -34.60
CA VAL F 441 53.51 50.10 -33.81
C VAL F 441 54.40 51.21 -34.37
N LEU F 442 54.53 51.30 -35.70
CA LEU F 442 55.37 52.35 -36.27
C LEU F 442 54.63 53.68 -36.19
N GLY F 443 53.32 53.62 -36.02
CA GLY F 443 52.55 54.83 -35.91
C GLY F 443 51.73 55.09 -37.15
N GLU F 444 51.26 54.01 -37.78
CA GLU F 444 50.46 54.10 -39.00
C GLU F 444 49.02 53.61 -38.83
N LYS F 445 48.08 54.28 -39.49
CA LYS F 445 46.66 53.90 -39.45
C LYS F 445 46.08 53.99 -40.86
N PHE F 446 45.84 52.84 -41.48
CA PHE F 446 45.32 52.81 -42.85
C PHE F 446 44.08 51.96 -43.09
N ASN F 447 43.29 52.37 -44.09
CA ASN F 447 42.06 51.67 -44.46
C ASN F 447 42.33 50.63 -45.54
N TRP F 448 41.48 49.61 -45.58
CA TRP F 448 41.59 48.50 -46.53
C TRP F 448 42.57 48.70 -47.68
N ARG F 449 43.67 47.96 -47.62
CA ARG F 449 44.72 48.01 -48.63
C ARG F 449 45.04 46.59 -49.05
N ASN F 450 45.66 46.46 -50.21
CA ASN F 450 46.02 45.16 -50.73
C ASN F 450 47.32 44.71 -50.02
N ILE F 451 47.39 43.42 -49.69
CA ILE F 451 48.58 42.87 -49.04
C ILE F 451 49.60 42.50 -50.12
N GLU F 452 50.70 43.26 -50.17
CA GLU F 452 51.75 42.97 -51.13
C GLU F 452 52.73 42.02 -50.46
N VAL F 453 53.32 41.16 -51.27
CA VAL F 453 54.29 40.20 -50.82
C VAL F 453 55.53 40.50 -51.64
N MET F 454 56.65 39.85 -51.32
CA MET F 454 57.86 40.07 -52.09
C MET F 454 57.85 39.04 -53.21
N ALA F 455 58.42 39.41 -54.35
CA ALA F 455 58.47 38.51 -55.49
C ALA F 455 59.69 38.79 -56.36
N LYS F 456 60.37 37.73 -56.76
CA LYS F 456 61.54 37.87 -57.62
C LYS F 456 61.02 37.64 -59.00
N ASN F 457 61.87 37.87 -59.97
CA ASN F 457 61.53 37.71 -61.36
C ASN F 457 61.80 36.27 -61.86
N VAL F 458 60.76 35.63 -62.38
CA VAL F 458 60.92 34.30 -62.89
C VAL F 458 60.36 34.23 -64.30
N GLU F 459 61.22 34.08 -65.30
CA GLU F 459 60.75 34.02 -66.69
C GLU F 459 60.09 35.33 -67.08
N GLY F 460 60.48 36.41 -66.42
CA GLY F 460 59.91 37.70 -66.74
C GLY F 460 58.59 38.01 -66.09
N VAL F 461 58.32 37.41 -64.94
CA VAL F 461 57.07 37.68 -64.27
C VAL F 461 57.17 37.56 -62.75
N LEU F 462 57.03 38.68 -62.06
CA LEU F 462 57.10 38.68 -60.60
C LEU F 462 56.23 37.61 -60.00
N LYS F 463 56.85 36.70 -59.24
CA LYS F 463 56.13 35.62 -58.56
C LYS F 463 56.39 35.80 -57.05
N PRO F 464 55.34 35.60 -56.21
CA PRO F 464 55.51 35.74 -54.76
C PRO F 464 56.61 34.86 -54.20
N LEU F 465 57.20 35.28 -53.08
CA LEU F 465 58.29 34.53 -52.47
C LEU F 465 57.95 33.76 -51.20
N THR F 466 58.65 32.66 -51.00
CA THR F 466 58.46 31.81 -49.84
C THR F 466 59.79 31.14 -49.51
N ALA F 467 59.80 30.36 -48.43
CA ALA F 467 60.98 29.65 -47.98
C ALA F 467 61.61 28.81 -49.09
N ASP F 468 62.94 28.82 -49.16
CA ASP F 468 63.68 28.05 -50.15
C ASP F 468 64.31 26.87 -49.44
N TYR F 469 64.97 26.01 -50.21
CA TYR F 469 65.64 24.84 -49.67
C TYR F 469 67.09 25.13 -49.27
N ASP F 470 67.30 25.45 -47.99
CA ASP F 470 68.63 25.75 -47.49
C ASP F 470 69.43 24.50 -47.21
N LEU F 471 70.38 24.21 -48.09
CA LEU F 471 71.23 23.05 -47.90
C LEU F 471 72.10 23.26 -46.66
N PHE F 472 72.07 22.33 -45.71
CA PHE F 472 72.92 22.46 -44.53
C PHE F 472 74.32 22.07 -44.95
N ALA F 473 74.44 21.05 -45.79
CA ALA F 473 75.74 20.58 -46.26
C ALA F 473 75.60 19.61 -47.40
N LEU F 474 76.67 19.37 -48.14
CA LEU F 474 76.66 18.39 -49.23
C LEU F 474 77.84 17.44 -49.08
N ALA F 475 77.59 16.16 -48.91
CA ALA F 475 78.71 15.24 -48.73
C ALA F 475 78.95 14.32 -49.92
N PRO F 476 79.76 14.74 -50.88
CA PRO F 476 80.01 13.89 -52.03
C PRO F 476 81.03 12.81 -51.68
N SER F 477 80.96 11.71 -52.41
CA SER F 477 81.86 10.58 -52.21
C SER F 477 83.25 10.98 -52.70
N LEU F 478 84.26 10.65 -51.92
CA LEU F 478 85.64 10.99 -52.27
C LEU F 478 85.96 10.62 -53.70
N THR F 479 85.41 9.50 -54.15
CA THR F 479 85.65 9.02 -55.50
C THR F 479 84.95 9.82 -56.58
N GLU F 480 83.88 10.49 -56.19
CA GLU F 480 83.12 11.31 -57.14
C GLU F 480 83.91 12.61 -57.34
N ILE F 481 84.70 12.97 -56.33
CA ILE F 481 85.50 14.17 -56.42
C ILE F 481 86.63 13.82 -57.38
N LYS F 482 87.06 12.56 -57.35
CA LYS F 482 88.13 12.13 -58.23
C LYS F 482 87.75 12.39 -59.68
N LYS F 483 86.50 12.06 -60.01
CA LYS F 483 85.95 12.24 -61.33
C LYS F 483 85.86 13.73 -61.68
N GLN F 484 86.05 14.57 -60.67
CA GLN F 484 85.98 16.01 -60.85
C GLN F 484 87.28 16.53 -61.47
N ILE F 485 88.39 15.94 -61.04
CA ILE F 485 89.71 16.32 -61.51
C ILE F 485 89.91 15.92 -62.96
N PRO F 486 90.57 16.78 -63.75
CA PRO F 486 90.83 16.47 -65.16
C PRO F 486 91.97 15.47 -65.36
N GLN F 487 91.58 14.27 -65.78
CA GLN F 487 92.46 13.13 -66.01
C GLN F 487 93.93 13.44 -66.19
N LYS F 488 94.23 14.42 -67.04
CA LYS F 488 95.61 14.80 -67.32
C LYS F 488 96.36 15.41 -66.14
N GLU F 489 95.76 16.39 -65.48
CA GLU F 489 96.44 17.02 -64.34
C GLU F 489 96.81 15.94 -63.32
N TRP F 490 95.80 15.34 -62.74
CA TRP F 490 96.00 14.31 -61.72
C TRP F 490 96.99 13.29 -62.20
N ASP F 491 97.12 13.18 -63.52
CA ASP F 491 98.06 12.24 -64.13
C ASP F 491 99.44 12.83 -63.97
N LYS F 492 99.63 14.01 -64.55
CA LYS F 492 100.91 14.68 -64.45
C LYS F 492 101.40 14.83 -63.01
N VAL F 493 100.55 14.49 -62.05
CA VAL F 493 100.93 14.62 -60.64
C VAL F 493 101.45 13.35 -60.01
N VAL F 494 100.79 12.23 -60.26
CA VAL F 494 101.22 10.97 -59.68
C VAL F 494 102.57 10.52 -60.23
N ASN F 495 102.86 10.90 -61.47
CA ASN F 495 104.13 10.55 -62.11
C ASN F 495 105.34 11.08 -61.33
N THR F 496 105.13 12.13 -60.55
CA THR F 496 106.19 12.73 -59.77
C THR F 496 107.11 11.66 -59.20
N PRO F 497 108.42 11.94 -59.14
CA PRO F 497 109.39 10.98 -58.61
C PRO F 497 109.36 11.02 -57.09
N ASN F 498 109.50 12.23 -56.54
CA ASN F 498 109.50 12.45 -55.10
C ASN F 498 108.18 12.01 -54.45
N SER F 499 108.29 11.05 -53.53
CA SER F 499 107.12 10.50 -52.83
C SER F 499 106.36 11.54 -52.01
N LEU F 500 107.04 12.19 -51.08
CA LEU F 500 106.37 13.19 -50.26
C LEU F 500 105.81 14.33 -51.10
N GLU F 501 106.40 14.55 -52.28
CA GLU F 501 105.92 15.61 -53.17
C GLU F 501 104.61 15.11 -53.78
N LYS F 502 104.57 13.83 -54.14
CA LYS F 502 103.37 13.23 -54.72
C LYS F 502 102.17 13.49 -53.79
N GLN F 503 102.35 13.18 -52.51
CA GLN F 503 101.31 13.40 -51.52
C GLN F 503 100.86 14.84 -51.65
N LYS F 504 101.73 15.77 -51.31
CA LYS F 504 101.41 17.18 -51.40
C LYS F 504 100.69 17.39 -52.73
N GLY F 505 101.38 17.07 -53.82
CA GLY F 505 100.79 17.21 -55.14
C GLY F 505 99.33 16.79 -55.19
N VAL F 506 99.02 15.66 -54.60
CA VAL F 506 97.65 15.16 -54.58
C VAL F 506 96.72 15.98 -53.70
N THR F 507 97.06 16.06 -52.42
CA THR F 507 96.26 16.82 -51.45
C THR F 507 95.74 18.13 -52.05
N ASN F 508 96.65 18.90 -52.65
CA ASN F 508 96.27 20.13 -53.30
C ASN F 508 95.20 19.82 -54.31
N LEU F 509 95.46 18.86 -55.19
CA LEU F 509 94.49 18.47 -56.21
C LEU F 509 93.12 18.28 -55.60
N LEU F 510 93.10 17.61 -54.45
CA LEU F 510 91.89 17.32 -53.68
C LEU F 510 91.34 18.62 -53.09
N ILE F 511 92.23 19.56 -52.80
CA ILE F 511 91.85 20.86 -52.27
C ILE F 511 91.33 21.66 -53.47
N LYS F 512 92.16 21.73 -54.50
CA LYS F 512 91.83 22.44 -55.72
C LYS F 512 90.45 22.07 -56.30
N TYR F 513 90.20 20.77 -56.44
CA TYR F 513 88.94 20.30 -57.04
C TYR F 513 87.88 19.78 -56.09
N GLY F 514 88.03 19.99 -54.80
CA GLY F 514 87.01 19.48 -53.90
C GLY F 514 86.78 20.18 -52.59
N ILE F 515 87.78 20.86 -52.06
CA ILE F 515 87.62 21.55 -50.79
C ILE F 515 87.50 23.06 -50.95
N GLU F 516 88.10 23.58 -52.00
CA GLU F 516 88.07 25.02 -52.19
C GLU F 516 86.71 25.56 -52.51
N ARG F 517 86.44 26.73 -51.94
CA ARG F 517 85.18 27.42 -52.13
C ARG F 517 85.43 28.88 -52.45
N LYS F 518 85.03 29.30 -53.65
CA LYS F 518 85.16 30.68 -54.09
C LYS F 518 83.81 31.38 -53.89
N PRO F 519 83.81 32.72 -53.86
CA PRO F 519 82.53 33.42 -53.68
C PRO F 519 81.79 33.39 -55.03
N ASP F 520 80.73 34.18 -55.16
CA ASP F 520 79.98 34.15 -56.40
C ASP F 520 78.88 35.19 -56.51
N SER F 521 78.70 35.63 -57.75
CA SER F 521 77.73 36.63 -58.15
C SER F 521 76.40 36.50 -57.43
N THR F 522 75.86 35.29 -57.47
CA THR F 522 74.56 35.04 -56.87
C THR F 522 74.46 33.89 -55.90
N LYS F 523 74.84 32.69 -56.34
CA LYS F 523 74.73 31.52 -55.49
C LYS F 523 75.49 31.58 -54.19
N GLY F 524 75.77 32.80 -53.72
CA GLY F 524 76.47 32.98 -52.46
C GLY F 524 77.90 32.51 -52.55
N THR F 525 78.31 31.69 -51.60
CA THR F 525 79.66 31.12 -51.56
C THR F 525 79.61 29.61 -51.63
N LEU F 526 80.22 29.01 -52.66
CA LEU F 526 80.20 27.56 -52.80
C LEU F 526 81.27 27.02 -53.72
N SER F 527 81.45 25.71 -53.68
CA SER F 527 82.46 25.11 -54.53
C SER F 527 81.85 24.87 -55.88
N ASN F 528 82.70 24.65 -56.88
CA ASN F 528 82.25 24.41 -58.24
C ASN F 528 81.35 23.22 -58.33
N TRP F 529 81.76 22.09 -57.75
CA TRP F 529 80.88 20.94 -57.81
C TRP F 529 79.63 21.33 -57.07
N GLN F 530 79.79 21.93 -55.90
CA GLN F 530 78.64 22.36 -55.12
C GLN F 530 77.63 23.07 -56.04
N LYS F 531 78.13 23.77 -57.05
CA LYS F 531 77.23 24.47 -57.95
C LYS F 531 76.57 23.49 -58.88
N GLN F 532 77.38 22.68 -59.55
CA GLN F 532 76.84 21.70 -60.47
C GLN F 532 75.74 20.96 -59.72
N MET F 533 76.05 20.55 -58.50
CA MET F 533 75.07 19.86 -57.70
C MET F 533 73.84 20.75 -57.61
N LEU F 534 74.06 22.02 -57.28
CA LEU F 534 72.94 22.94 -57.16
C LEU F 534 72.00 22.87 -58.35
N ASP F 535 72.53 22.82 -59.56
CA ASP F 535 71.69 22.73 -60.75
C ASP F 535 70.97 21.39 -60.81
N ARG F 536 71.70 20.28 -60.72
CA ARG F 536 71.08 18.97 -60.79
C ARG F 536 69.96 18.81 -59.78
N LEU F 537 69.95 19.65 -58.75
CA LEU F 537 68.89 19.57 -57.78
C LEU F 537 67.69 20.33 -58.33
N ASN F 538 67.92 21.55 -58.80
CA ASN F 538 66.85 22.40 -59.35
C ASN F 538 66.24 21.82 -60.63
N GLU F 539 67.07 21.45 -61.61
CA GLU F 539 66.56 20.87 -62.86
C GLU F 539 65.90 19.51 -62.55
N ALA F 540 66.12 19.03 -61.33
CA ALA F 540 65.56 17.76 -60.90
C ALA F 540 64.16 18.00 -60.35
N VAL F 541 63.94 19.14 -59.69
CA VAL F 541 62.60 19.45 -59.17
C VAL F 541 61.90 20.30 -60.19
N LYS F 542 62.49 20.36 -61.38
CA LYS F 542 61.93 21.14 -62.47
C LYS F 542 61.15 20.17 -63.36
N TYR F 543 61.76 19.01 -63.62
CA TYR F 543 61.16 17.96 -64.45
C TYR F 543 60.03 17.30 -63.68
N THR F 544 59.90 17.68 -62.41
CA THR F 544 58.84 17.12 -61.60
C THR F 544 57.59 17.91 -61.94
N GLY F 545 57.76 19.21 -62.16
CA GLY F 545 56.63 20.06 -62.49
C GLY F 545 56.64 21.44 -61.85
N TYR F 546 57.65 21.73 -61.04
CA TYR F 546 57.76 23.03 -60.38
C TYR F 546 57.93 24.13 -61.44
N THR F 547 57.12 25.19 -61.36
CA THR F 547 57.20 26.31 -62.31
C THR F 547 57.33 27.62 -61.56
N GLY F 548 58.53 27.91 -61.11
CA GLY F 548 58.76 29.12 -60.36
C GLY F 548 60.24 29.27 -60.13
N GLY F 549 61.01 28.61 -60.97
CA GLY F 549 62.44 28.69 -60.87
C GLY F 549 63.08 27.60 -60.05
N ASP F 550 64.17 27.97 -59.38
CA ASP F 550 64.96 27.08 -58.55
C ASP F 550 64.45 27.02 -57.12
N VAL F 551 64.85 25.99 -56.40
CA VAL F 551 64.42 25.85 -55.04
C VAL F 551 65.64 25.85 -54.11
N VAL F 552 66.82 25.74 -54.69
CA VAL F 552 68.09 25.78 -53.96
C VAL F 552 68.84 26.94 -54.64
N ASN F 553 68.87 28.09 -53.98
CA ASN F 553 69.48 29.27 -54.56
C ASN F 553 70.92 29.57 -54.21
N HIS F 554 71.31 29.30 -52.99
CA HIS F 554 72.67 29.58 -52.57
C HIS F 554 73.46 28.35 -52.09
N GLY F 555 74.71 28.59 -51.70
CA GLY F 555 75.60 27.54 -51.20
C GLY F 555 75.22 26.93 -49.86
N THR F 556 76.04 26.00 -49.37
CA THR F 556 75.74 25.30 -48.12
C THR F 556 76.05 26.00 -46.82
N GLU F 557 75.08 26.03 -45.91
CA GLU F 557 75.23 26.65 -44.60
C GLU F 557 76.59 26.47 -43.94
N GLN F 558 77.38 25.51 -44.42
CA GLN F 558 78.71 25.30 -43.86
C GLN F 558 79.67 26.35 -44.37
N ASP F 559 79.13 27.36 -45.02
CA ASP F 559 79.92 28.47 -45.54
C ASP F 559 79.32 29.78 -45.04
N ASN F 560 78.27 29.62 -44.24
CA ASN F 560 77.58 30.73 -43.63
C ASN F 560 78.45 31.17 -42.45
N GLU F 561 79.68 31.55 -42.76
CA GLU F 561 80.64 31.98 -41.74
C GLU F 561 80.23 33.28 -41.04
N GLU F 562 79.42 34.06 -41.73
CA GLU F 562 78.96 35.32 -41.19
C GLU F 562 77.87 35.16 -40.17
N PHE F 563 76.70 34.72 -40.62
CA PHE F 563 75.54 34.54 -39.74
C PHE F 563 75.09 33.09 -39.65
N PRO F 564 75.96 32.22 -39.10
CA PRO F 564 75.67 30.81 -38.94
C PRO F 564 74.56 30.60 -37.96
N GLU F 565 73.64 29.72 -38.33
CA GLU F 565 72.51 29.38 -37.48
C GLU F 565 72.76 27.95 -37.04
N LYS F 566 72.10 27.55 -35.96
CA LYS F 566 72.23 26.21 -35.40
C LYS F 566 70.88 25.50 -35.33
N ASP F 567 70.52 24.76 -36.38
CA ASP F 567 69.24 24.05 -36.38
C ASP F 567 69.33 22.69 -35.70
N ASN F 568 68.33 22.34 -34.92
CA ASN F 568 68.36 21.03 -34.25
C ASN F 568 68.22 19.89 -35.25
N GLU F 569 67.04 19.80 -35.84
CA GLU F 569 66.74 18.77 -36.81
C GLU F 569 67.26 19.06 -38.22
N ILE F 570 67.99 18.11 -38.78
CA ILE F 570 68.55 18.23 -40.12
C ILE F 570 68.07 17.05 -40.96
N PHE F 571 67.45 17.36 -42.10
CA PHE F 571 66.95 16.36 -43.01
C PHE F 571 68.12 15.94 -43.91
N ILE F 572 68.33 14.64 -44.06
CA ILE F 572 69.42 14.14 -44.89
C ILE F 572 68.93 13.08 -45.85
N ILE F 573 69.51 13.03 -47.05
CA ILE F 573 69.12 12.07 -48.06
C ILE F 573 70.38 11.36 -48.50
N ASN F 574 70.70 10.25 -47.83
CA ASN F 574 71.92 9.49 -48.14
C ASN F 574 72.06 9.08 -49.57
N PRO F 575 73.24 8.56 -49.91
CA PRO F 575 73.49 8.13 -51.28
C PRO F 575 72.63 6.97 -51.74
N GLU F 576 72.02 6.25 -50.79
CA GLU F 576 71.15 5.13 -51.14
C GLU F 576 69.72 5.60 -51.47
N GLY F 577 69.39 6.82 -51.07
CA GLY F 577 68.06 7.35 -51.35
C GLY F 577 67.11 7.14 -50.19
N GLU F 578 67.64 7.22 -48.97
CA GLU F 578 66.85 7.03 -47.76
C GLU F 578 66.73 8.33 -46.96
N PHE F 579 65.51 8.80 -46.76
CA PHE F 579 65.32 10.01 -45.99
C PHE F 579 65.62 9.74 -44.52
N ILE F 580 66.18 10.74 -43.85
CA ILE F 580 66.55 10.67 -42.45
C ILE F 580 66.51 12.09 -41.90
N LEU F 581 66.37 12.24 -40.59
CA LEU F 581 66.33 13.54 -39.96
C LEU F 581 66.78 13.39 -38.53
N THR F 582 67.79 14.16 -38.13
CA THR F 582 68.31 14.09 -36.77
C THR F 582 67.50 14.92 -35.78
N LYS F 583 67.85 14.87 -34.49
CA LYS F 583 67.08 15.63 -33.50
C LYS F 583 67.93 16.59 -32.72
N ASN F 584 69.22 16.31 -32.65
CA ASN F 584 70.16 17.14 -31.92
C ASN F 584 71.26 17.69 -32.77
N TRP F 585 71.88 18.75 -32.27
CA TRP F 585 72.99 19.36 -32.94
C TRP F 585 74.12 18.35 -32.76
N GLU F 586 73.94 17.54 -31.72
CA GLU F 586 74.88 16.48 -31.35
C GLU F 586 74.66 15.28 -32.25
N MET F 587 73.42 14.81 -32.30
CA MET F 587 73.08 13.67 -33.11
C MET F 587 73.56 13.89 -34.53
N THR F 588 73.32 15.11 -35.01
CA THR F 588 73.73 15.49 -36.36
C THR F 588 75.22 15.29 -36.42
N GLY F 589 75.93 15.93 -35.49
CA GLY F 589 77.36 15.79 -35.47
C GLY F 589 77.77 14.32 -35.40
N ARG F 590 77.10 13.57 -34.53
CA ARG F 590 77.37 12.15 -34.31
C ARG F 590 77.02 11.33 -35.55
N PHE F 591 75.98 11.77 -36.27
CA PHE F 591 75.60 11.06 -37.48
C PHE F 591 76.68 11.29 -38.52
N ILE F 592 76.99 12.55 -38.77
CA ILE F 592 77.98 12.92 -39.76
C ILE F 592 79.33 12.30 -39.49
N GLU F 593 79.68 12.03 -38.23
CA GLU F 593 80.96 11.41 -37.91
C GLU F 593 80.96 9.94 -38.33
N LYS F 594 79.88 9.26 -38.00
CA LYS F 594 79.74 7.84 -38.31
C LYS F 594 79.58 7.52 -39.79
N ASN F 595 78.77 8.29 -40.49
CA ASN F 595 78.54 8.02 -41.89
C ASN F 595 79.34 8.87 -42.86
N ILE F 596 79.26 10.20 -42.73
CA ILE F 596 80.00 11.07 -43.64
C ILE F 596 81.50 11.14 -43.33
N THR F 597 81.86 11.60 -42.14
CA THR F 597 83.27 11.70 -41.76
C THR F 597 84.00 10.40 -41.96
N GLY F 598 83.88 9.49 -41.00
CA GLY F 598 84.58 8.22 -41.09
C GLY F 598 84.01 7.23 -42.07
N LYS F 599 83.91 7.60 -43.34
CA LYS F 599 83.37 6.68 -44.35
C LYS F 599 83.65 6.99 -45.83
N ASP F 600 84.70 7.76 -46.10
CA ASP F 600 85.10 8.08 -47.48
C ASP F 600 84.32 9.15 -48.23
N TYR F 601 83.69 10.04 -47.49
CA TYR F 601 82.98 11.12 -48.12
C TYR F 601 83.67 12.41 -47.70
N LEU F 602 83.68 13.37 -48.60
CA LEU F 602 84.29 14.65 -48.32
C LEU F 602 83.29 15.52 -47.63
N TYR F 603 83.68 16.08 -46.50
CA TYR F 603 82.80 16.98 -45.78
C TYR F 603 83.71 17.93 -45.05
N TYR F 604 83.32 19.20 -44.95
CA TYR F 604 84.09 20.20 -44.20
C TYR F 604 83.07 20.95 -43.35
N PHE F 605 83.47 21.50 -42.23
CA PHE F 605 82.47 22.18 -41.41
C PHE F 605 82.72 23.66 -41.23
N ASN F 606 81.61 24.41 -41.21
CA ASN F 606 81.64 25.88 -41.09
C ASN F 606 82.86 26.46 -40.39
N ARG F 607 83.66 27.21 -41.13
CA ARG F 607 84.88 27.75 -40.56
C ARG F 607 84.67 28.55 -39.29
N SER F 608 83.44 28.94 -38.99
CA SER F 608 83.24 29.75 -37.79
C SER F 608 82.92 28.91 -36.56
N TYR F 609 82.87 27.59 -36.74
CA TYR F 609 82.57 26.72 -35.61
C TYR F 609 83.70 26.72 -34.58
N ASN F 610 83.26 26.84 -33.34
CA ASN F 610 84.17 26.88 -32.21
C ASN F 610 84.81 28.25 -32.09
N LYS F 611 84.51 29.13 -33.05
CA LYS F 611 85.00 30.50 -33.03
C LYS F 611 83.81 31.40 -32.66
N ILE F 612 83.92 32.72 -32.86
CA ILE F 612 82.80 33.61 -32.50
C ILE F 612 82.30 34.35 -33.70
N ALA F 613 81.49 33.66 -34.50
CA ALA F 613 80.90 34.19 -35.71
C ALA F 613 80.60 35.69 -35.60
N PRO F 614 81.39 36.53 -36.29
CA PRO F 614 81.28 38.00 -36.31
C PRO F 614 79.85 38.54 -36.42
N GLY F 615 79.23 38.29 -37.57
CA GLY F 615 77.88 38.76 -37.80
C GLY F 615 76.94 38.69 -36.62
N ASN F 616 76.43 37.51 -36.31
CA ASN F 616 75.50 37.36 -35.21
C ASN F 616 76.22 37.04 -33.91
N LYS F 617 77.54 37.23 -33.93
CA LYS F 617 78.36 36.97 -32.75
C LYS F 617 77.88 35.70 -32.05
N ALA F 618 77.87 34.60 -32.81
CA ALA F 618 77.40 33.33 -32.27
C ALA F 618 78.52 32.35 -32.05
N TYR F 619 78.36 31.51 -31.03
CA TYR F 619 79.34 30.48 -30.71
C TYR F 619 78.64 29.15 -30.90
N ILE F 620 78.97 28.47 -32.00
CA ILE F 620 78.39 27.16 -32.30
C ILE F 620 79.50 26.12 -32.33
N GLU F 621 79.38 25.14 -31.43
CA GLU F 621 80.35 24.03 -31.23
C GLU F 621 80.27 22.86 -32.22
N TRP F 622 81.43 22.35 -32.63
CA TRP F 622 81.52 21.21 -33.55
C TRP F 622 82.82 20.46 -33.27
N THR F 623 82.74 19.20 -32.91
CA THR F 623 83.93 18.42 -32.61
C THR F 623 85.02 18.57 -33.66
N ASP F 624 86.16 19.11 -33.24
CA ASP F 624 87.27 19.30 -34.18
C ASP F 624 88.42 18.37 -33.78
N PRO F 625 88.67 17.34 -34.58
CA PRO F 625 89.73 16.38 -34.32
C PRO F 625 91.03 17.10 -33.98
N ILE F 626 91.43 18.02 -34.84
CA ILE F 626 92.67 18.73 -34.61
C ILE F 626 92.78 19.25 -33.20
N THR F 627 91.81 20.04 -32.80
CA THR F 627 91.81 20.62 -31.47
C THR F 627 91.86 19.56 -30.35
N LYS F 628 91.38 18.35 -30.66
CA LYS F 628 91.39 17.23 -29.72
C LYS F 628 92.84 16.96 -29.33
N ALA F 629 93.66 16.70 -30.34
CA ALA F 629 95.07 16.43 -30.18
C ALA F 629 95.90 17.65 -29.76
N LYS F 630 95.25 18.79 -29.58
CA LYS F 630 96.02 19.96 -29.15
C LYS F 630 96.60 19.68 -27.76
N ILE F 631 95.73 19.34 -26.81
CA ILE F 631 96.09 19.03 -25.43
C ILE F 631 97.51 18.55 -25.27
N ASN F 632 97.96 17.68 -26.18
CA ASN F 632 99.32 17.22 -26.07
C ASN F 632 100.16 17.35 -27.31
N THR F 633 100.23 18.58 -27.78
CA THR F 633 101.05 18.89 -28.94
C THR F 633 101.82 20.19 -28.65
N ILE F 634 103.14 20.13 -28.75
CA ILE F 634 103.94 21.31 -28.45
C ILE F 634 103.61 22.40 -29.46
N PRO F 635 103.34 23.63 -28.97
CA PRO F 635 103.00 24.77 -29.83
C PRO F 635 104.08 25.02 -30.85
N THR F 636 103.74 25.82 -31.84
CA THR F 636 104.69 26.15 -32.89
C THR F 636 105.21 27.57 -32.61
N SER F 637 106.28 27.94 -33.31
CA SER F 637 106.85 29.26 -33.14
C SER F 637 105.73 30.25 -33.28
N ALA F 638 105.11 30.19 -34.47
CA ALA F 638 104.02 31.08 -34.85
C ALA F 638 102.75 30.94 -34.00
N GLU F 639 102.41 29.74 -33.60
CA GLU F 639 101.23 29.60 -32.77
C GLU F 639 101.49 30.25 -31.42
N PHE F 640 102.77 30.35 -31.08
CA PHE F 640 103.20 30.93 -29.80
C PHE F 640 103.14 32.43 -29.86
N ILE F 641 103.88 33.01 -30.80
CA ILE F 641 103.88 34.44 -30.96
C ILE F 641 102.46 34.92 -31.17
N LYS F 642 101.66 34.12 -31.83
CA LYS F 642 100.26 34.47 -32.08
C LYS F 642 99.59 34.77 -30.74
N ASN F 643 99.58 33.77 -29.86
CA ASN F 643 98.99 33.88 -28.52
C ASN F 643 99.53 35.06 -27.74
N LEU F 644 100.80 35.39 -27.94
CA LEU F 644 101.37 36.53 -27.25
C LEU F 644 100.64 37.76 -27.74
N SER F 645 100.59 37.93 -29.06
CA SER F 645 99.90 39.06 -29.68
C SER F 645 98.48 39.24 -29.16
N SER F 646 97.74 38.13 -29.09
CA SER F 646 96.37 38.13 -28.61
C SER F 646 96.24 38.78 -27.25
N ILE F 647 96.92 38.22 -26.26
CA ILE F 647 96.90 38.72 -24.88
C ILE F 647 97.30 40.20 -24.82
N ARG F 648 98.31 40.58 -25.60
CA ARG F 648 98.77 41.96 -25.65
C ARG F 648 97.51 42.76 -25.88
N ARG F 649 96.83 42.49 -26.99
CA ARG F 649 95.60 43.21 -27.34
C ARG F 649 94.45 43.04 -26.34
N SER F 650 94.57 42.06 -25.45
CA SER F 650 93.54 41.81 -24.45
C SER F 650 93.75 42.57 -23.14
N SER F 651 94.96 42.53 -22.60
CA SER F 651 95.26 43.23 -21.35
C SER F 651 96.10 44.49 -21.63
N ASN F 652 96.20 44.89 -22.90
CA ASN F 652 96.99 46.05 -23.29
C ASN F 652 98.36 46.10 -22.56
N VAL F 653 98.86 44.92 -22.18
CA VAL F 653 100.14 44.76 -21.51
C VAL F 653 100.82 43.54 -22.16
N GLY F 654 102.00 43.75 -22.77
CA GLY F 654 102.73 42.66 -23.42
C GLY F 654 103.70 41.91 -22.51
N VAL F 655 104.16 40.74 -22.94
CA VAL F 655 105.09 39.91 -22.16
C VAL F 655 106.28 40.72 -21.73
N TYR F 656 106.55 41.79 -22.45
CA TYR F 656 107.68 42.62 -22.12
C TYR F 656 107.40 44.02 -22.62
N LYS F 657 107.73 45.00 -21.80
CA LYS F 657 107.51 46.38 -22.19
C LYS F 657 108.72 46.96 -22.87
N ASP F 658 108.48 48.05 -23.60
CA ASP F 658 109.52 48.77 -24.31
C ASP F 658 110.03 49.76 -23.29
N SER F 659 110.94 49.32 -22.43
CA SER F 659 111.51 50.17 -21.39
C SER F 659 113.02 50.00 -21.27
N GLY F 660 113.56 50.57 -20.20
CA GLY F 660 114.98 50.49 -19.96
C GLY F 660 115.30 49.35 -19.02
N ASP F 661 114.32 48.90 -18.24
CA ASP F 661 114.56 47.81 -17.30
C ASP F 661 115.34 46.72 -18.03
N LYS F 662 116.37 46.20 -17.38
CA LYS F 662 117.19 45.16 -18.00
C LYS F 662 116.64 43.78 -17.70
N ASP F 663 115.57 43.72 -16.93
CA ASP F 663 114.98 42.44 -16.57
C ASP F 663 113.84 42.24 -17.55
N GLU F 664 113.43 43.36 -18.14
CA GLU F 664 112.36 43.37 -19.12
C GLU F 664 112.98 42.69 -20.34
N PHE F 665 114.02 43.31 -20.87
CA PHE F 665 114.77 42.79 -22.01
C PHE F 665 115.07 41.30 -21.76
N ALA F 666 115.44 40.94 -20.53
CA ALA F 666 115.71 39.54 -20.23
C ALA F 666 114.53 38.73 -20.72
N LYS F 667 113.36 39.11 -20.25
CA LYS F 667 112.11 38.46 -20.60
C LYS F 667 111.97 38.42 -22.10
N LYS F 668 112.16 39.54 -22.78
CA LYS F 668 112.09 39.54 -24.23
C LYS F 668 113.07 38.51 -24.77
N GLU F 669 114.34 38.67 -24.42
CA GLU F 669 115.40 37.78 -24.86
C GLU F 669 115.00 36.34 -24.62
N SER F 670 114.33 36.11 -23.51
CA SER F 670 113.95 34.76 -23.18
C SER F 670 112.80 34.19 -23.97
N VAL F 671 111.80 34.99 -24.32
CA VAL F 671 110.71 34.44 -25.13
C VAL F 671 111.32 34.12 -26.48
N LYS F 672 112.13 35.05 -26.98
CA LYS F 672 112.77 34.82 -28.25
C LYS F 672 113.48 33.45 -28.23
N LYS F 673 113.89 33.04 -27.04
CA LYS F 673 114.59 31.76 -26.91
C LYS F 673 113.62 30.58 -27.04
N ILE F 674 112.40 30.75 -26.55
CA ILE F 674 111.37 29.71 -26.64
C ILE F 674 110.91 29.66 -28.08
N ALA F 675 110.68 30.84 -28.65
CA ALA F 675 110.25 30.98 -30.03
C ALA F 675 111.26 30.32 -30.92
N GLY F 676 112.36 29.92 -30.33
CA GLY F 676 113.40 29.26 -31.08
C GLY F 676 113.21 27.78 -30.90
N TYR F 677 113.36 27.32 -29.67
CA TYR F 677 113.20 25.91 -29.39
C TYR F 677 111.94 25.42 -30.11
N LEU F 678 110.78 26.01 -29.81
CA LEU F 678 109.55 25.58 -30.46
C LEU F 678 109.73 25.52 -31.96
N SER F 679 110.46 26.46 -32.50
CA SER F 679 110.65 26.47 -33.91
C SER F 679 111.58 25.36 -34.34
N ASP F 680 112.51 25.00 -33.45
CA ASP F 680 113.52 23.94 -33.68
C ASP F 680 112.88 22.56 -33.67
N TYR F 681 111.91 22.37 -32.80
CA TYR F 681 111.17 21.12 -32.68
C TYR F 681 110.69 20.68 -34.07
N TYR F 682 109.92 21.57 -34.72
CA TYR F 682 109.37 21.30 -36.04
C TYR F 682 110.37 21.61 -37.12
N ASN F 683 111.42 20.79 -37.21
CA ASN F 683 112.43 20.98 -38.23
C ASN F 683 112.23 19.96 -39.33
N SER F 684 112.28 20.42 -40.56
CA SER F 684 112.08 19.53 -41.68
C SER F 684 113.22 18.56 -41.94
N ALA F 685 114.44 18.92 -41.56
CA ALA F 685 115.55 17.99 -41.75
C ALA F 685 115.48 16.82 -40.77
N ASN F 686 114.45 16.75 -39.94
CA ASN F 686 114.32 15.65 -38.98
C ASN F 686 114.18 14.30 -39.68
N HIS F 687 114.12 14.29 -41.01
CA HIS F 687 113.96 13.03 -41.73
C HIS F 687 115.28 12.29 -41.87
N ILE F 688 116.36 13.03 -42.14
CA ILE F 688 117.68 12.42 -42.28
C ILE F 688 118.07 11.70 -40.98
N PHE F 689 117.10 11.46 -40.12
CA PHE F 689 117.36 10.77 -38.87
C PHE F 689 116.46 9.54 -38.88
N SER F 690 116.39 8.86 -37.74
CA SER F 690 115.56 7.65 -37.63
C SER F 690 114.50 7.81 -36.54
N GLN F 691 113.32 7.23 -36.73
CA GLN F 691 112.24 7.33 -35.74
C GLN F 691 112.74 7.31 -34.30
N GLU F 692 113.70 6.44 -34.02
CA GLU F 692 114.30 6.36 -32.69
C GLU F 692 114.82 7.76 -32.30
N LYS F 693 115.77 8.27 -33.09
CA LYS F 693 116.37 9.57 -32.86
C LYS F 693 115.29 10.66 -32.80
N LYS F 694 114.52 10.74 -33.87
CA LYS F 694 113.45 11.70 -33.98
C LYS F 694 112.81 11.92 -32.63
N ARG F 695 112.26 10.89 -32.01
CA ARG F 695 111.63 11.06 -30.69
C ARG F 695 112.58 11.74 -29.72
N LYS F 696 113.72 11.11 -29.49
CA LYS F 696 114.74 11.62 -28.58
C LYS F 696 115.11 13.06 -28.92
N ILE F 697 115.73 13.24 -30.09
CA ILE F 697 116.15 14.56 -30.56
C ILE F 697 115.09 15.66 -30.34
N SER F 698 113.81 15.25 -30.31
CA SER F 698 112.67 16.16 -30.12
C SER F 698 112.23 16.22 -28.67
N ILE F 699 112.36 15.10 -27.97
CA ILE F 699 111.99 15.07 -26.55
C ILE F 699 112.92 16.07 -25.84
N PHE F 700 114.06 16.36 -26.45
CA PHE F 700 114.99 17.29 -25.85
C PHE F 700 114.62 18.68 -26.26
N ARG F 701 114.54 18.90 -27.58
CA ARG F 701 114.16 20.18 -28.15
C ARG F 701 112.98 20.68 -27.33
N GLY F 702 112.01 19.79 -27.15
CA GLY F 702 110.82 20.12 -26.40
C GLY F 702 111.19 20.53 -25.00
N ILE F 703 111.94 19.66 -24.31
CA ILE F 703 112.39 19.92 -22.94
C ILE F 703 113.08 21.26 -22.79
N GLN F 704 113.89 21.58 -23.79
CA GLN F 704 114.61 22.84 -23.81
C GLN F 704 113.62 23.96 -23.61
N ALA F 705 112.61 23.95 -24.47
CA ALA F 705 111.55 24.96 -24.40
C ALA F 705 110.91 24.97 -23.01
N TYR F 706 110.48 23.78 -22.55
CA TYR F 706 109.85 23.66 -21.25
C TYR F 706 110.69 24.38 -20.24
N ASN F 707 111.99 24.33 -20.43
CA ASN F 707 112.86 25.00 -19.49
C ASN F 707 112.67 26.52 -19.53
N GLU F 708 113.15 27.17 -20.58
CA GLU F 708 113.04 28.62 -20.70
C GLU F 708 111.68 29.12 -20.24
N ILE F 709 110.65 28.29 -20.33
CA ILE F 709 109.33 28.72 -19.89
C ILE F 709 109.41 28.76 -18.36
N GLU F 710 109.74 27.61 -17.77
CA GLU F 710 109.87 27.47 -16.31
C GLU F 710 110.76 28.62 -15.84
N ASN F 711 111.72 28.95 -16.68
CA ASN F 711 112.68 30.03 -16.45
C ASN F 711 111.94 31.35 -16.27
N VAL F 712 111.31 31.82 -17.35
CA VAL F 712 110.57 33.10 -17.35
C VAL F 712 109.46 33.13 -16.29
N LEU F 713 108.78 32.00 -16.12
CA LEU F 713 107.71 31.88 -15.16
C LEU F 713 108.23 32.27 -13.78
N LYS F 714 109.55 32.11 -13.58
CA LYS F 714 110.21 32.46 -12.33
C LYS F 714 111.08 33.71 -12.60
N SER F 715 110.58 34.75 -13.29
CA SER F 715 111.49 35.86 -13.67
C SER F 715 111.43 37.19 -12.90
N LYS F 716 110.58 38.12 -13.36
CA LYS F 716 110.34 39.37 -12.62
C LYS F 716 108.83 39.31 -12.68
N GLN F 717 108.16 40.46 -12.68
CA GLN F 717 106.71 40.42 -12.74
C GLN F 717 106.21 40.34 -14.17
N ILE F 718 105.49 39.26 -14.46
CA ILE F 718 104.93 39.08 -15.77
C ILE F 718 103.46 38.92 -15.49
N ALA F 719 102.67 39.78 -16.10
CA ALA F 719 101.22 39.77 -15.91
C ALA F 719 100.71 38.35 -15.75
N PRO F 720 99.79 38.14 -14.78
CA PRO F 720 99.24 36.80 -14.56
C PRO F 720 98.49 36.22 -15.78
N GLU F 721 97.90 37.09 -16.61
CA GLU F 721 97.17 36.63 -17.79
C GLU F 721 98.15 35.80 -18.62
N TYR F 722 99.41 36.23 -18.61
CA TYR F 722 100.49 35.56 -19.31
C TYR F 722 100.98 34.41 -18.43
N LYS F 723 101.09 34.68 -17.14
CA LYS F 723 101.55 33.68 -16.18
C LYS F 723 100.78 32.40 -16.39
N ASN F 724 99.49 32.54 -16.69
CA ASN F 724 98.60 31.41 -16.92
C ASN F 724 98.92 30.72 -18.25
N TYR F 725 98.96 31.50 -19.33
CA TYR F 725 99.29 30.96 -20.64
C TYR F 725 100.53 30.11 -20.53
N PHE F 726 101.64 30.74 -20.13
CA PHE F 726 102.87 30.00 -19.98
C PHE F 726 102.58 28.74 -19.19
N GLN F 727 101.67 28.84 -18.23
CA GLN F 727 101.31 27.68 -17.44
C GLN F 727 100.71 26.61 -18.35
N TYR F 728 99.83 27.05 -19.24
CA TYR F 728 99.15 26.18 -20.19
C TYR F 728 100.21 25.49 -21.04
N LEU F 729 101.05 26.29 -21.70
CA LEU F 729 102.11 25.76 -22.56
C LEU F 729 102.86 24.62 -21.87
N LYS F 730 103.21 24.82 -20.60
CA LYS F 730 103.93 23.80 -19.87
C LYS F 730 103.27 22.43 -20.01
N GLU F 731 101.98 22.37 -19.68
CA GLU F 731 101.27 21.11 -19.75
C GLU F 731 101.31 20.52 -21.15
N ARG F 732 101.20 21.36 -22.17
CA ARG F 732 101.26 20.86 -23.54
C ARG F 732 102.61 20.15 -23.65
N ILE F 733 103.69 20.91 -23.53
CA ILE F 733 105.06 20.38 -23.61
C ILE F 733 105.16 19.09 -22.83
N THR F 734 104.79 19.14 -21.54
CA THR F 734 104.81 17.98 -20.67
C THR F 734 104.12 16.86 -21.43
N ASN F 735 102.82 17.03 -21.65
CA ASN F 735 102.00 16.07 -22.39
C ASN F 735 102.67 15.52 -23.63
N GLN F 736 103.19 16.43 -24.47
CA GLN F 736 103.85 16.04 -25.70
C GLN F 736 105.06 15.15 -25.44
N VAL F 737 105.97 15.64 -24.62
CA VAL F 737 107.18 14.87 -24.32
C VAL F 737 106.81 13.53 -23.71
N GLN F 738 105.75 13.49 -22.92
CA GLN F 738 105.35 12.22 -22.35
C GLN F 738 105.03 11.27 -23.49
N LEU F 739 104.22 11.74 -24.43
CA LEU F 739 103.82 10.95 -25.59
C LEU F 739 105.03 10.35 -26.31
N LEU F 740 106.02 11.19 -26.60
CA LEU F 740 107.23 10.74 -27.28
C LEU F 740 108.01 9.68 -26.51
N LEU F 741 107.87 9.71 -25.18
CA LEU F 741 108.54 8.77 -24.28
C LEU F 741 107.82 7.48 -24.14
N THR F 742 106.54 7.54 -23.81
CA THR F 742 105.88 6.29 -23.67
C THR F 742 105.85 5.64 -25.04
N HIS F 743 105.92 6.43 -26.09
CA HIS F 743 105.87 5.84 -27.42
C HIS F 743 107.04 4.86 -27.63
N GLN F 744 108.11 5.07 -26.88
CA GLN F 744 109.36 4.31 -27.00
C GLN F 744 109.68 3.36 -25.83
N LYS F 745 110.17 3.90 -24.72
CA LYS F 745 110.41 3.04 -23.56
C LYS F 745 109.35 3.53 -22.50
N SER F 746 108.98 2.77 -21.47
CA SER F 746 107.85 3.20 -20.57
C SER F 746 107.91 3.68 -19.11
N ASN F 747 109.03 3.58 -18.43
CA ASN F 747 109.04 4.00 -17.03
C ASN F 747 109.24 5.46 -16.74
N ILE F 748 110.11 6.07 -17.53
CA ILE F 748 110.51 7.45 -17.36
C ILE F 748 109.38 8.46 -17.35
N GLU F 749 109.03 8.99 -16.18
CA GLU F 749 107.99 10.00 -16.06
C GLU F 749 108.64 11.34 -16.35
N PHE F 750 107.96 12.18 -17.12
CA PHE F 750 108.49 13.48 -17.47
C PHE F 750 109.04 14.25 -16.28
N LYS F 751 108.22 14.42 -15.23
CA LYS F 751 108.66 15.15 -14.05
C LYS F 751 110.04 14.68 -13.56
N LEU F 752 110.19 13.37 -13.40
CA LEU F 752 111.45 12.79 -12.94
C LEU F 752 112.59 13.08 -13.91
N LEU F 753 112.45 12.62 -15.16
CA LEU F 753 113.47 12.82 -16.18
C LEU F 753 113.99 14.25 -16.12
N TYR F 754 113.08 15.19 -15.88
CA TYR F 754 113.46 16.60 -15.82
C TYR F 754 114.47 16.80 -14.71
N LYS F 755 114.02 16.56 -13.48
CA LYS F 755 114.87 16.68 -12.31
C LYS F 755 116.34 16.41 -12.65
N GLN F 756 116.59 15.22 -13.19
CA GLN F 756 117.93 14.78 -13.56
C GLN F 756 118.63 15.61 -14.64
N LEU F 757 118.28 16.88 -14.78
CA LEU F 757 118.91 17.69 -15.80
C LEU F 757 119.74 18.86 -15.26
N ASN F 758 120.81 19.20 -15.97
CA ASN F 758 121.72 20.27 -15.59
C ASN F 758 121.63 21.43 -16.60
N PHE F 759 120.75 22.40 -16.34
CA PHE F 759 120.60 23.53 -17.25
C PHE F 759 121.31 24.79 -16.77
N THR F 760 122.30 24.61 -15.89
CA THR F 760 123.07 25.72 -15.34
C THR F 760 123.83 26.45 -16.44
N GLU F 761 125.03 25.98 -16.74
CA GLU F 761 125.89 26.59 -17.76
C GLU F 761 125.97 25.75 -19.05
N ASN F 762 126.58 24.58 -18.94
CA ASN F 762 126.75 23.69 -20.10
C ASN F 762 125.55 22.79 -20.39
N GLU F 763 125.13 22.81 -21.66
CA GLU F 763 124.01 22.02 -22.17
C GLU F 763 124.56 20.78 -22.88
N THR F 764 125.77 20.93 -23.42
CA THR F 764 126.48 19.88 -24.14
C THR F 764 126.26 18.46 -23.58
N ASP F 765 127.05 18.11 -22.57
CA ASP F 765 126.96 16.78 -21.95
C ASP F 765 125.55 16.46 -21.47
N ASN F 766 124.76 17.48 -21.13
CA ASN F 766 123.41 17.27 -20.65
C ASN F 766 122.64 16.41 -21.64
N PHE F 767 122.87 16.64 -22.93
CA PHE F 767 122.20 15.86 -23.96
C PHE F 767 122.70 14.41 -23.96
N GLU F 768 124.01 14.22 -23.80
CA GLU F 768 124.58 12.87 -23.76
C GLU F 768 123.96 12.15 -22.57
N VAL F 769 123.65 12.93 -21.53
CA VAL F 769 123.03 12.41 -20.31
C VAL F 769 121.66 11.91 -20.70
N PHE F 770 120.85 12.83 -21.20
CA PHE F 770 119.50 12.52 -21.64
C PHE F 770 119.44 11.15 -22.31
N GLN F 771 120.36 10.91 -23.22
CA GLN F 771 120.41 9.63 -23.91
C GLN F 771 120.50 8.50 -22.89
N LYS F 772 121.52 8.56 -22.03
CA LYS F 772 121.69 7.54 -21.01
C LYS F 772 120.47 7.50 -20.11
N ILE F 773 119.87 8.66 -19.88
CA ILE F 773 118.69 8.72 -19.03
C ILE F 773 117.62 7.80 -19.60
N ILE F 774 117.71 7.52 -20.90
CA ILE F 774 116.76 6.65 -21.57
C ILE F 774 117.36 5.31 -21.99
N ASP F 775 117.49 4.41 -21.01
CA ASP F 775 118.04 3.06 -21.21
C ASP F 775 117.61 2.17 -20.06
N GLN G 4 39.76 -40.04 42.42
CA GLN G 4 38.53 -39.17 42.37
C GLN G 4 37.53 -39.57 43.46
N LEU G 5 37.86 -39.23 44.71
CA LEU G 5 37.00 -39.54 45.86
C LEU G 5 35.53 -39.11 45.67
N THR G 6 34.59 -39.98 46.05
CA THR G 6 33.18 -39.63 45.93
C THR G 6 32.85 -38.47 46.87
N GLU G 7 31.84 -37.68 46.49
CA GLU G 7 31.45 -36.55 47.30
C GLU G 7 31.26 -37.00 48.75
N GLU G 8 30.52 -38.07 48.97
CA GLU G 8 30.29 -38.58 50.32
C GLU G 8 31.64 -38.89 50.96
N GLN G 9 32.54 -39.43 50.15
CA GLN G 9 33.86 -39.75 50.62
C GLN G 9 34.58 -38.46 50.90
N ILE G 10 34.00 -37.35 50.47
CA ILE G 10 34.61 -36.05 50.71
C ILE G 10 34.04 -35.47 51.99
N ALA G 11 32.73 -35.54 52.15
CA ALA G 11 32.05 -35.02 53.34
C ALA G 11 32.76 -35.51 54.59
N GLU G 12 33.07 -36.80 54.61
CA GLU G 12 33.75 -37.46 55.72
C GLU G 12 35.09 -36.82 56.04
N PHE G 13 35.99 -36.79 55.06
CA PHE G 13 37.30 -36.21 55.28
C PHE G 13 37.17 -34.82 55.86
N LYS G 14 36.17 -34.06 55.43
CA LYS G 14 36.03 -32.74 56.01
C LYS G 14 35.34 -32.81 57.37
N GLU G 15 34.37 -33.70 57.51
CA GLU G 15 33.68 -33.84 58.80
C GLU G 15 34.61 -34.27 59.88
N ALA G 16 35.75 -34.81 59.50
CA ALA G 16 36.73 -35.28 60.47
C ALA G 16 37.95 -34.37 60.52
N PHE G 17 38.29 -33.80 59.38
CA PHE G 17 39.42 -32.88 59.27
C PHE G 17 39.15 -31.66 60.13
N SER G 18 37.91 -31.20 60.05
CA SER G 18 37.48 -30.02 60.77
C SER G 18 37.10 -30.29 62.19
N LEU G 19 37.02 -31.55 62.58
CA LEU G 19 36.65 -31.86 63.96
C LEU G 19 37.87 -31.68 64.84
N PHE G 20 39.04 -31.87 64.26
CA PHE G 20 40.25 -31.76 65.01
C PHE G 20 41.02 -30.52 64.62
N ASP G 21 40.34 -29.59 63.98
CA ASP G 21 40.92 -28.30 63.60
C ASP G 21 40.56 -27.47 64.83
N LYS G 22 41.42 -27.48 65.84
CA LYS G 22 41.10 -26.78 67.07
C LYS G 22 40.85 -25.28 66.94
N ASP G 23 41.86 -24.54 66.47
CA ASP G 23 41.76 -23.11 66.28
C ASP G 23 40.78 -22.75 65.15
N GLY G 24 39.81 -23.60 64.90
CA GLY G 24 38.83 -23.34 63.87
C GLY G 24 39.10 -22.66 62.52
N ASP G 25 40.33 -22.58 62.01
CA ASP G 25 40.46 -21.95 60.70
C ASP G 25 40.19 -22.94 59.57
N GLY G 26 41.24 -23.52 59.02
CA GLY G 26 41.03 -24.47 57.94
C GLY G 26 42.34 -25.10 57.57
N THR G 27 43.28 -25.08 58.50
CA THR G 27 44.59 -25.68 58.29
C THR G 27 44.85 -26.47 59.54
N ILE G 28 45.39 -27.68 59.42
CA ILE G 28 45.68 -28.46 60.61
C ILE G 28 47.17 -28.76 60.81
N THR G 29 47.58 -28.73 62.08
CA THR G 29 48.96 -28.98 62.45
C THR G 29 49.33 -30.41 62.18
N THR G 30 50.63 -30.68 62.17
CA THR G 30 51.10 -32.04 61.91
C THR G 30 50.41 -33.04 62.82
N LYS G 31 50.66 -32.92 64.12
CA LYS G 31 50.07 -33.84 65.10
C LYS G 31 48.56 -33.93 64.88
N GLU G 32 47.98 -32.84 64.40
CA GLU G 32 46.55 -32.79 64.15
C GLU G 32 46.20 -33.68 62.97
N LEU G 33 47.04 -33.67 61.94
CA LEU G 33 46.82 -34.49 60.74
C LEU G 33 46.88 -35.97 61.08
N GLY G 34 47.79 -36.31 62.00
CA GLY G 34 47.94 -37.66 62.46
C GLY G 34 46.65 -38.05 63.17
N THR G 35 46.13 -37.13 63.98
CA THR G 35 44.90 -37.37 64.70
C THR G 35 43.72 -37.55 63.79
N VAL G 36 43.55 -36.60 62.88
CA VAL G 36 42.43 -36.65 61.96
C VAL G 36 42.36 -37.99 61.29
N MET G 37 43.50 -38.45 60.77
CA MET G 37 43.60 -39.74 60.08
C MET G 37 43.26 -40.95 60.91
N ARG G 38 43.96 -41.11 62.02
CA ARG G 38 43.72 -42.24 62.91
C ARG G 38 42.23 -42.45 63.16
N SER G 39 41.56 -41.36 63.54
CA SER G 39 40.12 -41.37 63.82
C SER G 39 39.38 -41.98 62.65
N LEU G 40 39.90 -41.73 61.46
CA LEU G 40 39.27 -42.25 60.27
C LEU G 40 39.71 -43.70 60.04
N GLY G 41 40.52 -44.20 60.96
CA GLY G 41 40.96 -45.59 60.89
C GLY G 41 42.18 -45.78 60.04
N GLN G 42 43.17 -44.94 60.27
CA GLN G 42 44.41 -45.05 59.52
C GLN G 42 45.51 -44.54 60.42
N ASN G 43 46.71 -45.10 60.33
CA ASN G 43 47.78 -44.59 61.17
C ASN G 43 49.11 -44.61 60.46
N PRO G 44 49.51 -43.48 59.91
CA PRO G 44 50.78 -43.35 59.20
C PRO G 44 51.89 -43.34 60.22
N THR G 45 53.05 -43.86 59.83
CA THR G 45 54.18 -43.90 60.74
C THR G 45 54.53 -42.49 61.20
N GLU G 46 55.10 -42.43 62.39
CA GLU G 46 55.53 -41.19 63.00
C GLU G 46 56.37 -40.39 62.00
N ALA G 47 56.97 -41.07 61.03
CA ALA G 47 57.81 -40.41 60.04
C ALA G 47 57.13 -40.34 58.67
N GLU G 48 56.27 -41.30 58.36
CA GLU G 48 55.56 -41.34 57.09
C GLU G 48 54.49 -40.24 57.04
N LEU G 49 54.17 -39.72 58.21
CA LEU G 49 53.16 -38.67 58.37
C LEU G 49 53.64 -37.31 57.85
N GLN G 50 54.95 -37.18 57.67
CA GLN G 50 55.54 -35.93 57.19
C GLN G 50 55.66 -35.84 55.67
N ASP G 51 56.25 -36.86 55.05
CA ASP G 51 56.43 -36.87 53.60
C ASP G 51 55.23 -36.30 52.84
N MET G 52 54.03 -36.46 53.38
CA MET G 52 52.81 -35.97 52.75
C MET G 52 52.58 -34.50 53.05
N ILE G 53 52.73 -34.16 54.32
CA ILE G 53 52.55 -32.79 54.83
C ILE G 53 53.75 -31.95 54.40
N ASN G 54 54.87 -32.63 54.18
CA ASN G 54 56.11 -32.02 53.77
C ASN G 54 56.12 -31.83 52.26
N GLU G 55 55.11 -32.37 51.58
CA GLU G 55 55.03 -32.29 50.13
C GLU G 55 54.33 -31.04 49.63
N VAL G 56 54.12 -30.08 50.53
CA VAL G 56 53.46 -28.83 50.20
C VAL G 56 53.74 -27.74 51.24
N ASP G 57 54.97 -27.24 51.25
CA ASP G 57 55.42 -26.21 52.21
C ASP G 57 55.05 -24.77 51.85
N ALA G 58 53.76 -24.46 51.86
CA ALA G 58 53.29 -23.12 51.52
C ALA G 58 52.57 -22.49 52.72
N ASP G 59 52.88 -22.99 53.92
CA ASP G 59 52.30 -22.49 55.18
C ASP G 59 53.45 -22.15 56.12
N GLY G 60 53.18 -22.17 57.44
CA GLY G 60 54.23 -21.94 58.40
C GLY G 60 55.10 -23.19 58.32
N ASN G 61 55.22 -23.69 57.09
CA ASN G 61 55.97 -24.90 56.73
C ASN G 61 55.55 -25.94 57.77
N GLY G 62 54.26 -25.90 58.12
CA GLY G 62 53.78 -26.82 59.13
C GLY G 62 52.36 -27.34 59.04
N THR G 63 51.48 -26.72 58.27
CA THR G 63 50.12 -27.24 58.24
C THR G 63 49.57 -27.47 56.86
N ILE G 64 48.37 -28.05 56.80
CA ILE G 64 47.71 -28.31 55.53
C ILE G 64 46.25 -27.86 55.59
N ASP G 65 45.81 -27.13 54.58
CA ASP G 65 44.43 -26.63 54.51
C ASP G 65 43.43 -27.75 54.27
N PHE G 66 42.19 -27.39 53.98
CA PHE G 66 41.18 -28.40 53.71
C PHE G 66 41.61 -29.15 52.43
N PRO G 67 41.82 -28.42 51.29
CA PRO G 67 42.24 -29.03 50.02
C PRO G 67 43.58 -29.72 50.11
N GLU G 68 44.55 -29.06 50.73
CA GLU G 68 45.89 -29.63 50.93
C GLU G 68 45.75 -31.10 51.30
N PHE G 69 44.75 -31.34 52.16
CA PHE G 69 44.39 -32.65 52.71
C PHE G 69 43.53 -33.39 51.71
N LEU G 70 42.38 -32.82 51.42
CA LEU G 70 41.46 -33.46 50.50
C LEU G 70 42.17 -34.01 49.29
N THR G 71 43.21 -33.33 48.83
CA THR G 71 43.94 -33.77 47.64
C THR G 71 44.99 -34.81 47.92
N MET G 72 45.69 -34.67 49.04
CA MET G 72 46.72 -35.62 49.43
C MET G 72 46.16 -37.00 49.79
N MET G 73 44.83 -37.14 49.77
CA MET G 73 44.20 -38.42 50.07
C MET G 73 43.93 -39.14 48.76
N ALA G 74 45.02 -39.57 48.15
CA ALA G 74 45.01 -40.30 46.90
C ALA G 74 46.27 -41.15 46.97
N ARG G 75 47.41 -40.50 47.25
CA ARG G 75 48.70 -41.18 47.36
C ARG G 75 48.51 -42.53 48.05
N LYS G 76 47.66 -42.54 49.07
CA LYS G 76 47.31 -43.75 49.79
C LYS G 76 45.81 -43.65 49.91
N MET G 77 45.12 -43.93 48.80
CA MET G 77 43.68 -43.85 48.77
C MET G 77 43.11 -44.22 47.41
N LYS G 78 43.34 -43.36 46.42
CA LYS G 78 42.88 -43.52 45.04
C LYS G 78 43.08 -44.92 44.44
N ASP G 79 43.98 -45.70 45.03
CA ASP G 79 44.29 -47.05 44.53
C ASP G 79 43.76 -48.23 45.37
N THR G 80 43.38 -47.98 46.62
CA THR G 80 42.90 -49.05 47.49
C THR G 80 41.38 -49.24 47.63
N ASP G 81 40.97 -50.51 47.66
CA ASP G 81 39.56 -50.94 47.81
C ASP G 81 39.56 -52.32 48.49
N SER G 82 40.32 -52.43 49.57
CA SER G 82 40.47 -53.66 50.33
C SER G 82 39.51 -53.78 51.50
N GLU G 83 39.16 -52.65 52.08
CA GLU G 83 38.24 -52.65 53.21
C GLU G 83 37.09 -53.61 52.98
N GLU G 84 36.74 -53.82 51.72
CA GLU G 84 35.63 -54.70 51.37
C GLU G 84 35.98 -56.18 51.35
N GLU G 85 37.12 -56.52 50.77
CA GLU G 85 37.60 -57.90 50.70
C GLU G 85 37.74 -58.48 52.10
N ILE G 86 38.41 -57.70 52.97
CA ILE G 86 38.66 -58.04 54.36
C ILE G 86 37.36 -58.33 55.08
N ARG G 87 36.31 -57.61 54.72
CA ARG G 87 35.01 -57.82 55.33
C ARG G 87 34.39 -59.15 54.88
N GLU G 88 34.79 -59.61 53.71
CA GLU G 88 34.29 -60.88 53.17
C GLU G 88 35.15 -62.01 53.75
N ALA G 89 36.43 -61.71 54.00
CA ALA G 89 37.35 -62.65 54.60
C ALA G 89 36.67 -62.98 55.91
N PHE G 90 36.37 -61.95 56.69
CA PHE G 90 35.69 -62.12 57.97
C PHE G 90 34.45 -62.99 57.82
N ARG G 91 33.55 -62.61 56.93
CA ARG G 91 32.34 -63.39 56.77
C ARG G 91 32.58 -64.91 56.62
N VAL G 92 33.73 -65.25 56.03
CA VAL G 92 34.14 -66.64 55.77
C VAL G 92 34.45 -67.34 57.07
N PHE G 93 35.42 -66.84 57.83
CA PHE G 93 35.75 -67.45 59.11
C PHE G 93 34.51 -67.55 59.98
N ASP G 94 33.71 -66.49 60.03
CA ASP G 94 32.51 -66.52 60.81
C ASP G 94 31.58 -67.60 60.26
N LYS G 95 32.04 -68.84 60.35
CA LYS G 95 31.30 -69.98 59.85
C LYS G 95 29.83 -70.09 60.19
N ASP G 96 29.45 -69.72 61.41
CA ASP G 96 28.06 -69.87 61.86
C ASP G 96 27.11 -68.70 61.69
N GLY G 97 27.65 -67.53 61.39
CA GLY G 97 26.80 -66.36 61.17
C GLY G 97 26.33 -65.60 62.41
N ASN G 98 27.12 -65.67 63.48
CA ASN G 98 26.83 -64.98 64.73
C ASN G 98 27.41 -63.56 64.70
N GLY G 99 28.34 -63.31 63.77
CA GLY G 99 28.91 -61.99 63.71
C GLY G 99 30.19 -61.94 64.49
N TYR G 100 30.63 -63.11 64.95
CA TYR G 100 31.86 -63.23 65.72
C TYR G 100 32.74 -64.36 65.21
N ILE G 101 34.00 -64.35 65.56
CA ILE G 101 34.86 -65.42 65.10
C ILE G 101 35.42 -66.18 66.27
N SER G 102 34.83 -67.34 66.58
CA SER G 102 35.31 -68.18 67.65
C SER G 102 36.59 -68.97 67.26
N ALA G 103 37.45 -69.19 68.26
CA ALA G 103 38.72 -69.92 68.06
C ALA G 103 38.42 -71.25 67.45
N ALA G 104 37.21 -71.73 67.73
CA ALA G 104 36.75 -72.97 67.16
C ALA G 104 36.93 -72.81 65.64
N GLU G 105 36.07 -71.96 65.07
CA GLU G 105 36.07 -71.68 63.64
C GLU G 105 37.34 -71.11 63.08
N LEU G 106 38.17 -70.49 63.91
CA LEU G 106 39.43 -70.00 63.37
C LEU G 106 40.20 -71.24 62.90
N ARG G 107 40.48 -72.12 63.86
CA ARG G 107 41.21 -73.36 63.63
C ARG G 107 40.61 -74.14 62.50
N HIS G 108 39.29 -74.04 62.38
CA HIS G 108 38.60 -74.77 61.35
C HIS G 108 39.01 -74.32 59.98
N VAL G 109 38.52 -73.15 59.58
CA VAL G 109 38.88 -72.64 58.28
C VAL G 109 40.41 -72.65 58.11
N MET G 110 41.11 -72.50 59.22
CA MET G 110 42.56 -72.47 59.19
C MET G 110 43.15 -73.77 58.64
N THR G 111 42.46 -74.88 58.88
CA THR G 111 42.97 -76.16 58.42
C THR G 111 42.66 -76.49 56.95
N ASN G 112 41.42 -76.28 56.52
CA ASN G 112 41.04 -76.55 55.13
C ASN G 112 42.00 -75.84 54.18
N LEU G 113 42.43 -74.66 54.57
CA LEU G 113 43.35 -73.89 53.77
C LEU G 113 44.73 -74.53 53.96
N GLY G 114 44.72 -75.76 54.45
CA GLY G 114 45.94 -76.54 54.66
C GLY G 114 46.86 -76.28 55.83
N GLU G 115 46.43 -75.55 56.85
CA GLU G 115 47.32 -75.27 57.97
C GLU G 115 46.93 -75.96 59.26
N LYS G 116 47.86 -76.70 59.84
CA LYS G 116 47.60 -77.39 61.09
C LYS G 116 47.95 -76.49 62.26
N LEU G 117 46.92 -75.99 62.92
CA LEU G 117 47.12 -75.12 64.07
C LEU G 117 46.92 -75.90 65.34
N THR G 118 47.78 -75.64 66.30
CA THR G 118 47.70 -76.32 67.57
C THR G 118 46.62 -75.72 68.43
N ASP G 119 45.70 -76.55 68.89
CA ASP G 119 44.61 -76.07 69.73
C ASP G 119 45.10 -74.98 70.67
N GLU G 120 46.40 -74.94 70.90
CA GLU G 120 47.02 -73.98 71.80
C GLU G 120 47.30 -72.64 71.15
N GLU G 121 47.91 -72.68 69.96
CA GLU G 121 48.26 -71.49 69.21
C GLU G 121 47.08 -70.81 68.50
N VAL G 122 45.87 -71.32 68.72
CA VAL G 122 44.69 -70.71 68.13
C VAL G 122 44.09 -69.84 69.20
N ASP G 123 43.70 -70.46 70.32
CA ASP G 123 43.14 -69.70 71.44
C ASP G 123 44.10 -68.56 71.71
N GLN G 124 45.28 -68.69 71.13
CA GLN G 124 46.35 -67.72 71.26
C GLN G 124 46.07 -66.55 70.32
N MET G 125 45.87 -66.85 69.03
CA MET G 125 45.59 -65.79 68.05
C MET G 125 44.32 -65.10 68.54
N ILE G 126 43.24 -65.85 68.63
CA ILE G 126 41.97 -65.28 69.08
C ILE G 126 42.16 -64.29 70.23
N ARG G 127 43.08 -64.59 71.14
CA ARG G 127 43.29 -63.71 72.28
C ARG G 127 43.95 -62.40 71.86
N GLU G 128 45.10 -62.52 71.20
CA GLU G 128 45.85 -61.35 70.75
C GLU G 128 45.06 -60.50 69.73
N ALA G 129 43.90 -61.01 69.30
CA ALA G 129 43.08 -60.33 68.32
C ALA G 129 41.88 -59.74 68.98
N ASP G 130 41.56 -60.25 70.16
CA ASP G 130 40.44 -59.75 70.92
C ASP G 130 40.93 -58.59 71.77
N ILE G 131 40.37 -57.42 71.47
CA ILE G 131 40.73 -56.18 72.13
C ILE G 131 39.87 -55.90 73.33
N ASP G 132 38.57 -56.17 73.22
CA ASP G 132 37.64 -55.91 74.32
C ASP G 132 37.51 -57.09 75.31
N GLY G 133 38.32 -58.11 75.11
CA GLY G 133 38.31 -59.25 76.01
C GLY G 133 37.12 -60.19 76.10
N ASP G 134 36.22 -60.23 75.12
CA ASP G 134 35.11 -61.17 75.26
C ASP G 134 35.44 -62.53 74.64
N GLY G 135 36.73 -62.81 74.51
CA GLY G 135 37.17 -64.09 73.97
C GLY G 135 37.01 -64.34 72.48
N GLN G 136 36.15 -63.56 71.82
CA GLN G 136 35.92 -63.69 70.38
C GLN G 136 36.32 -62.43 69.63
N VAL G 137 36.50 -62.55 68.31
CA VAL G 137 36.84 -61.40 67.47
C VAL G 137 35.62 -61.04 66.59
N ASN G 138 35.27 -59.74 66.59
CA ASN G 138 34.15 -59.20 65.80
C ASN G 138 34.72 -58.52 64.55
N TYR G 139 33.86 -58.10 63.63
CA TYR G 139 34.36 -57.48 62.41
C TYR G 139 35.37 -56.39 62.78
N GLU G 140 34.97 -55.52 63.70
CA GLU G 140 35.81 -54.43 64.18
C GLU G 140 37.23 -54.89 64.53
N GLU G 141 37.39 -55.66 65.60
CA GLU G 141 38.74 -56.08 65.96
C GLU G 141 39.41 -56.81 64.82
N PHE G 142 38.61 -57.54 64.03
CA PHE G 142 39.14 -58.28 62.89
C PHE G 142 39.81 -57.30 61.97
N VAL G 143 39.06 -56.24 61.64
CA VAL G 143 39.53 -55.17 60.75
C VAL G 143 40.88 -54.63 61.18
N GLN G 144 41.02 -54.40 62.47
CA GLN G 144 42.24 -53.89 63.06
C GLN G 144 43.40 -54.84 62.84
N MET G 145 43.20 -56.08 63.29
CA MET G 145 44.21 -57.11 63.16
C MET G 145 44.73 -57.18 61.73
N MET G 146 43.79 -57.20 60.79
CA MET G 146 44.09 -57.30 59.38
C MET G 146 44.88 -56.12 58.87
N THR G 147 44.22 -54.98 58.74
CA THR G 147 44.87 -53.77 58.24
C THR G 147 46.10 -53.32 59.04
N ALA G 148 45.88 -52.91 60.29
CA ALA G 148 47.01 -52.47 61.09
C ALA G 148 48.22 -53.38 60.81
N LYS G 149 49.31 -52.75 60.37
CA LYS G 149 50.57 -53.44 60.05
C LYS G 149 51.61 -53.42 61.17
N GLN H 4 1.51 14.99 64.72
CA GLN H 4 0.81 15.23 63.41
C GLN H 4 -0.67 14.87 63.49
N LEU H 5 -1.45 15.68 64.21
CA LEU H 5 -2.89 15.45 64.37
C LEU H 5 -3.63 15.19 63.04
N THR H 6 -4.53 14.21 63.04
CA THR H 6 -5.30 13.91 61.83
C THR H 6 -6.22 15.08 61.51
N GLU H 7 -6.52 15.25 60.23
CA GLU H 7 -7.39 16.34 59.81
C GLU H 7 -8.65 16.36 60.66
N GLU H 8 -9.29 15.22 60.82
CA GLU H 8 -10.51 15.13 61.62
C GLU H 8 -10.19 15.60 63.04
N GLN H 9 -9.01 15.22 63.50
CA GLN H 9 -8.58 15.60 64.81
C GLN H 9 -8.32 17.10 64.81
N ILE H 10 -8.31 17.68 63.62
CA ILE H 10 -8.10 19.12 63.50
C ILE H 10 -9.45 19.81 63.50
N ALA H 11 -10.39 19.29 62.71
CA ALA H 11 -11.73 19.87 62.61
C ALA H 11 -12.29 20.12 63.99
N GLU H 12 -12.14 19.13 64.87
CA GLU H 12 -12.62 19.20 66.25
C GLU H 12 -12.03 20.38 67.01
N PHE H 13 -10.70 20.43 67.09
CA PHE H 13 -10.06 21.52 67.81
C PHE H 13 -10.56 22.86 67.33
N LYS H 14 -10.82 22.99 66.04
CA LYS H 14 -11.33 24.27 65.56
C LYS H 14 -12.84 24.37 65.85
N GLU H 15 -13.57 23.28 65.70
CA GLU H 15 -15.01 23.30 65.96
C GLU H 15 -15.30 23.65 67.38
N ALA H 16 -14.31 23.50 68.24
CA ALA H 16 -14.47 23.79 69.66
C ALA H 16 -13.73 25.06 70.07
N PHE H 17 -12.61 25.32 69.41
CA PHE H 17 -11.81 26.50 69.66
C PHE H 17 -12.64 27.73 69.30
N SER H 18 -13.32 27.63 68.18
CA SER H 18 -14.13 28.71 67.67
C SER H 18 -15.50 28.80 68.29
N LEU H 19 -15.88 27.80 69.08
CA LEU H 19 -17.19 27.84 69.70
C LEU H 19 -17.16 28.76 70.91
N PHE H 20 -15.98 28.86 71.51
CA PHE H 20 -15.82 29.67 72.68
C PHE H 20 -15.01 30.91 72.37
N ASP H 21 -14.91 31.24 71.09
CA ASP H 21 -14.21 32.46 70.64
C ASP H 21 -15.39 33.43 70.61
N LYS H 22 -15.66 34.08 71.73
CA LYS H 22 -16.81 34.96 71.80
C LYS H 22 -16.83 36.11 70.79
N ASP H 23 -15.83 36.99 70.87
CA ASP H 23 -15.72 38.12 69.96
C ASP H 23 -15.42 37.69 68.52
N GLY H 24 -15.82 36.48 68.15
CA GLY H 24 -15.61 36.00 66.81
C GLY H 24 -14.38 36.25 65.96
N ASP H 25 -13.21 36.63 66.48
CA ASP H 25 -12.09 36.80 65.56
C ASP H 25 -11.39 35.48 65.30
N GLY H 26 -10.32 35.21 66.02
CA GLY H 26 -9.62 33.96 65.81
C GLY H 26 -8.53 33.79 66.83
N THR H 27 -8.69 34.49 67.95
CA THR H 27 -7.72 34.41 69.03
C THR H 27 -8.56 34.23 70.27
N ILE H 28 -8.15 33.36 71.19
CA ILE H 28 -8.93 33.19 72.40
C ILE H 28 -8.18 33.58 73.68
N THR H 29 -8.92 34.18 74.60
CA THR H 29 -8.37 34.62 75.87
C THR H 29 -7.95 33.44 76.72
N THR H 30 -7.15 33.72 77.74
CA THR H 30 -6.69 32.65 78.60
C THR H 30 -7.85 31.80 79.13
N LYS H 31 -8.71 32.44 79.91
CA LYS H 31 -9.86 31.74 80.49
C LYS H 31 -10.62 31.00 79.39
N GLU H 32 -10.59 31.56 78.19
CA GLU H 32 -11.27 30.95 77.04
C GLU H 32 -10.58 29.66 76.64
N LEU H 33 -9.24 29.66 76.68
CA LEU H 33 -8.45 28.48 76.32
C LEU H 33 -8.72 27.34 77.29
N GLY H 34 -8.88 27.70 78.56
CA GLY H 34 -9.18 26.73 79.59
C GLY H 34 -10.54 26.14 79.28
N THR H 35 -11.48 27.00 78.88
CA THR H 35 -12.82 26.55 78.54
C THR H 35 -12.83 25.64 77.33
N VAL H 36 -12.20 26.10 76.26
CA VAL H 36 -12.16 25.32 75.03
C VAL H 36 -11.71 23.91 75.33
N MET H 37 -10.60 23.78 76.06
CA MET H 37 -10.02 22.49 76.42
C MET H 37 -10.91 21.59 77.25
N ARG H 38 -11.35 22.09 78.38
CA ARG H 38 -12.22 21.31 79.25
C ARG H 38 -13.35 20.64 78.48
N SER H 39 -14.03 21.43 77.65
CA SER H 39 -15.14 20.94 76.83
C SER H 39 -14.68 19.76 76.02
N LEU H 40 -13.43 19.79 75.62
CA LEU H 40 -12.87 18.71 74.83
C LEU H 40 -12.46 17.56 75.74
N GLY H 41 -12.69 17.74 77.04
CA GLY H 41 -12.39 16.69 77.99
C GLY H 41 -10.97 16.73 78.49
N GLN H 42 -10.53 17.92 78.87
CA GLN H 42 -9.18 18.05 79.37
C GLN H 42 -9.20 19.22 80.33
N ASN H 43 -8.42 19.17 81.40
CA ASN H 43 -8.40 20.30 82.32
C ASN H 43 -7.03 20.56 82.88
N PRO H 44 -6.32 21.52 82.28
CA PRO H 44 -4.97 21.89 82.71
C PRO H 44 -5.09 22.67 84.01
N THR H 45 -4.08 22.55 84.85
CA THR H 45 -4.11 23.25 86.12
C THR H 45 -4.22 24.74 85.90
N GLU H 46 -4.81 25.40 86.88
CA GLU H 46 -5.00 26.84 86.86
C GLU H 46 -3.67 27.54 86.51
N ALA H 47 -2.56 26.87 86.76
CA ALA H 47 -1.24 27.43 86.48
C ALA H 47 -0.57 26.79 85.26
N GLU H 48 -0.90 25.52 85.00
CA GLU H 48 -0.32 24.80 83.86
C GLU H 48 -0.92 25.31 82.54
N LEU H 49 -2.04 26.02 82.67
CA LEU H 49 -2.76 26.57 81.52
C LEU H 49 -2.04 27.77 80.90
N GLN H 50 -1.08 28.33 81.63
CA GLN H 50 -0.32 29.47 81.15
C GLN H 50 0.96 29.11 80.40
N ASP H 51 1.79 28.26 80.99
CA ASP H 51 3.04 27.84 80.36
C ASP H 51 2.92 27.62 78.86
N MET H 52 1.75 27.19 78.40
CA MET H 52 1.51 26.93 76.98
C MET H 52 1.15 28.21 76.23
N ILE H 53 0.24 28.98 76.84
CA ILE H 53 -0.23 30.24 76.27
C ILE H 53 0.86 31.30 76.45
N ASN H 54 1.70 31.07 77.44
CA ASN H 54 2.81 31.96 77.76
C ASN H 54 4.02 31.62 76.89
N GLU H 55 3.91 30.54 76.12
CA GLU H 55 5.01 30.11 75.27
C GLU H 55 5.00 30.76 73.89
N VAL H 56 4.19 31.80 73.74
CA VAL H 56 4.06 32.51 72.47
C VAL H 56 3.43 33.90 72.66
N ASP H 57 4.18 34.81 73.25
CA ASP H 57 3.71 36.18 73.53
C ASP H 57 3.81 37.16 72.36
N ALA H 58 3.02 36.93 71.33
CA ALA H 58 3.01 37.79 70.16
C ALA H 58 1.64 38.44 69.97
N ASP H 59 0.88 38.54 71.06
CA ASP H 59 -0.46 39.14 71.06
C ASP H 59 -0.48 40.19 72.17
N GLY H 60 -1.68 40.50 72.68
CA GLY H 60 -1.79 41.42 73.80
C GLY H 60 -1.23 40.65 74.98
N ASN H 61 -0.18 39.86 74.68
CA ASN H 61 0.53 38.99 75.62
C ASN H 61 -0.57 38.28 76.40
N GLY H 62 -1.64 37.92 75.68
CA GLY H 62 -2.74 37.28 76.35
C GLY H 62 -3.56 36.25 75.59
N THR H 63 -3.48 36.19 74.26
CA THR H 63 -4.31 35.19 73.57
C THR H 63 -3.57 34.33 72.60
N ILE H 64 -4.27 33.34 72.04
CA ILE H 64 -3.66 32.45 71.07
C ILE H 64 -4.62 32.28 69.87
N ASP H 65 -4.08 32.42 68.66
CA ASP H 65 -4.87 32.29 67.44
C ASP H 65 -5.31 30.85 67.18
N PHE H 66 -5.83 30.59 65.99
CA PHE H 66 -6.27 29.24 65.68
C PHE H 66 -5.01 28.35 65.68
N PRO H 67 -3.99 28.69 64.86
CA PRO H 67 -2.73 27.92 64.79
C PRO H 67 -1.98 27.87 66.11
N GLU H 68 -1.87 29.02 66.77
CA GLU H 68 -1.21 29.10 68.07
C GLU H 68 -1.62 27.90 68.92
N PHE H 69 -2.91 27.59 68.81
CA PHE H 69 -3.58 26.50 69.52
C PHE H 69 -3.35 25.21 68.78
N LEU H 70 -3.81 25.15 67.55
CA LEU H 70 -3.67 23.94 66.77
C LEU H 70 -2.30 23.35 66.91
N THR H 71 -1.28 24.20 67.01
CA THR H 71 0.09 23.72 67.12
C THR H 71 0.50 23.32 68.52
N MET H 72 0.05 24.07 69.52
CA MET H 72 0.36 23.79 70.90
C MET H 72 -0.29 22.48 71.41
N MET H 73 -1.10 21.85 70.56
CA MET H 73 -1.74 20.60 70.93
C MET H 73 -0.90 19.44 70.43
N ALA H 74 0.25 19.30 71.08
CA ALA H 74 1.21 18.27 70.78
C ALA H 74 1.92 18.05 72.11
N ARG H 75 2.42 19.14 72.69
CA ARG H 75 3.11 19.09 74.00
C ARG H 75 2.42 18.07 74.91
N LYS H 76 1.09 18.07 74.86
CA LYS H 76 0.29 17.13 75.62
C LYS H 76 -0.73 16.66 74.60
N MET H 77 -0.28 15.79 73.70
CA MET H 77 -1.16 15.29 72.64
C MET H 77 -0.44 14.30 71.73
N LYS H 78 0.50 14.82 70.95
CA LYS H 78 1.31 14.04 69.99
C LYS H 78 1.88 12.72 70.52
N ASP H 79 1.93 12.59 71.85
CA ASP H 79 2.50 11.39 72.48
C ASP H 79 1.49 10.44 73.16
N THR H 80 0.27 10.92 73.41
CA THR H 80 -0.74 10.09 74.09
C THR H 80 -1.79 9.39 73.22
N ASP H 81 -2.09 8.14 73.58
CA ASP H 81 -3.09 7.27 72.93
C ASP H 81 -3.65 6.31 73.98
N SER H 82 -4.02 6.87 75.13
CA SER H 82 -4.54 6.10 76.25
C SER H 82 -6.06 6.01 76.26
N GLU H 83 -6.72 7.04 75.76
CA GLU H 83 -8.16 7.05 75.71
C GLU H 83 -8.70 5.69 75.29
N GLU H 84 -7.93 4.97 74.49
CA GLU H 84 -8.37 3.67 73.99
C GLU H 84 -8.18 2.51 74.97
N GLU H 85 -7.02 2.48 75.64
CA GLU H 85 -6.70 1.46 76.63
C GLU H 85 -7.72 1.47 77.75
N ILE H 86 -7.98 2.68 78.26
CA ILE H 86 -8.92 2.94 79.33
C ILE H 86 -10.29 2.42 78.98
N ARG H 87 -10.65 2.51 77.70
CA ARG H 87 -11.93 2.01 77.23
C ARG H 87 -11.98 0.48 77.25
N GLU H 88 -10.82 -0.15 77.16
CA GLU H 88 -10.73 -1.60 77.17
C GLU H 88 -10.68 -2.05 78.64
N ALA H 89 -10.08 -1.22 79.48
CA ALA H 89 -10.02 -1.46 80.91
C ALA H 89 -11.47 -1.59 81.30
N PHE H 90 -12.26 -0.56 80.98
CA PHE H 90 -13.67 -0.55 81.26
C PHE H 90 -14.35 -1.83 80.78
N ARG H 91 -14.19 -2.15 79.52
CA ARG H 91 -14.81 -3.35 78.98
C ARG H 91 -14.58 -4.61 79.84
N VAL H 92 -13.41 -4.66 80.49
CA VAL H 92 -12.98 -5.78 81.35
C VAL H 92 -13.84 -5.85 82.61
N PHE H 93 -13.83 -4.78 83.41
CA PHE H 93 -14.65 -4.75 84.61
C PHE H 93 -16.09 -5.04 84.26
N ASP H 94 -16.60 -4.42 83.22
CA ASP H 94 -17.98 -4.66 82.81
C ASP H 94 -18.13 -6.13 82.43
N LYS H 95 -17.94 -6.99 83.42
CA LYS H 95 -18.02 -8.43 83.24
C LYS H 95 -19.19 -8.98 82.46
N ASP H 96 -20.39 -8.42 82.65
CA ASP H 96 -21.59 -8.94 81.99
C ASP H 96 -22.02 -8.36 80.67
N GLY H 97 -21.43 -7.23 80.29
CA GLY H 97 -21.76 -6.61 79.01
C GLY H 97 -23.01 -5.74 78.95
N ASN H 98 -23.36 -5.16 80.08
CA ASN H 98 -24.50 -4.26 80.19
C ASN H 98 -24.09 -2.83 79.84
N GLY H 99 -22.80 -2.54 79.86
CA GLY H 99 -22.36 -1.20 79.55
C GLY H 99 -22.17 -0.42 80.83
N TYR H 100 -22.31 -1.09 81.96
CA TYR H 100 -22.16 -0.46 83.26
C TYR H 100 -21.25 -1.26 84.15
N ILE H 101 -20.73 -0.64 85.21
CA ILE H 101 -19.87 -1.38 86.10
C ILE H 101 -20.45 -1.45 87.48
N SER H 102 -21.07 -2.57 87.82
CA SER H 102 -21.64 -2.76 89.15
C SER H 102 -20.58 -3.06 90.22
N ALA H 103 -20.83 -2.60 91.45
CA ALA H 103 -19.91 -2.80 92.58
C ALA H 103 -19.64 -4.27 92.73
N ALA H 104 -20.62 -5.05 92.30
CA ALA H 104 -20.48 -6.49 92.32
C ALA H 104 -19.17 -6.76 91.55
N GLU H 105 -19.23 -6.56 90.23
CA GLU H 105 -18.10 -6.80 89.34
C GLU H 105 -16.85 -5.99 89.63
N LEU H 106 -16.99 -4.85 90.31
CA LEU H 106 -15.78 -4.11 90.64
C LEU H 106 -14.96 -5.04 91.55
N ARG H 107 -15.57 -5.38 92.69
CA ARG H 107 -14.96 -6.23 93.70
C ARG H 107 -14.46 -7.52 93.10
N HIS H 108 -15.17 -7.96 92.08
CA HIS H 108 -14.80 -9.21 91.44
C HIS H 108 -13.46 -9.10 90.76
N VAL H 109 -13.42 -8.41 89.65
CA VAL H 109 -12.15 -8.26 88.95
C VAL H 109 -11.08 -7.74 89.90
N MET H 110 -11.52 -6.96 90.88
CA MET H 110 -10.60 -6.39 91.86
C MET H 110 -9.84 -7.46 92.63
N THR H 111 -10.46 -8.61 92.85
CA THR H 111 -9.81 -9.68 93.62
C THR H 111 -8.86 -10.56 92.81
N ASN H 112 -9.29 -11.00 91.62
CA ASN H 112 -8.44 -11.83 90.76
C ASN H 112 -7.08 -11.15 90.57
N LEU H 113 -7.11 -9.83 90.47
CA LEU H 113 -5.89 -9.07 90.30
C LEU H 113 -5.19 -9.03 91.66
N GLY H 114 -5.62 -9.93 92.53
CA GLY H 114 -5.05 -10.07 93.87
C GLY H 114 -5.39 -9.10 94.99
N GLU H 115 -6.44 -8.30 94.84
CA GLU H 115 -6.77 -7.35 95.90
C GLU H 115 -8.05 -7.67 96.66
N LYS H 116 -7.93 -7.76 97.98
CA LYS H 116 -9.10 -8.04 98.80
C LYS H 116 -9.78 -6.75 99.20
N LEU H 117 -10.93 -6.51 98.60
CA LEU H 117 -11.69 -5.31 98.88
C LEU H 117 -12.83 -5.64 99.80
N THR H 118 -13.05 -4.76 100.77
CA THR H 118 -14.11 -4.97 101.72
C THR H 118 -15.44 -4.59 101.13
N ASP H 119 -16.39 -5.50 101.16
CA ASP H 119 -17.72 -5.25 100.61
C ASP H 119 -18.15 -3.81 100.87
N GLU H 120 -17.51 -3.20 101.87
CA GLU H 120 -17.82 -1.84 102.28
C GLU H 120 -17.09 -0.79 101.44
N GLU H 121 -15.79 -0.98 101.28
CA GLU H 121 -14.96 -0.06 100.50
C GLU H 121 -15.11 -0.17 98.99
N VAL H 122 -16.05 -1.00 98.53
CA VAL H 122 -16.30 -1.14 97.11
C VAL H 122 -17.51 -0.27 96.81
N ASP H 123 -18.63 -0.57 97.45
CA ASP H 123 -19.85 0.21 97.26
C ASP H 123 -19.45 1.66 97.48
N GLN H 124 -18.25 1.81 98.05
CA GLN H 124 -17.69 3.11 98.35
C GLN H 124 -17.08 3.71 97.08
N MET H 125 -16.20 2.96 96.43
CA MET H 125 -15.58 3.44 95.19
C MET H 125 -16.73 3.69 94.21
N ILE H 126 -17.49 2.65 93.90
CA ILE H 126 -18.62 2.80 92.98
C ILE H 126 -19.38 4.09 93.21
N ARG H 127 -19.54 4.50 94.47
CA ARG H 127 -20.29 5.71 94.77
C ARG H 127 -19.53 6.96 94.33
N GLU H 128 -18.29 7.10 94.83
CA GLU H 128 -17.45 8.25 94.51
C GLU H 128 -17.12 8.34 93.01
N ALA H 129 -17.51 7.31 92.26
CA ALA H 129 -17.23 7.25 90.82
C ALA H 129 -18.49 7.50 90.05
N ASP H 130 -19.61 7.33 90.72
CA ASP H 130 -20.90 7.57 90.08
C ASP H 130 -21.23 9.03 90.27
N ILE H 131 -21.33 9.72 89.15
CA ILE H 131 -21.59 11.13 89.11
C ILE H 131 -23.07 11.44 89.02
N ASP H 132 -23.79 10.67 88.20
CA ASP H 132 -25.22 10.89 88.01
C ASP H 132 -26.10 10.15 89.03
N GLY H 133 -25.47 9.52 90.01
CA GLY H 133 -26.21 8.83 91.05
C GLY H 133 -27.04 7.59 90.75
N ASP H 134 -26.83 6.88 89.64
CA ASP H 134 -27.63 5.69 89.43
C ASP H 134 -26.97 4.44 90.03
N GLY H 135 -26.07 4.66 90.99
CA GLY H 135 -25.40 3.55 91.65
C GLY H 135 -24.33 2.78 90.88
N GLN H 136 -24.33 2.92 89.55
CA GLN H 136 -23.35 2.25 88.70
C GLN H 136 -22.47 3.24 87.94
N VAL H 137 -21.33 2.77 87.46
CA VAL H 137 -20.44 3.61 86.65
C VAL H 137 -20.50 3.17 85.18
N ASN H 138 -20.67 4.15 84.29
CA ASN H 138 -20.73 3.93 82.83
C ASN H 138 -19.38 4.33 82.22
N TYR H 139 -19.19 4.04 80.94
CA TYR H 139 -17.91 4.38 80.33
C TYR H 139 -17.56 5.83 80.66
N GLU H 140 -18.51 6.73 80.41
CA GLU H 140 -18.34 8.14 80.69
C GLU H 140 -17.75 8.42 82.07
N GLU H 141 -18.50 8.16 83.14
CA GLU H 141 -17.96 8.44 84.47
C GLU H 141 -16.66 7.71 84.70
N PHE H 142 -16.55 6.51 84.12
CA PHE H 142 -15.35 5.70 84.25
C PHE H 142 -14.19 6.50 83.72
N VAL H 143 -14.36 7.02 82.51
CA VAL H 143 -13.35 7.83 81.81
C VAL H 143 -12.84 8.96 82.68
N GLN H 144 -13.77 9.64 83.33
CA GLN H 144 -13.48 10.75 84.22
C GLN H 144 -12.61 10.31 85.38
N MET H 145 -13.11 9.32 86.11
CA MET H 145 -12.41 8.76 87.25
C MET H 145 -10.97 8.45 86.91
N MET H 146 -10.81 7.78 85.77
CA MET H 146 -9.52 7.34 85.30
C MET H 146 -8.59 8.49 84.98
N THR H 147 -8.88 9.18 83.88
CA THR H 147 -8.06 10.30 83.45
C THR H 147 -7.94 11.42 84.48
N ALA H 148 -9.04 12.11 84.78
CA ALA H 148 -8.97 13.19 85.76
C ALA H 148 -8.02 12.79 86.90
N LYS H 149 -7.00 13.61 87.09
CA LYS H 149 -5.98 13.40 88.13
C LYS H 149 -6.22 14.21 89.43
N GLN I 4 -38.45 54.63 22.39
CA GLN I 4 -37.86 54.14 21.11
C GLN I 4 -38.85 53.27 20.33
N LEU I 5 -39.87 53.91 19.74
CA LEU I 5 -40.89 53.21 18.97
C LEU I 5 -40.32 52.25 17.90
N THR I 6 -40.89 51.05 17.78
CA THR I 6 -40.42 50.11 16.78
C THR I 6 -40.70 50.66 15.38
N GLU I 7 -39.88 50.25 14.42
CA GLU I 7 -40.05 50.72 13.06
C GLU I 7 -41.51 50.53 12.63
N GLU I 8 -42.05 49.33 12.85
CA GLU I 8 -43.43 49.05 12.49
C GLU I 8 -44.34 50.05 13.21
N GLN I 9 -43.99 50.34 14.45
CA GLN I 9 -44.75 51.27 15.24
C GLN I 9 -44.55 52.64 14.64
N ILE I 10 -43.60 52.76 13.73
CA ILE I 10 -43.34 54.04 13.09
C ILE I 10 -44.17 54.11 11.80
N ALA I 11 -44.12 53.04 11.01
CA ALA I 11 -44.86 52.98 9.75
C ALA I 11 -46.29 53.44 9.96
N GLU I 12 -46.91 52.93 11.02
CA GLU I 12 -48.29 53.27 11.39
C GLU I 12 -48.50 54.74 11.59
N PHE I 13 -47.75 55.34 12.52
CA PHE I 13 -47.90 56.76 12.78
C PHE I 13 -47.80 57.56 11.50
N LYS I 14 -46.93 57.15 10.58
CA LYS I 14 -46.85 57.89 9.33
C LYS I 14 -48.01 57.49 8.39
N GLU I 15 -48.36 56.21 8.36
CA GLU I 15 -49.45 55.76 7.50
C GLU I 15 -50.75 56.40 7.87
N ALA I 16 -50.83 56.95 9.08
CA ALA I 16 -52.03 57.61 9.57
C ALA I 16 -51.86 59.12 9.64
N PHE I 17 -50.65 59.55 9.94
CA PHE I 17 -50.32 60.97 10.00
C PHE I 17 -50.52 61.59 8.64
N SER I 18 -50.07 60.86 7.63
CA SER I 18 -50.14 61.32 6.27
C SER I 18 -51.47 61.06 5.62
N LEU I 19 -52.35 60.31 6.27
CA LEU I 19 -53.64 60.03 5.67
C LEU I 19 -54.55 61.24 5.86
N PHE I 20 -54.29 61.99 6.92
CA PHE I 20 -55.08 63.13 7.24
C PHE I 20 -54.33 64.42 7.00
N ASP I 21 -53.25 64.32 6.23
CA ASP I 21 -52.44 65.47 5.84
C ASP I 21 -53.14 65.85 4.53
N LYS I 22 -54.17 66.68 4.60
CA LYS I 22 -54.92 67.00 3.40
C LYS I 22 -54.11 67.66 2.27
N ASP I 23 -53.54 68.82 2.56
CA ASP I 23 -52.74 69.56 1.58
C ASP I 23 -51.42 68.83 1.25
N GLY I 24 -51.41 67.52 1.40
CA GLY I 24 -50.24 66.74 1.09
C GLY I 24 -48.79 67.15 1.35
N ASP I 25 -48.48 68.10 2.24
CA ASP I 25 -47.07 68.39 2.45
C ASP I 25 -46.45 67.43 3.45
N GLY I 26 -46.36 67.85 4.70
CA GLY I 26 -45.80 66.98 5.70
C GLY I 26 -45.93 67.60 7.07
N THR I 27 -46.89 68.50 7.20
CA THR I 27 -47.14 69.16 8.46
C THR I 27 -48.64 69.10 8.62
N ILE I 28 -49.14 68.80 9.82
CA ILE I 28 -50.58 68.75 10.01
C ILE I 28 -51.11 69.78 10.99
N THR I 29 -52.28 70.32 10.67
CA THR I 29 -52.93 71.34 11.47
C THR I 29 -53.36 70.76 12.80
N THR I 30 -53.67 71.64 13.74
CA THR I 30 -54.09 71.19 15.05
C THR I 30 -55.22 70.18 14.96
N LYS I 31 -56.37 70.64 14.47
CA LYS I 31 -57.54 69.79 14.33
C LYS I 31 -57.16 68.49 13.62
N GLU I 32 -56.18 68.59 12.72
CA GLU I 32 -55.72 67.43 11.98
C GLU I 32 -55.00 66.46 12.89
N LEU I 33 -54.21 67.00 13.82
CA LEU I 33 -53.45 66.17 14.78
C LEU I 33 -54.41 65.40 15.68
N GLY I 34 -55.50 66.07 16.05
CA GLY I 34 -56.52 65.46 16.87
C GLY I 34 -57.12 64.31 16.07
N THR I 35 -57.37 64.55 14.79
CA THR I 35 -57.94 63.54 13.93
C THR I 35 -57.02 62.35 13.76
N VAL I 36 -55.78 62.63 13.39
CA VAL I 36 -54.80 61.58 13.18
C VAL I 36 -54.78 60.64 14.36
N MET I 37 -54.68 61.20 15.56
CA MET I 37 -54.63 60.43 16.80
C MET I 37 -55.85 59.57 17.09
N ARG I 38 -57.01 60.20 17.13
CA ARG I 38 -58.24 59.48 17.39
C ARG I 38 -58.32 58.21 16.55
N SER I 39 -58.10 58.36 15.24
CA SER I 39 -58.15 57.25 14.30
C SER I 39 -57.24 56.13 14.78
N LEU I 40 -56.15 56.52 15.42
CA LEU I 40 -55.22 55.54 15.94
C LEU I 40 -55.71 55.01 17.28
N GLY I 41 -56.86 55.50 17.71
CA GLY I 41 -57.46 55.04 18.95
C GLY I 41 -56.97 55.78 20.16
N GLN I 42 -56.96 57.09 20.07
CA GLN I 42 -56.53 57.92 21.18
C GLN I 42 -57.28 59.23 21.08
N ASN I 43 -57.63 59.84 22.20
CA ASN I 43 -58.32 61.12 22.11
C ASN I 43 -57.91 62.06 23.21
N PRO I 44 -56.98 62.97 22.90
CA PRO I 44 -56.49 63.94 23.86
C PRO I 44 -57.55 65.00 24.06
N THR I 45 -57.60 65.55 25.26
CA THR I 45 -58.61 66.56 25.54
C THR I 45 -58.46 67.73 24.59
N GLU I 46 -59.59 68.40 24.36
CA GLU I 46 -59.66 69.56 23.48
C GLU I 46 -58.55 70.55 23.85
N ALA I 47 -58.08 70.49 25.09
CA ALA I 47 -57.03 71.41 25.56
C ALA I 47 -55.68 70.71 25.71
N GLU I 48 -55.70 69.41 25.99
CA GLU I 48 -54.47 68.64 26.16
C GLU I 48 -53.80 68.40 24.80
N LEU I 49 -54.57 68.62 23.73
CA LEU I 49 -54.10 68.45 22.37
C LEU I 49 -53.14 69.54 21.93
N GLN I 50 -53.11 70.65 22.68
CA GLN I 50 -52.24 71.78 22.37
C GLN I 50 -50.86 71.71 23.04
N ASP I 51 -50.84 71.50 24.34
CA ASP I 51 -49.58 71.43 25.08
C ASP I 51 -48.46 70.70 24.32
N MET I 52 -48.85 69.72 23.50
CA MET I 52 -47.88 68.94 22.73
C MET I 52 -47.48 69.65 21.44
N ILE I 53 -48.50 70.16 20.74
CA ILE I 53 -48.33 70.88 19.48
C ILE I 53 -47.76 72.27 19.78
N ASN I 54 -48.03 72.73 21.00
CA ASN I 54 -47.60 74.03 21.47
C ASN I 54 -46.17 73.92 22.01
N GLU I 55 -45.65 72.70 22.08
CA GLU I 55 -44.31 72.47 22.60
C GLU I 55 -43.21 72.57 21.55
N VAL I 56 -43.57 73.10 20.39
CA VAL I 56 -42.64 73.25 19.28
C VAL I 56 -43.16 74.25 18.23
N ASP I 57 -43.14 75.54 18.60
CA ASP I 57 -43.61 76.62 17.73
C ASP I 57 -42.61 77.12 16.68
N ALA I 58 -42.29 76.27 15.72
CA ALA I 58 -41.34 76.63 14.66
C ALA I 58 -42.02 76.59 13.30
N ASP I 59 -43.36 76.73 13.31
CA ASP I 59 -44.18 76.73 12.08
C ASP I 59 -45.05 77.99 12.11
N GLY I 60 -46.18 77.96 11.40
CA GLY I 60 -47.10 79.08 11.43
C GLY I 60 -47.70 79.02 12.83
N ASN I 61 -46.83 78.66 13.79
CA ASN I 61 -47.16 78.49 15.21
C ASN I 61 -48.46 77.70 15.23
N GLY I 62 -48.57 76.74 14.30
CA GLY I 62 -49.78 75.97 14.22
C GLY I 62 -49.72 74.52 13.79
N THR I 63 -48.63 74.08 13.19
CA THR I 63 -48.61 72.68 12.77
C THR I 63 -47.40 71.89 13.21
N ILE I 64 -47.42 70.59 12.94
CA ILE I 64 -46.29 69.72 13.29
C ILE I 64 -45.94 68.83 12.10
N ASP I 65 -44.65 68.75 11.79
CA ASP I 65 -44.18 67.94 10.66
C ASP I 65 -44.28 66.45 10.96
N PHE I 66 -43.67 65.63 10.11
CA PHE I 66 -43.73 64.18 10.33
C PHE I 66 -42.98 63.91 11.65
N PRO I 67 -41.69 64.34 11.76
CA PRO I 67 -40.88 64.14 12.97
C PRO I 67 -41.46 64.82 14.18
N GLU I 68 -41.88 66.07 14.01
CA GLU I 68 -42.50 66.84 15.10
C GLU I 68 -43.44 65.91 15.88
N PHE I 69 -44.16 65.10 15.10
CA PHE I 69 -45.14 64.14 15.57
C PHE I 69 -44.45 62.87 16.01
N LEU I 70 -43.77 62.23 15.07
CA LEU I 70 -43.10 61.00 15.37
C LEU I 70 -42.37 61.07 16.70
N THR I 71 -41.80 62.22 17.01
CA THR I 71 -41.05 62.39 18.25
C THR I 71 -41.91 62.66 19.46
N MET I 72 -42.95 63.45 19.28
CA MET I 72 -43.85 63.78 20.38
C MET I 72 -44.69 62.58 20.85
N MET I 73 -44.54 61.44 20.18
CA MET I 73 -45.26 60.23 20.56
C MET I 73 -44.36 59.41 21.46
N ALA I 74 -44.17 59.94 22.66
CA ALA I 74 -43.35 59.33 23.69
C ALA I 74 -43.96 59.84 24.99
N ARG I 75 -44.11 61.17 25.08
CA ARG I 75 -44.70 61.83 26.26
C ARG I 75 -45.87 60.99 26.77
N LYS I 76 -46.65 60.45 25.84
CA LYS I 76 -47.76 59.58 26.17
C LYS I 76 -47.59 58.44 25.18
N MET I 77 -46.63 57.57 25.45
CA MET I 77 -46.35 56.45 24.56
C MET I 77 -45.20 55.57 25.08
N LYS I 78 -43.99 56.14 25.05
CA LYS I 78 -42.76 55.47 25.49
C LYS I 78 -42.85 54.73 26.83
N ASP I 79 -43.87 55.07 27.63
CA ASP I 79 -44.04 54.47 28.96
C ASP I 79 -45.21 53.48 29.11
N THR I 80 -46.15 53.49 28.16
CA THR I 80 -47.32 52.62 28.25
C THR I 80 -47.30 51.32 27.44
N ASP I 81 -47.80 50.24 28.06
CA ASP I 81 -47.92 48.90 27.47
C ASP I 81 -49.11 48.19 28.13
N SER I 82 -50.23 48.90 28.18
CA SER I 82 -51.46 48.41 28.80
C SER I 82 -52.41 47.75 27.82
N GLU I 83 -52.39 48.21 26.57
CA GLU I 83 -53.24 47.64 25.55
C GLU I 83 -53.28 46.12 25.66
N GLU I 84 -52.19 45.54 26.13
CA GLU I 84 -52.08 44.08 26.25
C GLU I 84 -52.77 43.49 27.49
N GLU I 85 -52.58 44.13 28.63
CA GLU I 85 -53.17 43.69 29.89
C GLU I 85 -54.69 43.67 29.76
N ILE I 86 -55.23 44.78 29.24
CA ILE I 86 -56.64 44.98 29.02
C ILE I 86 -57.22 43.89 28.15
N ARG I 87 -56.44 43.42 27.20
CA ARG I 87 -56.87 42.34 26.33
C ARG I 87 -56.95 41.00 27.08
N GLU I 88 -56.17 40.88 28.14
CA GLU I 88 -56.15 39.67 28.96
C GLU I 88 -57.29 39.76 29.98
N ALA I 89 -57.57 41.00 30.41
CA ALA I 89 -58.66 41.29 31.34
C ALA I 89 -59.86 40.73 30.60
N PHE I 90 -60.07 41.22 29.38
CA PHE I 90 -61.17 40.76 28.56
C PHE I 90 -61.23 39.24 28.50
N ARG I 91 -60.14 38.62 28.09
CA ARG I 91 -60.14 37.17 28.00
C ARG I 91 -60.70 36.47 29.26
N VAL I 92 -60.50 37.09 30.42
CA VAL I 92 -60.93 36.58 31.73
C VAL I 92 -62.43 36.60 31.84
N PHE I 93 -63.04 37.78 31.73
CA PHE I 93 -64.48 37.87 31.78
C PHE I 93 -65.11 36.94 30.76
N ASP I 94 -64.57 36.94 29.54
CA ASP I 94 -65.11 36.06 28.51
C ASP I 94 -64.94 34.61 28.96
N LYS I 95 -65.62 34.28 30.04
CA LYS I 95 -65.56 32.95 30.62
C LYS I 95 -65.69 31.76 29.69
N ASP I 96 -66.56 31.85 28.69
CA ASP I 96 -66.80 30.71 27.79
C ASP I 96 -66.00 30.61 26.51
N GLY I 97 -65.31 31.68 26.14
CA GLY I 97 -64.50 31.66 24.94
C GLY I 97 -65.20 31.90 23.60
N ASN I 98 -66.31 32.64 23.64
CA ASN I 98 -67.07 32.99 22.47
C ASN I 98 -66.52 34.28 21.83
N GLY I 99 -65.74 35.04 22.58
CA GLY I 99 -65.20 36.26 22.03
C GLY I 99 -66.07 37.43 22.42
N TYR I 100 -67.05 37.15 23.28
CA TYR I 100 -67.98 38.17 23.75
C TYR I 100 -68.14 38.13 25.25
N ILE I 101 -68.63 39.20 25.84
CA ILE I 101 -68.80 39.20 27.28
C ILE I 101 -70.25 39.37 27.63
N SER I 102 -70.93 38.28 27.96
CA SER I 102 -72.33 38.35 28.34
C SER I 102 -72.52 38.85 29.79
N ALA I 103 -73.63 39.56 30.02
CA ALA I 103 -73.97 40.12 31.34
C ALA I 103 -73.95 39.00 32.35
N ALA I 104 -74.23 37.80 31.85
CA ALA I 104 -74.18 36.64 32.70
C ALA I 104 -72.78 36.65 33.33
N GLU I 105 -71.78 36.36 32.49
CA GLU I 105 -70.39 36.31 32.93
C GLU I 105 -69.83 37.59 33.52
N LEU I 106 -70.42 38.73 33.20
CA LEU I 106 -69.92 39.96 33.83
C LEU I 106 -70.16 39.78 35.33
N ARG I 107 -71.43 39.63 35.69
CA ARG I 107 -71.88 39.45 37.06
C ARG I 107 -71.11 38.35 37.74
N HIS I 108 -70.76 37.34 36.96
CA HIS I 108 -70.06 36.21 37.51
C HIS I 108 -68.70 36.61 38.01
N VAL I 109 -67.77 36.84 37.11
CA VAL I 109 -66.45 37.23 37.52
C VAL I 109 -66.54 38.41 38.49
N MET I 110 -67.56 39.23 38.31
CA MET I 110 -67.74 40.40 39.16
C MET I 110 -67.91 40.03 40.63
N THR I 111 -68.48 38.87 40.90
CA THR I 111 -68.70 38.46 42.28
C THR I 111 -67.49 37.81 42.95
N ASN I 112 -66.83 36.88 42.28
CA ASN I 112 -65.65 36.21 42.84
C ASN I 112 -64.65 37.25 43.33
N LEU I 113 -64.56 38.34 42.58
CA LEU I 113 -63.66 39.43 42.93
C LEU I 113 -64.30 40.18 44.10
N GLY I 114 -65.27 39.53 44.73
CA GLY I 114 -65.97 40.06 45.88
C GLY I 114 -67.05 41.12 45.74
N GLU I 115 -67.56 41.36 44.54
CA GLU I 115 -68.58 42.39 44.38
C GLU I 115 -69.97 41.87 44.07
N LYS I 116 -70.95 42.27 44.88
CA LYS I 116 -72.31 41.85 44.65
C LYS I 116 -73.02 42.82 43.74
N LEU I 117 -73.24 42.38 42.52
CA LEU I 117 -73.91 43.21 41.54
C LEU I 117 -75.35 42.78 41.40
N THR I 118 -76.23 43.76 41.32
CA THR I 118 -77.64 43.49 41.20
C THR I 118 -77.98 43.11 39.78
N ASP I 119 -78.61 41.95 39.61
CA ASP I 119 -78.99 41.48 38.29
C ASP I 119 -79.43 42.64 37.40
N GLU I 120 -79.81 43.73 38.05
CA GLU I 120 -80.30 44.92 37.36
C GLU I 120 -79.18 45.84 36.88
N GLU I 121 -78.23 46.11 37.78
CA GLU I 121 -77.10 46.99 37.48
C GLU I 121 -76.00 46.33 36.63
N VAL I 122 -76.23 45.10 36.17
CA VAL I 122 -75.27 44.42 35.34
C VAL I 122 -75.77 44.62 33.91
N ASP I 123 -76.97 44.11 33.63
CA ASP I 123 -77.55 44.26 32.29
C ASP I 123 -77.45 45.73 31.96
N GLN I 124 -77.16 46.52 32.99
CA GLN I 124 -77.02 47.94 32.88
C GLN I 124 -75.64 48.28 32.33
N MET I 125 -74.59 47.78 32.97
CA MET I 125 -73.23 48.03 32.50
C MET I 125 -73.16 47.47 31.07
N ILE I 126 -73.41 46.18 30.91
CA ILE I 126 -73.38 45.57 29.59
C ILE I 126 -74.00 46.45 28.52
N ARG I 127 -75.08 47.14 28.86
CA ARG I 127 -75.75 48.00 27.89
C ARG I 127 -74.92 49.23 27.56
N GLU I 128 -74.55 49.99 28.59
CA GLU I 128 -73.76 51.20 28.41
C GLU I 128 -72.36 50.92 27.82
N ALA I 129 -72.03 49.63 27.68
CA ALA I 129 -70.72 49.21 27.15
C ALA I 129 -70.88 48.69 25.76
N ASP I 130 -72.11 48.33 25.42
CA ASP I 130 -72.40 47.83 24.09
C ASP I 130 -72.72 49.03 23.21
N ILE I 131 -71.89 49.21 22.21
CA ILE I 131 -72.00 50.31 21.28
C ILE I 131 -72.82 49.97 20.08
N ASP I 132 -72.65 48.75 19.55
CA ASP I 132 -73.37 48.32 18.35
C ASP I 132 -74.72 47.67 18.66
N GLY I 133 -75.11 47.69 19.93
CA GLY I 133 -76.40 47.14 20.32
C GLY I 133 -76.71 45.66 20.23
N ASP I 134 -75.71 44.77 20.16
CA ASP I 134 -76.07 43.36 20.10
C ASP I 134 -76.16 42.74 21.50
N GLY I 135 -76.35 43.59 22.50
CA GLY I 135 -76.49 43.11 23.87
C GLY I 135 -75.24 42.63 24.60
N GLN I 136 -74.20 42.31 23.83
CA GLN I 136 -72.92 41.84 24.40
C GLN I 136 -71.78 42.79 24.08
N VAL I 137 -70.69 42.67 24.86
CA VAL I 137 -69.50 43.48 24.61
C VAL I 137 -68.39 42.60 24.03
N ASN I 138 -67.76 43.08 22.95
CA ASN I 138 -66.66 42.38 22.27
C ASN I 138 -65.34 43.05 22.67
N TYR I 139 -64.21 42.45 22.28
CA TYR I 139 -62.94 43.05 22.66
C TYR I 139 -62.96 44.54 22.34
N GLU I 140 -63.33 44.88 21.11
CA GLU I 140 -63.42 46.26 20.65
C GLU I 140 -64.14 47.16 21.63
N GLU I 141 -65.46 47.00 21.79
CA GLU I 141 -66.16 47.88 22.72
C GLU I 141 -65.54 47.83 24.10
N PHE I 142 -65.05 46.66 24.49
CA PHE I 142 -64.43 46.47 25.80
C PHE I 142 -63.29 47.45 25.91
N VAL I 143 -62.43 47.44 24.88
CA VAL I 143 -61.25 48.30 24.79
C VAL I 143 -61.59 49.75 25.02
N GLN I 144 -62.66 50.19 24.38
CA GLN I 144 -63.15 51.54 24.47
C GLN I 144 -63.54 51.87 25.91
N MET I 145 -64.43 51.07 26.45
CA MET I 145 -64.92 51.23 27.81
C MET I 145 -63.76 51.40 28.78
N MET I 146 -62.78 50.52 28.64
CA MET I 146 -61.62 50.50 29.49
C MET I 146 -60.77 51.74 29.37
N THR I 147 -60.08 51.87 28.25
CA THR I 147 -59.21 53.01 28.01
C THR I 147 -59.94 54.36 28.07
N ALA I 148 -60.82 54.63 27.12
CA ALA I 148 -61.53 55.89 27.14
C ALA I 148 -61.85 56.29 28.57
N LYS I 149 -61.34 57.46 28.97
CA LYS I 149 -61.53 58.02 30.32
C LYS I 149 -62.68 59.04 30.42
N GLN J 4 -28.88 59.21 -47.27
CA GLN J 4 -27.51 58.60 -47.29
C GLN J 4 -27.51 57.21 -47.93
N LEU J 5 -27.67 57.17 -49.25
CA LEU J 5 -27.71 55.91 -49.99
C LEU J 5 -26.53 54.97 -49.67
N THR J 6 -26.81 53.68 -49.51
CA THR J 6 -25.75 52.72 -49.23
C THR J 6 -24.82 52.62 -50.44
N GLU J 7 -23.56 52.29 -50.18
CA GLU J 7 -22.59 52.17 -51.25
C GLU J 7 -23.15 51.30 -52.36
N GLU J 8 -23.69 50.12 -52.02
CA GLU J 8 -24.26 49.22 -53.01
C GLU J 8 -25.37 49.94 -53.76
N GLN J 9 -26.11 50.74 -53.02
CA GLN J 9 -27.19 51.51 -53.60
C GLN J 9 -26.57 52.58 -54.46
N ILE J 10 -25.27 52.75 -54.36
CA ILE J 10 -24.58 53.74 -55.18
C ILE J 10 -24.06 53.06 -56.44
N ALA J 11 -23.43 51.89 -56.28
CA ALA J 11 -22.90 51.14 -57.41
C ALA J 11 -23.94 51.04 -58.51
N GLU J 12 -25.17 50.71 -58.12
CA GLU J 12 -26.30 50.57 -59.04
C GLU J 12 -26.56 51.83 -59.83
N PHE J 13 -26.82 52.94 -59.14
CA PHE J 13 -27.09 54.19 -59.82
C PHE J 13 -26.00 54.50 -60.84
N LYS J 14 -24.76 54.18 -60.52
CA LYS J 14 -23.71 54.43 -61.49
C LYS J 14 -23.68 53.34 -62.56
N GLU J 15 -23.91 52.09 -62.17
CA GLU J 15 -23.92 51.00 -63.14
C GLU J 15 -24.99 51.17 -64.15
N ALA J 16 -25.97 52.01 -63.85
CA ALA J 16 -27.09 52.26 -64.76
C ALA J 16 -27.01 53.64 -65.38
N PHE J 17 -26.49 54.59 -64.62
CA PHE J 17 -26.32 55.96 -65.09
C PHE J 17 -25.35 55.96 -66.27
N SER J 18 -24.28 55.19 -66.10
CA SER J 18 -23.25 55.10 -67.09
C SER J 18 -23.56 54.14 -68.20
N LEU J 19 -24.64 53.39 -68.07
CA LEU J 19 -24.97 52.44 -69.14
C LEU J 19 -25.64 53.19 -70.28
N PHE J 20 -26.30 54.27 -69.92
CA PHE J 20 -27.03 55.05 -70.89
C PHE J 20 -26.34 56.37 -71.16
N ASP J 21 -25.07 56.45 -70.76
CA ASP J 21 -24.25 57.64 -71.01
C ASP J 21 -23.64 57.26 -72.36
N LYS J 22 -24.32 57.60 -73.44
CA LYS J 22 -23.81 57.19 -74.75
C LYS J 22 -22.43 57.70 -75.11
N ASP J 23 -22.28 59.01 -75.18
CA ASP J 23 -21.00 59.64 -75.51
C ASP J 23 -19.95 59.42 -74.41
N GLY J 24 -20.08 58.33 -73.66
CA GLY J 24 -19.12 58.03 -72.62
C GLY J 24 -18.43 59.04 -71.71
N ASP J 25 -18.92 60.27 -71.53
CA ASP J 25 -18.20 61.14 -70.60
C ASP J 25 -18.64 60.89 -69.16
N GLY J 26 -19.56 61.70 -68.65
CA GLY J 26 -20.01 61.49 -67.30
C GLY J 26 -21.15 62.42 -67.00
N THR J 27 -21.83 62.85 -68.04
CA THR J 27 -22.98 63.73 -67.90
C THR J 27 -24.02 63.15 -68.81
N ILE J 28 -25.28 63.10 -68.36
CA ILE J 28 -26.32 62.55 -69.22
C ILE J 28 -27.39 63.57 -69.60
N THR J 29 -27.85 63.45 -70.84
CA THR J 29 -28.88 64.34 -71.38
C THR J 29 -30.20 64.11 -70.69
N THR J 30 -31.11 65.06 -70.84
CA THR J 30 -32.41 64.94 -70.22
C THR J 30 -33.05 63.59 -70.54
N LYS J 31 -33.37 63.37 -71.82
CA LYS J 31 -33.99 62.13 -72.26
C LYS J 31 -33.23 60.94 -71.71
N GLU J 32 -31.91 61.12 -71.55
CA GLU J 32 -31.06 60.06 -71.04
C GLU J 32 -31.36 59.80 -69.57
N LEU J 33 -31.60 60.88 -68.82
CA LEU J 33 -31.90 60.76 -67.38
C LEU J 33 -33.21 60.03 -67.17
N GLY J 34 -34.17 60.30 -68.06
CA GLY J 34 -35.45 59.64 -68.02
C GLY J 34 -35.21 58.16 -68.26
N THR J 35 -34.35 57.85 -69.22
CA THR J 35 -34.04 56.48 -69.54
C THR J 35 -33.37 55.76 -68.40
N VAL J 36 -32.31 56.37 -67.89
CA VAL J 36 -31.57 55.78 -66.79
C VAL J 36 -32.50 55.36 -65.68
N MET J 37 -33.37 56.29 -65.27
CA MET J 37 -34.33 56.05 -64.21
C MET J 37 -35.31 54.91 -64.45
N ARG J 38 -36.05 55.02 -65.56
CA ARG J 38 -37.02 54.00 -65.89
C ARG J 38 -36.44 52.59 -65.74
N SER J 39 -35.28 52.39 -66.34
CA SER J 39 -34.58 51.10 -66.29
C SER J 39 -34.43 50.66 -64.85
N LEU J 40 -34.27 51.63 -63.97
CA LEU J 40 -34.11 51.33 -62.57
C LEU J 40 -35.49 51.12 -61.92
N GLY J 41 -36.52 51.22 -62.74
CA GLY J 41 -37.87 51.00 -62.26
C GLY J 41 -38.51 52.22 -61.68
N GLN J 42 -38.41 53.32 -62.39
CA GLN J 42 -39.00 54.56 -61.93
C GLN J 42 -39.35 55.36 -63.17
N ASN J 43 -40.44 56.12 -63.12
CA ASN J 43 -40.77 56.92 -64.30
C ASN J 43 -41.36 58.25 -63.92
N PRO J 44 -40.52 59.30 -63.92
CA PRO J 44 -40.95 60.65 -63.58
C PRO J 44 -41.75 61.20 -64.74
N THR J 45 -42.71 62.06 -64.43
CA THR J 45 -43.54 62.62 -65.48
C THR J 45 -42.67 63.37 -66.48
N GLU J 46 -43.17 63.43 -67.71
CA GLU J 46 -42.51 64.10 -68.80
C GLU J 46 -42.09 65.51 -68.36
N ALA J 47 -42.78 66.06 -67.36
CA ALA J 47 -42.48 67.40 -66.86
C ALA J 47 -41.78 67.38 -65.51
N GLU J 48 -42.04 66.36 -64.71
CA GLU J 48 -41.43 66.22 -63.38
C GLU J 48 -39.95 65.85 -63.52
N LEU J 49 -39.59 65.39 -64.71
CA LEU J 49 -38.22 64.98 -65.02
C LEU J 49 -37.26 66.15 -65.15
N GLN J 50 -37.82 67.35 -65.30
CA GLN J 50 -37.01 68.57 -65.44
C GLN J 50 -36.70 69.26 -64.13
N ASP J 51 -37.71 69.51 -63.31
CA ASP J 51 -37.51 70.18 -62.03
C ASP J 51 -36.25 69.73 -61.30
N MET J 52 -35.85 68.48 -61.48
CA MET J 52 -34.67 67.94 -60.83
C MET J 52 -33.40 68.28 -61.58
N ILE J 53 -33.47 68.10 -62.90
CA ILE J 53 -32.35 68.37 -63.82
C ILE J 53 -32.21 69.89 -63.99
N ASN J 54 -33.33 70.57 -63.77
CA ASN J 54 -33.40 72.02 -63.88
C ASN J 54 -32.95 72.66 -62.57
N GLU J 55 -32.71 71.84 -61.55
CA GLU J 55 -32.30 72.33 -60.25
C GLU J 55 -30.80 72.51 -60.10
N VAL J 56 -30.09 72.43 -61.23
CA VAL J 56 -28.64 72.57 -61.25
C VAL J 56 -28.11 72.89 -62.65
N ASP J 57 -28.36 74.12 -63.10
CA ASP J 57 -27.96 74.59 -64.44
C ASP J 57 -26.50 75.06 -64.56
N ALA J 58 -25.56 74.13 -64.41
CA ALA J 58 -24.15 74.47 -64.51
C ALA J 58 -23.49 73.72 -65.67
N ASP J 59 -24.32 73.32 -66.64
CA ASP J 59 -23.85 72.60 -67.84
C ASP J 59 -24.39 73.35 -69.05
N GLY J 60 -24.52 72.64 -70.18
CA GLY J 60 -25.09 73.26 -71.36
C GLY J 60 -26.57 73.43 -71.01
N ASN J 61 -26.80 73.78 -69.74
CA ASN J 61 -28.12 73.97 -69.13
C ASN J 61 -28.95 72.78 -69.61
N GLY J 62 -28.29 71.61 -69.69
CA GLY J 62 -28.99 70.45 -70.18
C GLY J 62 -28.64 69.09 -69.61
N THR J 63 -27.51 68.93 -68.94
CA THR J 63 -27.20 67.60 -68.44
C THR J 63 -26.80 67.54 -66.98
N ILE J 64 -26.64 66.33 -66.46
CA ILE J 64 -26.24 66.15 -65.07
C ILE J 64 -25.10 65.12 -65.00
N ASP J 65 -24.06 65.46 -64.25
CA ASP J 65 -22.90 64.57 -64.09
C ASP J 65 -23.23 63.35 -63.25
N PHE J 66 -22.20 62.59 -62.85
CA PHE J 66 -22.44 61.41 -62.05
C PHE J 66 -23.01 61.90 -60.70
N PRO J 67 -22.30 62.81 -59.99
CA PRO J 67 -22.75 63.34 -58.69
C PRO J 67 -24.06 64.11 -58.80
N GLU J 68 -24.16 64.96 -59.81
CA GLU J 68 -25.39 65.74 -60.06
C GLU J 68 -26.60 64.82 -59.83
N PHE J 69 -26.45 63.60 -60.32
CA PHE J 69 -27.44 62.53 -60.25
C PHE J 69 -27.38 61.85 -58.91
N LEU J 70 -26.23 61.27 -58.60
CA LEU J 70 -26.07 60.58 -57.35
C LEU J 70 -26.66 61.34 -56.20
N THR J 71 -26.54 62.67 -56.23
CA THR J 71 -27.06 63.51 -55.15
C THR J 71 -28.53 63.80 -55.25
N MET J 72 -29.03 64.02 -56.46
CA MET J 72 -30.44 64.31 -56.68
C MET J 72 -31.34 63.11 -56.39
N MET J 73 -30.75 61.96 -56.06
CA MET J 73 -31.51 60.77 -55.72
C MET J 73 -31.69 60.71 -54.22
N ALA J 74 -32.50 61.63 -53.74
CA ALA J 74 -32.82 61.77 -52.33
C ALA J 74 -34.20 62.39 -52.34
N ARG J 75 -34.34 63.51 -53.06
CA ARG J 75 -35.63 64.22 -53.19
C ARG J 75 -36.76 63.21 -53.28
N LYS J 76 -36.52 62.14 -54.03
CA LYS J 76 -37.48 61.06 -54.17
C LYS J 76 -36.62 59.83 -53.99
N MET J 77 -36.26 59.55 -52.75
CA MET J 77 -35.41 58.39 -52.46
C MET J 77 -35.12 58.27 -50.96
N LYS J 78 -34.35 59.21 -50.44
CA LYS J 78 -33.95 59.26 -49.02
C LYS J 78 -35.08 59.03 -48.01
N ASP J 79 -36.33 59.19 -48.45
CA ASP J 79 -37.48 59.03 -47.57
C ASP J 79 -38.34 57.77 -47.79
N THR J 80 -38.19 57.11 -48.93
CA THR J 80 -39.00 55.94 -49.24
C THR J 80 -38.36 54.56 -48.98
N ASP J 81 -39.19 53.64 -48.47
CA ASP J 81 -38.82 52.24 -48.16
C ASP J 81 -40.08 51.38 -48.27
N SER J 82 -40.81 51.58 -49.37
CA SER J 82 -42.06 50.87 -49.63
C SER J 82 -41.88 49.61 -50.45
N GLU J 83 -40.88 49.60 -51.32
CA GLU J 83 -40.61 48.44 -52.15
C GLU J 83 -40.75 47.15 -51.36
N GLU J 84 -40.46 47.23 -50.06
CA GLU J 84 -40.52 46.06 -49.20
C GLU J 84 -41.92 45.70 -48.70
N GLU J 85 -42.69 46.70 -48.30
CA GLU J 85 -44.07 46.49 -47.83
C GLU J 85 -44.91 45.85 -48.92
N ILE J 86 -44.80 46.42 -50.13
CA ILE J 86 -45.49 45.97 -51.32
C ILE J 86 -45.20 44.52 -51.60
N ARG J 87 -43.97 44.11 -51.33
CA ARG J 87 -43.58 42.72 -51.53
C ARG J 87 -44.24 41.79 -50.51
N GLU J 88 -44.59 42.33 -49.36
CA GLU J 88 -45.25 41.56 -48.30
C GLU J 88 -46.76 41.55 -48.59
N ALA J 89 -47.23 42.64 -49.20
CA ALA J 89 -48.63 42.77 -49.61
C ALA J 89 -48.80 41.59 -50.53
N PHE J 90 -47.97 41.51 -51.55
CA PHE J 90 -48.00 40.42 -52.50
C PHE J 90 -48.01 39.06 -51.79
N ARG J 91 -47.04 38.82 -50.94
CA ARG J 91 -47.00 37.55 -50.25
C ARG J 91 -48.34 37.14 -49.62
N VAL J 92 -49.12 38.13 -49.20
CA VAL J 92 -50.42 37.94 -48.55
C VAL J 92 -51.44 37.41 -49.54
N PHE J 93 -51.70 38.16 -50.60
CA PHE J 93 -52.64 37.69 -51.60
C PHE J 93 -52.24 36.30 -52.10
N ASP J 94 -50.95 36.11 -52.37
CA ASP J 94 -50.49 34.82 -52.83
C ASP J 94 -50.76 33.78 -51.74
N LYS J 95 -52.04 33.58 -51.46
CA LYS J 95 -52.49 32.66 -50.43
C LYS J 95 -51.85 31.28 -50.40
N ASP J 96 -51.60 30.68 -51.56
CA ASP J 96 -51.05 29.31 -51.63
C ASP J 96 -49.56 29.12 -51.70
N GLY J 97 -48.82 30.20 -51.96
CA GLY J 97 -47.37 30.10 -52.03
C GLY J 97 -46.75 29.60 -53.32
N ASN J 98 -47.46 29.81 -54.43
CA ASN J 98 -46.99 29.42 -55.76
C ASN J 98 -46.13 30.53 -56.36
N GLY J 99 -46.23 31.74 -55.82
CA GLY J 99 -45.43 32.83 -56.35
C GLY J 99 -46.26 33.61 -57.34
N TYR J 100 -47.53 33.29 -57.42
CA TYR J 100 -48.46 33.96 -58.34
C TYR J 100 -49.75 34.36 -57.65
N ILE J 101 -50.49 35.29 -58.24
CA ILE J 101 -51.73 35.67 -57.59
C ILE J 101 -52.90 35.36 -58.50
N SER J 102 -53.59 34.26 -58.22
CA SER J 102 -54.75 33.89 -59.02
C SER J 102 -55.99 34.72 -58.64
N ALA J 103 -56.85 34.97 -59.64
CA ALA J 103 -58.08 35.75 -59.46
C ALA J 103 -58.89 35.14 -58.35
N ALA J 104 -58.69 33.83 -58.18
CA ALA J 104 -59.34 33.12 -57.12
C ALA J 104 -58.99 33.89 -55.84
N GLU J 105 -57.72 33.77 -55.45
CA GLU J 105 -57.20 34.41 -54.24
C GLU J 105 -57.31 35.93 -54.21
N LEU J 106 -57.41 36.57 -55.37
CA LEU J 106 -57.56 38.01 -55.32
C LEU J 106 -58.90 38.27 -54.60
N ARG J 107 -59.96 37.75 -55.21
CA ARG J 107 -61.33 37.89 -54.71
C ARG J 107 -61.42 37.45 -53.26
N HIS J 108 -60.60 36.47 -52.92
CA HIS J 108 -60.61 35.96 -51.58
C HIS J 108 -60.17 37.00 -50.58
N VAL J 109 -58.88 37.26 -50.55
CA VAL J 109 -58.38 38.26 -49.63
C VAL J 109 -59.17 39.55 -49.78
N MET J 110 -59.65 39.80 -50.99
CA MET J 110 -60.40 41.01 -51.26
C MET J 110 -61.66 41.10 -50.42
N THR J 111 -62.26 39.97 -50.08
CA THR J 111 -63.49 39.98 -49.30
C THR J 111 -63.29 40.13 -47.79
N ASN J 112 -62.36 39.37 -47.22
CA ASN J 112 -62.10 39.44 -45.77
C ASN J 112 -61.84 40.89 -45.36
N LEU J 113 -61.16 41.62 -46.25
CA LEU J 113 -60.88 43.01 -45.99
C LEU J 113 -62.17 43.78 -46.22
N GLY J 114 -63.28 43.04 -46.22
CA GLY J 114 -64.61 43.61 -46.37
C GLY J 114 -65.14 44.06 -47.72
N GLU J 115 -64.52 43.67 -48.82
CA GLU J 115 -65.00 44.10 -50.13
C GLU J 115 -65.62 43.01 -50.98
N LYS J 116 -66.84 43.24 -51.41
CA LYS J 116 -67.52 42.26 -52.26
C LYS J 116 -67.21 42.53 -53.72
N LEU J 117 -66.40 41.66 -54.29
CA LEU J 117 -66.02 41.79 -55.68
C LEU J 117 -66.80 40.81 -56.51
N THR J 118 -67.26 41.29 -57.66
CA THR J 118 -68.05 40.45 -58.54
C THR J 118 -67.15 39.53 -59.32
N ASP J 119 -67.42 38.23 -59.25
CA ASP J 119 -66.63 37.25 -59.95
C ASP J 119 -66.18 37.78 -61.32
N GLU J 120 -66.90 38.79 -61.79
CA GLU J 120 -66.64 39.39 -63.09
C GLU J 120 -65.56 40.46 -63.05
N GLU J 121 -65.67 41.36 -62.08
CA GLU J 121 -64.72 42.46 -61.90
C GLU J 121 -63.39 42.05 -61.27
N VAL J 122 -63.20 40.75 -61.04
CA VAL J 122 -61.95 40.27 -60.47
C VAL J 122 -61.13 39.77 -61.64
N ASP J 123 -61.65 38.77 -62.35
CA ASP J 123 -60.96 38.24 -63.52
C ASP J 123 -60.61 39.43 -64.39
N GLN J 124 -61.22 40.56 -64.05
CA GLN J 124 -61.03 41.81 -64.75
C GLN J 124 -59.74 42.46 -64.25
N MET J 125 -59.61 42.64 -62.94
CA MET J 125 -58.39 43.23 -62.38
C MET J 125 -57.24 42.32 -62.80
N ILE J 126 -57.30 41.06 -62.40
CA ILE J 126 -56.25 40.12 -62.75
C ILE J 126 -55.78 40.29 -64.18
N ARG J 127 -56.69 40.57 -65.09
CA ARG J 127 -56.33 40.72 -66.50
C ARG J 127 -55.52 41.99 -66.74
N GLU J 128 -56.08 43.13 -66.32
CA GLU J 128 -55.43 44.43 -66.49
C GLU J 128 -54.11 44.52 -65.71
N ALA J 129 -53.82 43.50 -64.90
CA ALA J 129 -52.62 43.49 -64.08
C ALA J 129 -51.63 42.52 -64.64
N ASP J 130 -52.13 41.61 -65.47
CA ASP J 130 -51.27 40.64 -66.11
C ASP J 130 -50.75 41.24 -67.39
N ILE J 131 -49.43 41.41 -67.44
CA ILE J 131 -48.75 42.02 -68.55
C ILE J 131 -48.32 40.99 -69.58
N ASP J 132 -47.82 39.85 -69.12
CA ASP J 132 -47.33 38.80 -70.02
C ASP J 132 -48.43 37.82 -70.45
N GLY J 133 -49.67 38.11 -70.07
CA GLY J 133 -50.79 37.26 -70.46
C GLY J 133 -50.92 35.82 -69.97
N ASP J 134 -50.28 35.43 -68.88
CA ASP J 134 -50.48 34.06 -68.43
C ASP J 134 -51.65 33.94 -67.44
N GLY J 135 -52.53 34.93 -67.48
CA GLY J 135 -53.70 34.92 -66.62
C GLY J 135 -53.52 35.22 -65.13
N GLN J 136 -52.28 35.11 -64.65
CA GLN J 136 -51.95 35.38 -63.24
C GLN J 136 -50.98 36.54 -63.09
N VAL J 137 -50.92 37.12 -61.90
CA VAL J 137 -49.98 38.21 -61.64
C VAL J 137 -48.85 37.69 -60.73
N ASN J 138 -47.61 38.00 -61.11
CA ASN J 138 -46.40 37.61 -60.36
C ASN J 138 -45.89 38.83 -59.60
N TYR J 139 -44.89 38.63 -58.73
CA TYR J 139 -44.40 39.76 -57.96
C TYR J 139 -44.13 40.94 -58.90
N GLU J 140 -43.38 40.67 -59.97
CA GLU J 140 -43.04 41.68 -60.97
C GLU J 140 -44.24 42.49 -61.42
N GLU J 141 -45.19 41.89 -62.15
CA GLU J 141 -46.33 42.67 -62.59
C GLU J 141 -47.04 43.32 -61.43
N PHE J 142 -47.06 42.63 -60.29
CA PHE J 142 -47.72 43.14 -59.08
C PHE J 142 -47.07 44.46 -58.74
N VAL J 143 -45.74 44.45 -58.67
CA VAL J 143 -44.93 45.63 -58.35
C VAL J 143 -45.29 46.83 -59.21
N GLN J 144 -45.45 46.56 -60.51
CA GLN J 144 -45.80 47.57 -61.47
C GLN J 144 -47.17 48.18 -61.16
N MET J 145 -48.16 47.31 -61.09
CA MET J 145 -49.52 47.72 -60.79
C MET J 145 -49.57 48.64 -59.58
N MET J 146 -48.87 48.21 -58.53
CA MET J 146 -48.82 48.92 -57.29
C MET J 146 -48.17 50.28 -57.40
N THR J 147 -46.86 50.29 -57.57
CA THR J 147 -46.12 51.54 -57.68
C THR J 147 -46.59 52.44 -58.84
N ALA J 148 -46.38 52.01 -60.07
CA ALA J 148 -46.80 52.83 -61.19
C ALA J 148 -48.13 53.51 -60.87
N LYS J 149 -48.10 54.84 -60.91
CA LYS J 149 -49.27 55.69 -60.63
C LYS J 149 -50.05 56.14 -61.88
N GLN K 4 31.96 44.04 -79.62
CA GLN K 4 32.80 44.05 -78.38
C GLN K 4 33.28 42.65 -78.01
N LEU K 5 34.22 42.11 -78.79
CA LEU K 5 34.76 40.78 -78.57
C LEU K 5 35.23 40.53 -77.12
N THR K 6 34.90 39.36 -76.56
CA THR K 6 35.32 39.05 -75.20
C THR K 6 36.83 38.94 -75.15
N GLU K 7 37.39 39.23 -73.98
CA GLU K 7 38.83 39.17 -73.81
C GLU K 7 39.35 37.82 -74.34
N GLU K 8 38.72 36.73 -73.93
CA GLU K 8 39.14 35.40 -74.37
C GLU K 8 39.05 35.34 -75.90
N GLN K 9 38.03 35.97 -76.42
CA GLN K 9 37.84 36.02 -77.85
C GLN K 9 38.93 36.90 -78.44
N ILE K 10 39.65 37.59 -77.56
CA ILE K 10 40.73 38.45 -78.02
C ILE K 10 42.04 37.65 -78.00
N ALA K 11 42.27 36.94 -76.89
CA ALA K 11 43.48 36.14 -76.73
C ALA K 11 43.71 35.29 -77.97
N GLU K 12 42.64 34.65 -78.44
CA GLU K 12 42.66 33.79 -79.61
C GLU K 12 43.15 34.52 -80.86
N PHE K 13 42.47 35.59 -81.22
CA PHE K 13 42.85 36.34 -82.41
C PHE K 13 44.33 36.70 -82.35
N LYS K 14 44.84 37.02 -81.17
CA LYS K 14 46.26 37.33 -81.10
C LYS K 14 47.08 36.05 -81.08
N GLU K 15 46.61 35.02 -80.39
CA GLU K 15 47.35 33.76 -80.34
C GLU K 15 47.49 33.16 -81.70
N ALA K 16 46.68 33.59 -82.64
CA ALA K 16 46.72 33.07 -84.01
C ALA K 16 47.28 34.10 -84.99
N PHE K 17 47.01 35.37 -84.72
CA PHE K 17 47.50 36.45 -85.55
C PHE K 17 49.03 36.45 -85.50
N SER K 18 49.54 36.25 -84.29
CA SER K 18 50.97 36.25 -84.05
C SER K 18 51.64 34.94 -84.36
N LEU K 19 50.86 33.90 -84.64
CA LEU K 19 51.48 32.61 -84.94
C LEU K 19 51.95 32.62 -86.38
N PHE K 20 51.30 33.42 -87.19
CA PHE K 20 51.62 33.49 -88.59
C PHE K 20 52.25 34.81 -88.95
N ASP K 21 52.75 35.51 -87.92
CA ASP K 21 53.47 36.78 -88.09
C ASP K 21 54.89 36.25 -88.18
N LYS K 22 55.35 35.91 -89.37
CA LYS K 22 56.67 35.34 -89.52
C LYS K 22 57.83 36.20 -89.01
N ASP K 23 57.99 37.37 -89.61
CA ASP K 23 59.05 38.30 -89.23
C ASP K 23 58.83 38.89 -87.82
N GLY K 24 58.15 38.15 -86.97
CA GLY K 24 57.90 38.59 -85.62
C GLY K 24 57.63 40.03 -85.19
N ASP K 25 57.20 40.95 -86.05
CA ASP K 25 56.94 42.29 -85.51
C ASP K 25 55.52 42.37 -84.93
N GLY K 26 54.58 42.86 -85.70
CA GLY K 26 53.22 42.96 -85.20
C GLY K 26 52.30 43.40 -86.30
N THR K 27 52.72 43.17 -87.53
CA THR K 27 51.91 43.54 -88.68
C THR K 27 51.97 42.33 -89.58
N ILE K 28 50.85 41.93 -90.18
CA ILE K 28 50.88 40.77 -91.06
C ILE K 28 50.53 41.10 -92.52
N THR K 29 51.22 40.42 -93.42
CA THR K 29 51.04 40.61 -94.85
C THR K 29 49.68 40.12 -95.27
N THR K 30 49.25 40.53 -96.46
CA THR K 30 47.96 40.11 -96.96
C THR K 30 47.78 38.60 -96.89
N LYS K 31 48.60 37.88 -97.65
CA LYS K 31 48.52 36.42 -97.68
C LYS K 31 48.54 35.87 -96.26
N GLU K 32 49.22 36.58 -95.37
CA GLU K 32 49.34 36.18 -93.98
C GLU K 32 48.00 36.31 -93.28
N LEU K 33 47.27 37.40 -93.60
CA LEU K 33 45.95 37.65 -93.01
C LEU K 33 44.96 36.58 -93.42
N GLY K 34 45.08 36.13 -94.67
CA GLY K 34 44.25 35.08 -95.18
C GLY K 34 44.55 33.82 -94.40
N THR K 35 45.84 33.58 -94.17
CA THR K 35 46.26 32.42 -93.40
C THR K 35 45.76 32.44 -91.98
N VAL K 36 46.02 33.55 -91.30
CA VAL K 36 45.61 33.68 -89.91
C VAL K 36 44.15 33.33 -89.76
N MET K 37 43.31 33.90 -90.62
CA MET K 37 41.86 33.67 -90.59
C MET K 37 41.44 32.24 -90.82
N ARG K 38 41.85 31.68 -91.95
CA ARG K 38 41.50 30.31 -92.28
C ARG K 38 41.71 29.37 -91.09
N SER K 39 42.90 29.46 -90.49
CA SER K 39 43.26 28.64 -89.34
C SER K 39 42.22 28.79 -88.26
N LEU K 40 41.64 29.98 -88.17
CA LEU K 40 40.63 30.23 -87.18
C LEU K 40 39.28 29.72 -87.68
N GLY K 41 39.28 29.15 -88.86
CA GLY K 41 38.07 28.59 -89.42
C GLY K 41 37.24 29.58 -90.18
N GLN K 42 37.89 30.33 -91.05
CA GLN K 42 37.17 31.31 -91.83
C GLN K 42 37.94 31.45 -93.14
N ASN K 43 37.26 31.69 -94.25
CA ASN K 43 37.99 31.87 -95.49
C ASN K 43 37.36 32.91 -96.38
N PRO K 44 37.89 34.14 -96.33
CA PRO K 44 37.38 35.24 -97.13
C PRO K 44 37.81 35.03 -98.57
N THR K 45 36.99 35.49 -99.51
CA THR K 45 37.33 35.30 -100.90
C THR K 45 38.66 35.96 -101.22
N GLU K 46 39.31 35.42 -102.23
CA GLU K 46 40.61 35.91 -102.69
C GLU K 46 40.53 37.43 -102.90
N ALA K 47 39.33 37.95 -103.11
CA ALA K 47 39.15 39.39 -103.34
C ALA K 47 38.51 40.09 -102.14
N GLU K 48 37.71 39.36 -101.38
CA GLU K 48 37.04 39.92 -100.20
C GLU K 48 38.05 40.13 -99.07
N LEU K 49 39.20 39.48 -99.21
CA LEU K 49 40.27 39.57 -98.22
C LEU K 49 40.99 40.91 -98.24
N GLN K 50 40.79 41.68 -99.30
CA GLN K 50 41.42 42.99 -99.45
C GLN K 50 40.59 44.14 -98.90
N ASP K 51 39.33 44.23 -99.30
CA ASP K 51 38.45 45.30 -98.83
C ASP K 51 38.65 45.65 -97.35
N MET K 52 39.02 44.67 -96.54
CA MET K 52 39.22 44.87 -95.11
C MET K 52 40.61 45.42 -94.82
N ILE K 53 41.60 44.81 -95.45
CA ILE K 53 43.01 45.18 -95.32
C ILE K 53 43.26 46.48 -96.08
N ASN K 54 42.41 46.71 -97.08
CA ASN K 54 42.48 47.88 -97.92
C ASN K 54 41.74 49.04 -97.25
N GLU K 55 41.07 48.75 -96.13
CA GLU K 55 40.30 49.78 -95.43
C GLU K 55 41.12 50.55 -94.41
N VAL K 56 42.44 50.40 -94.48
CA VAL K 56 43.35 51.08 -93.57
C VAL K 56 44.79 51.11 -94.11
N ASP K 57 45.00 51.92 -95.14
CA ASP K 57 46.32 52.05 -95.79
C ASP K 57 47.32 52.98 -95.11
N ALA K 58 47.76 52.61 -93.92
CA ALA K 58 48.71 53.41 -93.16
C ALA K 58 50.02 52.64 -92.95
N ASP K 59 50.27 51.67 -93.81
CA ASP K 59 51.49 50.84 -93.75
C ASP K 59 52.13 50.87 -95.15
N GLY K 60 52.91 49.84 -95.47
CA GLY K 60 53.51 49.76 -96.79
C GLY K 60 52.33 49.44 -97.71
N ASN K 61 51.19 50.07 -97.37
CA ASN K 61 49.90 49.92 -98.06
C ASN K 61 49.75 48.42 -98.27
N GLY K 62 50.18 47.64 -97.27
CA GLY K 62 50.11 46.21 -97.41
C GLY K 62 49.85 45.36 -96.18
N THR K 63 50.03 45.88 -94.98
CA THR K 63 49.80 45.02 -93.82
C THR K 63 48.90 45.60 -92.77
N ILE K 64 48.57 44.79 -91.76
CA ILE K 64 47.73 45.24 -90.67
C ILE K 64 48.34 44.83 -89.33
N ASP K 65 48.41 45.77 -88.39
CA ASP K 65 48.98 45.51 -87.07
C ASP K 65 48.09 44.60 -86.22
N PHE K 66 48.41 44.49 -84.94
CA PHE K 66 47.60 43.65 -84.07
C PHE K 66 46.20 44.29 -84.00
N PRO K 67 46.09 45.58 -83.60
CA PRO K 67 44.80 46.28 -83.52
C PRO K 67 44.09 46.39 -84.85
N GLU K 68 44.84 46.75 -85.89
CA GLU K 68 44.29 46.86 -87.24
C GLU K 68 43.35 45.67 -87.50
N PHE K 69 43.81 44.52 -87.01
CA PHE K 69 43.13 43.24 -87.12
C PHE K 69 42.09 43.12 -86.03
N LEU K 70 42.55 43.16 -84.79
CA LEU K 70 41.65 43.03 -83.68
C LEU K 70 40.39 43.84 -83.86
N THR K 71 40.51 45.01 -84.48
CA THR K 71 39.37 45.89 -84.69
C THR K 71 38.53 45.53 -85.89
N MET K 72 39.19 45.13 -86.97
CA MET K 72 38.49 44.76 -88.21
C MET K 72 37.69 43.46 -88.05
N MET K 73 37.77 42.83 -86.89
CA MET K 73 37.01 41.60 -86.64
C MET K 73 35.72 41.98 -85.93
N ALA K 74 34.86 42.61 -86.71
CA ALA K 74 33.55 43.06 -86.26
C ALA K 74 32.72 43.06 -87.53
N ARG K 75 33.23 43.72 -88.58
CA ARG K 75 32.55 43.80 -89.88
C ARG K 75 31.90 42.45 -90.20
N LYS K 76 32.62 41.38 -89.88
CA LYS K 76 32.12 40.03 -90.05
C LYS K 76 32.49 39.36 -88.75
N MET K 77 31.73 39.67 -87.70
CA MET K 77 32.00 39.10 -86.38
C MET K 77 30.99 39.59 -85.34
N LYS K 78 31.07 40.88 -85.02
CA LYS K 78 30.21 41.53 -84.02
C LYS K 78 28.71 41.22 -84.15
N ASP K 79 28.30 40.74 -85.32
CA ASP K 79 26.89 40.44 -85.58
C ASP K 79 26.50 38.94 -85.64
N THR K 80 27.50 38.06 -85.78
CA THR K 80 27.21 36.63 -85.89
C THR K 80 27.37 35.78 -84.62
N ASP K 81 26.44 34.84 -84.45
CA ASP K 81 26.40 33.88 -83.33
C ASP K 81 25.69 32.60 -83.81
N SER K 82 26.12 32.12 -84.98
CA SER K 82 25.55 30.94 -85.61
C SER K 82 26.28 29.66 -85.28
N GLU K 83 27.58 29.77 -85.04
CA GLU K 83 28.38 28.60 -84.71
C GLU K 83 27.64 27.71 -83.72
N GLU K 84 26.80 28.31 -82.89
CA GLU K 84 26.06 27.55 -81.88
C GLU K 84 24.82 26.85 -82.40
N GLU K 85 24.03 27.54 -83.22
CA GLU K 85 22.82 26.99 -83.82
C GLU K 85 23.15 25.75 -84.63
N ILE K 86 24.17 25.88 -85.48
CA ILE K 86 24.67 24.84 -86.35
C ILE K 86 25.05 23.61 -85.55
N ARG K 87 25.58 23.83 -84.35
CA ARG K 87 25.96 22.72 -83.49
C ARG K 87 24.73 21.99 -82.93
N GLU K 88 23.61 22.69 -82.86
CA GLU K 88 22.37 22.11 -82.36
C GLU K 88 21.66 21.43 -83.53
N ALA K 89 21.87 21.98 -84.73
CA ALA K 89 21.33 21.41 -85.96
C ALA K 89 21.92 20.02 -85.96
N PHE K 90 23.25 19.96 -85.88
CA PHE K 90 23.95 18.70 -85.84
C PHE K 90 23.36 17.75 -84.80
N ARG K 91 23.30 18.21 -83.57
CA ARG K 91 22.75 17.35 -82.53
C ARG K 91 21.42 16.66 -82.91
N VAL K 92 20.61 17.36 -83.72
CA VAL K 92 19.29 16.91 -84.17
C VAL K 92 19.43 15.73 -85.12
N PHE K 93 20.13 15.91 -86.24
CA PHE K 93 20.33 14.81 -87.16
C PHE K 93 20.95 13.62 -86.45
N ASP K 94 21.95 13.87 -85.60
CA ASP K 94 22.57 12.79 -84.87
C ASP K 94 21.53 12.16 -83.95
N LYS K 95 20.52 11.58 -84.58
CA LYS K 95 19.43 10.93 -83.88
C LYS K 95 19.77 10.00 -82.74
N ASP K 96 20.83 9.21 -82.86
CA ASP K 96 21.19 8.22 -81.83
C ASP K 96 22.15 8.62 -80.74
N GLY K 97 22.85 9.74 -80.93
CA GLY K 97 23.78 10.21 -79.92
C GLY K 97 25.18 9.60 -79.93
N ASN K 98 25.62 9.15 -81.10
CA ASN K 98 26.93 8.57 -81.28
C ASN K 98 27.97 9.67 -81.57
N GLY K 99 27.50 10.85 -81.97
CA GLY K 99 28.44 11.91 -82.26
C GLY K 99 28.72 11.95 -83.74
N TYR K 100 27.99 11.14 -84.49
CA TYR K 100 28.15 11.06 -85.93
C TYR K 100 26.83 11.13 -86.65
N ILE K 101 26.84 11.43 -87.94
CA ILE K 101 25.58 11.49 -88.64
C ILE K 101 25.57 10.48 -89.76
N SER K 102 24.91 9.34 -89.53
CA SER K 102 24.80 8.30 -90.56
C SER K 102 23.77 8.66 -91.64
N ALA K 103 24.02 8.19 -92.86
CA ALA K 103 23.15 8.45 -94.00
C ALA K 103 21.76 7.96 -93.66
N ALA K 104 21.73 6.98 -92.79
CA ALA K 104 20.47 6.45 -92.32
C ALA K 104 19.70 7.69 -91.81
N GLU K 105 20.18 8.21 -90.66
CA GLU K 105 19.56 9.35 -90.00
C GLU K 105 19.49 10.62 -90.82
N LEU K 106 20.35 10.76 -91.83
CA LEU K 106 20.24 11.96 -92.64
C LEU K 106 18.85 11.89 -93.30
N ARG K 107 18.66 10.83 -94.09
CA ARG K 107 17.43 10.58 -94.82
C ARG K 107 16.23 10.65 -93.91
N HIS K 108 16.44 10.23 -92.67
CA HIS K 108 15.37 10.21 -91.71
C HIS K 108 14.88 11.61 -91.42
N VAL K 109 15.65 12.36 -90.65
CA VAL K 109 15.24 13.70 -90.33
C VAL K 109 14.90 14.45 -91.62
N MET K 110 15.57 14.09 -92.70
CA MET K 110 15.34 14.75 -93.98
C MET K 110 13.91 14.61 -94.46
N THR K 111 13.25 13.50 -94.11
CA THR K 111 11.87 13.30 -94.55
C THR K 111 10.81 13.98 -93.69
N ASN K 112 10.93 13.87 -92.36
CA ASN K 112 9.96 14.52 -91.47
C ASN K 112 9.82 16.00 -91.81
N LEU K 113 10.94 16.60 -92.18
CA LEU K 113 10.95 17.99 -92.56
C LEU K 113 10.33 18.07 -93.96
N GLY K 114 9.64 17.00 -94.34
CA GLY K 114 8.95 16.93 -95.62
C GLY K 114 9.69 16.67 -96.93
N GLU K 115 10.93 16.22 -96.87
CA GLU K 115 11.68 15.98 -98.10
C GLU K 115 11.94 14.53 -98.41
N LYS K 116 11.53 14.09 -99.59
CA LYS K 116 11.76 12.72 -99.99
C LYS K 116 13.10 12.58 -100.69
N LEU K 117 14.05 11.97 -99.98
CA LEU K 117 15.37 11.78 -100.53
C LEU K 117 15.52 10.36 -101.01
N THR K 118 16.16 10.21 -102.16
CA THR K 118 16.36 8.91 -102.73
C THR K 118 17.51 8.21 -102.06
N ASP K 119 17.26 7.01 -101.55
CA ASP K 119 18.29 6.24 -100.87
C ASP K 119 19.64 6.44 -101.54
N GLU K 120 19.60 6.86 -102.80
CA GLU K 120 20.79 7.06 -103.61
C GLU K 120 21.44 8.42 -103.38
N GLU K 121 20.62 9.47 -103.43
CA GLU K 121 21.09 10.84 -103.25
C GLU K 121 21.40 11.22 -101.78
N VAL K 122 21.31 10.26 -100.87
CA VAL K 122 21.63 10.51 -99.48
C VAL K 122 23.05 10.02 -99.28
N ASP K 123 23.26 8.72 -99.50
CA ASP K 123 24.60 8.15 -99.36
C ASP K 123 25.51 9.03 -100.17
N GLN K 124 24.90 9.86 -101.00
CA GLN K 124 25.58 10.80 -101.87
C GLN K 124 26.00 12.02 -101.05
N MET K 125 25.06 12.65 -100.37
CA MET K 125 25.39 13.83 -99.55
C MET K 125 26.40 13.34 -98.52
N ILE K 126 26.03 12.37 -97.71
CA ILE K 126 26.94 11.85 -96.69
C ILE K 126 28.36 11.72 -97.21
N ARG K 127 28.52 11.30 -98.46
CA ARG K 127 29.86 11.12 -99.01
C ARG K 127 30.56 12.46 -99.24
N GLU K 128 29.90 13.35 -99.99
CA GLU K 128 30.46 14.66 -100.29
C GLU K 128 30.66 15.52 -99.04
N ALA K 129 30.18 15.02 -97.90
CA ALA K 129 30.28 15.75 -96.62
C ALA K 129 31.31 15.11 -95.76
N ASP K 130 31.64 13.87 -96.08
CA ASP K 130 32.66 13.15 -95.33
C ASP K 130 34.01 13.45 -95.95
N ILE K 131 34.85 14.09 -95.15
CA ILE K 131 36.16 14.52 -95.59
C ILE K 131 37.21 13.48 -95.31
N ASP K 132 37.14 12.86 -94.14
CA ASP K 132 38.13 11.85 -93.74
C ASP K 132 37.78 10.43 -94.21
N GLY K 133 36.72 10.32 -95.01
CA GLY K 133 36.34 9.03 -95.54
C GLY K 133 35.82 7.91 -94.65
N ASP K 134 35.35 8.16 -93.43
CA ASP K 134 34.85 7.05 -92.64
C ASP K 134 33.36 6.82 -92.86
N GLY K 135 32.85 7.30 -94.00
CA GLY K 135 31.46 7.11 -94.34
C GLY K 135 30.41 7.93 -93.58
N GLN K 136 30.80 8.48 -92.43
CA GLN K 136 29.89 9.30 -91.62
C GLN K 136 30.40 10.72 -91.47
N VAL K 137 29.50 11.65 -91.09
CA VAL K 137 29.88 13.03 -90.86
C VAL K 137 29.86 13.32 -89.35
N ASN K 138 30.94 13.94 -88.85
CA ASN K 138 31.08 14.32 -87.44
C ASN K 138 30.80 15.83 -87.32
N TYR K 139 30.72 16.34 -86.08
CA TYR K 139 30.44 17.75 -85.92
C TYR K 139 31.39 18.57 -86.82
N GLU K 140 32.68 18.27 -86.72
CA GLU K 140 33.69 18.94 -87.53
C GLU K 140 33.32 19.04 -89.01
N GLU K 141 33.30 17.92 -89.73
CA GLU K 141 32.97 18.00 -91.15
C GLU K 141 31.62 18.66 -91.36
N PHE K 142 30.70 18.41 -90.42
CA PHE K 142 29.36 18.99 -90.50
C PHE K 142 29.52 20.50 -90.56
N VAL K 143 30.28 21.03 -89.60
CA VAL K 143 30.54 22.46 -89.47
C VAL K 143 31.02 23.07 -90.78
N GLN K 144 31.92 22.36 -91.43
CA GLN K 144 32.49 22.78 -92.69
C GLN K 144 31.45 22.87 -93.77
N MET K 145 30.74 21.76 -93.96
CA MET K 145 29.68 21.66 -94.94
C MET K 145 28.71 22.84 -94.81
N MET K 146 28.30 23.08 -93.57
CA MET K 146 27.35 24.12 -93.25
C MET K 146 27.87 25.52 -93.56
N THR K 147 28.82 25.97 -92.76
CA THR K 147 29.39 27.31 -92.94
C THR K 147 30.03 27.52 -94.32
N ALA K 148 31.13 26.83 -94.60
CA ALA K 148 31.76 27.01 -95.89
C ALA K 148 30.69 27.18 -96.98
N LYS K 149 30.78 28.32 -97.67
CA LYS K 149 29.84 28.68 -98.75
C LYS K 149 30.37 28.36 -100.18
N GLN L 4 94.53 44.28 -47.32
CA GLN L 4 94.08 45.02 -46.09
C GLN L 4 94.06 44.12 -44.86
N LEU L 5 95.24 43.77 -44.35
CA LEU L 5 95.38 42.91 -43.18
C LEU L 5 94.51 43.34 -41.97
N THR L 6 93.86 42.38 -41.32
CA THR L 6 93.04 42.71 -40.16
C THR L 6 93.93 43.23 -39.03
N GLU L 7 93.36 44.07 -38.18
CA GLU L 7 94.12 44.64 -37.08
C GLU L 7 94.83 43.52 -36.32
N GLU L 8 94.10 42.46 -35.97
CA GLU L 8 94.69 41.33 -35.25
C GLU L 8 95.84 40.76 -36.08
N GLN L 9 95.63 40.73 -37.38
CA GLN L 9 96.64 40.23 -38.28
C GLN L 9 97.77 41.23 -38.29
N ILE L 10 97.54 42.39 -37.69
CA ILE L 10 98.59 43.40 -37.62
C ILE L 10 99.35 43.23 -36.32
N ALA L 11 98.61 43.07 -35.21
CA ALA L 11 99.22 42.90 -33.90
C ALA L 11 100.32 41.85 -33.96
N GLU L 12 100.02 40.74 -34.62
CA GLU L 12 100.96 39.62 -34.78
C GLU L 12 102.24 40.03 -35.47
N PHE L 13 102.13 40.57 -36.67
CA PHE L 13 103.32 40.99 -37.40
C PHE L 13 104.18 41.89 -36.55
N LYS L 14 103.57 42.75 -35.75
CA LYS L 14 104.39 43.59 -34.89
C LYS L 14 104.87 42.83 -33.66
N GLU L 15 104.02 41.97 -33.10
CA GLU L 15 104.41 41.20 -31.93
C GLU L 15 105.56 40.29 -32.23
N ALA L 16 105.80 40.03 -33.52
CA ALA L 16 106.88 39.15 -33.94
C ALA L 16 108.02 39.93 -34.58
N PHE L 17 107.67 41.01 -35.27
CA PHE L 17 108.65 41.87 -35.91
C PHE L 17 109.54 42.49 -34.85
N SER L 18 108.90 42.90 -33.76
CA SER L 18 109.60 43.55 -32.68
C SER L 18 110.23 42.57 -31.71
N LEU L 19 109.95 41.30 -31.86
CA LEU L 19 110.55 40.32 -30.94
C LEU L 19 111.98 40.05 -31.36
N PHE L 20 112.23 40.20 -32.65
CA PHE L 20 113.53 39.93 -33.19
C PHE L 20 114.22 41.21 -33.60
N ASP L 21 113.72 42.34 -33.08
CA ASP L 21 114.32 43.65 -33.32
C ASP L 21 115.27 43.73 -32.13
N LYS L 22 116.49 43.24 -32.29
CA LYS L 22 117.40 43.21 -31.16
C LYS L 22 117.74 44.56 -30.54
N ASP L 23 118.33 45.45 -31.34
CA ASP L 23 118.70 46.78 -30.89
C ASP L 23 117.48 47.65 -30.59
N GLY L 24 116.36 47.02 -30.25
CA GLY L 24 115.16 47.76 -29.92
C GLY L 24 114.67 49.03 -30.63
N ASP L 25 115.11 49.38 -31.84
CA ASP L 25 114.53 50.58 -32.42
C ASP L 25 113.21 50.30 -33.11
N GLY L 26 113.25 50.10 -34.43
CA GLY L 26 112.02 49.82 -35.13
C GLY L 26 112.33 49.49 -36.56
N THR L 27 113.55 49.05 -36.81
CA THR L 27 113.97 48.68 -38.14
C THR L 27 114.69 47.36 -37.96
N ILE L 28 114.46 46.39 -38.85
CA ILE L 28 115.14 45.13 -38.70
C ILE L 28 116.08 44.80 -39.86
N THR L 29 117.21 44.18 -39.51
CA THR L 29 118.23 43.82 -40.48
C THR L 29 117.71 42.72 -41.39
N THR L 30 118.39 42.52 -42.51
CA THR L 30 117.98 41.49 -43.45
C THR L 30 117.79 40.14 -42.76
N LYS L 31 118.87 39.59 -42.24
CA LYS L 31 118.84 38.30 -41.56
C LYS L 31 117.72 38.30 -40.53
N GLU L 32 117.45 39.47 -39.95
CA GLU L 32 116.41 39.61 -38.94
C GLU L 32 115.04 39.43 -39.55
N LEU L 33 114.87 39.98 -40.76
CA LEU L 33 113.59 39.88 -41.50
C LEU L 33 113.28 38.43 -41.84
N GLY L 34 114.34 37.69 -42.18
CA GLY L 34 114.22 36.28 -42.49
C GLY L 34 113.76 35.58 -41.24
N THR L 35 114.36 35.95 -40.11
CA THR L 35 114.00 35.35 -38.83
C THR L 35 112.57 35.65 -38.44
N VAL L 36 112.22 36.93 -38.46
CA VAL L 36 110.88 37.34 -38.09
C VAL L 36 109.85 36.51 -38.83
N MET L 37 110.02 36.40 -40.15
CA MET L 37 109.10 35.64 -41.01
C MET L 37 108.99 34.15 -40.71
N ARG L 38 110.12 33.47 -40.71
CA ARG L 38 110.14 32.05 -40.44
C ARG L 38 109.32 31.73 -39.19
N SER L 39 109.59 32.45 -38.12
CA SER L 39 108.89 32.27 -36.84
C SER L 39 107.39 32.33 -37.06
N LEU L 40 107.00 33.16 -38.02
CA LEU L 40 105.59 33.29 -38.31
C LEU L 40 105.14 32.17 -39.25
N GLY L 41 106.06 31.28 -39.58
CA GLY L 41 105.74 30.15 -40.41
C GLY L 41 105.85 30.43 -41.88
N GLN L 42 106.94 31.06 -42.27
CA GLN L 42 107.15 31.37 -43.67
C GLN L 42 108.64 31.37 -43.90
N ASN L 43 109.10 30.96 -45.06
CA ASN L 43 110.53 30.99 -45.30
C ASN L 43 110.86 31.34 -46.73
N PRO L 44 111.17 32.62 -46.97
CA PRO L 44 111.51 33.11 -48.30
C PRO L 44 112.91 32.64 -48.64
N THR L 45 113.15 32.40 -49.93
CA THR L 45 114.44 31.92 -50.34
C THR L 45 115.53 32.90 -49.93
N GLU L 46 116.73 32.37 -49.74
CA GLU L 46 117.89 33.14 -49.35
C GLU L 46 118.03 34.35 -50.28
N ALA L 47 117.48 34.26 -51.48
CA ALA L 47 117.57 35.35 -52.44
C ALA L 47 116.24 36.10 -52.60
N GLU L 48 115.12 35.40 -52.39
CA GLU L 48 113.80 36.01 -52.50
C GLU L 48 113.54 36.94 -51.33
N LEU L 49 114.34 36.80 -50.29
CA LEU L 49 114.23 37.60 -49.09
C LEU L 49 114.71 39.05 -49.28
N GLN L 50 115.44 39.28 -50.37
CA GLN L 50 115.96 40.61 -50.68
C GLN L 50 115.04 41.46 -51.54
N ASP L 51 114.58 40.90 -52.66
CA ASP L 51 113.69 41.64 -53.57
C ASP L 51 112.66 42.50 -52.83
N MET L 52 112.23 42.06 -51.66
CA MET L 52 111.23 42.78 -50.87
C MET L 52 111.86 43.89 -50.04
N ILE L 53 112.97 43.54 -49.39
CA ILE L 53 113.73 44.45 -48.54
C ILE L 53 114.51 45.42 -49.44
N ASN L 54 114.77 44.97 -50.65
CA ASN L 54 115.50 45.72 -51.65
C ASN L 54 114.54 46.65 -52.39
N GLU L 55 113.25 46.51 -52.11
CA GLU L 55 112.23 47.32 -52.78
C GLU L 55 111.95 48.64 -52.09
N VAL L 56 112.82 49.00 -51.14
CA VAL L 56 112.67 50.25 -50.40
C VAL L 56 113.98 50.65 -49.71
N ASP L 57 114.94 51.11 -50.52
CA ASP L 57 116.26 51.51 -50.02
C ASP L 57 116.36 52.93 -49.46
N ALA L 58 115.69 53.17 -48.33
CA ALA L 58 115.70 54.48 -47.70
C ALA L 58 116.31 54.40 -46.30
N ASP L 59 117.14 53.37 -46.09
CA ASP L 59 117.83 53.15 -44.81
C ASP L 59 119.33 52.99 -45.12
N GLY L 60 120.04 52.30 -44.22
CA GLY L 60 121.45 52.04 -44.47
C GLY L 60 121.44 51.00 -45.60
N ASN L 61 120.47 51.21 -46.51
CA ASN L 61 120.22 50.35 -47.67
C ASN L 61 120.26 48.92 -47.12
N GLY L 62 119.73 48.75 -45.91
CA GLY L 62 119.77 47.44 -45.31
C GLY L 62 118.64 47.01 -44.41
N THR L 63 117.81 47.92 -43.93
CA THR L 63 116.73 47.46 -43.03
C THR L 63 115.36 47.95 -43.39
N ILE L 64 114.35 47.46 -42.68
CA ILE L 64 112.98 47.87 -42.92
C ILE L 64 112.29 48.18 -41.58
N ASP L 65 111.62 49.34 -41.52
CA ASP L 65 110.92 49.77 -40.31
C ASP L 65 109.71 48.91 -40.01
N PHE L 66 108.86 49.35 -39.07
CA PHE L 66 107.68 48.59 -38.74
C PHE L 66 106.78 48.61 -40.00
N PRO L 67 106.41 49.82 -40.51
CA PRO L 67 105.56 49.94 -41.71
C PRO L 67 106.18 49.33 -42.95
N GLU L 68 107.46 49.59 -43.16
CA GLU L 68 108.19 49.03 -44.30
C GLU L 68 107.78 47.57 -44.47
N PHE L 69 107.67 46.91 -43.32
CA PHE L 69 107.31 45.50 -43.19
C PHE L 69 105.81 45.35 -43.26
N LEU L 70 105.13 45.97 -42.32
CA LEU L 70 103.69 45.86 -42.29
C LEU L 70 103.08 46.01 -43.66
N THR L 71 103.66 46.87 -44.49
CA THR L 71 103.14 47.10 -45.84
C THR L 71 103.57 46.09 -46.85
N MET L 72 104.81 45.64 -46.76
CA MET L 72 105.35 44.64 -47.69
C MET L 72 104.70 43.26 -47.51
N MET L 73 103.83 43.13 -46.51
CA MET L 73 103.14 41.86 -46.28
C MET L 73 101.79 41.90 -46.99
N ALA L 74 101.88 41.86 -48.31
CA ALA L 74 100.74 41.88 -49.19
C ALA L 74 101.22 41.12 -50.42
N ARG L 75 102.36 41.57 -50.96
CA ARG L 75 102.97 40.94 -52.15
C ARG L 75 102.80 39.43 -52.08
N LYS L 76 102.97 38.90 -50.87
CA LYS L 76 102.78 37.48 -50.62
C LYS L 76 101.97 37.47 -49.35
N MET L 77 100.69 37.78 -49.48
CA MET L 77 99.81 37.84 -48.31
C MET L 77 98.37 38.20 -48.70
N LYS L 78 98.19 39.44 -49.13
CA LYS L 78 96.89 39.99 -49.53
C LYS L 78 96.06 39.10 -50.47
N ASP L 79 96.71 38.13 -51.10
CA ASP L 79 96.04 37.24 -52.06
C ASP L 79 95.82 35.79 -51.59
N THR L 80 96.53 35.36 -50.54
CA THR L 80 96.42 33.99 -50.07
C THR L 80 95.52 33.73 -48.86
N ASP L 81 94.78 32.61 -48.93
CA ASP L 81 93.86 32.14 -47.87
C ASP L 81 93.78 30.60 -47.97
N SER L 82 94.95 29.98 -48.04
CA SER L 82 95.07 28.54 -48.17
C SER L 82 95.24 27.82 -46.84
N GLU L 83 95.86 28.49 -45.90
CA GLU L 83 96.06 27.90 -44.58
C GLU L 83 94.83 27.17 -44.11
N GLU L 84 93.66 27.63 -44.56
CA GLU L 84 92.40 27.02 -44.15
C GLU L 84 92.02 25.76 -44.92
N GLU L 85 92.21 25.79 -46.24
CA GLU L 85 91.92 24.64 -47.10
C GLU L 85 92.73 23.43 -46.66
N ILE L 86 94.03 23.68 -46.48
CA ILE L 86 95.00 22.69 -46.06
C ILE L 86 94.60 22.04 -44.75
N ARG L 87 94.00 22.82 -43.87
CA ARG L 87 93.52 22.30 -42.60
C ARG L 87 92.31 21.38 -42.79
N GLU L 88 91.57 21.58 -43.87
CA GLU L 88 90.41 20.76 -44.17
C GLU L 88 90.87 19.50 -44.91
N ALA L 89 91.94 19.66 -45.68
CA ALA L 89 92.58 18.55 -46.40
C ALA L 89 92.92 17.59 -45.30
N PHE L 90 93.67 18.08 -44.32
CA PHE L 90 94.06 17.28 -43.17
C PHE L 90 92.85 16.58 -42.56
N ARG L 91 91.85 17.34 -42.17
CA ARG L 91 90.68 16.73 -41.57
C ARG L 91 90.14 15.49 -42.33
N VAL L 92 90.31 15.52 -43.65
CA VAL L 92 89.84 14.46 -44.57
C VAL L 92 90.66 13.20 -44.35
N PHE L 93 91.97 13.27 -44.56
CA PHE L 93 92.81 12.11 -44.36
C PHE L 93 92.59 11.55 -42.95
N ASP L 94 92.55 12.44 -41.95
CA ASP L 94 92.33 11.98 -40.60
C ASP L 94 90.96 11.32 -40.51
N LYS L 95 90.83 10.22 -41.24
CA LYS L 95 89.59 9.46 -41.30
C LYS L 95 88.87 9.17 -39.98
N ASP L 96 89.62 8.87 -38.92
CA ASP L 96 89.01 8.49 -37.64
C ASP L 96 88.75 9.57 -36.62
N GLY L 97 89.33 10.74 -36.80
CA GLY L 97 89.13 11.84 -35.87
C GLY L 97 89.98 11.86 -34.61
N ASN L 98 91.17 11.26 -34.70
CA ASN L 98 92.12 11.22 -33.59
C ASN L 98 93.00 12.48 -33.61
N GLY L 99 93.06 13.18 -34.73
CA GLY L 99 93.88 14.36 -34.78
C GLY L 99 95.21 14.02 -35.38
N TYR L 100 95.34 12.79 -35.86
CA TYR L 100 96.58 12.33 -36.46
C TYR L 100 96.32 11.62 -37.77
N ILE L 101 97.35 11.48 -38.60
CA ILE L 101 97.13 10.81 -39.86
C ILE L 101 97.99 9.56 -39.93
N SER L 102 97.39 8.40 -39.70
CA SER L 102 98.10 7.13 -39.78
C SER L 102 98.31 6.68 -41.24
N ALA L 103 99.43 5.99 -41.46
CA ALA L 103 99.80 5.49 -42.80
C ALA L 103 98.67 4.63 -43.32
N ALA L 104 97.94 4.06 -42.38
CA ALA L 104 96.78 3.27 -42.72
C ALA L 104 95.92 4.19 -43.60
N GLU L 105 95.32 5.21 -42.95
CA GLU L 105 94.44 6.16 -43.61
C GLU L 105 95.08 6.97 -44.72
N LEU L 106 96.40 7.10 -44.74
CA LEU L 106 97.00 7.83 -45.85
C LEU L 106 96.66 7.01 -47.11
N ARG L 107 97.15 5.77 -47.11
CA ARG L 107 96.96 4.83 -48.21
C ARG L 107 95.50 4.72 -48.57
N HIS L 108 94.65 4.85 -47.58
CA HIS L 108 93.24 4.73 -47.81
C HIS L 108 92.73 5.82 -48.70
N VAL L 109 92.63 7.02 -48.14
CA VAL L 109 92.15 8.12 -48.94
C VAL L 109 92.96 8.23 -50.22
N MET L 110 94.22 7.81 -50.15
CA MET L 110 95.10 7.87 -51.30
C MET L 110 94.58 7.04 -52.47
N THR L 111 93.87 5.95 -52.17
CA THR L 111 93.38 5.10 -53.24
C THR L 111 92.06 5.55 -53.87
N ASN L 112 91.08 5.92 -53.06
CA ASN L 112 89.78 6.39 -53.56
C ASN L 112 90.00 7.50 -54.58
N LEU L 113 91.00 8.33 -54.32
CA LEU L 113 91.33 9.41 -55.22
C LEU L 113 92.04 8.80 -56.41
N GLY L 114 91.91 7.48 -56.55
CA GLY L 114 92.47 6.73 -57.66
C GLY L 114 93.96 6.37 -57.70
N GLU L 115 94.68 6.48 -56.58
CA GLU L 115 96.09 6.17 -56.61
C GLU L 115 96.47 4.91 -55.84
N LYS L 116 97.16 4.00 -56.53
CA LYS L 116 97.59 2.77 -55.89
C LYS L 116 98.96 2.96 -55.26
N LEU L 117 98.97 3.03 -53.93
CA LEU L 117 100.22 3.20 -53.22
C LEU L 117 100.65 1.88 -52.64
N THR L 118 101.95 1.63 -52.73
CA THR L 118 102.50 0.39 -52.23
C THR L 118 102.66 0.47 -50.73
N ASP L 119 102.09 -0.50 -50.03
CA ASP L 119 102.18 -0.54 -48.58
C ASP L 119 103.54 -0.07 -48.11
N GLU L 120 104.51 -0.13 -49.01
CA GLU L 120 105.90 0.26 -48.73
C GLU L 120 106.15 1.75 -48.85
N GLU L 121 105.68 2.32 -49.96
CA GLU L 121 105.85 3.74 -50.24
C GLU L 121 104.90 4.66 -49.46
N VAL L 122 104.12 4.09 -48.56
CA VAL L 122 103.22 4.88 -47.73
C VAL L 122 103.93 5.08 -46.42
N ASP L 123 104.21 3.97 -45.73
CA ASP L 123 104.93 4.05 -44.45
C ASP L 123 106.14 4.90 -44.70
N GLN L 124 106.42 5.12 -45.98
CA GLN L 124 107.54 5.91 -46.43
C GLN L 124 107.17 7.39 -46.33
N MET L 125 106.08 7.78 -46.95
CA MET L 125 105.65 9.19 -46.89
C MET L 125 105.47 9.51 -45.41
N ILE L 126 104.57 8.80 -44.75
CA ILE L 126 104.32 9.04 -43.34
C ILE L 126 105.60 9.31 -42.57
N ARG L 127 106.67 8.60 -42.90
CA ARG L 127 107.93 8.79 -42.18
C ARG L 127 108.56 10.14 -42.51
N GLU L 128 108.76 10.40 -43.78
CA GLU L 128 109.37 11.66 -44.23
C GLU L 128 108.53 12.88 -43.87
N ALA L 129 107.32 12.64 -43.35
CA ALA L 129 106.40 13.72 -42.99
C ALA L 129 106.33 13.86 -41.51
N ASP L 130 106.77 12.81 -40.81
CA ASP L 130 106.79 12.83 -39.36
C ASP L 130 108.11 13.42 -38.93
N ILE L 131 108.02 14.56 -38.26
CA ILE L 131 109.17 15.30 -37.80
C ILE L 131 109.59 14.91 -36.41
N ASP L 132 108.60 14.72 -35.52
CA ASP L 132 108.89 14.36 -34.13
C ASP L 132 109.02 12.85 -33.89
N GLY L 133 109.00 12.08 -34.97
CA GLY L 133 109.15 10.64 -34.85
C GLY L 133 108.12 9.76 -34.17
N ASP L 134 106.88 10.19 -33.98
CA ASP L 134 105.93 9.30 -33.35
C ASP L 134 105.17 8.43 -34.37
N GLY L 135 105.76 8.30 -35.56
CA GLY L 135 105.17 7.49 -36.61
C GLY L 135 103.94 8.03 -37.35
N GLN L 136 103.28 9.02 -36.75
CA GLN L 136 102.09 9.65 -37.36
C GLN L 136 102.32 11.12 -37.65
N VAL L 137 101.48 11.68 -38.53
CA VAL L 137 101.56 13.10 -38.85
C VAL L 137 100.36 13.82 -38.24
N ASN L 138 100.63 14.94 -37.56
CA ASN L 138 99.62 15.79 -36.90
C ASN L 138 99.39 17.02 -37.80
N TYR L 139 98.38 17.82 -37.47
CA TYR L 139 98.10 18.99 -38.28
C TYR L 139 99.40 19.77 -38.53
N GLU L 140 100.12 20.05 -37.45
CA GLU L 140 101.40 20.76 -37.51
C GLU L 140 102.32 20.21 -38.58
N GLU L 141 102.85 19.00 -38.41
CA GLU L 141 103.76 18.48 -39.43
C GLU L 141 103.11 18.46 -40.79
N PHE L 142 101.80 18.20 -40.81
CA PHE L 142 101.04 18.15 -42.06
C PHE L 142 101.23 19.49 -42.75
N VAL L 143 100.95 20.55 -41.98
CA VAL L 143 101.05 21.93 -42.47
C VAL L 143 102.38 22.20 -43.14
N GLN L 144 103.44 21.74 -42.49
CA GLN L 144 104.79 21.92 -42.98
C GLN L 144 104.98 21.23 -44.32
N MET L 145 104.69 19.94 -44.34
CA MET L 145 104.81 19.12 -45.53
C MET L 145 104.12 19.79 -46.71
N MET L 146 102.90 20.25 -46.46
CA MET L 146 102.08 20.88 -47.46
C MET L 146 102.67 22.18 -47.98
N THR L 147 102.63 23.21 -47.16
CA THR L 147 103.15 24.51 -47.54
C THR L 147 104.64 24.51 -47.93
N ALA L 148 105.52 24.23 -46.98
CA ALA L 148 106.94 24.21 -47.31
C ALA L 148 107.14 23.59 -48.69
N LYS L 149 107.75 24.39 -49.58
CA LYS L 149 108.02 23.99 -50.97
C LYS L 149 109.46 23.46 -51.18
MG MG M . 23.70 -62.43 30.71
MG MG N . 0.54 -14.47 59.03
MG MG O . -35.32 27.13 33.74
MG MG P . -36.18 40.52 -25.11
MG MG Q . 9.62 32.30 -63.48
MG MG R . 67.95 30.72 -48.20
CA CA S . 44.16 -24.85 62.53
CA CA T . 35.68 -59.56 71.07
CA CA U . 30.95 -67.50 64.67
CA CA V . -11.25 36.27 70.58
CA CA W . -23.94 5.92 86.80
CA CA X . -21.96 -4.79 84.27
CA CA Y . -50.52 69.85 5.82
CA CA Z . -71.67 44.03 21.13
CA CA AA . -68.70 34.78 26.60
CA CA BA . -23.00 62.23 -71.90
CA CA CA . -48.53 36.74 -65.27
CA CA DA . -51.26 31.69 -55.70
CA CA EA . 55.08 40.90 -90.09
CA CA FA . 33.58 11.13 -91.09
CA CA GA . 24.27 8.93 -85.24
CA CA HA . 116.88 47.26 -35.34
CA CA IA . 103.91 12.88 -35.40
CA CA JA . 93.69 9.07 -37.63
#